data_3IWK
#
_entry.id   3IWK
#
_cell.length_a   86.410
_cell.length_b   216.870
_cell.length_c   205.760
_cell.angle_alpha   90.000
_cell.angle_beta   98.020
_cell.angle_gamma   90.000
#
_symmetry.space_group_name_H-M   'P 1 21 1'
#
loop_
_entity.id
_entity.type
_entity.pdbx_description
1 polymer 'Aminoaldehyde dehydrogenase'
2 non-polymer 'SODIUM ION'
3 non-polymer NICOTINAMIDE-ADENINE-DINUCLEOTIDE
4 non-polymer GLYCEROL
5 non-polymer (4R)-2-METHYLPENTANE-2,4-DIOL
6 water water
#
_entity_poly.entity_id   1
_entity_poly.type   'polypeptide(L)'
_entity_poly.pdbx_seq_one_letter_code
;MAITVSSRQLFIDGEWRVPILNKRIPNINPSTENIIGDIPAATKEDVDLAVDAAKRAISRKNGRDWSAASGSLRARYLRA
IAAKIKEKKDELGKLESIDCGKPLEEALADLDDVVACFEYYAGLAEELDSKQKAPISLPMDTFKSYILKEPIGVVALITP
WNYPFLMATWKIAPALAAGCAAILKPSELASVTCLELGEICKEVGLPRGVLNIVTGLGHEAGASLASHPDVDKISFTGSS
ATGSKIMTTAAQLVKPVSLELGGKSPIVVFEDVDLDKVAEWTVFGCFFTNGQICSATSRLIVHESIAVEFVDKLVKWAEN
IKISDPLEEGCRLGPIVSEAQYKKVLNCISSAKSEGATILTGGRRPEHLKKGYFVEPTIITDVTTSMQIWREEVFGPVLA
VKTFSTEEEAINLANDTHYGLGSAVMSNDLERCERLSKALQAGIVWINCAQPSFIQAPWGGIKRSGFGRELGEWGLENYL
SVKQVTRYTSDEPWGWYQPPSKL
;
_entity_poly.pdbx_strand_id   A,B,C,D,E,F,G,H,I,J,K,L
#
# COMPACT_ATOMS: atom_id res chain seq x y z
N SER A 7 30.55 -30.08 -15.03
CA SER A 7 30.26 -29.07 -13.97
C SER A 7 29.58 -27.81 -14.53
N ARG A 8 29.14 -26.93 -13.63
CA ARG A 8 28.36 -25.76 -14.03
C ARG A 8 29.22 -24.63 -14.60
N GLN A 9 28.61 -23.87 -15.49
CA GLN A 9 29.22 -22.66 -16.03
C GLN A 9 28.40 -21.46 -15.55
N LEU A 10 28.49 -20.34 -16.25
CA LEU A 10 27.67 -19.18 -15.92
C LEU A 10 26.26 -19.38 -16.47
N PHE A 11 25.27 -18.97 -15.67
CA PHE A 11 23.89 -19.03 -16.12
C PHE A 11 23.49 -17.66 -16.67
N ILE A 12 23.40 -17.57 -18.00
CA ILE A 12 23.08 -16.32 -18.68
C ILE A 12 22.02 -16.56 -19.74
N ASP A 13 21.01 -15.69 -19.75
CA ASP A 13 19.95 -15.69 -20.77
C ASP A 13 19.22 -17.04 -20.93
N GLY A 14 19.20 -17.84 -19.87
CA GLY A 14 18.41 -19.07 -19.86
C GLY A 14 19.16 -20.33 -20.23
N GLU A 15 20.48 -20.22 -20.38
CA GLU A 15 21.34 -21.40 -20.62
C GLU A 15 22.76 -21.21 -20.07
N TRP A 16 23.55 -22.27 -20.15
CA TRP A 16 24.92 -22.29 -19.61
C TRP A 16 25.94 -21.71 -20.57
N ARG A 17 26.67 -20.68 -20.11
CA ARG A 17 27.73 -20.08 -20.92
C ARG A 17 29.08 -20.11 -20.20
N VAL A 18 30.10 -20.52 -20.94
CA VAL A 18 31.47 -20.54 -20.44
C VAL A 18 31.97 -19.09 -20.44
N PRO A 19 32.68 -18.68 -19.37
CA PRO A 19 33.28 -17.34 -19.34
C PRO A 19 34.21 -17.12 -20.55
N ILE A 20 34.14 -15.94 -21.14
CA ILE A 20 34.88 -15.62 -22.35
C ILE A 20 36.38 -15.90 -22.21
N LEU A 21 36.94 -15.54 -21.06
CA LEU A 21 38.36 -15.75 -20.77
C LEU A 21 38.66 -17.15 -20.22
N ASN A 22 37.61 -17.93 -19.98
CA ASN A 22 37.71 -19.32 -19.53
C ASN A 22 38.54 -19.57 -18.24
N LYS A 23 38.49 -18.62 -17.32
CA LYS A 23 39.20 -18.77 -16.05
C LYS A 23 38.32 -19.46 -14.99
N ARG A 24 38.96 -20.12 -14.04
CA ARG A 24 38.25 -20.87 -12.99
C ARG A 24 38.90 -20.68 -11.61
N ILE A 25 38.08 -20.71 -10.57
CA ILE A 25 38.53 -20.48 -9.20
C ILE A 25 38.40 -21.76 -8.36
N PRO A 26 39.51 -22.18 -7.72
CA PRO A 26 39.50 -23.37 -6.86
C PRO A 26 38.54 -23.22 -5.68
N ASN A 27 37.82 -24.30 -5.39
CA ASN A 27 36.87 -24.32 -4.28
C ASN A 27 37.32 -25.34 -3.24
N ILE A 28 37.58 -24.85 -2.03
CA ILE A 28 38.13 -25.65 -0.95
C ILE A 28 37.04 -26.15 0.02
N ASN A 29 37.20 -27.39 0.48
CA ASN A 29 36.37 -27.95 1.52
C ASN A 29 36.96 -27.52 2.87
N PRO A 30 36.19 -26.73 3.66
CA PRO A 30 36.71 -26.15 4.90
C PRO A 30 37.17 -27.18 5.95
N SER A 31 36.52 -28.33 6.02
CA SER A 31 36.85 -29.35 7.03
C SER A 31 38.03 -30.25 6.66
N THR A 32 38.35 -30.34 5.37
CA THR A 32 39.42 -31.23 4.91
C THR A 32 40.64 -30.47 4.38
N GLU A 33 40.40 -29.27 3.87
CA GLU A 33 41.42 -28.41 3.23
C GLU A 33 41.79 -28.87 1.82
N ASN A 34 40.97 -29.74 1.25
CA ASN A 34 41.19 -30.27 -0.11
C ASN A 34 40.33 -29.59 -1.17
N ILE A 35 40.90 -29.41 -2.36
CA ILE A 35 40.18 -28.86 -3.50
C ILE A 35 39.08 -29.85 -3.89
N ILE A 36 37.84 -29.42 -3.72
CA ILE A 36 36.66 -30.28 -3.92
C ILE A 36 36.02 -30.07 -5.31
N GLY A 37 36.54 -29.07 -6.04
CA GLY A 37 36.00 -28.68 -7.34
C GLY A 37 36.41 -27.26 -7.70
N ASP A 38 35.62 -26.61 -8.56
CA ASP A 38 35.85 -25.22 -8.94
C ASP A 38 34.60 -24.54 -9.50
N ILE A 39 34.68 -23.22 -9.67
CA ILE A 39 33.58 -22.42 -10.21
C ILE A 39 34.10 -21.46 -11.28
N PRO A 40 33.23 -21.06 -12.23
CA PRO A 40 33.68 -20.16 -13.29
C PRO A 40 33.97 -18.74 -12.78
N ALA A 41 35.03 -18.15 -13.32
CA ALA A 41 35.43 -16.78 -12.97
C ALA A 41 34.97 -15.82 -14.04
N ALA A 42 33.85 -15.15 -13.80
CA ALA A 42 33.32 -14.19 -14.75
C ALA A 42 34.10 -12.87 -14.72
N THR A 43 34.19 -12.21 -15.87
CA THR A 43 34.86 -10.93 -15.99
C THR A 43 33.92 -9.90 -16.62
N LYS A 44 34.42 -8.69 -16.82
CA LYS A 44 33.65 -7.56 -17.34
C LYS A 44 32.68 -7.89 -18.48
N GLU A 45 33.16 -8.58 -19.52
CA GLU A 45 32.29 -8.84 -20.68
C GLU A 45 31.30 -9.99 -20.49
N ASP A 46 31.60 -10.92 -19.59
CA ASP A 46 30.61 -11.91 -19.14
C ASP A 46 29.46 -11.23 -18.41
N VAL A 47 29.80 -10.25 -17.56
CA VAL A 47 28.82 -9.45 -16.82
C VAL A 47 27.95 -8.62 -17.79
N ASP A 48 28.58 -8.06 -18.81
CA ASP A 48 27.89 -7.27 -19.84
C ASP A 48 26.77 -8.06 -20.51
N LEU A 49 27.03 -9.33 -20.79
CA LEU A 49 26.05 -10.24 -21.38
C LEU A 49 24.87 -10.50 -20.44
N ALA A 50 25.17 -10.70 -19.16
CA ALA A 50 24.15 -10.88 -18.14
C ALA A 50 23.20 -9.69 -18.05
N VAL A 51 23.75 -8.47 -18.00
CA VAL A 51 22.93 -7.27 -17.87
C VAL A 51 22.05 -7.03 -19.11
N ASP A 52 22.61 -7.23 -20.30
CA ASP A 52 21.84 -7.14 -21.54
C ASP A 52 20.67 -8.12 -21.55
N ALA A 53 20.91 -9.35 -21.11
CA ALA A 53 19.86 -10.38 -21.05
C ALA A 53 18.74 -9.99 -20.09
N ALA A 54 19.13 -9.41 -18.94
CA ALA A 54 18.18 -8.90 -17.96
C ALA A 54 17.40 -7.71 -18.51
N LYS A 55 18.10 -6.77 -19.14
CA LYS A 55 17.45 -5.64 -19.83
C LYS A 55 16.45 -6.12 -20.89
N ARG A 56 16.84 -7.14 -21.64
CA ARG A 56 15.97 -7.74 -22.66
C ARG A 56 14.78 -8.48 -22.07
N ALA A 57 14.97 -9.11 -20.92
CA ALA A 57 13.91 -9.86 -20.26
C ALA A 57 12.73 -8.96 -19.88
N ILE A 58 13.00 -7.68 -19.62
CA ILE A 58 11.98 -6.75 -19.17
C ILE A 58 11.62 -5.67 -20.19
N SER A 59 12.25 -5.68 -21.36
CA SER A 59 11.99 -4.65 -22.35
C SER A 59 10.66 -4.88 -23.07
N ARG A 60 9.90 -3.79 -23.22
CA ARG A 60 8.58 -3.77 -23.86
C ARG A 60 8.39 -4.72 -25.03
N LYS A 61 9.28 -4.62 -26.04
CA LYS A 61 9.17 -5.42 -27.27
C LYS A 61 9.52 -6.89 -27.07
N ASN A 62 9.60 -7.33 -25.82
CA ASN A 62 9.65 -8.74 -25.50
C ASN A 62 8.22 -9.24 -25.28
N GLY A 63 7.87 -10.33 -25.97
CA GLY A 63 6.53 -10.92 -25.91
C GLY A 63 6.19 -11.51 -24.56
N ARG A 64 7.17 -12.02 -23.88
CA ARG A 64 7.06 -12.53 -22.52
C ARG A 64 7.60 -11.49 -21.51
N ASP A 65 7.15 -10.25 -21.67
CA ASP A 65 7.55 -9.10 -20.85
C ASP A 65 7.32 -9.37 -19.35
N TRP A 66 8.41 -9.65 -18.64
CA TRP A 66 8.37 -10.07 -17.23
C TRP A 66 7.82 -8.98 -16.31
N SER A 67 8.19 -7.73 -16.59
CA SER A 67 7.74 -6.59 -15.78
C SER A 67 6.27 -6.25 -16.02
N ALA A 68 5.77 -6.55 -17.23
CA ALA A 68 4.38 -6.29 -17.59
C ALA A 68 3.45 -7.48 -17.30
N ALA A 69 4.02 -8.61 -16.89
CA ALA A 69 3.23 -9.79 -16.53
C ALA A 69 2.42 -9.55 -15.25
N SER A 70 1.34 -10.30 -15.10
CA SER A 70 0.56 -10.27 -13.86
C SER A 70 1.36 -10.95 -12.75
N GLY A 71 1.11 -10.51 -11.51
CA GLY A 71 1.81 -11.05 -10.35
C GLY A 71 1.56 -12.54 -10.16
N SER A 72 0.35 -12.98 -10.46
CA SER A 72 0.01 -14.40 -10.30
C SER A 72 0.78 -15.31 -11.27
N LEU A 73 1.08 -14.81 -12.46
CA LEU A 73 1.92 -15.53 -13.44
C LEU A 73 3.35 -15.72 -12.91
N ARG A 74 3.94 -14.65 -12.38
CA ARG A 74 5.25 -14.72 -11.73
C ARG A 74 5.21 -15.62 -10.51
N ALA A 75 4.08 -15.58 -9.79
CA ALA A 75 3.86 -16.45 -8.63
C ALA A 75 3.93 -17.93 -8.99
N ARG A 76 3.38 -18.29 -10.14
CA ARG A 76 3.42 -19.67 -10.63
C ARG A 76 4.85 -20.15 -10.86
N TYR A 77 5.71 -19.25 -11.35
CA TYR A 77 7.13 -19.59 -11.52
C TYR A 77 7.82 -19.75 -10.17
N LEU A 78 7.56 -18.82 -9.26
CA LEU A 78 8.12 -18.86 -7.91
C LEU A 78 7.72 -20.14 -7.17
N ARG A 79 6.44 -20.48 -7.22
CA ARG A 79 5.94 -21.73 -6.60
C ARG A 79 6.59 -22.99 -7.20
N ALA A 80 6.78 -22.98 -8.52
CA ALA A 80 7.44 -24.08 -9.21
C ALA A 80 8.92 -24.18 -8.82
N ILE A 81 9.59 -23.03 -8.73
CA ILE A 81 10.98 -22.98 -8.23
C ILE A 81 11.05 -23.58 -6.83
N ALA A 82 10.11 -23.17 -5.96
CA ALA A 82 10.03 -23.70 -4.59
C ALA A 82 9.88 -25.21 -4.53
N ALA A 83 8.94 -25.76 -5.31
CA ALA A 83 8.63 -27.20 -5.30
C ALA A 83 9.81 -28.04 -5.74
N LYS A 84 10.52 -27.57 -6.77
CA LYS A 84 11.74 -28.22 -7.28
C LYS A 84 12.87 -28.20 -6.25
N ILE A 85 12.95 -27.12 -5.47
CA ILE A 85 13.95 -27.02 -4.39
C ILE A 85 13.57 -27.97 -3.26
N LYS A 86 12.29 -28.03 -2.93
CA LYS A 86 11.77 -28.97 -1.93
C LYS A 86 12.12 -30.41 -2.27
N GLU A 87 12.05 -30.77 -3.56
CA GLU A 87 12.42 -32.10 -4.02
C GLU A 87 13.88 -32.43 -3.70
N LYS A 88 14.76 -31.46 -3.94
CA LYS A 88 16.20 -31.67 -3.83
C LYS A 88 16.77 -31.30 -2.45
N LYS A 89 15.87 -30.98 -1.51
CA LYS A 89 16.22 -30.59 -0.14
C LYS A 89 17.47 -31.27 0.43
N ASP A 90 17.45 -32.60 0.48
CA ASP A 90 18.51 -33.37 1.12
C ASP A 90 19.84 -33.26 0.39
N GLU A 91 19.79 -33.19 -0.93
CA GLU A 91 21.02 -33.10 -1.72
C GLU A 91 21.59 -31.68 -1.75
N LEU A 92 20.71 -30.69 -1.78
CA LEU A 92 21.14 -29.29 -1.75
C LEU A 92 21.75 -28.92 -0.39
N GLY A 93 21.15 -29.42 0.68
CA GLY A 93 21.68 -29.25 2.02
C GLY A 93 23.07 -29.83 2.18
N LYS A 94 23.30 -30.99 1.58
CA LYS A 94 24.61 -31.65 1.63
C LYS A 94 25.65 -30.81 0.88
N LEU A 95 25.26 -30.27 -0.28
CA LEU A 95 26.14 -29.41 -1.06
C LEU A 95 26.44 -28.12 -0.29
N GLU A 96 25.43 -27.58 0.38
CA GLU A 96 25.56 -26.37 1.20
C GLU A 96 26.61 -26.55 2.29
N SER A 97 26.52 -27.65 3.03
CA SER A 97 27.48 -27.98 4.10
C SER A 97 28.91 -28.09 3.60
N ILE A 98 29.11 -28.84 2.53
CA ILE A 98 30.43 -28.99 1.91
C ILE A 98 30.97 -27.64 1.45
N ASP A 99 30.08 -26.80 0.91
CA ASP A 99 30.48 -25.54 0.31
C ASP A 99 30.94 -24.48 1.31
N CYS A 100 30.15 -24.22 2.34
CA CYS A 100 30.43 -23.13 3.27
C CYS A 100 30.91 -23.59 4.65
N GLY A 101 30.61 -24.83 5.00
CA GLY A 101 31.16 -25.42 6.22
C GLY A 101 30.19 -25.49 7.40
N LYS A 102 28.96 -25.02 7.21
CA LYS A 102 27.98 -25.10 8.28
C LYS A 102 27.49 -26.54 8.49
N PRO A 103 27.15 -26.90 9.75
CA PRO A 103 26.63 -28.25 10.05
C PRO A 103 25.42 -28.60 9.19
N LEU A 104 25.25 -29.89 8.91
CA LEU A 104 24.18 -30.36 8.02
C LEU A 104 22.77 -29.95 8.45
N GLU A 105 22.47 -30.05 9.74
CA GLU A 105 21.17 -29.67 10.27
C GLU A 105 20.85 -28.18 10.09
N GLU A 106 21.89 -27.34 10.15
CA GLU A 106 21.75 -25.92 9.84
C GLU A 106 21.44 -25.72 8.36
N ALA A 107 22.17 -26.41 7.49
CA ALA A 107 21.98 -26.32 6.05
C ALA A 107 20.59 -26.79 5.64
N LEU A 108 20.13 -27.88 6.23
CA LEU A 108 18.80 -28.43 5.93
C LEU A 108 17.69 -27.48 6.36
N ALA A 109 17.90 -26.80 7.49
CA ALA A 109 16.99 -25.75 7.96
C ALA A 109 16.96 -24.56 7.00
N ASP A 110 18.13 -24.17 6.49
CA ASP A 110 18.22 -23.09 5.51
C ASP A 110 17.40 -23.42 4.27
N LEU A 111 17.49 -24.68 3.84
CA LEU A 111 16.74 -25.15 2.67
C LEU A 111 15.23 -25.02 2.87
N ASP A 112 14.76 -25.34 4.07
CA ASP A 112 13.35 -25.18 4.42
C ASP A 112 12.93 -23.71 4.32
N ASP A 113 13.83 -22.82 4.75
CA ASP A 113 13.59 -21.38 4.72
C ASP A 113 13.57 -20.84 3.29
N VAL A 114 14.47 -21.36 2.45
CA VAL A 114 14.47 -21.06 1.02
C VAL A 114 13.11 -21.38 0.42
N VAL A 115 12.63 -22.60 0.66
CA VAL A 115 11.31 -23.03 0.20
C VAL A 115 10.21 -22.07 0.67
N ALA A 116 10.19 -21.77 1.98
CA ALA A 116 9.19 -20.87 2.55
C ALA A 116 9.28 -19.47 1.97
N CYS A 117 10.50 -19.03 1.70
CA CYS A 117 10.77 -17.70 1.17
C CYS A 117 10.18 -17.49 -0.23
N PHE A 118 10.37 -18.46 -1.13
CA PHE A 118 9.76 -18.43 -2.46
C PHE A 118 8.24 -18.52 -2.39
N GLU A 119 7.72 -19.41 -1.54
CA GLU A 119 6.27 -19.54 -1.32
C GLU A 119 5.67 -18.25 -0.81
N TYR A 120 6.34 -17.63 0.17
CA TYR A 120 5.86 -16.39 0.76
C TYR A 120 5.76 -15.30 -0.29
N TYR A 121 6.82 -15.12 -1.08
CA TYR A 121 6.83 -14.07 -2.10
C TYR A 121 5.96 -14.37 -3.29
N ALA A 122 5.80 -15.65 -3.59
CA ALA A 122 4.77 -16.10 -4.53
C ALA A 122 3.41 -15.56 -4.08
N GLY A 123 3.10 -15.72 -2.79
CA GLY A 123 1.87 -15.20 -2.22
C GLY A 123 1.74 -13.71 -2.39
N LEU A 124 2.80 -12.98 -2.03
CA LEU A 124 2.84 -11.52 -2.19
C LEU A 124 2.71 -11.08 -3.65
N ALA A 125 3.32 -11.85 -4.56
CA ALA A 125 3.16 -11.60 -6.00
C ALA A 125 1.68 -11.68 -6.42
N GLU A 126 0.97 -12.70 -5.94
CA GLU A 126 -0.48 -12.85 -6.19
C GLU A 126 -1.29 -11.66 -5.69
N GLU A 127 -0.93 -11.14 -4.51
CA GLU A 127 -1.68 -10.04 -3.88
C GLU A 127 -1.40 -8.70 -4.54
N LEU A 128 -0.23 -8.59 -5.18
CA LEU A 128 0.25 -7.34 -5.76
C LEU A 128 -0.69 -6.74 -6.79
N ASP A 129 -1.33 -7.59 -7.59
CA ASP A 129 -2.30 -7.14 -8.60
C ASP A 129 -3.49 -6.40 -7.97
N SER A 130 -3.97 -6.88 -6.82
CA SER A 130 -5.04 -6.22 -6.05
C SER A 130 -4.63 -4.87 -5.50
N LYS A 131 -3.33 -4.72 -5.20
CA LYS A 131 -2.81 -3.49 -4.60
C LYS A 131 -2.57 -2.35 -5.59
N GLN A 132 -2.54 -2.67 -6.89
CA GLN A 132 -2.33 -1.67 -7.94
C GLN A 132 -3.53 -0.74 -8.04
N LYS A 133 -3.25 0.52 -8.37
CA LYS A 133 -4.27 1.58 -8.48
C LYS A 133 -4.89 1.98 -7.14
N ALA A 134 -4.15 1.81 -6.05
CA ALA A 134 -4.60 2.23 -4.73
C ALA A 134 -4.84 3.75 -4.70
N PRO A 135 -6.08 4.17 -4.39
CA PRO A 135 -6.46 5.58 -4.50
C PRO A 135 -5.85 6.47 -3.42
N ILE A 136 -5.61 7.74 -3.76
CA ILE A 136 -5.17 8.76 -2.82
C ILE A 136 -6.27 9.81 -2.71
N SER A 137 -6.73 10.07 -1.49
CA SER A 137 -7.75 11.08 -1.22
C SER A 137 -7.17 12.48 -1.35
N LEU A 138 -7.87 13.34 -2.08
CA LEU A 138 -7.42 14.70 -2.38
C LEU A 138 -8.39 15.78 -1.85
N PRO A 139 -7.89 16.99 -1.56
CA PRO A 139 -8.74 18.08 -1.08
C PRO A 139 -9.61 18.72 -2.16
N MET A 140 -9.27 18.47 -3.43
CA MET A 140 -10.03 19.00 -4.55
C MET A 140 -10.86 17.91 -5.23
N ASP A 141 -12.00 18.31 -5.79
CA ASP A 141 -12.84 17.41 -6.58
C ASP A 141 -12.45 17.45 -8.07
N THR A 142 -11.67 18.46 -8.44
CA THR A 142 -11.19 18.65 -9.80
C THR A 142 -10.05 17.71 -10.19
N PHE A 143 -9.53 16.95 -9.22
CA PHE A 143 -8.44 16.02 -9.47
C PHE A 143 -8.69 14.64 -8.86
N LYS A 144 -8.17 13.60 -9.52
CA LYS A 144 -8.22 12.23 -9.01
C LYS A 144 -6.77 11.74 -8.98
N SER A 145 -6.47 10.82 -8.08
CA SER A 145 -5.09 10.35 -7.90
C SER A 145 -5.01 8.93 -7.38
N TYR A 146 -4.11 8.14 -7.96
CA TYR A 146 -3.77 6.83 -7.43
C TYR A 146 -2.28 6.56 -7.61
N ILE A 147 -1.85 5.38 -7.17
CA ILE A 147 -0.44 4.99 -7.31
C ILE A 147 -0.28 3.62 -7.95
N LEU A 148 0.81 3.47 -8.71
CA LEU A 148 1.19 2.19 -9.26
C LEU A 148 2.50 1.74 -8.62
N LYS A 149 2.64 0.43 -8.42
CA LYS A 149 3.85 -0.13 -7.85
C LYS A 149 4.58 -0.90 -8.94
N GLU A 150 5.62 -0.27 -9.47
CA GLU A 150 6.34 -0.82 -10.61
C GLU A 150 7.70 -1.37 -10.22
N PRO A 151 8.13 -2.44 -10.93
CA PRO A 151 9.46 -2.99 -10.64
C PRO A 151 10.52 -1.92 -10.89
N ILE A 152 11.59 -1.98 -10.10
CA ILE A 152 12.66 -0.99 -10.22
C ILE A 152 13.47 -1.24 -11.51
N GLY A 153 13.46 -2.48 -12.00
CA GLY A 153 14.02 -2.82 -13.31
C GLY A 153 15.03 -3.95 -13.26
N VAL A 154 16.25 -3.64 -13.69
CA VAL A 154 17.36 -4.58 -13.61
C VAL A 154 18.04 -4.42 -12.25
N VAL A 155 18.21 -5.53 -11.56
CA VAL A 155 18.76 -5.51 -10.21
C VAL A 155 20.00 -6.37 -10.07
N ALA A 156 21.02 -5.80 -9.45
CA ALA A 156 22.22 -6.53 -9.12
C ALA A 156 22.10 -7.00 -7.68
N LEU A 157 22.28 -8.30 -7.49
CA LEU A 157 22.13 -8.94 -6.21
C LEU A 157 23.48 -9.54 -5.84
N ILE A 158 24.10 -9.00 -4.80
CA ILE A 158 25.43 -9.43 -4.39
C ILE A 158 25.33 -9.93 -2.96
N THR A 159 25.65 -11.22 -2.77
CA THR A 159 25.30 -11.95 -1.56
C THR A 159 26.52 -12.59 -0.90
N PRO A 160 26.45 -12.84 0.43
CA PRO A 160 27.54 -13.39 1.22
C PRO A 160 27.56 -14.92 1.24
N TRP A 161 28.63 -15.48 1.81
CA TRP A 161 28.86 -16.92 1.83
C TRP A 161 28.34 -17.63 3.08
N ASN A 162 27.84 -16.88 4.06
CA ASN A 162 27.44 -17.48 5.33
C ASN A 162 26.09 -18.22 5.28
N TYR A 163 25.17 -17.69 4.48
CA TYR A 163 23.95 -18.41 4.12
C TYR A 163 23.82 -18.34 2.59
N PRO A 164 24.68 -19.07 1.87
CA PRO A 164 24.84 -18.92 0.42
C PRO A 164 23.51 -18.92 -0.33
N PHE A 165 22.74 -19.97 -0.17
CA PHE A 165 21.49 -20.17 -0.88
C PHE A 165 20.37 -19.31 -0.30
N LEU A 166 20.31 -19.20 1.02
CA LEU A 166 19.23 -18.44 1.66
C LEU A 166 19.33 -16.94 1.43
N MET A 167 20.54 -16.39 1.55
CA MET A 167 20.77 -14.96 1.27
C MET A 167 20.42 -14.60 -0.17
N ALA A 168 20.84 -15.44 -1.11
CA ALA A 168 20.47 -15.26 -2.50
C ALA A 168 18.95 -15.22 -2.64
N THR A 169 18.28 -16.18 -2.00
CA THR A 169 16.82 -16.31 -2.04
C THR A 169 16.12 -15.09 -1.41
N TRP A 170 16.69 -14.60 -0.30
CA TRP A 170 16.20 -13.38 0.37
C TRP A 170 16.08 -12.19 -0.58
N LYS A 171 16.91 -12.17 -1.62
CA LYS A 171 16.81 -11.09 -2.60
C LYS A 171 16.11 -11.47 -3.90
N ILE A 172 16.37 -12.67 -4.42
CA ILE A 172 15.79 -13.01 -5.75
C ILE A 172 14.26 -13.19 -5.71
N ALA A 173 13.74 -13.86 -4.67
CA ALA A 173 12.30 -14.08 -4.56
C ALA A 173 11.51 -12.78 -4.53
N PRO A 174 11.88 -11.80 -3.68
CA PRO A 174 11.15 -10.55 -3.79
C PRO A 174 11.42 -9.83 -5.12
N ALA A 175 12.66 -9.85 -5.59
CA ALA A 175 12.99 -9.15 -6.85
C ALA A 175 12.15 -9.67 -8.02
N LEU A 176 12.07 -10.99 -8.16
CA LEU A 176 11.25 -11.59 -9.22
C LEU A 176 9.77 -11.35 -9.00
N ALA A 177 9.32 -11.48 -7.76
CA ALA A 177 7.92 -11.25 -7.41
C ALA A 177 7.47 -9.84 -7.79
N ALA A 178 8.39 -8.88 -7.71
CA ALA A 178 8.11 -7.47 -8.02
C ALA A 178 8.05 -7.19 -9.53
N GLY A 179 8.68 -8.06 -10.31
CA GLY A 179 8.71 -7.91 -11.76
C GLY A 179 10.07 -7.49 -12.28
N CYS A 180 11.10 -7.71 -11.47
CA CYS A 180 12.47 -7.35 -11.82
C CYS A 180 13.17 -8.49 -12.51
N ALA A 181 14.21 -8.15 -13.25
CA ALA A 181 15.12 -9.14 -13.76
C ALA A 181 16.40 -9.00 -12.96
N ALA A 182 17.00 -10.13 -12.60
CA ALA A 182 18.08 -10.14 -11.64
C ALA A 182 19.37 -10.66 -12.22
N ILE A 183 20.48 -10.10 -11.74
CA ILE A 183 21.78 -10.69 -11.90
C ILE A 183 22.34 -10.95 -10.51
N LEU A 184 22.62 -12.22 -10.23
CA LEU A 184 23.12 -12.65 -8.94
C LEU A 184 24.63 -12.87 -9.00
N LYS A 185 25.34 -12.33 -8.02
CA LYS A 185 26.77 -12.56 -7.85
C LYS A 185 27.03 -13.14 -6.46
N PRO A 186 26.96 -14.46 -6.32
CA PRO A 186 27.28 -15.07 -5.04
C PRO A 186 28.77 -14.99 -4.74
N SER A 187 29.12 -15.29 -3.50
CA SER A 187 30.50 -15.24 -3.05
C SER A 187 31.30 -16.42 -3.61
N GLU A 188 32.50 -16.12 -4.10
CA GLU A 188 33.44 -17.12 -4.62
C GLU A 188 33.80 -18.22 -3.62
N LEU A 189 33.48 -17.99 -2.34
CA LEU A 189 33.72 -18.99 -1.31
C LEU A 189 32.59 -20.03 -1.21
N ALA A 190 31.38 -19.62 -1.59
CA ALA A 190 30.23 -20.53 -1.56
C ALA A 190 29.27 -20.26 -2.72
N SER A 191 29.61 -20.83 -3.88
CA SER A 191 28.84 -20.59 -5.09
C SER A 191 28.01 -21.77 -5.61
N VAL A 192 28.19 -22.96 -5.04
CA VAL A 192 27.65 -24.18 -5.64
C VAL A 192 26.11 -24.26 -5.74
N THR A 193 25.42 -23.98 -4.64
CA THR A 193 23.96 -24.10 -4.57
C THR A 193 23.25 -23.03 -5.39
N CYS A 194 23.84 -21.84 -5.47
CA CYS A 194 23.28 -20.76 -6.28
C CYS A 194 23.37 -21.12 -7.76
N LEU A 195 24.43 -21.82 -8.14
CA LEU A 195 24.55 -22.32 -9.50
C LEU A 195 23.53 -23.44 -9.76
N GLU A 196 23.21 -24.21 -8.73
CA GLU A 196 22.16 -25.23 -8.82
C GLU A 196 20.77 -24.62 -9.04
N LEU A 197 20.62 -23.37 -8.61
CA LEU A 197 19.38 -22.62 -8.79
C LEU A 197 19.18 -22.26 -10.25
N GLY A 198 20.29 -22.18 -11.00
CA GLY A 198 20.24 -21.95 -12.44
C GLY A 198 19.66 -23.12 -13.21
N GLU A 199 20.05 -24.34 -12.82
CA GLU A 199 19.50 -25.57 -13.38
C GLU A 199 18.00 -25.67 -13.06
N ILE A 200 17.62 -25.28 -11.86
CA ILE A 200 16.23 -25.28 -11.42
C ILE A 200 15.39 -24.34 -12.27
N CYS A 201 15.94 -23.16 -12.58
CA CYS A 201 15.29 -22.18 -13.43
C CYS A 201 15.07 -22.70 -14.85
N LYS A 202 16.05 -23.48 -15.32
CA LYS A 202 15.98 -24.14 -16.61
C LYS A 202 14.89 -25.22 -16.58
N GLU A 203 14.88 -26.01 -15.50
CA GLU A 203 13.94 -27.12 -15.35
C GLU A 203 12.49 -26.68 -15.17
N VAL A 204 12.31 -25.43 -14.74
CA VAL A 204 10.98 -24.85 -14.49
C VAL A 204 10.57 -23.90 -15.62
N GLY A 205 11.49 -23.67 -16.55
CA GLY A 205 11.23 -22.82 -17.71
C GLY A 205 11.09 -21.35 -17.38
N LEU A 206 11.87 -20.86 -16.42
CA LEU A 206 11.88 -19.43 -16.11
C LEU A 206 12.26 -18.67 -17.38
N PRO A 207 11.51 -17.61 -17.73
CA PRO A 207 11.79 -16.95 -19.01
C PRO A 207 13.25 -16.46 -19.12
N ARG A 208 13.84 -16.62 -20.30
CA ARG A 208 15.21 -16.20 -20.56
C ARG A 208 15.53 -14.82 -19.98
N GLY A 209 16.63 -14.73 -19.24
CA GLY A 209 17.15 -13.45 -18.76
C GLY A 209 16.58 -12.91 -17.46
N VAL A 210 15.57 -13.59 -16.90
CA VAL A 210 14.93 -13.13 -15.67
C VAL A 210 15.84 -13.32 -14.45
N LEU A 211 16.53 -14.45 -14.41
CA LEU A 211 17.58 -14.67 -13.43
C LEU A 211 18.87 -15.07 -14.14
N ASN A 212 19.92 -14.32 -13.88
CA ASN A 212 21.24 -14.60 -14.40
C ASN A 212 22.19 -14.76 -13.22
N ILE A 213 23.05 -15.77 -13.30
CA ILE A 213 23.94 -16.08 -12.19
C ILE A 213 25.38 -15.99 -12.65
N VAL A 214 26.07 -14.96 -12.16
CA VAL A 214 27.45 -14.67 -12.55
C VAL A 214 28.35 -14.86 -11.35
N THR A 215 29.21 -15.87 -11.44
CA THR A 215 30.12 -16.22 -10.36
C THR A 215 31.54 -15.71 -10.64
N GLY A 216 32.32 -15.48 -9.59
CA GLY A 216 33.68 -15.02 -9.75
C GLY A 216 34.19 -14.16 -8.61
N LEU A 217 35.32 -13.48 -8.87
CA LEU A 217 35.96 -12.64 -7.86
C LEU A 217 35.20 -11.33 -7.65
N GLY A 218 35.14 -10.90 -6.40
CA GLY A 218 34.47 -9.65 -6.02
C GLY A 218 34.95 -8.43 -6.79
N HIS A 219 36.27 -8.31 -6.97
CA HIS A 219 36.87 -7.16 -7.67
C HIS A 219 36.80 -7.26 -9.20
N GLU A 220 36.52 -8.46 -9.72
CA GLU A 220 36.26 -8.64 -11.15
C GLU A 220 34.75 -8.61 -11.45
N ALA A 221 34.08 -9.74 -11.21
CA ALA A 221 32.66 -9.89 -11.51
C ALA A 221 31.76 -8.92 -10.75
N GLY A 222 31.95 -8.86 -9.43
CA GLY A 222 31.13 -8.01 -8.55
C GLY A 222 31.24 -6.53 -8.85
N ALA A 223 32.47 -6.05 -9.03
CA ALA A 223 32.71 -4.65 -9.35
C ALA A 223 32.15 -4.26 -10.71
N SER A 224 32.33 -5.14 -11.69
CA SER A 224 31.79 -4.93 -13.04
C SER A 224 30.28 -4.83 -12.99
N LEU A 225 29.65 -5.73 -12.23
CA LEU A 225 28.20 -5.70 -12.06
C LEU A 225 27.74 -4.39 -11.42
N ALA A 226 28.38 -4.04 -10.30
CA ALA A 226 28.01 -2.85 -9.54
C ALA A 226 28.12 -1.53 -10.34
N SER A 227 29.11 -1.45 -11.22
CA SER A 227 29.37 -0.23 -12.01
C SER A 227 28.73 -0.18 -13.40
N HIS A 228 28.01 -1.24 -13.76
CA HIS A 228 27.36 -1.28 -15.07
C HIS A 228 26.23 -0.27 -15.12
N PRO A 229 26.22 0.58 -16.18
CA PRO A 229 25.25 1.69 -16.26
C PRO A 229 23.79 1.26 -16.43
N ASP A 230 23.55 0.02 -16.82
CA ASP A 230 22.19 -0.47 -17.10
C ASP A 230 21.55 -1.18 -15.91
N VAL A 231 22.31 -1.32 -14.82
CA VAL A 231 21.76 -1.82 -13.58
C VAL A 231 20.97 -0.69 -12.92
N ASP A 232 19.73 -0.97 -12.53
CA ASP A 232 18.90 0.06 -11.90
C ASP A 232 19.06 0.10 -10.38
N LYS A 233 19.29 -1.06 -9.77
CA LYS A 233 19.45 -1.15 -8.33
C LYS A 233 20.43 -2.23 -7.90
N ILE A 234 21.19 -1.92 -6.86
CA ILE A 234 22.13 -2.86 -6.27
C ILE A 234 21.66 -3.19 -4.86
N SER A 235 21.57 -4.49 -4.58
CA SER A 235 21.20 -4.97 -3.26
C SER A 235 22.38 -5.77 -2.75
N PHE A 236 22.92 -5.38 -1.60
CA PHE A 236 24.19 -5.93 -1.14
C PHE A 236 24.15 -6.42 0.29
N THR A 237 24.86 -7.53 0.52
CA THR A 237 25.11 -8.04 1.86
C THR A 237 26.56 -8.50 1.92
N GLY A 238 27.31 -7.98 2.90
CA GLY A 238 28.73 -8.29 3.06
C GLY A 238 29.43 -7.31 3.97
N SER A 239 30.76 -7.22 3.82
CA SER A 239 31.61 -6.36 4.65
C SER A 239 31.30 -4.87 4.51
N SER A 240 31.58 -4.13 5.57
CA SER A 240 31.39 -2.68 5.62
C SER A 240 32.17 -1.94 4.54
N ALA A 241 33.40 -2.37 4.29
CA ALA A 241 34.30 -1.73 3.33
C ALA A 241 33.82 -1.88 1.88
N THR A 242 33.38 -3.09 1.54
CA THR A 242 32.87 -3.38 0.21
C THR A 242 31.54 -2.66 -0.05
N GLY A 243 30.69 -2.61 0.97
CA GLY A 243 29.41 -1.90 0.88
C GLY A 243 29.62 -0.42 0.59
N SER A 244 30.63 0.14 1.22
CA SER A 244 31.04 1.52 1.01
C SER A 244 31.50 1.74 -0.43
N LYS A 245 32.36 0.84 -0.93
CA LYS A 245 32.82 0.90 -2.31
C LYS A 245 31.68 0.76 -3.31
N ILE A 246 30.76 -0.14 -3.01
CA ILE A 246 29.59 -0.38 -3.85
C ILE A 246 28.72 0.88 -3.92
N MET A 247 28.48 1.51 -2.77
CA MET A 247 27.72 2.76 -2.73
C MET A 247 28.42 3.91 -3.49
N THR A 248 29.75 4.00 -3.34
CA THR A 248 30.58 4.97 -4.09
C THR A 248 30.41 4.78 -5.60
N THR A 249 30.48 3.52 -6.05
CA THR A 249 30.26 3.17 -7.45
C THR A 249 28.84 3.51 -7.90
N ALA A 250 27.85 3.23 -7.05
CA ALA A 250 26.45 3.54 -7.36
C ALA A 250 26.22 5.04 -7.47
N ALA A 251 26.95 5.81 -6.67
CA ALA A 251 26.89 7.27 -6.70
C ALA A 251 27.27 7.90 -8.04
N GLN A 252 28.16 7.25 -8.78
CA GLN A 252 28.59 7.75 -10.09
C GLN A 252 27.39 8.04 -10.99
N LEU A 253 26.47 7.08 -11.05
CA LEU A 253 25.27 7.22 -11.87
C LEU A 253 24.00 7.36 -11.03
N VAL A 254 24.19 7.62 -9.74
CA VAL A 254 23.09 8.01 -8.87
C VAL A 254 22.00 6.91 -8.72
N LYS A 255 22.44 5.67 -8.62
CA LYS A 255 21.49 4.56 -8.46
C LYS A 255 21.25 4.16 -7.00
N PRO A 256 20.01 3.76 -6.69
CA PRO A 256 19.61 3.41 -5.33
C PRO A 256 20.32 2.15 -4.88
N VAL A 257 20.42 1.98 -3.57
CA VAL A 257 21.21 0.92 -3.00
C VAL A 257 20.59 0.42 -1.70
N SER A 258 20.66 -0.88 -1.45
CA SER A 258 20.32 -1.43 -0.13
C SER A 258 21.53 -2.16 0.41
N LEU A 259 21.83 -1.92 1.67
CA LEU A 259 23.05 -2.45 2.27
C LEU A 259 22.78 -3.12 3.59
N GLU A 260 23.32 -4.32 3.72
CA GLU A 260 23.28 -5.05 4.96
C GLU A 260 24.71 -5.42 5.21
N LEU A 261 25.28 -4.81 6.24
CA LEU A 261 26.71 -4.92 6.46
C LEU A 261 26.97 -5.65 7.77
N GLY A 262 28.18 -5.59 8.27
CA GLY A 262 28.47 -6.30 9.50
C GLY A 262 27.65 -5.85 10.70
N GLY A 263 27.97 -6.41 11.86
CA GLY A 263 27.42 -5.93 13.09
C GLY A 263 28.37 -6.21 14.24
N LYS A 264 28.00 -5.71 15.41
CA LYS A 264 28.66 -6.04 16.66
C LYS A 264 27.55 -5.99 17.70
N SER A 265 26.61 -6.91 17.58
CA SER A 265 25.35 -6.84 18.29
C SER A 265 25.48 -7.20 19.77
N PRO A 266 24.81 -6.42 20.64
CA PRO A 266 24.82 -6.70 22.07
C PRO A 266 23.70 -7.65 22.50
N ILE A 267 23.96 -8.43 23.54
CA ILE A 267 22.92 -9.16 24.23
C ILE A 267 22.97 -8.77 25.71
N VAL A 268 21.91 -8.13 26.17
CA VAL A 268 21.86 -7.61 27.54
C VAL A 268 21.13 -8.60 28.45
N VAL A 269 21.88 -9.21 29.37
CA VAL A 269 21.33 -10.20 30.29
C VAL A 269 21.17 -9.59 31.69
N PHE A 270 19.93 -9.52 32.15
CA PHE A 270 19.62 -9.03 33.49
C PHE A 270 19.61 -10.17 34.51
N GLU A 271 19.36 -9.85 35.78
CA GLU A 271 19.46 -10.85 36.85
C GLU A 271 18.23 -11.76 37.00
N ASP A 272 17.04 -11.23 36.69
CA ASP A 272 15.80 -11.98 36.89
C ASP A 272 15.55 -12.93 35.72
N VAL A 273 16.44 -13.92 35.59
CA VAL A 273 16.46 -14.78 34.42
C VAL A 273 16.79 -16.25 34.78
N ASP A 274 16.23 -17.17 33.99
CA ASP A 274 16.62 -18.57 34.06
C ASP A 274 17.97 -18.69 33.39
N LEU A 275 19.01 -18.86 34.20
CA LEU A 275 20.39 -18.85 33.73
C LEU A 275 20.64 -19.86 32.62
N ASP A 276 20.07 -21.05 32.75
CA ASP A 276 20.32 -22.15 31.83
C ASP A 276 19.67 -21.97 30.47
N LYS A 277 18.42 -21.50 30.48
CA LYS A 277 17.68 -21.25 29.26
C LYS A 277 18.33 -20.12 28.46
N VAL A 278 18.68 -19.03 29.14
CA VAL A 278 19.31 -17.90 28.45
C VAL A 278 20.77 -18.19 28.11
N ALA A 279 21.38 -19.15 28.79
CA ALA A 279 22.74 -19.58 28.46
C ALA A 279 22.78 -20.21 27.07
N GLU A 280 21.75 -20.98 26.72
CA GLU A 280 21.68 -21.60 25.39
C GLU A 280 21.50 -20.54 24.32
N TRP A 281 20.68 -19.53 24.61
CA TRP A 281 20.43 -18.44 23.67
C TRP A 281 21.67 -17.59 23.39
N THR A 282 22.47 -17.31 24.43
CA THR A 282 23.65 -16.47 24.27
C THR A 282 24.74 -17.21 23.52
N VAL A 283 24.86 -18.51 23.78
CA VAL A 283 25.75 -19.39 23.01
C VAL A 283 25.29 -19.52 21.56
N PHE A 284 23.98 -19.57 21.36
CA PHE A 284 23.38 -19.64 20.03
C PHE A 284 23.64 -18.36 19.25
N GLY A 285 23.33 -17.22 19.88
CA GLY A 285 23.53 -15.91 19.27
C GLY A 285 24.94 -15.60 18.81
N CYS A 286 25.92 -16.36 19.30
CA CYS A 286 27.32 -16.10 18.96
C CYS A 286 28.04 -17.24 18.24
N PHE A 287 27.65 -18.49 18.50
CA PHE A 287 28.38 -19.64 17.92
C PHE A 287 27.70 -20.29 16.72
N PHE A 288 26.39 -20.10 16.59
CA PHE A 288 25.61 -20.64 15.48
C PHE A 288 26.18 -20.15 14.14
N THR A 289 26.10 -21.01 13.12
CA THR A 289 26.71 -20.75 11.80
C THR A 289 28.24 -20.57 11.92
N ASN A 290 28.82 -21.24 12.91
CA ASN A 290 30.25 -21.12 13.23
C ASN A 290 30.60 -19.67 13.55
N GLY A 291 29.63 -18.96 14.13
CA GLY A 291 29.78 -17.54 14.47
C GLY A 291 29.82 -16.60 13.29
N GLN A 292 29.43 -17.09 12.12
CA GLN A 292 29.46 -16.28 10.90
C GLN A 292 28.06 -15.77 10.59
N ILE A 293 27.51 -14.99 11.52
CA ILE A 293 26.19 -14.40 11.40
C ILE A 293 26.39 -12.90 11.39
N CYS A 294 25.69 -12.21 10.50
CA CYS A 294 25.79 -10.75 10.38
C CYS A 294 25.35 -10.08 11.68
N SER A 295 24.26 -10.60 12.24
CA SER A 295 23.62 -10.06 13.42
C SER A 295 24.01 -10.80 14.70
N ALA A 296 25.12 -11.54 14.64
CA ALA A 296 25.63 -12.28 15.81
C ALA A 296 25.68 -11.39 17.04
N THR A 297 25.16 -11.91 18.16
CA THR A 297 25.21 -11.18 19.42
C THR A 297 26.52 -11.53 20.12
N SER A 298 27.57 -10.81 19.73
CA SER A 298 28.95 -11.14 20.08
C SER A 298 29.48 -10.35 21.27
N ARG A 299 28.70 -9.38 21.74
CA ARG A 299 29.01 -8.65 22.96
C ARG A 299 27.98 -8.99 24.04
N LEU A 300 28.41 -9.77 25.02
CA LEU A 300 27.58 -10.11 26.18
C LEU A 300 27.68 -9.01 27.23
N ILE A 301 26.53 -8.55 27.70
CA ILE A 301 26.45 -7.51 28.72
C ILE A 301 25.59 -8.05 29.88
N VAL A 302 26.26 -8.59 30.89
CA VAL A 302 25.64 -9.33 32.00
C VAL A 302 25.63 -8.56 33.31
N HIS A 303 24.47 -8.56 33.97
CA HIS A 303 24.35 -8.00 35.31
C HIS A 303 25.41 -8.61 36.21
N GLU A 304 26.13 -7.74 36.92
CA GLU A 304 27.22 -8.13 37.81
C GLU A 304 26.86 -9.20 38.84
N SER A 305 25.61 -9.21 39.29
CA SER A 305 25.19 -10.08 40.39
C SER A 305 25.09 -11.57 40.01
N ILE A 306 24.95 -11.85 38.71
CA ILE A 306 24.90 -13.22 38.19
C ILE A 306 26.06 -13.51 37.24
N ALA A 307 26.84 -12.48 36.93
CA ALA A 307 27.92 -12.56 35.96
C ALA A 307 28.74 -13.84 36.02
N VAL A 308 29.47 -14.05 37.12
CA VAL A 308 30.43 -15.17 37.22
C VAL A 308 29.82 -16.57 37.14
N GLU A 309 28.64 -16.77 37.73
CA GLU A 309 27.97 -18.06 37.59
C GLU A 309 27.31 -18.25 36.22
N PHE A 310 26.86 -17.15 35.60
CA PHE A 310 26.30 -17.22 34.25
C PHE A 310 27.37 -17.51 33.20
N VAL A 311 28.51 -16.84 33.32
CA VAL A 311 29.63 -17.04 32.40
C VAL A 311 30.22 -18.45 32.52
N ASP A 312 30.23 -19.00 33.74
CA ASP A 312 30.70 -20.37 33.98
CA ASP A 312 30.72 -20.36 33.95
C ASP A 312 29.79 -21.37 33.28
N LYS A 313 28.49 -21.10 33.31
CA LYS A 313 27.52 -21.94 32.60
C LYS A 313 27.77 -21.90 31.11
N LEU A 314 27.94 -20.69 30.56
CA LEU A 314 28.34 -20.48 29.18
C LEU A 314 29.53 -21.34 28.78
N VAL A 315 30.55 -21.34 29.61
CA VAL A 315 31.79 -22.10 29.37
C VAL A 315 31.50 -23.60 29.23
N LYS A 316 30.63 -24.14 30.09
CA LYS A 316 30.29 -25.56 30.06
C LYS A 316 29.46 -25.95 28.83
N TRP A 317 28.41 -25.18 28.55
CA TRP A 317 27.62 -25.33 27.31
C TRP A 317 28.51 -25.33 26.07
N ALA A 318 29.37 -24.32 25.97
CA ALA A 318 30.25 -24.15 24.82
C ALA A 318 31.23 -25.30 24.65
N GLU A 319 31.74 -25.84 25.76
CA GLU A 319 32.71 -26.94 25.72
C GLU A 319 32.04 -28.29 25.42
N ASN A 320 30.72 -28.33 25.57
CA ASN A 320 29.91 -29.51 25.26
C ASN A 320 29.41 -29.49 23.82
N ILE A 321 29.71 -28.41 23.09
CA ILE A 321 29.35 -28.31 21.67
C ILE A 321 30.25 -29.22 20.84
N LYS A 322 29.63 -30.15 20.11
CA LYS A 322 30.36 -31.09 19.28
C LYS A 322 30.97 -30.42 18.05
N ILE A 323 32.29 -30.52 17.94
CA ILE A 323 33.05 -29.98 16.80
C ILE A 323 33.47 -31.14 15.91
N SER A 324 33.04 -31.11 14.66
CA SER A 324 33.32 -32.19 13.71
C SER A 324 33.06 -31.76 12.28
N ASP A 325 33.36 -32.65 11.34
CA ASP A 325 32.93 -32.51 9.95
C ASP A 325 31.42 -32.24 9.90
N PRO A 326 30.99 -31.28 9.07
CA PRO A 326 29.60 -30.82 9.00
C PRO A 326 28.56 -31.92 8.71
N LEU A 327 28.99 -33.01 8.08
CA LEU A 327 28.08 -34.10 7.70
C LEU A 327 27.86 -35.13 8.82
N GLU A 328 28.84 -35.24 9.72
CA GLU A 328 28.76 -36.18 10.85
C GLU A 328 27.55 -35.91 11.74
N GLU A 329 26.84 -36.97 12.11
CA GLU A 329 25.65 -36.87 12.96
C GLU A 329 25.99 -36.18 14.28
N GLY A 330 25.15 -35.24 14.68
CA GLY A 330 25.31 -34.53 15.96
C GLY A 330 26.26 -33.34 15.94
N CYS A 331 26.73 -32.96 14.76
CA CYS A 331 27.63 -31.81 14.61
C CYS A 331 26.91 -30.51 14.94
N ARG A 332 27.42 -29.80 15.94
CA ARG A 332 26.86 -28.51 16.33
C ARG A 332 27.77 -27.33 16.02
N LEU A 333 28.98 -27.64 15.56
CA LEU A 333 29.92 -26.63 15.09
C LEU A 333 30.83 -27.18 13.99
N GLY A 334 30.81 -26.50 12.84
CA GLY A 334 31.68 -26.82 11.72
C GLY A 334 32.90 -25.92 11.68
N PRO A 335 33.67 -25.98 10.58
CA PRO A 335 34.87 -25.16 10.41
C PRO A 335 34.60 -23.80 9.76
N ILE A 336 35.52 -22.86 9.95
CA ILE A 336 35.50 -21.57 9.27
C ILE A 336 35.61 -21.78 7.75
N VAL A 337 34.89 -20.96 7.00
CA VAL A 337 34.75 -21.07 5.53
C VAL A 337 36.06 -21.21 4.72
N SER A 338 37.13 -20.54 5.16
CA SER A 338 38.36 -20.50 4.38
C SER A 338 39.60 -20.29 5.25
N GLU A 339 40.77 -20.46 4.65
CA GLU A 339 42.04 -20.29 5.35
C GLU A 339 42.23 -18.84 5.80
N ALA A 340 42.03 -17.90 4.87
CA ALA A 340 42.14 -16.46 5.15
C ALA A 340 41.23 -16.03 6.30
N GLN A 341 40.02 -16.57 6.33
CA GLN A 341 39.06 -16.26 7.37
C GLN A 341 39.45 -16.86 8.72
N TYR A 342 39.97 -18.09 8.66
CA TYR A 342 40.47 -18.80 9.82
C TYR A 342 41.56 -17.99 10.51
N LYS A 343 42.52 -17.50 9.71
CA LYS A 343 43.63 -16.71 10.21
C LYS A 343 43.21 -15.38 10.82
N LYS A 344 42.21 -14.74 10.20
CA LYS A 344 41.63 -13.52 10.77
C LYS A 344 41.00 -13.75 12.13
N VAL A 345 40.22 -14.82 12.23
CA VAL A 345 39.57 -15.22 13.49
C VAL A 345 40.60 -15.56 14.57
N LEU A 346 41.66 -16.26 14.20
CA LEU A 346 42.73 -16.58 15.17
C LEU A 346 43.51 -15.33 15.57
N ASN A 347 43.70 -14.41 14.62
CA ASN A 347 44.35 -13.14 14.89
C ASN A 347 43.57 -12.28 15.88
N CYS A 348 42.25 -12.29 15.77
CA CYS A 348 41.38 -11.57 16.71
C CYS A 348 41.55 -12.09 18.14
N ILE A 349 41.66 -13.41 18.29
CA ILE A 349 41.87 -14.03 19.59
C ILE A 349 43.26 -13.69 20.12
N SER A 350 44.25 -13.80 19.25
CA SER A 350 45.63 -13.41 19.55
C SER A 350 45.71 -11.95 20.04
N SER A 351 45.07 -11.04 19.31
CA SER A 351 45.11 -9.62 19.65
C SER A 351 44.45 -9.34 20.98
N ALA A 352 43.34 -10.02 21.25
CA ALA A 352 42.66 -9.91 22.53
C ALA A 352 43.59 -10.29 23.67
N LYS A 353 44.33 -11.38 23.49
CA LYS A 353 45.29 -11.87 24.47
C LYS A 353 46.38 -10.82 24.67
N SER A 354 46.90 -10.30 23.56
CA SER A 354 47.93 -9.25 23.57
C SER A 354 47.51 -7.97 24.28
N GLU A 355 46.23 -7.62 24.15
CA GLU A 355 45.67 -6.41 24.78
C GLU A 355 45.32 -6.63 26.25
N GLY A 356 45.55 -7.83 26.75
CA GLY A 356 45.39 -8.13 28.18
C GLY A 356 44.08 -8.77 28.59
N ALA A 357 43.26 -9.20 27.62
CA ALA A 357 42.00 -9.87 27.96
C ALA A 357 42.24 -11.35 28.31
N THR A 358 41.25 -11.97 28.93
CA THR A 358 41.33 -13.37 29.33
C THR A 358 40.61 -14.27 28.32
N ILE A 359 41.29 -15.31 27.86
CA ILE A 359 40.66 -16.34 27.03
C ILE A 359 40.12 -17.41 27.97
N LEU A 360 38.87 -17.23 28.40
CA LEU A 360 38.30 -18.10 29.43
C LEU A 360 38.11 -19.53 28.95
N THR A 361 37.75 -19.70 27.68
CA THR A 361 37.66 -21.02 27.05
C THR A 361 37.90 -20.93 25.54
N GLY A 362 38.33 -22.05 24.97
CA GLY A 362 38.55 -22.15 23.53
C GLY A 362 39.80 -21.44 23.07
N GLY A 363 39.70 -20.71 21.96
CA GLY A 363 40.78 -19.88 21.46
C GLY A 363 41.88 -20.60 20.71
N ARG A 364 41.68 -21.89 20.44
CA ARG A 364 42.67 -22.69 19.71
C ARG A 364 42.00 -23.74 18.83
N ARG A 365 42.77 -24.33 17.92
CA ARG A 365 42.33 -25.47 17.14
C ARG A 365 42.14 -26.69 18.06
N PRO A 366 40.98 -27.36 17.97
CA PRO A 366 40.69 -28.54 18.80
C PRO A 366 41.67 -29.68 18.55
N GLU A 367 42.03 -30.40 19.61
CA GLU A 367 43.08 -31.42 19.53
C GLU A 367 42.70 -32.64 18.67
N HIS A 368 41.41 -32.99 18.67
CA HIS A 368 40.93 -34.18 17.95
C HIS A 368 40.71 -33.98 16.44
N LEU A 369 41.03 -32.79 15.93
CA LEU A 369 40.93 -32.51 14.50
C LEU A 369 42.21 -31.85 13.97
N LYS A 370 43.08 -32.65 13.36
CA LYS A 370 44.40 -32.18 12.91
C LYS A 370 44.31 -31.24 11.71
N LYS A 371 43.35 -31.48 10.83
CA LYS A 371 43.18 -30.66 9.63
C LYS A 371 41.80 -30.01 9.56
N GLY A 372 41.67 -29.02 8.68
CA GLY A 372 40.44 -28.24 8.60
C GLY A 372 40.55 -26.96 9.40
N TYR A 373 39.71 -25.99 9.08
CA TYR A 373 39.78 -24.67 9.69
C TYR A 373 38.86 -24.58 10.91
N PHE A 374 39.21 -25.36 11.94
CA PHE A 374 38.38 -25.51 13.13
C PHE A 374 38.88 -24.65 14.28
N VAL A 375 37.97 -23.91 14.90
CA VAL A 375 38.25 -23.17 16.14
C VAL A 375 37.24 -23.56 17.21
N GLU A 376 37.75 -23.85 18.41
CA GLU A 376 36.89 -24.12 19.57
C GLU A 376 36.09 -22.87 19.91
N PRO A 377 34.83 -23.04 20.38
CA PRO A 377 34.05 -21.89 20.81
C PRO A 377 34.82 -21.09 21.84
N THR A 378 34.93 -19.78 21.62
CA THR A 378 35.79 -18.92 22.45
C THR A 378 34.99 -17.87 23.23
N ILE A 379 35.24 -17.84 24.54
CA ILE A 379 34.69 -16.82 25.39
C ILE A 379 35.84 -15.99 25.96
N ILE A 380 35.70 -14.67 25.86
CA ILE A 380 36.73 -13.73 26.26
C ILE A 380 36.19 -12.78 27.31
N THR A 381 36.92 -12.67 28.42
CA THR A 381 36.54 -11.78 29.51
C THR A 381 37.69 -10.81 29.90
N ASP A 382 37.48 -10.02 30.96
CA ASP A 382 38.32 -8.86 31.28
C ASP A 382 38.43 -7.97 30.03
N VAL A 383 37.28 -7.70 29.44
CA VAL A 383 37.18 -6.92 28.23
C VAL A 383 36.99 -5.47 28.62
N THR A 384 37.77 -4.62 27.97
CA THR A 384 37.71 -3.20 28.13
C THR A 384 37.16 -2.61 26.83
N THR A 385 36.43 -1.52 26.93
CA THR A 385 35.69 -0.96 25.80
C THR A 385 36.59 -0.44 24.66
N SER A 386 37.87 -0.23 24.96
CA SER A 386 38.82 0.25 23.97
C SER A 386 39.55 -0.89 23.27
N MET A 387 39.27 -2.12 23.68
CA MET A 387 39.87 -3.30 23.08
C MET A 387 39.31 -3.56 21.68
N GLN A 388 40.16 -4.08 20.80
CA GLN A 388 39.75 -4.44 19.44
C GLN A 388 38.59 -5.44 19.44
N ILE A 389 38.60 -6.36 20.40
CA ILE A 389 37.57 -7.41 20.48
C ILE A 389 36.15 -6.85 20.73
N TRP A 390 36.08 -5.75 21.47
CA TRP A 390 34.83 -5.05 21.73
C TRP A 390 34.34 -4.30 20.50
N ARG A 391 35.31 -3.85 19.70
CA ARG A 391 35.08 -2.92 18.61
C ARG A 391 34.75 -3.63 17.29
N GLU A 392 35.57 -4.63 16.93
CA GLU A 392 35.56 -5.14 15.57
C GLU A 392 34.91 -6.51 15.41
N GLU A 393 34.02 -6.60 14.43
CA GLU A 393 33.33 -7.84 14.09
C GLU A 393 34.33 -8.95 13.80
N VAL A 394 34.17 -10.08 14.49
CA VAL A 394 35.12 -11.19 14.37
C VAL A 394 34.77 -12.14 13.22
N PHE A 395 33.49 -12.52 13.12
CA PHE A 395 33.03 -13.58 12.19
C PHE A 395 33.66 -14.94 12.48
N GLY A 396 33.73 -15.26 13.77
CA GLY A 396 34.19 -16.54 14.26
C GLY A 396 33.42 -16.83 15.53
N PRO A 397 33.52 -18.07 16.04
CA PRO A 397 32.78 -18.40 17.27
C PRO A 397 33.45 -17.79 18.51
N VAL A 398 33.41 -16.47 18.60
CA VAL A 398 34.15 -15.73 19.63
C VAL A 398 33.23 -14.73 20.33
N LEU A 399 33.06 -14.89 21.64
CA LEU A 399 32.18 -14.02 22.42
C LEU A 399 32.98 -13.16 23.41
N ALA A 400 32.70 -11.86 23.43
CA ALA A 400 33.35 -10.94 24.37
C ALA A 400 32.37 -10.58 25.47
N VAL A 401 32.81 -10.67 26.72
CA VAL A 401 31.95 -10.47 27.88
C VAL A 401 32.26 -9.19 28.64
N LYS A 402 31.24 -8.38 28.89
CA LYS A 402 31.34 -7.28 29.84
C LYS A 402 30.21 -7.34 30.85
N THR A 403 30.40 -6.63 31.96
CA THR A 403 29.48 -6.68 33.09
C THR A 403 28.90 -5.29 33.34
N PHE A 404 27.71 -5.23 33.97
CA PHE A 404 27.09 -3.95 34.31
C PHE A 404 26.44 -3.93 35.68
N SER A 405 26.30 -2.74 36.27
CA SER A 405 25.67 -2.59 37.58
C SER A 405 24.33 -1.85 37.55
N THR A 406 24.10 -1.03 36.52
CA THR A 406 22.81 -0.33 36.33
C THR A 406 22.27 -0.51 34.92
N GLU A 407 20.95 -0.38 34.78
CA GLU A 407 20.28 -0.47 33.47
C GLU A 407 20.83 0.59 32.51
N GLU A 408 20.96 1.81 32.99
CA GLU A 408 21.52 2.91 32.20
C GLU A 408 22.91 2.56 31.64
N GLU A 409 23.74 1.95 32.46
CA GLU A 409 25.07 1.49 32.05
C GLU A 409 24.95 0.39 30.99
N ALA A 410 24.00 -0.54 31.20
CA ALA A 410 23.74 -1.61 30.26
C ALA A 410 23.42 -1.08 28.86
N ILE A 411 22.49 -0.12 28.77
CA ILE A 411 22.13 0.42 27.45
C ILE A 411 23.30 1.20 26.82
N ASN A 412 24.04 1.97 27.62
CA ASN A 412 25.19 2.71 27.10
C ASN A 412 26.27 1.79 26.56
N LEU A 413 26.45 0.64 27.21
CA LEU A 413 27.36 -0.39 26.71
C LEU A 413 26.85 -1.04 25.44
N ALA A 414 25.54 -1.28 25.40
CA ALA A 414 24.92 -1.93 24.24
C ALA A 414 25.03 -1.06 23.01
N ASN A 415 24.87 0.25 23.19
CA ASN A 415 24.92 1.21 22.09
C ASN A 415 26.32 1.73 21.81
N ASP A 416 27.31 1.15 22.47
CA ASP A 416 28.69 1.58 22.28
C ASP A 416 29.33 0.92 21.06
N THR A 417 28.84 1.31 19.89
CA THR A 417 29.26 0.77 18.61
C THR A 417 28.73 1.65 17.49
N HIS A 418 29.49 1.75 16.41
CA HIS A 418 29.01 2.44 15.23
C HIS A 418 28.06 1.58 14.41
N TYR A 419 28.04 0.28 14.70
CA TYR A 419 27.09 -0.65 14.09
C TYR A 419 25.68 -0.53 14.69
N GLY A 420 24.71 -1.17 14.04
CA GLY A 420 23.33 -1.15 14.54
C GLY A 420 22.41 -2.12 13.84
N LEU A 421 22.81 -3.40 13.81
CA LEU A 421 22.02 -4.42 13.15
C LEU A 421 21.04 -5.09 14.11
N GLY A 422 21.56 -6.00 14.94
CA GLY A 422 20.72 -6.72 15.89
C GLY A 422 21.00 -6.33 17.32
N SER A 423 20.19 -6.89 18.24
CA SER A 423 20.36 -6.70 19.68
C SER A 423 19.37 -7.60 20.40
N ALA A 424 19.69 -7.99 21.63
CA ALA A 424 18.81 -8.83 22.43
C ALA A 424 18.73 -8.39 23.90
N VAL A 425 17.52 -8.47 24.48
CA VAL A 425 17.30 -8.27 25.91
C VAL A 425 16.81 -9.57 26.54
N MET A 426 17.44 -9.98 27.63
CA MET A 426 17.00 -11.14 28.40
C MET A 426 16.63 -10.75 29.84
N SER A 427 15.33 -10.67 30.11
CA SER A 427 14.81 -10.56 31.49
C SER A 427 13.33 -10.97 31.55
N ASN A 428 12.90 -11.54 32.67
CA ASN A 428 11.50 -11.95 32.84
C ASN A 428 10.57 -10.77 33.00
N ASP A 429 11.10 -9.68 33.56
CA ASP A 429 10.35 -8.43 33.64
C ASP A 429 10.12 -7.89 32.23
N LEU A 430 8.90 -8.07 31.73
CA LEU A 430 8.56 -7.65 30.37
C LEU A 430 8.46 -6.14 30.21
N GLU A 431 8.16 -5.45 31.31
CA GLU A 431 8.12 -3.99 31.35
C GLU A 431 9.52 -3.43 31.06
N ARG A 432 10.53 -4.09 31.62
CA ARG A 432 11.92 -3.73 31.42
C ARG A 432 12.35 -4.01 29.98
N CYS A 433 11.94 -5.16 29.46
CA CYS A 433 12.24 -5.53 28.08
C CYS A 433 11.76 -4.50 27.08
N GLU A 434 10.51 -4.04 27.23
CA GLU A 434 9.94 -3.02 26.34
C GLU A 434 10.73 -1.72 26.38
N ARG A 435 11.09 -1.28 27.59
CA ARG A 435 11.95 -0.13 27.81
C ARG A 435 13.28 -0.27 27.04
N LEU A 436 13.93 -1.43 27.15
CA LEU A 436 15.21 -1.67 26.49
C LEU A 436 15.11 -1.84 24.97
N SER A 437 14.01 -2.40 24.50
CA SER A 437 13.76 -2.54 23.07
C SER A 437 13.65 -1.17 22.39
N LYS A 438 13.16 -0.17 23.12
CA LYS A 438 13.09 1.21 22.61
C LYS A 438 14.44 1.94 22.65
N ALA A 439 15.29 1.58 23.60
CA ALA A 439 16.55 2.30 23.82
C ALA A 439 17.68 1.77 22.96
N LEU A 440 17.62 0.49 22.61
CA LEU A 440 18.67 -0.15 21.83
C LEU A 440 18.67 0.36 20.40
N GLN A 441 19.81 0.88 19.96
CA GLN A 441 19.93 1.42 18.61
C GLN A 441 20.27 0.31 17.62
N ALA A 442 19.23 -0.36 17.14
CA ALA A 442 19.38 -1.50 16.24
C ALA A 442 18.15 -1.64 15.35
N GLY A 443 18.30 -2.39 14.27
CA GLY A 443 17.19 -2.71 13.39
C GLY A 443 16.34 -3.85 13.92
N ILE A 444 16.99 -4.82 14.55
CA ILE A 444 16.30 -5.95 15.17
C ILE A 444 16.52 -5.96 16.69
N VAL A 445 15.45 -6.18 17.44
CA VAL A 445 15.56 -6.42 18.88
C VAL A 445 14.88 -7.74 19.20
N TRP A 446 15.65 -8.69 19.72
CA TRP A 446 15.11 -9.93 20.22
C TRP A 446 14.88 -9.80 21.72
N ILE A 447 13.71 -10.25 22.17
CA ILE A 447 13.40 -10.32 23.60
C ILE A 447 13.38 -11.79 24.03
N ASN A 448 14.25 -12.11 24.99
CA ASN A 448 14.32 -13.46 25.58
C ASN A 448 14.73 -14.57 24.61
N CYS A 449 15.33 -14.14 23.49
CA CYS A 449 15.98 -15.03 22.55
C CYS A 449 17.03 -14.22 21.79
N ALA A 450 17.74 -14.88 20.88
CA ALA A 450 18.70 -14.22 20.02
C ALA A 450 18.84 -14.99 18.70
N GLN A 451 18.63 -14.26 17.59
CA GLN A 451 18.93 -14.69 16.21
C GLN A 451 17.79 -15.14 15.25
N PRO A 452 16.60 -15.53 15.76
CA PRO A 452 15.55 -15.96 14.81
C PRO A 452 15.08 -14.88 13.83
N SER A 453 15.13 -15.22 12.54
CA SER A 453 14.63 -14.35 11.48
C SER A 453 13.47 -14.99 10.74
N PHE A 454 12.25 -14.56 11.06
CA PHE A 454 11.07 -14.97 10.31
C PHE A 454 10.89 -14.11 9.07
N ILE A 455 10.54 -14.74 7.93
CA ILE A 455 10.43 -14.02 6.67
C ILE A 455 9.24 -13.05 6.60
N GLN A 456 8.37 -13.08 7.61
CA GLN A 456 7.25 -12.15 7.72
C GLN A 456 7.67 -10.79 8.29
N ALA A 457 8.84 -10.72 8.92
CA ALA A 457 9.28 -9.55 9.69
C ALA A 457 10.48 -8.84 9.05
N PRO A 458 10.40 -7.49 8.95
CA PRO A 458 11.45 -6.68 8.28
C PRO A 458 12.82 -6.83 8.95
N TRP A 459 13.85 -6.95 8.12
CA TRP A 459 15.20 -7.25 8.60
C TRP A 459 16.22 -6.28 7.99
N GLY A 460 17.03 -5.66 8.84
CA GLY A 460 18.01 -4.66 8.40
C GLY A 460 18.65 -3.93 9.56
N GLY A 461 19.59 -3.04 9.23
CA GLY A 461 20.30 -2.31 10.27
C GLY A 461 20.15 -0.81 10.19
N ILE A 462 20.66 -0.14 11.23
CA ILE A 462 20.81 1.30 11.19
C ILE A 462 22.30 1.60 11.34
N LYS A 463 22.68 2.87 11.25
CA LYS A 463 24.08 3.28 11.45
C LYS A 463 25.01 2.55 10.46
N ARG A 464 26.22 2.19 10.89
CA ARG A 464 27.19 1.57 9.97
C ARG A 464 26.83 0.14 9.56
N SER A 465 25.69 -0.35 10.04
CA SER A 465 25.19 -1.65 9.62
C SER A 465 24.41 -1.55 8.31
N GLY A 466 24.29 -0.33 7.79
CA GLY A 466 23.67 -0.09 6.51
C GLY A 466 22.25 0.43 6.63
N PHE A 467 21.51 0.30 5.54
CA PHE A 467 20.13 0.77 5.47
C PHE A 467 19.30 -0.07 4.49
N GLY A 468 18.00 0.13 4.49
CA GLY A 468 17.09 -0.69 3.72
C GLY A 468 16.65 -1.90 4.52
N ARG A 469 15.50 -2.44 4.17
CA ARG A 469 14.97 -3.62 4.84
C ARG A 469 14.67 -4.74 3.84
N GLU A 470 15.10 -5.94 4.20
CA GLU A 470 14.71 -7.15 3.50
C GLU A 470 13.62 -7.90 4.30
N LEU A 471 13.09 -8.96 3.69
CA LEU A 471 12.01 -9.80 4.28
C LEU A 471 10.69 -9.08 4.46
N GLY A 472 9.64 -9.87 4.73
CA GLY A 472 8.28 -9.35 4.82
C GLY A 472 7.86 -8.59 3.57
N GLU A 473 6.96 -7.63 3.75
CA GLU A 473 6.54 -6.76 2.67
C GLU A 473 7.58 -5.70 2.36
N TRP A 474 8.49 -5.45 3.32
CA TRP A 474 9.59 -4.52 3.12
C TRP A 474 10.56 -5.04 2.06
N GLY A 475 10.76 -6.36 2.05
CA GLY A 475 11.64 -7.01 1.07
C GLY A 475 11.14 -6.83 -0.34
N LEU A 476 9.81 -6.89 -0.53
CA LEU A 476 9.23 -6.66 -1.85
C LEU A 476 9.39 -5.20 -2.27
N GLU A 477 9.07 -4.28 -1.36
CA GLU A 477 9.15 -2.84 -1.62
C GLU A 477 10.54 -2.42 -2.07
N ASN A 478 11.56 -3.08 -1.52
CA ASN A 478 12.95 -2.84 -1.87
C ASN A 478 13.19 -2.88 -3.38
N TYR A 479 12.23 -3.46 -4.11
CA TYR A 479 12.38 -3.70 -5.54
C TYR A 479 11.25 -3.08 -6.35
N LEU A 480 10.46 -2.25 -5.68
CA LEU A 480 9.41 -1.49 -6.32
C LEU A 480 9.73 -0.02 -6.27
N SER A 481 9.19 0.72 -7.23
CA SER A 481 9.18 2.18 -7.16
C SER A 481 7.73 2.64 -7.16
N VAL A 482 7.47 3.76 -6.50
CA VAL A 482 6.13 4.31 -6.45
C VAL A 482 5.94 5.28 -7.60
N LYS A 483 4.83 5.10 -8.32
CA LYS A 483 4.44 6.01 -9.38
C LYS A 483 3.13 6.68 -9.03
N GLN A 484 3.13 8.01 -9.02
CA GLN A 484 1.91 8.78 -8.79
C GLN A 484 1.23 9.07 -10.12
N VAL A 485 0.02 8.55 -10.27
CA VAL A 485 -0.81 8.85 -11.44
C VAL A 485 -1.92 9.82 -11.03
N THR A 486 -1.75 11.08 -11.40
CA THR A 486 -2.67 12.15 -11.03
C THR A 486 -3.42 12.63 -12.28
N ARG A 487 -4.75 12.61 -12.20
CA ARG A 487 -5.59 12.94 -13.35
C ARG A 487 -6.48 14.16 -13.08
N TYR A 488 -6.56 15.04 -14.07
CA TYR A 488 -7.44 16.21 -14.03
C TYR A 488 -8.83 15.84 -14.56
N THR A 489 -9.79 15.71 -13.65
CA THR A 489 -11.15 15.21 -13.95
C THR A 489 -12.07 16.28 -14.56
N SER A 490 -11.87 17.53 -14.15
CA SER A 490 -12.70 18.66 -14.59
C SER A 490 -12.64 18.89 -16.10
N ASP A 491 -13.54 19.76 -16.59
CA ASP A 491 -13.57 20.14 -18.00
C ASP A 491 -13.35 21.65 -18.12
N GLU A 492 -12.95 22.27 -17.01
CA GLU A 492 -12.74 23.70 -16.92
C GLU A 492 -11.33 24.07 -17.40
N PRO A 493 -11.16 25.26 -18.02
CA PRO A 493 -9.80 25.71 -18.30
C PRO A 493 -9.03 25.90 -17.00
N TRP A 494 -7.72 25.65 -17.03
CA TRP A 494 -6.88 25.77 -15.85
C TRP A 494 -6.90 27.19 -15.27
N GLY A 495 -6.87 28.18 -16.15
CA GLY A 495 -7.05 29.57 -15.78
C GLY A 495 -5.92 30.15 -14.93
N TRP A 496 -4.68 30.00 -15.40
CA TRP A 496 -3.55 30.66 -14.76
C TRP A 496 -3.00 31.79 -15.63
N TYR A 497 -2.81 31.51 -16.91
CA TYR A 497 -2.29 32.49 -17.86
C TYR A 497 -3.42 33.19 -18.59
N GLN A 498 -3.12 34.36 -19.14
CA GLN A 498 -4.07 35.08 -19.98
C GLN A 498 -4.21 34.38 -21.34
N PRO A 499 -5.45 34.02 -21.73
CA PRO A 499 -5.68 33.51 -23.09
C PRO A 499 -5.45 34.62 -24.12
N PRO A 500 -4.91 34.27 -25.31
CA PRO A 500 -4.49 35.25 -26.32
C PRO A 500 -5.59 36.22 -26.81
N SER A 501 -6.46 35.78 -27.72
CA SER A 501 -7.52 36.63 -28.30
C SER A 501 -8.60 35.82 -29.01
N LYS A 502 -8.19 34.70 -29.61
CA LYS A 502 -9.13 33.85 -30.35
C LYS A 502 -9.31 32.49 -29.67
N SER B 7 18.14 41.24 8.21
CA SER B 7 19.60 40.96 8.48
C SER B 7 19.76 39.97 9.64
N ARG B 8 19.69 38.68 9.33
CA ARG B 8 19.71 37.63 10.36
C ARG B 8 21.04 36.86 10.39
N GLN B 9 21.19 36.02 11.41
CA GLN B 9 22.36 35.17 11.52
C GLN B 9 22.02 33.69 11.33
N LEU B 10 22.92 32.83 11.79
CA LEU B 10 22.68 31.40 11.79
C LEU B 10 21.77 31.07 12.95
N PHE B 11 20.92 30.08 12.75
CA PHE B 11 20.03 29.63 13.80
C PHE B 11 20.54 28.29 14.33
N ILE B 12 21.16 28.32 15.50
CA ILE B 12 21.79 27.13 16.07
C ILE B 12 21.38 26.99 17.53
N ASP B 13 20.89 25.81 17.89
CA ASP B 13 20.51 25.48 19.25
C ASP B 13 19.50 26.49 19.81
N GLY B 14 18.60 26.93 18.95
CA GLY B 14 17.51 27.83 19.33
C GLY B 14 17.92 29.28 19.49
N GLU B 15 19.11 29.62 19.02
CA GLU B 15 19.63 30.99 19.14
C GLU B 15 20.22 31.51 17.83
N TRP B 16 20.26 32.84 17.71
CA TRP B 16 20.95 33.50 16.62
C TRP B 16 22.44 33.61 16.97
N ARG B 17 23.29 33.09 16.10
CA ARG B 17 24.73 33.12 16.33
C ARG B 17 25.46 33.58 15.07
N VAL B 18 26.42 34.47 15.27
CA VAL B 18 27.30 34.91 14.19
C VAL B 18 28.22 33.75 13.80
N PRO B 19 28.41 33.53 12.48
CA PRO B 19 29.38 32.53 12.03
C PRO B 19 30.73 32.74 12.69
N ILE B 20 31.37 31.66 13.15
CA ILE B 20 32.66 31.74 13.84
C ILE B 20 33.66 32.62 13.09
N LEU B 21 33.73 32.45 11.77
CA LEU B 21 34.67 33.18 10.93
C LEU B 21 34.11 34.51 10.37
N ASN B 22 32.87 34.83 10.75
CA ASN B 22 32.29 36.16 10.53
C ASN B 22 32.15 36.62 9.07
N LYS B 23 32.05 35.68 8.13
CA LYS B 23 31.91 36.01 6.71
C LYS B 23 30.44 36.06 6.26
N ARG B 24 30.17 36.85 5.23
CA ARG B 24 28.82 37.00 4.70
C ARG B 24 28.79 36.90 3.18
N ILE B 25 27.64 36.52 2.64
CA ILE B 25 27.46 36.34 1.20
C ILE B 25 26.43 37.35 0.69
N PRO B 26 26.81 38.15 -0.34
CA PRO B 26 25.89 39.11 -0.94
C PRO B 26 24.64 38.47 -1.55
N ASN B 27 23.57 39.24 -1.63
CA ASN B 27 22.31 38.78 -2.19
C ASN B 27 21.86 39.71 -3.32
N ILE B 28 21.63 39.12 -4.49
CA ILE B 28 21.27 39.87 -5.70
C ILE B 28 19.77 39.79 -5.98
N ASN B 29 19.17 40.91 -6.36
CA ASN B 29 17.82 40.90 -6.94
C ASN B 29 17.95 40.49 -8.41
N PRO B 30 17.29 39.39 -8.80
CA PRO B 30 17.39 38.92 -10.18
C PRO B 30 16.73 39.85 -11.22
N SER B 31 15.81 40.71 -10.78
CA SER B 31 15.14 41.63 -11.71
C SER B 31 15.83 42.99 -11.85
N THR B 32 16.77 43.31 -10.95
CA THR B 32 17.51 44.58 -11.04
C THR B 32 19.05 44.44 -11.14
N GLU B 33 19.58 43.27 -10.80
CA GLU B 33 21.04 43.01 -10.77
C GLU B 33 21.80 43.80 -9.72
N ASN B 34 21.06 44.37 -8.77
CA ASN B 34 21.65 45.14 -7.66
C ASN B 34 21.75 44.31 -6.38
N ILE B 35 22.82 44.55 -5.62
CA ILE B 35 22.99 43.92 -4.31
C ILE B 35 21.92 44.47 -3.35
N ILE B 36 21.08 43.58 -2.83
CA ILE B 36 19.89 43.98 -2.07
C ILE B 36 19.95 43.52 -0.60
N GLY B 37 21.08 42.97 -0.19
CA GLY B 37 21.28 42.46 1.16
C GLY B 37 22.37 41.40 1.18
N ASP B 38 22.49 40.70 2.32
CA ASP B 38 23.46 39.62 2.47
C ASP B 38 23.00 38.58 3.48
N ILE B 39 23.58 37.38 3.40
CA ILE B 39 23.25 36.26 4.30
C ILE B 39 24.50 35.75 5.03
N PRO B 40 24.33 35.14 6.21
CA PRO B 40 25.51 34.62 6.90
C PRO B 40 26.12 33.42 6.17
N ALA B 41 27.45 33.37 6.13
CA ALA B 41 28.18 32.33 5.40
C ALA B 41 28.79 31.34 6.39
N ALA B 42 28.05 30.26 6.66
CA ALA B 42 28.51 29.26 7.62
C ALA B 42 29.64 28.46 7.04
N THR B 43 30.49 27.99 7.93
CA THR B 43 31.71 27.31 7.59
C THR B 43 31.74 26.01 8.43
N LYS B 44 32.74 25.16 8.19
CA LYS B 44 32.86 23.87 8.90
C LYS B 44 32.62 23.98 10.42
N GLU B 45 33.19 25.01 11.04
CA GLU B 45 33.08 25.18 12.49
C GLU B 45 31.64 25.41 12.96
N ASP B 46 30.85 26.16 12.18
CA ASP B 46 29.44 26.40 12.48
C ASP B 46 28.58 25.16 12.24
N VAL B 47 28.92 24.39 11.20
CA VAL B 47 28.22 23.17 10.88
C VAL B 47 28.39 22.14 12.00
N ASP B 48 29.58 22.08 12.60
CA ASP B 48 29.83 21.24 13.76
C ASP B 48 28.95 21.62 14.95
N LEU B 49 28.79 22.92 15.18
CA LEU B 49 27.96 23.42 16.27
C LEU B 49 26.47 23.07 16.06
N ALA B 50 26.02 23.17 14.81
CA ALA B 50 24.62 22.86 14.47
C ALA B 50 24.32 21.36 14.57
N VAL B 51 25.25 20.52 14.11
CA VAL B 51 25.08 19.07 14.22
C VAL B 51 25.14 18.64 15.68
N ASP B 52 26.09 19.21 16.43
CA ASP B 52 26.21 18.93 17.86
C ASP B 52 24.91 19.26 18.61
N ALA B 53 24.33 20.41 18.30
CA ALA B 53 23.07 20.85 18.90
C ALA B 53 21.92 19.91 18.54
N ALA B 54 21.88 19.46 17.29
CA ALA B 54 20.93 18.45 16.84
C ALA B 54 21.09 17.12 17.60
N LYS B 55 22.33 16.64 17.72
CA LYS B 55 22.63 15.45 18.51
C LYS B 55 22.12 15.57 19.94
N ARG B 56 22.39 16.70 20.58
CA ARG B 56 21.93 16.94 21.96
C ARG B 56 20.40 17.00 22.04
N ALA B 57 19.76 17.54 21.00
CA ALA B 57 18.30 17.66 20.99
C ALA B 57 17.58 16.29 21.00
N ILE B 58 18.19 15.27 20.39
CA ILE B 58 17.57 13.94 20.42
C ILE B 58 17.89 13.12 21.69
N SER B 59 19.07 13.32 22.29
CA SER B 59 19.45 12.56 23.48
C SER B 59 19.07 13.23 24.81
N ARG B 60 18.84 14.54 24.77
CA ARG B 60 18.38 15.32 25.93
C ARG B 60 17.18 14.68 26.64
N LYS B 61 17.34 14.38 27.93
CA LYS B 61 16.27 13.84 28.77
C LYS B 61 15.64 12.58 28.18
N ASN B 62 16.48 11.62 27.78
CA ASN B 62 16.03 10.39 27.12
C ASN B 62 15.10 10.62 25.93
N GLY B 63 15.22 11.79 25.31
CA GLY B 63 14.40 12.16 24.16
C GLY B 63 12.96 12.53 24.48
N ARG B 64 12.64 12.68 25.77
CA ARG B 64 11.26 12.96 26.21
C ARG B 64 10.70 14.31 25.78
N ASP B 65 11.59 15.25 25.43
CA ASP B 65 11.14 16.57 24.99
C ASP B 65 10.76 16.59 23.52
N TRP B 66 11.30 15.66 22.73
CA TRP B 66 11.04 15.65 21.30
C TRP B 66 11.01 14.28 20.65
N SER B 67 12.18 13.64 20.56
CA SER B 67 12.33 12.45 19.73
C SER B 67 11.60 11.21 20.25
N ALA B 68 11.49 11.08 21.57
CA ALA B 68 10.83 9.93 22.19
C ALA B 68 9.47 10.34 22.77
N ALA B 69 9.13 11.62 22.57
CA ALA B 69 7.81 12.13 22.90
C ALA B 69 6.77 11.54 21.96
N SER B 70 5.51 11.67 22.31
CA SER B 70 4.44 11.21 21.44
C SER B 70 4.28 12.19 20.29
N GLY B 71 3.67 11.73 19.19
CA GLY B 71 3.47 12.56 18.02
C GLY B 71 2.60 13.77 18.25
N SER B 72 1.67 13.66 19.20
CA SER B 72 0.76 14.77 19.51
C SER B 72 1.51 15.98 20.06
N LEU B 73 2.59 15.73 20.80
CA LEU B 73 3.44 16.82 21.28
C LEU B 73 4.06 17.59 20.10
N ARG B 74 4.66 16.86 19.16
CA ARG B 74 5.25 17.49 17.97
C ARG B 74 4.21 18.14 17.06
N ALA B 75 3.04 17.51 16.96
CA ALA B 75 1.89 18.05 16.22
C ALA B 75 1.52 19.48 16.65
N ARG B 76 1.48 19.72 17.97
CA ARG B 76 1.16 21.04 18.50
C ARG B 76 2.14 22.10 18.00
N TYR B 77 3.43 21.77 18.00
CA TYR B 77 4.47 22.65 17.48
C TYR B 77 4.31 22.92 15.97
N LEU B 78 4.07 21.87 15.20
CA LEU B 78 3.88 22.01 13.75
C LEU B 78 2.67 22.89 13.43
N ARG B 79 1.58 22.69 14.17
CA ARG B 79 0.38 23.52 14.05
C ARG B 79 0.64 24.96 14.45
N ALA B 80 1.42 25.16 15.51
CA ALA B 80 1.80 26.49 15.96
C ALA B 80 2.66 27.21 14.92
N ILE B 81 3.57 26.48 14.30
CA ILE B 81 4.41 27.02 13.21
C ILE B 81 3.54 27.40 12.03
N ALA B 82 2.64 26.49 11.63
CA ALA B 82 1.69 26.72 10.56
C ALA B 82 0.95 28.05 10.74
N ALA B 83 0.38 28.25 11.94
CA ALA B 83 -0.39 29.46 12.27
C ALA B 83 0.43 30.73 12.14
N LYS B 84 1.69 30.67 12.57
CA LYS B 84 2.62 31.80 12.44
C LYS B 84 2.90 32.18 10.99
N ILE B 85 3.18 31.19 10.15
CA ILE B 85 3.38 31.36 8.70
C ILE B 85 2.16 32.05 8.09
N LYS B 86 0.99 31.50 8.40
CA LYS B 86 -0.31 31.95 7.89
C LYS B 86 -0.58 33.42 8.21
N GLU B 87 -0.20 33.87 9.41
CA GLU B 87 -0.26 35.28 9.79
C GLU B 87 0.56 36.15 8.84
N LYS B 88 1.78 35.69 8.55
CA LYS B 88 2.77 36.51 7.85
C LYS B 88 2.94 36.12 6.39
N LYS B 89 1.94 35.43 5.84
CA LYS B 89 2.04 34.85 4.49
C LYS B 89 2.30 35.89 3.41
N ASP B 90 1.63 37.04 3.50
CA ASP B 90 1.82 38.12 2.54
C ASP B 90 3.22 38.72 2.62
N GLU B 91 3.71 38.86 3.85
CA GLU B 91 5.07 39.34 4.11
C GLU B 91 6.12 38.35 3.56
N LEU B 92 5.93 37.08 3.85
CA LEU B 92 6.87 36.04 3.43
C LEU B 92 6.83 35.82 1.92
N GLY B 93 5.65 36.00 1.33
CA GLY B 93 5.48 35.94 -0.12
C GLY B 93 6.28 37.02 -0.82
N LYS B 94 6.22 38.24 -0.30
CA LYS B 94 6.95 39.38 -0.86
C LYS B 94 8.46 39.11 -0.81
N LEU B 95 8.94 38.66 0.34
CA LEU B 95 10.35 38.31 0.53
C LEU B 95 10.77 37.20 -0.44
N GLU B 96 9.90 36.20 -0.61
CA GLU B 96 10.17 35.05 -1.46
C GLU B 96 10.36 35.44 -2.92
N SER B 97 9.53 36.37 -3.40
CA SER B 97 9.64 36.89 -4.77
C SER B 97 10.93 37.64 -5.00
N ILE B 98 11.26 38.53 -4.07
CA ILE B 98 12.51 39.31 -4.15
C ILE B 98 13.71 38.36 -4.15
N ASP B 99 13.63 37.34 -3.30
CA ASP B 99 14.73 36.40 -3.11
C ASP B 99 14.98 35.50 -4.33
N CYS B 100 13.94 34.86 -4.85
CA CYS B 100 14.12 33.87 -5.91
C CYS B 100 13.70 34.34 -7.32
N GLY B 101 12.85 35.37 -7.39
CA GLY B 101 12.49 35.98 -8.67
C GLY B 101 11.21 35.48 -9.30
N LYS B 102 10.49 34.60 -8.61
CA LYS B 102 9.21 34.11 -9.12
C LYS B 102 8.11 35.15 -8.96
N PRO B 103 7.14 35.18 -9.89
CA PRO B 103 5.98 36.07 -9.77
C PRO B 103 5.36 36.01 -8.37
N LEU B 104 4.86 37.15 -7.88
CA LEU B 104 4.33 37.24 -6.52
C LEU B 104 3.19 36.25 -6.25
N GLU B 105 2.30 36.09 -7.23
CA GLU B 105 1.16 35.19 -7.08
C GLU B 105 1.59 33.71 -7.00
N GLU B 106 2.76 33.41 -7.56
CA GLU B 106 3.38 32.09 -7.40
C GLU B 106 3.92 31.89 -5.99
N ALA B 107 4.66 32.88 -5.50
CA ALA B 107 5.19 32.85 -4.13
C ALA B 107 4.06 32.80 -3.11
N LEU B 108 3.01 33.60 -3.34
CA LEU B 108 1.82 33.60 -2.48
C LEU B 108 1.19 32.21 -2.43
N ALA B 109 1.11 31.57 -3.58
CA ALA B 109 0.59 30.20 -3.68
C ALA B 109 1.48 29.19 -2.96
N ASP B 110 2.80 29.41 -3.04
CA ASP B 110 3.78 28.60 -2.33
C ASP B 110 3.55 28.62 -0.82
N LEU B 111 3.26 29.80 -0.29
CA LEU B 111 3.03 29.97 1.13
C LEU B 111 1.77 29.31 1.64
N ASP B 112 0.73 29.30 0.80
CA ASP B 112 -0.49 28.53 1.10
C ASP B 112 -0.11 27.07 1.24
N ASP B 113 0.74 26.59 0.34
CA ASP B 113 1.20 25.20 0.35
C ASP B 113 2.15 24.88 1.51
N VAL B 114 2.94 25.85 1.93
CA VAL B 114 3.79 25.72 3.12
C VAL B 114 2.94 25.48 4.37
N VAL B 115 1.91 26.32 4.54
CA VAL B 115 0.98 26.23 5.67
C VAL B 115 0.28 24.87 5.70
N ALA B 116 -0.20 24.43 4.54
CA ALA B 116 -0.93 23.17 4.43
C ALA B 116 -0.03 21.96 4.65
N CYS B 117 1.23 22.12 4.28
CA CYS B 117 2.25 21.08 4.47
C CYS B 117 2.55 20.83 5.96
N PHE B 118 2.69 21.91 6.73
CA PHE B 118 2.87 21.77 8.18
C PHE B 118 1.62 21.19 8.85
N GLU B 119 0.44 21.67 8.42
CA GLU B 119 -0.84 21.19 8.93
C GLU B 119 -1.04 19.68 8.66
N TYR B 120 -0.66 19.26 7.46
CA TYR B 120 -0.80 17.87 7.04
C TYR B 120 0.08 16.94 7.85
N TYR B 121 1.34 17.34 8.05
CA TYR B 121 2.28 16.51 8.80
C TYR B 121 2.04 16.54 10.32
N ALA B 122 1.42 17.62 10.80
CA ALA B 122 0.87 17.65 12.16
C ALA B 122 -0.15 16.52 12.38
N GLY B 123 -1.04 16.32 11.42
CA GLY B 123 -2.03 15.24 11.48
C GLY B 123 -1.37 13.87 11.50
N LEU B 124 -0.37 13.68 10.64
CA LEU B 124 0.36 12.42 10.58
C LEU B 124 1.14 12.15 11.86
N ALA B 125 1.65 13.22 12.47
CA ALA B 125 2.30 13.12 13.78
C ALA B 125 1.36 12.55 14.86
N GLU B 126 0.15 13.11 14.97
CA GLU B 126 -0.87 12.58 15.88
C GLU B 126 -1.22 11.11 15.63
N GLU B 127 -1.26 10.73 14.35
CA GLU B 127 -1.64 9.38 13.96
C GLU B 127 -0.53 8.36 14.21
N LEU B 128 0.70 8.86 14.40
CA LEU B 128 1.89 8.02 14.45
C LEU B 128 1.94 7.13 15.69
N ASP B 129 1.37 7.61 16.80
CA ASP B 129 1.36 6.86 18.05
C ASP B 129 0.54 5.57 17.93
N SER B 130 -0.57 5.64 17.20
CA SER B 130 -1.43 4.48 16.98
C SER B 130 -0.82 3.45 16.02
N LYS B 131 0.19 3.87 15.26
CA LYS B 131 0.90 2.97 14.34
C LYS B 131 2.03 2.20 15.01
N GLN B 132 2.36 2.58 16.25
CA GLN B 132 3.41 1.92 17.01
C GLN B 132 2.98 0.53 17.47
N LYS B 133 3.93 -0.41 17.43
CA LYS B 133 3.69 -1.79 17.86
C LYS B 133 2.65 -2.51 17.01
N ALA B 134 2.64 -2.23 15.70
CA ALA B 134 1.75 -2.94 14.79
C ALA B 134 2.22 -4.38 14.67
N PRO B 135 1.32 -5.34 14.97
CA PRO B 135 1.68 -6.76 15.03
C PRO B 135 2.11 -7.33 13.68
N ILE B 136 3.03 -8.29 13.73
CA ILE B 136 3.48 -9.04 12.57
C ILE B 136 3.07 -10.49 12.82
N SER B 137 2.23 -11.03 11.92
CA SER B 137 1.72 -12.38 12.08
C SER B 137 2.77 -13.44 11.77
N LEU B 138 3.03 -14.30 12.75
CA LEU B 138 4.01 -15.37 12.60
C LEU B 138 3.32 -16.76 12.60
N PRO B 139 3.92 -17.73 11.88
CA PRO B 139 3.36 -19.08 11.82
C PRO B 139 3.81 -19.96 12.99
N MET B 140 4.19 -19.34 14.11
CA MET B 140 4.61 -20.06 15.31
C MET B 140 3.85 -19.58 16.55
N ASP B 141 3.66 -20.51 17.49
CA ASP B 141 3.00 -20.20 18.77
C ASP B 141 4.01 -19.56 19.72
N THR B 142 5.27 -19.95 19.54
CA THR B 142 6.33 -19.66 20.50
C THR B 142 6.89 -18.24 20.40
N PHE B 143 6.62 -17.55 19.28
CA PHE B 143 7.17 -16.22 19.03
C PHE B 143 6.10 -15.18 18.78
N LYS B 144 6.37 -13.95 19.19
CA LYS B 144 5.50 -12.80 18.91
C LYS B 144 6.35 -11.65 18.39
N SER B 145 5.79 -10.87 17.45
CA SER B 145 6.55 -9.87 16.72
C SER B 145 5.74 -8.62 16.38
N TYR B 146 6.35 -7.46 16.56
CA TYR B 146 5.76 -6.20 16.12
C TYR B 146 6.83 -5.22 15.65
N ILE B 147 6.39 -4.08 15.12
CA ILE B 147 7.32 -3.08 14.61
C ILE B 147 7.21 -1.73 15.33
N LEU B 148 8.37 -1.13 15.58
CA LEU B 148 8.41 0.25 16.07
C LEU B 148 8.88 1.14 14.93
N LYS B 149 8.34 2.35 14.88
CA LYS B 149 8.75 3.30 13.85
C LYS B 149 9.46 4.48 14.53
N GLU B 150 10.78 4.45 14.48
CA GLU B 150 11.61 5.39 15.23
C GLU B 150 12.09 6.52 14.33
N PRO B 151 12.47 7.67 14.92
CA PRO B 151 13.07 8.67 14.05
C PRO B 151 14.45 8.19 13.60
N ILE B 152 14.84 8.52 12.38
CA ILE B 152 16.17 8.13 11.91
C ILE B 152 17.29 8.83 12.72
N GLY B 153 16.98 9.97 13.32
CA GLY B 153 17.90 10.67 14.21
C GLY B 153 18.17 12.11 13.79
N VAL B 154 19.42 12.38 13.44
CA VAL B 154 19.85 13.71 13.01
C VAL B 154 19.87 13.78 11.49
N VAL B 155 19.12 14.71 10.92
CA VAL B 155 18.95 14.76 9.48
C VAL B 155 19.49 16.05 8.84
N ALA B 156 20.20 15.87 7.72
CA ALA B 156 20.70 16.99 6.93
C ALA B 156 19.75 17.26 5.76
N LEU B 157 19.27 18.49 5.70
CA LEU B 157 18.27 18.87 4.72
C LEU B 157 18.86 19.94 3.83
N ILE B 158 19.13 19.56 2.58
CA ILE B 158 19.78 20.44 1.62
C ILE B 158 18.79 20.75 0.51
N THR B 159 18.46 22.03 0.37
CA THR B 159 17.28 22.44 -0.38
C THR B 159 17.60 23.47 -1.48
N PRO B 160 16.84 23.44 -2.59
CA PRO B 160 17.12 24.29 -3.75
C PRO B 160 16.48 25.67 -3.69
N TRP B 161 16.85 26.54 -4.63
CA TRP B 161 16.44 27.95 -4.63
C TRP B 161 15.17 28.24 -5.44
N ASN B 162 14.63 27.24 -6.13
CA ASN B 162 13.47 27.45 -7.00
C ASN B 162 12.13 27.52 -6.24
N TYR B 163 11.95 26.68 -5.24
CA TYR B 163 10.83 26.80 -4.30
C TYR B 163 11.41 26.91 -2.88
N PRO B 164 12.09 28.04 -2.57
CA PRO B 164 12.94 28.16 -1.38
C PRO B 164 12.27 27.67 -0.08
N PHE B 165 11.13 28.28 0.26
CA PHE B 165 10.44 27.98 1.51
C PHE B 165 9.68 26.67 1.42
N LEU B 166 9.07 26.38 0.27
CA LEU B 166 8.26 25.17 0.12
C LEU B 166 9.09 23.89 0.18
N MET B 167 10.22 23.90 -0.52
CA MET B 167 11.11 22.73 -0.53
C MET B 167 11.66 22.43 0.86
N ALA B 168 12.07 23.48 1.57
CA ALA B 168 12.49 23.32 2.96
C ALA B 168 11.36 22.68 3.76
N THR B 169 10.14 23.17 3.57
CA THR B 169 8.97 22.63 4.26
C THR B 169 8.72 21.16 3.91
N TRP B 170 8.83 20.82 2.63
CA TRP B 170 8.66 19.41 2.19
C TRP B 170 9.57 18.47 2.98
N LYS B 171 10.68 19.01 3.48
CA LYS B 171 11.67 18.18 4.16
C LYS B 171 11.54 18.27 5.66
N ILE B 172 11.44 19.48 6.21
CA ILE B 172 11.44 19.66 7.66
C ILE B 172 10.13 19.19 8.33
N ALA B 173 8.98 19.50 7.73
CA ALA B 173 7.68 19.14 8.31
C ALA B 173 7.55 17.64 8.60
N PRO B 174 7.84 16.78 7.61
CA PRO B 174 7.83 15.34 7.91
C PRO B 174 9.00 14.90 8.81
N ALA B 175 10.13 15.59 8.75
CA ALA B 175 11.27 15.25 9.60
C ALA B 175 10.96 15.53 11.09
N LEU B 176 10.35 16.68 11.36
CA LEU B 176 9.96 17.04 12.71
C LEU B 176 8.85 16.11 13.22
N ALA B 177 7.80 15.92 12.43
CA ALA B 177 6.72 14.97 12.77
C ALA B 177 7.28 13.60 13.12
N ALA B 178 8.38 13.21 12.50
CA ALA B 178 8.98 11.91 12.75
C ALA B 178 9.74 11.86 14.08
N GLY B 179 10.10 13.02 14.60
CA GLY B 179 10.87 13.11 15.84
C GLY B 179 12.34 13.36 15.63
N CYS B 180 12.72 13.68 14.40
CA CYS B 180 14.12 14.00 14.06
C CYS B 180 14.54 15.40 14.50
N ALA B 181 15.86 15.58 14.60
CA ALA B 181 16.45 16.91 14.73
C ALA B 181 17.11 17.25 13.40
N ALA B 182 16.79 18.42 12.86
CA ALA B 182 17.24 18.76 11.51
C ALA B 182 18.21 19.93 11.45
N ILE B 183 19.14 19.83 10.50
CA ILE B 183 19.95 20.96 10.07
C ILE B 183 19.57 21.27 8.62
N LEU B 184 19.06 22.49 8.40
CA LEU B 184 18.71 22.98 7.09
C LEU B 184 19.87 23.74 6.46
N LYS B 185 20.27 23.34 5.26
CA LYS B 185 21.18 24.14 4.46
C LYS B 185 20.43 24.60 3.21
N PRO B 186 19.86 25.82 3.24
CA PRO B 186 19.20 26.36 2.07
C PRO B 186 20.22 26.78 1.02
N SER B 187 19.75 27.00 -0.21
CA SER B 187 20.60 27.51 -1.28
C SER B 187 21.04 28.94 -1.00
N GLU B 188 22.31 29.22 -1.28
CA GLU B 188 22.88 30.55 -1.09
C GLU B 188 22.21 31.62 -1.96
N LEU B 189 21.39 31.20 -2.93
CA LEU B 189 20.72 32.12 -3.84
C LEU B 189 19.35 32.53 -3.33
N ALA B 190 18.84 31.80 -2.35
CA ALA B 190 17.52 32.06 -1.81
C ALA B 190 17.41 31.50 -0.39
N SER B 191 17.94 32.25 0.55
CA SER B 191 18.02 31.84 1.95
C SER B 191 17.12 32.64 2.91
N VAL B 192 16.44 33.67 2.38
CA VAL B 192 15.79 34.68 3.23
C VAL B 192 14.59 34.16 4.03
N THR B 193 13.64 33.52 3.35
CA THR B 193 12.44 33.03 4.06
C THR B 193 12.76 31.90 5.03
N CYS B 194 13.75 31.10 4.67
CA CYS B 194 14.17 29.99 5.53
C CYS B 194 14.78 30.51 6.83
N LEU B 195 15.51 31.62 6.75
CA LEU B 195 16.04 32.28 7.92
C LEU B 195 14.92 32.87 8.79
N GLU B 196 13.87 33.38 8.13
CA GLU B 196 12.68 33.85 8.85
C GLU B 196 12.00 32.73 9.65
N LEU B 197 12.08 31.51 9.13
CA LEU B 197 11.53 30.34 9.82
C LEU B 197 12.22 30.09 11.16
N GLY B 198 13.49 30.51 11.27
CA GLY B 198 14.21 30.45 12.54
C GLY B 198 13.53 31.27 13.62
N GLU B 199 13.14 32.49 13.26
CA GLU B 199 12.45 33.37 14.19
C GLU B 199 11.11 32.78 14.60
N ILE B 200 10.46 32.10 13.67
CA ILE B 200 9.19 31.43 13.96
C ILE B 200 9.34 30.31 14.99
N CYS B 201 10.44 29.55 14.91
CA CYS B 201 10.75 28.51 15.89
C CYS B 201 11.02 29.09 17.27
N LYS B 202 11.62 30.28 17.28
CA LYS B 202 11.88 31.01 18.51
C LYS B 202 10.57 31.45 19.19
N GLU B 203 9.71 32.15 18.44
CA GLU B 203 8.41 32.59 18.94
C GLU B 203 7.53 31.43 19.42
N VAL B 204 7.56 30.33 18.67
CA VAL B 204 6.78 29.13 18.98
C VAL B 204 7.37 28.30 20.14
N GLY B 205 8.62 28.60 20.50
CA GLY B 205 9.31 27.90 21.59
C GLY B 205 9.66 26.45 21.29
N LEU B 206 10.05 26.17 20.05
CA LEU B 206 10.47 24.84 19.64
C LEU B 206 11.74 24.44 20.39
N PRO B 207 11.76 23.23 21.00
CA PRO B 207 12.93 22.83 21.79
C PRO B 207 14.22 23.08 21.02
N ARG B 208 15.24 23.55 21.73
CA ARG B 208 16.50 23.97 21.12
C ARG B 208 17.22 22.80 20.45
N GLY B 209 17.74 23.04 19.25
CA GLY B 209 18.50 22.05 18.49
C GLY B 209 17.66 21.17 17.58
N VAL B 210 16.34 21.26 17.68
CA VAL B 210 15.44 20.45 16.85
C VAL B 210 15.47 20.91 15.38
N LEU B 211 15.50 22.22 15.18
CA LEU B 211 15.75 22.78 13.88
C LEU B 211 16.91 23.77 13.92
N ASN B 212 17.93 23.51 13.12
CA ASN B 212 19.04 24.43 12.94
C ASN B 212 19.11 24.87 11.49
N ILE B 213 19.47 26.13 11.28
CA ILE B 213 19.53 26.68 9.94
C ILE B 213 20.93 27.26 9.67
N VAL B 214 21.64 26.59 8.78
CA VAL B 214 23.00 26.97 8.42
C VAL B 214 23.00 27.37 6.95
N THR B 215 23.16 28.67 6.70
CA THR B 215 23.26 29.18 5.33
C THR B 215 24.72 29.29 4.92
N GLY B 216 24.98 29.29 3.62
CA GLY B 216 26.34 29.46 3.13
C GLY B 216 26.58 28.84 1.77
N LEU B 217 27.84 28.85 1.36
CA LEU B 217 28.25 28.29 0.08
C LEU B 217 28.13 26.77 0.10
N GLY B 218 27.68 26.20 -1.02
CA GLY B 218 27.52 24.76 -1.16
C GLY B 218 28.79 23.95 -0.86
N HIS B 219 29.94 24.43 -1.31
CA HIS B 219 31.21 23.72 -1.11
C HIS B 219 31.83 23.89 0.28
N GLU B 220 31.33 24.84 1.06
CA GLU B 220 31.78 25.03 2.44
C GLU B 220 30.75 24.44 3.42
N ALA B 221 29.63 25.12 3.58
CA ALA B 221 28.57 24.68 4.49
C ALA B 221 27.91 23.37 4.06
N GLY B 222 27.52 23.27 2.79
CA GLY B 222 26.84 22.08 2.28
C GLY B 222 27.68 20.82 2.38
N ALA B 223 28.91 20.91 1.88
CA ALA B 223 29.86 19.80 1.94
C ALA B 223 30.19 19.38 3.37
N SER B 224 30.43 20.35 4.26
CA SER B 224 30.70 20.06 5.68
C SER B 224 29.54 19.36 6.36
N LEU B 225 28.31 19.73 5.98
CA LEU B 225 27.13 19.10 6.56
C LEU B 225 26.98 17.67 6.06
N ALA B 226 27.08 17.49 4.74
CA ALA B 226 26.95 16.19 4.10
C ALA B 226 27.97 15.18 4.61
N SER B 227 29.18 15.64 4.93
CA SER B 227 30.27 14.74 5.36
C SER B 227 30.41 14.56 6.87
N HIS B 228 29.54 15.21 7.65
CA HIS B 228 29.61 15.12 9.10
C HIS B 228 29.23 13.72 9.59
N PRO B 229 30.12 13.10 10.39
CA PRO B 229 29.94 11.72 10.88
C PRO B 229 28.71 11.51 11.77
N ASP B 230 28.18 12.57 12.35
CA ASP B 230 27.05 12.44 13.28
C ASP B 230 25.69 12.71 12.64
N VAL B 231 25.72 12.96 11.33
CA VAL B 231 24.50 13.09 10.54
C VAL B 231 24.02 11.68 10.22
N ASP B 232 22.74 11.41 10.52
CA ASP B 232 22.18 10.07 10.32
C ASP B 232 21.63 9.88 8.92
N LYS B 233 21.09 10.94 8.33
CA LYS B 233 20.50 10.86 7.01
C LYS B 233 20.59 12.20 6.29
N ILE B 234 20.86 12.15 4.99
CA ILE B 234 20.87 13.34 4.15
C ILE B 234 19.72 13.28 3.13
N SER B 235 18.89 14.32 3.12
CA SER B 235 17.85 14.47 2.10
C SER B 235 18.16 15.68 1.23
N PHE B 236 18.27 15.45 -0.08
CA PHE B 236 18.79 16.44 -1.01
C PHE B 236 17.90 16.66 -2.24
N THR B 237 17.71 17.91 -2.60
CA THR B 237 17.09 18.27 -3.88
C THR B 237 17.98 19.32 -4.55
N GLY B 238 18.37 19.04 -5.80
CA GLY B 238 19.26 19.91 -6.55
C GLY B 238 19.79 19.24 -7.81
N SER B 239 20.94 19.69 -8.29
CA SER B 239 21.49 19.21 -9.55
C SER B 239 22.04 17.78 -9.44
N SER B 240 22.12 17.12 -10.60
CA SER B 240 22.68 15.78 -10.74
C SER B 240 24.11 15.70 -10.20
N ALA B 241 24.95 16.64 -10.61
CA ALA B 241 26.36 16.64 -10.21
C ALA B 241 26.52 16.66 -8.69
N THR B 242 25.82 17.59 -8.05
CA THR B 242 25.87 17.74 -6.60
C THR B 242 25.24 16.56 -5.91
N GLY B 243 24.11 16.09 -6.44
CA GLY B 243 23.44 14.87 -5.95
C GLY B 243 24.42 13.73 -5.88
N SER B 244 25.15 13.53 -6.98
CA SER B 244 26.19 12.52 -7.09
C SER B 244 27.33 12.71 -6.08
N LYS B 245 27.72 13.96 -5.84
CA LYS B 245 28.77 14.27 -4.86
C LYS B 245 28.31 13.98 -3.43
N ILE B 246 27.06 14.35 -3.12
CA ILE B 246 26.46 14.06 -1.82
C ILE B 246 26.49 12.56 -1.54
N MET B 247 26.08 11.77 -2.53
CA MET B 247 25.96 10.34 -2.35
C MET B 247 27.33 9.69 -2.17
N THR B 248 28.33 10.20 -2.87
CA THR B 248 29.71 9.72 -2.72
C THR B 248 30.25 10.00 -1.32
N THR B 249 29.96 11.19 -0.81
CA THR B 249 30.35 11.58 0.53
C THR B 249 29.67 10.71 1.60
N ALA B 250 28.35 10.51 1.43
CA ALA B 250 27.56 9.64 2.31
C ALA B 250 28.10 8.20 2.34
N ALA B 251 28.58 7.75 1.18
CA ALA B 251 29.11 6.40 1.01
C ALA B 251 30.29 6.08 1.92
N GLN B 252 31.02 7.11 2.36
CA GLN B 252 32.22 6.90 3.17
C GLN B 252 31.86 6.32 4.53
N LEU B 253 30.74 6.78 5.09
CA LEU B 253 30.22 6.27 6.35
C LEU B 253 28.85 5.61 6.16
N VAL B 254 28.52 5.33 4.89
CA VAL B 254 27.39 4.49 4.57
C VAL B 254 26.07 5.05 5.12
N LYS B 255 25.89 6.35 4.94
CA LYS B 255 24.71 7.04 5.43
C LYS B 255 23.63 7.02 4.35
N PRO B 256 22.38 6.78 4.74
CA PRO B 256 21.32 6.74 3.74
C PRO B 256 21.05 8.13 3.17
N VAL B 257 20.57 8.16 1.94
CA VAL B 257 20.32 9.40 1.26
C VAL B 257 19.01 9.29 0.47
N SER B 258 18.35 10.42 0.24
CA SER B 258 17.24 10.50 -0.68
C SER B 258 17.52 11.64 -1.63
N LEU B 259 17.39 11.40 -2.93
CA LEU B 259 17.76 12.40 -3.92
C LEU B 259 16.64 12.69 -4.92
N GLU B 260 16.29 13.96 -5.01
CA GLU B 260 15.45 14.46 -6.10
C GLU B 260 16.33 15.35 -6.94
N LEU B 261 16.59 14.94 -8.17
CA LEU B 261 17.47 15.67 -9.05
C LEU B 261 16.68 16.25 -10.20
N GLY B 262 17.34 16.68 -11.27
CA GLY B 262 16.61 17.26 -12.37
C GLY B 262 15.76 16.29 -13.18
N GLY B 263 15.27 16.77 -14.31
CA GLY B 263 14.58 15.93 -15.26
C GLY B 263 14.55 16.53 -16.65
N LYS B 264 14.09 15.72 -17.59
CA LYS B 264 13.75 16.21 -18.92
C LYS B 264 12.40 15.57 -19.26
N SER B 265 11.37 16.02 -18.54
CA SER B 265 10.05 15.38 -18.58
C SER B 265 9.31 15.61 -19.89
N PRO B 266 8.65 14.55 -20.40
CA PRO B 266 7.90 14.68 -21.64
C PRO B 266 6.43 15.00 -21.42
N ILE B 267 5.85 15.78 -22.31
CA ILE B 267 4.39 15.89 -22.41
C ILE B 267 3.94 15.39 -23.79
N VAL B 268 3.10 14.36 -23.78
CA VAL B 268 2.61 13.71 -24.99
C VAL B 268 1.18 14.17 -25.28
N VAL B 269 0.98 14.82 -26.43
CA VAL B 269 -0.34 15.35 -26.80
C VAL B 269 -0.94 14.67 -28.03
N PHE B 270 -1.93 13.80 -27.81
CA PHE B 270 -2.66 13.12 -28.88
C PHE B 270 -3.67 14.04 -29.58
N GLU B 271 -4.28 13.53 -30.65
CA GLU B 271 -5.21 14.31 -31.47
C GLU B 271 -6.57 14.57 -30.82
N ASP B 272 -7.11 13.58 -30.10
CA ASP B 272 -8.42 13.70 -29.45
C ASP B 272 -8.31 14.56 -28.18
N VAL B 273 -8.19 15.86 -28.41
CA VAL B 273 -7.89 16.80 -27.35
C VAL B 273 -8.50 18.17 -27.65
N ASP B 274 -8.94 18.85 -26.60
CA ASP B 274 -9.31 20.26 -26.71
C ASP B 274 -8.02 21.07 -26.79
N LEU B 275 -7.81 21.68 -27.95
CA LEU B 275 -6.53 22.32 -28.26
C LEU B 275 -6.16 23.49 -27.37
N ASP B 276 -7.13 24.36 -27.07
CA ASP B 276 -6.87 25.54 -26.25
C ASP B 276 -6.56 25.21 -24.79
N LYS B 277 -7.31 24.25 -24.24
CA LYS B 277 -7.09 23.79 -22.87
C LYS B 277 -5.71 23.17 -22.63
N VAL B 278 -5.27 22.32 -23.56
CA VAL B 278 -3.98 21.64 -23.39
C VAL B 278 -2.79 22.55 -23.73
N ALA B 279 -3.05 23.61 -24.50
CA ALA B 279 -2.04 24.62 -24.79
C ALA B 279 -1.67 25.35 -23.51
N GLU B 280 -2.70 25.71 -22.75
CA GLU B 280 -2.54 26.33 -21.43
C GLU B 280 -1.68 25.43 -20.54
N TRP B 281 -2.07 24.17 -20.41
CA TRP B 281 -1.35 23.20 -19.60
C TRP B 281 0.12 23.03 -20.01
N THR B 282 0.36 22.92 -21.32
CA THR B 282 1.72 22.70 -21.84
C THR B 282 2.62 23.89 -21.52
N VAL B 283 2.12 25.10 -21.75
CA VAL B 283 2.82 26.34 -21.43
C VAL B 283 3.10 26.46 -19.92
N PHE B 284 2.12 26.06 -19.12
CA PHE B 284 2.24 26.02 -17.67
C PHE B 284 3.29 25.00 -17.27
N GLY B 285 3.25 23.84 -17.92
CA GLY B 285 4.17 22.75 -17.64
C GLY B 285 5.64 23.07 -17.87
N CYS B 286 5.90 24.05 -18.73
CA CYS B 286 7.28 24.37 -19.12
C CYS B 286 7.74 25.76 -18.70
N PHE B 287 6.82 26.70 -18.57
CA PHE B 287 7.19 28.10 -18.32
C PHE B 287 6.98 28.57 -16.88
N PHE B 288 6.12 27.88 -16.13
CA PHE B 288 5.87 28.18 -14.72
C PHE B 288 7.17 28.21 -13.89
N THR B 289 7.20 29.05 -12.85
CA THR B 289 8.39 29.29 -12.03
C THR B 289 9.58 29.73 -12.88
N ASN B 290 9.27 30.44 -13.96
CA ASN B 290 10.26 30.87 -14.93
C ASN B 290 10.97 29.68 -15.59
N GLY B 291 10.27 28.55 -15.65
CA GLY B 291 10.81 27.32 -16.23
C GLY B 291 11.78 26.57 -15.34
N GLN B 292 11.87 26.97 -14.08
CA GLN B 292 12.79 26.37 -13.13
C GLN B 292 12.05 25.37 -12.23
N ILE B 293 11.42 24.41 -12.88
CA ILE B 293 10.75 23.29 -12.21
C ILE B 293 11.60 22.07 -12.47
N CYS B 294 11.78 21.22 -11.45
CA CYS B 294 12.52 19.98 -11.60
C CYS B 294 11.80 19.04 -12.56
N SER B 295 10.47 19.04 -12.46
CA SER B 295 9.63 18.16 -13.26
C SER B 295 9.03 18.87 -14.47
N ALA B 296 9.58 20.03 -14.82
CA ALA B 296 9.14 20.77 -16.00
C ALA B 296 8.97 19.84 -17.21
N THR B 297 7.82 19.95 -17.87
CA THR B 297 7.57 19.16 -19.06
C THR B 297 8.09 19.93 -20.28
N SER B 298 9.39 19.76 -20.54
CA SER B 298 10.13 20.59 -21.48
C SER B 298 10.39 19.92 -22.83
N ARG B 299 9.90 18.69 -22.98
CA ARG B 299 9.85 18.00 -24.25
C ARG B 299 8.39 17.76 -24.66
N LEU B 300 7.93 18.52 -25.65
CA LEU B 300 6.58 18.32 -26.22
C LEU B 300 6.63 17.25 -27.32
N ILE B 301 5.71 16.29 -27.25
CA ILE B 301 5.62 15.21 -28.23
C ILE B 301 4.19 15.16 -28.79
N VAL B 302 3.96 15.94 -29.85
CA VAL B 302 2.62 16.08 -30.46
C VAL B 302 2.38 15.21 -31.69
N HIS B 303 1.12 14.79 -31.86
CA HIS B 303 0.72 14.03 -33.03
C HIS B 303 0.76 14.92 -34.27
N GLU B 304 1.38 14.40 -35.32
CA GLU B 304 1.62 15.13 -36.57
C GLU B 304 0.39 15.81 -37.18
N SER B 305 -0.76 15.16 -37.07
CA SER B 305 -2.02 15.67 -37.63
C SER B 305 -2.45 17.02 -37.01
N ILE B 306 -2.22 17.17 -35.70
CA ILE B 306 -2.61 18.41 -35.00
C ILE B 306 -1.44 19.35 -34.72
N ALA B 307 -0.21 18.88 -34.97
CA ALA B 307 1.02 19.58 -34.60
C ALA B 307 1.10 21.04 -35.03
N VAL B 308 0.74 21.31 -36.28
CA VAL B 308 0.91 22.64 -36.88
C VAL B 308 0.11 23.74 -36.18
N GLU B 309 -1.17 23.47 -35.92
CA GLU B 309 -2.04 24.47 -35.30
C GLU B 309 -1.94 24.46 -33.77
N PHE B 310 -1.59 23.30 -33.20
CA PHE B 310 -1.36 23.20 -31.76
C PHE B 310 -0.13 24.01 -31.33
N VAL B 311 0.95 23.88 -32.10
CA VAL B 311 2.20 24.61 -31.81
C VAL B 311 2.03 26.10 -32.10
N ASP B 312 1.15 26.43 -33.02
CA ASP B 312 0.85 27.84 -33.31
C ASP B 312 0.12 28.49 -32.12
N LYS B 313 -0.83 27.76 -31.54
CA LYS B 313 -1.53 28.19 -30.33
C LYS B 313 -0.57 28.36 -29.17
N LEU B 314 0.39 27.45 -29.06
CA LEU B 314 1.46 27.53 -28.05
C LEU B 314 2.23 28.84 -28.13
N VAL B 315 2.52 29.29 -29.35
CA VAL B 315 3.22 30.55 -29.58
C VAL B 315 2.34 31.72 -29.11
N LYS B 316 1.06 31.67 -29.47
CA LYS B 316 0.10 32.71 -29.11
C LYS B 316 0.01 32.88 -27.60
N TRP B 317 -0.18 31.76 -26.89
CA TRP B 317 -0.19 31.76 -25.43
C TRP B 317 1.12 32.29 -24.86
N ALA B 318 2.23 31.76 -25.36
CA ALA B 318 3.56 32.14 -24.89
C ALA B 318 3.82 33.64 -24.99
N GLU B 319 3.37 34.24 -26.09
CA GLU B 319 3.58 35.67 -26.34
C GLU B 319 2.63 36.54 -25.54
N ASN B 320 1.54 35.95 -25.06
CA ASN B 320 0.59 36.65 -24.18
C ASN B 320 0.91 36.52 -22.68
N ILE B 321 1.93 35.73 -22.35
CA ILE B 321 2.46 35.68 -20.98
C ILE B 321 3.12 37.01 -20.63
N LYS B 322 2.63 37.64 -19.57
CA LYS B 322 3.09 38.96 -19.15
C LYS B 322 4.38 38.85 -18.34
N ILE B 323 5.46 39.43 -18.86
CA ILE B 323 6.77 39.30 -18.24
C ILE B 323 7.23 40.66 -17.68
N SER B 324 7.60 40.68 -16.39
CA SER B 324 7.93 41.92 -15.68
C SER B 324 8.63 41.67 -14.34
N ASP B 325 8.80 42.72 -13.56
CA ASP B 325 9.21 42.60 -12.17
C ASP B 325 8.24 41.63 -11.49
N PRO B 326 8.77 40.70 -10.66
CA PRO B 326 7.93 39.71 -9.98
C PRO B 326 6.86 40.30 -9.04
N LEU B 327 6.96 41.60 -8.75
CA LEU B 327 6.05 42.24 -7.81
C LEU B 327 4.95 43.07 -8.48
N GLU B 328 5.08 43.31 -9.79
CA GLU B 328 4.06 44.01 -10.57
C GLU B 328 2.78 43.18 -10.68
N GLU B 329 1.65 43.88 -10.86
CA GLU B 329 0.30 43.32 -10.74
C GLU B 329 0.01 42.07 -11.59
N GLY B 330 0.30 42.14 -12.88
CA GLY B 330 -0.05 41.06 -13.80
C GLY B 330 1.04 40.04 -14.08
N CYS B 331 2.19 40.20 -13.44
CA CYS B 331 3.36 39.35 -13.68
C CYS B 331 3.01 37.87 -13.83
N ARG B 332 3.51 37.27 -14.90
CA ARG B 332 3.29 35.86 -15.17
C ARG B 332 4.60 35.15 -15.50
N LEU B 333 5.66 35.94 -15.66
CA LEU B 333 7.02 35.43 -15.77
C LEU B 333 7.97 36.44 -15.16
N GLY B 334 8.83 35.95 -14.27
CA GLY B 334 9.88 36.78 -13.66
C GLY B 334 11.24 36.49 -14.29
N PRO B 335 12.31 37.07 -13.72
CA PRO B 335 13.65 36.82 -14.24
C PRO B 335 14.23 35.48 -13.77
N ILE B 336 15.22 34.99 -14.50
CA ILE B 336 16.03 33.84 -14.10
C ILE B 336 16.78 34.20 -12.81
N VAL B 337 16.89 33.23 -11.90
CA VAL B 337 17.42 33.45 -10.54
C VAL B 337 18.74 34.23 -10.40
N SER B 338 19.69 34.02 -11.33
CA SER B 338 21.02 34.65 -11.25
C SER B 338 21.69 34.79 -12.62
N GLU B 339 22.82 35.50 -12.65
CA GLU B 339 23.57 35.73 -13.90
C GLU B 339 24.12 34.43 -14.49
N ALA B 340 24.78 33.63 -13.65
CA ALA B 340 25.35 32.36 -14.10
C ALA B 340 24.29 31.47 -14.77
N GLN B 341 23.13 31.36 -14.15
CA GLN B 341 22.03 30.56 -14.70
C GLN B 341 21.49 31.17 -15.98
N TYR B 342 21.33 32.48 -15.96
CA TYR B 342 20.86 33.26 -17.10
C TYR B 342 21.70 32.99 -18.35
N LYS B 343 23.03 33.07 -18.19
CA LYS B 343 23.95 32.73 -19.28
C LYS B 343 23.85 31.28 -19.75
N LYS B 344 23.68 30.35 -18.81
CA LYS B 344 23.51 28.93 -19.16
C LYS B 344 22.26 28.69 -20.01
N VAL B 345 21.17 29.35 -19.63
CA VAL B 345 19.91 29.24 -20.36
C VAL B 345 20.04 29.79 -21.78
N LEU B 346 20.69 30.95 -21.91
CA LEU B 346 20.92 31.56 -23.22
C LEU B 346 21.88 30.75 -24.09
N ASN B 347 22.87 30.11 -23.46
CA ASN B 347 23.76 29.21 -24.20
C ASN B 347 23.07 27.96 -24.69
N CYS B 348 22.07 27.49 -23.95
CA CYS B 348 21.26 26.34 -24.37
C CYS B 348 20.48 26.62 -25.64
N ILE B 349 19.97 27.85 -25.75
CA ILE B 349 19.22 28.28 -26.94
C ILE B 349 20.15 28.47 -28.15
N SER B 350 21.34 29.03 -27.90
CA SER B 350 22.36 29.15 -28.94
C SER B 350 22.78 27.78 -29.45
N SER B 351 23.05 26.85 -28.51
CA SER B 351 23.43 25.48 -28.84
C SER B 351 22.39 24.78 -29.71
N ALA B 352 21.11 25.07 -29.46
CA ALA B 352 20.03 24.55 -30.28
C ALA B 352 20.16 25.05 -31.73
N LYS B 353 20.40 26.36 -31.90
CA LYS B 353 20.62 26.95 -33.21
C LYS B 353 21.85 26.35 -33.88
N SER B 354 22.93 26.19 -33.10
CA SER B 354 24.15 25.51 -33.54
C SER B 354 23.90 24.15 -34.19
N GLU B 355 22.95 23.40 -33.66
CA GLU B 355 22.67 22.05 -34.16
C GLU B 355 21.58 22.03 -35.23
N GLY B 356 21.03 23.20 -35.53
CA GLY B 356 20.10 23.36 -36.65
C GLY B 356 18.64 23.35 -36.28
N ALA B 357 18.33 23.74 -35.05
CA ALA B 357 16.95 23.81 -34.59
C ALA B 357 16.36 25.21 -34.81
N THR B 358 15.04 25.26 -34.89
CA THR B 358 14.32 26.48 -35.22
C THR B 358 13.68 27.09 -33.98
N ILE B 359 13.94 28.37 -33.76
CA ILE B 359 13.26 29.13 -32.70
C ILE B 359 11.97 29.72 -33.27
N LEU B 360 10.83 29.28 -32.74
CA LEU B 360 9.53 29.76 -33.20
C LEU B 360 9.07 31.02 -32.49
N THR B 361 9.50 31.19 -31.25
CA THR B 361 9.25 32.43 -30.48
C THR B 361 10.22 32.54 -29.31
N GLY B 362 10.37 33.75 -28.78
CA GLY B 362 11.30 34.01 -27.69
C GLY B 362 12.75 33.84 -28.09
N GLY B 363 13.54 33.29 -27.18
CA GLY B 363 14.96 33.03 -27.43
C GLY B 363 15.84 34.26 -27.27
N ARG B 364 15.34 35.25 -26.54
CA ARG B 364 16.05 36.51 -26.36
C ARG B 364 15.56 37.33 -25.16
N ARG B 365 16.32 38.37 -24.83
CA ARG B 365 15.88 39.43 -23.91
C ARG B 365 14.58 40.06 -24.41
N PRO B 366 13.61 40.27 -23.50
CA PRO B 366 12.48 41.13 -23.88
C PRO B 366 12.94 42.58 -23.95
N GLU B 367 12.47 43.30 -24.95
CA GLU B 367 12.95 44.64 -25.28
C GLU B 367 12.62 45.69 -24.18
N HIS B 368 11.53 45.47 -23.47
CA HIS B 368 11.05 46.42 -22.46
C HIS B 368 11.79 46.40 -21.12
N LEU B 369 12.45 45.28 -20.78
CA LEU B 369 13.09 45.15 -19.47
C LEU B 369 14.48 45.75 -19.31
N LYS B 370 15.33 45.56 -20.32
CA LYS B 370 16.70 46.14 -20.34
C LYS B 370 17.66 45.55 -19.31
N LYS B 371 17.32 45.71 -18.03
CA LYS B 371 18.08 45.11 -16.93
C LYS B 371 17.36 43.88 -16.38
N GLY B 372 18.02 43.14 -15.49
CA GLY B 372 17.47 41.92 -14.92
C GLY B 372 17.72 40.70 -15.79
N TYR B 373 17.66 39.52 -15.18
CA TYR B 373 17.97 38.29 -15.91
C TYR B 373 16.74 37.68 -16.58
N PHE B 374 16.18 38.43 -17.53
CA PHE B 374 14.94 38.05 -18.20
C PHE B 374 15.16 37.34 -19.53
N VAL B 375 14.32 36.35 -19.80
CA VAL B 375 14.29 35.62 -21.07
C VAL B 375 12.84 35.45 -21.47
N GLU B 376 12.53 35.72 -22.74
CA GLU B 376 11.19 35.46 -23.29
C GLU B 376 10.91 33.97 -23.29
N PRO B 377 9.64 33.56 -23.09
CA PRO B 377 9.26 32.15 -23.17
C PRO B 377 9.61 31.58 -24.55
N THR B 378 10.48 30.59 -24.57
CA THR B 378 11.06 30.09 -25.81
C THR B 378 10.51 28.74 -26.20
N ILE B 379 10.06 28.63 -27.44
CA ILE B 379 9.63 27.35 -27.98
C ILE B 379 10.46 27.08 -29.23
N ILE B 380 11.05 25.88 -29.28
CA ILE B 380 11.94 25.54 -30.38
C ILE B 380 11.49 24.26 -31.07
N THR B 381 11.76 24.18 -32.36
CA THR B 381 11.28 23.07 -33.18
C THR B 381 12.38 22.54 -34.11
N ASP B 382 12.02 21.62 -35.01
CA ASP B 382 12.98 20.88 -35.84
C ASP B 382 14.07 20.29 -34.95
N VAL B 383 13.63 19.62 -33.90
CA VAL B 383 14.52 19.09 -32.89
C VAL B 383 14.83 17.65 -33.23
N THR B 384 16.07 17.25 -32.96
CA THR B 384 16.52 15.90 -33.17
C THR B 384 16.83 15.23 -31.83
N THR B 385 16.66 13.91 -31.80
CA THR B 385 16.97 13.05 -30.65
C THR B 385 18.40 13.25 -30.10
N SER B 386 19.32 13.62 -30.98
CA SER B 386 20.74 13.74 -30.60
C SER B 386 21.12 15.13 -30.08
N MET B 387 20.23 16.10 -30.20
CA MET B 387 20.54 17.47 -29.79
C MET B 387 20.59 17.66 -28.27
N GLN B 388 21.37 18.65 -27.84
CA GLN B 388 21.51 19.00 -26.43
C GLN B 388 20.22 19.48 -25.76
N ILE B 389 19.41 20.25 -26.49
CA ILE B 389 18.13 20.74 -25.96
C ILE B 389 17.11 19.62 -25.75
N TRP B 390 17.35 18.47 -26.37
CA TRP B 390 16.51 17.30 -26.17
C TRP B 390 17.00 16.46 -25.00
N ARG B 391 18.31 16.38 -24.83
CA ARG B 391 18.95 15.54 -23.81
C ARG B 391 19.08 16.21 -22.44
N GLU B 392 19.53 17.46 -22.42
CA GLU B 392 19.94 18.11 -21.17
C GLU B 392 18.95 19.12 -20.63
N GLU B 393 18.93 19.24 -19.30
CA GLU B 393 18.02 20.12 -18.58
C GLU B 393 18.42 21.59 -18.73
N VAL B 394 17.51 22.40 -19.24
CA VAL B 394 17.78 23.83 -19.46
C VAL B 394 17.56 24.63 -18.18
N PHE B 395 16.48 24.31 -17.46
CA PHE B 395 16.08 25.03 -16.25
C PHE B 395 15.81 26.52 -16.55
N GLY B 396 15.19 26.74 -17.71
CA GLY B 396 14.72 28.05 -18.15
C GLY B 396 13.43 27.84 -18.92
N PRO B 397 12.75 28.93 -19.30
CA PRO B 397 11.47 28.78 -19.99
C PRO B 397 11.65 28.39 -21.47
N VAL B 398 12.03 27.13 -21.71
CA VAL B 398 12.44 26.66 -23.04
C VAL B 398 11.82 25.30 -23.35
N LEU B 399 10.90 25.29 -24.31
CA LEU B 399 10.18 24.09 -24.70
C LEU B 399 10.69 23.52 -26.03
N ALA B 400 11.04 22.24 -26.02
CA ALA B 400 11.49 21.53 -27.22
C ALA B 400 10.35 20.69 -27.77
N VAL B 401 10.24 20.64 -29.09
CA VAL B 401 9.09 20.01 -29.75
C VAL B 401 9.50 18.99 -30.81
N LYS B 402 9.09 17.74 -30.59
CA LYS B 402 9.16 16.69 -31.61
C LYS B 402 7.75 16.25 -32.00
N THR B 403 7.64 15.55 -33.12
CA THR B 403 6.36 15.14 -33.69
C THR B 403 6.28 13.61 -33.69
N PHE B 404 5.07 13.06 -33.61
CA PHE B 404 4.89 11.61 -33.69
C PHE B 404 3.63 11.23 -34.49
N SER B 405 3.54 9.98 -34.92
CA SER B 405 2.33 9.48 -35.58
C SER B 405 1.68 8.31 -34.82
N THR B 406 2.47 7.32 -34.41
CA THR B 406 1.92 6.17 -33.69
C THR B 406 2.20 6.19 -32.18
N GLU B 407 1.40 5.41 -31.45
CA GLU B 407 1.52 5.33 -30.00
C GLU B 407 2.87 4.76 -29.56
N GLU B 408 3.33 3.71 -30.24
CA GLU B 408 4.65 3.10 -29.96
C GLU B 408 5.77 4.12 -30.15
N GLU B 409 5.62 4.96 -31.17
CA GLU B 409 6.55 6.06 -31.46
C GLU B 409 6.49 7.12 -30.36
N ALA B 410 5.30 7.36 -29.81
CA ALA B 410 5.11 8.34 -28.74
C ALA B 410 5.81 7.93 -27.44
N ILE B 411 5.62 6.68 -27.01
CA ILE B 411 6.19 6.25 -25.73
C ILE B 411 7.72 6.13 -25.79
N ASN B 412 8.24 5.68 -26.94
CA ASN B 412 9.67 5.58 -27.15
C ASN B 412 10.40 6.94 -27.13
N LEU B 413 9.77 7.96 -27.70
CA LEU B 413 10.30 9.32 -27.63
C LEU B 413 10.22 9.89 -26.21
N ALA B 414 9.10 9.61 -25.53
CA ALA B 414 8.89 10.06 -24.16
C ALA B 414 9.89 9.43 -23.20
N ASN B 415 10.20 8.16 -23.43
CA ASN B 415 11.14 7.41 -22.61
C ASN B 415 12.59 7.55 -23.06
N ASP B 416 12.83 8.36 -24.08
CA ASP B 416 14.16 8.56 -24.62
C ASP B 416 14.95 9.60 -23.81
N THR B 417 15.33 9.19 -22.61
CA THR B 417 16.02 10.05 -21.66
C THR B 417 16.57 9.19 -20.54
N HIS B 418 17.65 9.65 -19.93
CA HIS B 418 18.20 8.97 -18.75
CA HIS B 418 18.25 9.02 -18.75
C HIS B 418 17.55 9.48 -17.47
N TYR B 419 16.75 10.54 -17.59
CA TYR B 419 15.98 11.08 -16.47
C TYR B 419 14.67 10.30 -16.30
N GLY B 420 13.87 10.68 -15.31
CA GLY B 420 12.60 10.00 -15.04
C GLY B 420 11.85 10.51 -13.84
N LEU B 421 11.60 11.82 -13.81
CA LEU B 421 10.86 12.46 -12.73
C LEU B 421 9.35 12.58 -13.07
N GLY B 422 9.01 13.51 -13.96
CA GLY B 422 7.61 13.71 -14.37
C GLY B 422 7.28 13.24 -15.78
N SER B 423 6.01 13.39 -16.15
CA SER B 423 5.50 13.05 -17.47
C SER B 423 4.01 13.40 -17.54
N ALA B 424 3.52 13.72 -18.74
CA ALA B 424 2.12 14.11 -18.90
C ALA B 424 1.48 13.60 -20.20
N VAL B 425 0.32 12.95 -20.08
CA VAL B 425 -0.46 12.49 -21.23
C VAL B 425 -1.67 13.39 -21.43
N MET B 426 -1.89 13.80 -22.68
CA MET B 426 -3.07 14.58 -23.04
C MET B 426 -3.88 13.86 -24.11
N SER B 427 -5.05 13.33 -23.73
CA SER B 427 -6.04 12.77 -24.65
C SER B 427 -7.37 12.54 -23.93
N ASN B 428 -8.47 12.65 -24.67
CA ASN B 428 -9.81 12.37 -24.13
C ASN B 428 -10.08 10.88 -23.95
N ASP B 429 -9.31 10.05 -24.66
CA ASP B 429 -9.42 8.60 -24.53
C ASP B 429 -8.70 8.12 -23.27
N LEU B 430 -9.47 7.87 -22.22
CA LEU B 430 -8.91 7.52 -20.91
C LEU B 430 -8.29 6.12 -20.88
N GLU B 431 -8.72 5.26 -21.80
CA GLU B 431 -8.13 3.93 -21.94
C GLU B 431 -6.70 4.06 -22.45
N ARG B 432 -6.48 5.05 -23.30
CA ARG B 432 -5.18 5.35 -23.88
C ARG B 432 -4.25 5.98 -22.84
N CYS B 433 -4.77 6.98 -22.14
CA CYS B 433 -4.06 7.63 -21.04
C CYS B 433 -3.52 6.62 -20.03
N GLU B 434 -4.37 5.64 -19.68
CA GLU B 434 -3.97 4.58 -18.75
C GLU B 434 -2.86 3.69 -19.32
N ARG B 435 -2.97 3.34 -20.59
CA ARG B 435 -1.92 2.58 -21.28
C ARG B 435 -0.59 3.33 -21.25
N LEU B 436 -0.62 4.63 -21.50
CA LEU B 436 0.60 5.43 -21.49
C LEU B 436 1.19 5.62 -20.10
N SER B 437 0.31 5.82 -19.12
CA SER B 437 0.73 5.94 -17.72
C SER B 437 1.45 4.70 -17.19
N LYS B 438 1.21 3.54 -17.81
CA LYS B 438 1.93 2.32 -17.47
C LYS B 438 3.29 2.21 -18.20
N ALA B 439 3.34 2.77 -19.41
CA ALA B 439 4.53 2.68 -20.26
C ALA B 439 5.56 3.80 -19.98
N LEU B 440 5.10 4.94 -19.49
CA LEU B 440 5.98 6.07 -19.17
C LEU B 440 6.88 5.77 -17.97
N GLN B 441 8.19 5.85 -18.19
CA GLN B 441 9.17 5.65 -17.12
C GLN B 441 9.40 6.94 -16.32
N ALA B 442 8.56 7.15 -15.31
CA ALA B 442 8.61 8.34 -14.47
C ALA B 442 8.04 8.05 -13.09
N GLY B 443 8.31 8.93 -12.13
CA GLY B 443 7.76 8.79 -10.78
C GLY B 443 6.39 9.45 -10.67
N ILE B 444 6.19 10.51 -11.45
CA ILE B 444 4.90 11.18 -11.56
C ILE B 444 4.38 11.01 -12.98
N VAL B 445 3.11 10.63 -13.11
CA VAL B 445 2.41 10.73 -14.39
C VAL B 445 1.19 11.63 -14.22
N TRP B 446 1.12 12.68 -15.02
CA TRP B 446 -0.06 13.53 -15.08
C TRP B 446 -0.91 13.16 -16.29
N ILE B 447 -2.23 13.12 -16.09
CA ILE B 447 -3.17 12.85 -17.16
C ILE B 447 -4.03 14.08 -17.34
N ASN B 448 -3.94 14.67 -18.54
CA ASN B 448 -4.71 15.86 -18.92
C ASN B 448 -4.41 17.12 -18.13
N CYS B 449 -3.22 17.14 -17.54
CA CYS B 449 -2.67 18.33 -16.88
C CYS B 449 -1.15 18.20 -16.82
N ALA B 450 -0.49 19.22 -16.26
CA ALA B 450 0.95 19.14 -15.99
C ALA B 450 1.30 20.02 -14.80
N GLN B 451 2.09 19.46 -13.88
CA GLN B 451 2.74 20.19 -12.76
C GLN B 451 2.06 20.33 -11.39
N PRO B 452 0.84 19.77 -11.18
CA PRO B 452 0.34 19.89 -9.80
C PRO B 452 0.94 18.87 -8.83
N SER B 453 1.33 19.34 -7.65
CA SER B 453 1.91 18.47 -6.63
C SER B 453 1.15 18.55 -5.31
N PHE B 454 0.26 17.58 -5.09
CA PHE B 454 -0.52 17.52 -3.86
C PHE B 454 0.26 16.87 -2.73
N ILE B 455 0.11 17.41 -1.52
CA ILE B 455 0.88 16.94 -0.36
C ILE B 455 0.48 15.54 0.09
N GLN B 456 -0.67 15.06 -0.39
CA GLN B 456 -1.17 13.73 -0.07
C GLN B 456 -0.53 12.64 -0.93
N ALA B 457 0.06 13.03 -2.05
CA ALA B 457 0.54 12.06 -3.04
C ALA B 457 2.07 12.06 -3.17
N PRO B 458 2.68 10.86 -3.24
CA PRO B 458 4.13 10.69 -3.25
C PRO B 458 4.82 11.30 -4.48
N TRP B 459 5.88 12.04 -4.22
CA TRP B 459 6.62 12.78 -5.23
C TRP B 459 8.07 12.33 -5.23
N GLY B 460 8.58 12.02 -6.42
CA GLY B 460 9.97 11.58 -6.57
C GLY B 460 10.25 11.07 -7.97
N GLY B 461 11.51 10.70 -8.22
CA GLY B 461 11.92 10.22 -9.54
C GLY B 461 12.44 8.79 -9.54
N ILE B 462 12.66 8.28 -10.74
CA ILE B 462 13.39 7.04 -10.93
C ILE B 462 14.56 7.37 -11.84
N LYS B 463 15.36 6.37 -12.18
CA LYS B 463 16.52 6.53 -13.06
C LYS B 463 17.42 7.66 -12.53
N ARG B 464 17.91 8.52 -13.40
CA ARG B 464 18.87 9.54 -12.97
C ARG B 464 18.25 10.82 -12.39
N SER B 465 16.94 10.80 -12.22
CA SER B 465 16.24 11.86 -11.48
C SER B 465 16.32 11.58 -9.99
N GLY B 466 16.77 10.38 -9.64
CA GLY B 466 17.04 10.05 -8.25
C GLY B 466 16.18 8.92 -7.74
N PHE B 467 15.99 8.90 -6.42
CA PHE B 467 15.24 7.86 -5.74
C PHE B 467 14.77 8.38 -4.38
N GLY B 468 13.85 7.65 -3.75
CA GLY B 468 13.21 8.11 -2.53
C GLY B 468 11.99 8.94 -2.88
N ARG B 469 11.05 9.03 -1.95
CA ARG B 469 9.80 9.74 -2.17
C ARG B 469 9.51 10.72 -1.04
N GLU B 470 9.06 11.92 -1.42
CA GLU B 470 8.59 12.92 -0.46
C GLU B 470 7.09 13.10 -0.62
N LEU B 471 6.50 13.88 0.30
CA LEU B 471 5.04 14.09 0.37
C LEU B 471 4.26 12.81 0.73
N GLY B 472 2.98 12.98 1.08
CA GLY B 472 2.15 11.87 1.57
C GLY B 472 2.74 11.22 2.80
N GLU B 473 2.37 9.98 3.05
CA GLU B 473 2.96 9.19 4.11
C GLU B 473 4.39 8.76 3.78
N TRP B 474 4.71 8.73 2.49
CA TRP B 474 6.06 8.47 1.99
C TRP B 474 7.07 9.48 2.52
N GLY B 475 6.65 10.75 2.57
CA GLY B 475 7.47 11.81 3.15
C GLY B 475 7.87 11.54 4.59
N LEU B 476 6.89 11.10 5.39
CA LEU B 476 7.12 10.71 6.77
C LEU B 476 8.09 9.53 6.87
N GLU B 477 7.82 8.49 6.08
CA GLU B 477 8.65 7.28 6.07
C GLU B 477 10.11 7.54 5.74
N ASN B 478 10.35 8.58 4.94
CA ASN B 478 11.71 8.97 4.59
C ASN B 478 12.56 9.30 5.83
N TYR B 479 11.90 9.68 6.92
CA TYR B 479 12.59 10.13 8.13
C TYR B 479 12.35 9.22 9.32
N LEU B 480 11.90 8.00 9.03
CA LEU B 480 11.66 6.98 10.02
C LEU B 480 12.49 5.76 9.68
N SER B 481 12.89 5.02 10.70
CA SER B 481 13.52 3.72 10.47
C SER B 481 12.72 2.61 11.16
N VAL B 482 12.58 1.49 10.47
CA VAL B 482 11.78 0.37 10.96
C VAL B 482 12.60 -0.50 11.89
N LYS B 483 12.08 -0.69 13.10
CA LYS B 483 12.66 -1.61 14.07
C LYS B 483 11.73 -2.80 14.28
N GLN B 484 12.30 -4.00 14.15
CA GLN B 484 11.58 -5.24 14.38
C GLN B 484 11.81 -5.70 15.82
N VAL B 485 10.72 -5.89 16.56
CA VAL B 485 10.81 -6.40 17.93
C VAL B 485 10.17 -7.78 18.01
N THR B 486 11.00 -8.79 18.23
CA THR B 486 10.57 -10.19 18.26
C THR B 486 10.85 -10.81 19.64
N ARG B 487 9.81 -11.38 20.27
CA ARG B 487 9.98 -12.02 21.58
C ARG B 487 9.60 -13.50 21.62
N TYR B 488 10.43 -14.25 22.34
CA TYR B 488 10.20 -15.68 22.60
C TYR B 488 9.30 -15.83 23.82
N THR B 489 8.04 -16.19 23.57
CA THR B 489 6.99 -16.23 24.58
C THR B 489 6.89 -17.59 25.29
N SER B 490 7.50 -18.61 24.70
CA SER B 490 7.44 -19.97 25.26
C SER B 490 8.34 -20.13 26.48
N ASP B 491 8.03 -21.15 27.28
CA ASP B 491 8.80 -21.49 28.46
C ASP B 491 9.80 -22.61 28.16
N GLU B 492 9.57 -23.31 27.05
CA GLU B 492 10.43 -24.41 26.65
C GLU B 492 11.84 -23.94 26.33
N PRO B 493 12.87 -24.72 26.72
CA PRO B 493 14.25 -24.42 26.31
C PRO B 493 14.38 -24.50 24.79
N TRP B 494 15.33 -23.75 24.23
CA TRP B 494 15.51 -23.68 22.76
C TRP B 494 15.72 -25.06 22.14
N GLY B 495 16.60 -25.85 22.76
CA GLY B 495 16.75 -27.25 22.41
C GLY B 495 17.61 -27.54 21.21
N TRP B 496 18.36 -26.53 20.76
CA TRP B 496 19.32 -26.73 19.68
C TRP B 496 20.59 -27.41 20.19
N TYR B 497 21.14 -26.90 21.28
CA TYR B 497 22.35 -27.47 21.83
C TYR B 497 22.07 -28.54 22.87
N GLN B 498 23.07 -29.37 23.15
CA GLN B 498 22.98 -30.38 24.19
C GLN B 498 23.41 -29.81 25.53
N PRO B 499 22.48 -29.76 26.51
CA PRO B 499 22.77 -29.25 27.86
C PRO B 499 23.92 -30.01 28.51
N PRO B 500 24.73 -29.32 29.35
CA PRO B 500 25.93 -29.94 29.92
C PRO B 500 25.71 -30.74 31.23
N SER B 501 24.47 -30.87 31.70
CA SER B 501 24.13 -31.68 32.89
C SER B 501 24.54 -31.03 34.23
N LYS B 502 23.84 -31.33 35.33
CA LYS B 502 22.68 -32.23 35.37
C LYS B 502 21.57 -31.63 36.24
N SER C 7 58.35 65.26 10.03
CA SER C 7 59.25 65.30 11.23
C SER C 7 60.52 64.48 11.04
N ARG C 8 60.51 63.26 11.55
CA ARG C 8 61.70 62.41 11.62
C ARG C 8 61.68 61.33 10.55
N GLN C 9 62.81 60.66 10.39
CA GLN C 9 62.96 59.63 9.36
C GLN C 9 63.12 58.25 9.99
N LEU C 10 63.73 57.32 9.27
CA LEU C 10 64.10 56.02 9.82
C LEU C 10 65.41 56.19 10.57
N PHE C 11 65.50 55.56 11.74
CA PHE C 11 66.74 55.58 12.49
C PHE C 11 67.54 54.31 12.22
N ILE C 12 68.57 54.43 11.38
CA ILE C 12 69.41 53.29 11.00
C ILE C 12 70.89 53.64 11.14
N ASP C 13 71.64 52.77 11.81
CA ASP C 13 73.10 52.88 11.91
C ASP C 13 73.54 54.23 12.49
N GLY C 14 72.86 54.67 13.55
CA GLY C 14 73.23 55.87 14.29
C GLY C 14 72.86 57.21 13.70
N GLU C 15 72.09 57.21 12.61
CA GLU C 15 71.65 58.46 11.97
C GLU C 15 70.32 58.33 11.24
N TRP C 16 69.77 59.47 10.80
CA TRP C 16 68.50 59.51 10.10
C TRP C 16 68.63 59.21 8.61
N ARG C 17 67.85 58.24 8.13
CA ARG C 17 67.86 57.86 6.72
C ARG C 17 66.46 57.93 6.16
N VAL C 18 66.33 58.56 5.00
CA VAL C 18 65.07 58.60 4.28
C VAL C 18 64.81 57.21 3.70
N PRO C 19 63.56 56.72 3.80
CA PRO C 19 63.20 55.49 3.10
C PRO C 19 63.56 55.60 1.61
N ILE C 20 64.17 54.55 1.07
CA ILE C 20 64.58 54.51 -0.33
C ILE C 20 63.45 54.94 -1.26
N LEU C 21 62.28 54.31 -1.11
CA LEU C 21 61.12 54.56 -1.97
C LEU C 21 60.35 55.84 -1.58
N ASN C 22 60.72 56.44 -0.46
CA ASN C 22 60.21 57.74 -0.01
C ASN C 22 58.68 57.83 0.08
N LYS C 23 58.05 56.78 0.62
CA LYS C 23 56.60 56.80 0.88
C LYS C 23 56.35 57.13 2.34
N ARG C 24 55.15 57.65 2.62
CA ARG C 24 54.79 58.05 3.98
C ARG C 24 53.37 57.63 4.33
N ILE C 25 53.15 57.33 5.62
CA ILE C 25 51.86 56.89 6.13
C ILE C 25 51.25 58.01 6.98
N PRO C 26 50.01 58.41 6.66
CA PRO C 26 49.29 59.44 7.42
C PRO C 26 48.99 59.00 8.85
N ASN C 27 49.14 59.92 9.79
CA ASN C 27 48.81 59.65 11.19
C ASN C 27 47.59 60.45 11.66
N ILE C 28 46.51 59.73 11.94
CA ILE C 28 45.25 60.36 12.35
C ILE C 28 45.21 60.55 13.87
N ASN C 29 44.71 61.70 14.29
CA ASN C 29 44.35 61.94 15.68
C ASN C 29 42.99 61.28 15.95
N PRO C 30 42.95 60.26 16.82
CA PRO C 30 41.73 59.49 17.07
C PRO C 30 40.63 60.30 17.75
N SER C 31 41.01 61.45 18.31
CA SER C 31 40.09 62.31 19.05
C SER C 31 39.29 63.26 18.15
N THR C 32 39.87 63.63 17.01
CA THR C 32 39.26 64.61 16.10
C THR C 32 38.99 64.05 14.70
N GLU C 33 39.73 63.00 14.34
CA GLU C 33 39.64 62.32 13.04
C GLU C 33 40.42 63.03 11.93
N ASN C 34 41.11 64.11 12.28
CA ASN C 34 41.94 64.84 11.31
C ASN C 34 43.35 64.26 11.23
N ILE C 35 43.97 64.41 10.06
CA ILE C 35 45.38 64.08 9.87
C ILE C 35 46.20 65.10 10.65
N ILE C 36 47.22 64.62 11.36
CA ILE C 36 47.96 65.43 12.32
C ILE C 36 49.48 65.37 12.07
N GLY C 37 49.86 64.62 11.04
CA GLY C 37 51.27 64.40 10.69
C GLY C 37 51.41 63.11 9.90
N ASP C 38 52.66 62.74 9.61
CA ASP C 38 52.91 61.49 8.88
C ASP C 38 54.16 60.74 9.37
N ILE C 39 54.30 59.51 8.88
CA ILE C 39 55.27 58.54 9.39
C ILE C 39 55.99 57.89 8.21
N PRO C 40 57.33 57.78 8.26
CA PRO C 40 58.08 57.15 7.16
C PRO C 40 57.74 55.66 6.98
N ALA C 41 57.48 55.26 5.74
CA ALA C 41 57.14 53.88 5.42
C ALA C 41 58.33 53.11 4.86
N ALA C 42 59.01 52.38 5.73
CA ALA C 42 60.16 51.58 5.33
C ALA C 42 59.75 50.37 4.50
N THR C 43 60.62 50.00 3.57
CA THR C 43 60.37 48.89 2.67
C THR C 43 61.45 47.82 2.85
N LYS C 44 61.29 46.70 2.17
CA LYS C 44 62.25 45.60 2.18
C LYS C 44 63.70 46.08 2.22
N GLU C 45 64.02 47.03 1.34
CA GLU C 45 65.38 47.53 1.16
C GLU C 45 65.90 48.37 2.33
N ASP C 46 65.00 49.07 3.01
CA ASP C 46 65.34 49.83 4.22
C ASP C 46 65.64 48.89 5.39
N VAL C 47 64.82 47.84 5.50
CA VAL C 47 64.96 46.81 6.54
C VAL C 47 66.31 46.12 6.41
N ASP C 48 66.69 45.80 5.17
CA ASP C 48 67.98 45.20 4.88
C ASP C 48 69.13 46.04 5.47
N LEU C 49 69.08 47.35 5.25
CA LEU C 49 70.10 48.27 5.80
C LEU C 49 70.14 48.22 7.32
N ALA C 50 68.98 48.24 7.94
CA ALA C 50 68.85 48.16 9.40
C ALA C 50 69.43 46.86 9.96
N VAL C 51 69.18 45.74 9.31
CA VAL C 51 69.66 44.44 9.78
C VAL C 51 71.17 44.34 9.61
N ASP C 52 71.69 44.85 8.49
CA ASP C 52 73.13 44.90 8.23
C ASP C 52 73.86 45.72 9.29
N ALA C 53 73.28 46.88 9.63
CA ALA C 53 73.82 47.76 10.65
C ALA C 53 73.84 47.09 12.02
N ALA C 54 72.77 46.35 12.32
CA ALA C 54 72.68 45.58 13.56
C ALA C 54 73.70 44.44 13.59
N LYS C 55 73.87 43.78 12.46
CA LYS C 55 74.88 42.73 12.31
C LYS C 55 76.30 43.25 12.52
N ARG C 56 76.57 44.44 11.96
CA ARG C 56 77.88 45.09 12.09
C ARG C 56 78.17 45.54 13.51
N ALA C 57 77.14 46.03 14.20
CA ALA C 57 77.27 46.56 15.55
C ALA C 57 77.74 45.52 16.56
N ILE C 58 77.48 44.24 16.27
CA ILE C 58 77.91 43.15 17.15
C ILE C 58 78.92 42.21 16.49
N SER C 59 79.63 42.71 15.48
CA SER C 59 80.58 41.90 14.71
C SER C 59 81.86 41.58 15.46
N ARG C 60 82.20 40.28 15.49
CA ARG C 60 83.45 39.72 16.04
C ARG C 60 84.44 40.72 16.67
N LYS C 61 84.07 41.21 17.85
CA LYS C 61 84.85 42.23 18.61
C LYS C 61 85.36 43.43 17.80
N ASN C 62 84.96 43.50 16.53
CA ASN C 62 85.39 44.55 15.61
C ASN C 62 84.92 45.95 15.99
N GLY C 63 85.83 46.75 16.51
CA GLY C 63 85.57 48.15 16.85
C GLY C 63 84.94 48.32 18.22
N ARG C 64 83.74 48.91 18.23
CA ARG C 64 83.02 49.21 19.47
C ARG C 64 82.07 48.05 19.84
N ASP C 65 82.68 46.89 20.08
CA ASP C 65 82.03 45.58 20.35
C ASP C 65 80.51 45.57 20.59
N TRP C 66 80.11 46.21 21.68
CA TRP C 66 78.75 46.13 22.25
C TRP C 66 78.41 44.79 22.92
N SER C 67 78.41 43.71 22.14
CA SER C 67 78.15 42.37 22.68
C SER C 67 79.32 41.87 23.52
N ALA C 68 80.50 42.42 23.25
CA ALA C 68 81.71 42.10 24.01
C ALA C 68 82.03 43.21 25.03
N ALA C 69 81.31 44.32 24.98
CA ALA C 69 81.42 45.37 25.98
C ALA C 69 80.97 44.85 27.35
N SER C 70 81.53 45.44 28.41
CA SER C 70 81.15 45.07 29.77
C SER C 70 79.66 45.34 30.00
N GLY C 71 79.09 44.63 30.96
CA GLY C 71 77.71 44.86 31.37
C GLY C 71 77.51 46.25 31.97
N SER C 72 78.54 46.77 32.63
CA SER C 72 78.47 48.07 33.29
C SER C 72 78.41 49.23 32.30
N LEU C 73 79.10 49.09 31.17
CA LEU C 73 79.09 50.10 30.12
C LEU C 73 77.73 50.19 29.45
N ARG C 74 77.19 49.05 29.02
CA ARG C 74 75.84 48.99 28.45
C ARG C 74 74.81 49.54 29.42
N ALA C 75 75.01 49.26 30.71
CA ALA C 75 74.17 49.80 31.76
C ALA C 75 74.22 51.34 31.79
N ARG C 76 75.41 51.91 31.60
CA ARG C 76 75.56 53.38 31.58
C ARG C 76 74.72 54.02 30.48
N TYR C 77 74.71 53.40 29.30
CA TYR C 77 73.87 53.87 28.18
C TYR C 77 72.39 53.80 28.52
N LEU C 78 71.97 52.67 29.09
CA LEU C 78 70.58 52.49 29.49
C LEU C 78 70.15 53.55 30.52
N ARG C 79 71.03 53.81 31.49
CA ARG C 79 70.75 54.86 32.48
C ARG C 79 70.71 56.25 31.84
N ALA C 80 71.62 56.46 30.88
CA ALA C 80 71.70 57.72 30.15
C ALA C 80 70.43 57.95 29.37
N ILE C 81 69.95 56.88 28.70
CA ILE C 81 68.69 56.89 27.98
C ILE C 81 67.52 57.17 28.92
N ALA C 82 67.51 56.51 30.08
CA ALA C 82 66.45 56.69 31.07
C ALA C 82 66.36 58.11 31.61
N ALA C 83 67.52 58.75 31.83
CA ALA C 83 67.56 60.12 32.37
C ALA C 83 66.98 61.13 31.39
N LYS C 84 67.28 60.94 30.11
CA LYS C 84 66.73 61.77 29.04
C LYS C 84 65.21 61.59 28.94
N ILE C 85 64.73 60.35 29.03
CA ILE C 85 63.29 60.07 29.02
C ILE C 85 62.63 60.81 30.18
N LYS C 86 63.19 60.62 31.37
CA LYS C 86 62.70 61.26 32.59
C LYS C 86 62.61 62.78 32.42
N GLU C 87 63.67 63.36 31.86
CA GLU C 87 63.76 64.80 31.66
C GLU C 87 62.62 65.33 30.78
N LYS C 88 62.32 64.60 29.71
CA LYS C 88 61.29 65.02 28.76
C LYS C 88 59.93 64.33 28.97
N LYS C 89 59.69 63.85 30.20
CA LYS C 89 58.47 63.13 30.59
C LYS C 89 57.16 63.81 30.15
N ASP C 90 57.02 65.10 30.46
CA ASP C 90 55.79 65.83 30.20
C ASP C 90 55.49 65.99 28.71
N GLU C 91 56.54 66.22 27.93
CA GLU C 91 56.40 66.40 26.50
C GLU C 91 56.16 65.07 25.78
N LEU C 92 56.91 64.04 26.17
CA LEU C 92 56.73 62.70 25.60
C LEU C 92 55.36 62.13 25.96
N GLY C 93 54.89 62.48 27.16
CA GLY C 93 53.58 62.07 27.64
C GLY C 93 52.43 62.55 26.77
N LYS C 94 52.43 63.84 26.43
CA LYS C 94 51.37 64.36 25.58
C LYS C 94 51.49 63.87 24.14
N LEU C 95 52.70 63.60 23.69
CA LEU C 95 52.93 63.03 22.36
C LEU C 95 52.34 61.62 22.24
N GLU C 96 52.61 60.79 23.25
CA GLU C 96 52.04 59.46 23.36
C GLU C 96 50.51 59.49 23.37
N SER C 97 49.96 60.42 24.14
CA SER C 97 48.51 60.58 24.31
C SER C 97 47.80 60.96 23.00
N ILE C 98 48.36 61.95 22.29
CA ILE C 98 47.85 62.35 20.98
C ILE C 98 47.99 61.21 19.96
N ASP C 99 49.06 60.46 20.08
CA ASP C 99 49.40 59.42 19.10
C ASP C 99 48.49 58.18 19.16
N CYS C 100 48.14 57.73 20.37
CA CYS C 100 47.41 56.48 20.53
C CYS C 100 46.03 56.62 21.16
N GLY C 101 45.75 57.79 21.72
CA GLY C 101 44.42 58.08 22.26
C GLY C 101 44.18 57.87 23.75
N LYS C 102 45.19 57.41 24.49
CA LYS C 102 45.00 57.16 25.91
C LYS C 102 45.06 58.46 26.74
N PRO C 103 44.28 58.52 27.82
CA PRO C 103 44.30 59.69 28.70
C PRO C 103 45.70 60.12 29.08
N LEU C 104 45.92 61.44 29.13
CA LEU C 104 47.24 62.00 29.45
C LEU C 104 47.86 61.40 30.73
N GLU C 105 47.03 61.22 31.75
CA GLU C 105 47.51 60.65 33.03
C GLU C 105 47.95 59.19 32.90
N GLU C 106 47.30 58.43 32.01
CA GLU C 106 47.74 57.07 31.67
C GLU C 106 49.09 57.13 30.97
N ALA C 107 49.23 58.08 30.04
CA ALA C 107 50.46 58.23 29.27
C ALA C 107 51.63 58.67 30.17
N LEU C 108 51.34 59.57 31.10
CA LEU C 108 52.35 60.01 32.09
C LEU C 108 52.83 58.83 32.94
N ALA C 109 51.90 57.98 33.35
CA ALA C 109 52.21 56.75 34.10
C ALA C 109 53.09 55.78 33.31
N ASP C 110 52.78 55.58 32.02
CA ASP C 110 53.58 54.75 31.12
C ASP C 110 55.02 55.20 31.07
N LEU C 111 55.21 56.52 30.95
CA LEU C 111 56.54 57.10 30.89
C LEU C 111 57.36 56.89 32.14
N ASP C 112 56.71 56.94 33.30
CA ASP C 112 57.35 56.57 34.56
C ASP C 112 57.82 55.12 34.54
N ASP C 113 57.02 54.25 33.92
CA ASP C 113 57.34 52.83 33.79
C ASP C 113 58.46 52.58 32.78
N VAL C 114 58.52 53.41 31.73
CA VAL C 114 59.60 53.33 30.75
C VAL C 114 60.96 53.59 31.41
N VAL C 115 61.05 54.72 32.13
CA VAL C 115 62.25 55.12 32.87
C VAL C 115 62.67 54.02 33.85
N ALA C 116 61.69 53.53 34.62
CA ALA C 116 61.88 52.48 35.62
C ALA C 116 62.36 51.19 34.99
N CYS C 117 61.85 50.89 33.80
CA CYS C 117 62.21 49.69 33.07
C CYS C 117 63.67 49.73 32.58
N PHE C 118 64.07 50.87 32.03
CA PHE C 118 65.46 51.05 31.59
C PHE C 118 66.44 50.97 32.76
N GLU C 119 66.04 51.57 33.88
CA GLU C 119 66.88 51.57 35.09
C GLU C 119 66.95 50.19 35.72
N TYR C 120 65.85 49.46 35.66
CA TYR C 120 65.83 48.08 36.15
C TYR C 120 66.79 47.20 35.36
N TYR C 121 66.73 47.32 34.04
CA TYR C 121 67.57 46.50 33.19
C TYR C 121 69.02 46.96 33.15
N ALA C 122 69.27 48.21 33.52
CA ALA C 122 70.63 48.68 33.77
C ALA C 122 71.20 47.95 34.97
N GLY C 123 70.40 47.81 36.02
CA GLY C 123 70.79 47.07 37.22
C GLY C 123 71.18 45.63 36.91
N LEU C 124 70.34 44.94 36.15
CA LEU C 124 70.63 43.56 35.73
C LEU C 124 71.84 43.49 34.80
N ALA C 125 72.02 44.50 33.96
CA ALA C 125 73.21 44.60 33.11
C ALA C 125 74.49 44.69 33.95
N GLU C 126 74.45 45.51 35.00
CA GLU C 126 75.57 45.64 35.94
C GLU C 126 75.97 44.32 36.60
N GLU C 127 75.00 43.43 36.78
CA GLU C 127 75.22 42.17 37.51
C GLU C 127 75.58 41.01 36.58
N LEU C 128 75.47 41.25 35.28
CA LEU C 128 75.58 40.17 34.29
C LEU C 128 76.96 39.52 34.19
N ASP C 129 78.01 40.35 34.11
CA ASP C 129 79.39 39.84 33.99
C ASP C 129 79.81 38.96 35.17
N SER C 130 79.19 39.18 36.34
CA SER C 130 79.44 38.41 37.56
C SER C 130 78.90 36.97 37.49
N LYS C 131 77.91 36.77 36.64
CA LYS C 131 77.21 35.48 36.54
C LYS C 131 77.81 34.60 35.45
N GLN C 132 78.76 35.15 34.69
CA GLN C 132 79.44 34.42 33.63
C GLN C 132 80.40 33.37 34.19
N LYS C 133 80.63 32.32 33.42
CA LYS C 133 81.43 31.15 33.82
C LYS C 133 80.93 30.49 35.11
N ALA C 134 79.60 30.50 35.30
CA ALA C 134 78.98 29.84 36.45
C ALA C 134 79.24 28.34 36.36
N PRO C 135 79.75 27.74 37.45
CA PRO C 135 80.21 26.35 37.40
C PRO C 135 79.10 25.31 37.55
N ILE C 136 79.23 24.20 36.83
CA ILE C 136 78.31 23.07 36.89
C ILE C 136 78.97 21.90 37.63
N SER C 137 78.35 21.44 38.71
CA SER C 137 78.87 20.32 39.49
C SER C 137 78.77 18.99 38.74
N LEU C 138 79.92 18.35 38.53
CA LEU C 138 80.02 17.10 37.79
C LEU C 138 80.44 15.92 38.68
N PRO C 139 80.03 14.69 38.31
CA PRO C 139 80.45 13.53 39.11
C PRO C 139 81.75 12.85 38.60
N MET C 140 82.39 13.45 37.59
CA MET C 140 83.56 12.84 36.95
C MET C 140 84.91 13.27 37.51
N ASP C 141 85.05 14.56 37.83
CA ASP C 141 86.32 15.12 38.35
C ASP C 141 87.50 15.16 37.36
N THR C 142 87.39 14.39 36.27
CA THR C 142 88.33 14.48 35.15
C THR C 142 87.81 15.48 34.10
N PHE C 143 86.64 16.03 34.38
CA PHE C 143 86.02 17.05 33.54
C PHE C 143 85.58 18.22 34.42
N LYS C 144 85.54 19.41 33.83
CA LYS C 144 85.05 20.61 34.48
C LYS C 144 84.15 21.35 33.51
N SER C 145 82.98 21.77 33.99
CA SER C 145 82.00 22.40 33.12
C SER C 145 81.47 23.71 33.69
N TYR C 146 81.30 24.70 32.83
CA TYR C 146 80.65 25.95 33.19
C TYR C 146 79.78 26.49 32.05
N ILE C 147 78.92 27.46 32.37
CA ILE C 147 78.06 28.06 31.36
C ILE C 147 78.44 29.50 31.07
N LEU C 148 78.25 29.89 29.81
CA LEU C 148 78.36 31.28 29.40
C LEU C 148 77.00 31.79 28.95
N LYS C 149 76.65 33.01 29.35
CA LYS C 149 75.39 33.63 28.91
C LYS C 149 75.69 34.66 27.83
N GLU C 150 75.48 34.26 26.58
CA GLU C 150 75.83 35.08 25.43
C GLU C 150 74.58 35.72 24.84
N PRO C 151 74.74 36.86 24.14
CA PRO C 151 73.57 37.45 23.52
C PRO C 151 73.06 36.56 22.39
N ILE C 152 71.77 36.63 22.11
CA ILE C 152 71.19 35.78 21.07
C ILE C 152 71.59 36.30 19.67
N GLY C 153 71.96 37.57 19.60
CA GLY C 153 72.44 38.18 18.36
C GLY C 153 71.65 39.39 17.92
N VAL C 154 71.11 39.32 16.71
CA VAL C 154 70.31 40.41 16.13
C VAL C 154 68.83 40.14 16.37
N VAL C 155 68.14 41.09 17.00
CA VAL C 155 66.77 40.86 17.42
C VAL C 155 65.77 41.78 16.74
N ALA C 156 64.68 41.17 16.27
CA ALA C 156 63.59 41.89 15.68
C ALA C 156 62.54 42.09 16.76
N LEU C 157 62.18 43.34 16.97
CA LEU C 157 61.25 43.72 18.02
C LEU C 157 60.02 44.33 17.40
N ILE C 158 58.93 43.58 17.40
CA ILE C 158 57.67 44.06 16.80
C ILE C 158 56.65 44.27 17.92
N THR C 159 56.18 45.50 18.02
CA THR C 159 55.46 45.97 19.20
C THR C 159 54.13 46.64 18.85
N PRO C 160 53.15 46.62 19.77
CA PRO C 160 51.81 47.15 19.51
C PRO C 160 51.63 48.63 19.84
N TRP C 161 50.44 49.15 19.51
CA TRP C 161 50.13 50.56 19.61
C TRP C 161 49.45 50.98 20.91
N ASN C 162 49.07 50.02 21.75
CA ASN C 162 48.33 50.35 22.97
C ASN C 162 49.22 50.88 24.09
N TYR C 163 50.46 50.38 24.15
CA TYR C 163 51.50 50.98 25.01
C TYR C 163 52.74 51.22 24.16
N PRO C 164 52.65 52.17 23.20
CA PRO C 164 53.69 52.29 22.15
C PRO C 164 55.10 52.38 22.72
N PHE C 165 55.33 53.29 23.65
CA PHE C 165 56.66 53.52 24.21
C PHE C 165 57.05 52.38 25.15
N LEU C 166 56.14 52.05 26.06
CA LEU C 166 56.41 51.08 27.10
C LEU C 166 56.63 49.67 26.55
N MET C 167 55.77 49.25 25.63
CA MET C 167 55.90 47.95 25.01
C MET C 167 57.22 47.82 24.27
N ALA C 168 57.61 48.88 23.57
CA ALA C 168 58.90 48.94 22.91
C ALA C 168 60.05 48.82 23.92
N THR C 169 59.91 49.53 25.04
CA THR C 169 60.90 49.54 26.11
C THR C 169 61.03 48.18 26.78
N TRP C 170 59.89 47.53 27.05
CA TRP C 170 59.84 46.17 27.58
C TRP C 170 60.74 45.20 26.85
N LYS C 171 60.92 45.44 25.55
CA LYS C 171 61.74 44.58 24.71
C LYS C 171 63.14 45.16 24.49
N ILE C 172 63.21 46.47 24.23
CA ILE C 172 64.50 47.13 23.95
C ILE C 172 65.46 47.05 25.14
N ALA C 173 64.97 47.37 26.33
CA ALA C 173 65.81 47.44 27.52
C ALA C 173 66.53 46.13 27.86
N PRO C 174 65.81 45.00 27.94
CA PRO C 174 66.54 43.75 28.20
C PRO C 174 67.38 43.28 27.00
N ALA C 175 66.95 43.60 25.78
CA ALA C 175 67.71 43.24 24.58
C ALA C 175 69.11 43.87 24.61
N LEU C 176 69.16 45.19 24.81
CA LEU C 176 70.43 45.90 24.91
C LEU C 176 71.23 45.45 26.14
N ALA C 177 70.54 45.28 27.26
CA ALA C 177 71.19 44.83 28.49
C ALA C 177 71.92 43.51 28.34
N ALA C 178 71.40 42.64 27.48
CA ALA C 178 71.98 41.32 27.22
C ALA C 178 73.15 41.35 26.23
N GLY C 179 73.26 42.42 25.47
CA GLY C 179 74.34 42.56 24.50
C GLY C 179 73.88 42.45 23.06
N CYS C 180 72.57 42.40 22.86
CA CYS C 180 72.02 42.29 21.53
C CYS C 180 72.01 43.63 20.80
N ALA C 181 71.92 43.56 19.48
CA ALA C 181 71.60 44.71 18.66
C ALA C 181 70.18 44.51 18.14
N ALA C 182 69.39 45.58 18.17
CA ALA C 182 67.95 45.46 17.90
C ALA C 182 67.50 46.22 16.65
N ILE C 183 66.50 45.66 15.98
CA ILE C 183 65.68 46.42 15.03
C ILE C 183 64.26 46.45 15.59
N LEU C 184 63.77 47.66 15.84
CA LEU C 184 62.42 47.85 16.35
C LEU C 184 61.47 48.24 15.24
N LYS C 185 60.29 47.62 15.24
CA LYS C 185 59.23 47.97 14.32
C LYS C 185 57.98 48.28 15.13
N PRO C 186 57.76 49.57 15.46
CA PRO C 186 56.54 49.94 16.16
C PRO C 186 55.33 49.83 15.23
N SER C 187 54.14 49.84 15.82
CA SER C 187 52.91 49.81 15.04
C SER C 187 52.77 51.11 14.25
N GLU C 188 52.26 51.01 13.03
CA GLU C 188 52.04 52.17 12.17
C GLU C 188 50.96 53.12 12.69
N LEU C 189 50.29 52.72 13.77
CA LEU C 189 49.26 53.56 14.37
C LEU C 189 49.80 54.47 15.48
N ALA C 190 50.96 54.11 16.04
CA ALA C 190 51.55 54.87 17.15
C ALA C 190 53.08 54.77 17.14
N SER C 191 53.71 55.62 16.34
CA SER C 191 55.15 55.52 16.12
C SER C 191 55.97 56.69 16.65
N VAL C 192 55.30 57.76 17.09
CA VAL C 192 56.03 59.01 17.37
C VAL C 192 57.07 58.91 18.48
N THR C 193 56.67 58.40 19.66
CA THR C 193 57.59 58.34 20.81
C THR C 193 58.79 57.43 20.55
N CYS C 194 58.52 56.33 19.85
CA CYS C 194 59.57 55.41 19.43
C CYS C 194 60.62 56.07 18.54
N LEU C 195 60.16 56.96 17.65
CA LEU C 195 61.09 57.70 16.79
C LEU C 195 61.92 58.69 17.60
N GLU C 196 61.30 59.26 18.64
CA GLU C 196 62.00 60.16 19.54
C GLU C 196 63.07 59.43 20.34
N LEU C 197 62.90 58.11 20.49
CA LEU C 197 63.89 57.29 21.16
C LEU C 197 65.18 57.27 20.36
N GLY C 198 65.06 57.28 19.03
CA GLY C 198 66.22 57.33 18.14
C GLY C 198 67.07 58.56 18.38
N GLU C 199 66.42 59.72 18.38
CA GLU C 199 67.07 61.00 18.64
C GLU C 199 67.77 61.01 20.00
N ILE C 200 67.15 60.33 20.98
CA ILE C 200 67.72 60.21 22.32
C ILE C 200 68.99 59.36 22.31
N CYS C 201 68.94 58.24 21.58
CA CYS C 201 70.11 57.38 21.38
C CYS C 201 71.25 58.11 20.67
N LYS C 202 70.89 58.91 19.67
CA LYS C 202 71.83 59.76 18.94
C LYS C 202 72.53 60.74 19.89
N GLU C 203 71.75 61.43 20.71
CA GLU C 203 72.27 62.40 21.68
C GLU C 203 73.14 61.74 22.76
N VAL C 204 72.73 60.55 23.18
CA VAL C 204 73.42 59.81 24.23
C VAL C 204 74.67 59.10 23.71
N GLY C 205 74.81 59.05 22.38
CA GLY C 205 75.96 58.46 21.72
C GLY C 205 76.00 56.95 21.76
N LEU C 206 74.82 56.33 21.77
CA LEU C 206 74.71 54.87 21.68
C LEU C 206 75.41 54.41 20.41
N PRO C 207 76.29 53.40 20.53
CA PRO C 207 77.08 52.93 19.39
C PRO C 207 76.23 52.70 18.13
N ARG C 208 76.76 53.19 17.01
CA ARG C 208 76.25 52.95 15.66
C ARG C 208 75.60 51.57 15.50
N GLY C 209 74.30 51.56 15.21
CA GLY C 209 73.59 50.32 14.85
C GLY C 209 73.12 49.37 15.94
N VAL C 210 73.20 49.79 17.21
CA VAL C 210 72.75 48.96 18.31
C VAL C 210 71.22 48.98 18.43
N LEU C 211 70.63 50.12 18.11
CA LEU C 211 69.18 50.23 18.00
C LEU C 211 68.77 50.89 16.71
N ASN C 212 68.02 50.16 15.88
CA ASN C 212 67.50 50.71 14.66
C ASN C 212 65.98 50.77 14.71
N ILE C 213 65.42 51.89 14.28
CA ILE C 213 63.96 52.07 14.33
C ILE C 213 63.39 52.17 12.93
N VAL C 214 62.86 51.05 12.46
CA VAL C 214 62.26 50.95 11.15
C VAL C 214 60.75 51.00 11.32
N THR C 215 60.15 52.05 10.79
CA THR C 215 58.72 52.24 10.86
C THR C 215 58.09 51.94 9.49
N GLY C 216 56.81 51.58 9.50
CA GLY C 216 56.12 51.24 8.25
C GLY C 216 54.94 50.30 8.43
N LEU C 217 54.50 49.72 7.31
CA LEU C 217 53.34 48.83 7.28
C LEU C 217 53.71 47.43 7.76
N GLY C 218 52.78 46.81 8.48
CA GLY C 218 52.92 45.42 8.93
C GLY C 218 53.35 44.47 7.82
N HIS C 219 52.60 44.45 6.72
CA HIS C 219 52.85 43.49 5.62
C HIS C 219 54.07 43.82 4.76
N GLU C 220 54.66 44.99 4.97
CA GLU C 220 55.86 45.40 4.26
C GLU C 220 57.06 45.38 5.19
N ALA C 221 57.14 46.39 6.06
CA ALA C 221 58.23 46.56 7.01
C ALA C 221 58.34 45.39 8.00
N GLY C 222 57.22 45.05 8.63
CA GLY C 222 57.17 43.95 9.60
C GLY C 222 57.53 42.60 9.00
N ALA C 223 56.90 42.25 7.88
CA ALA C 223 57.15 40.97 7.20
C ALA C 223 58.58 40.83 6.70
N SER C 224 59.14 41.92 6.16
CA SER C 224 60.54 41.94 5.73
C SER C 224 61.48 41.72 6.91
N LEU C 225 61.19 42.38 8.02
CA LEU C 225 62.02 42.26 9.21
C LEU C 225 61.96 40.84 9.76
N ALA C 226 60.75 40.30 9.91
CA ALA C 226 60.56 38.95 10.40
C ALA C 226 61.16 37.86 9.50
N SER C 227 61.07 38.07 8.18
CA SER C 227 61.56 37.08 7.21
C SER C 227 63.05 37.18 6.88
N HIS C 228 63.74 38.17 7.45
CA HIS C 228 65.16 38.38 7.16
C HIS C 228 66.03 37.25 7.67
N PRO C 229 66.93 36.73 6.81
CA PRO C 229 67.83 35.61 7.13
C PRO C 229 68.79 35.88 8.28
N ASP C 230 69.19 37.15 8.46
CA ASP C 230 70.22 37.52 9.43
C ASP C 230 69.69 37.86 10.83
N VAL C 231 68.37 37.98 10.98
CA VAL C 231 67.75 38.14 12.29
C VAL C 231 67.83 36.83 13.06
N ASP C 232 68.28 36.89 14.31
CA ASP C 232 68.48 35.68 15.13
C ASP C 232 67.28 35.30 15.99
N LYS C 233 66.44 36.29 16.31
CA LYS C 233 65.32 36.08 17.22
C LYS C 233 64.24 37.10 16.92
N ILE C 234 62.98 36.66 16.92
CA ILE C 234 61.87 37.57 16.80
C ILE C 234 61.10 37.64 18.11
N SER C 235 60.90 38.85 18.62
CA SER C 235 60.07 39.07 19.80
C SER C 235 58.84 39.89 19.38
N PHE C 236 57.67 39.31 19.58
CA PHE C 236 56.46 39.89 19.05
C PHE C 236 55.37 40.03 20.11
N THR C 237 54.58 41.09 19.96
CA THR C 237 53.39 41.33 20.76
C THR C 237 52.37 41.96 19.81
N GLY C 238 51.22 41.31 19.67
CA GLY C 238 50.17 41.78 18.75
C GLY C 238 49.01 40.78 18.61
N SER C 239 48.34 40.81 17.46
CA SER C 239 47.18 39.93 17.23
C SER C 239 47.57 38.47 17.14
N SER C 240 46.62 37.59 17.47
CA SER C 240 46.78 36.14 17.35
C SER C 240 47.22 35.73 15.94
N ALA C 241 46.56 36.30 14.93
CA ALA C 241 46.77 35.91 13.54
C ALA C 241 48.15 36.29 13.02
N THR C 242 48.61 37.48 13.37
CA THR C 242 49.93 37.95 12.95
C THR C 242 51.02 37.15 13.65
N GLY C 243 50.82 36.87 14.94
CA GLY C 243 51.73 36.02 15.71
C GLY C 243 51.88 34.66 15.05
N SER C 244 50.76 34.11 14.60
CA SER C 244 50.75 32.88 13.82
C SER C 244 51.61 33.00 12.55
N LYS C 245 51.46 34.11 11.82
CA LYS C 245 52.27 34.37 10.61
C LYS C 245 53.75 34.54 10.92
N ILE C 246 54.05 35.23 12.01
CA ILE C 246 55.43 35.43 12.45
C ILE C 246 56.12 34.11 12.71
N MET C 247 55.46 33.24 13.47
CA MET C 247 56.02 31.93 13.80
C MET C 247 56.24 31.07 12.55
N THR C 248 55.33 31.20 11.58
CA THR C 248 55.42 30.46 10.32
C THR C 248 56.66 30.90 9.54
N THR C 249 56.87 32.22 9.48
CA THR C 249 58.02 32.80 8.79
C THR C 249 59.34 32.43 9.45
N ALA C 250 59.35 32.44 10.78
CA ALA C 250 60.52 32.06 11.58
C ALA C 250 60.90 30.60 11.36
N ALA C 251 59.86 29.76 11.20
CA ALA C 251 60.01 28.32 10.98
C ALA C 251 60.82 27.98 9.71
N GLN C 252 60.67 28.82 8.69
CA GLN C 252 61.43 28.67 7.44
C GLN C 252 62.92 28.53 7.68
N LEU C 253 63.45 29.31 8.62
CA LEU C 253 64.87 29.24 8.98
C LEU C 253 65.06 28.85 10.45
N VAL C 254 64.01 28.28 11.04
CA VAL C 254 64.01 27.78 12.44
C VAL C 254 64.54 28.81 13.47
N LYS C 255 64.09 30.06 13.36
CA LYS C 255 64.51 31.10 14.26
C LYS C 255 63.64 31.11 15.51
N PRO C 256 64.25 31.25 16.70
CA PRO C 256 63.48 31.31 17.94
C PRO C 256 62.52 32.49 17.97
N VAL C 257 61.46 32.34 18.76
CA VAL C 257 60.35 33.28 18.78
C VAL C 257 59.76 33.37 20.17
N SER C 258 59.39 34.58 20.59
CA SER C 258 58.53 34.75 21.76
C SER C 258 57.30 35.54 21.34
N LEU C 259 56.15 35.17 21.89
CA LEU C 259 54.87 35.72 21.45
C LEU C 259 53.96 36.11 22.59
N GLU C 260 53.60 37.38 22.63
CA GLU C 260 52.53 37.85 23.50
C GLU C 260 51.38 38.28 22.60
N LEU C 261 50.32 37.48 22.66
CA LEU C 261 49.18 37.69 21.81
C LEU C 261 48.08 38.10 22.77
N GLY C 262 46.87 38.31 22.28
CA GLY C 262 45.84 38.87 23.15
C GLY C 262 45.34 37.89 24.20
N GLY C 263 44.10 38.11 24.62
CA GLY C 263 43.48 37.23 25.57
C GLY C 263 42.01 37.54 25.72
N LYS C 264 41.34 36.71 26.51
CA LYS C 264 40.00 37.00 26.96
C LYS C 264 40.00 36.62 28.43
N SER C 265 40.68 37.44 29.21
CA SER C 265 41.00 37.12 30.60
C SER C 265 39.79 37.24 31.52
N PRO C 266 39.62 36.26 32.43
CA PRO C 266 38.51 36.29 33.36
C PRO C 266 38.83 37.03 34.66
N ILE C 267 37.82 37.70 35.23
CA ILE C 267 37.88 38.12 36.62
C ILE C 267 36.74 37.41 37.37
N VAL C 268 37.10 36.67 38.40
CA VAL C 268 36.11 35.96 39.22
C VAL C 268 35.87 36.68 40.54
N VAL C 269 34.63 37.09 40.75
CA VAL C 269 34.25 37.79 41.98
C VAL C 269 33.37 36.90 42.84
N PHE C 270 33.86 36.57 44.03
CA PHE C 270 33.06 35.85 45.02
C PHE C 270 32.23 36.81 45.87
N GLU C 271 31.38 36.25 46.73
CA GLU C 271 30.44 37.03 47.55
C GLU C 271 31.06 37.74 48.76
N ASP C 272 32.19 37.23 49.25
CA ASP C 272 32.83 37.80 50.45
C ASP C 272 33.80 38.90 50.06
N VAL C 273 33.25 40.03 49.63
CA VAL C 273 34.06 41.07 49.03
C VAL C 273 33.45 42.45 49.33
N ASP C 274 34.29 43.48 49.42
CA ASP C 274 33.77 44.85 49.52
C ASP C 274 33.34 45.27 48.12
N LEU C 275 32.03 45.42 47.94
CA LEU C 275 31.44 45.59 46.62
C LEU C 275 31.97 46.80 45.87
N ASP C 276 32.07 47.94 46.56
CA ASP C 276 32.52 49.19 45.95
C ASP C 276 33.99 49.16 45.52
N LYS C 277 34.84 48.54 46.34
CA LYS C 277 36.27 48.48 46.04
C LYS C 277 36.58 47.56 44.88
N VAL C 278 35.95 46.38 44.85
CA VAL C 278 36.11 45.46 43.71
C VAL C 278 35.46 46.05 42.45
N ALA C 279 34.39 46.80 42.63
CA ALA C 279 33.73 47.47 41.50
C ALA C 279 34.71 48.34 40.71
N GLU C 280 35.54 49.11 41.40
CA GLU C 280 36.57 49.90 40.71
C GLU C 280 37.59 49.00 39.99
N TRP C 281 38.05 47.96 40.67
CA TRP C 281 39.03 47.04 40.11
C TRP C 281 38.56 46.38 38.82
N THR C 282 37.30 45.97 38.78
CA THR C 282 36.77 45.32 37.59
C THR C 282 36.57 46.28 36.41
N VAL C 283 36.10 47.48 36.71
CA VAL C 283 36.01 48.55 35.72
C VAL C 283 37.41 48.89 35.21
N PHE C 284 38.37 48.95 36.12
CA PHE C 284 39.75 49.22 35.78
C PHE C 284 40.32 48.09 34.91
N GLY C 285 40.04 46.85 35.31
CA GLY C 285 40.48 45.67 34.58
C GLY C 285 40.00 45.60 33.15
N CYS C 286 38.87 46.23 32.87
CA CYS C 286 38.28 46.16 31.55
C CYS C 286 38.32 47.45 30.73
N PHE C 287 38.25 48.60 31.39
CA PHE C 287 38.10 49.87 30.67
C PHE C 287 39.40 50.69 30.49
N PHE C 288 40.37 50.47 31.37
CA PHE C 288 41.69 51.14 31.29
C PHE C 288 42.31 51.02 29.90
N THR C 289 43.03 52.05 29.49
CA THR C 289 43.60 52.17 28.15
C THR C 289 42.53 52.05 27.06
N ASN C 290 41.35 52.59 27.37
CA ASN C 290 40.17 52.49 26.50
C ASN C 290 39.85 51.05 26.13
N GLY C 291 40.09 50.14 27.08
CA GLY C 291 39.86 48.71 26.90
C GLY C 291 40.90 47.99 26.05
N GLN C 292 41.91 48.72 25.58
CA GLN C 292 42.91 48.16 24.69
C GLN C 292 44.11 47.59 25.46
N ILE C 293 43.83 46.59 26.28
CA ILE C 293 44.84 45.87 27.06
C ILE C 293 44.84 44.40 26.67
N CYS C 294 46.01 43.85 26.40
CA CYS C 294 46.13 42.42 26.06
C CYS C 294 45.54 41.55 27.17
N SER C 295 45.78 41.96 28.41
CA SER C 295 45.41 41.17 29.59
C SER C 295 44.09 41.61 30.20
N ALA C 296 43.35 42.44 29.47
CA ALA C 296 42.08 42.98 29.95
C ALA C 296 41.19 41.88 30.52
N THR C 297 40.68 42.11 31.73
CA THR C 297 39.76 41.15 32.31
C THR C 297 38.36 41.49 31.80
N SER C 298 38.05 40.95 30.61
CA SER C 298 36.86 41.32 29.84
C SER C 298 35.70 40.33 30.04
N ARG C 299 35.95 39.26 30.80
CA ARG C 299 34.91 38.33 31.18
C ARG C 299 34.71 38.37 32.69
N LEU C 300 33.56 38.87 33.12
CA LEU C 300 33.21 38.93 34.53
C LEU C 300 32.43 37.69 34.93
N ILE C 301 32.88 37.02 35.99
CA ILE C 301 32.20 35.86 36.53
C ILE C 301 31.87 36.11 38.01
N VAL C 302 30.63 36.56 38.25
CA VAL C 302 30.18 36.96 39.60
C VAL C 302 29.31 35.90 40.26
N HIS C 303 29.54 35.68 41.54
CA HIS C 303 28.65 34.87 42.35
C HIS C 303 27.23 35.40 42.25
N GLU C 304 26.27 34.49 42.14
CA GLU C 304 24.86 34.85 41.97
C GLU C 304 24.27 35.65 43.15
N SER C 305 24.80 35.43 44.35
CA SER C 305 24.23 36.06 45.55
C SER C 305 24.52 37.55 45.67
N ILE C 306 25.40 38.07 44.81
CA ILE C 306 25.67 39.51 44.76
C ILE C 306 25.59 40.08 43.34
N ALA C 307 25.32 39.20 42.37
CA ALA C 307 25.38 39.55 40.95
C ALA C 307 24.66 40.83 40.57
N VAL C 308 23.39 40.97 40.98
CA VAL C 308 22.62 42.11 40.49
C VAL C 308 22.97 43.45 41.18
N GLU C 309 23.29 43.40 42.47
CA GLU C 309 23.76 44.58 43.19
C GLU C 309 25.14 45.00 42.68
N PHE C 310 26.00 44.01 42.48
CA PHE C 310 27.36 44.26 42.01
C PHE C 310 27.38 44.86 40.62
N VAL C 311 26.61 44.26 39.71
CA VAL C 311 26.54 44.74 38.33
C VAL C 311 25.96 46.15 38.31
N ASP C 312 25.01 46.42 39.21
CA ASP C 312 24.41 47.75 39.36
C ASP C 312 25.48 48.79 39.72
N LYS C 313 26.32 48.47 40.72
CA LYS C 313 27.44 49.33 41.12
C LYS C 313 28.43 49.56 39.97
N LEU C 314 28.70 48.51 39.19
CA LEU C 314 29.50 48.60 37.97
C LEU C 314 28.98 49.63 36.97
N VAL C 315 27.67 49.62 36.74
CA VAL C 315 27.02 50.59 35.86
C VAL C 315 27.27 52.02 36.34
N LYS C 316 27.07 52.25 37.64
CA LYS C 316 27.29 53.55 38.26
C LYS C 316 28.73 54.03 38.13
N TRP C 317 29.70 53.15 38.39
CA TRP C 317 31.11 53.49 38.17
C TRP C 317 31.37 53.77 36.69
N ALA C 318 30.87 52.90 35.81
CA ALA C 318 31.06 53.04 34.38
C ALA C 318 30.55 54.39 33.84
N GLU C 319 29.33 54.75 34.24
CA GLU C 319 28.67 55.97 33.79
C GLU C 319 29.26 57.25 34.39
N ASN C 320 30.10 57.13 35.42
CA ASN C 320 30.75 58.29 36.01
C ASN C 320 32.14 58.59 35.42
N ILE C 321 32.65 57.67 34.61
CA ILE C 321 33.95 57.85 33.96
C ILE C 321 33.89 59.00 32.96
N LYS C 322 34.72 60.02 33.17
CA LYS C 322 34.76 61.16 32.26
C LYS C 322 35.33 60.74 30.92
N ILE C 323 34.53 60.93 29.88
CA ILE C 323 34.98 60.65 28.52
C ILE C 323 35.21 61.97 27.79
N SER C 324 36.43 62.15 27.27
CA SER C 324 36.84 63.39 26.62
C SER C 324 38.09 63.22 25.75
N ASP C 325 38.52 64.32 25.14
CA ASP C 325 39.84 64.42 24.51
C ASP C 325 40.86 64.07 25.57
N PRO C 326 41.88 63.27 25.21
CA PRO C 326 42.83 62.72 26.19
C PRO C 326 43.66 63.76 26.95
N LEU C 327 43.81 64.96 26.37
CA LEU C 327 44.62 66.02 26.98
C LEU C 327 43.82 66.91 27.95
N GLU C 328 42.49 66.74 27.94
CA GLU C 328 41.60 67.50 28.81
C GLU C 328 41.76 67.03 30.26
N GLU C 329 41.73 67.98 31.19
CA GLU C 329 41.83 67.70 32.62
C GLU C 329 40.77 66.69 33.08
N GLY C 330 41.21 65.68 33.82
CA GLY C 330 40.29 64.72 34.42
C GLY C 330 39.74 63.64 33.50
N CYS C 331 40.32 63.53 32.29
CA CYS C 331 39.92 62.50 31.32
C CYS C 331 40.23 61.13 31.88
N ARG C 332 39.23 60.25 31.82
CA ARG C 332 39.41 58.87 32.29
C ARG C 332 39.13 57.83 31.20
N LEU C 333 38.75 58.30 30.01
CA LEU C 333 38.52 57.45 28.85
C LEU C 333 38.66 58.25 27.56
N GLY C 334 39.62 57.85 26.72
CA GLY C 334 39.84 58.48 25.44
C GLY C 334 39.14 57.74 24.30
N PRO C 335 39.52 58.05 23.04
CA PRO C 335 38.91 57.41 21.90
C PRO C 335 39.66 56.14 21.47
N ILE C 336 38.97 55.26 20.74
CA ILE C 336 39.62 54.12 20.12
C ILE C 336 40.69 54.60 19.15
N VAL C 337 41.78 53.86 19.04
CA VAL C 337 42.99 54.26 18.31
C VAL C 337 42.79 54.63 16.84
N SER C 338 41.91 53.93 16.13
CA SER C 338 41.69 54.17 14.70
C SER C 338 40.24 53.92 14.30
N GLU C 339 39.90 54.32 13.07
CA GLU C 339 38.57 54.11 12.52
C GLU C 339 38.24 52.62 12.37
N ALA C 340 39.16 51.85 11.79
CA ALA C 340 38.98 50.41 11.61
C ALA C 340 38.71 49.70 12.94
N GLN C 341 39.49 50.07 13.96
CA GLN C 341 39.35 49.51 15.29
C GLN C 341 38.03 49.89 15.96
N TYR C 342 37.61 51.12 15.69
CA TYR C 342 36.37 51.67 16.20
C TYR C 342 35.16 50.92 15.63
N LYS C 343 35.16 50.72 14.32
CA LYS C 343 34.15 49.91 13.63
C LYS C 343 34.07 48.48 14.18
N LYS C 344 35.23 47.86 14.39
CA LYS C 344 35.32 46.51 14.96
C LYS C 344 34.69 46.43 16.36
N VAL C 345 34.99 47.41 17.20
CA VAL C 345 34.45 47.47 18.56
C VAL C 345 32.94 47.63 18.53
N LEU C 346 32.45 48.57 17.72
CA LEU C 346 31.02 48.78 17.57
C LEU C 346 30.32 47.54 17.02
N ASN C 347 30.99 46.82 16.12
CA ASN C 347 30.43 45.60 15.56
C ASN C 347 30.29 44.49 16.59
N CYS C 348 31.22 44.44 17.54
CA CYS C 348 31.17 43.45 18.61
C CYS C 348 29.95 43.71 19.49
N ILE C 349 29.71 44.98 19.79
CA ILE C 349 28.55 45.39 20.58
C ILE C 349 27.26 45.09 19.82
N SER C 350 27.29 45.35 18.52
CA SER C 350 26.13 45.16 17.66
C SER C 350 25.79 43.66 17.55
N SER C 351 26.82 42.85 17.34
CA SER C 351 26.65 41.41 17.22
C SER C 351 26.11 40.78 18.51
N ALA C 352 26.53 41.30 19.66
CA ALA C 352 26.07 40.84 20.95
C ALA C 352 24.57 41.01 21.12
N LYS C 353 24.07 42.18 20.71
CA LYS C 353 22.62 42.43 20.63
C LYS C 353 21.94 41.41 19.74
N SER C 354 22.45 41.26 18.51
CA SER C 354 21.93 40.31 17.51
C SER C 354 21.80 38.89 18.06
N GLU C 355 22.76 38.50 18.89
CA GLU C 355 22.77 37.17 19.50
C GLU C 355 21.88 37.08 20.75
N GLY C 356 21.30 38.20 21.16
CA GLY C 356 20.31 38.21 22.24
C GLY C 356 20.83 38.58 23.61
N ALA C 357 22.01 39.20 23.67
CA ALA C 357 22.56 39.68 24.94
C ALA C 357 22.01 41.07 25.29
N THR C 358 22.16 41.46 26.54
CA THR C 358 21.65 42.76 27.01
C THR C 358 22.77 43.80 27.09
N ILE C 359 22.62 44.89 26.34
CA ILE C 359 23.51 46.03 26.50
C ILE C 359 22.97 46.84 27.68
N LEU C 360 23.57 46.64 28.86
CA LEU C 360 23.07 47.25 30.08
C LEU C 360 23.41 48.74 30.14
N THR C 361 24.67 49.07 29.88
CA THR C 361 25.08 50.46 29.76
C THR C 361 26.01 50.62 28.57
N GLY C 362 26.11 51.85 28.07
CA GLY C 362 27.01 52.19 26.98
C GLY C 362 26.56 51.72 25.62
N GLY C 363 27.51 51.28 24.81
CA GLY C 363 27.22 50.67 23.52
C GLY C 363 27.02 51.65 22.38
N ARG C 364 27.29 52.93 22.61
CA ARG C 364 27.22 53.94 21.56
C ARG C 364 28.11 55.16 21.82
N ARG C 365 28.10 56.08 20.87
CA ARG C 365 28.75 57.37 20.99
C ARG C 365 28.19 58.15 22.17
N PRO C 366 29.07 58.89 22.89
CA PRO C 366 28.59 59.86 23.87
C PRO C 366 27.91 61.03 23.17
N GLU C 367 26.81 61.50 23.76
CA GLU C 367 26.04 62.63 23.23
C GLU C 367 26.86 63.91 23.04
N HIS C 368 27.74 64.19 24.01
CA HIS C 368 28.54 65.40 24.02
C HIS C 368 29.78 65.36 23.12
N LEU C 369 29.94 64.29 22.34
CA LEU C 369 31.11 64.15 21.44
C LEU C 369 30.74 63.71 20.02
N LYS C 370 30.75 64.67 19.10
CA LYS C 370 30.32 64.42 17.72
C LYS C 370 31.39 63.78 16.86
N LYS C 371 32.62 64.28 16.95
CA LYS C 371 33.71 63.72 16.17
C LYS C 371 34.67 62.90 17.04
N GLY C 372 35.42 62.00 16.41
CA GLY C 372 36.38 61.16 17.12
C GLY C 372 35.83 59.79 17.49
N TYR C 373 36.72 58.81 17.59
CA TYR C 373 36.34 57.42 17.78
C TYR C 373 35.99 57.11 19.24
N PHE C 374 34.94 57.75 19.73
CA PHE C 374 34.51 57.60 21.12
C PHE C 374 33.37 56.59 21.27
N VAL C 375 33.53 55.70 22.25
CA VAL C 375 32.52 54.74 22.63
C VAL C 375 32.32 54.86 24.14
N GLU C 376 31.08 54.78 24.58
CA GLU C 376 30.80 54.70 26.00
C GLU C 376 31.25 53.36 26.55
N PRO C 377 31.71 53.32 27.82
CA PRO C 377 32.07 52.05 28.43
C PRO C 377 30.85 51.14 28.50
N THR C 378 31.00 49.91 28.00
CA THR C 378 29.87 49.04 27.76
C THR C 378 29.91 47.80 28.64
N ILE C 379 28.78 47.54 29.31
CA ILE C 379 28.61 46.33 30.09
C ILE C 379 27.52 45.47 29.44
N ILE C 380 27.86 44.20 29.17
CA ILE C 380 26.97 43.30 28.45
C ILE C 380 26.59 42.09 29.30
N THR C 381 25.29 41.98 29.56
CA THR C 381 24.76 40.95 30.44
C THR C 381 23.89 39.93 29.67
N ASP C 382 23.34 38.95 30.38
CA ASP C 382 22.63 37.81 29.76
C ASP C 382 23.49 37.17 28.66
N VAL C 383 24.75 36.94 29.01
CA VAL C 383 25.71 36.40 28.08
C VAL C 383 25.70 34.87 28.15
N THR C 384 25.93 34.27 26.99
CA THR C 384 25.98 32.83 26.82
C THR C 384 27.37 32.45 26.30
N THR C 385 27.87 31.34 26.81
CA THR C 385 29.16 30.74 26.43
C THR C 385 29.35 30.57 24.90
N SER C 386 28.27 30.40 24.16
CA SER C 386 28.35 30.25 22.72
C SER C 386 28.37 31.58 21.94
N MET C 387 28.15 32.69 22.65
CA MET C 387 28.14 34.01 22.05
C MET C 387 29.51 34.53 21.64
N GLN C 388 29.52 35.40 20.63
CA GLN C 388 30.76 36.00 20.14
C GLN C 388 31.52 36.87 21.16
N ILE C 389 30.82 37.63 22.00
CA ILE C 389 31.51 38.47 23.02
C ILE C 389 32.15 37.68 24.14
N TRP C 390 31.72 36.44 24.32
CA TRP C 390 32.33 35.55 25.31
C TRP C 390 33.65 34.98 24.78
N ARG C 391 33.69 34.74 23.48
CA ARG C 391 34.79 34.05 22.82
C ARG C 391 35.86 35.02 22.31
N GLU C 392 35.46 36.03 21.54
CA GLU C 392 36.42 36.84 20.82
C GLU C 392 36.87 38.11 21.56
N GLU C 393 38.13 38.47 21.36
CA GLU C 393 38.74 39.64 22.02
C GLU C 393 38.22 40.95 21.42
N VAL C 394 37.61 41.79 22.25
CA VAL C 394 36.98 43.04 21.75
C VAL C 394 38.00 44.17 21.53
N PHE C 395 38.88 44.38 22.51
CA PHE C 395 39.86 45.46 22.46
C PHE C 395 39.17 46.84 22.40
N GLY C 396 38.10 46.97 23.20
CA GLY C 396 37.36 48.20 23.42
C GLY C 396 36.80 48.12 24.84
N PRO C 397 36.29 49.25 25.36
CA PRO C 397 35.80 49.24 26.76
C PRO C 397 34.47 48.48 26.91
N VAL C 398 34.53 47.16 26.73
CA VAL C 398 33.35 46.30 26.67
C VAL C 398 33.50 45.11 27.63
N LEU C 399 32.56 44.98 28.57
CA LEU C 399 32.60 43.93 29.57
C LEU C 399 31.45 42.94 29.44
N ALA C 400 31.78 41.64 29.41
CA ALA C 400 30.80 40.56 29.33
C ALA C 400 30.64 39.88 30.69
N VAL C 401 29.40 39.65 31.10
CA VAL C 401 29.13 39.18 32.45
C VAL C 401 28.37 37.85 32.48
N LYS C 402 28.89 36.90 33.24
CA LYS C 402 28.19 35.66 33.54
C LYS C 402 28.19 35.43 35.04
N THR C 403 27.24 34.62 35.48
CA THR C 403 26.98 34.42 36.89
C THR C 403 27.38 32.99 37.30
N PHE C 404 27.58 32.75 38.60
CA PHE C 404 27.94 31.40 39.08
C PHE C 404 27.47 31.14 40.51
N SER C 405 27.41 29.86 40.90
CA SER C 405 27.07 29.49 42.27
C SER C 405 28.18 28.69 42.97
N THR C 406 28.78 27.72 42.30
CA THR C 406 29.83 26.92 42.92
C THR C 406 31.23 27.32 42.46
N GLU C 407 32.23 26.98 43.28
CA GLU C 407 33.62 27.20 42.94
C GLU C 407 34.01 26.47 41.66
N GLU C 408 33.62 25.20 41.56
CA GLU C 408 33.85 24.37 40.38
C GLU C 408 33.33 25.05 39.11
N GLU C 409 32.18 25.70 39.24
CA GLU C 409 31.51 26.36 38.13
C GLU C 409 32.23 27.64 37.70
N ALA C 410 32.69 28.42 38.68
CA ALA C 410 33.47 29.63 38.42
C ALA C 410 34.79 29.31 37.70
N ILE C 411 35.48 28.27 38.18
CA ILE C 411 36.73 27.82 37.58
C ILE C 411 36.55 27.36 36.14
N ASN C 412 35.51 26.57 35.88
CA ASN C 412 35.23 26.08 34.53
C ASN C 412 34.89 27.21 33.56
N LEU C 413 34.14 28.21 34.04
CA LEU C 413 33.84 29.38 33.22
C LEU C 413 35.08 30.22 32.96
N ALA C 414 35.91 30.36 33.99
CA ALA C 414 37.16 31.12 33.90
C ALA C 414 38.09 30.52 32.85
N ASN C 415 38.18 29.20 32.83
CA ASN C 415 39.06 28.47 31.92
C ASN C 415 38.40 28.12 30.57
N ASP C 416 37.18 28.61 30.34
CA ASP C 416 36.45 28.33 29.11
C ASP C 416 36.90 29.25 27.97
N THR C 417 38.15 29.09 27.57
CA THR C 417 38.78 29.93 26.54
C THR C 417 40.04 29.24 26.06
N HIS C 418 40.40 29.48 24.81
CA HIS C 418 41.65 28.99 24.25
C HIS C 418 42.80 29.95 24.55
N TYR C 419 42.46 31.16 25.01
CA TYR C 419 43.45 32.14 25.44
C TYR C 419 43.96 31.80 26.84
N GLY C 420 45.00 32.50 27.29
CA GLY C 420 45.53 32.26 28.63
C GLY C 420 46.52 33.29 29.13
N LEU C 421 46.17 34.56 29.04
CA LEU C 421 47.11 35.60 29.44
C LEU C 421 46.98 35.93 30.91
N GLY C 422 45.98 36.74 31.26
CA GLY C 422 45.75 37.12 32.64
C GLY C 422 44.54 36.43 33.25
N SER C 423 44.33 36.69 34.54
CA SER C 423 43.17 36.20 35.28
C SER C 423 43.19 36.87 36.65
N ALA C 424 42.00 37.10 37.22
CA ALA C 424 41.88 37.76 38.52
C ALA C 424 40.88 37.06 39.43
N VAL C 425 41.21 36.99 40.72
CA VAL C 425 40.29 36.46 41.74
C VAL C 425 40.06 37.52 42.80
N MET C 426 38.79 37.76 43.11
CA MET C 426 38.41 38.73 44.11
C MET C 426 37.67 38.02 45.23
N SER C 427 38.34 37.89 46.38
CA SER C 427 37.76 37.22 47.54
C SER C 427 38.54 37.59 48.81
N ASN C 428 37.83 37.86 49.91
CA ASN C 428 38.48 38.10 51.20
C ASN C 428 39.07 36.83 51.82
N ASP C 429 38.53 35.68 51.40
CA ASP C 429 39.03 34.37 51.80
C ASP C 429 40.28 34.06 51.00
N LEU C 430 41.44 34.32 51.60
CA LEU C 430 42.73 34.16 50.92
C LEU C 430 43.09 32.71 50.62
N GLU C 431 42.57 31.77 51.40
CA GLU C 431 42.74 30.35 51.12
C GLU C 431 42.07 29.99 49.79
N ARG C 432 40.88 30.54 49.58
CA ARG C 432 40.14 30.35 48.36
C ARG C 432 40.89 30.99 47.18
N CYS C 433 41.41 32.19 47.40
CA CYS C 433 42.22 32.90 46.41
C CYS C 433 43.41 32.07 45.92
N GLU C 434 44.10 31.41 46.86
CA GLU C 434 45.23 30.55 46.52
C GLU C 434 44.81 29.35 45.68
N ARG C 435 43.72 28.69 46.08
CA ARG C 435 43.13 27.57 45.33
C ARG C 435 42.87 27.96 43.88
N LEU C 436 42.20 29.09 43.68
CA LEU C 436 41.87 29.54 42.33
C LEU C 436 43.10 29.91 41.52
N SER C 437 44.10 30.51 42.19
CA SER C 437 45.34 30.88 41.52
C SER C 437 46.06 29.63 40.98
N LYS C 438 45.84 28.49 41.62
CA LYS C 438 46.40 27.22 41.14
C LYS C 438 45.58 26.65 39.97
N ALA C 439 44.28 26.90 39.97
CA ALA C 439 43.37 26.31 38.99
C ALA C 439 43.24 27.11 37.70
N LEU C 440 43.50 28.42 37.78
CA LEU C 440 43.37 29.31 36.63
C LEU C 440 44.48 29.08 35.61
N GLN C 441 44.08 28.90 34.35
CA GLN C 441 45.01 28.59 33.29
C GLN C 441 45.45 29.89 32.61
N ALA C 442 46.38 30.58 33.25
CA ALA C 442 46.90 31.85 32.74
C ALA C 442 48.35 32.03 33.17
N GLY C 443 49.08 32.85 32.43
CA GLY C 443 50.43 33.22 32.82
C GLY C 443 50.48 34.18 34.01
N ILE C 444 49.39 34.92 34.22
CA ILE C 444 49.31 35.90 35.32
C ILE C 444 48.00 35.76 36.10
N VAL C 445 48.10 35.64 37.41
CA VAL C 445 46.93 35.67 38.27
C VAL C 445 47.03 36.86 39.22
N TRP C 446 46.05 37.76 39.13
CA TRP C 446 45.94 38.85 40.08
C TRP C 446 44.98 38.44 41.19
N ILE C 447 45.35 38.76 42.43
CA ILE C 447 44.47 38.51 43.57
C ILE C 447 44.03 39.82 44.21
N ASN C 448 42.70 40.01 44.24
CA ASN C 448 42.06 41.19 44.82
C ASN C 448 42.51 42.48 44.15
N CYS C 449 42.79 42.37 42.86
CA CYS C 449 43.08 43.49 41.97
C CYS C 449 43.05 42.95 40.55
N ALA C 450 43.40 43.78 39.58
CA ALA C 450 43.54 43.36 38.19
C ALA C 450 44.35 44.38 37.42
N GLN C 451 45.31 43.88 36.65
CA GLN C 451 46.12 44.67 35.68
C GLN C 451 47.56 45.13 36.05
N PRO C 452 47.91 45.25 37.35
CA PRO C 452 49.26 45.71 37.67
C PRO C 452 50.35 44.86 37.03
N SER C 453 51.33 45.56 36.46
CA SER C 453 52.34 44.95 35.62
C SER C 453 53.75 45.36 36.06
N PHE C 454 54.15 44.93 37.25
CA PHE C 454 55.46 45.25 37.83
C PHE C 454 56.62 44.66 37.03
N ILE C 455 57.68 45.45 36.85
CA ILE C 455 58.82 45.03 36.03
C ILE C 455 59.70 43.94 36.67
N GLN C 456 59.51 43.69 37.97
CA GLN C 456 60.26 42.63 38.65
C GLN C 456 59.69 41.25 38.38
N ALA C 457 58.44 41.21 37.92
CA ALA C 457 57.69 39.96 37.81
C ALA C 457 57.55 39.47 36.36
N PRO C 458 57.63 38.14 36.13
CA PRO C 458 57.50 37.63 34.77
C PRO C 458 56.10 37.82 34.18
N TRP C 459 56.05 38.25 32.93
CA TRP C 459 54.80 38.55 32.25
C TRP C 459 54.73 37.78 30.94
N GLY C 460 53.64 37.06 30.72
CA GLY C 460 53.47 36.25 29.52
C GLY C 460 52.30 35.30 29.60
N GLY C 461 51.95 34.67 28.48
CA GLY C 461 50.75 33.87 28.42
C GLY C 461 51.01 32.39 28.23
N ILE C 462 49.96 31.60 28.45
CA ILE C 462 49.95 30.21 28.04
C ILE C 462 48.86 30.02 26.98
N LYS C 463 48.77 28.82 26.42
CA LYS C 463 47.77 28.47 25.40
C LYS C 463 47.83 29.41 24.19
N ARG C 464 46.69 29.82 23.65
CA ARG C 464 46.70 30.66 22.43
C ARG C 464 47.12 32.12 22.67
N SER C 465 47.39 32.46 23.92
CA SER C 465 47.96 33.76 24.27
C SER C 465 49.46 33.79 24.00
N GLY C 466 50.03 32.63 23.71
CA GLY C 466 51.43 32.55 23.30
C GLY C 466 52.33 31.89 24.32
N PHE C 467 53.59 32.34 24.36
CA PHE C 467 54.63 31.75 25.21
C PHE C 467 55.89 32.60 25.22
N GLY C 468 56.78 32.32 26.17
CA GLY C 468 57.89 33.19 26.47
C GLY C 468 57.46 34.17 27.55
N ARG C 469 58.44 34.71 28.27
CA ARG C 469 58.17 35.61 29.36
C ARG C 469 58.99 36.87 29.22
N GLU C 470 58.34 38.00 29.46
CA GLU C 470 59.00 39.29 29.51
C GLU C 470 58.98 39.80 30.93
N LEU C 471 59.72 40.87 31.17
CA LEU C 471 59.88 41.47 32.50
C LEU C 471 60.66 40.59 33.48
N GLY C 472 61.12 41.19 34.57
CA GLY C 472 61.98 40.50 35.53
C GLY C 472 63.27 40.04 34.89
N GLU C 473 63.88 39.02 35.50
CA GLU C 473 65.10 38.43 34.95
C GLU C 473 64.76 37.54 33.74
N TRP C 474 63.48 37.21 33.63
CA TRP C 474 62.93 36.43 32.52
C TRP C 474 63.03 37.18 31.19
N GLY C 475 62.76 38.49 31.23
CA GLY C 475 62.92 39.36 30.07
C GLY C 475 64.36 39.39 29.56
N LEU C 476 65.30 39.37 30.49
CA LEU C 476 66.73 39.26 30.19
C LEU C 476 67.07 37.91 29.52
N GLU C 477 66.63 36.80 30.10
CA GLU C 477 66.90 35.46 29.52
C GLU C 477 66.37 35.32 28.10
N ASN C 478 65.30 36.06 27.78
CA ASN C 478 64.67 36.00 26.48
C ASN C 478 65.61 36.37 25.33
N TYR C 479 66.71 37.05 25.64
CA TYR C 479 67.68 37.50 24.64
C TYR C 479 69.07 36.90 24.89
N LEU C 480 69.15 36.00 25.85
CA LEU C 480 70.38 35.26 26.14
C LEU C 480 70.28 33.81 25.69
N SER C 481 71.38 33.27 25.19
CA SER C 481 71.45 31.85 24.91
C SER C 481 72.51 31.22 25.80
N VAL C 482 72.23 30.04 26.32
CA VAL C 482 73.16 29.34 27.18
C VAL C 482 74.19 28.64 26.34
N LYS C 483 75.45 28.78 26.74
CA LYS C 483 76.55 28.08 26.13
C LYS C 483 77.20 27.20 27.18
N GLN C 484 77.28 25.91 26.90
CA GLN C 484 77.99 24.97 27.75
C GLN C 484 79.45 24.93 27.31
N VAL C 485 80.35 25.10 28.28
CA VAL C 485 81.79 24.96 28.04
C VAL C 485 82.34 23.88 28.97
N THR C 486 82.77 22.76 28.37
CA THR C 486 83.21 21.60 29.12
C THR C 486 84.68 21.30 28.79
N ARG C 487 85.46 21.00 29.83
CA ARG C 487 86.91 20.84 29.72
C ARG C 487 87.37 19.48 30.21
N TYR C 488 88.22 18.83 29.42
CA TYR C 488 88.86 17.59 29.82
C TYR C 488 90.15 17.90 30.58
N THR C 489 90.24 17.38 31.81
CA THR C 489 91.23 17.84 32.79
C THR C 489 92.43 16.90 32.99
N SER C 490 92.19 15.61 33.14
CA SER C 490 93.26 14.64 33.39
C SER C 490 94.16 14.41 32.16
N ASP C 491 95.33 13.83 32.41
CA ASP C 491 96.31 13.56 31.35
C ASP C 491 96.03 12.27 30.58
N GLU C 492 95.37 11.32 31.24
CA GLU C 492 95.15 9.98 30.70
C GLU C 492 94.53 10.01 29.29
N PRO C 493 94.95 9.08 28.40
CA PRO C 493 94.30 8.97 27.08
C PRO C 493 92.83 8.59 27.26
N TRP C 494 91.99 8.96 26.29
CA TRP C 494 90.55 8.70 26.40
C TRP C 494 90.23 7.22 26.64
N GLY C 495 90.92 6.35 25.91
CA GLY C 495 90.88 4.91 26.16
C GLY C 495 89.64 4.19 25.67
N TRP C 496 89.09 4.64 24.55
CA TRP C 496 87.94 3.99 23.96
C TRP C 496 88.35 3.07 22.82
N TYR C 497 89.02 3.66 21.82
CA TYR C 497 89.52 2.91 20.67
C TYR C 497 90.89 2.32 20.96
N GLN C 498 91.18 1.18 20.35
CA GLN C 498 92.49 0.53 20.44
C GLN C 498 93.56 1.34 19.70
N PRO C 499 94.59 1.82 20.42
CA PRO C 499 95.69 2.56 19.77
C PRO C 499 96.48 1.67 18.80
N PRO C 500 96.89 2.22 17.65
CA PRO C 500 97.60 1.49 16.57
C PRO C 500 98.64 0.47 17.05
N SER C 501 98.48 -0.76 16.56
CA SER C 501 99.37 -1.88 16.87
C SER C 501 100.69 -1.76 16.12
N SER D 7 57.21 -8.58 20.12
CA SER D 7 55.94 -8.11 19.50
C SER D 7 55.08 -7.34 20.51
N ARG D 8 55.15 -6.02 20.44
CA ARG D 8 54.38 -5.16 21.32
C ARG D 8 53.32 -4.41 20.53
N GLN D 9 52.36 -3.83 21.24
CA GLN D 9 51.37 -2.98 20.61
C GLN D 9 51.68 -1.51 20.93
N LEU D 10 50.69 -0.65 20.78
CA LEU D 10 50.81 0.74 21.19
C LEU D 10 50.56 0.82 22.70
N PHE D 11 51.24 1.75 23.36
CA PHE D 11 50.98 1.97 24.77
C PHE D 11 50.14 3.23 24.92
N ILE D 12 48.85 3.01 25.15
CA ILE D 12 47.90 4.10 25.32
C ILE D 12 47.14 3.88 26.62
N ASP D 13 46.94 4.95 27.38
CA ASP D 13 46.12 4.93 28.61
C ASP D 13 46.51 3.77 29.54
N GLY D 14 47.80 3.53 29.67
CA GLY D 14 48.32 2.48 30.56
C GLY D 14 48.16 1.05 30.06
N GLU D 15 47.69 0.89 28.82
CA GLU D 15 47.35 -0.43 28.29
C GLU D 15 47.95 -0.65 26.89
N TRP D 16 48.11 -1.92 26.54
CA TRP D 16 48.51 -2.30 25.17
C TRP D 16 47.29 -2.34 24.25
N ARG D 17 47.37 -1.57 23.17
CA ARG D 17 46.29 -1.49 22.19
C ARG D 17 46.82 -1.69 20.79
N VAL D 18 46.14 -2.55 20.02
CA VAL D 18 46.36 -2.68 18.59
C VAL D 18 45.93 -1.37 17.92
N PRO D 19 46.72 -0.86 16.95
CA PRO D 19 46.30 0.28 16.14
C PRO D 19 44.91 0.06 15.54
N ILE D 20 44.09 1.10 15.51
CA ILE D 20 42.71 1.01 15.00
C ILE D 20 42.67 0.40 13.60
N LEU D 21 43.55 0.87 12.72
CA LEU D 21 43.61 0.39 11.33
C LEU D 21 44.46 -0.87 11.22
N ASN D 22 45.00 -1.33 12.35
CA ASN D 22 45.74 -2.60 12.46
C ASN D 22 46.79 -2.83 11.35
N LYS D 23 47.76 -1.93 11.27
CA LYS D 23 48.85 -2.06 10.32
C LYS D 23 50.20 -2.08 11.03
N ARG D 24 51.21 -2.59 10.32
CA ARG D 24 52.52 -2.81 10.92
C ARG D 24 53.64 -2.28 10.03
N ILE D 25 54.80 -2.05 10.63
CA ILE D 25 56.00 -1.58 9.93
C ILE D 25 57.10 -2.61 10.17
N PRO D 26 57.71 -3.13 9.08
CA PRO D 26 58.81 -4.08 9.21
C PRO D 26 60.06 -3.48 9.87
N ASN D 27 60.81 -4.32 10.56
CA ASN D 27 62.07 -3.92 11.17
C ASN D 27 63.24 -4.67 10.54
N ILE D 28 64.25 -3.94 10.08
CA ILE D 28 65.44 -4.52 9.43
C ILE D 28 66.65 -4.50 10.35
N ASN D 29 67.35 -5.64 10.46
CA ASN D 29 68.64 -5.69 11.13
C ASN D 29 69.70 -5.05 10.22
N PRO D 30 70.30 -3.94 10.66
CA PRO D 30 71.24 -3.17 9.84
C PRO D 30 72.52 -3.93 9.43
N SER D 31 72.88 -4.96 10.19
CA SER D 31 74.11 -5.72 9.91
C SER D 31 73.88 -6.96 9.03
N THR D 32 72.65 -7.44 8.93
CA THR D 32 72.33 -8.60 8.08
C THR D 32 71.42 -8.30 6.88
N GLU D 33 70.75 -7.14 6.91
CA GLU D 33 69.79 -6.72 5.86
C GLU D 33 68.46 -7.51 5.89
N ASN D 34 68.24 -8.29 6.94
CA ASN D 34 67.03 -9.10 7.06
C ASN D 34 65.96 -8.47 7.95
N ILE D 35 64.72 -8.89 7.75
CA ILE D 35 63.61 -8.54 8.62
C ILE D 35 63.69 -9.41 9.87
N ILE D 36 63.83 -8.78 11.04
CA ILE D 36 63.91 -9.51 12.32
C ILE D 36 62.72 -9.19 13.26
N GLY D 37 61.72 -8.47 12.75
CA GLY D 37 60.54 -8.15 13.54
C GLY D 37 59.70 -7.06 12.92
N ASP D 38 58.66 -6.64 13.63
CA ASP D 38 57.84 -5.52 13.18
C ASP D 38 57.35 -4.61 14.30
N ILE D 39 56.79 -3.47 13.89
CA ILE D 39 56.44 -2.37 14.77
C ILE D 39 55.01 -1.95 14.46
N PRO D 40 54.19 -1.66 15.50
CA PRO D 40 52.83 -1.16 15.23
C PRO D 40 52.87 0.19 14.51
N ALA D 41 51.91 0.43 13.61
CA ALA D 41 51.87 1.66 12.83
C ALA D 41 50.67 2.51 13.23
N ALA D 42 50.90 3.41 14.18
CA ALA D 42 49.85 4.31 14.64
C ALA D 42 49.45 5.31 13.57
N THR D 43 48.21 5.77 13.67
CA THR D 43 47.59 6.56 12.66
C THR D 43 46.80 7.65 13.40
N LYS D 44 46.25 8.64 12.70
CA LYS D 44 45.57 9.77 13.35
C LYS D 44 44.62 9.37 14.49
N GLU D 45 43.76 8.38 14.26
CA GLU D 45 42.82 7.94 15.29
C GLU D 45 43.48 7.35 16.53
N ASP D 46 44.64 6.70 16.36
CA ASP D 46 45.43 6.22 17.49
C ASP D 46 46.05 7.38 18.28
N VAL D 47 46.56 8.37 17.56
CA VAL D 47 47.15 9.55 18.18
C VAL D 47 46.11 10.31 18.99
N ASP D 48 44.91 10.48 18.42
CA ASP D 48 43.79 11.12 19.12
C ASP D 48 43.51 10.46 20.47
N LEU D 49 43.49 9.13 20.47
CA LEU D 49 43.21 8.37 21.68
C LEU D 49 44.31 8.55 22.72
N ALA D 50 45.56 8.66 22.26
CA ALA D 50 46.72 8.87 23.13
C ALA D 50 46.71 10.26 23.75
N VAL D 51 46.43 11.27 22.94
CA VAL D 51 46.33 12.65 23.43
C VAL D 51 45.17 12.78 24.41
N ASP D 52 44.05 12.12 24.10
CA ASP D 52 42.88 12.11 25.00
C ASP D 52 43.24 11.50 26.35
N ALA D 53 44.00 10.40 26.32
CA ALA D 53 44.46 9.75 27.53
C ALA D 53 45.40 10.65 28.34
N ALA D 54 46.33 11.31 27.66
CA ALA D 54 47.21 12.29 28.30
C ALA D 54 46.43 13.45 28.93
N LYS D 55 45.40 13.93 28.24
CA LYS D 55 44.56 15.01 28.76
C LYS D 55 43.80 14.64 30.04
N ARG D 56 43.16 13.47 30.05
CA ARG D 56 42.44 12.99 31.23
C ARG D 56 43.41 12.78 32.40
N ALA D 57 44.62 12.34 32.09
CA ALA D 57 45.64 12.05 33.09
C ALA D 57 46.03 13.29 33.89
N ILE D 58 46.06 14.46 33.24
CA ILE D 58 46.39 15.67 33.99
C ILE D 58 45.23 16.21 34.81
N SER D 59 44.00 16.12 34.31
CA SER D 59 42.85 16.68 35.03
C SER D 59 42.12 15.70 35.97
N ARG D 60 42.46 14.41 35.88
CA ARG D 60 41.88 13.39 36.76
C ARG D 60 42.08 13.72 38.25
N LYS D 61 40.96 13.84 38.97
CA LYS D 61 40.96 14.13 40.40
C LYS D 61 41.70 15.44 40.73
N ASN D 62 41.46 16.46 39.92
CA ASN D 62 42.10 17.78 40.07
C ASN D 62 43.62 17.76 39.97
N GLY D 63 44.16 16.66 39.45
CA GLY D 63 45.60 16.49 39.28
C GLY D 63 46.31 15.85 40.46
N ARG D 64 45.55 15.45 41.48
CA ARG D 64 46.12 14.92 42.74
C ARG D 64 46.97 13.65 42.58
N ASP D 65 46.65 12.84 41.56
CA ASP D 65 47.40 11.61 41.30
C ASP D 65 48.74 11.84 40.58
N TRP D 66 48.91 13.01 39.94
CA TRP D 66 50.12 13.25 39.17
C TRP D 66 50.54 14.73 38.99
N SER D 67 49.81 15.46 38.15
CA SER D 67 50.21 16.81 37.74
C SER D 67 50.21 17.83 38.89
N ALA D 68 49.23 17.74 39.80
CA ALA D 68 49.16 18.61 40.97
C ALA D 68 49.77 17.95 42.21
N ALA D 69 50.27 16.74 42.04
CA ALA D 69 50.88 16.00 43.14
C ALA D 69 52.21 16.61 43.58
N SER D 70 52.65 16.25 44.78
CA SER D 70 54.00 16.57 45.22
C SER D 70 54.99 15.94 44.24
N GLY D 71 56.07 16.67 43.97
CA GLY D 71 57.14 16.17 43.12
C GLY D 71 57.80 14.95 43.73
N SER D 72 57.69 14.81 45.06
CA SER D 72 58.19 13.64 45.75
C SER D 72 57.42 12.39 45.34
N LEU D 73 56.12 12.55 45.07
CA LEU D 73 55.29 11.46 44.54
C LEU D 73 55.76 11.05 43.15
N ARG D 74 56.05 12.04 42.30
CA ARG D 74 56.53 11.75 40.95
C ARG D 74 57.94 11.16 40.96
N ALA D 75 58.73 11.57 41.95
CA ALA D 75 60.12 11.12 42.10
C ALA D 75 60.20 9.62 42.37
N ARG D 76 59.29 9.12 43.21
CA ARG D 76 59.21 7.70 43.51
C ARG D 76 59.02 6.85 42.24
N TYR D 77 58.11 7.28 41.35
CA TYR D 77 57.85 6.58 40.11
C TYR D 77 59.07 6.59 39.19
N LEU D 78 59.72 7.75 39.10
CA LEU D 78 60.94 7.90 38.30
C LEU D 78 62.07 7.01 38.81
N ARG D 79 62.24 6.97 40.13
CA ARG D 79 63.23 6.08 40.76
C ARG D 79 62.93 4.60 40.52
N ALA D 80 61.64 4.24 40.58
CA ALA D 80 61.23 2.86 40.36
C ALA D 80 61.38 2.45 38.90
N ILE D 81 61.17 3.41 37.99
CA ILE D 81 61.45 3.21 36.57
C ILE D 81 62.94 2.97 36.38
N ALA D 82 63.77 3.85 36.96
CA ALA D 82 65.23 3.76 36.90
C ALA D 82 65.75 2.40 37.35
N ALA D 83 65.24 1.93 38.50
CA ALA D 83 65.67 0.67 39.11
C ALA D 83 65.32 -0.51 38.20
N LYS D 84 64.16 -0.45 37.57
CA LYS D 84 63.68 -1.52 36.70
C LYS D 84 64.45 -1.58 35.39
N ILE D 85 64.87 -0.40 34.89
CA ILE D 85 65.77 -0.33 33.74
C ILE D 85 67.11 -0.99 34.09
N LYS D 86 67.61 -0.69 35.29
CA LYS D 86 68.89 -1.18 35.75
C LYS D 86 68.93 -2.72 35.85
N GLU D 87 67.85 -3.33 36.32
CA GLU D 87 67.76 -4.79 36.41
C GLU D 87 67.92 -5.46 35.04
N LYS D 88 67.29 -4.86 34.03
CA LYS D 88 67.21 -5.45 32.71
C LYS D 88 68.15 -4.76 31.73
N LYS D 89 69.23 -4.17 32.27
CA LYS D 89 70.19 -3.37 31.51
C LYS D 89 70.83 -4.10 30.33
N ASP D 90 71.40 -5.27 30.59
CA ASP D 90 72.11 -6.03 29.57
C ASP D 90 71.17 -6.42 28.44
N GLU D 91 69.97 -6.87 28.81
CA GLU D 91 68.94 -7.29 27.87
C GLU D 91 68.47 -6.16 26.93
N LEU D 92 68.22 -4.99 27.50
CA LEU D 92 67.79 -3.83 26.70
C LEU D 92 68.92 -3.30 25.82
N GLY D 93 70.16 -3.49 26.28
CA GLY D 93 71.35 -3.08 25.55
C GLY D 93 71.54 -3.81 24.23
N LYS D 94 71.52 -5.13 24.27
CA LYS D 94 71.62 -5.92 23.04
C LYS D 94 70.42 -5.67 22.12
N LEU D 95 69.26 -5.44 22.73
CA LEU D 95 68.05 -5.07 22.01
C LEU D 95 68.27 -3.77 21.25
N GLU D 96 68.97 -2.85 21.89
CA GLU D 96 69.31 -1.55 21.29
C GLU D 96 70.31 -1.68 20.14
N SER D 97 71.29 -2.56 20.30
CA SER D 97 72.31 -2.79 19.27
C SER D 97 71.72 -3.41 18.01
N ILE D 98 70.87 -4.42 18.19
CA ILE D 98 70.12 -5.02 17.10
C ILE D 98 69.26 -3.96 16.40
N ASP D 99 68.65 -3.08 17.18
CA ASP D 99 67.67 -2.14 16.66
C ASP D 99 68.26 -0.99 15.84
N CYS D 100 69.35 -0.38 16.31
CA CYS D 100 69.89 0.80 15.62
C CYS D 100 71.26 0.59 14.98
N GLY D 101 72.00 -0.42 15.46
CA GLY D 101 73.25 -0.82 14.83
C GLY D 101 74.53 -0.31 15.50
N LYS D 102 74.39 0.27 16.68
CA LYS D 102 75.54 0.78 17.40
C LYS D 102 76.24 -0.35 18.19
N PRO D 103 77.58 -0.30 18.29
CA PRO D 103 78.31 -1.33 19.04
C PRO D 103 77.73 -1.54 20.44
N LEU D 104 77.66 -2.81 20.86
CA LEU D 104 77.03 -3.19 22.12
C LEU D 104 77.56 -2.41 23.34
N GLU D 105 78.85 -2.09 23.33
CA GLU D 105 79.45 -1.35 24.44
C GLU D 105 78.93 0.08 24.52
N GLU D 106 78.64 0.66 23.37
CA GLU D 106 78.00 1.99 23.28
C GLU D 106 76.56 1.92 23.79
N ALA D 107 75.90 0.80 23.50
CA ALA D 107 74.52 0.60 23.92
C ALA D 107 74.44 0.42 25.42
N LEU D 108 75.40 -0.31 25.99
CA LEU D 108 75.45 -0.49 27.44
C LEU D 108 75.74 0.83 28.18
N ALA D 109 76.54 1.70 27.57
CA ALA D 109 76.82 3.03 28.10
C ALA D 109 75.55 3.90 28.09
N ASP D 110 74.85 3.90 26.96
CA ASP D 110 73.55 4.56 26.80
C ASP D 110 72.60 4.21 27.95
N LEU D 111 72.54 2.92 28.28
CA LEU D 111 71.66 2.45 29.35
C LEU D 111 72.04 2.92 30.75
N ASP D 112 73.34 2.92 31.06
CA ASP D 112 73.82 3.53 32.31
C ASP D 112 73.32 4.97 32.39
N ASP D 113 73.41 5.68 31.26
CA ASP D 113 72.98 7.07 31.17
C ASP D 113 71.46 7.23 31.33
N VAL D 114 70.71 6.27 30.78
CA VAL D 114 69.25 6.23 30.94
C VAL D 114 68.88 6.19 32.43
N VAL D 115 69.48 5.24 33.14
CA VAL D 115 69.30 5.09 34.59
C VAL D 115 69.62 6.39 35.33
N ALA D 116 70.79 6.95 35.04
CA ALA D 116 71.27 8.16 35.70
C ALA D 116 70.38 9.37 35.40
N CYS D 117 69.82 9.41 34.20
CA CYS D 117 68.92 10.49 33.80
C CYS D 117 67.62 10.45 34.59
N PHE D 118 67.01 9.26 34.70
CA PHE D 118 65.81 9.09 35.52
C PHE D 118 66.06 9.42 36.98
N GLU D 119 67.19 8.95 37.51
CA GLU D 119 67.58 9.23 38.90
C GLU D 119 67.90 10.70 39.13
N TYR D 120 68.52 11.34 38.14
CA TYR D 120 68.82 12.76 38.24
C TYR D 120 67.53 13.59 38.34
N TYR D 121 66.55 13.27 37.49
CA TYR D 121 65.32 14.08 37.45
C TYR D 121 64.35 13.75 38.57
N ALA D 122 64.46 12.55 39.11
CA ALA D 122 63.79 12.20 40.35
C ALA D 122 64.28 13.14 41.46
N GLY D 123 65.60 13.33 41.50
CA GLY D 123 66.24 14.22 42.48
C GLY D 123 65.72 15.63 42.39
N LEU D 124 65.59 16.13 41.16
CA LEU D 124 65.03 17.46 40.90
C LEU D 124 63.51 17.53 41.16
N ALA D 125 62.82 16.41 41.00
CA ALA D 125 61.37 16.37 41.22
C ALA D 125 61.02 16.60 42.69
N GLU D 126 61.77 15.97 43.59
CA GLU D 126 61.52 16.13 45.02
C GLU D 126 62.11 17.41 45.62
N GLU D 127 62.86 18.15 44.81
CA GLU D 127 63.33 19.46 45.20
C GLU D 127 62.39 20.55 44.64
N LEU D 128 61.49 20.15 43.77
CA LEU D 128 60.58 21.07 43.10
C LEU D 128 59.56 21.73 44.03
N ASP D 129 59.09 20.99 45.04
CA ASP D 129 58.14 21.55 46.02
C ASP D 129 58.69 22.79 46.72
N SER D 130 59.95 22.73 47.14
CA SER D 130 60.60 23.83 47.84
C SER D 130 60.77 25.09 46.97
N LYS D 131 60.74 24.92 45.65
CA LYS D 131 60.87 26.05 44.71
C LYS D 131 59.54 26.76 44.41
N GLN D 132 58.43 26.22 44.92
CA GLN D 132 57.12 26.83 44.72
C GLN D 132 56.93 28.07 45.58
N LYS D 133 56.16 29.03 45.08
CA LYS D 133 55.88 30.30 45.77
C LYS D 133 57.15 31.09 46.12
N ALA D 134 58.05 31.20 45.13
CA ALA D 134 59.27 31.98 45.28
C ALA D 134 58.93 33.45 45.14
N PRO D 135 59.17 34.24 46.22
CA PRO D 135 58.77 35.64 46.26
C PRO D 135 59.52 36.50 45.24
N ILE D 136 58.80 37.44 44.64
CA ILE D 136 59.40 38.49 43.85
C ILE D 136 59.28 39.73 44.72
N SER D 137 60.42 40.32 45.08
CA SER D 137 60.40 41.51 45.94
C SER D 137 60.00 42.75 45.14
N LEU D 138 58.94 43.41 45.61
CA LEU D 138 58.37 44.56 44.93
C LEU D 138 58.77 45.87 45.62
N PRO D 139 58.83 46.98 44.85
CA PRO D 139 59.07 48.30 45.47
C PRO D 139 57.86 48.75 46.30
N MET D 140 56.68 48.76 45.67
CA MET D 140 55.42 49.14 46.31
C MET D 140 55.02 48.08 47.32
N ASP D 141 54.87 48.47 48.59
CA ASP D 141 54.53 47.52 49.66
C ASP D 141 53.03 47.21 49.77
N THR D 142 52.24 47.80 48.87
CA THR D 142 50.80 47.52 48.77
C THR D 142 50.50 46.24 47.97
N PHE D 143 51.55 45.65 47.40
CA PHE D 143 51.42 44.42 46.61
C PHE D 143 52.38 43.33 47.08
N LYS D 144 52.01 42.08 46.79
CA LYS D 144 52.77 40.90 47.20
C LYS D 144 52.82 39.96 46.00
N SER D 145 54.01 39.53 45.60
CA SER D 145 54.17 38.75 44.38
C SER D 145 55.03 37.49 44.55
N TYR D 146 54.61 36.42 43.88
CA TYR D 146 55.41 35.20 43.79
C TYR D 146 55.18 34.42 42.49
N ILE D 147 56.00 33.39 42.28
CA ILE D 147 55.89 32.57 41.07
C ILE D 147 55.48 31.14 41.38
N LEU D 148 54.65 30.58 40.50
CA LEU D 148 54.36 29.15 40.53
C LEU D 148 54.95 28.49 39.29
N LYS D 149 55.54 27.32 39.49
CA LYS D 149 56.11 26.54 38.42
C LYS D 149 55.19 25.35 38.12
N GLU D 150 54.38 25.49 37.06
CA GLU D 150 53.37 24.49 36.73
C GLU D 150 53.76 23.68 35.52
N PRO D 151 53.28 22.42 35.43
CA PRO D 151 53.48 21.65 34.20
C PRO D 151 52.92 22.38 32.97
N ILE D 152 53.62 22.31 31.85
CA ILE D 152 53.14 22.91 30.61
C ILE D 152 51.88 22.18 30.09
N GLY D 153 51.74 20.90 30.44
CA GLY D 153 50.51 20.13 30.19
C GLY D 153 50.76 18.85 29.43
N VAL D 154 50.12 18.72 28.27
CA VAL D 154 50.29 17.54 27.42
C VAL D 154 51.44 17.78 26.43
N VAL D 155 52.45 16.92 26.50
CA VAL D 155 53.65 17.13 25.70
C VAL D 155 53.89 16.02 24.69
N ALA D 156 54.22 16.45 23.47
CA ALA D 156 54.54 15.53 22.38
C ALA D 156 56.04 15.45 22.23
N LEU D 157 56.57 14.25 22.43
CA LEU D 157 58.01 14.01 22.44
C LEU D 157 58.40 13.16 21.23
N ILE D 158 59.05 13.78 20.25
CA ILE D 158 59.44 13.12 19.00
C ILE D 158 60.95 12.95 18.93
N THR D 159 61.40 11.69 18.94
CA THR D 159 62.80 11.35 19.19
C THR D 159 63.46 10.62 18.02
N PRO D 160 64.79 10.75 17.87
CA PRO D 160 65.48 10.16 16.73
C PRO D 160 65.96 8.73 17.00
N TRP D 161 66.53 8.10 15.98
CA TRP D 161 66.89 6.68 16.05
C TRP D 161 68.33 6.42 16.52
N ASN D 162 69.15 7.45 16.57
CA ASN D 162 70.57 7.29 16.86
C ASN D 162 70.88 6.94 18.32
N TYR D 163 70.18 7.57 19.26
CA TYR D 163 70.24 7.17 20.66
C TYR D 163 68.82 6.87 21.14
N PRO D 164 68.24 5.75 20.68
CA PRO D 164 66.80 5.52 20.81
C PRO D 164 66.28 5.67 22.25
N PHE D 165 66.87 4.92 23.18
CA PHE D 165 66.41 4.93 24.56
C PHE D 165 66.83 6.18 25.33
N LEU D 166 68.04 6.66 25.08
CA LEU D 166 68.56 7.82 25.78
C LEU D 166 67.88 9.14 25.38
N MET D 167 67.63 9.31 24.08
CA MET D 167 66.94 10.52 23.59
C MET D 167 65.50 10.58 24.07
N ALA D 168 64.82 9.43 24.06
CA ALA D 168 63.50 9.33 24.67
C ALA D 168 63.57 9.76 26.14
N THR D 169 64.55 9.21 26.86
CA THR D 169 64.75 9.49 28.28
C THR D 169 65.07 10.97 28.59
N TRP D 170 65.87 11.60 27.73
CA TRP D 170 66.19 13.02 27.86
C TRP D 170 64.94 13.88 27.89
N LYS D 171 63.88 13.42 27.23
CA LYS D 171 62.65 14.19 27.14
C LYS D 171 61.63 13.76 28.19
N ILE D 172 61.43 12.45 28.35
CA ILE D 172 60.37 11.97 29.24
C ILE D 172 60.69 12.18 30.73
N ALA D 173 61.95 11.98 31.12
CA ALA D 173 62.33 12.14 32.53
C ALA D 173 62.08 13.55 33.10
N PRO D 174 62.54 14.62 32.41
CA PRO D 174 62.17 15.95 32.90
C PRO D 174 60.68 16.28 32.78
N ALA D 175 60.03 15.81 31.71
CA ALA D 175 58.60 16.08 31.52
C ALA D 175 57.75 15.44 32.62
N LEU D 176 58.06 14.19 32.98
CA LEU D 176 57.37 13.51 34.06
C LEU D 176 57.63 14.18 35.40
N ALA D 177 58.91 14.44 35.69
CA ALA D 177 59.30 15.23 36.88
C ALA D 177 58.54 16.54 36.96
N ALA D 178 58.35 17.21 35.82
CA ALA D 178 57.60 18.48 35.76
C ALA D 178 56.10 18.34 36.06
N GLY D 179 55.54 17.15 35.85
CA GLY D 179 54.12 16.88 36.11
C GLY D 179 53.30 16.82 34.83
N CYS D 180 53.99 16.68 33.70
CA CYS D 180 53.35 16.57 32.41
C CYS D 180 52.86 15.14 32.14
N ALA D 181 51.92 15.04 31.19
CA ALA D 181 51.57 13.77 30.59
C ALA D 181 52.16 13.79 29.18
N ALA D 182 52.80 12.69 28.79
CA ALA D 182 53.57 12.66 27.56
C ALA D 182 53.05 11.65 26.54
N ILE D 183 53.15 12.02 25.26
CA ILE D 183 53.05 11.07 24.17
C ILE D 183 54.39 11.03 23.46
N LEU D 184 55.08 9.89 23.57
CA LEU D 184 56.34 9.65 22.89
C LEU D 184 56.06 9.08 21.50
N LYS D 185 56.77 9.62 20.51
CA LYS D 185 56.75 9.12 19.15
C LYS D 185 58.19 8.80 18.79
N PRO D 186 58.62 7.54 18.99
CA PRO D 186 59.98 7.18 18.61
C PRO D 186 60.09 6.98 17.09
N SER D 187 61.32 6.95 16.59
CA SER D 187 61.57 6.74 15.17
C SER D 187 61.17 5.32 14.76
N GLU D 188 60.53 5.20 13.59
CA GLU D 188 60.14 3.91 13.03
C GLU D 188 61.35 2.98 12.85
N LEU D 189 62.53 3.55 12.74
CA LEU D 189 63.75 2.78 12.54
C LEU D 189 64.25 2.14 13.83
N ALA D 190 63.94 2.72 14.98
CA ALA D 190 64.37 2.16 16.26
C ALA D 190 63.39 2.47 17.39
N SER D 191 62.42 1.57 17.58
CA SER D 191 61.34 1.75 18.55
C SER D 191 61.27 0.70 19.65
N VAL D 192 62.11 -0.34 19.60
CA VAL D 192 61.91 -1.51 20.47
C VAL D 192 62.11 -1.20 21.96
N THR D 193 63.21 -0.53 22.30
CA THR D 193 63.47 -0.23 23.72
C THR D 193 62.47 0.77 24.29
N CYS D 194 62.00 1.67 23.42
CA CYS D 194 60.94 2.61 23.77
C CYS D 194 59.63 1.89 24.06
N LEU D 195 59.33 0.83 23.32
CA LEU D 195 58.14 0.03 23.60
C LEU D 195 58.28 -0.80 24.89
N GLU D 196 59.50 -1.25 25.18
CA GLU D 196 59.77 -1.98 26.42
C GLU D 196 59.56 -1.10 27.66
N LEU D 197 59.75 0.22 27.48
CA LEU D 197 59.50 1.20 28.53
C LEU D 197 58.04 1.19 28.98
N GLY D 198 57.13 0.97 28.04
CA GLY D 198 55.71 0.87 28.34
C GLY D 198 55.39 -0.26 29.31
N GLU D 199 56.08 -1.38 29.15
CA GLU D 199 55.90 -2.52 30.04
C GLU D 199 56.44 -2.18 31.43
N ILE D 200 57.57 -1.48 31.48
CA ILE D 200 58.14 -0.99 32.73
C ILE D 200 57.16 -0.06 33.47
N CYS D 201 56.54 0.88 32.76
CA CYS D 201 55.51 1.76 33.33
C CYS D 201 54.37 0.97 33.96
N LYS D 202 53.98 -0.09 33.26
CA LYS D 202 52.92 -0.97 33.70
C LYS D 202 53.28 -1.66 35.01
N GLU D 203 54.49 -2.21 35.09
CA GLU D 203 54.96 -2.90 36.29
C GLU D 203 55.10 -1.93 37.46
N VAL D 204 55.59 -0.74 37.16
CA VAL D 204 55.77 0.32 38.14
C VAL D 204 54.43 0.92 38.61
N GLY D 205 53.35 0.70 37.86
CA GLY D 205 52.03 1.20 38.23
C GLY D 205 51.89 2.70 38.01
N LEU D 206 52.58 3.21 36.99
CA LEU D 206 52.51 4.61 36.60
C LEU D 206 51.07 4.98 36.24
N PRO D 207 50.56 6.10 36.78
CA PRO D 207 49.15 6.46 36.53
C PRO D 207 48.85 6.42 35.04
N ARG D 208 47.74 5.77 34.67
CA ARG D 208 47.42 5.61 33.26
C ARG D 208 47.31 6.96 32.54
N GLY D 209 47.84 7.02 31.32
CA GLY D 209 47.79 8.24 30.50
C GLY D 209 48.95 9.21 30.70
N VAL D 210 49.79 8.95 31.70
CA VAL D 210 50.93 9.81 31.98
C VAL D 210 52.00 9.67 30.89
N LEU D 211 52.27 8.43 30.49
CA LEU D 211 53.15 8.16 29.36
C LEU D 211 52.45 7.28 28.35
N ASN D 212 52.33 7.79 27.13
CA ASN D 212 51.78 7.06 26.01
C ASN D 212 52.83 6.93 24.92
N ILE D 213 52.93 5.74 24.33
CA ILE D 213 53.91 5.47 23.29
C ILE D 213 53.21 5.08 21.99
N VAL D 214 53.36 5.93 20.98
CA VAL D 214 52.65 5.78 19.72
C VAL D 214 53.70 5.71 18.61
N THR D 215 53.99 4.48 18.18
CA THR D 215 54.98 4.21 17.12
C THR D 215 54.33 4.30 15.75
N GLY D 216 55.14 4.59 14.73
CA GLY D 216 54.63 4.69 13.37
C GLY D 216 55.46 5.55 12.44
N LEU D 217 54.94 5.76 11.24
CA LEU D 217 55.60 6.60 10.24
C LEU D 217 55.59 8.07 10.65
N GLY D 218 56.73 8.73 10.45
CA GLY D 218 56.89 10.16 10.74
C GLY D 218 55.80 11.04 10.15
N HIS D 219 55.42 10.79 8.90
CA HIS D 219 54.44 11.63 8.20
C HIS D 219 52.99 11.26 8.52
N GLU D 220 52.82 10.21 9.32
CA GLU D 220 51.51 9.69 9.68
C GLU D 220 51.31 9.97 11.18
N ALA D 221 51.90 9.12 12.00
CA ALA D 221 51.83 9.27 13.46
C ALA D 221 52.40 10.60 13.95
N GLY D 222 53.64 10.91 13.56
CA GLY D 222 54.32 12.14 13.97
C GLY D 222 53.60 13.41 13.58
N ALA D 223 53.18 13.48 12.31
CA ALA D 223 52.42 14.62 11.82
C ALA D 223 51.08 14.80 12.53
N SER D 224 50.38 13.69 12.78
CA SER D 224 49.11 13.73 13.52
C SER D 224 49.33 14.24 14.94
N LEU D 225 50.44 13.81 15.54
CA LEU D 225 50.80 14.19 16.89
C LEU D 225 51.15 15.67 17.00
N ALA D 226 52.01 16.14 16.10
CA ALA D 226 52.43 17.54 16.08
C ALA D 226 51.28 18.48 15.73
N SER D 227 50.33 17.98 14.93
CA SER D 227 49.16 18.73 14.50
C SER D 227 48.05 18.81 15.54
N HIS D 228 48.09 17.94 16.54
CA HIS D 228 46.97 17.84 17.48
C HIS D 228 46.72 19.12 18.28
N PRO D 229 45.46 19.60 18.30
CA PRO D 229 45.11 20.85 18.98
C PRO D 229 45.15 20.81 20.51
N ASP D 230 45.20 19.61 21.10
CA ASP D 230 45.27 19.49 22.56
C ASP D 230 46.67 19.21 23.08
N VAL D 231 47.66 19.19 22.18
CA VAL D 231 49.06 19.12 22.59
C VAL D 231 49.50 20.53 23.02
N ASP D 232 50.04 20.65 24.23
CA ASP D 232 50.44 21.96 24.74
C ASP D 232 51.84 22.40 24.27
N LYS D 233 52.73 21.44 24.05
CA LYS D 233 54.13 21.72 23.72
C LYS D 233 54.72 20.57 22.92
N ILE D 234 55.55 20.88 21.93
CA ILE D 234 56.26 19.84 21.18
C ILE D 234 57.77 19.93 21.37
N SER D 235 58.38 18.80 21.76
CA SER D 235 59.83 18.69 21.87
C SER D 235 60.36 17.75 20.79
N PHE D 236 61.32 18.22 19.99
CA PHE D 236 61.75 17.48 18.80
C PHE D 236 63.27 17.43 18.61
N THR D 237 63.81 16.22 18.53
CA THR D 237 65.17 16.00 18.06
C THR D 237 65.12 15.20 16.75
N GLY D 238 65.76 15.73 15.72
CA GLY D 238 65.73 15.11 14.39
C GLY D 238 66.29 16.02 13.33
N SER D 239 65.95 15.75 12.08
CA SER D 239 66.52 16.47 10.94
C SER D 239 66.03 17.91 10.84
N SER D 240 66.89 18.76 10.26
CA SER D 240 66.62 20.18 10.10
C SER D 240 65.35 20.49 9.30
N ALA D 241 65.05 19.65 8.31
CA ALA D 241 63.89 19.85 7.44
C ALA D 241 62.57 19.49 8.13
N THR D 242 62.58 18.40 8.90
CA THR D 242 61.41 18.01 9.67
C THR D 242 61.15 18.98 10.81
N GLY D 243 62.23 19.45 11.44
CA GLY D 243 62.13 20.50 12.47
C GLY D 243 61.35 21.70 11.99
N SER D 244 61.64 22.14 10.77
CA SER D 244 60.96 23.28 10.18
C SER D 244 59.48 22.97 9.96
N LYS D 245 59.19 21.77 9.48
CA LYS D 245 57.80 21.29 9.32
C LYS D 245 57.04 21.26 10.65
N ILE D 246 57.71 20.84 11.71
CA ILE D 246 57.13 20.78 13.06
C ILE D 246 56.73 22.18 13.56
N MET D 247 57.65 23.13 13.45
CA MET D 247 57.42 24.48 13.93
C MET D 247 56.33 25.15 13.12
N THR D 248 56.32 24.87 11.82
CA THR D 248 55.30 25.38 10.90
C THR D 248 53.92 24.89 11.29
N THR D 249 53.85 23.63 11.73
CA THR D 249 52.59 23.07 12.23
C THR D 249 52.23 23.68 13.59
N ALA D 250 53.22 23.76 14.48
CA ALA D 250 53.03 24.39 15.80
C ALA D 250 52.47 25.80 15.68
N ALA D 251 52.96 26.53 14.67
CA ALA D 251 52.56 27.91 14.42
C ALA D 251 51.08 28.09 14.11
N GLN D 252 50.44 27.06 13.56
CA GLN D 252 49.00 27.11 13.26
C GLN D 252 48.17 27.43 14.50
N LEU D 253 48.61 26.92 15.66
CA LEU D 253 47.93 27.18 16.93
C LEU D 253 48.89 27.78 17.97
N VAL D 254 49.98 28.39 17.47
CA VAL D 254 50.96 29.08 18.31
C VAL D 254 51.40 28.23 19.51
N LYS D 255 51.86 27.01 19.20
CA LYS D 255 52.29 26.10 20.24
C LYS D 255 53.80 26.17 20.38
N PRO D 256 54.30 26.26 21.62
CA PRO D 256 55.76 26.32 21.82
C PRO D 256 56.45 25.03 21.39
N VAL D 257 57.61 25.18 20.75
CA VAL D 257 58.48 24.05 20.44
C VAL D 257 59.88 24.20 21.05
N SER D 258 60.56 23.07 21.23
CA SER D 258 61.99 23.05 21.43
C SER D 258 62.56 22.15 20.33
N LEU D 259 63.61 22.64 19.67
CA LEU D 259 64.17 21.96 18.52
C LEU D 259 65.67 21.75 18.67
N GLU D 260 66.08 20.48 18.59
CA GLU D 260 67.49 20.13 18.54
C GLU D 260 67.68 19.44 17.19
N LEU D 261 68.29 20.15 16.26
CA LEU D 261 68.36 19.70 14.88
C LEU D 261 69.77 19.20 14.57
N GLY D 262 70.10 19.09 13.29
CA GLY D 262 71.43 18.62 12.90
C GLY D 262 72.57 19.57 13.24
N GLY D 263 73.75 19.25 12.72
CA GLY D 263 74.93 20.05 12.94
C GLY D 263 76.02 19.84 11.90
N LYS D 264 77.09 20.59 12.07
CA LYS D 264 78.32 20.41 11.31
C LYS D 264 79.39 21.01 12.22
N SER D 265 79.66 20.31 13.31
CA SER D 265 80.49 20.83 14.39
C SER D 265 81.96 20.80 14.03
N PRO D 266 82.72 21.85 14.41
CA PRO D 266 84.14 21.90 14.13
C PRO D 266 85.03 21.44 15.29
N ILE D 267 86.13 20.78 14.96
CA ILE D 267 87.19 20.50 15.92
C ILE D 267 88.46 21.24 15.46
N VAL D 268 88.92 22.15 16.30
CA VAL D 268 90.09 22.98 16.00
C VAL D 268 91.31 22.49 16.76
N VAL D 269 92.34 22.10 16.03
CA VAL D 269 93.56 21.55 16.63
C VAL D 269 94.77 22.46 16.39
N PHE D 270 95.28 23.06 17.47
CA PHE D 270 96.50 23.88 17.42
C PHE D 270 97.74 23.02 17.58
N GLU D 271 98.92 23.63 17.39
CA GLU D 271 100.18 22.90 17.37
C GLU D 271 100.64 22.38 18.75
N ASP D 272 100.31 23.11 19.80
CA ASP D 272 100.71 22.75 21.17
C ASP D 272 99.85 21.61 21.71
N VAL D 273 100.01 20.45 21.09
CA VAL D 273 99.10 19.32 21.29
C VAL D 273 99.82 17.98 21.34
N ASP D 274 99.37 17.10 22.24
CA ASP D 274 99.80 15.70 22.25
C ASP D 274 99.12 14.98 21.09
N LEU D 275 99.80 14.95 19.94
CA LEU D 275 99.22 14.46 18.68
C LEU D 275 98.65 13.04 18.75
N ASP D 276 99.00 12.31 19.82
CA ASP D 276 98.55 10.93 19.99
C ASP D 276 97.22 10.89 20.75
N LYS D 277 97.12 11.71 21.79
CA LYS D 277 95.96 11.74 22.67
C LYS D 277 94.73 12.44 22.07
N VAL D 278 94.97 13.47 21.26
CA VAL D 278 93.84 14.18 20.62
C VAL D 278 93.40 13.50 19.33
N ALA D 279 94.21 12.59 18.81
CA ALA D 279 93.86 11.80 17.62
C ALA D 279 92.65 10.93 17.94
N GLU D 280 92.68 10.28 19.11
CA GLU D 280 91.54 9.51 19.60
C GLU D 280 90.29 10.38 19.72
N TRP D 281 90.43 11.57 20.30
CA TRP D 281 89.30 12.49 20.48
C TRP D 281 88.65 12.87 19.14
N THR D 282 89.48 13.22 18.16
CA THR D 282 89.01 13.53 16.82
C THR D 282 88.31 12.34 16.18
N VAL D 283 88.90 11.15 16.36
CA VAL D 283 88.32 9.90 15.86
C VAL D 283 86.98 9.63 16.55
N PHE D 284 86.96 9.80 17.87
CA PHE D 284 85.76 9.65 18.68
C PHE D 284 84.68 10.63 18.26
N GLY D 285 85.08 11.89 18.07
CA GLY D 285 84.15 12.98 17.78
C GLY D 285 83.47 12.90 16.43
N CYS D 286 83.91 11.98 15.58
CA CYS D 286 83.34 11.85 14.24
C CYS D 286 82.84 10.43 13.94
N PHE D 287 83.41 9.43 14.60
CA PHE D 287 83.12 8.03 14.26
C PHE D 287 82.26 7.29 15.28
N PHE D 288 82.14 7.84 16.49
CA PHE D 288 81.32 7.27 17.55
C PHE D 288 79.86 7.15 17.07
N THR D 289 79.16 6.12 17.55
CA THR D 289 77.79 5.81 17.11
C THR D 289 77.69 5.71 15.58
N ASN D 290 78.76 5.18 14.97
CA ASN D 290 78.89 5.06 13.50
C ASN D 290 78.74 6.41 12.78
N GLY D 291 79.16 7.48 13.46
CA GLY D 291 79.12 8.83 12.89
C GLY D 291 77.75 9.50 12.90
N GLN D 292 76.77 8.81 13.49
CA GLN D 292 75.40 9.31 13.52
C GLN D 292 75.15 10.11 14.80
N ILE D 293 75.92 11.18 14.97
CA ILE D 293 75.79 12.04 16.14
C ILE D 293 75.34 13.42 15.67
N CYS D 294 74.34 13.98 16.34
CA CYS D 294 73.89 15.34 16.07
C CYS D 294 75.03 16.34 16.23
N SER D 295 75.83 16.16 17.27
CA SER D 295 76.95 17.05 17.58
C SER D 295 78.29 16.53 17.08
N ALA D 296 78.26 15.68 16.05
CA ALA D 296 79.49 15.11 15.49
C ALA D 296 80.43 16.21 15.01
N THR D 297 81.66 16.19 15.52
CA THR D 297 82.70 17.09 15.03
C THR D 297 83.24 16.55 13.70
N SER D 298 82.49 16.86 12.64
CA SER D 298 82.73 16.29 11.33
C SER D 298 83.65 17.14 10.45
N ARG D 299 83.96 18.35 10.92
CA ARG D 299 84.90 19.25 10.23
C ARG D 299 86.17 19.42 11.06
N LEU D 300 87.28 18.91 10.55
CA LEU D 300 88.58 19.10 11.19
C LEU D 300 89.22 20.38 10.68
N ILE D 301 89.77 21.14 11.61
CA ILE D 301 90.52 22.36 11.29
C ILE D 301 91.89 22.24 11.98
N VAL D 302 92.90 21.90 11.18
CA VAL D 302 94.25 21.63 11.71
C VAL D 302 95.20 22.75 11.34
N HIS D 303 96.12 23.05 12.25
CA HIS D 303 97.18 24.01 11.99
C HIS D 303 98.16 23.37 11.02
N GLU D 304 98.55 24.13 10.00
CA GLU D 304 99.40 23.64 8.91
C GLU D 304 100.71 22.95 9.33
N SER D 305 101.27 23.40 10.46
CA SER D 305 102.57 22.88 10.95
C SER D 305 102.55 21.40 11.38
N ILE D 306 101.35 20.86 11.62
CA ILE D 306 101.21 19.44 11.98
C ILE D 306 100.24 18.69 11.05
N ALA D 307 99.52 19.45 10.24
CA ALA D 307 98.46 18.92 9.37
C ALA D 307 98.84 17.63 8.64
N VAL D 308 100.05 17.60 8.09
CA VAL D 308 100.56 16.45 7.33
C VAL D 308 100.76 15.20 8.21
N GLU D 309 101.29 15.39 9.41
CA GLU D 309 101.59 14.27 10.31
C GLU D 309 100.46 13.89 11.27
N PHE D 310 99.54 14.82 11.49
CA PHE D 310 98.37 14.57 12.34
C PHE D 310 97.36 13.68 11.62
N VAL D 311 96.92 14.14 10.44
CA VAL D 311 96.03 13.37 9.56
C VAL D 311 96.58 11.96 9.35
N ASP D 312 97.91 11.86 9.30
CA ASP D 312 98.64 10.60 9.18
C ASP D 312 98.35 9.66 10.36
N LYS D 313 98.34 10.22 11.57
CA LYS D 313 98.03 9.46 12.78
C LYS D 313 96.55 9.05 12.84
N LEU D 314 95.68 9.92 12.35
CA LEU D 314 94.24 9.65 12.25
C LEU D 314 93.94 8.39 11.45
N VAL D 315 94.66 8.22 10.34
CA VAL D 315 94.54 7.06 9.47
C VAL D 315 94.74 5.75 10.22
N LYS D 316 95.77 5.70 11.06
CA LYS D 316 96.12 4.47 11.76
C LYS D 316 95.19 4.14 12.94
N TRP D 317 94.59 5.15 13.54
CA TRP D 317 93.52 4.94 14.52
C TRP D 317 92.26 4.43 13.80
N ALA D 318 91.93 5.07 12.69
CA ALA D 318 90.74 4.75 11.89
C ALA D 318 90.75 3.32 11.33
N GLU D 319 91.93 2.84 10.96
CA GLU D 319 92.10 1.51 10.38
C GLU D 319 92.31 0.41 11.42
N ASN D 320 92.44 0.81 12.69
CA ASN D 320 92.56 -0.16 13.79
C ASN D 320 91.21 -0.48 14.44
N ILE D 321 90.17 0.23 14.00
CA ILE D 321 88.81 0.07 14.52
C ILE D 321 88.16 -1.20 14.01
N LYS D 322 87.85 -2.13 14.92
CA LYS D 322 87.17 -3.36 14.56
C LYS D 322 85.76 -3.06 14.05
N ILE D 323 85.55 -3.29 12.75
CA ILE D 323 84.28 -3.05 12.10
C ILE D 323 83.52 -4.37 11.91
N SER D 324 82.61 -4.66 12.84
CA SER D 324 81.88 -5.93 12.85
C SER D 324 80.41 -5.77 13.27
N ASP D 325 79.70 -6.91 13.34
CA ASP D 325 78.36 -6.99 13.89
C ASP D 325 78.38 -6.45 15.33
N PRO D 326 77.42 -5.56 15.67
CA PRO D 326 77.40 -4.85 16.97
C PRO D 326 77.36 -5.76 18.19
N LEU D 327 76.96 -7.02 18.01
CA LEU D 327 76.90 -7.98 19.12
C LEU D 327 78.22 -8.73 19.34
N GLU D 328 79.20 -8.50 18.45
CA GLU D 328 80.47 -9.21 18.49
C GLU D 328 81.47 -8.52 19.43
N GLU D 329 82.28 -9.32 20.11
CA GLU D 329 83.24 -8.82 21.11
C GLU D 329 84.28 -7.89 20.52
N GLY D 330 84.49 -6.75 21.18
CA GLY D 330 85.50 -5.78 20.76
C GLY D 330 85.08 -4.85 19.63
N CYS D 331 83.82 -4.98 19.20
CA CYS D 331 83.29 -4.16 18.11
C CYS D 331 83.38 -2.66 18.40
N ARG D 332 84.08 -1.94 17.55
CA ARG D 332 84.25 -0.49 17.71
C ARG D 332 83.53 0.32 16.64
N LEU D 333 82.92 -0.36 15.68
CA LEU D 333 82.09 0.30 14.67
C LEU D 333 81.02 -0.64 14.12
N GLY D 334 79.78 -0.16 14.10
CA GLY D 334 78.66 -0.92 13.57
C GLY D 334 78.25 -0.43 12.19
N PRO D 335 77.11 -0.93 11.69
CA PRO D 335 76.58 -0.52 10.40
C PRO D 335 75.69 0.72 10.48
N ILE D 336 75.44 1.33 9.32
CA ILE D 336 74.49 2.42 9.20
C ILE D 336 73.08 1.85 9.46
N VAL D 337 72.21 2.69 10.02
CA VAL D 337 70.91 2.28 10.53
C VAL D 337 69.97 1.64 9.49
N SER D 338 69.96 2.18 8.28
CA SER D 338 69.06 1.71 7.23
C SER D 338 69.72 1.68 5.85
N GLU D 339 69.01 1.14 4.86
CA GLU D 339 69.47 1.14 3.48
C GLU D 339 69.48 2.55 2.89
N ALA D 340 68.38 3.27 3.08
CA ALA D 340 68.24 4.65 2.59
C ALA D 340 69.34 5.56 3.13
N GLN D 341 69.73 5.32 4.38
CA GLN D 341 70.79 6.09 5.03
C GLN D 341 72.17 5.67 4.56
N TYR D 342 72.34 4.38 4.31
CA TYR D 342 73.57 3.82 3.77
C TYR D 342 73.88 4.44 2.41
N LYS D 343 72.86 4.46 1.54
CA LYS D 343 73.00 5.01 0.19
C LYS D 343 73.22 6.52 0.18
N LYS D 344 72.75 7.21 1.21
CA LYS D 344 72.97 8.65 1.35
C LYS D 344 74.35 8.98 1.90
N VAL D 345 74.85 8.12 2.80
CA VAL D 345 76.22 8.27 3.32
C VAL D 345 77.24 8.03 2.21
N LEU D 346 76.97 7.04 1.35
CA LEU D 346 77.82 6.74 0.21
C LEU D 346 77.79 7.82 -0.86
N ASN D 347 76.63 8.45 -1.05
CA ASN D 347 76.48 9.51 -2.05
C ASN D 347 77.22 10.79 -1.71
N CYS D 348 77.42 11.04 -0.41
CA CYS D 348 78.21 12.19 0.05
C CYS D 348 79.69 11.94 -0.17
N ILE D 349 80.11 10.69 0.03
CA ILE D 349 81.49 10.25 -0.21
C ILE D 349 81.84 10.34 -1.70
N SER D 350 80.94 9.85 -2.55
CA SER D 350 81.16 9.90 -4.00
C SER D 350 81.01 11.32 -4.56
N SER D 351 80.39 12.21 -3.77
CA SER D 351 80.33 13.63 -4.12
C SER D 351 81.65 14.31 -3.80
N ALA D 352 82.37 13.77 -2.82
CA ALA D 352 83.67 14.30 -2.43
C ALA D 352 84.65 14.23 -3.60
N LYS D 353 84.75 13.05 -4.20
CA LYS D 353 85.53 12.85 -5.42
C LYS D 353 85.01 13.76 -6.56
N SER D 354 83.70 13.71 -6.79
CA SER D 354 83.06 14.44 -7.89
C SER D 354 83.21 15.97 -7.82
N GLU D 355 83.80 16.47 -6.74
CA GLU D 355 84.01 17.90 -6.57
C GLU D 355 85.48 18.26 -6.29
N GLY D 356 86.31 17.22 -6.13
CA GLY D 356 87.76 17.40 -6.11
C GLY D 356 88.48 17.11 -4.81
N ALA D 357 87.84 16.32 -3.93
CA ALA D 357 88.44 16.00 -2.63
C ALA D 357 89.18 14.66 -2.64
N THR D 358 90.07 14.47 -1.67
CA THR D 358 90.93 13.29 -1.63
C THR D 358 90.53 12.35 -0.49
N ILE D 359 90.18 11.13 -0.85
CA ILE D 359 89.77 10.11 0.13
C ILE D 359 91.00 9.39 0.68
N LEU D 360 91.52 9.91 1.80
CA LEU D 360 92.73 9.38 2.43
C LEU D 360 92.60 7.90 2.78
N THR D 361 91.56 7.56 3.54
CA THR D 361 91.22 6.17 3.85
C THR D 361 89.72 5.98 3.98
N GLY D 362 89.27 4.72 3.93
CA GLY D 362 87.84 4.42 4.02
C GLY D 362 87.11 4.67 2.71
N GLY D 363 85.83 5.01 2.81
CA GLY D 363 84.99 5.29 1.64
C GLY D 363 84.42 4.05 1.00
N ARG D 364 85.08 2.92 1.22
CA ARG D 364 84.68 1.62 0.69
C ARG D 364 83.97 0.85 1.81
N ARG D 365 83.25 -0.21 1.45
CA ARG D 365 82.75 -1.15 2.45
C ARG D 365 83.81 -2.22 2.74
N PRO D 366 83.91 -2.67 4.00
CA PRO D 366 84.87 -3.72 4.36
C PRO D 366 84.56 -5.03 3.64
N GLU D 367 85.56 -5.61 2.99
CA GLU D 367 85.38 -6.83 2.19
C GLU D 367 85.15 -8.07 3.05
N HIS D 368 85.53 -7.99 4.33
CA HIS D 368 85.25 -9.07 5.29
C HIS D 368 83.79 -9.02 5.77
N LEU D 369 83.07 -7.96 5.41
CA LEU D 369 81.63 -7.86 5.65
C LEU D 369 80.90 -7.54 4.35
N LYS D 370 80.47 -8.59 3.66
CA LYS D 370 79.84 -8.43 2.35
C LYS D 370 78.31 -8.21 2.43
N LYS D 371 77.75 -8.44 3.62
CA LYS D 371 76.34 -8.14 3.89
C LYS D 371 76.19 -7.15 5.03
N GLY D 372 75.13 -6.35 4.97
CA GLY D 372 74.88 -5.32 5.98
C GLY D 372 75.30 -3.94 5.52
N TYR D 373 74.84 -2.90 6.21
CA TYR D 373 75.08 -1.52 5.80
C TYR D 373 76.38 -0.96 6.39
N PHE D 374 77.50 -1.59 6.04
CA PHE D 374 78.81 -1.24 6.60
C PHE D 374 79.61 -0.29 5.73
N VAL D 375 80.24 0.69 6.37
CA VAL D 375 81.13 1.64 5.70
C VAL D 375 82.41 1.76 6.53
N GLU D 376 83.55 1.85 5.85
CA GLU D 376 84.83 2.07 6.51
C GLU D 376 84.91 3.48 7.09
N PRO D 377 85.59 3.63 8.25
CA PRO D 377 85.85 4.97 8.77
C PRO D 377 86.51 5.82 7.70
N THR D 378 85.76 6.77 7.17
CA THR D 378 86.22 7.61 6.08
C THR D 378 86.77 8.94 6.59
N ILE D 379 87.95 9.31 6.10
CA ILE D 379 88.49 10.65 6.34
C ILE D 379 88.96 11.23 5.01
N ILE D 380 88.42 12.40 4.66
CA ILE D 380 88.69 13.03 3.39
C ILE D 380 89.49 14.33 3.57
N THR D 381 90.39 14.61 2.63
CA THR D 381 91.24 15.81 2.67
C THR D 381 91.06 16.66 1.39
N ASP D 382 91.84 17.74 1.29
CA ASP D 382 91.77 18.68 0.15
C ASP D 382 90.34 19.16 -0.11
N VAL D 383 89.78 19.84 0.90
CA VAL D 383 88.38 20.25 0.87
C VAL D 383 88.23 21.76 0.62
N THR D 384 87.31 22.12 -0.27
CA THR D 384 87.00 23.52 -0.52
C THR D 384 85.82 23.97 0.33
N THR D 385 85.90 25.20 0.81
CA THR D 385 84.83 25.87 1.56
C THR D 385 83.44 25.74 0.92
N SER D 386 83.39 25.57 -0.40
CA SER D 386 82.13 25.55 -1.15
C SER D 386 81.63 24.15 -1.53
N MET D 387 82.30 23.12 -1.03
CA MET D 387 81.91 21.73 -1.29
C MET D 387 80.79 21.28 -0.36
N GLN D 388 79.85 20.51 -0.91
CA GLN D 388 78.72 19.97 -0.13
C GLN D 388 79.16 19.14 1.08
N ILE D 389 80.35 18.56 1.00
CA ILE D 389 80.89 17.70 2.06
C ILE D 389 81.33 18.53 3.27
N TRP D 390 81.42 19.84 3.08
CA TRP D 390 81.83 20.74 4.15
C TRP D 390 80.64 21.51 4.70
N ARG D 391 79.64 21.73 3.85
CA ARG D 391 78.45 22.50 4.20
C ARG D 391 77.33 21.65 4.83
N GLU D 392 77.22 20.40 4.39
CA GLU D 392 76.07 19.57 4.73
C GLU D 392 76.39 18.39 5.64
N GLU D 393 75.42 18.06 6.49
CA GLU D 393 75.54 16.97 7.46
C GLU D 393 75.50 15.61 6.75
N VAL D 394 76.55 14.82 6.98
CA VAL D 394 76.67 13.47 6.42
C VAL D 394 75.88 12.45 7.27
N PHE D 395 76.10 12.51 8.58
CA PHE D 395 75.50 11.57 9.54
C PHE D 395 76.01 10.17 9.28
N GLY D 396 77.31 10.09 9.03
CA GLY D 396 78.04 8.83 8.85
C GLY D 396 79.48 9.05 9.26
N PRO D 397 80.28 7.98 9.29
CA PRO D 397 81.67 8.10 9.76
C PRO D 397 82.57 8.79 8.73
N VAL D 398 82.31 10.06 8.46
CA VAL D 398 83.03 10.84 7.45
C VAL D 398 83.60 12.15 8.03
N LEU D 399 84.92 12.24 8.05
CA LEU D 399 85.62 13.44 8.53
C LEU D 399 86.13 14.26 7.33
N ALA D 400 85.84 15.56 7.34
CA ALA D 400 86.37 16.48 6.35
C ALA D 400 87.46 17.34 7.00
N VAL D 401 88.60 17.48 6.31
CA VAL D 401 89.77 18.17 6.86
C VAL D 401 90.11 19.44 6.06
N LYS D 402 90.47 20.49 6.80
CA LYS D 402 90.99 21.74 6.20
C LYS D 402 92.15 22.32 7.00
N THR D 403 93.02 23.07 6.31
CA THR D 403 94.21 23.67 6.91
C THR D 403 93.98 25.13 7.33
N PHE D 404 94.72 25.56 8.35
CA PHE D 404 94.72 26.96 8.78
C PHE D 404 96.09 27.40 9.32
N SER D 405 96.37 28.70 9.19
CA SER D 405 97.62 29.28 9.69
C SER D 405 97.45 30.08 10.99
N THR D 406 96.69 31.17 10.94
CA THR D 406 96.50 32.03 12.12
C THR D 406 95.25 31.67 12.94
N GLU D 407 95.21 32.16 14.17
CA GLU D 407 94.04 31.98 15.05
C GLU D 407 92.77 32.58 14.43
N GLU D 408 92.89 33.75 13.80
CA GLU D 408 91.76 34.41 13.14
C GLU D 408 91.16 33.57 12.01
N GLU D 409 92.03 32.91 11.26
CA GLU D 409 91.63 32.06 10.13
C GLU D 409 90.96 30.78 10.62
N ALA D 410 91.35 30.35 11.82
CA ALA D 410 90.80 29.16 12.46
C ALA D 410 89.34 29.36 12.88
N ILE D 411 89.06 30.48 13.57
CA ILE D 411 87.70 30.76 14.01
C ILE D 411 86.75 31.07 12.86
N ASN D 412 87.27 31.70 11.80
CA ASN D 412 86.48 31.99 10.61
C ASN D 412 86.03 30.72 9.90
N LEU D 413 86.91 29.73 9.82
CA LEU D 413 86.59 28.44 9.22
C LEU D 413 85.60 27.67 10.10
N ALA D 414 85.81 27.74 11.40
CA ALA D 414 84.95 27.06 12.38
C ALA D 414 83.53 27.60 12.34
N ASN D 415 83.40 28.92 12.23
CA ASN D 415 82.09 29.56 12.19
C ASN D 415 81.45 29.63 10.80
N ASP D 416 82.11 29.03 9.80
CA ASP D 416 81.56 29.02 8.44
C ASP D 416 80.57 27.87 8.23
N THR D 417 79.43 28.00 8.90
CA THR D 417 78.29 27.09 8.74
C THR D 417 77.04 27.79 9.26
N HIS D 418 75.88 27.34 8.81
CA HIS D 418 74.62 27.86 9.33
C HIS D 418 74.13 27.08 10.56
N TYR D 419 74.80 25.96 10.84
CA TYR D 419 74.57 25.19 12.06
C TYR D 419 75.31 25.81 13.24
N GLY D 420 75.12 25.24 14.43
CA GLY D 420 75.77 25.72 15.63
C GLY D 420 75.43 24.89 16.85
N LEU D 421 75.63 23.58 16.75
CA LEU D 421 75.36 22.70 17.89
C LEU D 421 76.59 22.58 18.80
N GLY D 422 77.60 21.85 18.33
CA GLY D 422 78.83 21.63 19.12
C GLY D 422 80.05 22.29 18.53
N SER D 423 81.18 22.15 19.23
CA SER D 423 82.46 22.68 18.78
C SER D 423 83.57 22.21 19.73
N ALA D 424 84.74 21.92 19.16
CA ALA D 424 85.86 21.41 19.94
C ALA D 424 87.14 22.21 19.70
N VAL D 425 87.86 22.49 20.79
CA VAL D 425 89.15 23.19 20.74
C VAL D 425 90.20 22.34 21.45
N MET D 426 91.33 22.11 20.77
CA MET D 426 92.43 21.32 21.34
C MET D 426 93.72 22.12 21.39
N SER D 427 94.26 22.29 22.60
CA SER D 427 95.57 22.91 22.84
C SER D 427 95.86 22.98 24.34
N ASN D 428 97.13 22.91 24.69
CA ASN D 428 97.56 22.95 26.08
C ASN D 428 97.55 24.36 26.67
N ASP D 429 97.50 25.36 25.79
CA ASP D 429 97.37 26.75 26.19
C ASP D 429 95.90 27.05 26.47
N LEU D 430 95.55 27.07 27.76
CA LEU D 430 94.17 27.26 28.20
C LEU D 430 93.61 28.64 27.87
N GLU D 431 94.47 29.66 27.90
CA GLU D 431 94.07 31.02 27.54
C GLU D 431 93.57 31.10 26.10
N ARG D 432 94.26 30.39 25.22
CA ARG D 432 93.85 30.28 23.81
C ARG D 432 92.52 29.54 23.67
N CYS D 433 92.36 28.45 24.44
CA CYS D 433 91.11 27.69 24.49
C CYS D 433 89.94 28.58 24.91
N GLU D 434 90.16 29.39 25.95
CA GLU D 434 89.14 30.30 26.46
C GLU D 434 88.75 31.35 25.42
N ARG D 435 89.75 31.86 24.68
CA ARG D 435 89.52 32.81 23.59
C ARG D 435 88.57 32.23 22.54
N LEU D 436 88.77 30.96 22.21
CA LEU D 436 87.99 30.30 21.18
C LEU D 436 86.62 29.83 21.67
N SER D 437 86.52 29.46 22.93
CA SER D 437 85.24 29.08 23.52
C SER D 437 84.25 30.24 23.46
N LYS D 438 84.75 31.47 23.59
CA LYS D 438 83.94 32.67 23.46
C LYS D 438 83.54 32.94 22.01
N ALA D 439 84.50 32.79 21.10
CA ALA D 439 84.31 33.13 19.68
C ALA D 439 83.55 32.07 18.86
N LEU D 440 83.56 30.81 19.33
CA LEU D 440 82.89 29.71 18.63
C LEU D 440 81.37 29.75 18.75
N GLN D 441 80.70 29.88 17.62
CA GLN D 441 79.24 29.95 17.58
C GLN D 441 78.60 28.56 17.70
N ALA D 442 78.48 28.09 18.94
CA ALA D 442 77.83 26.82 19.24
C ALA D 442 77.17 26.88 20.61
N GLY D 443 76.26 25.96 20.88
CA GLY D 443 75.64 25.84 22.20
C GLY D 443 76.50 25.03 23.13
N ILE D 444 77.36 24.18 22.55
CA ILE D 444 78.28 23.35 23.31
C ILE D 444 79.72 23.62 22.85
N VAL D 445 80.60 23.91 23.79
CA VAL D 445 82.04 24.01 23.50
C VAL D 445 82.84 23.01 24.33
N TRP D 446 83.43 22.03 23.65
CA TRP D 446 84.36 21.09 24.27
C TRP D 446 85.79 21.61 24.15
N ILE D 447 86.51 21.63 25.27
CA ILE D 447 87.94 21.96 25.23
C ILE D 447 88.83 20.80 25.66
N ASN D 448 89.74 20.43 24.76
CA ASN D 448 90.60 19.24 24.88
C ASN D 448 89.86 17.91 24.94
N CYS D 449 88.72 17.87 24.25
CA CYS D 449 87.91 16.67 24.08
C CYS D 449 86.81 16.95 23.07
N ALA D 450 85.95 15.96 22.87
CA ALA D 450 84.79 16.09 21.98
C ALA D 450 83.76 15.01 22.30
N GLN D 451 82.50 15.44 22.45
CA GLN D 451 81.29 14.58 22.54
C GLN D 451 80.61 14.30 23.91
N PRO D 452 81.34 14.32 25.04
CA PRO D 452 80.68 13.88 26.29
C PRO D 452 79.50 14.75 26.73
N SER D 453 78.36 14.12 26.98
CA SER D 453 77.12 14.84 27.33
C SER D 453 76.65 14.54 28.75
N PHE D 454 77.04 15.39 29.69
CA PHE D 454 76.69 15.23 31.09
C PHE D 454 75.27 15.67 31.40
N ILE D 455 74.59 14.87 32.23
CA ILE D 455 73.19 15.09 32.62
C ILE D 455 72.99 16.43 33.36
N GLN D 456 74.05 16.92 34.00
CA GLN D 456 74.01 18.14 34.81
C GLN D 456 74.12 19.43 33.97
N ALA D 457 74.72 19.29 32.78
CA ALA D 457 75.02 20.45 31.93
C ALA D 457 73.98 20.62 30.81
N PRO D 458 73.62 21.88 30.49
CA PRO D 458 72.63 22.17 29.44
C PRO D 458 73.08 21.81 28.02
N TRP D 459 72.22 21.13 27.28
CA TRP D 459 72.52 20.67 25.93
C TRP D 459 71.57 21.28 24.92
N GLY D 460 72.11 21.78 23.81
CA GLY D 460 71.31 22.39 22.76
C GLY D 460 72.15 23.22 21.82
N GLY D 461 71.51 23.75 20.79
CA GLY D 461 72.24 24.52 19.77
C GLY D 461 71.74 25.94 19.58
N ILE D 462 72.34 26.62 18.62
CA ILE D 462 71.92 27.95 18.19
C ILE D 462 71.83 27.95 16.67
N LYS D 463 71.40 29.07 16.09
CA LYS D 463 71.28 29.20 14.65
C LYS D 463 70.38 28.08 14.11
N ARG D 464 70.78 27.43 13.02
CA ARG D 464 69.93 26.40 12.41
C ARG D 464 70.01 25.01 13.05
N SER D 465 70.81 24.88 14.10
CA SER D 465 70.78 23.68 14.94
C SER D 465 69.58 23.70 15.90
N GLY D 466 68.87 24.82 15.89
CA GLY D 466 67.64 24.97 16.67
C GLY D 466 67.73 25.99 17.80
N PHE D 467 67.00 25.68 18.87
CA PHE D 467 66.91 26.51 20.08
C PHE D 467 66.27 25.67 21.19
N GLY D 468 66.35 26.18 22.41
CA GLY D 468 65.91 25.43 23.59
C GLY D 468 67.05 24.58 24.11
N ARG D 469 66.96 24.20 25.38
CA ARG D 469 67.99 23.42 26.02
C ARG D 469 67.39 22.26 26.79
N GLU D 470 68.00 21.09 26.65
CA GLU D 470 67.64 19.91 27.43
C GLU D 470 68.76 19.61 28.42
N LEU D 471 68.51 18.65 29.32
CA LEU D 471 69.45 18.28 30.39
C LEU D 471 69.66 19.38 31.43
N GLY D 472 70.22 19.00 32.57
CA GLY D 472 70.38 19.93 33.71
C GLY D 472 69.05 20.39 34.26
N GLU D 473 69.05 21.56 34.89
CA GLU D 473 67.81 22.20 35.31
C GLU D 473 67.08 22.86 34.13
N TRP D 474 67.80 23.00 33.02
CA TRP D 474 67.30 23.57 31.77
C TRP D 474 66.33 22.62 31.08
N GLY D 475 66.57 21.32 31.21
CA GLY D 475 65.69 20.29 30.69
C GLY D 475 64.35 20.25 31.40
N LEU D 476 64.37 20.39 32.73
CA LEU D 476 63.14 20.44 33.52
C LEU D 476 62.32 21.70 33.19
N GLU D 477 63.01 22.84 33.09
CA GLU D 477 62.34 24.11 32.79
C GLU D 477 61.66 24.12 31.43
N ASN D 478 62.13 23.25 30.53
CA ASN D 478 61.55 23.09 29.21
C ASN D 478 60.09 22.59 29.26
N TYR D 479 59.71 22.01 30.40
CA TYR D 479 58.37 21.42 30.58
C TYR D 479 57.60 22.07 31.71
N LEU D 480 58.05 23.26 32.11
CA LEU D 480 57.37 24.05 33.13
C LEU D 480 56.92 25.37 32.54
N SER D 481 55.83 25.90 33.06
CA SER D 481 55.41 27.26 32.72
C SER D 481 55.42 28.14 33.98
N VAL D 482 55.87 29.37 33.80
CA VAL D 482 55.96 30.33 34.89
C VAL D 482 54.62 31.04 35.08
N LYS D 483 54.09 30.98 36.30
CA LYS D 483 52.88 31.72 36.64
C LYS D 483 53.19 32.82 37.66
N GLN D 484 52.90 34.05 37.28
CA GLN D 484 52.99 35.17 38.20
C GLN D 484 51.71 35.24 39.03
N VAL D 485 51.86 35.32 40.34
CA VAL D 485 50.73 35.50 41.23
C VAL D 485 50.99 36.78 42.03
N THR D 486 50.12 37.76 41.83
CA THR D 486 50.30 39.10 42.38
C THR D 486 49.04 39.54 43.14
N ARG D 487 49.26 40.02 44.36
CA ARG D 487 48.19 40.23 45.31
C ARG D 487 48.25 41.64 45.88
N TYR D 488 47.14 42.37 45.75
CA TYR D 488 46.96 43.66 46.39
C TYR D 488 46.64 43.42 47.87
N THR D 489 47.49 43.94 48.75
CA THR D 489 47.36 43.68 50.19
C THR D 489 46.81 44.88 50.98
N SER D 490 46.65 46.02 50.30
CA SER D 490 46.14 47.22 50.92
C SER D 490 44.63 47.17 51.04
N ASP D 491 44.10 47.84 52.06
CA ASP D 491 42.66 47.93 52.25
C ASP D 491 42.13 49.24 51.66
N GLU D 492 43.02 50.00 51.02
CA GLU D 492 42.67 51.27 50.44
C GLU D 492 42.02 51.08 49.08
N PRO D 493 41.04 51.94 48.74
CA PRO D 493 40.50 51.97 47.38
C PRO D 493 41.62 52.24 46.39
N TRP D 494 41.51 51.69 45.18
CA TRP D 494 42.53 51.88 44.15
C TRP D 494 42.71 53.37 43.82
N GLY D 495 41.59 54.09 43.71
CA GLY D 495 41.63 55.54 43.55
C GLY D 495 42.03 56.04 42.17
N TRP D 496 41.81 55.24 41.14
CA TRP D 496 42.02 55.71 39.78
C TRP D 496 40.80 56.48 39.26
N TYR D 497 39.62 55.88 39.38
CA TYR D 497 38.39 56.48 38.89
C TYR D 497 37.67 57.27 39.97
N GLN D 498 36.73 58.11 39.54
CA GLN D 498 35.84 58.86 40.43
C GLN D 498 34.68 57.97 40.89
N PRO D 499 34.54 57.78 42.23
CA PRO D 499 33.39 57.02 42.74
C PRO D 499 32.08 57.75 42.47
N PRO D 500 30.99 57.00 42.21
CA PRO D 500 29.66 57.60 42.01
C PRO D 500 29.10 58.20 43.29
N SER D 501 28.22 59.19 43.14
CA SER D 501 27.62 59.91 44.28
C SER D 501 26.73 59.03 45.15
N LYS D 502 26.86 59.20 46.47
CA LYS D 502 26.11 58.39 47.44
C LYS D 502 25.06 59.22 48.19
N SER E 7 2.37 30.75 -75.83
CA SER E 7 1.35 29.99 -75.04
C SER E 7 0.19 29.45 -75.90
N ARG E 8 0.36 29.50 -77.22
CA ARG E 8 -0.72 29.11 -78.16
C ARG E 8 -0.24 28.31 -79.38
N GLN E 9 0.93 27.69 -79.28
CA GLN E 9 1.45 26.79 -80.30
C GLN E 9 1.61 25.37 -79.75
N LEU E 10 2.23 24.47 -80.51
CA LEU E 10 2.54 23.14 -80.00
C LEU E 10 3.85 23.20 -79.20
N PHE E 11 3.86 22.55 -78.04
CA PHE E 11 5.05 22.52 -77.20
C PHE E 11 5.85 21.23 -77.43
N ILE E 12 6.94 21.36 -78.17
CA ILE E 12 7.77 20.21 -78.59
C ILE E 12 9.25 20.52 -78.34
N ASP E 13 9.93 19.59 -77.67
CA ASP E 13 11.37 19.68 -77.39
C ASP E 13 11.76 21.01 -76.73
N GLY E 14 10.94 21.43 -75.77
CA GLY E 14 11.21 22.64 -74.98
C GLY E 14 10.93 23.93 -75.70
N GLU E 15 10.28 23.85 -76.87
CA GLU E 15 10.06 24.99 -77.75
C GLU E 15 8.64 25.04 -78.27
N TRP E 16 8.15 26.27 -78.50
CA TRP E 16 6.89 26.48 -79.21
C TRP E 16 7.06 26.27 -80.70
N ARG E 17 6.30 25.32 -81.25
CA ARG E 17 6.38 25.00 -82.68
C ARG E 17 5.02 24.99 -83.38
N VAL E 18 4.92 25.75 -84.47
CA VAL E 18 3.71 25.78 -85.30
C VAL E 18 3.58 24.42 -85.99
N PRO E 19 2.35 23.88 -86.05
CA PRO E 19 2.08 22.68 -86.85
C PRO E 19 2.58 22.84 -88.29
N ILE E 20 3.26 21.80 -88.79
CA ILE E 20 3.82 21.79 -90.15
C ILE E 20 2.79 22.16 -91.21
N LEU E 21 1.54 21.73 -91.01
CA LEU E 21 0.43 22.00 -91.92
C LEU E 21 -0.37 23.25 -91.52
N ASN E 22 -0.04 23.83 -90.37
CA ASN E 22 -0.65 25.07 -89.87
C ASN E 22 -2.18 25.05 -89.77
N LYS E 23 -2.72 23.90 -89.37
CA LYS E 23 -4.16 23.76 -89.16
C LYS E 23 -4.50 24.22 -87.74
N ARG E 24 -5.59 24.97 -87.58
CA ARG E 24 -6.08 25.32 -86.24
C ARG E 24 -7.55 24.91 -86.07
N ILE E 25 -7.93 24.59 -84.83
CA ILE E 25 -9.30 24.18 -84.50
C ILE E 25 -9.99 25.26 -83.66
N PRO E 26 -11.19 25.69 -84.07
CA PRO E 26 -11.93 26.72 -83.32
C PRO E 26 -12.33 26.26 -81.92
N ASN E 27 -12.41 27.20 -80.98
CA ASN E 27 -12.81 26.91 -79.63
C ASN E 27 -14.06 27.71 -79.24
N ILE E 28 -15.11 26.99 -78.83
CA ILE E 28 -16.41 27.59 -78.52
C ILE E 28 -16.60 27.77 -77.01
N ASN E 29 -17.13 28.92 -76.62
CA ASN E 29 -17.58 29.15 -75.25
C ASN E 29 -18.92 28.46 -75.03
N PRO E 30 -18.95 27.45 -74.14
CA PRO E 30 -20.17 26.68 -73.90
C PRO E 30 -21.37 27.53 -73.46
N SER E 31 -21.13 28.58 -72.67
CA SER E 31 -22.21 29.43 -72.16
C SER E 31 -22.68 30.53 -73.13
N THR E 32 -21.90 30.80 -74.18
CA THR E 32 -22.26 31.84 -75.14
C THR E 32 -22.58 31.28 -76.52
N GLU E 33 -21.96 30.15 -76.87
CA GLU E 33 -22.03 29.54 -78.20
C GLU E 33 -21.12 30.26 -79.21
N ASN E 34 -20.31 31.20 -78.72
CA ASN E 34 -19.41 31.98 -79.56
C ASN E 34 -17.96 31.47 -79.56
N ILE E 35 -17.30 31.64 -80.71
CA ILE E 35 -15.87 31.35 -80.84
C ILE E 35 -15.06 32.36 -80.03
N ILE E 36 -14.33 31.87 -79.03
CA ILE E 36 -13.50 32.72 -78.17
C ILE E 36 -12.02 32.60 -78.51
N GLY E 37 -11.68 31.72 -79.45
CA GLY E 37 -10.29 31.51 -79.84
C GLY E 37 -10.12 30.25 -80.67
N ASP E 38 -8.87 29.80 -80.78
CA ASP E 38 -8.57 28.57 -81.49
C ASP E 38 -7.39 27.82 -80.86
N ILE E 39 -7.18 26.60 -81.34
CA ILE E 39 -6.23 25.68 -80.77
C ILE E 39 -5.44 25.06 -81.93
N PRO E 40 -4.11 25.00 -81.82
CA PRO E 40 -3.33 24.37 -82.90
C PRO E 40 -3.72 22.90 -83.10
N ALA E 41 -3.81 22.49 -84.36
CA ALA E 41 -4.17 21.13 -84.72
C ALA E 41 -2.96 20.35 -85.23
N ALA E 42 -2.46 19.44 -84.41
CA ALA E 42 -1.31 18.62 -84.78
C ALA E 42 -1.66 17.45 -85.70
N THR E 43 -0.67 17.07 -86.51
CA THR E 43 -0.80 16.06 -87.55
C THR E 43 0.30 15.01 -87.33
N LYS E 44 0.19 13.89 -88.02
CA LYS E 44 1.20 12.83 -88.01
C LYS E 44 2.64 13.36 -87.89
N GLU E 45 3.00 14.31 -88.75
CA GLU E 45 4.35 14.86 -88.83
C GLU E 45 4.80 15.53 -87.53
N ASP E 46 3.89 16.27 -86.89
CA ASP E 46 4.16 16.94 -85.62
C ASP E 46 4.30 15.95 -84.48
N VAL E 47 3.40 14.97 -84.43
CA VAL E 47 3.43 13.90 -83.44
C VAL E 47 4.76 13.16 -83.49
N ASP E 48 5.25 12.92 -84.70
CA ASP E 48 6.55 12.30 -84.90
C ASP E 48 7.69 13.11 -84.28
N LEU E 49 7.60 14.43 -84.39
CA LEU E 49 8.59 15.32 -83.78
C LEU E 49 8.57 15.26 -82.26
N ALA E 50 7.36 15.18 -81.68
CA ALA E 50 7.20 15.09 -80.22
C ALA E 50 7.77 13.80 -79.65
N VAL E 51 7.47 12.67 -80.32
CA VAL E 51 7.97 11.37 -79.89
C VAL E 51 9.50 11.29 -80.00
N ASP E 52 10.03 11.79 -81.12
CA ASP E 52 11.49 11.91 -81.33
C ASP E 52 12.15 12.66 -80.18
N ALA E 53 11.57 13.80 -79.82
CA ALA E 53 12.07 14.65 -78.74
C ALA E 53 12.03 13.94 -77.40
N ALA E 54 10.94 13.22 -77.15
CA ALA E 54 10.78 12.42 -75.94
C ALA E 54 11.83 11.32 -75.87
N LYS E 55 12.07 10.65 -77.00
CA LYS E 55 13.10 9.61 -77.07
C LYS E 55 14.48 10.17 -76.73
N ARG E 56 14.82 11.34 -77.29
CA ARG E 56 16.11 11.98 -77.03
C ARG E 56 16.27 12.39 -75.57
N ALA E 57 15.16 12.81 -74.96
CA ALA E 57 15.16 13.30 -73.57
C ALA E 57 15.58 12.22 -72.56
N ILE E 58 15.33 10.96 -72.88
CA ILE E 58 15.69 9.87 -71.97
C ILE E 58 16.77 8.94 -72.51
N SER E 59 17.40 9.34 -73.61
CA SER E 59 18.49 8.59 -74.21
C SER E 59 19.75 8.67 -73.36
N ARG E 60 20.36 7.51 -73.11
CA ARG E 60 21.58 7.39 -72.30
C ARG E 60 22.69 8.35 -72.77
N LYS E 61 22.73 8.57 -74.09
CA LYS E 61 23.64 9.51 -74.75
C LYS E 61 23.51 10.94 -74.20
N ASN E 62 22.32 11.29 -73.72
CA ASN E 62 22.06 12.62 -73.17
C ASN E 62 22.74 12.80 -71.81
N GLY E 63 23.58 13.83 -71.71
CA GLY E 63 24.31 14.14 -70.48
C GLY E 63 23.46 14.92 -69.48
N ARG E 64 22.20 15.10 -69.81
CA ARG E 64 21.21 15.78 -68.98
C ARG E 64 19.93 14.92 -68.97
N ASP E 65 20.11 13.59 -69.05
CA ASP E 65 18.98 12.69 -69.27
C ASP E 65 18.11 12.48 -68.04
N TRP E 66 16.80 12.59 -68.28
CA TRP E 66 15.78 12.63 -67.25
C TRP E 66 15.68 11.32 -66.47
N SER E 67 15.80 10.19 -67.17
CA SER E 67 15.60 8.87 -66.58
C SER E 67 16.75 8.43 -65.65
N ALA E 68 17.93 9.02 -65.83
CA ALA E 68 19.09 8.68 -64.98
C ALA E 68 19.30 9.70 -63.87
N ALA E 69 18.70 10.88 -64.01
CA ALA E 69 18.74 11.93 -62.98
C ALA E 69 18.17 11.43 -61.65
N SER E 70 18.71 11.97 -60.56
CA SER E 70 18.28 11.61 -59.21
C SER E 70 16.80 11.91 -59.01
N GLY E 71 16.12 11.04 -58.27
CA GLY E 71 14.72 11.25 -57.92
C GLY E 71 14.43 12.63 -57.36
N SER E 72 15.34 13.13 -56.52
CA SER E 72 15.16 14.44 -55.88
C SER E 72 15.32 15.61 -56.85
N LEU E 73 16.11 15.42 -57.91
CA LEU E 73 16.23 16.42 -58.98
C LEU E 73 14.92 16.58 -59.77
N ARG E 74 14.31 15.45 -60.12
CA ARG E 74 13.00 15.46 -60.80
C ARG E 74 11.96 16.10 -59.89
N ALA E 75 11.98 15.72 -58.62
CA ALA E 75 11.10 16.32 -57.61
C ALA E 75 11.24 17.84 -57.55
N ARG E 76 12.46 18.33 -57.74
CA ARG E 76 12.75 19.76 -57.73
C ARG E 76 12.05 20.52 -58.87
N TYR E 77 11.95 19.87 -60.03
CA TYR E 77 11.19 20.41 -61.15
C TYR E 77 9.69 20.32 -60.89
N LEU E 78 9.25 19.20 -60.32
CA LEU E 78 7.84 19.03 -59.99
C LEU E 78 7.41 20.10 -58.98
N ARG E 79 8.23 20.31 -57.96
CA ARG E 79 7.99 21.34 -56.96
C ARG E 79 8.01 22.77 -57.54
N ALA E 80 8.81 22.99 -58.57
CA ALA E 80 8.89 24.29 -59.23
C ALA E 80 7.70 24.53 -60.15
N ILE E 81 7.23 23.47 -60.81
CA ILE E 81 6.02 23.52 -61.62
C ILE E 81 4.81 23.81 -60.73
N ALA E 82 4.72 23.07 -59.63
CA ALA E 82 3.65 23.24 -58.64
C ALA E 82 3.56 24.67 -58.09
N ALA E 83 4.72 25.23 -57.73
CA ALA E 83 4.79 26.61 -57.22
C ALA E 83 4.31 27.65 -58.22
N LYS E 84 4.67 27.44 -59.49
CA LYS E 84 4.29 28.37 -60.57
C LYS E 84 2.78 28.36 -60.81
N ILE E 85 2.20 27.16 -60.91
CA ILE E 85 0.76 26.97 -61.00
C ILE E 85 0.05 27.65 -59.84
N LYS E 86 0.53 27.40 -58.62
CA LYS E 86 -0.02 28.01 -57.40
C LYS E 86 -0.15 29.54 -57.50
N GLU E 87 0.90 30.20 -58.02
CA GLU E 87 0.90 31.65 -58.20
C GLU E 87 -0.21 32.13 -59.14
N LYS E 88 -0.48 31.34 -60.16
CA LYS E 88 -1.44 31.71 -61.20
C LYS E 88 -2.81 31.04 -61.01
N LYS E 89 -3.07 30.50 -59.82
CA LYS E 89 -4.31 29.77 -59.51
C LYS E 89 -5.60 30.45 -60.02
N ASP E 90 -5.76 31.74 -59.70
CA ASP E 90 -6.98 32.47 -60.03
C ASP E 90 -7.20 32.61 -61.54
N GLU E 91 -6.16 33.05 -62.25
CA GLU E 91 -6.24 33.22 -63.70
C GLU E 91 -6.38 31.89 -64.43
N LEU E 92 -5.69 30.86 -63.95
CA LEU E 92 -5.80 29.52 -64.54
C LEU E 92 -7.17 28.89 -64.26
N GLY E 93 -7.72 29.18 -63.09
CA GLY E 93 -9.08 28.76 -62.76
C GLY E 93 -10.09 29.38 -63.70
N LYS E 94 -9.92 30.68 -63.95
CA LYS E 94 -10.83 31.46 -64.78
C LYS E 94 -10.92 30.89 -66.19
N LEU E 95 -9.78 30.64 -66.82
CA LEU E 95 -9.80 30.21 -68.20
C LEU E 95 -10.03 28.71 -68.36
N GLU E 96 -9.89 27.97 -67.27
CA GLU E 96 -10.32 26.56 -67.18
C GLU E 96 -11.86 26.49 -67.20
N SER E 97 -12.48 27.36 -66.41
CA SER E 97 -13.94 27.52 -66.38
C SER E 97 -14.53 27.93 -67.75
N ILE E 98 -13.87 28.88 -68.42
CA ILE E 98 -14.26 29.31 -69.77
C ILE E 98 -14.10 28.16 -70.78
N ASP E 99 -13.01 27.42 -70.63
CA ASP E 99 -12.61 26.38 -71.58
C ASP E 99 -13.56 25.19 -71.60
N CYS E 100 -13.91 24.67 -70.42
CA CYS E 100 -14.73 23.45 -70.35
C CYS E 100 -16.16 23.66 -69.84
N GLY E 101 -16.41 24.78 -69.17
CA GLY E 101 -17.77 25.15 -68.79
C GLY E 101 -18.19 24.87 -67.37
N LYS E 102 -17.27 24.36 -66.56
CA LYS E 102 -17.57 24.07 -65.15
C LYS E 102 -17.59 25.35 -64.30
N PRO E 103 -18.42 25.36 -63.23
CA PRO E 103 -18.47 26.53 -62.34
C PRO E 103 -17.07 26.93 -61.85
N LEU E 104 -16.85 28.23 -61.70
CA LEU E 104 -15.55 28.76 -61.27
C LEU E 104 -15.01 28.10 -60.01
N GLU E 105 -15.88 27.90 -59.02
CA GLU E 105 -15.47 27.28 -57.75
C GLU E 105 -14.97 25.85 -57.94
N GLU E 106 -15.57 25.13 -58.89
CA GLU E 106 -15.12 23.77 -59.24
C GLU E 106 -13.73 23.83 -59.86
N ALA E 107 -13.53 24.78 -60.77
CA ALA E 107 -12.26 24.98 -61.45
C ALA E 107 -11.14 25.33 -60.45
N LEU E 108 -11.44 26.22 -59.51
CA LEU E 108 -10.47 26.63 -58.49
C LEU E 108 -10.07 25.47 -57.61
N ALA E 109 -11.04 24.64 -57.24
CA ALA E 109 -10.74 23.43 -56.46
C ALA E 109 -9.83 22.47 -57.25
N ASP E 110 -10.09 22.34 -58.56
CA ASP E 110 -9.28 21.49 -59.43
C ASP E 110 -7.82 21.95 -59.42
N LEU E 111 -7.62 23.26 -59.50
CA LEU E 111 -6.30 23.85 -59.50
C LEU E 111 -5.52 23.61 -58.22
N ASP E 112 -6.23 23.69 -57.09
CA ASP E 112 -5.65 23.37 -55.78
C ASP E 112 -5.21 21.90 -55.73
N ASP E 113 -5.97 21.06 -56.41
CA ASP E 113 -5.68 19.62 -56.48
C ASP E 113 -4.53 19.30 -57.42
N VAL E 114 -4.42 20.04 -58.51
CA VAL E 114 -3.27 19.99 -59.42
C VAL E 114 -1.96 20.27 -58.67
N VAL E 115 -1.96 21.38 -57.92
CA VAL E 115 -0.81 21.77 -57.09
C VAL E 115 -0.44 20.64 -56.14
N ALA E 116 -1.42 20.16 -55.39
CA ALA E 116 -1.23 19.10 -54.40
C ALA E 116 -0.75 17.81 -55.05
N CYS E 117 -1.17 17.60 -56.29
CA CYS E 117 -0.79 16.41 -57.04
C CYS E 117 0.70 16.42 -57.42
N PHE E 118 1.18 17.55 -57.97
CA PHE E 118 2.60 17.71 -58.26
C PHE E 118 3.46 17.59 -57.01
N GLU E 119 3.04 18.26 -55.93
CA GLU E 119 3.70 18.16 -54.63
C GLU E 119 3.72 16.71 -54.12
N TYR E 120 2.60 16.02 -54.22
CA TYR E 120 2.52 14.62 -53.78
C TYR E 120 3.55 13.75 -54.50
N TYR E 121 3.57 13.82 -55.83
CA TYR E 121 4.50 13.02 -56.63
C TYR E 121 5.95 13.46 -56.55
N ALA E 122 6.18 14.73 -56.22
CA ALA E 122 7.52 15.21 -55.88
C ALA E 122 8.06 14.42 -54.68
N GLY E 123 7.22 14.26 -53.65
CA GLY E 123 7.57 13.49 -52.46
C GLY E 123 7.97 12.06 -52.79
N LEU E 124 7.17 11.41 -53.63
CA LEU E 124 7.43 10.05 -54.11
C LEU E 124 8.70 9.95 -54.94
N ALA E 125 8.97 10.97 -55.75
CA ALA E 125 10.22 11.04 -56.52
C ALA E 125 11.43 11.13 -55.59
N GLU E 126 11.34 11.96 -54.56
CA GLU E 126 12.38 12.12 -53.54
C GLU E 126 12.71 10.79 -52.84
N GLU E 127 11.70 9.96 -52.63
CA GLU E 127 11.84 8.68 -51.92
C GLU E 127 12.20 7.50 -52.82
N LEU E 128 12.06 7.69 -54.13
CA LEU E 128 12.19 6.59 -55.10
C LEU E 128 13.60 5.97 -55.16
N ASP E 129 14.61 6.84 -55.09
CA ASP E 129 16.01 6.40 -55.14
C ASP E 129 16.31 5.32 -54.12
N SER E 130 15.73 5.44 -52.92
CA SER E 130 15.97 4.49 -51.84
C SER E 130 15.22 3.16 -52.00
N LYS E 131 14.19 3.15 -52.86
CA LYS E 131 13.46 1.91 -53.16
C LYS E 131 14.21 1.01 -54.15
N GLN E 132 15.26 1.54 -54.79
CA GLN E 132 16.06 0.77 -55.74
C GLN E 132 16.85 -0.34 -55.05
N LYS E 133 17.24 -1.35 -55.83
CA LYS E 133 18.05 -2.49 -55.35
C LYS E 133 17.43 -3.26 -54.17
N ALA E 134 16.11 -3.17 -54.03
CA ALA E 134 15.39 -3.89 -52.99
C ALA E 134 15.58 -5.39 -53.17
N PRO E 135 16.19 -6.05 -52.17
CA PRO E 135 16.58 -7.46 -52.26
C PRO E 135 15.39 -8.42 -52.25
N ILE E 136 15.60 -9.60 -52.85
CA ILE E 136 14.64 -10.69 -52.85
C ILE E 136 15.32 -11.89 -52.18
N SER E 137 14.76 -12.36 -51.08
CA SER E 137 15.32 -13.50 -50.37
C SER E 137 15.15 -14.80 -51.15
N LEU E 138 16.25 -15.53 -51.30
CA LEU E 138 16.34 -16.73 -52.13
C LEU E 138 16.60 -18.00 -51.31
N PRO E 139 16.15 -19.18 -51.82
CA PRO E 139 16.39 -20.47 -51.16
C PRO E 139 17.87 -20.89 -51.19
N MET E 140 18.48 -20.86 -52.38
CA MET E 140 19.88 -21.25 -52.55
C MET E 140 20.85 -20.15 -52.10
N ASP E 141 22.02 -20.57 -51.64
CA ASP E 141 23.07 -19.65 -51.18
C ASP E 141 23.98 -19.16 -52.32
N THR E 142 23.92 -19.88 -53.45
CA THR E 142 24.81 -19.61 -54.58
C THR E 142 24.30 -18.50 -55.51
N PHE E 143 23.19 -17.86 -55.12
CA PHE E 143 22.59 -16.79 -55.93
C PHE E 143 22.15 -15.59 -55.10
N LYS E 144 22.15 -14.42 -55.72
CA LYS E 144 21.71 -13.19 -55.07
C LYS E 144 20.85 -12.38 -56.04
N SER E 145 19.72 -11.86 -55.56
CA SER E 145 18.74 -11.19 -56.41
C SER E 145 18.13 -9.91 -55.83
N TYR E 146 17.97 -8.89 -56.67
CA TYR E 146 17.23 -7.68 -56.29
C TYR E 146 16.42 -7.15 -57.46
N ILE E 147 15.56 -6.17 -57.19
CA ILE E 147 14.76 -5.56 -58.23
C ILE E 147 15.16 -4.11 -58.49
N LEU E 148 14.95 -3.68 -59.72
CA LEU E 148 15.10 -2.26 -60.06
C LEU E 148 13.76 -1.76 -60.60
N LYS E 149 13.40 -0.55 -60.23
CA LYS E 149 12.20 0.09 -60.76
C LYS E 149 12.61 1.14 -61.78
N GLU E 150 12.46 0.81 -63.05
CA GLU E 150 12.90 1.67 -64.13
C GLU E 150 11.71 2.33 -64.79
N PRO E 151 11.90 3.57 -65.31
CA PRO E 151 10.83 4.19 -66.06
C PRO E 151 10.46 3.31 -67.25
N ILE E 152 9.17 3.28 -67.58
CA ILE E 152 8.70 2.47 -68.68
C ILE E 152 9.23 3.01 -70.02
N GLY E 153 9.58 4.30 -70.05
CA GLY E 153 10.19 4.92 -71.23
C GLY E 153 9.43 6.16 -71.71
N VAL E 154 9.00 6.13 -72.96
CA VAL E 154 8.24 7.22 -73.55
C VAL E 154 6.74 6.92 -73.44
N VAL E 155 5.99 7.87 -72.90
CA VAL E 155 4.58 7.64 -72.59
C VAL E 155 3.62 8.56 -73.32
N ALA E 156 2.57 7.95 -73.89
CA ALA E 156 1.48 8.68 -74.53
C ALA E 156 0.37 8.91 -73.50
N LEU E 157 0.14 10.17 -73.18
CA LEU E 157 -0.87 10.58 -72.20
C LEU E 157 -2.05 11.26 -72.88
N ILE E 158 -3.18 10.57 -72.94
CA ILE E 158 -4.36 11.08 -73.65
C ILE E 158 -5.47 11.31 -72.63
N THR E 159 -5.93 12.56 -72.52
CA THR E 159 -6.73 13.00 -71.40
C THR E 159 -8.07 13.62 -71.81
N PRO E 160 -9.07 13.58 -70.90
CA PRO E 160 -10.41 14.07 -71.21
C PRO E 160 -10.59 15.56 -70.91
N TRP E 161 -11.73 16.09 -71.33
CA TRP E 161 -12.01 17.52 -71.23
C TRP E 161 -12.80 17.91 -69.98
N ASN E 162 -13.22 16.92 -69.18
CA ASN E 162 -14.06 17.20 -68.02
C ASN E 162 -13.29 17.73 -66.81
N TYR E 163 -12.04 17.29 -66.66
CA TYR E 163 -11.09 17.87 -65.72
C TYR E 163 -9.78 18.09 -66.48
N PRO E 164 -9.76 19.05 -67.42
CA PRO E 164 -8.69 19.19 -68.41
C PRO E 164 -7.28 19.20 -67.80
N PHE E 165 -7.06 20.10 -66.85
CA PHE E 165 -5.75 20.28 -66.23
C PHE E 165 -5.49 19.15 -65.24
N LEU E 166 -6.49 18.83 -64.44
CA LEU E 166 -6.32 17.83 -63.38
C LEU E 166 -6.02 16.44 -63.89
N MET E 167 -6.73 16.01 -64.93
CA MET E 167 -6.55 14.68 -65.53
C MET E 167 -5.19 14.53 -66.19
N ALA E 168 -4.75 15.59 -66.88
CA ALA E 168 -3.40 15.65 -67.42
C ALA E 168 -2.37 15.52 -66.31
N THR E 169 -2.57 16.24 -65.21
CA THR E 169 -1.67 16.21 -64.06
C THR E 169 -1.59 14.81 -63.41
N TRP E 170 -2.75 14.16 -63.26
CA TRP E 170 -2.84 12.77 -62.77
C TRP E 170 -1.92 11.80 -63.51
N LYS E 171 -1.61 12.13 -64.76
CA LYS E 171 -0.73 11.29 -65.57
C LYS E 171 0.68 11.86 -65.66
N ILE E 172 0.82 13.15 -65.94
CA ILE E 172 2.17 13.70 -66.13
C ILE E 172 3.03 13.66 -64.84
N ALA E 173 2.43 14.00 -63.71
CA ALA E 173 3.17 14.11 -62.44
C ALA E 173 3.80 12.79 -61.98
N PRO E 174 3.04 11.67 -61.98
CA PRO E 174 3.68 10.37 -61.72
C PRO E 174 4.60 9.92 -62.85
N ALA E 175 4.24 10.24 -64.09
CA ALA E 175 5.07 9.87 -65.23
C ALA E 175 6.46 10.50 -65.14
N LEU E 176 6.49 11.82 -64.92
CA LEU E 176 7.76 12.55 -64.81
C LEU E 176 8.52 12.08 -63.57
N ALA E 177 7.79 11.87 -62.47
CA ALA E 177 8.40 11.42 -61.22
C ALA E 177 9.10 10.07 -61.41
N ALA E 178 8.48 9.18 -62.17
CA ALA E 178 9.03 7.87 -62.48
C ALA E 178 10.26 7.95 -63.40
N GLY E 179 10.42 9.08 -64.08
CA GLY E 179 11.59 9.28 -64.93
C GLY E 179 11.29 9.06 -66.40
N CYS E 180 10.00 9.00 -66.73
CA CYS E 180 9.53 8.87 -68.09
C CYS E 180 9.56 10.21 -68.81
N ALA E 181 9.61 10.17 -70.13
CA ALA E 181 9.37 11.33 -70.97
C ALA E 181 7.97 11.20 -71.57
N ALA E 182 7.25 12.32 -71.65
CA ALA E 182 5.82 12.29 -71.97
C ALA E 182 5.42 13.12 -73.17
N ILE E 183 4.45 12.61 -73.90
CA ILE E 183 3.69 13.39 -74.88
C ILE E 183 2.25 13.44 -74.38
N LEU E 184 1.76 14.65 -74.13
CA LEU E 184 0.39 14.85 -73.71
C LEU E 184 -0.47 15.25 -74.92
N LYS E 185 -1.62 14.59 -75.03
CA LYS E 185 -2.60 14.91 -76.05
C LYS E 185 -3.89 15.18 -75.32
N PRO E 186 -4.17 16.46 -75.01
CA PRO E 186 -5.42 16.79 -74.36
C PRO E 186 -6.58 16.81 -75.37
N SER E 187 -7.80 16.89 -74.85
CA SER E 187 -8.97 16.95 -75.71
C SER E 187 -9.03 18.26 -76.48
N GLU E 188 -9.49 18.19 -77.73
CA GLU E 188 -9.71 19.35 -78.59
C GLU E 188 -10.77 20.31 -78.04
N LEU E 189 -11.57 19.85 -77.08
CA LEU E 189 -12.61 20.69 -76.48
C LEU E 189 -12.09 21.57 -75.35
N ALA E 190 -10.97 21.19 -74.75
CA ALA E 190 -10.39 21.93 -73.63
C ALA E 190 -8.89 21.72 -73.50
N SER E 191 -8.12 22.49 -74.29
CA SER E 191 -6.66 22.37 -74.32
C SER E 191 -5.94 23.56 -73.69
N VAL E 192 -6.69 24.62 -73.39
CA VAL E 192 -6.09 25.88 -72.99
C VAL E 192 -5.10 25.73 -71.82
N THR E 193 -5.58 25.31 -70.66
CA THR E 193 -4.73 25.23 -69.46
C THR E 193 -3.53 24.30 -69.63
N CYS E 194 -3.71 23.23 -70.40
CA CYS E 194 -2.61 22.31 -70.71
C CYS E 194 -1.49 22.97 -71.50
N LEU E 195 -1.86 23.82 -72.47
CA LEU E 195 -0.86 24.60 -73.21
C LEU E 195 -0.16 25.64 -72.32
N GLU E 196 -0.87 26.16 -71.32
CA GLU E 196 -0.26 27.06 -70.34
C GLU E 196 0.77 26.31 -69.51
N LEU E 197 0.51 25.02 -69.25
CA LEU E 197 1.47 24.14 -68.59
C LEU E 197 2.77 24.05 -69.38
N GLY E 198 2.65 24.15 -70.71
CA GLY E 198 3.81 24.19 -71.60
C GLY E 198 4.71 25.38 -71.31
N GLU E 199 4.09 26.56 -71.17
CA GLU E 199 4.81 27.78 -70.84
C GLU E 199 5.48 27.68 -69.47
N ILE E 200 4.76 27.10 -68.51
CA ILE E 200 5.31 26.89 -67.17
C ILE E 200 6.58 26.00 -67.18
N CYS E 201 6.56 24.93 -67.97
CA CYS E 201 7.73 24.05 -68.11
C CYS E 201 8.93 24.78 -68.73
N LYS E 202 8.63 25.66 -69.69
CA LYS E 202 9.64 26.48 -70.33
C LYS E 202 10.26 27.46 -69.31
N GLU E 203 9.40 28.17 -68.58
CA GLU E 203 9.83 29.14 -67.57
C GLU E 203 10.66 28.52 -66.44
N VAL E 204 10.42 27.25 -66.15
CA VAL E 204 11.08 26.57 -65.06
C VAL E 204 12.30 25.75 -65.52
N GLY E 205 12.53 25.75 -66.83
CA GLY E 205 13.68 25.09 -67.43
C GLY E 205 13.71 23.58 -67.35
N LEU E 206 12.53 22.96 -67.35
CA LEU E 206 12.42 21.51 -67.46
C LEU E 206 13.22 21.05 -68.68
N PRO E 207 14.02 19.97 -68.54
CA PRO E 207 14.82 19.50 -69.66
C PRO E 207 13.98 19.26 -70.92
N ARG E 208 14.48 19.71 -72.07
CA ARG E 208 13.77 19.67 -73.33
C ARG E 208 13.38 18.24 -73.74
N GLY E 209 12.15 18.08 -74.20
CA GLY E 209 11.63 16.78 -74.63
C GLY E 209 11.05 15.90 -73.52
N VAL E 210 11.13 16.37 -72.28
CA VAL E 210 10.61 15.61 -71.14
C VAL E 210 9.08 15.70 -71.06
N LEU E 211 8.53 16.88 -71.35
CA LEU E 211 7.08 17.02 -71.54
C LEU E 211 6.78 17.71 -72.86
N ASN E 212 6.02 17.03 -73.72
CA ASN E 212 5.62 17.56 -75.01
C ASN E 212 4.11 17.63 -75.08
N ILE E 213 3.58 18.73 -75.61
CA ILE E 213 2.14 18.93 -75.64
C ILE E 213 1.65 19.15 -77.07
N VAL E 214 0.94 18.14 -77.56
CA VAL E 214 0.47 18.09 -78.93
C VAL E 214 -1.06 18.10 -78.91
N THR E 215 -1.65 19.24 -79.24
CA THR E 215 -3.10 19.36 -79.28
C THR E 215 -3.64 19.02 -80.67
N GLY E 216 -4.90 18.65 -80.75
CA GLY E 216 -5.53 18.35 -82.03
C GLY E 216 -6.69 17.39 -81.94
N LEU E 217 -7.18 16.97 -83.11
CA LEU E 217 -8.31 16.05 -83.18
C LEU E 217 -7.88 14.62 -82.81
N GLY E 218 -8.73 13.92 -82.07
CA GLY E 218 -8.48 12.53 -81.66
C GLY E 218 -8.10 11.61 -82.80
N HIS E 219 -8.85 11.66 -83.90
CA HIS E 219 -8.62 10.77 -85.04
C HIS E 219 -7.38 11.16 -85.86
N GLU E 220 -6.91 12.39 -85.69
CA GLU E 220 -5.67 12.85 -86.30
C GLU E 220 -4.50 12.74 -85.31
N ALA E 221 -4.36 13.72 -84.42
CA ALA E 221 -3.26 13.74 -83.46
C ALA E 221 -3.28 12.55 -82.48
N GLY E 222 -4.46 12.17 -82.00
CA GLY E 222 -4.60 11.07 -81.04
C GLY E 222 -4.19 9.71 -81.58
N ALA E 223 -4.79 9.35 -82.73
CA ALA E 223 -4.44 8.11 -83.44
C ALA E 223 -2.96 8.07 -83.85
N SER E 224 -2.43 9.18 -84.34
CA SER E 224 -1.01 9.26 -84.72
C SER E 224 -0.10 8.98 -83.54
N LEU E 225 -0.46 9.51 -82.37
CA LEU E 225 0.29 9.29 -81.15
C LEU E 225 0.14 7.86 -80.64
N ALA E 226 -1.10 7.41 -80.50
CA ALA E 226 -1.39 6.05 -80.05
C ALA E 226 -0.71 5.01 -80.93
N SER E 227 -0.63 5.31 -82.23
CA SER E 227 -0.05 4.41 -83.23
C SER E 227 1.48 4.36 -83.27
N HIS E 228 2.13 5.41 -82.76
CA HIS E 228 3.58 5.55 -82.93
C HIS E 228 4.39 4.37 -82.36
N PRO E 229 5.25 3.78 -83.19
CA PRO E 229 6.06 2.62 -82.80
C PRO E 229 7.06 2.86 -81.68
N ASP E 230 7.37 4.13 -81.38
CA ASP E 230 8.38 4.44 -80.36
C ASP E 230 7.81 4.77 -78.98
N VAL E 231 6.51 4.95 -78.89
CA VAL E 231 5.83 5.08 -77.60
C VAL E 231 5.90 3.73 -76.88
N ASP E 232 6.27 3.74 -75.60
CA ASP E 232 6.40 2.51 -74.83
C ASP E 232 5.12 2.12 -74.10
N LYS E 233 4.26 3.10 -73.82
CA LYS E 233 3.09 2.90 -72.98
C LYS E 233 2.06 3.96 -73.29
N ILE E 234 0.79 3.57 -73.40
CA ILE E 234 -0.29 4.53 -73.58
C ILE E 234 -1.15 4.60 -72.31
N SER E 235 -1.42 5.83 -71.84
CA SER E 235 -2.30 6.05 -70.71
C SER E 235 -3.49 6.86 -71.17
N PHE E 236 -4.69 6.29 -71.00
CA PHE E 236 -5.89 6.85 -71.58
C PHE E 236 -7.04 7.01 -70.59
N THR E 237 -7.72 8.15 -70.69
CA THR E 237 -8.96 8.40 -69.96
C THR E 237 -9.96 9.04 -70.93
N GLY E 238 -11.08 8.37 -71.17
CA GLY E 238 -12.08 8.82 -72.12
C GLY E 238 -13.16 7.78 -72.38
N SER E 239 -13.77 7.86 -73.57
CA SER E 239 -14.93 7.02 -73.91
C SER E 239 -14.57 5.55 -74.11
N SER E 240 -15.57 4.69 -73.91
CA SER E 240 -15.44 3.24 -74.13
C SER E 240 -14.98 2.90 -75.54
N ALA E 241 -15.68 3.43 -76.54
CA ALA E 241 -15.38 3.16 -77.96
C ALA E 241 -13.93 3.51 -78.31
N THR E 242 -13.46 4.68 -77.86
CA THR E 242 -12.09 5.12 -78.14
C THR E 242 -11.07 4.24 -77.40
N GLY E 243 -11.38 3.91 -76.15
CA GLY E 243 -10.53 3.04 -75.33
C GLY E 243 -10.24 1.73 -76.03
N SER E 244 -11.29 1.11 -76.56
CA SER E 244 -11.18 -0.12 -77.33
C SER E 244 -10.30 0.05 -78.59
N LYS E 245 -10.44 1.19 -79.27
CA LYS E 245 -9.61 1.51 -80.44
C LYS E 245 -8.13 1.75 -80.08
N ILE E 246 -7.90 2.35 -78.90
CA ILE E 246 -6.55 2.59 -78.38
C ILE E 246 -5.87 1.24 -78.12
N MET E 247 -6.59 0.36 -77.42
CA MET E 247 -6.08 -0.96 -77.10
C MET E 247 -5.86 -1.77 -78.37
N THR E 248 -6.76 -1.62 -79.34
CA THR E 248 -6.64 -2.30 -80.62
C THR E 248 -5.36 -1.89 -81.33
N THR E 249 -5.04 -0.61 -81.22
CA THR E 249 -3.84 -0.05 -81.86
C THR E 249 -2.56 -0.47 -81.13
N ALA E 250 -2.60 -0.47 -79.80
CA ALA E 250 -1.45 -0.87 -78.98
C ALA E 250 -1.15 -2.36 -79.20
N ALA E 251 -2.19 -3.14 -79.43
CA ALA E 251 -2.09 -4.57 -79.70
C ALA E 251 -1.16 -4.89 -80.88
N GLN E 252 -1.22 -4.06 -81.91
CA GLN E 252 -0.38 -4.21 -83.11
C GLN E 252 1.08 -4.42 -82.77
N LEU E 253 1.57 -3.66 -81.78
CA LEU E 253 2.97 -3.73 -81.35
C LEU E 253 3.08 -4.17 -79.88
N VAL E 254 1.98 -4.72 -79.35
CA VAL E 254 1.91 -5.24 -77.98
C VAL E 254 2.37 -4.20 -76.95
N LYS E 255 1.86 -2.99 -77.08
CA LYS E 255 2.21 -1.92 -76.15
C LYS E 255 1.33 -2.07 -74.90
N PRO E 256 1.91 -1.85 -73.70
CA PRO E 256 1.05 -1.80 -72.54
C PRO E 256 0.18 -0.55 -72.57
N VAL E 257 -0.95 -0.66 -71.86
CA VAL E 257 -2.00 0.35 -71.89
C VAL E 257 -2.69 0.37 -70.52
N SER E 258 -3.08 1.55 -70.07
CA SER E 258 -3.98 1.69 -68.92
C SER E 258 -5.17 2.54 -69.32
N LEU E 259 -6.35 2.17 -68.85
CA LEU E 259 -7.60 2.80 -69.31
C LEU E 259 -8.55 3.13 -68.18
N GLU E 260 -8.99 4.39 -68.11
CA GLU E 260 -10.17 4.74 -67.34
C GLU E 260 -11.22 5.15 -68.36
N LEU E 261 -12.25 4.34 -68.48
CA LEU E 261 -13.28 4.60 -69.46
C LEU E 261 -14.51 5.08 -68.73
N GLY E 262 -15.66 5.03 -69.38
CA GLY E 262 -16.88 5.51 -68.73
C GLY E 262 -17.33 4.71 -67.51
N GLY E 263 -18.55 4.97 -67.10
CA GLY E 263 -19.15 4.22 -66.03
C GLY E 263 -20.64 4.44 -66.05
N LYS E 264 -21.34 3.67 -65.23
CA LYS E 264 -22.73 3.86 -64.97
C LYS E 264 -22.85 3.45 -63.52
N SER E 265 -22.29 4.31 -62.67
CA SER E 265 -22.09 3.99 -61.26
C SER E 265 -23.38 4.07 -60.46
N PRO E 266 -23.58 3.10 -59.57
CA PRO E 266 -24.78 3.09 -58.74
C PRO E 266 -24.57 3.77 -57.39
N ILE E 267 -25.61 4.44 -56.91
CA ILE E 267 -25.70 4.82 -55.52
C ILE E 267 -26.89 4.10 -54.88
N VAL E 268 -26.59 3.30 -53.86
CA VAL E 268 -27.61 2.52 -53.16
C VAL E 268 -27.94 3.21 -51.84
N VAL E 269 -29.19 3.66 -51.71
CA VAL E 269 -29.66 4.36 -50.52
C VAL E 269 -30.60 3.45 -49.72
N PHE E 270 -30.23 3.15 -48.47
CA PHE E 270 -31.07 2.35 -47.59
C PHE E 270 -31.99 3.23 -46.74
N GLU E 271 -32.91 2.60 -46.00
CA GLU E 271 -33.92 3.35 -45.23
C GLU E 271 -33.37 4.12 -44.01
N ASP E 272 -32.37 3.54 -43.34
CA ASP E 272 -31.82 4.15 -42.12
C ASP E 272 -30.83 5.27 -42.43
N VAL E 273 -31.39 6.43 -42.80
CA VAL E 273 -30.58 7.49 -43.40
C VAL E 273 -31.19 8.90 -43.21
N ASP E 274 -30.31 9.88 -42.93
CA ASP E 274 -30.73 11.29 -42.88
C ASP E 274 -30.95 11.77 -44.32
N LEU E 275 -32.22 11.86 -44.70
CA LEU E 275 -32.61 12.07 -46.09
C LEU E 275 -32.01 13.32 -46.72
N ASP E 276 -31.93 14.40 -45.96
CA ASP E 276 -31.40 15.66 -46.49
C ASP E 276 -29.89 15.64 -46.72
N LYS E 277 -29.16 14.98 -45.83
CA LYS E 277 -27.72 14.86 -45.95
C LYS E 277 -27.34 14.02 -47.17
N VAL E 278 -27.93 12.84 -47.30
CA VAL E 278 -27.67 12.01 -48.48
C VAL E 278 -28.33 12.54 -49.77
N ALA E 279 -29.41 13.30 -49.62
CA ALA E 279 -29.99 14.01 -50.78
C ALA E 279 -28.95 14.90 -51.46
N GLU E 280 -28.18 15.65 -50.65
CA GLU E 280 -27.11 16.47 -51.22
C GLU E 280 -26.04 15.59 -51.90
N TRP E 281 -25.71 14.46 -51.28
CA TRP E 281 -24.67 13.59 -51.81
C TRP E 281 -25.03 13.00 -53.16
N THR E 282 -26.28 12.55 -53.32
CA THR E 282 -26.69 11.92 -54.59
C THR E 282 -26.78 12.96 -55.70
N VAL E 283 -27.26 14.16 -55.36
CA VAL E 283 -27.28 15.29 -56.29
C VAL E 283 -25.85 15.71 -56.68
N PHE E 284 -24.93 15.70 -55.71
CA PHE E 284 -23.51 15.93 -55.97
C PHE E 284 -22.97 14.82 -56.86
N GLY E 285 -23.27 13.58 -56.48
CA GLY E 285 -22.80 12.39 -57.19
C GLY E 285 -23.18 12.30 -58.66
N CYS E 286 -24.24 13.01 -59.06
CA CYS E 286 -24.74 12.95 -60.42
C CYS E 286 -24.72 14.29 -61.18
N PHE E 287 -24.85 15.41 -60.48
CA PHE E 287 -24.93 16.72 -61.13
C PHE E 287 -23.63 17.56 -61.12
N PHE E 288 -22.70 17.22 -60.22
CA PHE E 288 -21.39 17.89 -60.15
C PHE E 288 -20.68 17.81 -61.50
N THR E 289 -19.87 18.82 -61.81
CA THR E 289 -19.18 18.92 -63.10
C THR E 289 -20.17 18.82 -64.27
N ASN E 290 -21.39 19.32 -64.02
CA ASN E 290 -22.48 19.28 -65.00
C ASN E 290 -22.81 17.85 -65.44
N GLY E 291 -22.65 16.91 -64.52
CA GLY E 291 -22.92 15.50 -64.79
C GLY E 291 -21.83 14.79 -65.59
N GLN E 292 -20.79 15.53 -65.96
CA GLN E 292 -19.72 15.00 -66.80
C GLN E 292 -18.57 14.41 -65.97
N ILE E 293 -18.92 13.55 -65.01
CA ILE E 293 -17.96 12.82 -64.20
C ILE E 293 -17.91 11.38 -64.70
N CYS E 294 -16.70 10.84 -64.88
CA CYS E 294 -16.54 9.44 -65.28
C CYS E 294 -17.23 8.52 -64.30
N SER E 295 -17.06 8.82 -63.01
CA SER E 295 -17.55 7.95 -61.96
C SER E 295 -18.92 8.38 -61.43
N ALA E 296 -19.62 9.21 -62.19
CA ALA E 296 -20.95 9.72 -61.80
C ALA E 296 -21.89 8.61 -61.37
N THR E 297 -22.45 8.76 -60.17
CA THR E 297 -23.43 7.83 -59.65
C THR E 297 -24.79 8.19 -60.23
N SER E 298 -25.02 7.75 -61.46
CA SER E 298 -26.18 8.15 -62.25
C SER E 298 -27.35 7.15 -62.14
N ARG E 299 -27.16 6.09 -61.38
CA ARG E 299 -28.24 5.15 -61.10
C ARG E 299 -28.54 5.12 -59.61
N LEU E 300 -29.65 5.75 -59.23
CA LEU E 300 -30.12 5.75 -57.85
C LEU E 300 -30.96 4.50 -57.56
N ILE E 301 -30.54 3.75 -56.55
CA ILE E 301 -31.23 2.55 -56.12
C ILE E 301 -31.72 2.75 -54.68
N VAL E 302 -32.96 3.25 -54.56
CA VAL E 302 -33.55 3.61 -53.25
C VAL E 302 -34.46 2.52 -52.69
N HIS E 303 -34.44 2.38 -51.37
CA HIS E 303 -35.37 1.49 -50.68
C HIS E 303 -36.79 2.01 -50.85
N GLU E 304 -37.69 1.11 -51.25
CA GLU E 304 -39.08 1.44 -51.54
C GLU E 304 -39.79 2.27 -50.46
N SER E 305 -39.54 1.96 -49.20
CA SER E 305 -40.22 2.63 -48.08
C SER E 305 -39.94 4.12 -47.96
N ILE E 306 -38.79 4.57 -48.46
CA ILE E 306 -38.42 5.99 -48.40
C ILE E 306 -38.33 6.64 -49.78
N ALA E 307 -38.62 5.87 -50.83
CA ALA E 307 -38.44 6.31 -52.20
C ALA E 307 -39.14 7.62 -52.52
N VAL E 308 -40.44 7.71 -52.22
CA VAL E 308 -41.24 8.84 -52.66
C VAL E 308 -40.80 10.17 -52.05
N GLU E 309 -40.61 10.20 -50.73
CA GLU E 309 -40.20 11.45 -50.09
C GLU E 309 -38.73 11.82 -50.33
N PHE E 310 -37.87 10.81 -50.48
CA PHE E 310 -36.47 11.05 -50.82
C PHE E 310 -36.30 11.65 -52.21
N VAL E 311 -36.95 11.04 -53.21
CA VAL E 311 -36.90 11.53 -54.59
C VAL E 311 -37.52 12.94 -54.67
N ASP E 312 -38.53 13.17 -53.83
CA ASP E 312 -39.14 14.49 -53.71
C ASP E 312 -38.15 15.52 -53.18
N LYS E 313 -37.33 15.10 -52.20
CA LYS E 313 -36.27 15.95 -51.67
C LYS E 313 -35.16 16.18 -52.70
N LEU E 314 -34.85 15.16 -53.47
CA LEU E 314 -33.94 15.28 -54.61
C LEU E 314 -34.40 16.36 -55.57
N VAL E 315 -35.68 16.31 -55.93
CA VAL E 315 -36.28 17.27 -56.86
C VAL E 315 -36.07 18.69 -56.37
N LYS E 316 -36.30 18.90 -55.07
CA LYS E 316 -36.18 20.23 -54.47
C LYS E 316 -34.76 20.74 -54.40
N TRP E 317 -33.81 19.87 -54.04
CA TRP E 317 -32.39 20.21 -54.13
C TRP E 317 -31.99 20.59 -55.57
N ALA E 318 -32.40 19.75 -56.53
CA ALA E 318 -32.06 19.95 -57.94
C ALA E 318 -32.61 21.26 -58.51
N GLU E 319 -33.84 21.60 -58.13
CA GLU E 319 -34.50 22.82 -58.59
C GLU E 319 -33.89 24.09 -58.01
N ASN E 320 -33.29 23.97 -56.83
CA ASN E 320 -32.63 25.10 -56.16
C ASN E 320 -31.18 25.35 -56.62
N ILE E 321 -30.63 24.43 -57.41
CA ILE E 321 -29.28 24.59 -57.97
C ILE E 321 -29.21 25.78 -58.91
N LYS E 322 -28.38 26.77 -58.57
CA LYS E 322 -28.20 27.93 -59.43
C LYS E 322 -27.55 27.54 -60.75
N ILE E 323 -28.21 27.90 -61.84
CA ILE E 323 -27.69 27.63 -63.17
C ILE E 323 -27.46 28.94 -63.92
N SER E 324 -26.23 29.16 -64.36
CA SER E 324 -25.82 30.40 -65.01
C SER E 324 -24.51 30.25 -65.75
N ASP E 325 -24.01 31.36 -66.29
CA ASP E 325 -22.63 31.46 -66.77
C ASP E 325 -21.71 31.07 -65.62
N PRO E 326 -20.73 30.16 -65.90
CA PRO E 326 -19.89 29.56 -64.85
C PRO E 326 -19.01 30.54 -64.06
N LEU E 327 -18.79 31.75 -64.60
CA LEU E 327 -17.97 32.77 -63.93
C LEU E 327 -18.75 33.64 -62.96
N GLU E 328 -20.08 33.58 -63.04
CA GLU E 328 -20.95 34.35 -62.15
C GLU E 328 -20.89 33.79 -60.74
N GLU E 329 -21.04 34.66 -59.74
CA GLU E 329 -21.04 34.27 -58.33
C GLU E 329 -22.20 33.32 -58.03
N GLY E 330 -21.92 32.30 -57.23
CA GLY E 330 -22.94 31.35 -56.76
C GLY E 330 -23.27 30.23 -57.75
N CYS E 331 -22.62 30.22 -58.91
CA CYS E 331 -22.91 29.24 -59.95
C CYS E 331 -22.67 27.83 -59.45
N ARG E 332 -23.67 26.99 -59.62
CA ARG E 332 -23.60 25.59 -59.17
C ARG E 332 -23.78 24.61 -60.32
N LEU E 333 -24.21 25.13 -61.47
CA LEU E 333 -24.32 24.32 -62.68
C LEU E 333 -24.03 25.18 -63.91
N GLY E 334 -23.03 24.76 -64.68
CA GLY E 334 -22.70 25.41 -65.94
C GLY E 334 -23.23 24.63 -67.13
N PRO E 335 -22.89 25.08 -68.35
CA PRO E 335 -23.39 24.45 -69.56
C PRO E 335 -22.64 23.17 -69.91
N ILE E 336 -23.22 22.35 -70.77
CA ILE E 336 -22.54 21.19 -71.33
C ILE E 336 -21.40 21.69 -72.22
N VAL E 337 -20.33 20.90 -72.32
CA VAL E 337 -19.06 21.32 -72.94
C VAL E 337 -19.15 21.79 -74.40
N SER E 338 -20.05 21.19 -75.20
CA SER E 338 -20.11 21.47 -76.64
C SER E 338 -21.50 21.16 -77.19
N GLU E 339 -21.75 21.61 -78.43
CA GLU E 339 -23.05 21.44 -79.07
C GLU E 339 -23.37 19.96 -79.35
N ALA E 340 -22.36 19.21 -79.79
CA ALA E 340 -22.55 17.79 -80.07
C ALA E 340 -22.87 17.00 -78.80
N GLN E 341 -22.23 17.39 -77.69
CA GLN E 341 -22.51 16.78 -76.39
C GLN E 341 -23.89 17.18 -75.86
N TYR E 342 -24.23 18.44 -76.07
CA TYR E 342 -25.53 18.99 -75.68
C TYR E 342 -26.70 18.18 -76.26
N LYS E 343 -26.63 17.91 -77.56
CA LYS E 343 -27.63 17.09 -78.25
C LYS E 343 -27.72 15.67 -77.70
N LYS E 344 -26.57 15.01 -77.52
CA LYS E 344 -26.52 13.67 -76.94
C LYS E 344 -27.32 13.59 -75.65
N VAL E 345 -27.08 14.54 -74.74
CA VAL E 345 -27.76 14.56 -73.45
C VAL E 345 -29.27 14.74 -73.63
N LEU E 346 -29.67 15.67 -74.49
CA LEU E 346 -31.09 15.90 -74.76
C LEU E 346 -31.74 14.68 -75.40
N ASN E 347 -31.02 14.02 -76.31
CA ASN E 347 -31.48 12.79 -76.94
C ASN E 347 -31.63 11.63 -75.94
N CYS E 348 -30.73 11.55 -74.97
CA CYS E 348 -30.86 10.55 -73.90
C CYS E 348 -32.17 10.78 -73.15
N ILE E 349 -32.48 12.05 -72.89
CA ILE E 349 -33.71 12.43 -72.19
C ILE E 349 -34.98 12.14 -73.00
N SER E 350 -35.03 12.55 -74.26
CA SER E 350 -36.23 12.29 -75.07
C SER E 350 -36.41 10.80 -75.38
N SER E 351 -35.30 10.07 -75.49
CA SER E 351 -35.33 8.60 -75.57
C SER E 351 -35.93 7.96 -74.32
N ALA E 352 -35.59 8.49 -73.15
CA ALA E 352 -36.19 8.04 -71.89
C ALA E 352 -37.71 8.24 -71.92
N LYS E 353 -38.15 9.39 -72.41
CA LYS E 353 -39.58 9.70 -72.54
C LYS E 353 -40.25 8.76 -73.55
N SER E 354 -39.60 8.53 -74.67
CA SER E 354 -40.07 7.60 -75.70
C SER E 354 -40.25 6.17 -75.21
N GLU E 355 -39.39 5.76 -74.28
CA GLU E 355 -39.39 4.39 -73.77
C GLU E 355 -40.36 4.20 -72.59
N GLY E 356 -41.09 5.26 -72.25
CA GLY E 356 -42.11 5.20 -71.21
C GLY E 356 -41.67 5.61 -69.81
N ALA E 357 -40.46 6.17 -69.70
CA ALA E 357 -39.97 6.67 -68.41
C ALA E 357 -40.57 8.04 -68.07
N THR E 358 -40.50 8.43 -66.80
CA THR E 358 -41.04 9.70 -66.36
C THR E 358 -39.94 10.73 -66.05
N ILE E 359 -40.04 11.91 -66.67
CA ILE E 359 -39.16 13.02 -66.36
C ILE E 359 -39.78 13.83 -65.23
N LEU E 360 -39.34 13.56 -64.00
CA LEU E 360 -39.88 14.21 -62.80
C LEU E 360 -39.50 15.68 -62.68
N THR E 361 -38.30 16.02 -63.11
CA THR E 361 -37.85 17.40 -63.12
C THR E 361 -36.74 17.59 -64.15
N GLY E 362 -36.68 18.80 -64.71
CA GLY E 362 -35.69 19.15 -65.71
C GLY E 362 -35.95 18.56 -67.08
N GLY E 363 -34.88 18.16 -67.75
CA GLY E 363 -34.94 17.59 -69.10
C GLY E 363 -35.27 18.65 -70.11
N ARG E 364 -34.72 19.85 -69.92
CA ARG E 364 -35.14 21.04 -70.63
C ARG E 364 -34.11 22.17 -70.47
N ARG E 365 -34.01 23.03 -71.48
CA ARG E 365 -33.21 24.25 -71.41
C ARG E 365 -33.85 25.22 -70.41
N PRO E 366 -33.05 25.80 -69.49
CA PRO E 366 -33.57 26.71 -68.48
C PRO E 366 -34.22 27.94 -69.10
N GLU E 367 -35.35 28.36 -68.54
CA GLU E 367 -36.11 29.50 -69.03
C GLU E 367 -35.27 30.78 -69.17
N HIS E 368 -34.47 31.09 -68.14
CA HIS E 368 -33.70 32.33 -68.07
C HIS E 368 -32.40 32.35 -68.87
N LEU E 369 -32.11 31.26 -69.57
CA LEU E 369 -30.90 31.13 -70.37
C LEU E 369 -31.24 30.82 -71.83
N LYS E 370 -31.05 31.81 -72.70
CA LYS E 370 -31.45 31.69 -74.11
C LYS E 370 -30.38 31.06 -74.99
N LYS E 371 -29.13 31.43 -74.75
CA LYS E 371 -28.00 30.86 -75.47
C LYS E 371 -27.10 30.07 -74.51
N GLY E 372 -26.28 29.17 -75.07
CA GLY E 372 -25.41 28.32 -74.25
C GLY E 372 -25.99 26.94 -74.01
N TYR E 373 -25.12 25.95 -73.88
CA TYR E 373 -25.53 24.54 -73.86
C TYR E 373 -26.04 24.09 -72.50
N PHE E 374 -27.04 24.80 -71.98
CA PHE E 374 -27.58 24.54 -70.65
C PHE E 374 -28.73 23.55 -70.65
N VAL E 375 -28.64 22.56 -69.77
CA VAL E 375 -29.74 21.66 -69.48
C VAL E 375 -29.99 21.74 -67.97
N GLU E 376 -31.26 21.76 -67.58
CA GLU E 376 -31.63 21.69 -66.16
C GLU E 376 -31.25 20.31 -65.61
N PRO E 377 -30.98 20.21 -64.30
CA PRO E 377 -30.72 18.90 -63.70
C PRO E 377 -31.95 18.03 -63.90
N THR E 378 -31.74 16.76 -64.27
CA THR E 378 -32.85 15.89 -64.67
C THR E 378 -32.93 14.65 -63.77
N ILE E 379 -34.12 14.42 -63.22
CA ILE E 379 -34.38 13.20 -62.48
C ILE E 379 -35.41 12.36 -63.23
N ILE E 380 -35.02 11.12 -63.53
CA ILE E 380 -35.84 10.25 -64.37
C ILE E 380 -36.29 9.03 -63.57
N THR E 381 -37.61 8.86 -63.51
CA THR E 381 -38.20 7.77 -62.74
C THR E 381 -39.04 6.86 -63.64
N ASP E 382 -39.66 5.83 -63.06
CA ASP E 382 -40.37 4.79 -63.80
C ASP E 382 -39.43 4.15 -64.81
N VAL E 383 -38.26 3.75 -64.32
CA VAL E 383 -37.21 3.19 -65.15
C VAL E 383 -37.21 1.68 -65.06
N THR E 384 -36.89 1.03 -66.18
CA THR E 384 -36.76 -0.42 -66.27
C THR E 384 -35.32 -0.75 -66.66
N THR E 385 -34.85 -1.92 -66.23
CA THR E 385 -33.52 -2.42 -66.59
C THR E 385 -33.25 -2.46 -68.11
N SER E 386 -34.32 -2.59 -68.91
CA SER E 386 -34.20 -2.68 -70.36
C SER E 386 -34.07 -1.32 -71.05
N MET E 387 -34.24 -0.25 -70.29
CA MET E 387 -34.20 1.10 -70.85
C MET E 387 -32.79 1.59 -71.18
N GLN E 388 -32.73 2.55 -72.11
CA GLN E 388 -31.47 3.19 -72.48
C GLN E 388 -30.77 3.96 -71.36
N ILE E 389 -31.51 4.76 -70.59
CA ILE E 389 -30.88 5.56 -69.50
C ILE E 389 -30.39 4.71 -68.32
N TRP E 390 -30.84 3.47 -68.25
CA TRP E 390 -30.30 2.53 -67.27
C TRP E 390 -28.94 1.98 -67.70
N ARG E 391 -28.76 1.73 -69.00
CA ARG E 391 -27.54 1.08 -69.48
C ARG E 391 -26.44 2.03 -69.96
N GLU E 392 -26.82 3.10 -70.66
CA GLU E 392 -25.85 3.97 -71.32
C GLU E 392 -25.43 5.19 -70.49
N GLU E 393 -24.14 5.50 -70.53
CA GLU E 393 -23.60 6.69 -69.91
C GLU E 393 -24.14 7.95 -70.62
N VAL E 394 -24.71 8.86 -69.85
CA VAL E 394 -25.30 10.08 -70.42
C VAL E 394 -24.26 11.18 -70.56
N PHE E 395 -23.51 11.39 -69.48
CA PHE E 395 -22.51 12.46 -69.39
C PHE E 395 -23.18 13.83 -69.44
N GLY E 396 -24.22 13.96 -68.63
CA GLY E 396 -25.00 15.16 -68.46
C GLY E 396 -25.68 15.00 -67.12
N PRO E 397 -26.24 16.09 -66.56
CA PRO E 397 -26.81 16.04 -65.22
C PRO E 397 -28.15 15.28 -65.19
N VAL E 398 -28.09 13.95 -65.33
CA VAL E 398 -29.29 13.14 -65.49
C VAL E 398 -29.25 11.90 -64.59
N LEU E 399 -30.17 11.81 -63.63
CA LEU E 399 -30.22 10.70 -62.69
C LEU E 399 -31.41 9.77 -62.97
N ALA E 400 -31.11 8.48 -63.05
CA ALA E 400 -32.13 7.45 -63.26
C ALA E 400 -32.43 6.78 -61.93
N VAL E 401 -33.71 6.61 -61.63
CA VAL E 401 -34.12 6.08 -60.32
C VAL E 401 -34.78 4.69 -60.42
N LYS E 402 -34.35 3.77 -59.56
CA LYS E 402 -35.01 2.48 -59.37
C LYS E 402 -35.21 2.18 -57.89
N THR E 403 -36.19 1.31 -57.64
CA THR E 403 -36.65 0.94 -56.31
C THR E 403 -36.18 -0.48 -55.95
N PHE E 404 -35.94 -0.74 -54.68
CA PHE E 404 -35.64 -2.10 -54.22
C PHE E 404 -36.31 -2.41 -52.90
N SER E 405 -36.54 -3.70 -52.61
CA SER E 405 -37.04 -4.11 -51.30
C SER E 405 -35.98 -4.82 -50.45
N THR E 406 -35.29 -5.80 -51.03
CA THR E 406 -34.28 -6.56 -50.27
C THR E 406 -32.85 -6.18 -50.64
N GLU E 407 -31.93 -6.46 -49.72
CA GLU E 407 -30.51 -6.21 -49.93
C GLU E 407 -29.96 -6.99 -51.15
N GLU E 408 -30.34 -8.26 -51.27
CA GLU E 408 -29.97 -9.08 -52.43
C GLU E 408 -30.36 -8.40 -53.75
N GLU E 409 -31.56 -7.79 -53.75
CA GLU E 409 -32.11 -7.10 -54.92
C GLU E 409 -31.35 -5.80 -55.21
N ALA E 410 -31.05 -5.05 -54.16
CA ALA E 410 -30.27 -3.83 -54.26
C ALA E 410 -28.89 -4.10 -54.87
N ILE E 411 -28.24 -5.16 -54.41
CA ILE E 411 -26.93 -5.57 -54.91
C ILE E 411 -26.98 -5.95 -56.39
N ASN E 412 -27.97 -6.78 -56.77
CA ASN E 412 -28.12 -7.21 -58.16
C ASN E 412 -28.38 -6.07 -59.12
N LEU E 413 -29.19 -5.10 -58.69
CA LEU E 413 -29.46 -3.90 -59.48
C LEU E 413 -28.20 -3.04 -59.62
N ALA E 414 -27.44 -2.92 -58.53
CA ALA E 414 -26.21 -2.12 -58.52
C ALA E 414 -25.17 -2.70 -59.47
N ASN E 415 -25.11 -4.03 -59.53
CA ASN E 415 -24.21 -4.77 -60.43
C ASN E 415 -24.80 -5.07 -61.81
N ASP E 416 -25.99 -4.54 -62.10
CA ASP E 416 -26.65 -4.76 -63.40
C ASP E 416 -26.11 -3.82 -64.48
N THR E 417 -24.81 -3.95 -64.75
CA THR E 417 -24.10 -3.09 -65.70
C THR E 417 -22.83 -3.81 -66.14
N HIS E 418 -22.37 -3.52 -67.35
CA HIS E 418 -21.08 -4.04 -67.82
C HIS E 418 -19.92 -3.15 -67.35
N TYR E 419 -20.23 -1.96 -66.85
CA TYR E 419 -19.25 -1.06 -66.28
C TYR E 419 -18.83 -1.49 -64.87
N GLY E 420 -17.83 -0.79 -64.32
CA GLY E 420 -17.39 -1.05 -62.95
C GLY E 420 -16.44 0.00 -62.39
N LEU E 421 -16.78 1.27 -62.57
CA LEU E 421 -15.91 2.33 -62.08
C LEU E 421 -16.16 2.68 -60.62
N GLY E 422 -17.27 3.35 -60.35
CA GLY E 422 -17.62 3.74 -58.98
C GLY E 422 -18.88 3.08 -58.45
N SER E 423 -19.22 3.41 -57.22
CA SER E 423 -20.40 2.91 -56.52
C SER E 423 -20.48 3.52 -55.13
N ALA E 424 -21.70 3.77 -54.66
CA ALA E 424 -21.90 4.31 -53.33
C ALA E 424 -22.98 3.57 -52.53
N VAL E 425 -22.77 3.48 -51.22
CA VAL E 425 -23.75 2.94 -50.29
C VAL E 425 -24.05 4.00 -49.22
N MET E 426 -25.32 4.34 -49.08
CA MET E 426 -25.76 5.25 -48.03
C MET E 426 -26.58 4.48 -47.01
N SER E 427 -26.00 4.28 -45.82
CA SER E 427 -26.64 3.58 -44.70
C SER E 427 -25.95 3.92 -43.38
N ASN E 428 -26.73 4.07 -42.31
CA ASN E 428 -26.18 4.28 -40.97
C ASN E 428 -25.66 2.98 -40.33
N ASP E 429 -26.20 1.85 -40.77
CA ASP E 429 -25.71 0.54 -40.35
C ASP E 429 -24.38 0.25 -41.07
N LEU E 430 -23.28 0.39 -40.34
CA LEU E 430 -21.93 0.27 -40.90
C LEU E 430 -21.50 -1.18 -41.17
N GLU E 431 -22.20 -2.14 -40.59
CA GLU E 431 -21.97 -3.54 -40.93
C GLU E 431 -22.58 -3.84 -42.29
N ARG E 432 -23.69 -3.16 -42.59
CA ARG E 432 -24.35 -3.27 -43.88
C ARG E 432 -23.50 -2.62 -44.98
N CYS E 433 -22.87 -1.50 -44.65
CA CYS E 433 -21.98 -0.80 -45.57
C CYS E 433 -20.78 -1.66 -45.96
N GLU E 434 -20.20 -2.35 -44.99
CA GLU E 434 -19.10 -3.27 -45.27
C GLU E 434 -19.53 -4.39 -46.22
N ARG E 435 -20.68 -4.99 -45.96
CA ARG E 435 -21.23 -6.05 -46.82
C ARG E 435 -21.27 -5.60 -48.28
N LEU E 436 -21.95 -4.49 -48.51
CA LEU E 436 -22.11 -3.96 -49.85
C LEU E 436 -20.80 -3.51 -50.49
N SER E 437 -19.86 -3.02 -49.69
CA SER E 437 -18.55 -2.64 -50.21
C SER E 437 -17.80 -3.87 -50.76
N LYS E 438 -18.00 -5.03 -50.13
CA LYS E 438 -17.45 -6.29 -50.66
C LYS E 438 -18.19 -6.76 -51.91
N ALA E 439 -19.46 -6.43 -52.01
CA ALA E 439 -20.35 -7.03 -53.00
C ALA E 439 -20.43 -6.22 -54.28
N LEU E 440 -20.20 -4.91 -54.17
CA LEU E 440 -20.28 -4.00 -55.32
C LEU E 440 -19.10 -4.21 -56.27
N GLN E 441 -19.41 -4.48 -57.53
CA GLN E 441 -18.39 -4.79 -58.54
C GLN E 441 -17.86 -3.49 -59.16
N ALA E 442 -16.91 -2.88 -58.46
CA ALA E 442 -16.38 -1.57 -58.82
C ALA E 442 -14.95 -1.43 -58.33
N GLY E 443 -14.20 -0.51 -58.96
CA GLY E 443 -12.86 -0.19 -58.50
C GLY E 443 -12.86 0.79 -57.33
N ILE E 444 -13.95 1.53 -57.18
CA ILE E 444 -14.10 2.50 -56.10
C ILE E 444 -15.45 2.35 -55.40
N VAL E 445 -15.42 2.22 -54.07
CA VAL E 445 -16.65 2.19 -53.26
C VAL E 445 -16.64 3.34 -52.25
N TRP E 446 -17.64 4.21 -52.35
CA TRP E 446 -17.82 5.29 -51.38
C TRP E 446 -18.89 4.89 -50.38
N ILE E 447 -18.63 5.13 -49.10
CA ILE E 447 -19.59 4.85 -48.05
C ILE E 447 -20.07 6.15 -47.43
N ASN E 448 -21.39 6.36 -47.45
CA ASN E 448 -22.04 7.56 -46.91
C ASN E 448 -21.56 8.87 -47.53
N CYS E 449 -21.06 8.76 -48.76
CA CYS E 449 -20.75 9.90 -49.62
C CYS E 449 -20.68 9.38 -51.05
N ALA E 450 -20.36 10.26 -51.99
CA ALA E 450 -20.11 9.88 -53.38
C ALA E 450 -19.25 10.93 -54.07
N GLN E 451 -18.19 10.48 -54.74
CA GLN E 451 -17.35 11.28 -55.67
C GLN E 451 -15.92 11.76 -55.30
N PRO E 452 -15.57 11.85 -53.99
CA PRO E 452 -14.24 12.40 -53.65
C PRO E 452 -13.06 11.51 -54.05
N SER E 453 -12.15 12.07 -54.87
CA SER E 453 -10.95 11.35 -55.30
C SER E 453 -9.67 11.91 -54.67
N PHE E 454 -9.35 11.41 -53.47
CA PHE E 454 -8.13 11.76 -52.75
C PHE E 454 -6.88 11.21 -53.44
N ILE E 455 -5.82 12.03 -53.48
CA ILE E 455 -4.62 11.72 -54.26
C ILE E 455 -3.78 10.59 -53.65
N GLN E 456 -4.10 10.19 -52.42
CA GLN E 456 -3.39 9.09 -51.76
C GLN E 456 -4.00 7.72 -52.04
N ALA E 457 -5.20 7.70 -52.64
CA ALA E 457 -5.97 6.46 -52.81
C ALA E 457 -6.08 6.03 -54.28
N PRO E 458 -5.84 4.73 -54.56
CA PRO E 458 -5.82 4.22 -55.94
C PRO E 458 -7.17 4.40 -56.64
N TRP E 459 -7.12 4.85 -57.88
CA TRP E 459 -8.32 5.18 -58.64
C TRP E 459 -8.35 4.48 -59.99
N GLY E 460 -9.40 3.70 -60.21
CA GLY E 460 -9.61 3.01 -61.48
C GLY E 460 -10.81 2.11 -61.44
N GLY E 461 -11.09 1.45 -62.57
CA GLY E 461 -12.27 0.60 -62.68
C GLY E 461 -11.97 -0.86 -62.92
N ILE E 462 -13.03 -1.66 -62.93
CA ILE E 462 -12.94 -3.04 -63.39
C ILE E 462 -13.95 -3.21 -64.52
N LYS E 463 -14.04 -4.42 -65.08
CA LYS E 463 -15.00 -4.70 -66.15
C LYS E 463 -14.84 -3.70 -67.29
N ARG E 464 -15.92 -3.24 -67.89
CA ARG E 464 -15.81 -2.39 -69.09
C ARG E 464 -15.43 -0.92 -68.80
N SER E 465 -15.21 -0.61 -67.53
CA SER E 465 -14.69 0.70 -67.13
C SER E 465 -13.18 0.78 -67.29
N GLY E 466 -12.55 -0.38 -67.49
CA GLY E 466 -11.12 -0.42 -67.79
C GLY E 466 -10.29 -1.19 -66.78
N PHE E 467 -8.99 -0.88 -66.76
CA PHE E 467 -8.03 -1.54 -65.89
C PHE E 467 -6.81 -0.65 -65.68
N GLY E 468 -6.00 -1.00 -64.69
CA GLY E 468 -4.88 -0.18 -64.27
C GLY E 468 -5.35 0.83 -63.25
N ARG E 469 -4.43 1.29 -62.42
CA ARG E 469 -4.75 2.24 -61.37
C ARG E 469 -3.91 3.52 -61.44
N GLU E 470 -4.60 4.65 -61.28
CA GLU E 470 -3.96 5.94 -61.16
C GLU E 470 -4.06 6.42 -59.71
N LEU E 471 -3.37 7.52 -59.40
CA LEU E 471 -3.27 8.09 -58.05
C LEU E 471 -2.50 7.21 -57.06
N GLY E 472 -2.11 7.81 -55.94
CA GLY E 472 -1.29 7.13 -54.93
C GLY E 472 0.02 6.56 -55.47
N GLU E 473 0.51 5.54 -54.80
CA GLU E 473 1.72 4.84 -55.24
C GLU E 473 1.45 3.97 -56.49
N TRP E 474 0.17 3.68 -56.74
CA TRP E 474 -0.24 2.92 -57.92
C TRP E 474 0.00 3.70 -59.20
N GLY E 475 -0.32 5.01 -59.16
CA GLY E 475 -0.07 5.91 -60.28
C GLY E 475 1.40 5.97 -60.68
N LEU E 476 2.28 5.93 -59.69
CA LEU E 476 3.72 5.85 -59.93
C LEU E 476 4.07 4.53 -60.62
N GLU E 477 3.54 3.43 -60.09
CA GLU E 477 3.79 2.08 -60.60
C GLU E 477 3.34 1.96 -62.05
N ASN E 478 2.29 2.70 -62.40
CA ASN E 478 1.76 2.72 -63.75
C ASN E 478 2.79 3.10 -64.82
N TYR E 479 3.84 3.80 -64.41
CA TYR E 479 4.88 4.30 -65.32
C TYR E 479 6.24 3.70 -65.00
N LEU E 480 6.24 2.75 -64.09
CA LEU E 480 7.45 1.98 -63.79
C LEU E 480 7.33 0.57 -64.35
N SER E 481 8.46 -0.03 -64.71
CA SER E 481 8.51 -1.45 -65.00
C SER E 481 9.55 -2.12 -64.11
N VAL E 482 9.34 -3.39 -63.82
CA VAL E 482 10.16 -4.10 -62.86
C VAL E 482 11.28 -4.85 -63.57
N LYS E 483 12.49 -4.72 -63.04
CA LYS E 483 13.63 -5.45 -63.57
C LYS E 483 14.18 -6.38 -62.52
N GLN E 484 14.24 -7.67 -62.84
CA GLN E 484 14.89 -8.63 -61.95
C GLN E 484 16.40 -8.66 -62.26
N VAL E 485 17.21 -8.47 -61.22
CA VAL E 485 18.66 -8.63 -61.37
C VAL E 485 19.12 -9.76 -60.47
N THR E 486 19.66 -10.80 -61.09
CA THR E 486 20.06 -12.01 -60.36
C THR E 486 21.51 -12.37 -60.67
N ARG E 487 22.30 -12.59 -59.63
CA ARG E 487 23.74 -12.79 -59.77
C ARG E 487 24.17 -14.15 -59.25
N TYR E 488 24.98 -14.84 -60.05
CA TYR E 488 25.62 -16.08 -59.63
C TYR E 488 26.82 -15.75 -58.75
N THR E 489 26.82 -16.29 -57.54
CA THR E 489 27.81 -15.92 -56.52
C THR E 489 29.00 -16.89 -56.43
N SER E 490 28.70 -18.19 -56.48
CA SER E 490 29.68 -19.25 -56.30
C SER E 490 30.80 -19.27 -57.35
N ASP E 491 31.93 -19.87 -56.98
CA ASP E 491 33.03 -20.13 -57.93
C ASP E 491 32.93 -21.51 -58.56
N GLU E 492 31.91 -22.27 -58.16
CA GLU E 492 31.69 -23.62 -58.70
C GLU E 492 31.22 -23.59 -60.16
N PRO E 493 31.70 -24.56 -60.98
CA PRO E 493 31.12 -24.73 -62.31
C PRO E 493 29.66 -25.15 -62.15
N TRP E 494 28.81 -24.66 -63.04
CA TRP E 494 27.37 -24.93 -63.00
C TRP E 494 27.07 -26.43 -62.98
N GLY E 495 27.84 -27.19 -63.77
CA GLY E 495 27.85 -28.64 -63.69
C GLY E 495 26.60 -29.35 -64.16
N TRP E 496 25.97 -28.82 -65.20
CA TRP E 496 24.83 -29.49 -65.82
C TRP E 496 25.29 -30.35 -66.98
N TYR E 497 26.15 -29.78 -67.83
CA TYR E 497 26.69 -30.46 -68.99
C TYR E 497 28.03 -31.13 -68.71
N GLN E 498 28.41 -32.07 -69.57
CA GLN E 498 29.69 -32.78 -69.47
C GLN E 498 30.82 -31.95 -70.10
N PRO E 499 31.81 -31.55 -69.29
CA PRO E 499 32.96 -30.81 -69.82
C PRO E 499 33.72 -31.62 -70.87
N PRO E 500 34.20 -30.97 -71.94
CA PRO E 500 35.06 -31.63 -72.92
C PRO E 500 36.42 -31.99 -72.32
N SER E 501 37.13 -32.93 -72.93
CA SER E 501 38.41 -33.42 -72.40
C SER E 501 39.57 -32.44 -72.56
N LYS E 502 40.27 -32.18 -71.46
CA LYS E 502 41.44 -31.27 -71.47
C LYS E 502 42.60 -31.87 -72.26
N SER F 7 -6.56 -42.57 -71.34
CA SER F 7 -6.99 -41.36 -72.09
C SER F 7 -7.93 -40.47 -71.26
N ARG F 8 -7.54 -39.22 -71.08
CA ARG F 8 -8.35 -38.24 -70.36
C ARG F 8 -9.36 -37.55 -71.29
N GLN F 9 -10.39 -36.95 -70.69
CA GLN F 9 -11.33 -36.10 -71.41
C GLN F 9 -11.10 -34.64 -71.00
N LEU F 10 -12.03 -33.75 -71.35
CA LEU F 10 -11.99 -32.38 -70.86
C LEU F 10 -12.40 -32.38 -69.40
N PHE F 11 -11.83 -31.44 -68.64
CA PHE F 11 -12.15 -31.31 -67.23
C PHE F 11 -12.97 -30.04 -67.09
N ILE F 12 -14.29 -30.21 -66.99
CA ILE F 12 -15.24 -29.10 -66.88
C ILE F 12 -16.15 -29.34 -65.67
N ASP F 13 -16.25 -28.32 -64.81
CA ASP F 13 -17.15 -28.33 -63.65
C ASP F 13 -16.85 -29.52 -62.71
N GLY F 14 -15.57 -29.89 -62.63
CA GLY F 14 -15.11 -30.94 -61.72
C GLY F 14 -15.35 -32.34 -62.22
N GLU F 15 -15.70 -32.48 -63.49
CA GLU F 15 -16.01 -33.79 -64.08
C GLU F 15 -15.28 -33.98 -65.40
N TRP F 16 -14.95 -35.24 -65.69
CA TRP F 16 -14.45 -35.63 -66.98
C TRP F 16 -15.59 -35.64 -67.99
N ARG F 17 -15.37 -34.95 -69.12
CA ARG F 17 -16.43 -34.74 -70.09
C ARG F 17 -15.90 -34.79 -71.52
N VAL F 18 -16.51 -35.67 -72.33
CA VAL F 18 -16.20 -35.79 -73.76
C VAL F 18 -16.61 -34.49 -74.47
N PRO F 19 -15.75 -33.98 -75.36
CA PRO F 19 -16.11 -32.81 -76.18
C PRO F 19 -17.46 -32.99 -76.87
N ILE F 20 -18.24 -31.91 -76.96
CA ILE F 20 -19.58 -31.93 -77.56
C ILE F 20 -19.58 -32.49 -78.99
N LEU F 21 -18.59 -32.10 -79.78
CA LEU F 21 -18.45 -32.58 -81.16
C LEU F 21 -17.54 -33.80 -81.28
N ASN F 22 -17.03 -34.27 -80.13
CA ASN F 22 -16.32 -35.55 -80.04
C ASN F 22 -15.16 -35.71 -81.02
N LYS F 23 -14.37 -34.66 -81.20
CA LYS F 23 -13.15 -34.74 -82.01
C LYS F 23 -11.92 -34.92 -81.10
N ARG F 24 -10.86 -35.46 -81.68
CA ARG F 24 -9.60 -35.69 -80.96
C ARG F 24 -8.38 -35.30 -81.80
N ILE F 25 -7.35 -34.80 -81.13
CA ILE F 25 -6.11 -34.41 -81.79
C ILE F 25 -5.05 -35.48 -81.54
N PRO F 26 -4.43 -35.98 -82.62
CA PRO F 26 -3.36 -36.98 -82.43
C PRO F 26 -2.12 -36.39 -81.73
N ASN F 27 -1.34 -37.25 -81.11
CA ASN F 27 -0.18 -36.84 -80.34
C ASN F 27 1.07 -37.61 -80.79
N ILE F 28 2.07 -36.87 -81.27
CA ILE F 28 3.29 -37.47 -81.80
C ILE F 28 4.42 -37.48 -80.77
N ASN F 29 5.08 -38.62 -80.64
CA ASN F 29 6.35 -38.72 -79.91
C ASN F 29 7.42 -38.04 -80.77
N PRO F 30 8.00 -36.93 -80.28
CA PRO F 30 9.00 -36.17 -81.06
C PRO F 30 10.27 -36.99 -81.33
N SER F 31 10.50 -38.01 -80.50
CA SER F 31 11.70 -38.83 -80.55
C SER F 31 11.61 -39.94 -81.59
N THR F 32 10.38 -40.28 -82.02
CA THR F 32 10.15 -41.40 -82.94
C THR F 32 9.34 -41.05 -84.18
N GLU F 33 8.55 -39.98 -84.10
CA GLU F 33 7.61 -39.58 -85.18
C GLU F 33 6.38 -40.48 -85.25
N ASN F 34 6.19 -41.30 -84.22
CA ASN F 34 5.02 -42.18 -84.12
C ASN F 34 3.89 -41.55 -83.30
N ILE F 35 2.65 -41.91 -83.63
CA ILE F 35 1.50 -41.53 -82.83
C ILE F 35 1.46 -42.39 -81.57
N ILE F 36 1.45 -41.74 -80.41
CA ILE F 36 1.44 -42.44 -79.12
C ILE F 36 0.14 -42.25 -78.34
N GLY F 37 -0.77 -41.47 -78.89
CA GLY F 37 -2.05 -41.21 -78.22
C GLY F 37 -2.78 -40.05 -78.84
N ASP F 38 -3.81 -39.57 -78.14
CA ASP F 38 -4.55 -38.40 -78.58
C ASP F 38 -5.10 -37.60 -77.40
N ILE F 39 -5.59 -36.40 -77.70
CA ILE F 39 -6.15 -35.51 -76.69
C ILE F 39 -7.49 -34.96 -77.16
N PRO F 40 -8.37 -34.58 -76.22
CA PRO F 40 -9.66 -33.98 -76.58
C PRO F 40 -9.49 -32.67 -77.36
N ALA F 41 -10.35 -32.46 -78.35
CA ALA F 41 -10.33 -31.24 -79.14
C ALA F 41 -11.58 -30.41 -78.85
N ALA F 42 -11.45 -29.50 -77.89
CA ALA F 42 -12.57 -28.67 -77.49
C ALA F 42 -12.86 -27.60 -78.54
N THR F 43 -14.14 -27.28 -78.67
CA THR F 43 -14.62 -26.26 -79.60
C THR F 43 -15.36 -25.21 -78.79
N LYS F 44 -15.93 -24.22 -79.48
CA LYS F 44 -16.67 -23.13 -78.82
C LYS F 44 -17.73 -23.61 -77.81
N GLU F 45 -18.42 -24.71 -78.11
CA GLU F 45 -19.47 -25.20 -77.22
C GLU F 45 -18.91 -25.73 -75.89
N ASP F 46 -17.73 -26.33 -75.93
CA ASP F 46 -17.05 -26.81 -74.73
C ASP F 46 -16.50 -25.67 -73.87
N VAL F 47 -15.92 -24.67 -74.54
CA VAL F 47 -15.38 -23.50 -73.87
C VAL F 47 -16.48 -22.71 -73.15
N ASP F 48 -17.64 -22.58 -73.80
CA ASP F 48 -18.82 -21.98 -73.18
C ASP F 48 -19.22 -22.67 -71.88
N LEU F 49 -19.26 -24.01 -71.90
CA LEU F 49 -19.55 -24.78 -70.70
C LEU F 49 -18.49 -24.56 -69.62
N ALA F 50 -17.22 -24.50 -70.03
CA ALA F 50 -16.10 -24.28 -69.11
C ALA F 50 -16.16 -22.91 -68.44
N VAL F 51 -16.39 -21.87 -69.24
CA VAL F 51 -16.52 -20.51 -68.73
C VAL F 51 -17.75 -20.38 -67.85
N ASP F 52 -18.86 -21.02 -68.24
CA ASP F 52 -20.06 -21.10 -67.39
C ASP F 52 -19.78 -21.71 -66.02
N ALA F 53 -19.07 -22.84 -66.02
CA ALA F 53 -18.66 -23.52 -64.78
C ALA F 53 -17.82 -22.61 -63.86
N ALA F 54 -16.90 -21.84 -64.45
CA ALA F 54 -16.09 -20.88 -63.72
C ALA F 54 -16.91 -19.74 -63.13
N LYS F 55 -17.79 -19.16 -63.94
CA LYS F 55 -18.68 -18.08 -63.49
C LYS F 55 -19.55 -18.53 -62.31
N ARG F 56 -20.09 -19.74 -62.39
CA ARG F 56 -20.87 -20.31 -61.29
C ARG F 56 -19.99 -20.58 -60.08
N ALA F 57 -18.74 -20.94 -60.32
CA ALA F 57 -17.82 -21.25 -59.22
C ALA F 57 -17.55 -20.04 -58.33
N ILE F 58 -17.58 -18.84 -58.88
CA ILE F 58 -17.29 -17.65 -58.06
C ILE F 58 -18.53 -16.96 -57.49
N SER F 59 -19.67 -17.12 -58.15
CA SER F 59 -20.94 -16.61 -57.62
C SER F 59 -21.62 -17.57 -56.63
N ARG F 60 -21.30 -18.86 -56.73
CA ARG F 60 -21.92 -19.90 -55.89
C ARG F 60 -21.86 -19.61 -54.39
N LYS F 61 -23.04 -19.49 -53.79
CA LYS F 61 -23.19 -19.26 -52.33
C LYS F 61 -22.44 -18.01 -51.85
N ASN F 62 -22.51 -16.95 -52.67
CA ASN F 62 -21.85 -15.66 -52.40
C ASN F 62 -20.33 -15.70 -52.32
N GLY F 63 -19.72 -16.70 -52.97
CA GLY F 63 -18.27 -16.83 -53.00
C GLY F 63 -17.65 -17.63 -51.86
N ARG F 64 -18.47 -17.96 -50.86
CA ARG F 64 -17.98 -18.57 -49.61
C ARG F 64 -17.22 -19.89 -49.73
N ASP F 65 -17.47 -20.62 -50.82
CA ASP F 65 -16.75 -21.88 -51.05
C ASP F 65 -15.36 -21.65 -51.63
N TRP F 66 -15.13 -20.47 -52.22
CA TRP F 66 -13.85 -20.18 -52.86
C TRP F 66 -13.42 -18.70 -52.90
N SER F 67 -14.10 -17.91 -53.72
CA SER F 67 -13.64 -16.57 -54.10
C SER F 67 -13.77 -15.48 -53.03
N ALA F 68 -14.75 -15.65 -52.13
CA ALA F 68 -14.94 -14.73 -51.01
C ALA F 68 -14.53 -15.39 -49.69
N ALA F 69 -14.00 -16.60 -49.79
CA ALA F 69 -13.51 -17.34 -48.65
C ALA F 69 -12.16 -16.81 -48.15
N SER F 70 -11.76 -17.27 -46.98
CA SER F 70 -10.44 -16.98 -46.42
C SER F 70 -9.33 -17.54 -47.34
N GLY F 71 -8.24 -16.78 -47.47
CA GLY F 71 -7.07 -17.25 -48.21
C GLY F 71 -6.50 -18.56 -47.69
N SER F 72 -6.71 -18.81 -46.39
CA SER F 72 -6.20 -20.03 -45.78
C SER F 72 -7.03 -21.27 -46.13
N LEU F 73 -8.28 -21.06 -46.56
CA LEU F 73 -9.08 -22.15 -47.09
C LEU F 73 -8.51 -22.61 -48.43
N ARG F 74 -8.14 -21.65 -49.28
CA ARG F 74 -7.61 -21.98 -50.60
C ARG F 74 -6.19 -22.57 -50.51
N ALA F 75 -5.42 -22.04 -49.58
CA ALA F 75 -4.06 -22.51 -49.33
C ALA F 75 -4.04 -24.01 -49.05
N ARG F 76 -5.03 -24.44 -48.28
CA ARG F 76 -5.17 -25.84 -47.87
C ARG F 76 -5.36 -26.76 -49.07
N TYR F 77 -6.13 -26.30 -50.07
CA TYR F 77 -6.26 -27.01 -51.33
C TYR F 77 -4.97 -26.99 -52.16
N LEU F 78 -4.29 -25.84 -52.17
CA LEU F 78 -3.05 -25.67 -52.93
C LEU F 78 -1.96 -26.58 -52.38
N ARG F 79 -1.92 -26.75 -51.06
CA ARG F 79 -0.96 -27.66 -50.42
C ARG F 79 -1.29 -29.13 -50.70
N ALA F 80 -2.58 -29.45 -50.78
CA ALA F 80 -3.02 -30.82 -51.07
C ALA F 80 -2.69 -31.20 -52.52
N ILE F 81 -2.84 -30.22 -53.42
CA ILE F 81 -2.46 -30.40 -54.83
C ILE F 81 -0.95 -30.62 -54.93
N ALA F 82 -0.18 -29.77 -54.24
CA ALA F 82 1.28 -29.90 -54.18
C ALA F 82 1.74 -31.28 -53.69
N ALA F 83 1.18 -31.74 -52.58
CA ALA F 83 1.54 -33.03 -51.98
C ALA F 83 1.25 -34.19 -52.94
N LYS F 84 0.11 -34.12 -53.62
CA LYS F 84 -0.31 -35.14 -54.59
C LYS F 84 0.62 -35.18 -55.81
N ILE F 85 1.03 -33.99 -56.28
CA ILE F 85 2.01 -33.88 -57.37
C ILE F 85 3.38 -34.42 -56.94
N LYS F 86 3.78 -34.11 -55.69
CA LYS F 86 5.04 -34.58 -55.12
C LYS F 86 5.14 -36.11 -55.11
N GLU F 87 4.07 -36.78 -54.69
CA GLU F 87 4.06 -38.26 -54.67
C GLU F 87 4.11 -38.87 -56.08
N LYS F 88 3.54 -38.15 -57.05
CA LYS F 88 3.51 -38.61 -58.45
C LYS F 88 4.66 -38.06 -59.32
N LYS F 89 5.69 -37.52 -58.66
CA LYS F 89 6.76 -36.78 -59.34
C LYS F 89 7.43 -37.51 -60.51
N ASP F 90 7.98 -38.69 -60.23
CA ASP F 90 8.70 -39.48 -61.25
C ASP F 90 7.81 -39.93 -62.42
N GLU F 91 6.58 -40.32 -62.09
CA GLU F 91 5.58 -40.73 -63.09
C GLU F 91 5.26 -39.57 -64.03
N LEU F 92 5.00 -38.39 -63.46
CA LEU F 92 4.66 -37.20 -64.22
C LEU F 92 5.82 -36.66 -65.03
N GLY F 93 7.03 -36.79 -64.49
CA GLY F 93 8.24 -36.37 -65.20
C GLY F 93 8.43 -37.17 -66.47
N LYS F 94 8.22 -38.47 -66.37
CA LYS F 94 8.27 -39.38 -67.51
C LYS F 94 7.27 -38.94 -68.57
N LEU F 95 6.02 -38.69 -68.15
CA LEU F 95 4.98 -38.23 -69.08
C LEU F 95 5.35 -36.89 -69.72
N GLU F 96 5.89 -35.98 -68.91
CA GLU F 96 6.34 -34.67 -69.39
C GLU F 96 7.45 -34.79 -70.45
N SER F 97 8.41 -35.66 -70.19
CA SER F 97 9.54 -35.90 -71.11
C SER F 97 9.11 -36.56 -72.42
N ILE F 98 8.12 -37.45 -72.36
CA ILE F 98 7.53 -38.04 -73.56
C ILE F 98 6.68 -37.01 -74.30
N ASP F 99 5.97 -36.17 -73.54
CA ASP F 99 5.02 -35.24 -74.13
C ASP F 99 5.65 -34.08 -74.92
N CYS F 100 6.74 -33.50 -74.42
CA CYS F 100 7.31 -32.31 -75.06
C CYS F 100 8.73 -32.51 -75.59
N GLY F 101 9.36 -33.62 -75.22
CA GLY F 101 10.65 -33.99 -75.79
C GLY F 101 11.89 -33.46 -75.08
N LYS F 102 11.71 -32.83 -73.92
CA LYS F 102 12.86 -32.41 -73.12
C LYS F 102 13.43 -33.61 -72.36
N PRO F 103 14.76 -33.61 -72.12
CA PRO F 103 15.43 -34.68 -71.35
C PRO F 103 14.78 -34.91 -70.00
N LEU F 104 14.72 -36.18 -69.58
CA LEU F 104 14.05 -36.56 -68.33
C LEU F 104 14.49 -35.75 -67.12
N GLU F 105 15.79 -35.51 -66.98
CA GLU F 105 16.29 -34.74 -65.83
C GLU F 105 15.80 -33.29 -65.80
N GLU F 106 15.54 -32.72 -66.99
CA GLU F 106 14.91 -31.41 -67.08
C GLU F 106 13.47 -31.48 -66.59
N ALA F 107 12.75 -32.51 -67.02
CA ALA F 107 11.35 -32.70 -66.64
C ALA F 107 11.22 -32.88 -65.13
N LEU F 108 12.14 -33.64 -64.54
CA LEU F 108 12.16 -33.89 -63.09
C LEU F 108 12.38 -32.62 -62.28
N ALA F 109 13.28 -31.76 -62.75
CA ALA F 109 13.53 -30.44 -62.15
C ALA F 109 12.30 -29.55 -62.24
N ASP F 110 11.61 -29.59 -63.39
CA ASP F 110 10.37 -28.85 -63.58
C ASP F 110 9.33 -29.26 -62.54
N LEU F 111 9.25 -30.56 -62.27
CA LEU F 111 8.28 -31.07 -61.29
C LEU F 111 8.62 -30.70 -59.86
N ASP F 112 9.91 -30.67 -59.52
CA ASP F 112 10.35 -30.09 -58.25
C ASP F 112 9.83 -28.66 -58.16
N ASP F 113 10.00 -27.92 -59.26
CA ASP F 113 9.59 -26.53 -59.32
C ASP F 113 8.07 -26.33 -59.25
N VAL F 114 7.32 -27.25 -59.87
CA VAL F 114 5.86 -27.26 -59.81
C VAL F 114 5.36 -27.40 -58.36
N VAL F 115 5.97 -28.33 -57.62
CA VAL F 115 5.63 -28.56 -56.22
C VAL F 115 5.89 -27.29 -55.40
N ALA F 116 7.07 -26.72 -55.55
CA ALA F 116 7.47 -25.54 -54.80
C ALA F 116 6.58 -24.34 -55.09
N CYS F 117 6.11 -24.24 -56.32
CA CYS F 117 5.30 -23.12 -56.78
C CYS F 117 3.91 -23.14 -56.16
N PHE F 118 3.28 -24.31 -56.15
CA PHE F 118 2.02 -24.50 -55.42
C PHE F 118 2.21 -24.22 -53.93
N GLU F 119 3.32 -24.67 -53.36
CA GLU F 119 3.64 -24.48 -51.94
C GLU F 119 3.86 -23.01 -51.63
N TYR F 120 4.61 -22.33 -52.51
CA TYR F 120 4.86 -20.89 -52.40
C TYR F 120 3.55 -20.10 -52.39
N TYR F 121 2.68 -20.36 -53.36
CA TYR F 121 1.43 -19.59 -53.45
C TYR F 121 0.39 -19.93 -52.39
N ALA F 122 0.50 -21.13 -51.80
CA ALA F 122 -0.27 -21.45 -50.60
C ALA F 122 0.10 -20.52 -49.44
N GLY F 123 1.40 -20.25 -49.28
CA GLY F 123 1.89 -19.33 -48.25
C GLY F 123 1.40 -17.91 -48.45
N LEU F 124 1.40 -17.46 -49.70
CA LEU F 124 0.89 -16.14 -50.05
C LEU F 124 -0.63 -16.03 -49.88
N ALA F 125 -1.33 -17.14 -50.11
CA ALA F 125 -2.78 -17.19 -49.94
C ALA F 125 -3.19 -16.95 -48.49
N GLU F 126 -2.50 -17.58 -47.55
CA GLU F 126 -2.84 -17.41 -46.14
C GLU F 126 -2.33 -16.09 -45.52
N GLU F 127 -1.42 -15.41 -46.22
CA GLU F 127 -0.99 -14.07 -45.82
C GLU F 127 -1.98 -13.02 -46.32
N LEU F 128 -2.77 -13.41 -47.32
CA LEU F 128 -3.66 -12.49 -48.02
C LEU F 128 -4.71 -11.84 -47.13
N ASP F 129 -5.23 -12.62 -46.17
CA ASP F 129 -6.25 -12.13 -45.24
C ASP F 129 -5.78 -10.93 -44.42
N SER F 130 -4.52 -10.97 -44.00
CA SER F 130 -3.93 -9.89 -43.21
C SER F 130 -3.64 -8.62 -44.02
N LYS F 131 -3.62 -8.74 -45.35
CA LYS F 131 -3.35 -7.58 -46.22
C LYS F 131 -4.62 -6.84 -46.64
N GLN F 132 -5.75 -7.53 -46.54
CA GLN F 132 -7.08 -6.94 -46.69
C GLN F 132 -7.24 -5.73 -45.76
N LYS F 133 -7.95 -4.71 -46.23
CA LYS F 133 -8.28 -3.53 -45.42
C LYS F 133 -7.07 -2.67 -45.03
N ALA F 134 -6.00 -2.73 -45.82
CA ALA F 134 -4.83 -1.89 -45.59
C ALA F 134 -5.24 -0.43 -45.67
N PRO F 135 -5.04 0.33 -44.58
CA PRO F 135 -5.51 1.71 -44.53
C PRO F 135 -4.72 2.63 -45.43
N ILE F 136 -5.40 3.65 -45.97
CA ILE F 136 -4.74 4.70 -46.72
C ILE F 136 -4.79 5.96 -45.84
N SER F 137 -3.62 6.49 -45.55
CA SER F 137 -3.50 7.69 -44.73
C SER F 137 -3.99 8.91 -45.51
N LEU F 138 -4.87 9.69 -44.87
CA LEU F 138 -5.49 10.86 -45.49
C LEU F 138 -5.23 12.14 -44.68
N PRO F 139 -5.18 13.31 -45.35
CA PRO F 139 -5.03 14.59 -44.65
C PRO F 139 -6.31 14.97 -43.91
N MET F 140 -7.45 14.70 -44.55
CA MET F 140 -8.77 14.98 -44.02
C MET F 140 -9.07 14.19 -42.75
N ASP F 141 -9.82 14.81 -41.84
CA ASP F 141 -10.35 14.14 -40.65
C ASP F 141 -11.73 13.54 -40.93
N THR F 142 -12.44 14.15 -41.87
CA THR F 142 -13.83 13.80 -42.17
C THR F 142 -13.99 12.54 -43.04
N PHE F 143 -12.88 11.97 -43.48
CA PHE F 143 -12.88 10.77 -44.32
C PHE F 143 -11.92 9.67 -43.82
N LYS F 144 -12.24 8.43 -44.19
CA LYS F 144 -11.42 7.27 -43.87
C LYS F 144 -11.38 6.34 -45.08
N SER F 145 -10.17 5.85 -45.40
CA SER F 145 -9.98 5.03 -46.59
C SER F 145 -9.12 3.79 -46.34
N TYR F 146 -9.49 2.69 -47.01
CA TYR F 146 -8.66 1.49 -47.05
C TYR F 146 -8.85 0.77 -48.39
N ILE F 147 -8.01 -0.24 -48.63
CA ILE F 147 -8.08 -1.00 -49.88
C ILE F 147 -8.50 -2.45 -49.67
N LEU F 148 -9.24 -2.99 -50.63
CA LEU F 148 -9.50 -4.42 -50.70
C LEU F 148 -8.83 -5.01 -51.94
N LYS F 149 -8.24 -6.18 -51.77
CA LYS F 149 -7.62 -6.90 -52.86
C LYS F 149 -8.52 -8.10 -53.18
N GLU F 150 -9.26 -7.97 -54.28
CA GLU F 150 -10.25 -8.98 -54.66
C GLU F 150 -9.80 -9.75 -55.88
N PRO F 151 -10.25 -11.01 -56.01
CA PRO F 151 -9.93 -11.78 -57.21
C PRO F 151 -10.49 -11.08 -58.45
N ILE F 152 -9.69 -11.08 -59.52
CA ILE F 152 -10.11 -10.45 -60.77
C ILE F 152 -11.39 -11.12 -61.31
N GLY F 153 -11.55 -12.41 -61.04
CA GLY F 153 -12.77 -13.13 -61.41
C GLY F 153 -12.49 -14.43 -62.13
N VAL F 154 -12.98 -14.53 -63.36
CA VAL F 154 -12.80 -15.72 -64.19
C VAL F 154 -11.63 -15.46 -65.13
N VAL F 155 -10.60 -16.30 -65.04
CA VAL F 155 -9.37 -16.10 -65.80
C VAL F 155 -9.13 -17.18 -66.85
N ALA F 156 -8.62 -16.73 -67.99
CA ALA F 156 -8.24 -17.61 -69.08
C ALA F 156 -6.71 -17.74 -69.08
N LEU F 157 -6.25 -18.97 -68.95
CA LEU F 157 -4.82 -19.25 -68.85
C LEU F 157 -4.38 -20.00 -70.09
N ILE F 158 -3.59 -19.35 -70.95
CA ILE F 158 -3.14 -19.98 -72.18
C ILE F 158 -1.63 -20.13 -72.10
N THR F 159 -1.17 -21.38 -72.22
CA THR F 159 0.17 -21.76 -71.81
C THR F 159 0.91 -22.51 -72.92
N PRO F 160 2.23 -22.34 -72.97
CA PRO F 160 3.04 -22.91 -74.05
C PRO F 160 3.46 -24.35 -73.76
N TRP F 161 4.09 -24.99 -74.74
CA TRP F 161 4.44 -26.41 -74.68
C TRP F 161 5.88 -26.67 -74.21
N ASN F 162 6.68 -25.62 -74.11
CA ASN F 162 8.09 -25.76 -73.73
C ASN F 162 8.29 -26.15 -72.27
N TYR F 163 7.51 -25.58 -71.36
CA TYR F 163 7.44 -26.04 -69.97
C TYR F 163 5.97 -26.29 -69.61
N PRO F 164 5.40 -27.39 -70.13
CA PRO F 164 3.94 -27.59 -70.09
C PRO F 164 3.34 -27.50 -68.68
N PHE F 165 3.86 -28.29 -67.75
CA PHE F 165 3.31 -28.31 -66.40
C PHE F 165 3.69 -27.06 -65.62
N LEU F 166 4.96 -26.66 -65.74
CA LEU F 166 5.48 -25.52 -65.00
C LEU F 166 4.81 -24.20 -65.37
N MET F 167 4.73 -23.92 -66.68
CA MET F 167 4.05 -22.72 -67.17
C MET F 167 2.58 -22.67 -66.74
N ALA F 168 1.92 -23.82 -66.78
CA ALA F 168 0.54 -23.93 -66.30
C ALA F 168 0.48 -23.53 -64.83
N THR F 169 1.38 -24.11 -64.03
CA THR F 169 1.44 -23.86 -62.59
C THR F 169 1.76 -22.40 -62.28
N TRP F 170 2.65 -21.79 -63.07
CA TRP F 170 2.99 -20.38 -62.95
C TRP F 170 1.75 -19.48 -62.98
N LYS F 171 0.71 -19.94 -63.65
CA LYS F 171 -0.52 -19.17 -63.76
C LYS F 171 -1.58 -19.69 -62.79
N ILE F 172 -1.72 -21.01 -62.71
CA ILE F 172 -2.76 -21.64 -61.89
C ILE F 172 -2.61 -21.33 -60.39
N ALA F 173 -1.43 -21.62 -59.84
CA ALA F 173 -1.16 -21.43 -58.41
C ALA F 173 -1.55 -20.02 -57.91
N PRO F 174 -1.02 -18.94 -58.53
CA PRO F 174 -1.43 -17.63 -58.03
C PRO F 174 -2.87 -17.23 -58.37
N ALA F 175 -3.40 -17.73 -59.49
CA ALA F 175 -4.80 -17.48 -59.83
C ALA F 175 -5.72 -18.05 -58.76
N LEU F 176 -5.48 -19.30 -58.39
CA LEU F 176 -6.28 -19.96 -57.36
C LEU F 176 -6.07 -19.29 -56.01
N ALA F 177 -4.81 -19.04 -55.65
CA ALA F 177 -4.48 -18.35 -54.41
C ALA F 177 -5.20 -16.99 -54.28
N ALA F 178 -5.34 -16.28 -55.40
CA ALA F 178 -6.04 -15.00 -55.42
C ALA F 178 -7.55 -15.16 -55.28
N GLY F 179 -8.04 -16.39 -55.47
CA GLY F 179 -9.47 -16.67 -55.38
C GLY F 179 -10.22 -16.65 -56.69
N CYS F 180 -9.49 -16.72 -57.80
CA CYS F 180 -10.11 -16.75 -59.12
C CYS F 180 -10.58 -18.16 -59.47
N ALA F 181 -11.50 -18.25 -60.43
CA ALA F 181 -11.79 -19.51 -61.10
C ALA F 181 -11.13 -19.43 -62.47
N ALA F 182 -10.55 -20.55 -62.89
CA ALA F 182 -9.70 -20.55 -64.07
C ALA F 182 -10.11 -21.56 -65.12
N ILE F 183 -9.80 -21.23 -66.37
CA ILE F 183 -9.92 -22.16 -67.48
C ILE F 183 -8.55 -22.20 -68.11
N LEU F 184 -7.93 -23.36 -68.05
CA LEU F 184 -6.61 -23.58 -68.61
C LEU F 184 -6.72 -24.14 -70.02
N LYS F 185 -6.06 -23.48 -70.96
CA LYS F 185 -5.92 -23.99 -72.30
C LYS F 185 -4.43 -24.29 -72.54
N PRO F 186 -4.03 -25.56 -72.40
CA PRO F 186 -2.66 -25.95 -72.68
C PRO F 186 -2.44 -26.06 -74.18
N SER F 187 -1.18 -26.06 -74.59
CA SER F 187 -0.85 -26.23 -76.00
C SER F 187 -1.30 -27.62 -76.48
N GLU F 188 -1.83 -27.67 -77.70
CA GLU F 188 -2.19 -28.93 -78.34
C GLU F 188 -1.00 -29.88 -78.48
N LEU F 189 0.22 -29.35 -78.36
CA LEU F 189 1.44 -30.12 -78.54
C LEU F 189 1.91 -30.82 -77.26
N ALA F 190 1.42 -30.36 -76.10
CA ALA F 190 1.78 -30.99 -74.82
C ALA F 190 0.73 -30.72 -73.74
N SER F 191 -0.29 -31.59 -73.68
CA SER F 191 -1.41 -31.41 -72.77
C SER F 191 -1.54 -32.50 -71.71
N VAL F 192 -0.71 -33.55 -71.78
CA VAL F 192 -0.93 -34.73 -70.92
C VAL F 192 -0.81 -34.43 -69.41
N THR F 193 0.25 -33.74 -68.98
CA THR F 193 0.39 -33.47 -67.55
C THR F 193 -0.63 -32.46 -67.06
N CYS F 194 -0.96 -31.49 -67.90
CA CYS F 194 -2.02 -30.54 -67.57
C CYS F 194 -3.35 -31.24 -67.34
N LEU F 195 -3.62 -32.27 -68.15
CA LEU F 195 -4.79 -33.11 -67.96
C LEU F 195 -4.72 -33.89 -66.66
N GLU F 196 -3.56 -34.48 -66.34
CA GLU F 196 -3.37 -35.20 -65.08
C GLU F 196 -3.66 -34.35 -63.84
N LEU F 197 -3.44 -33.04 -63.97
CA LEU F 197 -3.83 -32.08 -62.94
C LEU F 197 -5.34 -32.11 -62.65
N GLY F 198 -6.15 -32.43 -63.67
CA GLY F 198 -7.59 -32.55 -63.50
C GLY F 198 -7.94 -33.61 -62.47
N GLU F 199 -7.35 -34.79 -62.62
CA GLU F 199 -7.55 -35.90 -61.69
C GLU F 199 -7.16 -35.50 -60.28
N ILE F 200 -6.01 -34.85 -60.14
CA ILE F 200 -5.53 -34.38 -58.84
C ILE F 200 -6.55 -33.48 -58.16
N CYS F 201 -7.15 -32.55 -58.92
CA CYS F 201 -8.20 -31.68 -58.40
C CYS F 201 -9.42 -32.46 -57.90
N LYS F 202 -9.74 -33.53 -58.62
CA LYS F 202 -10.83 -34.42 -58.28
C LYS F 202 -10.50 -35.20 -57.00
N GLU F 203 -9.32 -35.82 -56.97
CA GLU F 203 -8.83 -36.54 -55.79
C GLU F 203 -8.74 -35.64 -54.55
N VAL F 204 -8.42 -34.38 -54.77
CA VAL F 204 -8.27 -33.41 -53.69
C VAL F 204 -9.60 -32.74 -53.33
N GLY F 205 -10.61 -32.91 -54.20
CA GLY F 205 -11.95 -32.37 -53.96
C GLY F 205 -12.07 -30.87 -54.09
N LEU F 206 -11.34 -30.30 -55.04
CA LEU F 206 -11.39 -28.87 -55.32
C LEU F 206 -12.80 -28.47 -55.80
N PRO F 207 -13.36 -27.38 -55.23
CA PRO F 207 -14.71 -27.00 -55.61
C PRO F 207 -14.89 -26.96 -57.12
N ARG F 208 -15.97 -27.55 -57.60
CA ARG F 208 -16.25 -27.64 -59.03
C ARG F 208 -16.24 -26.28 -59.71
N GLY F 209 -15.62 -26.23 -60.89
CA GLY F 209 -15.57 -25.01 -61.69
C GLY F 209 -14.41 -24.06 -61.40
N VAL F 210 -13.70 -24.30 -60.29
CA VAL F 210 -12.58 -23.45 -59.89
C VAL F 210 -11.40 -23.65 -60.86
N LEU F 211 -11.19 -24.89 -61.29
CA LEU F 211 -10.24 -25.18 -62.33
C LEU F 211 -10.85 -26.05 -63.41
N ASN F 212 -10.90 -25.51 -64.62
CA ASN F 212 -11.34 -26.23 -65.81
C ASN F 212 -10.21 -26.30 -66.82
N ILE F 213 -10.10 -27.44 -67.48
CA ILE F 213 -9.02 -27.67 -68.42
C ILE F 213 -9.64 -28.01 -69.76
N VAL F 214 -9.34 -27.17 -70.73
CA VAL F 214 -9.88 -27.30 -72.06
C VAL F 214 -8.71 -27.39 -73.02
N THR F 215 -8.50 -28.59 -73.54
CA THR F 215 -7.43 -28.83 -74.50
C THR F 215 -8.02 -28.70 -75.90
N GLY F 216 -7.15 -28.47 -76.88
CA GLY F 216 -7.62 -28.29 -78.27
C GLY F 216 -6.73 -27.38 -79.09
N LEU F 217 -7.14 -27.16 -80.34
CA LEU F 217 -6.42 -26.30 -81.28
C LEU F 217 -6.47 -24.84 -80.86
N GLY F 218 -5.36 -24.12 -81.05
CA GLY F 218 -5.25 -22.72 -80.69
C GLY F 218 -6.28 -21.82 -81.36
N HIS F 219 -6.53 -22.06 -82.65
CA HIS F 219 -7.49 -21.26 -83.41
C HIS F 219 -8.95 -21.67 -83.16
N GLU F 220 -9.15 -22.76 -82.42
CA GLU F 220 -10.49 -23.19 -82.01
C GLU F 220 -10.76 -22.91 -80.53
N ALA F 221 -10.23 -23.77 -79.66
CA ALA F 221 -10.39 -23.63 -78.21
C ALA F 221 -9.74 -22.35 -77.69
N GLY F 222 -8.51 -22.09 -78.10
CA GLY F 222 -7.76 -20.90 -77.66
C GLY F 222 -8.48 -19.60 -78.00
N ALA F 223 -8.92 -19.48 -79.25
CA ALA F 223 -9.62 -18.29 -79.74
C ALA F 223 -11.00 -18.10 -79.10
N SER F 224 -11.78 -19.17 -78.96
CA SER F 224 -13.09 -19.09 -78.31
C SER F 224 -12.96 -18.66 -76.86
N LEU F 225 -11.91 -19.14 -76.20
CA LEU F 225 -11.65 -18.79 -74.81
C LEU F 225 -11.30 -17.32 -74.65
N ALA F 226 -10.37 -16.86 -75.50
CA ALA F 226 -9.91 -15.46 -75.44
C ALA F 226 -11.02 -14.47 -75.77
N SER F 227 -11.94 -14.87 -76.66
CA SER F 227 -13.02 -13.99 -77.11
C SER F 227 -14.29 -14.06 -76.25
N HIS F 228 -14.32 -14.97 -75.28
CA HIS F 228 -15.53 -15.13 -74.48
C HIS F 228 -15.80 -13.87 -73.68
N PRO F 229 -17.02 -13.34 -73.77
CA PRO F 229 -17.40 -12.11 -73.07
C PRO F 229 -17.39 -12.20 -71.53
N ASP F 230 -17.36 -13.42 -71.00
CA ASP F 230 -17.46 -13.62 -69.55
C ASP F 230 -16.10 -13.89 -68.88
N VAL F 231 -15.06 -14.00 -69.69
CA VAL F 231 -13.69 -14.07 -69.18
C VAL F 231 -13.31 -12.67 -68.68
N ASP F 232 -12.79 -12.59 -67.46
CA ASP F 232 -12.44 -11.28 -66.86
C ASP F 232 -11.01 -10.87 -67.19
N LYS F 233 -10.13 -11.85 -67.44
CA LYS F 233 -8.74 -11.57 -67.74
C LYS F 233 -8.10 -12.73 -68.50
N ILE F 234 -7.19 -12.39 -69.43
CA ILE F 234 -6.42 -13.39 -70.14
C ILE F 234 -4.94 -13.29 -69.80
N SER F 235 -4.38 -14.38 -69.31
CA SER F 235 -2.93 -14.45 -69.11
C SER F 235 -2.32 -15.40 -70.14
N PHE F 236 -1.46 -14.86 -71.00
CA PHE F 236 -0.93 -15.61 -72.13
C PHE F 236 0.59 -15.70 -72.13
N THR F 237 1.09 -16.86 -72.54
CA THR F 237 2.50 -17.08 -72.78
C THR F 237 2.64 -17.86 -74.09
N GLY F 238 3.43 -17.32 -75.02
CA GLY F 238 3.59 -17.92 -76.35
C GLY F 238 4.14 -16.92 -77.36
N SER F 239 3.88 -17.15 -78.64
CA SER F 239 4.44 -16.34 -79.72
C SER F 239 3.94 -14.89 -79.73
N SER F 240 4.75 -14.01 -80.31
CA SER F 240 4.42 -12.60 -80.46
C SER F 240 3.16 -12.36 -81.29
N ALA F 241 3.04 -13.08 -82.41
CA ALA F 241 1.90 -12.94 -83.32
C ALA F 241 0.57 -13.33 -82.67
N THR F 242 0.56 -14.46 -81.96
CA THR F 242 -0.65 -14.89 -81.26
C THR F 242 -0.99 -13.96 -80.07
N GLY F 243 0.04 -13.53 -79.34
CA GLY F 243 -0.13 -12.52 -78.28
C GLY F 243 -0.78 -11.24 -78.76
N SER F 244 -0.37 -10.82 -79.96
CA SER F 244 -0.93 -9.65 -80.62
C SER F 244 -2.40 -9.87 -80.97
N LYS F 245 -2.73 -11.08 -81.41
CA LYS F 245 -4.11 -11.44 -81.74
C LYS F 245 -4.99 -11.53 -80.51
N ILE F 246 -4.43 -12.02 -79.42
CA ILE F 246 -5.15 -12.15 -78.15
C ILE F 246 -5.45 -10.77 -77.55
N MET F 247 -4.49 -9.86 -77.62
CA MET F 247 -4.69 -8.50 -77.15
C MET F 247 -5.72 -7.77 -78.02
N THR F 248 -5.69 -8.00 -79.33
CA THR F 248 -6.68 -7.46 -80.26
C THR F 248 -8.10 -7.94 -79.91
N THR F 249 -8.20 -9.21 -79.56
CA THR F 249 -9.45 -9.81 -79.13
C THR F 249 -9.95 -9.22 -77.80
N ALA F 250 -9.06 -9.21 -76.80
CA ALA F 250 -9.35 -8.58 -75.51
C ALA F 250 -9.83 -7.14 -75.68
N ALA F 251 -9.25 -6.43 -76.65
CA ALA F 251 -9.56 -5.03 -76.89
C ALA F 251 -11.01 -4.82 -77.28
N GLN F 252 -11.63 -5.84 -77.87
CA GLN F 252 -13.04 -5.78 -78.27
C GLN F 252 -13.96 -5.44 -77.11
N LEU F 253 -13.63 -5.96 -75.94
CA LEU F 253 -14.43 -5.72 -74.74
C LEU F 253 -13.54 -5.21 -73.59
N VAL F 254 -12.43 -4.58 -73.96
CA VAL F 254 -11.52 -3.92 -73.01
C VAL F 254 -11.14 -4.81 -71.81
N LYS F 255 -10.81 -6.06 -72.11
CA LYS F 255 -10.40 -7.01 -71.10
C LYS F 255 -8.90 -6.88 -70.82
N PRO F 256 -8.51 -6.91 -69.54
CA PRO F 256 -7.09 -6.86 -69.20
C PRO F 256 -6.37 -8.13 -69.62
N VAL F 257 -5.08 -7.97 -69.92
CA VAL F 257 -4.28 -9.02 -70.48
C VAL F 257 -2.87 -8.95 -69.90
N SER F 258 -2.23 -10.09 -69.72
CA SER F 258 -0.79 -10.12 -69.42
C SER F 258 -0.09 -11.01 -70.44
N LEU F 259 1.04 -10.55 -70.97
CA LEU F 259 1.69 -11.23 -72.08
C LEU F 259 3.18 -11.52 -71.88
N GLU F 260 3.52 -12.81 -71.92
CA GLU F 260 4.92 -13.23 -72.00
C GLU F 260 5.15 -13.79 -73.39
N LEU F 261 5.89 -13.04 -74.19
CA LEU F 261 6.10 -13.41 -75.57
C LEU F 261 7.53 -13.87 -75.73
N GLY F 262 7.99 -14.05 -76.96
CA GLY F 262 9.33 -14.57 -77.14
C GLY F 262 10.43 -13.60 -76.76
N GLY F 263 11.60 -13.84 -77.32
CA GLY F 263 12.71 -12.95 -77.10
C GLY F 263 13.89 -13.29 -77.97
N LYS F 264 14.81 -12.36 -78.01
CA LYS F 264 16.10 -12.57 -78.63
C LYS F 264 17.12 -12.00 -77.64
N SER F 265 17.26 -12.71 -76.53
CA SER F 265 18.02 -12.22 -75.39
C SER F 265 19.53 -12.26 -75.61
N PRO F 266 20.24 -11.21 -75.19
CA PRO F 266 21.68 -11.17 -75.37
C PRO F 266 22.46 -11.77 -74.19
N ILE F 267 23.60 -12.35 -74.48
CA ILE F 267 24.60 -12.64 -73.45
C ILE F 267 25.90 -11.92 -73.83
N VAL F 268 26.28 -10.95 -73.00
CA VAL F 268 27.48 -10.15 -73.20
C VAL F 268 28.62 -10.76 -72.38
N VAL F 269 29.71 -11.13 -73.06
CA VAL F 269 30.86 -11.75 -72.41
C VAL F 269 32.12 -10.89 -72.56
N PHE F 270 32.60 -10.36 -71.43
CA PHE F 270 33.85 -9.60 -71.38
C PHE F 270 35.07 -10.50 -71.21
N GLU F 271 36.25 -9.92 -71.43
CA GLU F 271 37.51 -10.66 -71.44
C GLU F 271 37.95 -11.22 -70.08
N ASP F 272 37.54 -10.56 -68.99
CA ASP F 272 37.92 -11.01 -67.66
C ASP F 272 36.96 -12.06 -67.10
N VAL F 273 36.98 -13.24 -67.71
CA VAL F 273 36.14 -14.38 -67.29
C VAL F 273 36.90 -15.70 -67.33
N ASP F 274 36.51 -16.65 -66.48
CA ASP F 274 36.94 -18.03 -66.62
C ASP F 274 36.24 -18.58 -67.85
N LEU F 275 37.00 -18.76 -68.92
CA LEU F 275 36.46 -19.07 -70.23
C LEU F 275 35.60 -20.34 -70.22
N ASP F 276 36.07 -21.38 -69.53
CA ASP F 276 35.38 -22.66 -69.48
C ASP F 276 34.08 -22.61 -68.69
N LYS F 277 34.10 -21.92 -67.54
CA LYS F 277 32.91 -21.76 -66.71
C LYS F 277 31.83 -20.97 -67.44
N VAL F 278 32.23 -19.94 -68.17
CA VAL F 278 31.30 -19.10 -68.89
C VAL F 278 30.75 -19.84 -70.11
N ALA F 279 31.59 -20.66 -70.74
CA ALA F 279 31.18 -21.46 -71.89
C ALA F 279 30.01 -22.40 -71.58
N GLU F 280 30.03 -23.00 -70.39
CA GLU F 280 28.92 -23.84 -69.94
C GLU F 280 27.66 -23.01 -69.77
N TRP F 281 27.79 -21.84 -69.16
CA TRP F 281 26.64 -20.95 -68.96
C TRP F 281 25.98 -20.50 -70.26
N THR F 282 26.79 -20.20 -71.28
CA THR F 282 26.24 -19.68 -72.54
C THR F 282 25.60 -20.80 -73.34
N VAL F 283 26.19 -21.99 -73.26
CA VAL F 283 25.62 -23.17 -73.90
C VAL F 283 24.30 -23.57 -73.22
N PHE F 284 24.28 -23.46 -71.90
CA PHE F 284 23.07 -23.66 -71.10
C PHE F 284 22.00 -22.64 -71.51
N GLY F 285 22.40 -21.37 -71.57
CA GLY F 285 21.49 -20.27 -71.89
C GLY F 285 20.87 -20.34 -73.28
N CYS F 286 21.43 -21.17 -74.14
CA CYS F 286 20.97 -21.29 -75.51
C CYS F 286 20.39 -22.66 -75.86
N PHE F 287 20.97 -23.73 -75.29
CA PHE F 287 20.63 -25.10 -75.70
C PHE F 287 19.75 -25.87 -74.70
N PHE F 288 19.58 -25.35 -73.49
CA PHE F 288 18.70 -25.96 -72.50
C PHE F 288 17.28 -26.01 -73.04
N THR F 289 16.52 -27.04 -72.63
CA THR F 289 15.16 -27.26 -73.13
C THR F 289 15.15 -27.37 -74.67
N ASN F 290 16.22 -27.96 -75.22
CA ASN F 290 16.42 -28.06 -76.66
C ASN F 290 16.30 -26.70 -77.35
N GLY F 291 16.80 -25.66 -76.67
CA GLY F 291 16.76 -24.29 -77.19
C GLY F 291 15.38 -23.64 -77.21
N GLN F 292 14.40 -24.30 -76.57
CA GLN F 292 13.03 -23.83 -76.57
C GLN F 292 12.72 -23.06 -75.29
N ILE F 293 13.49 -22.00 -75.05
CA ILE F 293 13.31 -21.14 -73.88
C ILE F 293 12.87 -19.78 -74.39
N CYS F 294 11.88 -19.18 -73.73
CA CYS F 294 11.41 -17.83 -74.10
C CYS F 294 12.54 -16.81 -73.98
N SER F 295 13.30 -16.93 -72.90
CA SER F 295 14.35 -15.96 -72.56
C SER F 295 15.74 -16.48 -72.92
N ALA F 296 15.79 -17.47 -73.81
CA ALA F 296 17.05 -18.01 -74.32
C ALA F 296 18.04 -16.92 -74.71
N THR F 297 19.25 -16.99 -74.17
CA THR F 297 20.29 -16.05 -74.55
C THR F 297 20.94 -16.54 -75.85
N SER F 298 20.23 -16.28 -76.94
CA SER F 298 20.53 -16.79 -78.27
C SER F 298 21.42 -15.85 -79.10
N ARG F 299 21.86 -14.77 -78.46
CA ARG F 299 22.75 -13.80 -79.09
C ARG F 299 24.00 -13.59 -78.23
N LEU F 300 25.09 -14.22 -78.65
CA LEU F 300 26.38 -14.07 -77.98
C LEU F 300 27.08 -12.80 -78.47
N ILE F 301 27.51 -11.97 -77.52
CA ILE F 301 28.26 -10.76 -77.81
C ILE F 301 29.57 -10.83 -77.01
N VAL F 302 30.62 -11.33 -77.65
CA VAL F 302 31.94 -11.54 -77.01
C VAL F 302 32.98 -10.48 -77.35
N HIS F 303 33.86 -10.20 -76.39
CA HIS F 303 34.98 -9.29 -76.64
C HIS F 303 35.96 -9.95 -77.59
N GLU F 304 36.42 -9.17 -78.57
CA GLU F 304 37.28 -9.67 -79.65
C GLU F 304 38.58 -10.35 -79.20
N SER F 305 39.14 -9.92 -78.09
CA SER F 305 40.42 -10.45 -77.60
C SER F 305 40.36 -11.92 -77.21
N ILE F 306 39.16 -12.38 -76.85
CA ILE F 306 38.95 -13.79 -76.48
C ILE F 306 38.02 -14.53 -77.44
N ALA F 307 37.51 -13.81 -78.45
CA ALA F 307 36.50 -14.33 -79.39
C ALA F 307 36.79 -15.71 -79.93
N VAL F 308 37.97 -15.90 -80.53
CA VAL F 308 38.31 -17.17 -81.18
C VAL F 308 38.49 -18.29 -80.16
N GLU F 309 39.11 -17.96 -79.02
CA GLU F 309 39.40 -18.95 -77.98
C GLU F 309 38.10 -19.40 -77.29
N PHE F 310 37.25 -18.44 -76.97
CA PHE F 310 35.96 -18.70 -76.34
C PHE F 310 35.02 -19.48 -77.25
N VAL F 311 34.93 -19.09 -78.51
CA VAL F 311 34.03 -19.74 -79.48
C VAL F 311 34.48 -21.17 -79.78
N ASP F 312 35.78 -21.43 -79.76
CA ASP F 312 36.31 -22.78 -79.93
C ASP F 312 35.91 -23.67 -78.75
N LYS F 313 36.13 -23.18 -77.52
CA LYS F 313 35.70 -23.87 -76.31
C LYS F 313 34.19 -24.12 -76.34
N LEU F 314 33.47 -23.18 -76.95
CA LEU F 314 32.02 -23.26 -77.09
C LEU F 314 31.62 -24.40 -78.02
N VAL F 315 32.34 -24.54 -79.13
CA VAL F 315 32.12 -25.66 -80.05
C VAL F 315 32.38 -26.99 -79.35
N LYS F 316 33.40 -27.03 -78.49
CA LYS F 316 33.78 -28.27 -77.83
C LYS F 316 32.81 -28.69 -76.75
N TRP F 317 32.24 -27.73 -76.03
CA TRP F 317 31.16 -28.01 -75.08
C TRP F 317 29.89 -28.48 -75.80
N ALA F 318 29.63 -27.90 -76.97
CA ALA F 318 28.43 -28.21 -77.76
C ALA F 318 28.48 -29.61 -78.36
N GLU F 319 29.63 -29.98 -78.93
CA GLU F 319 29.80 -31.28 -79.57
C GLU F 319 29.91 -32.43 -78.57
N ASN F 320 29.98 -32.09 -77.28
CA ASN F 320 30.05 -33.09 -76.21
C ASN F 320 28.70 -33.35 -75.52
N ILE F 321 27.66 -32.62 -75.94
CA ILE F 321 26.32 -32.78 -75.39
C ILE F 321 25.70 -34.07 -75.92
N LYS F 322 25.40 -35.00 -75.01
CA LYS F 322 24.74 -36.23 -75.40
C LYS F 322 23.33 -35.92 -75.92
N ILE F 323 23.13 -36.23 -77.20
CA ILE F 323 21.85 -36.03 -77.86
C ILE F 323 21.21 -37.39 -78.16
N SER F 324 20.06 -37.63 -77.54
CA SER F 324 19.36 -38.92 -77.66
C SER F 324 17.88 -38.82 -77.33
N ASP F 325 17.19 -39.97 -77.36
CA ASP F 325 15.85 -40.09 -76.82
C ASP F 325 15.86 -39.58 -75.37
N PRO F 326 14.92 -38.67 -75.04
CA PRO F 326 14.82 -37.97 -73.75
C PRO F 326 14.84 -38.85 -72.49
N LEU F 327 14.46 -40.12 -72.61
CA LEU F 327 14.40 -41.01 -71.45
C LEU F 327 15.69 -41.80 -71.21
N GLU F 328 16.59 -41.81 -72.20
CA GLU F 328 17.89 -42.46 -72.07
C GLU F 328 18.73 -41.80 -70.97
N GLU F 329 19.49 -42.62 -70.25
CA GLU F 329 20.39 -42.14 -69.21
C GLU F 329 21.43 -41.18 -69.83
N GLY F 330 21.60 -40.02 -69.19
CA GLY F 330 22.60 -39.05 -69.63
C GLY F 330 22.16 -38.03 -70.67
N CYS F 331 20.97 -38.21 -71.22
CA CYS F 331 20.44 -37.30 -72.26
C CYS F 331 20.58 -35.84 -71.85
N ARG F 332 21.19 -35.06 -72.74
CA ARG F 332 21.38 -33.63 -72.49
C ARG F 332 20.72 -32.76 -73.55
N LEU F 333 20.34 -33.39 -74.66
CA LEU F 333 19.56 -32.75 -75.70
C LEU F 333 18.53 -33.72 -76.26
N GLY F 334 17.26 -33.34 -76.18
CA GLY F 334 16.18 -34.09 -76.79
C GLY F 334 15.87 -33.55 -78.19
N PRO F 335 14.80 -34.07 -78.81
CA PRO F 335 14.36 -33.61 -80.12
C PRO F 335 13.42 -32.40 -80.03
N ILE F 336 13.25 -31.69 -81.14
CA ILE F 336 12.28 -30.59 -81.22
C ILE F 336 10.87 -31.16 -81.04
N VAL F 337 9.99 -30.34 -80.49
CA VAL F 337 8.64 -30.75 -80.07
C VAL F 337 7.75 -31.35 -81.18
N SER F 338 7.90 -30.88 -82.42
CA SER F 338 6.99 -31.26 -83.49
C SER F 338 7.68 -31.17 -84.83
N GLU F 339 7.09 -31.79 -85.86
CA GLU F 339 7.61 -31.72 -87.23
C GLU F 339 7.59 -30.29 -87.77
N ALA F 340 6.50 -29.56 -87.50
CA ALA F 340 6.37 -28.18 -87.96
C ALA F 340 7.48 -27.29 -87.39
N GLN F 341 7.74 -27.46 -86.09
CA GLN F 341 8.81 -26.70 -85.44
C GLN F 341 10.19 -27.13 -85.93
N TYR F 342 10.37 -28.44 -86.13
CA TYR F 342 11.61 -29.01 -86.67
C TYR F 342 12.03 -28.35 -87.98
N LYS F 343 11.09 -28.24 -88.91
CA LYS F 343 11.33 -27.59 -90.21
C LYS F 343 11.68 -26.11 -90.01
N LYS F 344 10.89 -25.42 -89.19
CA LYS F 344 11.12 -24.00 -88.92
C LYS F 344 12.52 -23.73 -88.38
N VAL F 345 12.94 -24.55 -87.41
CA VAL F 345 14.31 -24.47 -86.86
C VAL F 345 15.34 -24.67 -87.98
N LEU F 346 15.15 -25.70 -88.79
CA LEU F 346 16.05 -26.00 -89.91
C LEU F 346 16.05 -24.90 -90.97
N ASN F 347 14.87 -24.31 -91.21
CA ASN F 347 14.74 -23.19 -92.13
C ASN F 347 15.44 -21.93 -91.64
N CYS F 348 15.56 -21.79 -90.33
CA CYS F 348 16.30 -20.69 -89.72
C CYS F 348 17.81 -20.87 -89.91
N ILE F 349 18.27 -22.12 -89.85
CA ILE F 349 19.69 -22.41 -90.01
C ILE F 349 20.14 -22.16 -91.45
N SER F 350 19.39 -22.70 -92.41
CA SER F 350 19.74 -22.54 -93.83
C SER F 350 19.57 -21.10 -94.34
N SER F 351 18.64 -20.35 -93.74
CA SER F 351 18.50 -18.92 -94.01
C SER F 351 19.74 -18.12 -93.62
N ALA F 352 20.33 -18.50 -92.48
CA ALA F 352 21.61 -17.91 -92.05
C ALA F 352 22.69 -18.13 -93.10
N LYS F 353 22.82 -19.36 -93.58
CA LYS F 353 23.74 -19.71 -94.69
C LYS F 353 23.52 -18.81 -95.90
N SER F 354 22.26 -18.72 -96.33
CA SER F 354 21.87 -17.96 -97.52
C SER F 354 22.18 -16.47 -97.39
N GLU F 355 22.20 -15.98 -96.16
CA GLU F 355 22.45 -14.56 -95.88
C GLU F 355 23.93 -14.27 -95.65
N GLY F 356 24.76 -15.31 -95.66
CA GLY F 356 26.22 -15.14 -95.62
C GLY F 356 26.90 -15.50 -94.32
N ALA F 357 26.15 -16.08 -93.39
CA ALA F 357 26.68 -16.47 -92.09
C ALA F 357 27.37 -17.84 -92.13
N THR F 358 28.22 -18.11 -91.13
CA THR F 358 28.99 -19.33 -91.07
C THR F 358 28.47 -20.27 -89.98
N ILE F 359 28.06 -21.48 -90.39
CA ILE F 359 27.64 -22.52 -89.47
C ILE F 359 28.90 -23.22 -88.93
N LEU F 360 29.36 -22.81 -87.75
CA LEU F 360 30.60 -23.33 -87.18
C LEU F 360 30.51 -24.77 -86.68
N THR F 361 29.33 -25.16 -86.19
CA THR F 361 29.08 -26.53 -85.76
C THR F 361 27.58 -26.83 -85.78
N GLY F 362 27.25 -28.09 -86.02
CA GLY F 362 25.86 -28.54 -86.06
C GLY F 362 25.16 -28.15 -87.34
N GLY F 363 23.91 -27.71 -87.20
CA GLY F 363 23.09 -27.32 -88.36
C GLY F 363 22.59 -28.49 -89.19
N ARG F 364 22.61 -29.68 -88.60
CA ARG F 364 22.13 -30.89 -89.28
C ARG F 364 21.63 -31.92 -88.28
N ARG F 365 20.88 -32.90 -88.75
CA ARG F 365 20.44 -33.98 -87.88
C ARG F 365 21.62 -34.91 -87.56
N PRO F 366 21.70 -35.37 -86.29
CA PRO F 366 22.80 -36.24 -85.86
C PRO F 366 22.83 -37.55 -86.62
N GLU F 367 24.02 -38.05 -86.91
CA GLU F 367 24.20 -39.22 -87.75
C GLU F 367 23.57 -40.48 -87.14
N HIS F 368 23.68 -40.62 -85.81
CA HIS F 368 23.25 -41.82 -85.09
C HIS F 368 21.75 -41.89 -84.79
N LEU F 369 20.99 -40.87 -85.19
CA LEU F 369 19.54 -40.85 -84.98
C LEU F 369 18.80 -40.62 -86.28
N LYS F 370 18.44 -41.73 -86.94
CA LYS F 370 17.80 -41.68 -88.25
C LYS F 370 16.38 -41.12 -88.21
N LYS F 371 15.70 -41.34 -87.07
CA LYS F 371 14.33 -40.87 -86.87
C LYS F 371 14.23 -39.90 -85.68
N GLY F 372 13.19 -39.07 -85.69
CA GLY F 372 12.97 -38.09 -84.64
C GLY F 372 13.34 -36.69 -85.09
N TYR F 373 12.83 -35.69 -84.37
CA TYR F 373 13.09 -34.29 -84.73
C TYR F 373 14.36 -33.76 -84.06
N PHE F 374 15.47 -34.45 -84.32
CA PHE F 374 16.76 -34.15 -83.71
C PHE F 374 17.63 -33.24 -84.58
N VAL F 375 18.17 -32.19 -83.96
CA VAL F 375 19.20 -31.34 -84.57
C VAL F 375 20.35 -31.17 -83.59
N GLU F 376 21.56 -31.14 -84.12
CA GLU F 376 22.75 -30.90 -83.33
C GLU F 376 22.75 -29.46 -82.84
N PRO F 377 23.36 -29.20 -81.66
CA PRO F 377 23.48 -27.82 -81.16
C PRO F 377 24.28 -27.00 -82.16
N THR F 378 23.75 -25.85 -82.55
CA THR F 378 24.29 -25.07 -83.66
C THR F 378 24.87 -23.74 -83.21
N ILE F 379 26.06 -23.42 -83.72
CA ILE F 379 26.69 -22.13 -83.48
C ILE F 379 26.93 -21.42 -84.82
N ILE F 380 26.46 -20.19 -84.91
CA ILE F 380 26.49 -19.41 -86.16
C ILE F 380 27.34 -18.15 -85.98
N THR F 381 28.39 -18.04 -86.80
CA THR F 381 29.32 -16.89 -86.77
C THR F 381 29.28 -16.11 -88.08
N ASP F 382 30.07 -15.03 -88.14
CA ASP F 382 30.06 -14.07 -89.26
C ASP F 382 28.65 -13.53 -89.46
N VAL F 383 28.08 -13.07 -88.35
CA VAL F 383 26.69 -12.64 -88.31
C VAL F 383 26.60 -11.13 -88.49
N THR F 384 25.60 -10.71 -89.26
CA THR F 384 25.33 -9.29 -89.48
C THR F 384 24.00 -8.88 -88.87
N THR F 385 24.01 -7.69 -88.28
CA THR F 385 22.85 -7.03 -87.70
C THR F 385 21.56 -7.10 -88.55
N SER F 386 21.70 -7.25 -89.87
CA SER F 386 20.53 -7.31 -90.75
C SER F 386 19.99 -8.74 -91.00
N MET F 387 20.73 -9.75 -90.57
CA MET F 387 20.34 -11.15 -90.78
C MET F 387 19.20 -11.63 -89.87
N GLN F 388 18.40 -12.55 -90.40
CA GLN F 388 17.29 -13.16 -89.66
C GLN F 388 17.66 -13.81 -88.34
N ILE F 389 18.78 -14.55 -88.30
CA ILE F 389 19.18 -15.21 -87.04
C ILE F 389 19.54 -14.23 -85.94
N TRP F 390 19.81 -12.99 -86.30
CA TRP F 390 20.06 -11.94 -85.34
C TRP F 390 18.76 -11.30 -84.85
N ARG F 391 17.79 -11.15 -85.75
CA ARG F 391 16.57 -10.38 -85.48
C ARG F 391 15.42 -11.21 -84.90
N GLU F 392 15.29 -12.46 -85.32
CA GLU F 392 14.09 -13.25 -85.05
C GLU F 392 14.36 -14.51 -84.24
N GLU F 393 13.41 -14.83 -83.36
CA GLU F 393 13.52 -15.99 -82.47
C GLU F 393 13.52 -17.30 -83.27
N VAL F 394 14.51 -18.15 -82.97
CA VAL F 394 14.65 -19.46 -83.64
C VAL F 394 13.86 -20.55 -82.91
N PHE F 395 14.00 -20.58 -81.58
CA PHE F 395 13.35 -21.56 -80.71
C PHE F 395 13.86 -22.99 -80.93
N GLY F 396 15.16 -23.07 -81.17
CA GLY F 396 15.90 -24.33 -81.27
C GLY F 396 17.31 -24.07 -80.79
N PRO F 397 18.13 -25.14 -80.66
CA PRO F 397 19.49 -25.00 -80.13
C PRO F 397 20.44 -24.30 -81.12
N VAL F 398 20.26 -22.99 -81.28
CA VAL F 398 20.98 -22.21 -82.28
C VAL F 398 21.47 -20.90 -81.67
N LEU F 399 22.79 -20.73 -81.64
CA LEU F 399 23.42 -19.54 -81.09
C LEU F 399 23.99 -18.66 -82.20
N ALA F 400 23.69 -17.37 -82.13
CA ALA F 400 24.22 -16.40 -83.08
C ALA F 400 25.31 -15.56 -82.40
N VAL F 401 26.47 -15.47 -83.05
CA VAL F 401 27.65 -14.86 -82.44
C VAL F 401 28.11 -13.60 -83.17
N LYS F 402 28.25 -12.51 -82.41
CA LYS F 402 28.89 -11.28 -82.89
C LYS F 402 30.02 -10.91 -81.91
N THR F 403 30.92 -10.05 -82.37
CA THR F 403 32.07 -9.63 -81.58
C THR F 403 32.00 -8.12 -81.29
N PHE F 404 32.72 -7.67 -80.26
CA PHE F 404 32.78 -6.24 -79.89
C PHE F 404 34.15 -5.87 -79.31
N SER F 405 34.45 -4.58 -79.24
CA SER F 405 35.68 -4.12 -78.59
C SER F 405 35.42 -3.27 -77.34
N THR F 406 34.51 -2.32 -77.42
CA THR F 406 34.24 -1.38 -76.32
C THR F 406 32.94 -1.71 -75.56
N GLU F 407 32.78 -1.10 -74.38
CA GLU F 407 31.56 -1.28 -73.59
C GLU F 407 30.34 -0.69 -74.30
N GLU F 408 30.48 0.54 -74.81
CA GLU F 408 29.43 1.23 -75.56
C GLU F 408 28.90 0.38 -76.72
N GLU F 409 29.81 -0.37 -77.34
CA GLU F 409 29.52 -1.23 -78.48
C GLU F 409 28.73 -2.48 -78.07
N ALA F 410 29.10 -3.05 -76.92
CA ALA F 410 28.44 -4.21 -76.36
C ALA F 410 27.00 -3.89 -75.99
N ILE F 411 26.81 -2.75 -75.32
CA ILE F 411 25.48 -2.29 -74.90
C ILE F 411 24.55 -2.05 -76.10
N ASN F 412 25.07 -1.41 -77.14
CA ASN F 412 24.29 -1.13 -78.36
C ASN F 412 23.92 -2.38 -79.14
N LEU F 413 24.79 -3.37 -79.16
CA LEU F 413 24.48 -4.67 -79.76
C LEU F 413 23.41 -5.42 -78.95
N ALA F 414 23.58 -5.43 -77.62
CA ALA F 414 22.65 -6.09 -76.72
C ALA F 414 21.23 -5.56 -76.88
N ASN F 415 21.13 -4.24 -76.99
CA ASN F 415 19.85 -3.56 -77.13
C ASN F 415 19.37 -3.45 -78.58
N ASP F 416 20.13 -4.01 -79.52
CA ASP F 416 19.72 -4.00 -80.92
C ASP F 416 18.69 -5.07 -81.21
N THR F 417 17.53 -4.92 -80.57
CA THR F 417 16.42 -5.84 -80.73
C THR F 417 15.11 -5.15 -80.36
N HIS F 418 14.02 -5.58 -81.01
CA HIS F 418 12.70 -5.08 -80.67
CA HIS F 418 12.68 -5.10 -80.69
C HIS F 418 12.12 -5.85 -79.47
N TYR F 419 12.79 -6.96 -79.11
CA TYR F 419 12.43 -7.75 -77.93
C TYR F 419 13.01 -7.15 -76.65
N GLY F 420 12.66 -7.72 -75.50
CA GLY F 420 13.17 -7.26 -74.21
C GLY F 420 12.84 -8.17 -73.04
N LEU F 421 13.18 -9.45 -73.16
CA LEU F 421 12.84 -10.40 -72.12
C LEU F 421 13.98 -10.59 -71.11
N GLY F 422 14.95 -11.43 -71.47
CA GLY F 422 16.12 -11.66 -70.62
C GLY F 422 17.38 -11.00 -71.17
N SER F 423 18.49 -11.24 -70.48
CA SER F 423 19.81 -10.69 -70.82
C SER F 423 20.83 -11.16 -69.78
N ALA F 424 22.06 -11.39 -70.21
CA ALA F 424 23.13 -11.85 -69.33
C ALA F 424 24.44 -11.08 -69.52
N VAL F 425 25.09 -10.71 -68.41
CA VAL F 425 26.44 -10.11 -68.45
C VAL F 425 27.44 -11.03 -67.76
N MET F 426 28.51 -11.36 -68.47
CA MET F 426 29.58 -12.20 -67.92
C MET F 426 30.88 -11.42 -67.79
N SER F 427 31.33 -11.23 -66.54
CA SER F 427 32.49 -10.40 -66.21
C SER F 427 32.81 -10.53 -64.72
N ASN F 428 34.06 -10.80 -64.38
CA ASN F 428 34.50 -10.91 -62.99
C ASN F 428 34.45 -9.58 -62.26
N ASP F 429 34.50 -8.49 -63.04
CA ASP F 429 34.38 -7.13 -62.51
C ASP F 429 32.92 -6.82 -62.27
N LEU F 430 32.56 -6.75 -60.99
CA LEU F 430 31.17 -6.55 -60.55
C LEU F 430 30.60 -5.17 -60.85
N GLU F 431 31.47 -4.15 -60.85
CA GLU F 431 31.04 -2.78 -61.11
C GLU F 431 30.62 -2.59 -62.56
N ARG F 432 31.33 -3.26 -63.46
CA ARG F 432 30.98 -3.28 -64.87
C ARG F 432 29.64 -4.00 -65.09
N CYS F 433 29.43 -5.09 -64.34
CA CYS F 433 28.17 -5.84 -64.39
C CYS F 433 26.96 -4.98 -64.01
N GLU F 434 27.06 -4.28 -62.88
CA GLU F 434 25.98 -3.40 -62.44
C GLU F 434 25.67 -2.34 -63.49
N ARG F 435 26.72 -1.77 -64.06
CA ARG F 435 26.62 -0.76 -65.12
C ARG F 435 25.80 -1.28 -66.31
N LEU F 436 26.10 -2.50 -66.75
CA LEU F 436 25.38 -3.11 -67.86
C LEU F 436 23.97 -3.55 -67.47
N SER F 437 23.82 -4.04 -66.23
CA SER F 437 22.51 -4.43 -65.71
C SER F 437 21.51 -3.28 -65.77
N LYS F 438 22.00 -2.06 -65.52
CA LYS F 438 21.16 -0.86 -65.64
C LYS F 438 20.85 -0.52 -67.10
N ALA F 439 21.83 -0.71 -67.98
CA ALA F 439 21.71 -0.29 -69.38
C ALA F 439 20.96 -1.30 -70.28
N LEU F 440 20.98 -2.57 -69.90
CA LEU F 440 20.29 -3.61 -70.66
C LEU F 440 18.78 -3.43 -70.63
N GLN F 441 18.17 -3.39 -71.80
CA GLN F 441 16.74 -3.16 -71.92
C GLN F 441 15.96 -4.48 -71.90
N ALA F 442 15.74 -5.00 -70.69
CA ALA F 442 15.08 -6.29 -70.48
C ALA F 442 14.44 -6.36 -69.09
N GLY F 443 13.54 -7.33 -68.91
CA GLY F 443 12.86 -7.50 -67.63
C GLY F 443 13.69 -8.28 -66.62
N ILE F 444 14.58 -9.11 -67.15
CA ILE F 444 15.46 -9.96 -66.34
C ILE F 444 16.91 -9.71 -66.78
N VAL F 445 17.77 -9.43 -65.79
CA VAL F 445 19.21 -9.40 -66.05
C VAL F 445 19.92 -10.44 -65.17
N TRP F 446 20.63 -11.37 -65.82
CA TRP F 446 21.47 -12.32 -65.12
C TRP F 446 22.93 -11.85 -65.11
N ILE F 447 23.58 -11.99 -63.97
CA ILE F 447 24.97 -11.60 -63.84
C ILE F 447 25.83 -12.83 -63.55
N ASN F 448 26.76 -13.11 -64.47
CA ASN F 448 27.67 -14.25 -64.39
C ASN F 448 26.94 -15.60 -64.40
N CYS F 449 25.76 -15.60 -65.00
CA CYS F 449 24.99 -16.80 -65.29
C CYS F 449 23.91 -16.47 -66.32
N ALA F 450 23.08 -17.45 -66.64
CA ALA F 450 21.99 -17.29 -67.61
C ALA F 450 20.94 -18.37 -67.44
N GLN F 451 19.69 -17.95 -67.28
CA GLN F 451 18.47 -18.80 -67.29
C GLN F 451 17.78 -19.14 -65.94
N PRO F 452 18.49 -19.08 -64.80
CA PRO F 452 17.77 -19.44 -63.56
C PRO F 452 16.52 -18.58 -63.32
N SER F 453 15.41 -19.23 -62.97
CA SER F 453 14.15 -18.54 -62.69
C SER F 453 13.59 -18.89 -61.32
N PHE F 454 13.90 -18.05 -60.32
CA PHE F 454 13.46 -18.29 -58.95
C PHE F 454 12.02 -17.81 -58.69
N ILE F 455 11.25 -18.62 -57.97
CA ILE F 455 9.82 -18.33 -57.77
C ILE F 455 9.56 -17.09 -56.89
N GLN F 456 10.60 -16.62 -56.21
CA GLN F 456 10.51 -15.42 -55.37
C GLN F 456 10.70 -14.11 -56.15
N ALA F 457 11.25 -14.22 -57.36
CA ALA F 457 11.61 -13.05 -58.17
C ALA F 457 10.65 -12.82 -59.35
N PRO F 458 10.31 -11.55 -59.62
CA PRO F 458 9.42 -11.18 -60.72
C PRO F 458 9.97 -11.53 -62.12
N TRP F 459 9.10 -12.10 -62.96
CA TRP F 459 9.49 -12.59 -64.28
C TRP F 459 8.60 -12.02 -65.39
N GLY F 460 9.23 -11.55 -66.47
CA GLY F 460 8.51 -10.99 -67.60
C GLY F 460 9.36 -10.04 -68.40
N GLY F 461 8.83 -9.55 -69.52
CA GLY F 461 9.60 -8.70 -70.42
C GLY F 461 9.10 -7.29 -70.60
N ILE F 462 9.82 -6.55 -71.44
CA ILE F 462 9.43 -5.23 -71.89
C ILE F 462 9.44 -5.23 -73.42
N LYS F 463 9.01 -4.13 -74.03
CA LYS F 463 8.96 -4.01 -75.50
C LYS F 463 8.13 -5.13 -76.13
N ARG F 464 8.58 -5.71 -77.24
CA ARG F 464 7.81 -6.75 -77.92
C ARG F 464 7.77 -8.10 -77.19
N SER F 465 8.51 -8.21 -76.09
CA SER F 465 8.47 -9.41 -75.25
C SER F 465 7.22 -9.42 -74.36
N GLY F 466 6.42 -8.36 -74.47
CA GLY F 466 5.17 -8.25 -73.73
C GLY F 466 5.24 -7.33 -72.51
N PHE F 467 4.41 -7.65 -71.52
CA PHE F 467 4.29 -6.85 -70.31
C PHE F 467 3.54 -7.66 -69.24
N GLY F 468 3.51 -7.15 -68.02
CA GLY F 468 3.00 -7.92 -66.88
C GLY F 468 4.13 -8.75 -66.28
N ARG F 469 3.92 -9.21 -65.05
CA ARG F 469 4.94 -10.00 -64.36
C ARG F 469 4.34 -11.23 -63.68
N GLU F 470 5.06 -12.32 -63.76
CA GLU F 470 4.72 -13.55 -63.06
C GLU F 470 5.77 -13.86 -61.99
N LEU F 471 5.43 -14.80 -61.10
CA LEU F 471 6.29 -15.24 -59.98
C LEU F 471 6.38 -14.21 -58.87
N GLY F 472 6.79 -14.64 -57.69
CA GLY F 472 6.79 -13.77 -56.52
C GLY F 472 5.38 -13.30 -56.20
N GLU F 473 5.28 -12.16 -55.53
CA GLU F 473 3.98 -11.56 -55.20
C GLU F 473 3.38 -10.88 -56.41
N TRP F 474 4.24 -10.61 -57.39
CA TRP F 474 3.87 -10.01 -58.67
C TRP F 474 2.89 -10.92 -59.44
N GLY F 475 3.19 -12.22 -59.46
CA GLY F 475 2.32 -13.21 -60.08
C GLY F 475 0.94 -13.26 -59.44
N LEU F 476 0.92 -13.14 -58.12
CA LEU F 476 -0.32 -13.08 -57.34
C LEU F 476 -1.11 -11.82 -57.65
N GLU F 477 -0.39 -10.69 -57.76
CA GLU F 477 -0.98 -9.38 -58.00
C GLU F 477 -1.65 -9.32 -59.38
N ASN F 478 -1.13 -10.10 -60.31
CA ASN F 478 -1.67 -10.20 -61.66
C ASN F 478 -3.10 -10.77 -61.71
N TYR F 479 -3.55 -11.40 -60.62
CA TYR F 479 -4.90 -11.97 -60.55
C TYR F 479 -5.77 -11.31 -59.47
N LEU F 480 -5.27 -10.20 -58.96
CA LEU F 480 -6.01 -9.40 -58.01
C LEU F 480 -6.40 -8.06 -58.59
N SER F 481 -7.56 -7.58 -58.16
CA SER F 481 -8.04 -6.25 -58.47
C SER F 481 -8.01 -5.42 -57.19
N VAL F 482 -7.68 -4.14 -57.32
CA VAL F 482 -7.59 -3.24 -56.18
C VAL F 482 -8.90 -2.46 -56.03
N LYS F 483 -9.49 -2.52 -54.85
CA LYS F 483 -10.71 -1.77 -54.57
C LYS F 483 -10.45 -0.74 -53.47
N GLN F 484 -10.68 0.53 -53.81
CA GLN F 484 -10.63 1.60 -52.84
C GLN F 484 -11.98 1.70 -52.12
N VAL F 485 -11.96 1.65 -50.80
CA VAL F 485 -13.18 1.86 -50.02
C VAL F 485 -12.97 3.10 -49.15
N THR F 486 -13.70 4.16 -49.47
CA THR F 486 -13.53 5.46 -48.85
C THR F 486 -14.85 5.85 -48.18
N ARG F 487 -14.79 6.13 -46.89
CA ARG F 487 -15.98 6.40 -46.09
C ARG F 487 -15.96 7.82 -45.52
N TYR F 488 -17.08 8.52 -45.67
CA TYR F 488 -17.28 9.82 -45.05
C TYR F 488 -17.66 9.59 -43.61
N THR F 489 -16.87 10.13 -42.68
CA THR F 489 -17.05 9.82 -41.27
C THR F 489 -17.72 10.95 -40.47
N SER F 490 -17.77 12.14 -41.04
CA SER F 490 -18.36 13.28 -40.35
C SER F 490 -19.89 13.27 -40.38
N ASP F 491 -20.48 13.93 -39.40
CA ASP F 491 -21.93 14.04 -39.28
C ASP F 491 -22.41 15.38 -39.87
N GLU F 492 -21.48 16.19 -40.36
CA GLU F 492 -21.80 17.46 -41.01
C GLU F 492 -22.35 17.25 -42.42
N PRO F 493 -23.27 18.13 -42.87
CA PRO F 493 -23.71 18.14 -44.26
C PRO F 493 -22.58 18.58 -45.18
N TRP F 494 -22.60 18.12 -46.42
CA TRP F 494 -21.51 18.36 -47.37
C TRP F 494 -21.28 19.85 -47.65
N GLY F 495 -22.35 20.63 -47.69
CA GLY F 495 -22.27 22.08 -47.79
C GLY F 495 -21.82 22.63 -49.14
N TRP F 496 -21.92 21.81 -50.18
CA TRP F 496 -21.60 22.28 -51.52
C TRP F 496 -22.75 23.05 -52.15
N TYR F 497 -23.96 22.48 -52.07
CA TYR F 497 -25.14 23.06 -52.69
C TYR F 497 -25.98 23.86 -51.69
N GLN F 498 -26.75 24.82 -52.22
CA GLN F 498 -27.66 25.62 -51.41
C GLN F 498 -28.91 24.81 -51.09
N PRO F 499 -29.16 24.53 -49.80
CA PRO F 499 -30.30 23.68 -49.44
C PRO F 499 -31.63 24.39 -49.70
N PRO F 500 -32.69 23.63 -50.04
CA PRO F 500 -33.98 24.27 -50.27
C PRO F 500 -34.69 24.63 -48.96
N SER F 501 -35.42 25.75 -48.97
CA SER F 501 -36.17 26.20 -47.79
C SER F 501 -37.47 25.41 -47.62
N SER G 7 -50.16 18.43 10.35
CA SER G 7 -49.06 18.96 11.21
C SER G 7 -48.06 17.86 11.58
N ARG G 8 -48.50 16.90 12.40
CA ARG G 8 -47.65 15.77 12.77
C ARG G 8 -47.64 14.72 11.67
N GLN G 9 -46.52 14.01 11.56
CA GLN G 9 -46.37 12.98 10.55
C GLN G 9 -46.20 11.61 11.20
N LEU G 10 -45.54 10.70 10.51
CA LEU G 10 -45.19 9.41 11.10
C LEU G 10 -43.84 9.55 11.76
N PHE G 11 -43.71 9.02 12.96
CA PHE G 11 -42.43 9.04 13.64
C PHE G 11 -41.69 7.76 13.29
N ILE G 12 -40.74 7.88 12.37
CA ILE G 12 -39.96 6.75 11.89
C ILE G 12 -38.45 7.05 11.98
N ASP G 13 -37.73 6.18 12.66
CA ASP G 13 -36.27 6.27 12.78
C ASP G 13 -35.79 7.61 13.35
N GLY G 14 -36.52 8.10 14.35
CA GLY G 14 -36.11 9.30 15.09
C GLY G 14 -36.47 10.63 14.44
N GLU G 15 -37.10 10.56 13.27
CA GLU G 15 -37.54 11.77 12.57
C GLU G 15 -38.97 11.68 12.03
N TRP G 16 -39.48 12.79 11.53
CA TRP G 16 -40.83 12.87 10.99
C TRP G 16 -40.86 12.54 9.51
N ARG G 17 -41.77 11.65 9.13
CA ARG G 17 -41.88 11.24 7.72
C ARG G 17 -43.32 11.27 7.24
N VAL G 18 -43.54 12.01 6.16
CA VAL G 18 -44.81 12.02 5.45
C VAL G 18 -45.02 10.63 4.82
N PRO G 19 -46.24 10.08 4.92
CA PRO G 19 -46.58 8.84 4.24
C PRO G 19 -46.20 8.89 2.75
N ILE G 20 -45.71 7.77 2.23
CA ILE G 20 -45.32 7.66 0.82
C ILE G 20 -46.50 7.91 -0.13
N LEU G 21 -47.68 7.43 0.24
CA LEU G 21 -48.91 7.69 -0.52
C LEU G 21 -49.55 9.03 -0.12
N ASN G 22 -49.11 9.58 1.01
CA ASN G 22 -49.53 10.90 1.51
C ASN G 22 -51.03 11.02 1.80
N LYS G 23 -51.62 9.95 2.33
CA LYS G 23 -53.03 9.95 2.73
C LYS G 23 -53.21 10.47 4.16
N ARG G 24 -54.43 10.92 4.44
CA ARG G 24 -54.78 11.49 5.74
C ARG G 24 -56.16 10.99 6.17
N ILE G 25 -56.36 10.82 7.48
CA ILE G 25 -57.66 10.38 8.00
C ILE G 25 -58.24 11.47 8.90
N PRO G 26 -59.46 11.95 8.58
CA PRO G 26 -60.10 13.01 9.35
C PRO G 26 -60.32 12.60 10.80
N ASN G 27 -60.23 13.57 11.71
CA ASN G 27 -60.48 13.35 13.13
C ASN G 27 -61.62 14.22 13.65
N ILE G 28 -62.62 13.58 14.24
CA ILE G 28 -63.85 14.24 14.64
C ILE G 28 -63.92 14.44 16.16
N ASN G 29 -64.33 15.64 16.57
CA ASN G 29 -64.60 15.94 17.97
C ASN G 29 -65.97 15.35 18.33
N PRO G 30 -65.98 14.35 19.24
CA PRO G 30 -67.20 13.62 19.56
C PRO G 30 -68.30 14.45 20.23
N SER G 31 -67.94 15.58 20.83
CA SER G 31 -68.96 16.44 21.45
C SER G 31 -69.56 17.48 20.49
N THR G 32 -68.92 17.69 19.33
CA THR G 32 -69.43 18.65 18.33
C THR G 32 -69.79 18.02 16.98
N GLU G 33 -69.19 16.87 16.68
CA GLU G 33 -69.40 16.17 15.39
C GLU G 33 -68.67 16.82 14.21
N ASN G 34 -67.78 17.75 14.51
CA ASN G 34 -67.02 18.44 13.47
C ASN G 34 -65.57 17.96 13.37
N ILE G 35 -65.03 17.97 12.14
CA ILE G 35 -63.62 17.70 11.90
C ILE G 35 -62.78 18.75 12.62
N ILE G 36 -61.79 18.32 13.40
CA ILE G 36 -60.89 19.25 14.09
C ILE G 36 -59.43 19.04 13.70
N GLY G 37 -59.20 18.24 12.65
CA GLY G 37 -57.86 17.93 12.21
C GLY G 37 -57.82 16.59 11.50
N ASP G 38 -56.61 16.09 11.26
CA ASP G 38 -56.41 14.77 10.66
C ASP G 38 -55.06 14.19 11.08
N ILE G 39 -54.88 12.89 10.83
CA ILE G 39 -53.61 12.21 11.13
C ILE G 39 -53.09 11.48 9.89
N PRO G 40 -51.76 11.32 9.78
CA PRO G 40 -51.20 10.59 8.64
C PRO G 40 -51.71 9.15 8.57
N ALA G 41 -52.04 8.69 7.37
CA ALA G 41 -52.50 7.31 7.15
C ALA G 41 -51.38 6.48 6.55
N ALA G 42 -50.66 5.77 7.42
CA ALA G 42 -49.54 4.95 6.97
C ALA G 42 -50.00 3.69 6.23
N THR G 43 -49.26 3.33 5.19
CA THR G 43 -49.54 2.14 4.41
C THR G 43 -48.41 1.12 4.56
N LYS G 44 -48.50 0.01 3.83
CA LYS G 44 -47.50 -1.06 3.84
C LYS G 44 -46.06 -0.53 3.78
N GLU G 45 -45.79 0.35 2.82
CA GLU G 45 -44.43 0.84 2.57
C GLU G 45 -43.88 1.65 3.74
N ASP G 46 -44.76 2.41 4.39
CA ASP G 46 -44.41 3.15 5.60
C ASP G 46 -44.07 2.20 6.76
N VAL G 47 -44.88 1.16 6.93
CA VAL G 47 -44.68 0.15 7.97
C VAL G 47 -43.35 -0.57 7.77
N ASP G 48 -43.06 -0.94 6.52
CA ASP G 48 -41.76 -1.50 6.14
C ASP G 48 -40.61 -0.63 6.63
N LEU G 49 -40.74 0.68 6.47
CA LEU G 49 -39.71 1.62 6.93
C LEU G 49 -39.60 1.66 8.45
N ALA G 50 -40.73 1.68 9.14
CA ALA G 50 -40.75 1.61 10.60
C ALA G 50 -40.07 0.34 11.14
N VAL G 51 -40.43 -0.83 10.56
CA VAL G 51 -39.90 -2.11 11.04
C VAL G 51 -38.40 -2.24 10.76
N ASP G 52 -37.99 -1.90 9.54
CA ASP G 52 -36.55 -1.80 9.18
C ASP G 52 -35.77 -0.96 10.20
N ALA G 53 -36.33 0.19 10.57
CA ALA G 53 -35.68 1.09 11.56
C ALA G 53 -35.54 0.45 12.93
N ALA G 54 -36.57 -0.27 13.36
CA ALA G 54 -36.56 -0.97 14.65
C ALA G 54 -35.53 -2.11 14.61
N LYS G 55 -35.51 -2.85 13.51
CA LYS G 55 -34.52 -3.90 13.28
C LYS G 55 -33.09 -3.36 13.39
N ARG G 56 -32.82 -2.23 12.73
CA ARG G 56 -31.52 -1.57 12.82
C ARG G 56 -31.17 -1.10 14.24
N ALA G 57 -32.16 -0.61 14.97
CA ALA G 57 -31.95 -0.06 16.31
C ALA G 57 -31.40 -1.07 17.31
N ILE G 58 -31.73 -2.35 17.12
CA ILE G 58 -31.25 -3.41 18.03
C ILE G 58 -30.25 -4.37 17.36
N SER G 59 -29.65 -3.93 16.25
CA SER G 59 -28.75 -4.78 15.47
C SER G 59 -27.37 -4.92 16.08
N ARG G 60 -26.84 -6.14 16.08
CA ARG G 60 -25.58 -6.51 16.75
C ARG G 60 -24.53 -5.40 16.80
N LYS G 61 -24.11 -5.06 18.02
CA LYS G 61 -23.17 -3.97 18.32
C LYS G 61 -23.66 -2.58 17.89
N ASN G 62 -24.23 -2.46 16.69
CA ASN G 62 -24.71 -1.18 16.11
C ASN G 62 -24.30 0.04 16.93
N GLY G 63 -23.00 0.32 16.95
CA GLY G 63 -22.43 1.42 17.74
C GLY G 63 -23.16 1.65 19.06
N ARG G 64 -24.20 2.47 19.00
CA ARG G 64 -25.02 2.81 20.17
C ARG G 64 -25.75 1.60 20.71
N ASP G 65 -26.65 1.02 19.90
CA ASP G 65 -27.36 -0.23 20.24
C ASP G 65 -28.24 -0.06 21.50
N TRP G 66 -29.34 -0.81 21.54
CA TRP G 66 -30.35 -0.62 22.57
C TRP G 66 -30.58 -1.90 23.39
N SER G 67 -30.65 -3.03 22.70
CA SER G 67 -30.89 -4.33 23.32
C SER G 67 -29.70 -4.87 24.11
N ALA G 68 -28.50 -4.43 23.76
CA ALA G 68 -27.28 -4.89 24.40
C ALA G 68 -26.76 -3.90 25.45
N ALA G 69 -27.40 -2.73 25.52
CA ALA G 69 -27.06 -1.71 26.52
C ALA G 69 -27.43 -2.17 27.93
N SER G 70 -26.94 -1.45 28.94
CA SER G 70 -27.30 -1.74 30.32
C SER G 70 -28.73 -1.29 30.57
N GLY G 71 -29.40 -1.98 31.50
CA GLY G 71 -30.77 -1.64 31.88
C GLY G 71 -30.90 -0.27 32.54
N SER G 72 -29.87 0.15 33.25
CA SER G 72 -29.86 1.47 33.87
C SER G 72 -29.76 2.59 32.83
N LEU G 73 -29.10 2.32 31.71
CA LEU G 73 -29.06 3.26 30.59
C LEU G 73 -30.44 3.46 29.96
N ARG G 74 -31.16 2.37 29.75
CA ARG G 74 -32.51 2.44 29.23
C ARG G 74 -33.44 3.14 30.21
N ALA G 75 -33.20 2.94 31.50
CA ALA G 75 -33.96 3.60 32.56
C ALA G 75 -33.89 5.13 32.48
N ARG G 76 -32.69 5.66 32.22
CA ARG G 76 -32.47 7.10 32.16
C ARG G 76 -33.28 7.75 31.06
N TYR G 77 -33.36 7.07 29.91
CA TYR G 77 -34.25 7.48 28.83
C TYR G 77 -35.70 7.45 29.27
N LEU G 78 -36.10 6.37 29.95
CA LEU G 78 -37.47 6.24 30.44
C LEU G 78 -37.83 7.32 31.46
N ARG G 79 -36.89 7.63 32.36
CA ARG G 79 -37.09 8.70 33.33
C ARG G 79 -37.14 10.07 32.66
N ALA G 80 -36.34 10.27 31.63
CA ALA G 80 -36.33 11.50 30.84
C ALA G 80 -37.66 11.71 30.11
N ILE G 81 -38.19 10.61 29.55
CA ILE G 81 -39.49 10.61 28.90
C ILE G 81 -40.58 10.97 29.92
N ALA G 82 -40.52 10.36 31.10
CA ALA G 82 -41.48 10.61 32.17
C ALA G 82 -41.46 12.08 32.61
N ALA G 83 -40.25 12.61 32.81
CA ALA G 83 -40.07 14.00 33.20
C ALA G 83 -40.74 14.97 32.22
N LYS G 84 -40.58 14.70 30.93
CA LYS G 84 -41.09 15.59 29.89
C LYS G 84 -42.60 15.49 29.69
N ILE G 85 -43.17 14.34 30.04
CA ILE G 85 -44.60 14.14 30.01
C ILE G 85 -45.23 14.87 31.20
N LYS G 86 -44.60 14.73 32.37
CA LYS G 86 -45.04 15.36 33.61
C LYS G 86 -45.06 16.88 33.49
N GLU G 87 -44.08 17.42 32.77
CA GLU G 87 -43.96 18.85 32.52
C GLU G 87 -45.13 19.32 31.66
N LYS G 88 -45.43 18.55 30.61
CA LYS G 88 -46.48 18.88 29.64
C LYS G 88 -47.85 18.33 30.03
N LYS G 89 -48.01 17.92 31.29
CA LYS G 89 -49.22 17.26 31.78
C LYS G 89 -50.53 17.93 31.34
N ASP G 90 -50.72 19.19 31.73
CA ASP G 90 -51.96 19.92 31.48
C ASP G 90 -52.28 20.08 29.98
N GLU G 91 -51.23 20.29 29.19
CA GLU G 91 -51.35 20.43 27.74
C GLU G 91 -51.85 19.11 27.12
N LEU G 92 -51.14 18.02 27.43
CA LEU G 92 -51.48 16.69 26.93
C LEU G 92 -52.85 16.23 27.41
N GLY G 93 -53.18 16.58 28.65
CA GLY G 93 -54.47 16.27 29.25
C GLY G 93 -55.66 16.69 28.41
N LYS G 94 -55.70 17.96 28.00
CA LYS G 94 -56.83 18.45 27.25
C LYS G 94 -56.86 17.88 25.83
N LEU G 95 -55.67 17.66 25.25
CA LEU G 95 -55.58 17.01 23.94
C LEU G 95 -56.17 15.60 23.98
N GLU G 96 -55.86 14.86 25.03
CA GLU G 96 -56.44 13.54 25.27
C GLU G 96 -57.97 13.62 25.38
N SER G 97 -58.44 14.58 26.18
CA SER G 97 -59.86 14.82 26.39
C SER G 97 -60.60 15.14 25.09
N ILE G 98 -60.00 16.00 24.28
CA ILE G 98 -60.53 16.35 22.96
C ILE G 98 -60.53 15.13 22.02
N ASP G 99 -59.45 14.34 22.08
CA ASP G 99 -59.26 13.25 21.14
C ASP G 99 -60.18 12.03 21.34
N CYS G 100 -60.45 11.66 22.59
CA CYS G 100 -61.27 10.48 22.85
C CYS G 100 -62.58 10.77 23.57
N GLY G 101 -62.80 12.03 23.94
CA GLY G 101 -64.09 12.43 24.53
C GLY G 101 -64.26 12.22 26.02
N LYS G 102 -63.24 11.71 26.69
CA LYS G 102 -63.34 11.48 28.13
C LYS G 102 -63.20 12.79 28.91
N PRO G 103 -63.90 12.90 30.06
CA PRO G 103 -63.83 14.11 30.89
C PRO G 103 -62.39 14.48 31.26
N LEU G 104 -62.10 15.77 31.32
CA LEU G 104 -60.73 16.27 31.52
C LEU G 104 -60.05 15.70 32.77
N GLU G 105 -60.79 15.62 33.87
CA GLU G 105 -60.26 15.07 35.11
C GLU G 105 -59.87 13.58 35.00
N GLU G 106 -60.48 12.85 34.07
CA GLU G 106 -60.06 11.47 33.78
C GLU G 106 -58.78 11.46 32.98
N ALA G 107 -58.74 12.28 31.93
CA ALA G 107 -57.54 12.44 31.10
C ALA G 107 -56.33 12.85 31.93
N LEU G 108 -56.55 13.77 32.87
CA LEU G 108 -55.47 14.23 33.76
C LEU G 108 -55.01 13.11 34.69
N ALA G 109 -55.94 12.29 35.15
CA ALA G 109 -55.61 11.11 35.95
C ALA G 109 -54.81 10.11 35.13
N ASP G 110 -55.18 9.93 33.86
CA ASP G 110 -54.46 9.08 32.93
C ASP G 110 -53.00 9.50 32.79
N LEU G 111 -52.77 10.80 32.72
CA LEU G 111 -51.43 11.35 32.55
C LEU G 111 -50.52 11.14 33.75
N ASP G 112 -51.09 11.22 34.96
CA ASP G 112 -50.37 10.85 36.17
C ASP G 112 -49.92 9.40 36.10
N ASP G 113 -50.82 8.51 35.63
CA ASP G 113 -50.51 7.09 35.49
C ASP G 113 -49.50 6.81 34.39
N VAL G 114 -49.56 7.57 33.29
CA VAL G 114 -48.54 7.50 32.24
C VAL G 114 -47.15 7.76 32.83
N VAL G 115 -47.05 8.85 33.60
CA VAL G 115 -45.80 9.25 34.26
C VAL G 115 -45.35 8.17 35.24
N ALA G 116 -46.29 7.70 36.05
CA ALA G 116 -46.02 6.67 37.06
C ALA G 116 -45.60 5.34 36.43
N CYS G 117 -46.10 5.06 35.23
CA CYS G 117 -45.77 3.83 34.50
C CYS G 117 -44.34 3.83 33.95
N PHE G 118 -43.90 4.96 33.42
CA PHE G 118 -42.53 5.09 32.90
C PHE G 118 -41.49 5.00 34.00
N GLU G 119 -41.80 5.59 35.16
CA GLU G 119 -40.91 5.57 36.31
C GLU G 119 -40.80 4.17 36.88
N TYR G 120 -41.93 3.46 36.88
CA TYR G 120 -41.95 2.10 37.41
C TYR G 120 -41.07 1.15 36.61
N TYR G 121 -41.19 1.19 35.29
CA TYR G 121 -40.41 0.30 34.43
C TYR G 121 -38.97 0.73 34.30
N ALA G 122 -38.71 2.02 34.49
CA ALA G 122 -37.34 2.51 34.65
C ALA G 122 -36.71 1.81 35.86
N GLY G 123 -37.45 1.79 36.96
CA GLY G 123 -37.03 1.05 38.16
C GLY G 123 -36.72 -0.40 37.91
N LEU G 124 -37.62 -1.09 37.19
CA LEU G 124 -37.41 -2.50 36.83
C LEU G 124 -36.23 -2.71 35.87
N ALA G 125 -36.07 -1.78 34.93
CA ALA G 125 -34.94 -1.81 34.00
C ALA G 125 -33.60 -1.73 34.73
N GLU G 126 -33.56 -0.97 35.83
CA GLU G 126 -32.36 -0.82 36.65
C GLU G 126 -31.97 -2.11 37.35
N GLU G 127 -32.98 -2.84 37.82
CA GLU G 127 -32.76 -4.08 38.57
C GLU G 127 -32.53 -5.27 37.64
N LEU G 128 -32.81 -5.07 36.35
CA LEU G 128 -32.75 -6.13 35.34
C LEU G 128 -31.34 -6.64 35.10
N ASP G 129 -30.36 -5.74 35.19
CA ASP G 129 -28.96 -6.12 35.04
C ASP G 129 -28.52 -7.08 36.15
N SER G 130 -29.02 -6.85 37.37
CA SER G 130 -28.62 -7.64 38.54
C SER G 130 -29.25 -9.04 38.59
N LYS G 131 -30.24 -9.29 37.74
CA LYS G 131 -30.84 -10.63 37.67
C LYS G 131 -30.48 -11.42 36.39
N GLN G 132 -29.48 -10.94 35.65
CA GLN G 132 -28.90 -11.70 34.55
C GLN G 132 -27.94 -12.73 35.13
N LYS G 133 -27.85 -13.88 34.47
CA LYS G 133 -27.00 -15.00 34.92
C LYS G 133 -27.45 -15.59 36.27
N ALA G 134 -28.75 -15.53 36.54
CA ALA G 134 -29.30 -16.14 37.74
C ALA G 134 -29.11 -17.65 37.67
N PRO G 135 -28.48 -18.24 38.71
CA PRO G 135 -28.07 -19.63 38.67
C PRO G 135 -29.23 -20.62 38.79
N ILE G 136 -29.08 -21.77 38.13
CA ILE G 136 -30.02 -22.86 38.19
C ILE G 136 -29.28 -24.07 38.77
N SER G 137 -29.69 -24.52 39.95
CA SER G 137 -29.07 -25.66 40.62
C SER G 137 -29.36 -26.97 39.91
N LEU G 138 -28.33 -27.80 39.79
CA LEU G 138 -28.42 -29.03 39.02
C LEU G 138 -28.09 -30.28 39.86
N PRO G 139 -28.74 -31.42 39.56
CA PRO G 139 -28.50 -32.66 40.32
C PRO G 139 -27.09 -33.23 40.17
N MET G 140 -26.27 -32.64 39.29
CA MET G 140 -24.87 -33.03 39.16
C MET G 140 -23.91 -31.87 38.93
N ASP G 141 -22.69 -32.01 39.45
CA ASP G 141 -21.69 -30.94 39.46
C ASP G 141 -20.81 -30.90 38.21
N THR G 142 -21.01 -31.82 37.29
CA THR G 142 -20.28 -31.82 36.01
C THR G 142 -20.82 -30.76 35.05
N PHE G 143 -22.01 -30.24 35.35
CA PHE G 143 -22.61 -29.17 34.58
C PHE G 143 -22.97 -28.01 35.50
N LYS G 144 -22.96 -26.79 34.95
CA LYS G 144 -23.61 -25.68 35.63
C LYS G 144 -24.47 -24.85 34.66
N SER G 145 -25.60 -24.34 35.18
CA SER G 145 -26.58 -23.65 34.37
C SER G 145 -27.02 -22.32 34.97
N TYR G 146 -27.33 -21.37 34.10
CA TYR G 146 -27.95 -20.10 34.47
C TYR G 146 -28.84 -19.59 33.35
N ILE G 147 -29.61 -18.54 33.63
CA ILE G 147 -30.51 -17.98 32.64
C ILE G 147 -30.17 -16.55 32.29
N LEU G 148 -30.34 -16.20 31.02
CA LEU G 148 -30.33 -14.81 30.59
C LEU G 148 -31.75 -14.40 30.26
N LYS G 149 -32.09 -13.15 30.58
CA LYS G 149 -33.38 -12.60 30.20
C LYS G 149 -33.16 -11.62 29.08
N GLU G 150 -33.56 -12.01 27.87
CA GLU G 150 -33.28 -11.24 26.67
C GLU G 150 -34.51 -10.55 26.09
N PRO G 151 -34.31 -9.41 25.41
CA PRO G 151 -35.43 -8.79 24.71
C PRO G 151 -35.98 -9.74 23.64
N ILE G 152 -37.29 -9.70 23.41
CA ILE G 152 -37.89 -10.53 22.38
C ILE G 152 -37.45 -10.05 20.98
N GLY G 153 -37.06 -8.79 20.90
CA GLY G 153 -36.60 -8.20 19.63
C GLY G 153 -37.47 -7.03 19.22
N VAL G 154 -38.08 -7.14 18.04
CA VAL G 154 -38.91 -6.07 17.50
C VAL G 154 -40.37 -6.34 17.81
N VAL G 155 -41.03 -5.36 18.41
CA VAL G 155 -42.40 -5.53 18.88
C VAL G 155 -43.39 -4.58 18.23
N ALA G 156 -44.51 -5.15 17.80
CA ALA G 156 -45.62 -4.39 17.26
C ALA G 156 -46.61 -4.21 18.38
N LEU G 157 -46.86 -2.94 18.71
CA LEU G 157 -47.75 -2.57 19.79
C LEU G 157 -49.01 -1.94 19.22
N ILE G 158 -50.15 -2.60 19.42
CA ILE G 158 -51.41 -2.15 18.84
C ILE G 158 -52.46 -1.84 19.91
N THR G 159 -52.73 -0.55 20.08
CA THR G 159 -53.44 -0.03 21.25
C THR G 159 -54.80 0.56 20.91
N PRO G 160 -55.75 0.55 21.87
CA PRO G 160 -57.10 1.03 21.62
C PRO G 160 -57.28 2.52 21.97
N TRP G 161 -58.46 3.05 21.69
CA TRP G 161 -58.74 4.48 21.80
C TRP G 161 -59.30 4.96 23.13
N ASN G 162 -59.75 4.04 23.98
CA ASN G 162 -60.38 4.43 25.25
C ASN G 162 -59.44 5.02 26.32
N TYR G 163 -58.19 4.57 26.32
CA TYR G 163 -57.11 5.23 27.08
C TYR G 163 -55.88 5.34 26.17
N PRO G 164 -55.95 6.23 25.15
CA PRO G 164 -54.97 6.29 24.07
C PRO G 164 -53.52 6.28 24.53
N PHE G 165 -53.18 7.18 25.44
CA PHE G 165 -51.81 7.37 25.87
C PHE G 165 -51.40 6.32 26.92
N LEU G 166 -52.28 6.08 27.88
CA LEU G 166 -52.01 5.11 28.94
C LEU G 166 -51.78 3.69 28.41
N MET G 167 -52.67 3.23 27.52
CA MET G 167 -52.55 1.91 26.91
C MET G 167 -51.29 1.78 26.08
N ALA G 168 -50.98 2.81 25.29
CA ALA G 168 -49.72 2.85 24.56
C ALA G 168 -48.56 2.68 25.53
N THR G 169 -48.59 3.45 26.61
CA THR G 169 -47.55 3.42 27.65
C THR G 169 -47.47 2.09 28.37
N TRP G 170 -48.60 1.50 28.69
CA TRP G 170 -48.66 0.14 29.26
C TRP G 170 -47.83 -0.85 28.47
N LYS G 171 -47.71 -0.62 27.17
CA LYS G 171 -46.94 -1.50 26.31
C LYS G 171 -45.51 -1.01 26.08
N ILE G 172 -45.35 0.24 25.68
CA ILE G 172 -44.03 0.75 25.32
C ILE G 172 -43.04 0.80 26.51
N ALA G 173 -43.53 1.19 27.69
CA ALA G 173 -42.65 1.31 28.86
C ALA G 173 -41.92 0.00 29.20
N PRO G 174 -42.66 -1.12 29.39
CA PRO G 174 -41.95 -2.39 29.64
C PRO G 174 -41.15 -2.88 28.44
N ALA G 175 -41.67 -2.68 27.23
CA ALA G 175 -40.98 -3.10 26.00
C ALA G 175 -39.61 -2.44 25.87
N LEU G 176 -39.54 -1.12 26.10
CA LEU G 176 -38.26 -0.42 26.07
C LEU G 176 -37.37 -0.81 27.26
N ALA G 177 -37.96 -0.90 28.44
CA ALA G 177 -37.25 -1.36 29.63
C ALA G 177 -36.61 -2.73 29.43
N ALA G 178 -37.30 -3.60 28.67
CA ALA G 178 -36.81 -4.94 28.35
C ALA G 178 -35.66 -4.90 27.35
N GLY G 179 -35.64 -3.86 26.52
CA GLY G 179 -34.59 -3.70 25.51
C GLY G 179 -35.08 -3.95 24.10
N CYS G 180 -36.39 -3.87 23.92
CA CYS G 180 -37.00 -4.08 22.61
C CYS G 180 -37.02 -2.77 21.84
N ALA G 181 -37.12 -2.89 20.52
CA ALA G 181 -37.48 -1.75 19.68
C ALA G 181 -38.95 -1.90 19.31
N ALA G 182 -39.67 -0.80 19.31
CA ALA G 182 -41.11 -0.86 19.19
C ALA G 182 -41.65 -0.09 18.00
N ILE G 183 -42.71 -0.64 17.40
CA ILE G 183 -43.57 0.10 16.49
C ILE G 183 -44.98 0.16 17.10
N LEU G 184 -45.42 1.38 17.41
CA LEU G 184 -46.75 1.58 17.97
C LEU G 184 -47.74 1.96 16.88
N LYS G 185 -48.83 1.20 16.80
CA LYS G 185 -49.95 1.54 15.94
C LYS G 185 -51.13 1.91 16.82
N PRO G 186 -51.31 3.21 17.11
CA PRO G 186 -52.49 3.60 17.89
C PRO G 186 -53.74 3.60 17.02
N SER G 187 -54.90 3.68 17.67
CA SER G 187 -56.19 3.74 17.00
C SER G 187 -56.36 5.02 16.17
N GLU G 188 -56.93 4.86 14.99
CA GLU G 188 -57.27 5.98 14.11
C GLU G 188 -58.25 6.96 14.74
N LEU G 189 -58.97 6.52 15.76
CA LEU G 189 -59.93 7.37 16.46
C LEU G 189 -59.28 8.28 17.50
N ALA G 190 -58.09 7.91 17.97
CA ALA G 190 -57.36 8.72 18.95
C ALA G 190 -55.85 8.52 18.85
N SER G 191 -55.22 9.32 18.00
CA SER G 191 -53.80 9.19 17.74
C SER G 191 -53.00 10.43 18.17
N VAL G 192 -53.70 11.44 18.68
CA VAL G 192 -53.07 12.76 18.89
C VAL G 192 -51.92 12.73 19.89
N THR G 193 -52.19 12.30 21.13
CA THR G 193 -51.16 12.29 22.18
C THR G 193 -50.06 11.25 21.94
N CYS G 194 -50.39 10.20 21.20
CA CYS G 194 -49.40 9.17 20.85
C CYS G 194 -48.36 9.71 19.88
N LEU G 195 -48.79 10.59 18.97
CA LEU G 195 -47.86 11.26 18.08
C LEU G 195 -47.03 12.30 18.83
N GLU G 196 -47.65 12.98 19.79
CA GLU G 196 -46.95 13.90 20.69
C GLU G 196 -45.76 13.24 21.36
N LEU G 197 -45.92 11.96 21.70
CA LEU G 197 -44.87 11.14 22.30
C LEU G 197 -43.66 10.98 21.38
N GLY G 198 -43.90 11.05 20.07
CA GLY G 198 -42.82 11.06 19.09
C GLY G 198 -41.87 12.23 19.25
N GLU G 199 -42.43 13.43 19.42
CA GLU G 199 -41.65 14.64 19.61
C GLU G 199 -40.91 14.61 20.94
N ILE G 200 -41.54 14.00 21.94
CA ILE G 200 -40.97 13.89 23.28
C ILE G 200 -39.73 12.99 23.28
N CYS G 201 -39.80 11.91 22.50
CA CYS G 201 -38.65 11.04 22.26
C CYS G 201 -37.51 11.79 21.57
N LYS G 202 -37.87 12.63 20.60
CA LYS G 202 -36.92 13.46 19.89
C LYS G 202 -36.27 14.47 20.85
N GLU G 203 -37.10 15.09 21.68
CA GLU G 203 -36.64 16.08 22.66
C GLU G 203 -35.76 15.48 23.76
N VAL G 204 -35.89 14.18 23.98
CA VAL G 204 -35.15 13.47 25.02
C VAL G 204 -33.94 12.72 24.44
N GLY G 205 -33.83 12.73 23.11
CA GLY G 205 -32.72 12.11 22.40
C GLY G 205 -32.72 10.59 22.40
N LEU G 206 -33.90 9.99 22.43
CA LEU G 206 -34.05 8.53 22.36
C LEU G 206 -33.45 8.04 21.05
N PRO G 207 -32.57 7.03 21.11
CA PRO G 207 -31.86 6.51 19.93
C PRO G 207 -32.81 6.23 18.77
N ARG G 208 -32.39 6.60 17.56
CA ARG G 208 -33.18 6.39 16.34
C ARG G 208 -33.71 4.96 16.24
N GLY G 209 -35.00 4.82 15.98
CA GLY G 209 -35.61 3.51 15.69
C GLY G 209 -36.14 2.73 16.89
N VAL G 210 -35.78 3.15 18.09
CA VAL G 210 -36.21 2.48 19.32
C VAL G 210 -37.73 2.54 19.48
N LEU G 211 -38.32 3.67 19.12
CA LEU G 211 -39.77 3.80 19.08
C LEU G 211 -40.24 4.44 17.77
N ASN G 212 -41.13 3.73 17.09
CA ASN G 212 -41.67 4.21 15.83
C ASN G 212 -43.18 4.25 15.94
N ILE G 213 -43.77 5.35 15.49
CA ILE G 213 -45.21 5.52 15.60
C ILE G 213 -45.81 5.63 14.22
N VAL G 214 -46.62 4.62 13.88
CA VAL G 214 -47.22 4.50 12.59
C VAL G 214 -48.73 4.52 12.79
N THR G 215 -49.37 5.57 12.30
CA THR G 215 -50.81 5.74 12.45
C THR G 215 -51.51 5.34 11.17
N GLY G 216 -52.80 5.08 11.25
CA GLY G 216 -53.58 4.74 10.07
C GLY G 216 -54.77 3.86 10.35
N LEU G 217 -55.35 3.34 9.27
CA LEU G 217 -56.45 2.38 9.34
C LEU G 217 -55.95 1.02 9.82
N GLY G 218 -56.74 0.36 10.66
CA GLY G 218 -56.41 -0.97 11.16
C GLY G 218 -56.17 -1.98 10.05
N HIS G 219 -56.99 -1.95 9.00
CA HIS G 219 -56.86 -2.90 7.89
C HIS G 219 -55.69 -2.59 6.95
N GLU G 220 -55.18 -1.37 7.00
CA GLU G 220 -54.00 -0.96 6.22
C GLU G 220 -52.74 -1.00 7.10
N ALA G 221 -52.61 0.00 7.97
CA ALA G 221 -51.45 0.14 8.84
C ALA G 221 -51.30 -1.02 9.82
N GLY G 222 -52.36 -1.32 10.57
CA GLY G 222 -52.35 -2.39 11.56
C GLY G 222 -52.08 -3.77 10.97
N ALA G 223 -52.76 -4.07 9.87
CA ALA G 223 -52.60 -5.36 9.19
C ALA G 223 -51.19 -5.56 8.64
N SER G 224 -50.63 -4.51 8.02
CA SER G 224 -49.27 -4.55 7.48
C SER G 224 -48.24 -4.77 8.59
N LEU G 225 -48.51 -4.18 9.75
CA LEU G 225 -47.63 -4.32 10.90
C LEU G 225 -47.69 -5.72 11.49
N ALA G 226 -48.91 -6.19 11.81
CA ALA G 226 -49.11 -7.52 12.39
C ALA G 226 -48.57 -8.61 11.46
N SER G 227 -48.67 -8.36 10.16
CA SER G 227 -48.31 -9.30 9.11
C SER G 227 -46.81 -9.30 8.77
N HIS G 228 -46.08 -8.29 9.23
CA HIS G 228 -44.68 -8.15 8.85
C HIS G 228 -43.82 -9.32 9.34
N PRO G 229 -42.99 -9.90 8.45
CA PRO G 229 -42.16 -11.05 8.80
C PRO G 229 -41.03 -10.74 9.79
N ASP G 230 -40.70 -9.47 9.96
CA ASP G 230 -39.60 -9.06 10.84
C ASP G 230 -40.04 -8.61 12.24
N VAL G 231 -41.35 -8.62 12.46
CA VAL G 231 -41.90 -8.37 13.80
C VAL G 231 -41.74 -9.67 14.61
N ASP G 232 -41.20 -9.55 15.83
CA ASP G 232 -40.95 -10.73 16.67
C ASP G 232 -42.09 -11.07 17.64
N LYS G 233 -42.80 -10.06 18.11
CA LYS G 233 -43.95 -10.26 19.00
C LYS G 233 -44.99 -9.18 18.77
N ILE G 234 -46.27 -9.56 18.91
CA ILE G 234 -47.38 -8.64 18.80
C ILE G 234 -48.06 -8.53 20.16
N SER G 235 -48.19 -7.32 20.66
CA SER G 235 -48.97 -7.07 21.87
C SER G 235 -50.19 -6.26 21.46
N PHE G 236 -51.38 -6.81 21.67
CA PHE G 236 -52.63 -6.22 21.17
C PHE G 236 -53.67 -6.00 22.27
N THR G 237 -54.36 -4.87 22.18
CA THR G 237 -55.51 -4.58 23.02
C THR G 237 -56.59 -3.97 22.14
N GLY G 238 -57.77 -4.61 22.13
CA GLY G 238 -58.86 -4.22 21.23
C GLY G 238 -59.98 -5.24 21.21
N SER G 239 -60.70 -5.32 20.09
CA SER G 239 -61.86 -6.20 19.97
C SER G 239 -61.51 -7.67 19.80
N SER G 240 -62.43 -8.53 20.24
CA SER G 240 -62.35 -9.99 20.03
C SER G 240 -62.00 -10.37 18.60
N ALA G 241 -62.77 -9.84 17.66
CA ALA G 241 -62.68 -10.23 16.25
C ALA G 241 -61.31 -9.89 15.64
N THR G 242 -60.78 -8.72 16.00
CA THR G 242 -59.48 -8.28 15.48
C THR G 242 -58.34 -9.03 16.17
N GLY G 243 -58.46 -9.22 17.49
CA GLY G 243 -57.53 -10.06 18.25
C GLY G 243 -57.41 -11.46 17.65
N SER G 244 -58.54 -11.98 17.20
CA SER G 244 -58.60 -13.28 16.54
C SER G 244 -57.91 -13.22 15.17
N LYS G 245 -58.10 -12.13 14.45
CA LYS G 245 -57.44 -11.92 13.16
C LYS G 245 -55.93 -11.75 13.30
N ILE G 246 -55.52 -11.02 14.34
CA ILE G 246 -54.09 -10.81 14.62
C ILE G 246 -53.40 -12.12 14.99
N MET G 247 -54.07 -12.94 15.80
CA MET G 247 -53.52 -14.23 16.16
C MET G 247 -53.44 -15.15 14.94
N THR G 248 -54.44 -15.06 14.08
CA THR G 248 -54.47 -15.82 12.82
C THR G 248 -53.29 -15.48 11.92
N THR G 249 -52.99 -14.18 11.82
CA THR G 249 -51.87 -13.69 11.01
C THR G 249 -50.53 -14.11 11.63
N ALA G 250 -50.45 -14.03 12.96
CA ALA G 250 -49.23 -14.39 13.69
C ALA G 250 -48.88 -15.87 13.55
N ALA G 251 -49.92 -16.70 13.47
CA ALA G 251 -49.79 -18.15 13.26
C ALA G 251 -49.05 -18.49 11.97
N GLN G 252 -49.19 -17.64 10.96
CA GLN G 252 -48.53 -17.87 9.67
C GLN G 252 -47.02 -18.05 9.82
N LEU G 253 -46.44 -17.26 10.73
CA LEU G 253 -45.01 -17.31 11.00
C LEU G 253 -44.73 -17.69 12.44
N VAL G 254 -45.77 -18.16 13.16
CA VAL G 254 -45.58 -18.72 14.49
C VAL G 254 -45.03 -17.65 15.47
N LYS G 255 -45.48 -16.41 15.30
CA LYS G 255 -45.06 -15.29 16.14
C LYS G 255 -45.86 -15.26 17.43
N PRO G 256 -45.18 -15.05 18.58
CA PRO G 256 -45.93 -14.99 19.83
C PRO G 256 -46.81 -13.75 19.91
N VAL G 257 -47.83 -13.85 20.75
CA VAL G 257 -48.86 -12.84 20.82
C VAL G 257 -49.31 -12.71 22.27
N SER G 258 -49.72 -11.51 22.66
CA SER G 258 -50.50 -11.35 23.88
C SER G 258 -51.73 -10.52 23.55
N LEU G 259 -52.86 -10.85 24.16
CA LEU G 259 -54.14 -10.28 23.77
C LEU G 259 -54.94 -9.86 24.97
N GLU G 260 -55.27 -8.57 25.03
CA GLU G 260 -56.26 -8.07 25.97
C GLU G 260 -57.48 -7.66 25.17
N LEU G 261 -58.52 -8.47 25.29
CA LEU G 261 -59.72 -8.28 24.51
C LEU G 261 -60.76 -7.80 25.50
N GLY G 262 -62.01 -7.65 25.08
CA GLY G 262 -62.98 -7.04 25.99
C GLY G 262 -63.42 -7.92 27.15
N GLY G 263 -64.63 -7.67 27.62
CA GLY G 263 -65.23 -8.49 28.65
C GLY G 263 -66.68 -8.13 28.83
N LYS G 264 -67.33 -8.89 29.70
CA LYS G 264 -68.65 -8.61 30.21
C LYS G 264 -68.56 -8.95 31.69
N SER G 265 -67.79 -8.13 32.40
CA SER G 265 -67.38 -8.43 33.76
C SER G 265 -68.53 -8.22 34.73
N PRO G 266 -68.65 -9.13 35.73
CA PRO G 266 -69.73 -9.02 36.70
C PRO G 266 -69.32 -8.29 37.97
N ILE G 267 -70.30 -7.62 38.57
CA ILE G 267 -70.17 -7.12 39.92
C ILE G 267 -71.27 -7.76 40.77
N VAL G 268 -70.86 -8.54 41.75
CA VAL G 268 -71.76 -9.27 42.64
C VAL G 268 -71.93 -8.49 43.94
N VAL G 269 -73.18 -8.15 44.27
CA VAL G 269 -73.47 -7.34 45.46
C VAL G 269 -74.33 -8.09 46.47
N PHE G 270 -73.75 -8.40 47.62
CA PHE G 270 -74.48 -9.06 48.69
C PHE G 270 -75.24 -8.04 49.54
N GLU G 271 -76.08 -8.54 50.45
CA GLU G 271 -76.93 -7.67 51.28
C GLU G 271 -76.20 -6.96 52.41
N ASP G 272 -75.09 -7.52 52.88
CA ASP G 272 -74.35 -6.97 54.02
C ASP G 272 -73.38 -5.88 53.57
N VAL G 273 -73.94 -4.75 53.18
CA VAL G 273 -73.20 -3.72 52.46
C VAL G 273 -73.68 -2.32 52.86
N ASP G 274 -72.80 -1.33 52.69
CA ASP G 274 -73.20 0.06 52.78
C ASP G 274 -73.67 0.49 51.39
N LEU G 275 -74.99 0.58 51.23
CA LEU G 275 -75.62 0.75 49.92
C LEU G 275 -75.19 1.99 49.15
N ASP G 276 -75.03 3.12 49.83
CA ASP G 276 -74.64 4.35 49.15
C ASP G 276 -73.20 4.32 48.68
N LYS G 277 -72.33 3.68 49.45
CA LYS G 277 -70.93 3.55 49.08
C LYS G 277 -70.71 2.57 47.93
N VAL G 278 -71.35 1.39 47.99
CA VAL G 278 -71.19 0.46 46.88
C VAL G 278 -71.96 0.89 45.63
N ALA G 279 -73.02 1.67 45.81
CA ALA G 279 -73.72 2.32 44.70
C ALA G 279 -72.76 3.14 43.85
N GLU G 280 -71.94 3.98 44.49
CA GLU G 280 -70.96 4.79 43.75
C GLU G 280 -69.99 3.89 43.01
N TRP G 281 -69.49 2.86 43.71
CA TRP G 281 -68.57 1.91 43.12
C TRP G 281 -69.14 1.20 41.91
N THR G 282 -70.40 0.75 42.00
CA THR G 282 -71.03 0.05 40.89
C THR G 282 -71.27 0.97 39.71
N VAL G 283 -71.67 2.20 39.98
CA VAL G 283 -71.82 3.23 38.95
C VAL G 283 -70.47 3.60 38.30
N PHE G 284 -69.43 3.71 39.13
CA PHE G 284 -68.06 3.94 38.67
C PHE G 284 -67.68 2.78 37.75
N GLY G 285 -67.91 1.57 38.24
CA GLY G 285 -67.58 0.34 37.54
C GLY G 285 -68.09 0.21 36.12
N CYS G 286 -69.18 0.92 35.79
CA CYS G 286 -69.82 0.78 34.49
C CYS G 286 -69.90 2.06 33.64
N PHE G 287 -69.89 3.23 34.27
CA PHE G 287 -70.08 4.49 33.54
C PHE G 287 -68.79 5.29 33.32
N PHE G 288 -67.78 5.06 34.15
CA PHE G 288 -66.47 5.68 33.99
C PHE G 288 -65.93 5.50 32.57
N THR G 289 -65.18 6.48 32.07
CA THR G 289 -64.68 6.49 30.69
C THR G 289 -65.84 6.38 29.67
N ASN G 290 -66.96 7.00 30.04
CA ASN G 290 -68.18 6.98 29.24
C ASN G 290 -68.61 5.54 28.95
N GLY G 291 -68.28 4.65 29.90
CA GLY G 291 -68.60 3.23 29.81
C GLY G 291 -67.69 2.41 28.92
N GLN G 292 -66.67 3.06 28.36
CA GLN G 292 -65.77 2.41 27.40
C GLN G 292 -64.53 1.83 28.09
N ILE G 293 -64.75 0.90 28.99
CA ILE G 293 -63.69 0.23 29.74
C ILE G 293 -63.69 -1.25 29.37
N CYS G 294 -62.53 -1.81 29.05
CA CYS G 294 -62.42 -3.25 28.76
C CYS G 294 -62.96 -4.09 29.92
N SER G 295 -62.61 -3.69 31.14
CA SER G 295 -62.95 -4.46 32.33
C SER G 295 -64.22 -3.96 33.01
N ALA G 296 -64.98 -3.11 32.31
CA ALA G 296 -66.23 -2.57 32.85
C ALA G 296 -67.08 -3.64 33.52
N THR G 297 -67.55 -3.34 34.73
CA THR G 297 -68.43 -4.24 35.45
C THR G 297 -69.87 -3.91 35.03
N SER G 298 -70.26 -4.46 33.89
CA SER G 298 -71.50 -4.12 33.21
C SER G 298 -72.63 -5.10 33.48
N ARG G 299 -72.39 -6.06 34.36
CA ARG G 299 -73.42 -7.00 34.77
C ARG G 299 -73.56 -7.00 36.30
N LEU G 300 -74.62 -6.36 36.78
CA LEU G 300 -74.91 -6.29 38.21
C LEU G 300 -75.65 -7.54 38.66
N ILE G 301 -75.13 -8.16 39.72
CA ILE G 301 -75.75 -9.33 40.32
C ILE G 301 -76.02 -9.02 41.81
N VAL G 302 -77.23 -8.53 42.10
CA VAL G 302 -77.61 -8.06 43.46
C VAL G 302 -78.47 -9.06 44.21
N HIS G 303 -78.20 -9.23 45.50
CA HIS G 303 -79.08 -10.02 46.36
C HIS G 303 -80.50 -9.46 46.38
N GLU G 304 -81.48 -10.36 46.33
CA GLU G 304 -82.90 -9.99 46.22
C GLU G 304 -83.43 -9.14 47.37
N SER G 305 -82.83 -9.26 48.54
CA SER G 305 -83.30 -8.57 49.75
C SER G 305 -83.04 -7.06 49.77
N ILE G 306 -82.11 -6.60 48.93
CA ILE G 306 -81.78 -5.18 48.84
C ILE G 306 -81.92 -4.64 47.42
N ALA G 307 -82.27 -5.54 46.49
CA ALA G 307 -82.23 -5.23 45.05
C ALA G 307 -82.98 -3.98 44.64
N VAL G 308 -84.20 -3.80 45.12
CA VAL G 308 -85.00 -2.68 44.63
C VAL G 308 -84.58 -1.30 45.17
N GLU G 309 -84.22 -1.21 46.45
CA GLU G 309 -83.71 0.08 46.95
C GLU G 309 -82.28 0.35 46.51
N PHE G 310 -81.49 -0.71 46.29
CA PHE G 310 -80.13 -0.52 45.76
C PHE G 310 -80.16 0.02 44.33
N VAL G 311 -81.00 -0.58 43.49
CA VAL G 311 -81.12 -0.15 42.10
C VAL G 311 -81.76 1.25 42.04
N ASP G 312 -82.63 1.55 42.99
CA ASP G 312 -83.16 2.90 43.18
C ASP G 312 -82.02 3.92 43.41
N LYS G 313 -81.11 3.60 44.34
CA LYS G 313 -79.94 4.44 44.60
C LYS G 313 -79.05 4.62 43.38
N LEU G 314 -78.85 3.54 42.63
CA LEU G 314 -78.15 3.58 41.34
C LEU G 314 -78.70 4.64 40.40
N VAL G 315 -80.02 4.62 40.20
CA VAL G 315 -80.72 5.60 39.36
C VAL G 315 -80.40 7.03 39.81
N LYS G 316 -80.58 7.29 41.10
CA LYS G 316 -80.30 8.60 41.68
C LYS G 316 -78.87 9.05 41.36
N TRP G 317 -77.90 8.20 41.68
CA TRP G 317 -76.49 8.48 41.36
C TRP G 317 -76.29 8.74 39.88
N ALA G 318 -76.88 7.88 39.05
CA ALA G 318 -76.73 7.97 37.60
C ALA G 318 -77.29 9.28 37.07
N GLU G 319 -78.48 9.65 37.56
CA GLU G 319 -79.14 10.87 37.11
C GLU G 319 -78.45 12.13 37.64
N ASN G 320 -77.63 11.97 38.67
CA ASN G 320 -76.86 13.10 39.19
C ASN G 320 -75.51 13.30 38.50
N ILE G 321 -75.19 12.44 37.54
CA ILE G 321 -73.93 12.54 36.79
C ILE G 321 -74.02 13.66 35.74
N LYS G 322 -73.13 14.64 35.89
CA LYS G 322 -73.08 15.80 35.01
C LYS G 322 -72.56 15.41 33.61
N ILE G 323 -73.42 15.57 32.60
CA ILE G 323 -73.07 15.26 31.22
C ILE G 323 -72.84 16.55 30.44
N SER G 324 -71.71 16.65 29.75
CA SER G 324 -71.30 17.88 29.08
C SER G 324 -70.09 17.65 28.20
N ASP G 325 -69.66 18.72 27.52
CA ASP G 325 -68.36 18.77 26.86
C ASP G 325 -67.30 18.41 27.91
N PRO G 326 -66.39 17.48 27.58
CA PRO G 326 -65.42 16.99 28.56
C PRO G 326 -64.45 18.04 29.10
N LEU G 327 -64.30 19.15 28.38
CA LEU G 327 -63.47 20.26 28.86
C LEU G 327 -64.19 21.11 29.92
N GLU G 328 -65.51 21.05 29.94
CA GLU G 328 -66.31 21.86 30.88
C GLU G 328 -66.09 21.44 32.34
N GLU G 329 -66.00 22.43 33.23
CA GLU G 329 -65.76 22.18 34.64
C GLU G 329 -66.85 21.29 35.25
N GLY G 330 -66.42 20.26 35.98
CA GLY G 330 -67.34 19.36 36.66
C GLY G 330 -67.90 18.23 35.80
N CYS G 331 -67.44 18.12 34.55
CA CYS G 331 -67.89 17.03 33.67
C CYS G 331 -67.59 15.65 34.25
N ARG G 332 -68.63 14.84 34.35
CA ARG G 332 -68.47 13.48 34.84
C ARG G 332 -68.87 12.43 33.80
N LEU G 333 -69.34 12.89 32.64
CA LEU G 333 -69.65 12.05 31.49
C LEU G 333 -69.57 12.82 30.17
N GLY G 334 -68.64 12.42 29.31
CA GLY G 334 -68.53 12.99 27.98
C GLY G 334 -69.25 12.15 26.93
N PRO G 335 -68.96 12.39 25.64
CA PRO G 335 -69.59 11.66 24.55
C PRO G 335 -68.87 10.34 24.21
N ILE G 336 -69.61 9.41 23.60
CA ILE G 336 -69.04 8.21 23.02
C ILE G 336 -68.05 8.65 21.93
N VAL G 337 -66.99 7.86 21.73
CA VAL G 337 -65.86 8.24 20.89
C VAL G 337 -66.16 8.63 19.43
N SER G 338 -67.07 7.91 18.77
CA SER G 338 -67.38 8.21 17.36
C SER G 338 -68.85 7.94 17.03
N GLU G 339 -69.24 8.26 15.80
CA GLU G 339 -70.63 8.08 15.37
C GLU G 339 -71.01 6.60 15.31
N ALA G 340 -70.14 5.78 14.75
CA ALA G 340 -70.42 4.35 14.58
C ALA G 340 -70.61 3.68 15.94
N GLN G 341 -69.78 4.08 16.90
CA GLN G 341 -69.86 3.58 18.27
C GLN G 341 -71.12 4.04 18.97
N TYR G 342 -71.44 5.33 18.80
CA TYR G 342 -72.69 5.90 19.27
C TYR G 342 -73.89 5.07 18.78
N LYS G 343 -73.89 4.76 17.49
CA LYS G 343 -74.94 3.93 16.89
C LYS G 343 -75.03 2.52 17.51
N LYS G 344 -73.88 1.87 17.70
CA LYS G 344 -73.84 0.53 18.30
C LYS G 344 -74.39 0.53 19.71
N VAL G 345 -74.09 1.60 20.45
CA VAL G 345 -74.49 1.73 21.85
C VAL G 345 -76.00 1.92 21.94
N LEU G 346 -76.53 2.78 21.08
CA LEU G 346 -77.98 2.98 21.00
C LEU G 346 -78.70 1.72 20.52
N ASN G 347 -78.10 1.01 19.56
CA ASN G 347 -78.66 -0.25 19.08
C ASN G 347 -78.81 -1.30 20.18
N CYS G 348 -77.78 -1.43 21.02
CA CYS G 348 -77.80 -2.34 22.17
C CYS G 348 -78.95 -2.03 23.12
N ILE G 349 -79.14 -0.75 23.40
CA ILE G 349 -80.20 -0.27 24.27
C ILE G 349 -81.56 -0.58 23.63
N SER G 350 -81.66 -0.28 22.34
CA SER G 350 -82.87 -0.48 21.55
C SER G 350 -83.24 -1.96 21.45
N SER G 351 -82.23 -2.81 21.29
CA SER G 351 -82.43 -4.25 21.21
C SER G 351 -82.82 -4.84 22.54
N ALA G 352 -82.28 -4.30 23.62
CA ALA G 352 -82.69 -4.72 24.96
C ALA G 352 -84.19 -4.53 25.15
N LYS G 353 -84.70 -3.38 24.71
CA LYS G 353 -86.14 -3.08 24.79
C LYS G 353 -86.96 -4.03 23.91
N SER G 354 -86.49 -4.32 22.70
CA SER G 354 -87.13 -5.30 21.82
C SER G 354 -87.20 -6.68 22.47
N GLU G 355 -86.12 -7.05 23.17
CA GLU G 355 -86.05 -8.34 23.83
C GLU G 355 -86.86 -8.40 25.15
N GLY G 356 -87.57 -7.31 25.45
CA GLY G 356 -88.47 -7.28 26.60
C GLY G 356 -87.91 -6.75 27.91
N ALA G 357 -86.71 -6.18 27.86
CA ALA G 357 -86.07 -5.64 29.08
C ALA G 357 -86.59 -4.25 29.41
N THR G 358 -86.36 -3.82 30.64
CA THR G 358 -86.79 -2.49 31.10
C THR G 358 -85.62 -1.50 31.14
N ILE G 359 -85.79 -0.38 30.44
CA ILE G 359 -84.89 0.76 30.58
C ILE G 359 -85.38 1.57 31.78
N LEU G 360 -84.72 1.39 32.92
CA LEU G 360 -85.07 2.13 34.14
C LEU G 360 -84.77 3.62 34.09
N THR G 361 -83.61 3.97 33.56
CA THR G 361 -83.21 5.36 33.40
C THR G 361 -82.32 5.53 32.17
N GLY G 362 -82.28 6.74 31.63
CA GLY G 362 -81.45 7.04 30.47
C GLY G 362 -81.93 6.34 29.21
N GLY G 363 -80.99 5.86 28.41
CA GLY G 363 -81.30 5.19 27.16
C GLY G 363 -81.55 6.13 26.00
N ARG G 364 -81.14 7.39 26.15
CA ARG G 364 -81.35 8.41 25.13
C ARG G 364 -80.35 9.56 25.19
N ARG G 365 -80.35 10.38 24.15
CA ARG G 365 -79.63 11.64 24.15
C ARG G 365 -80.22 12.54 25.24
N PRO G 366 -79.35 13.22 26.03
CA PRO G 366 -79.82 14.18 27.02
C PRO G 366 -80.51 15.38 26.35
N GLU G 367 -81.53 15.93 27.01
CA GLU G 367 -82.26 17.09 26.49
C GLU G 367 -81.38 18.30 26.23
N HIS G 368 -80.45 18.56 27.14
CA HIS G 368 -79.66 19.80 27.14
C HIS G 368 -78.47 19.80 26.18
N LEU G 369 -78.30 18.71 25.43
CA LEU G 369 -77.21 18.60 24.46
C LEU G 369 -77.76 18.14 23.12
N LYS G 370 -77.75 19.05 22.15
CA LYS G 370 -78.40 18.81 20.87
C LYS G 370 -77.45 18.16 19.87
N LYS G 371 -76.17 18.48 19.98
CA LYS G 371 -75.14 17.89 19.13
C LYS G 371 -74.19 16.99 19.91
N GLY G 372 -73.44 16.15 19.18
CA GLY G 372 -72.44 15.28 19.80
C GLY G 372 -72.98 13.89 20.07
N TYR G 373 -72.09 12.96 20.41
CA TYR G 373 -72.47 11.57 20.59
C TYR G 373 -72.71 11.24 22.07
N PHE G 374 -73.70 11.91 22.64
CA PHE G 374 -74.01 11.79 24.05
C PHE G 374 -75.17 10.85 24.31
N VAL G 375 -74.98 9.98 25.30
CA VAL G 375 -76.07 9.14 25.79
C VAL G 375 -76.09 9.16 27.32
N GLU G 376 -77.28 9.28 27.90
CA GLU G 376 -77.45 9.28 29.34
C GLU G 376 -77.02 7.93 29.92
N PRO G 377 -76.49 7.92 31.16
CA PRO G 377 -76.18 6.66 31.82
C PRO G 377 -77.45 5.82 31.90
N THR G 378 -77.33 4.56 31.52
CA THR G 378 -78.47 3.70 31.30
C THR G 378 -78.37 2.47 32.19
N ILE G 379 -79.43 2.20 32.94
CA ILE G 379 -79.49 0.94 33.66
C ILE G 379 -80.71 0.11 33.24
N ILE G 380 -80.43 -1.10 32.80
CA ILE G 380 -81.42 -1.97 32.19
C ILE G 380 -81.76 -3.11 33.14
N THR G 381 -83.04 -3.23 33.46
CA THR G 381 -83.50 -4.25 34.40
C THR G 381 -84.45 -5.23 33.69
N ASP G 382 -85.02 -6.17 34.45
CA ASP G 382 -85.82 -7.30 33.89
C ASP G 382 -85.03 -8.05 32.82
N VAL G 383 -83.76 -8.28 33.13
CA VAL G 383 -82.82 -8.87 32.21
C VAL G 383 -82.84 -10.38 32.35
N THR G 384 -82.65 -11.05 31.22
CA THR G 384 -82.64 -12.50 31.15
C THR G 384 -81.33 -12.97 30.53
N THR G 385 -80.85 -14.12 31.00
CA THR G 385 -79.59 -14.74 30.57
C THR G 385 -79.44 -14.88 29.04
N SER G 386 -80.54 -15.10 28.33
CA SER G 386 -80.49 -15.29 26.89
C SER G 386 -80.56 -13.98 26.11
N MET G 387 -80.66 -12.86 26.80
CA MET G 387 -80.70 -11.56 26.15
C MET G 387 -79.34 -11.07 25.69
N GLN G 388 -79.36 -10.25 24.64
CA GLN G 388 -78.15 -9.65 24.06
C GLN G 388 -77.36 -8.76 25.03
N ILE G 389 -78.04 -7.94 25.85
CA ILE G 389 -77.30 -7.05 26.78
C ILE G 389 -76.53 -7.82 27.83
N TRP G 390 -77.00 -9.03 28.13
CA TRP G 390 -76.33 -9.90 29.08
C TRP G 390 -75.08 -10.53 28.46
N ARG G 391 -75.14 -10.76 27.15
CA ARG G 391 -74.15 -11.52 26.41
C ARG G 391 -73.04 -10.63 25.85
N GLU G 392 -73.44 -9.57 25.14
CA GLU G 392 -72.51 -8.75 24.38
C GLU G 392 -71.99 -7.52 25.09
N GLU G 393 -70.71 -7.23 24.88
CA GLU G 393 -70.09 -6.00 25.34
C GLU G 393 -70.69 -4.81 24.59
N VAL G 394 -71.21 -3.86 25.35
CA VAL G 394 -71.85 -2.65 24.81
C VAL G 394 -70.82 -1.56 24.51
N PHE G 395 -69.87 -1.38 25.43
CA PHE G 395 -68.87 -0.32 25.36
C PHE G 395 -69.51 1.08 25.35
N GLY G 396 -70.52 1.22 26.19
CA GLY G 396 -71.15 2.49 26.49
C GLY G 396 -71.60 2.45 27.95
N PRO G 397 -72.14 3.57 28.46
CA PRO G 397 -72.56 3.60 29.87
C PRO G 397 -73.88 2.86 30.11
N VAL G 398 -73.85 1.54 29.96
CA VAL G 398 -75.07 0.73 30.05
C VAL G 398 -74.88 -0.42 31.03
N LEU G 399 -75.66 -0.40 32.11
CA LEU G 399 -75.57 -1.44 33.13
C LEU G 399 -76.73 -2.44 33.03
N ALA G 400 -76.40 -3.73 32.99
CA ALA G 400 -77.42 -4.78 33.01
C ALA G 400 -77.56 -5.32 34.42
N VAL G 401 -78.79 -5.60 34.84
CA VAL G 401 -79.06 -5.96 36.24
C VAL G 401 -79.82 -7.28 36.39
N LYS G 402 -79.29 -8.18 37.23
CA LYS G 402 -80.00 -9.37 37.66
C LYS G 402 -79.88 -9.59 39.16
N THR G 403 -80.70 -10.50 39.67
CA THR G 403 -80.94 -10.68 41.09
C THR G 403 -80.58 -12.13 41.48
N PHE G 404 -80.26 -12.35 42.75
CA PHE G 404 -79.96 -13.70 43.21
C PHE G 404 -80.39 -13.96 44.66
N SER G 405 -80.57 -15.24 44.99
CA SER G 405 -80.83 -15.68 46.35
C SER G 405 -79.54 -16.17 47.03
N THR G 406 -78.96 -17.22 46.45
CA THR G 406 -77.89 -17.96 47.09
C THR G 406 -76.53 -17.59 46.53
N GLU G 407 -75.50 -17.85 47.33
CA GLU G 407 -74.13 -17.68 46.91
C GLU G 407 -73.84 -18.47 45.64
N GLU G 408 -74.29 -19.73 45.61
CA GLU G 408 -74.10 -20.60 44.45
C GLU G 408 -74.64 -19.96 43.17
N GLU G 409 -75.80 -19.30 43.31
CA GLU G 409 -76.48 -18.66 42.19
C GLU G 409 -75.71 -17.44 41.69
N ALA G 410 -75.23 -16.61 42.62
CA ALA G 410 -74.37 -15.47 42.30
C ALA G 410 -73.13 -15.90 41.50
N ILE G 411 -72.44 -16.94 41.97
CA ILE G 411 -71.25 -17.48 41.29
C ILE G 411 -71.57 -17.93 39.86
N ASN G 412 -72.58 -18.78 39.72
CA ASN G 412 -73.04 -19.25 38.41
C ASN G 412 -73.45 -18.11 37.46
N LEU G 413 -74.16 -17.12 37.98
CA LEU G 413 -74.53 -15.95 37.17
C LEU G 413 -73.29 -15.16 36.77
N ALA G 414 -72.36 -15.01 37.71
CA ALA G 414 -71.16 -14.21 37.47
C ALA G 414 -70.30 -14.84 36.40
N ASN G 415 -70.25 -16.17 36.39
CA ASN G 415 -69.40 -16.92 35.48
C ASN G 415 -70.10 -17.27 34.16
N ASP G 416 -71.32 -16.74 33.99
CA ASP G 416 -72.13 -17.05 32.81
C ASP G 416 -71.75 -16.13 31.67
N THR G 417 -70.55 -16.37 31.16
CA THR G 417 -69.96 -15.54 30.12
C THR G 417 -68.77 -16.30 29.54
N HIS G 418 -68.52 -16.11 28.25
CA HIS G 418 -67.33 -16.66 27.62
C HIS G 418 -66.13 -15.75 27.84
N TYR G 419 -66.37 -14.53 28.33
CA TYR G 419 -65.30 -13.60 28.70
C TYR G 419 -64.71 -13.95 30.07
N GLY G 420 -63.68 -13.21 30.47
CA GLY G 420 -63.04 -13.44 31.77
C GLY G 420 -61.98 -12.43 32.16
N LEU G 421 -62.29 -11.15 32.03
CA LEU G 421 -61.32 -10.11 32.33
C LEU G 421 -61.36 -9.67 33.81
N GLY G 422 -62.35 -8.85 34.16
CA GLY G 422 -62.52 -8.40 35.53
C GLY G 422 -63.69 -9.05 36.25
N SER G 423 -63.84 -8.70 37.53
CA SER G 423 -64.91 -9.19 38.38
C SER G 423 -64.83 -8.47 39.72
N ALA G 424 -65.97 -8.30 40.40
CA ALA G 424 -66.00 -7.63 41.69
C ALA G 424 -67.00 -8.26 42.65
N VAL G 425 -66.63 -8.30 43.92
CA VAL G 425 -67.49 -8.79 45.00
C VAL G 425 -67.65 -7.66 46.00
N MET G 426 -68.89 -7.36 46.35
CA MET G 426 -69.16 -6.37 47.38
C MET G 426 -69.84 -7.07 48.55
N SER G 427 -69.12 -7.18 49.67
CA SER G 427 -69.61 -7.77 50.90
C SER G 427 -68.74 -7.35 52.08
N ASN G 428 -69.37 -7.09 53.24
CA ASN G 428 -68.62 -6.78 54.47
C ASN G 428 -67.99 -8.02 55.08
N ASP G 429 -68.61 -9.16 54.84
CA ASP G 429 -68.06 -10.46 55.21
C ASP G 429 -66.87 -10.73 54.31
N LEU G 430 -65.67 -10.60 54.88
CA LEU G 430 -64.42 -10.79 54.11
C LEU G 430 -64.10 -12.26 53.82
N GLU G 431 -64.64 -13.17 54.63
CA GLU G 431 -64.52 -14.62 54.37
C GLU G 431 -65.28 -15.01 53.10
N ARG G 432 -66.46 -14.40 52.94
CA ARG G 432 -67.30 -14.59 51.76
C ARG G 432 -66.69 -13.97 50.50
N CYS G 433 -66.01 -12.84 50.68
CA CYS G 433 -65.31 -12.18 49.57
C CYS G 433 -64.20 -13.06 49.03
N GLU G 434 -63.45 -13.67 49.95
CA GLU G 434 -62.34 -14.54 49.59
C GLU G 434 -62.84 -15.76 48.85
N ARG G 435 -63.98 -16.29 49.30
CA ARG G 435 -64.65 -17.41 48.64
C ARG G 435 -64.94 -17.10 47.17
N LEU G 436 -65.51 -15.92 46.91
CA LEU G 436 -65.86 -15.54 45.55
C LEU G 436 -64.65 -15.20 44.68
N SER G 437 -63.61 -14.62 45.27
CA SER G 437 -62.41 -14.28 44.52
C SER G 437 -61.75 -15.55 43.99
N LYS G 438 -61.92 -16.64 44.72
CA LYS G 438 -61.48 -17.96 44.24
C LYS G 438 -62.37 -18.48 43.11
N ALA G 439 -63.69 -18.37 43.27
CA ALA G 439 -64.64 -18.98 42.33
C ALA G 439 -64.85 -18.18 41.05
N LEU G 440 -64.57 -16.88 41.08
CA LEU G 440 -64.79 -16.01 39.93
C LEU G 440 -63.79 -16.28 38.82
N GLN G 441 -64.30 -16.67 37.66
CA GLN G 441 -63.46 -17.04 36.55
C GLN G 441 -62.98 -15.80 35.78
N ALA G 442 -61.95 -15.14 36.31
CA ALA G 442 -61.44 -13.90 35.72
C ALA G 442 -59.98 -13.65 36.09
N GLY G 443 -59.30 -12.85 35.27
CA GLY G 443 -57.92 -12.45 35.56
C GLY G 443 -57.78 -11.45 36.70
N ILE G 444 -58.86 -10.71 36.98
CA ILE G 444 -58.87 -9.68 38.01
C ILE G 444 -60.13 -9.75 38.86
N VAL G 445 -59.95 -9.79 40.18
CA VAL G 445 -61.04 -9.67 41.13
C VAL G 445 -60.85 -8.42 41.98
N TRP G 446 -61.86 -7.54 41.99
CA TRP G 446 -61.87 -6.43 42.91
C TRP G 446 -62.77 -6.77 44.08
N ILE G 447 -62.34 -6.41 45.29
CA ILE G 447 -63.13 -6.65 46.49
C ILE G 447 -63.53 -5.32 47.11
N ASN G 448 -64.84 -5.10 47.20
CA ASN G 448 -65.44 -3.86 47.74
C ASN G 448 -65.01 -2.59 47.01
N CYS G 449 -64.64 -2.78 45.74
CA CYS G 449 -64.39 -1.71 44.79
C CYS G 449 -64.58 -2.27 43.40
N ALA G 450 -64.39 -1.42 42.39
CA ALA G 450 -64.41 -1.86 41.00
C ALA G 450 -63.58 -0.94 40.12
N GLN G 451 -62.67 -1.53 39.35
CA GLN G 451 -61.91 -0.85 38.27
C GLN G 451 -60.46 -0.39 38.48
N PRO G 452 -59.99 -0.22 39.74
CA PRO G 452 -58.62 0.28 39.89
C PRO G 452 -57.57 -0.63 39.24
N SER G 453 -56.65 -0.01 38.49
CA SER G 453 -55.57 -0.73 37.86
C SER G 453 -54.22 -0.19 38.34
N PHE G 454 -53.65 -0.85 39.36
CA PHE G 454 -52.35 -0.46 39.88
C PHE G 454 -51.21 -0.98 39.01
N ILE G 455 -50.26 -0.10 38.76
CA ILE G 455 -49.10 -0.37 37.92
C ILE G 455 -48.29 -1.60 38.38
N GLN G 456 -48.30 -1.90 39.68
CA GLN G 456 -47.50 -3.01 40.22
C GLN G 456 -48.20 -4.38 40.20
N ALA G 457 -49.48 -4.41 39.84
CA ALA G 457 -50.25 -5.65 39.86
C ALA G 457 -50.58 -6.17 38.45
N PRO G 458 -50.39 -7.48 38.21
CA PRO G 458 -50.61 -8.06 36.88
C PRO G 458 -52.05 -7.90 36.38
N TRP G 459 -52.17 -7.51 35.11
CA TRP G 459 -53.45 -7.19 34.48
C TRP G 459 -53.63 -7.99 33.20
N GLY G 460 -54.73 -8.72 33.12
CA GLY G 460 -55.06 -9.46 31.90
C GLY G 460 -56.20 -10.43 32.14
N GLY G 461 -56.65 -11.07 31.06
CA GLY G 461 -57.85 -11.89 31.12
C GLY G 461 -57.63 -13.37 30.93
N ILE G 462 -58.71 -14.12 31.09
CA ILE G 462 -58.76 -15.53 30.75
C ILE G 462 -59.93 -15.74 29.77
N LYS G 463 -60.08 -16.95 29.26
CA LYS G 463 -61.13 -17.28 28.30
C LYS G 463 -61.07 -16.40 27.04
N ARG G 464 -62.22 -15.99 26.52
CA ARG G 464 -62.30 -15.13 25.31
C ARG G 464 -61.79 -13.71 25.55
N SER G 465 -61.41 -13.39 26.78
CA SER G 465 -60.81 -12.10 27.09
C SER G 465 -59.31 -12.09 26.73
N GLY G 466 -58.79 -13.25 26.32
CA GLY G 466 -57.41 -13.34 25.87
C GLY G 466 -56.48 -14.01 26.87
N PHE G 467 -55.19 -13.74 26.72
CA PHE G 467 -54.15 -14.37 27.53
C PHE G 467 -52.91 -13.47 27.55
N GLY G 468 -51.99 -13.76 28.47
CA GLY G 468 -50.88 -12.87 28.73
C GLY G 468 -51.24 -11.81 29.76
N ARG G 469 -50.23 -11.20 30.37
CA ARG G 469 -50.43 -10.25 31.45
C ARG G 469 -49.61 -8.98 31.25
N GLU G 470 -50.25 -7.83 31.42
CA GLU G 470 -49.57 -6.54 31.45
C GLU G 470 -49.41 -6.06 32.89
N LEU G 471 -48.57 -5.04 33.06
CA LEU G 471 -48.30 -4.41 34.35
C LEU G 471 -47.50 -5.30 35.32
N GLY G 472 -46.97 -4.69 36.38
CA GLY G 472 -46.10 -5.36 37.34
C GLY G 472 -44.84 -5.90 36.68
N GLU G 473 -44.27 -6.92 37.29
CA GLU G 473 -43.15 -7.66 36.73
C GLU G 473 -43.60 -8.39 35.46
N TRP G 474 -44.88 -8.74 35.40
CA TRP G 474 -45.47 -9.48 34.29
C TRP G 474 -45.41 -8.71 32.98
N GLY G 475 -45.63 -7.39 33.05
CA GLY G 475 -45.54 -6.53 31.88
C GLY G 475 -44.17 -6.58 31.24
N LEU G 476 -43.13 -6.54 32.07
CA LEU G 476 -41.74 -6.66 31.62
C LEU G 476 -41.46 -8.03 30.99
N GLU G 477 -41.91 -9.09 31.68
CA GLU G 477 -41.70 -10.45 31.21
C GLU G 477 -42.38 -10.73 29.86
N ASN G 478 -43.45 -9.99 29.57
CA ASN G 478 -44.15 -10.06 28.29
C ASN G 478 -43.27 -9.71 27.09
N TYR G 479 -42.18 -8.99 27.35
CA TYR G 479 -41.25 -8.56 26.29
C TYR G 479 -39.84 -9.15 26.49
N LEU G 480 -39.74 -10.11 27.40
CA LEU G 480 -38.50 -10.82 27.62
C LEU G 480 -38.63 -12.26 27.12
N SER G 481 -37.50 -12.86 26.78
CA SER G 481 -37.45 -14.27 26.47
C SER G 481 -36.32 -14.88 27.27
N VAL G 482 -36.54 -16.10 27.74
CA VAL G 482 -35.60 -16.77 28.60
C VAL G 482 -34.61 -17.58 27.77
N LYS G 483 -33.32 -17.35 27.99
CA LYS G 483 -32.28 -18.14 27.39
C LYS G 483 -31.62 -19.01 28.46
N GLN G 484 -31.57 -20.31 28.22
CA GLN G 484 -30.85 -21.21 29.11
C GLN G 484 -29.41 -21.30 28.64
N VAL G 485 -28.48 -21.08 29.55
CA VAL G 485 -27.06 -21.29 29.26
C VAL G 485 -26.50 -22.37 30.20
N THR G 486 -26.04 -23.46 29.60
CA THR G 486 -25.59 -24.65 30.33
C THR G 486 -24.20 -25.07 29.85
N ARG G 487 -23.28 -25.22 30.81
CA ARG G 487 -21.88 -25.48 30.51
C ARG G 487 -21.47 -26.84 31.02
N TYR G 488 -20.69 -27.57 30.21
CA TYR G 488 -20.07 -28.81 30.68
C TYR G 488 -18.76 -28.45 31.36
N THR G 489 -18.58 -28.94 32.59
CA THR G 489 -17.54 -28.46 33.48
C THR G 489 -16.30 -29.36 33.60
N SER G 490 -16.48 -30.68 33.53
CA SER G 490 -15.35 -31.60 33.72
C SER G 490 -14.58 -31.87 32.42
N ASP G 491 -13.40 -32.47 32.56
CA ASP G 491 -12.55 -32.82 31.42
C ASP G 491 -12.75 -34.26 30.96
N GLU G 492 -13.47 -35.03 31.76
CA GLU G 492 -13.82 -36.40 31.42
C GLU G 492 -14.49 -36.44 30.03
N PRO G 493 -14.07 -37.39 29.17
CA PRO G 493 -14.82 -37.54 27.92
C PRO G 493 -16.26 -37.97 28.20
N TRP G 494 -17.18 -37.54 27.36
CA TRP G 494 -18.60 -37.81 27.56
C TRP G 494 -18.89 -39.30 27.79
N GLY G 495 -18.26 -40.16 26.97
CA GLY G 495 -18.31 -41.60 27.18
C GLY G 495 -19.59 -42.31 26.79
N TRP G 496 -20.33 -41.73 25.85
CA TRP G 496 -21.54 -42.39 25.32
C TRP G 496 -21.19 -43.30 24.13
N TYR G 497 -20.41 -42.78 23.19
CA TYR G 497 -20.01 -43.55 22.03
C TYR G 497 -18.66 -44.22 22.25
N GLN G 498 -18.36 -45.23 21.43
CA GLN G 498 -17.06 -45.90 21.47
C GLN G 498 -16.02 -45.10 20.70
N PRO G 499 -14.90 -44.77 21.36
CA PRO G 499 -13.81 -44.09 20.66
C PRO G 499 -13.19 -45.01 19.60
N PRO G 500 -12.83 -44.45 18.43
CA PRO G 500 -12.21 -45.26 17.38
C PRO G 500 -10.75 -45.59 17.70
N SER G 501 -10.18 -46.56 16.97
CA SER G 501 -8.80 -47.00 17.19
C SER G 501 -7.78 -45.92 16.79
N LYS G 502 -6.79 -45.71 17.66
CA LYS G 502 -5.77 -44.66 17.50
C LYS G 502 -6.37 -43.30 17.11
N SER H 6 -51.58 -54.60 27.29
CA SER H 6 -50.59 -54.16 26.27
C SER H 6 -51.22 -54.04 24.86
N SER H 7 -52.48 -54.46 24.76
CA SER H 7 -53.33 -54.21 23.59
C SER H 7 -54.52 -53.39 24.11
N ARG H 8 -54.39 -52.07 24.09
CA ARG H 8 -55.24 -51.19 24.88
C ARG H 8 -56.31 -50.46 24.08
N GLN H 9 -57.24 -49.84 24.80
CA GLN H 9 -58.24 -48.96 24.21
C GLN H 9 -57.87 -47.50 24.53
N LEU H 10 -58.85 -46.61 24.36
CA LEU H 10 -58.69 -45.22 24.78
C LEU H 10 -58.83 -45.13 26.29
N PHE H 11 -58.10 -44.20 26.89
CA PHE H 11 -58.27 -43.96 28.30
C PHE H 11 -59.09 -42.70 28.47
N ILE H 12 -60.36 -42.88 28.80
CA ILE H 12 -61.32 -41.79 28.92
C ILE H 12 -62.06 -41.91 30.25
N ASP H 13 -62.05 -40.82 31.01
CA ASP H 13 -62.81 -40.72 32.27
C ASP H 13 -62.46 -41.87 33.23
N GLY H 14 -61.18 -42.20 33.29
CA GLY H 14 -60.69 -43.24 34.18
C GLY H 14 -60.96 -44.67 33.73
N GLU H 15 -61.45 -44.84 32.50
CA GLU H 15 -61.80 -46.16 31.98
C GLU H 15 -61.22 -46.41 30.60
N TRP H 16 -61.03 -47.69 30.28
CA TRP H 16 -60.70 -48.13 28.93
C TRP H 16 -61.97 -48.15 28.09
N ARG H 17 -61.97 -47.42 26.97
CA ARG H 17 -63.15 -47.36 26.13
C ARG H 17 -62.80 -47.53 24.66
N VAL H 18 -63.53 -48.42 24.00
CA VAL H 18 -63.42 -48.60 22.56
C VAL H 18 -63.88 -47.31 21.90
N PRO H 19 -63.14 -46.85 20.87
CA PRO H 19 -63.59 -45.71 20.09
C PRO H 19 -64.98 -45.98 19.54
N ILE H 20 -65.83 -44.95 19.51
CA ILE H 20 -67.20 -45.06 19.02
C ILE H 20 -67.25 -45.78 17.67
N LEU H 21 -66.40 -45.38 16.73
CA LEU H 21 -66.39 -45.96 15.38
C LEU H 21 -65.50 -47.22 15.25
N ASN H 22 -64.89 -47.62 16.37
CA ASN H 22 -64.11 -48.87 16.47
C ASN H 22 -63.06 -49.12 15.38
N LYS H 23 -62.39 -48.06 14.92
CA LYS H 23 -61.28 -48.23 14.00
C LYS H 23 -59.94 -48.23 14.73
N ARG H 24 -58.92 -48.80 14.09
CA ARG H 24 -57.60 -48.95 14.68
C ARG H 24 -56.49 -48.70 13.65
N ILE H 25 -55.32 -48.32 14.13
CA ILE H 25 -54.19 -47.97 13.27
C ILE H 25 -53.06 -48.98 13.47
N PRO H 26 -52.58 -49.60 12.37
CA PRO H 26 -51.48 -50.55 12.51
C PRO H 26 -50.19 -49.89 13.03
N ASN H 27 -49.39 -50.68 13.73
CA ASN H 27 -48.10 -50.24 14.26
C ASN H 27 -46.95 -51.08 13.67
N ILE H 28 -46.02 -50.41 13.01
CA ILE H 28 -44.90 -51.06 12.31
C ILE H 28 -43.58 -50.96 13.09
N ASN H 29 -42.90 -52.09 13.28
CA ASN H 29 -41.55 -52.13 13.84
C ASN H 29 -40.55 -51.57 12.82
N PRO H 30 -39.86 -50.46 13.17
CA PRO H 30 -38.93 -49.81 12.23
C PRO H 30 -37.71 -50.65 11.81
N SER H 31 -37.27 -51.57 12.67
CA SER H 31 -36.10 -52.40 12.34
C SER H 31 -36.43 -53.62 11.47
N THR H 32 -37.69 -54.05 11.48
CA THR H 32 -38.11 -55.25 10.74
C THR H 32 -39.08 -54.93 9.60
N GLU H 33 -39.67 -53.74 9.64
CA GLU H 33 -40.73 -53.34 8.69
C GLU H 33 -42.01 -54.16 8.81
N ASN H 34 -42.16 -54.90 9.91
CA ASN H 34 -43.36 -55.73 10.14
C ASN H 34 -44.39 -55.07 11.06
N ILE H 35 -45.66 -55.24 10.71
CA ILE H 35 -46.77 -54.86 11.59
C ILE H 35 -46.74 -55.74 12.84
N ILE H 36 -46.61 -55.09 14.01
CA ILE H 36 -46.43 -55.80 15.28
C ILE H 36 -47.52 -55.51 16.32
N GLY H 37 -48.61 -54.92 15.87
CA GLY H 37 -49.72 -54.58 16.75
C GLY H 37 -50.50 -53.42 16.18
N ASP H 38 -51.43 -52.89 16.97
CA ASP H 38 -52.19 -51.70 16.59
C ASP H 38 -52.52 -50.84 17.79
N ILE H 39 -53.11 -49.68 17.51
CA ILE H 39 -53.56 -48.73 18.53
C ILE H 39 -54.95 -48.23 18.13
N PRO H 40 -55.80 -47.86 19.12
CA PRO H 40 -57.14 -47.36 18.79
C PRO H 40 -57.11 -46.04 18.02
N ALA H 41 -58.03 -45.88 17.06
CA ALA H 41 -58.12 -44.64 16.30
C ALA H 41 -59.29 -43.78 16.78
N ALA H 42 -59.02 -42.81 17.63
CA ALA H 42 -60.06 -41.91 18.12
C ALA H 42 -60.49 -40.91 17.07
N THR H 43 -61.79 -40.59 17.10
CA THR H 43 -62.36 -39.59 16.22
C THR H 43 -63.02 -38.48 17.04
N LYS H 44 -63.59 -37.50 16.36
CA LYS H 44 -64.31 -36.36 16.97
C LYS H 44 -65.14 -36.75 18.20
N GLU H 45 -66.06 -37.71 18.03
CA GLU H 45 -66.95 -38.13 19.11
C GLU H 45 -66.23 -38.75 20.34
N ASP H 46 -65.06 -39.35 20.13
CA ASP H 46 -64.22 -39.81 21.24
C ASP H 46 -63.54 -38.63 21.94
N VAL H 47 -62.94 -37.75 21.16
CA VAL H 47 -62.31 -36.53 21.66
C VAL H 47 -63.30 -35.71 22.49
N ASP H 48 -64.55 -35.60 22.01
CA ASP H 48 -65.64 -34.97 22.74
C ASP H 48 -65.88 -35.60 24.12
N LEU H 49 -65.87 -36.93 24.18
CA LEU H 49 -66.08 -37.62 25.45
C LEU H 49 -64.91 -37.38 26.40
N ALA H 50 -63.71 -37.24 25.84
CA ALA H 50 -62.50 -36.97 26.62
C ALA H 50 -62.48 -35.56 27.19
N VAL H 51 -62.86 -34.57 26.37
CA VAL H 51 -62.90 -33.18 26.83
C VAL H 51 -63.97 -33.00 27.91
N ASP H 52 -65.15 -33.60 27.70
CA ASP H 52 -66.23 -33.55 28.69
C ASP H 52 -65.79 -34.11 30.04
N ALA H 53 -65.05 -35.22 30.02
CA ALA H 53 -64.58 -35.87 31.24
C ALA H 53 -63.60 -34.98 32.01
N ALA H 54 -62.70 -34.34 31.26
CA ALA H 54 -61.75 -33.37 31.80
C ALA H 54 -62.46 -32.18 32.43
N LYS H 55 -63.47 -31.66 31.72
CA LYS H 55 -64.31 -30.56 32.20
C LYS H 55 -65.01 -30.90 33.52
N ARG H 56 -65.59 -32.09 33.57
CA ARG H 56 -66.25 -32.58 34.78
C ARG H 56 -65.26 -32.79 35.92
N ALA H 57 -64.04 -33.18 35.59
CA ALA H 57 -63.00 -33.45 36.58
C ALA H 57 -62.53 -32.19 37.31
N ILE H 58 -62.63 -31.02 36.67
CA ILE H 58 -62.24 -29.78 37.35
C ILE H 58 -63.37 -29.12 38.12
N SER H 59 -64.62 -29.30 37.70
CA SER H 59 -65.76 -28.74 38.44
C SER H 59 -66.36 -29.70 39.50
N ARG H 60 -66.09 -30.99 39.37
CA ARG H 60 -66.57 -32.00 40.32
C ARG H 60 -66.27 -31.59 41.77
N LYS H 61 -67.32 -31.51 42.58
CA LYS H 61 -67.23 -31.08 44.00
C LYS H 61 -66.54 -29.72 44.13
N ASN H 62 -66.89 -28.80 43.21
CA ASN H 62 -66.11 -27.58 42.93
C ASN H 62 -64.59 -27.66 43.26
N GLY H 63 -63.94 -28.64 42.65
CA GLY H 63 -62.48 -28.70 42.60
C GLY H 63 -61.72 -29.32 43.74
N ARG H 64 -62.42 -29.71 44.81
CA ARG H 64 -61.75 -30.16 46.04
CA ARG H 64 -61.77 -30.18 46.04
C ARG H 64 -61.06 -31.52 45.89
N ASP H 65 -61.46 -32.30 44.88
CA ASP H 65 -60.80 -33.58 44.61
C ASP H 65 -59.50 -33.41 43.84
N TRP H 66 -59.35 -32.27 43.15
CA TRP H 66 -58.19 -32.05 42.30
C TRP H 66 -57.78 -30.59 42.09
N SER H 67 -58.57 -29.84 41.33
CA SER H 67 -58.16 -28.53 40.81
C SER H 67 -58.08 -27.41 41.87
N ALA H 68 -58.93 -27.49 42.89
CA ALA H 68 -58.91 -26.52 43.99
C ALA H 68 -58.29 -27.12 45.25
N ALA H 69 -57.81 -28.37 45.14
CA ALA H 69 -57.17 -29.05 46.25
C ALA H 69 -55.76 -28.52 46.49
N SER H 70 -55.23 -28.77 47.68
CA SER H 70 -53.83 -28.47 47.99
C SER H 70 -52.90 -29.14 46.99
N GLY H 71 -51.81 -28.45 46.66
CA GLY H 71 -50.78 -29.01 45.79
C GLY H 71 -50.11 -30.25 46.34
N SER H 72 -50.15 -30.42 47.67
CA SER H 72 -49.60 -31.60 48.32
C SER H 72 -50.43 -32.86 48.04
N LEU H 73 -51.72 -32.67 47.80
CA LEU H 73 -52.60 -33.78 47.40
C LEU H 73 -52.28 -34.25 45.98
N ARG H 74 -52.11 -33.29 45.06
CA ARG H 74 -51.68 -33.64 43.71
C ARG H 74 -50.31 -34.30 43.73
N ALA H 75 -49.43 -33.81 44.60
CA ALA H 75 -48.09 -34.34 44.80
C ALA H 75 -48.06 -35.84 45.10
N ARG H 76 -48.96 -36.29 45.97
CA ARG H 76 -49.03 -37.72 46.32
C ARG H 76 -49.29 -38.59 45.09
N TYR H 77 -50.17 -38.14 44.20
CA TYR H 77 -50.46 -38.85 42.97
C TYR H 77 -49.24 -38.88 42.03
N LEU H 78 -48.58 -37.74 41.88
CA LEU H 78 -47.38 -37.63 41.04
C LEU H 78 -46.24 -38.52 41.55
N ARG H 79 -46.04 -38.58 42.87
CA ARG H 79 -45.05 -39.47 43.46
C ARG H 79 -45.42 -40.93 43.26
N ALA H 80 -46.70 -41.25 43.41
CA ALA H 80 -47.18 -42.62 43.22
C ALA H 80 -47.04 -43.08 41.77
N ILE H 81 -47.29 -42.17 40.83
CA ILE H 81 -47.08 -42.43 39.40
C ILE H 81 -45.60 -42.68 39.11
N ALA H 82 -44.74 -41.83 39.67
CA ALA H 82 -43.30 -41.93 39.48
C ALA H 82 -42.78 -43.29 39.95
N ALA H 83 -43.25 -43.70 41.13
CA ALA H 83 -42.85 -44.96 41.74
C ALA H 83 -43.30 -46.17 40.94
N LYS H 84 -44.51 -46.08 40.37
CA LYS H 84 -45.05 -47.17 39.57
C LYS H 84 -44.31 -47.29 38.24
N ILE H 85 -43.89 -46.16 37.68
CA ILE H 85 -43.07 -46.16 36.46
C ILE H 85 -41.68 -46.74 36.74
N LYS H 86 -41.10 -46.36 37.88
CA LYS H 86 -39.81 -46.88 38.30
C LYS H 86 -39.81 -48.41 38.44
N GLU H 87 -40.90 -48.95 38.97
CA GLU H 87 -41.09 -50.40 39.12
C GLU H 87 -40.93 -51.17 37.81
N LYS H 88 -41.35 -50.56 36.71
CA LYS H 88 -41.35 -51.25 35.42
C LYS H 88 -40.51 -50.55 34.36
N LYS H 89 -39.49 -49.83 34.81
CA LYS H 89 -38.55 -49.12 33.94
C LYS H 89 -38.07 -49.96 32.76
N ASP H 90 -37.65 -51.20 33.05
CA ASP H 90 -37.10 -52.09 32.03
C ASP H 90 -38.15 -52.55 31.01
N GLU H 91 -39.32 -52.91 31.51
CA GLU H 91 -40.46 -53.33 30.70
C GLU H 91 -40.87 -52.21 29.74
N LEU H 92 -41.01 -51.00 30.29
CA LEU H 92 -41.43 -49.84 29.52
C LEU H 92 -40.33 -49.38 28.56
N GLY H 93 -39.09 -49.47 29.03
CA GLY H 93 -37.92 -49.12 28.23
C GLY H 93 -37.92 -49.88 26.92
N LYS H 94 -38.13 -51.18 27.00
CA LYS H 94 -38.11 -52.00 25.80
C LYS H 94 -39.32 -51.75 24.91
N LEU H 95 -40.49 -51.53 25.52
CA LEU H 95 -41.68 -51.13 24.76
C LEU H 95 -41.42 -49.82 24.00
N GLU H 96 -40.82 -48.85 24.69
CA GLU H 96 -40.43 -47.58 24.09
C GLU H 96 -39.47 -47.79 22.93
N SER H 97 -38.45 -48.61 23.16
CA SER H 97 -37.41 -48.89 22.16
C SER H 97 -37.99 -49.58 20.92
N ILE H 98 -38.81 -50.60 21.14
CA ILE H 98 -39.55 -51.29 20.08
C ILE H 98 -40.51 -50.35 19.34
N ASP H 99 -41.14 -49.44 20.08
CA ASP H 99 -42.18 -48.57 19.53
C ASP H 99 -41.65 -47.48 18.59
N CYS H 100 -40.54 -46.84 18.97
CA CYS H 100 -40.02 -45.73 18.17
C CYS H 100 -38.66 -45.98 17.53
N GLY H 101 -37.98 -47.04 17.93
CA GLY H 101 -36.74 -47.46 17.28
C GLY H 101 -35.44 -46.86 17.79
N LYS H 102 -35.48 -46.22 18.97
CA LYS H 102 -34.25 -45.71 19.57
C LYS H 102 -33.52 -46.83 20.33
N PRO H 103 -32.17 -46.79 20.35
CA PRO H 103 -31.42 -47.82 21.07
C PRO H 103 -31.94 -47.96 22.50
N LEU H 104 -31.91 -49.19 23.01
CA LEU H 104 -32.48 -49.51 24.32
C LEU H 104 -31.86 -48.72 25.46
N GLU H 105 -30.56 -48.47 25.39
CA GLU H 105 -29.89 -47.70 26.44
C GLU H 105 -30.42 -46.26 26.49
N GLU H 106 -30.77 -45.72 25.32
CA GLU H 106 -31.41 -44.40 25.23
C GLU H 106 -32.79 -44.43 25.87
N ALA H 107 -33.56 -45.47 25.56
CA ALA H 107 -34.92 -45.61 26.09
C ALA H 107 -34.93 -45.75 27.61
N LEU H 108 -33.96 -46.49 28.15
CA LEU H 108 -33.83 -46.67 29.59
C LEU H 108 -33.48 -45.35 30.28
N ALA H 109 -32.64 -44.54 29.61
CA ALA H 109 -32.31 -43.21 30.09
C ALA H 109 -33.54 -42.28 30.09
N ASP H 110 -34.37 -42.39 29.06
CA ASP H 110 -35.63 -41.63 28.99
C ASP H 110 -36.50 -41.93 30.21
N LEU H 111 -36.56 -43.21 30.58
CA LEU H 111 -37.38 -43.65 31.70
C LEU H 111 -36.91 -43.15 33.04
N ASP H 112 -35.59 -43.13 33.26
CA ASP H 112 -35.02 -42.50 34.44
C ASP H 112 -35.44 -41.03 34.53
N ASP H 113 -35.46 -40.36 33.38
CA ASP H 113 -35.88 -38.96 33.29
C ASP H 113 -37.38 -38.76 33.43
N VAL H 114 -38.16 -39.76 33.02
CA VAL H 114 -39.61 -39.72 33.21
C VAL H 114 -39.90 -39.77 34.71
N VAL H 115 -39.19 -40.64 35.42
CA VAL H 115 -39.34 -40.80 36.87
C VAL H 115 -38.93 -39.52 37.59
N ALA H 116 -37.76 -39.02 37.25
CA ALA H 116 -37.23 -37.80 37.84
C ALA H 116 -38.13 -36.59 37.56
N CYS H 117 -38.79 -36.61 36.41
CA CYS H 117 -39.66 -35.51 35.99
C CYS H 117 -40.96 -35.44 36.80
N PHE H 118 -41.62 -36.58 36.98
CA PHE H 118 -42.76 -36.65 37.88
C PHE H 118 -42.37 -36.27 39.32
N GLU H 119 -41.22 -36.76 39.80
CA GLU H 119 -40.74 -36.45 41.14
C GLU H 119 -40.47 -34.96 41.33
N TYR H 120 -39.86 -34.35 40.32
CA TYR H 120 -39.52 -32.93 40.37
C TYR H 120 -40.79 -32.08 40.49
N TYR H 121 -41.79 -32.37 39.67
CA TYR H 121 -43.04 -31.62 39.71
C TYR H 121 -43.92 -31.93 40.94
N ALA H 122 -43.82 -33.15 41.45
CA ALA H 122 -44.41 -33.49 42.75
C ALA H 122 -43.90 -32.50 43.82
N GLY H 123 -42.59 -32.33 43.89
CA GLY H 123 -41.97 -31.37 44.79
C GLY H 123 -42.47 -29.95 44.56
N LEU H 124 -42.63 -29.57 43.30
CA LEU H 124 -43.06 -28.21 42.97
C LEU H 124 -44.53 -27.99 43.35
N ALA H 125 -45.32 -29.04 43.20
CA ALA H 125 -46.73 -29.02 43.61
C ALA H 125 -46.88 -28.80 45.11
N GLU H 126 -46.05 -29.47 45.91
CA GLU H 126 -46.17 -29.38 47.37
C GLU H 126 -45.69 -28.04 47.91
N GLU H 127 -44.97 -27.28 47.09
CA GLU H 127 -44.55 -25.93 47.42
C GLU H 127 -45.55 -24.86 46.93
N LEU H 128 -46.49 -25.25 46.08
CA LEU H 128 -47.43 -24.32 45.43
C LEU H 128 -48.30 -23.49 46.39
N ASP H 129 -48.82 -24.13 47.44
CA ASP H 129 -49.65 -23.45 48.44
C ASP H 129 -48.97 -22.25 49.09
N SER H 130 -47.70 -22.42 49.46
CA SER H 130 -46.93 -21.36 50.08
C SER H 130 -46.80 -20.12 49.18
N LYS H 131 -47.01 -20.32 47.88
CA LYS H 131 -46.90 -19.25 46.88
C LYS H 131 -48.23 -18.56 46.57
N GLN H 132 -49.33 -19.08 47.12
CA GLN H 132 -50.64 -18.45 46.98
C GLN H 132 -50.73 -17.19 47.85
N LYS H 133 -51.44 -16.19 47.35
CA LYS H 133 -51.67 -14.92 48.08
C LYS H 133 -50.40 -14.10 48.30
N ALA H 134 -49.45 -14.27 47.37
CA ALA H 134 -48.24 -13.46 47.35
C ALA H 134 -48.61 -11.98 47.25
N PRO H 135 -48.20 -11.18 48.25
CA PRO H 135 -48.59 -9.77 48.30
C PRO H 135 -47.87 -8.93 47.25
N ILE H 136 -48.60 -7.98 46.68
CA ILE H 136 -48.02 -6.94 45.84
C ILE H 136 -48.05 -5.64 46.63
N SER H 137 -46.89 -5.02 46.77
CA SER H 137 -46.74 -3.79 47.51
C SER H 137 -47.41 -2.64 46.74
N LEU H 138 -48.30 -1.92 47.41
CA LEU H 138 -49.06 -0.84 46.79
C LEU H 138 -48.64 0.53 47.33
N PRO H 139 -48.65 1.55 46.46
CA PRO H 139 -48.29 2.91 46.90
C PRO H 139 -49.39 3.58 47.73
N MET H 140 -50.61 3.05 47.66
CA MET H 140 -51.74 3.55 48.46
C MET H 140 -52.00 2.63 49.64
N ASP H 141 -52.31 3.20 50.80
CA ASP H 141 -52.64 2.37 51.98
C ASP H 141 -54.14 2.06 52.07
N THR H 142 -54.92 2.55 51.11
CA THR H 142 -56.38 2.35 51.07
C THR H 142 -56.79 1.10 50.28
N PHE H 143 -55.83 0.50 49.59
CA PHE H 143 -56.02 -0.75 48.87
C PHE H 143 -54.96 -1.74 49.30
N LYS H 144 -55.29 -3.02 49.25
CA LYS H 144 -54.24 -4.06 49.25
C LYS H 144 -54.46 -5.17 48.22
N SER H 145 -53.35 -5.70 47.74
CA SER H 145 -53.36 -6.58 46.58
C SER H 145 -52.50 -7.80 46.77
N TYR H 146 -53.00 -8.93 46.27
CA TYR H 146 -52.21 -10.14 46.18
C TYR H 146 -52.53 -10.92 44.90
N ILE H 147 -51.80 -12.00 44.66
CA ILE H 147 -52.07 -12.83 43.49
C ILE H 147 -52.39 -14.28 43.83
N LEU H 148 -53.24 -14.89 43.02
CA LEU H 148 -53.49 -16.33 43.11
C LEU H 148 -52.97 -16.96 41.84
N LYS H 149 -52.40 -18.14 41.99
CA LYS H 149 -51.99 -18.94 40.86
C LYS H 149 -52.96 -20.10 40.70
N GLU H 150 -53.74 -20.07 39.64
CA GLU H 150 -54.79 -21.06 39.40
C GLU H 150 -54.51 -21.90 38.18
N PRO H 151 -55.06 -23.12 38.11
CA PRO H 151 -54.92 -23.93 36.90
C PRO H 151 -55.55 -23.22 35.70
N ILE H 152 -54.91 -23.31 34.55
CA ILE H 152 -55.46 -22.73 33.34
C ILE H 152 -56.77 -23.44 32.97
N GLY H 153 -56.89 -24.70 33.38
CA GLY H 153 -58.15 -25.43 33.23
C GLY H 153 -57.96 -26.78 32.53
N VAL H 154 -58.62 -26.92 31.38
CA VAL H 154 -58.53 -28.14 30.59
C VAL H 154 -57.48 -27.93 29.51
N VAL H 155 -56.49 -28.82 29.47
CA VAL H 155 -55.35 -28.63 28.57
C VAL H 155 -55.21 -29.78 27.57
N ALA H 156 -55.02 -29.43 26.30
CA ALA H 156 -54.74 -30.40 25.26
C ALA H 156 -53.23 -30.51 25.11
N LEU H 157 -52.73 -31.73 25.27
CA LEU H 157 -51.30 -32.02 25.22
C LEU H 157 -50.98 -32.90 24.01
N ILE H 158 -50.25 -32.34 23.04
CA ILE H 158 -49.96 -33.05 21.77
C ILE H 158 -48.45 -33.22 21.60
N THR H 159 -48.03 -34.49 21.57
CA THR H 159 -46.63 -34.85 21.77
C THR H 159 -46.07 -35.69 20.62
N PRO H 160 -44.76 -35.56 20.34
CA PRO H 160 -44.15 -36.23 19.19
C PRO H 160 -43.68 -37.64 19.52
N TRP H 161 -43.24 -38.37 18.49
CA TRP H 161 -42.84 -39.77 18.61
C TRP H 161 -41.36 -39.99 18.94
N ASN H 162 -40.58 -38.92 19.02
CA ASN H 162 -39.13 -39.07 19.13
C ASN H 162 -38.60 -39.32 20.55
N TYR H 163 -39.31 -38.79 21.54
CA TYR H 163 -39.16 -39.20 22.94
C TYR H 163 -40.59 -39.36 23.46
N PRO H 164 -41.26 -40.47 23.09
CA PRO H 164 -42.71 -40.62 23.26
C PRO H 164 -43.20 -40.45 24.70
N PHE H 165 -42.63 -41.22 25.62
CA PHE H 165 -43.04 -41.15 27.02
C PHE H 165 -42.53 -39.89 27.71
N LEU H 166 -41.31 -39.46 27.38
CA LEU H 166 -40.69 -38.30 28.07
C LEU H 166 -41.36 -36.97 27.70
N MET H 167 -41.61 -36.76 26.41
CA MET H 167 -42.35 -35.57 25.96
C MET H 167 -43.76 -35.52 26.51
N ALA H 168 -44.42 -36.68 26.59
CA ALA H 168 -45.71 -36.78 27.25
C ALA H 168 -45.57 -36.27 28.67
N THR H 169 -44.60 -36.83 29.39
CA THR H 169 -44.33 -36.48 30.78
C THR H 169 -43.95 -35.00 30.96
N TRP H 170 -43.12 -34.46 30.07
CA TRP H 170 -42.71 -33.04 30.11
C TRP H 170 -43.91 -32.12 30.19
N LYS H 171 -45.03 -32.59 29.67
CA LYS H 171 -46.26 -31.81 29.63
C LYS H 171 -47.24 -32.20 30.75
N ILE H 172 -47.49 -33.50 30.93
CA ILE H 172 -48.52 -33.93 31.90
C ILE H 172 -48.14 -33.63 33.35
N ALA H 173 -46.91 -33.96 33.74
CA ALA H 173 -46.44 -33.76 35.12
C ALA H 173 -46.66 -32.32 35.62
N PRO H 174 -46.19 -31.29 34.87
CA PRO H 174 -46.48 -29.93 35.32
C PRO H 174 -47.96 -29.54 35.20
N ALA H 175 -48.66 -30.07 34.19
CA ALA H 175 -50.08 -29.81 34.05
C ALA H 175 -50.86 -30.35 35.23
N LEU H 176 -50.53 -31.57 35.64
CA LEU H 176 -51.14 -32.18 36.82
C LEU H 176 -50.75 -31.45 38.11
N ALA H 177 -49.48 -31.10 38.26
CA ALA H 177 -49.03 -30.35 39.43
C ALA H 177 -49.77 -29.01 39.56
N ALA H 178 -50.05 -28.35 38.44
CA ALA H 178 -50.80 -27.09 38.42
C ALA H 178 -52.28 -27.21 38.79
N GLY H 179 -52.86 -28.40 38.62
CA GLY H 179 -54.27 -28.62 38.96
C GLY H 179 -55.17 -28.79 37.75
N CYS H 180 -54.56 -28.93 36.58
CA CYS H 180 -55.28 -29.07 35.34
C CYS H 180 -55.83 -30.48 35.14
N ALA H 181 -56.81 -30.59 34.26
CA ALA H 181 -57.23 -31.88 33.72
C ALA H 181 -56.76 -31.90 32.27
N ALA H 182 -56.24 -33.04 31.82
CA ALA H 182 -55.56 -33.08 30.54
C ALA H 182 -56.07 -34.16 29.58
N ILE H 183 -55.97 -33.84 28.30
CA ILE H 183 -56.18 -34.80 27.23
C ILE H 183 -54.85 -34.90 26.46
N LEU H 184 -54.20 -36.05 26.60
CA LEU H 184 -52.98 -36.35 25.87
C LEU H 184 -53.33 -36.94 24.52
N LYS H 185 -52.67 -36.43 23.48
CA LYS H 185 -52.75 -36.97 22.13
C LYS H 185 -51.34 -37.32 21.66
N PRO H 186 -50.92 -38.58 21.84
CA PRO H 186 -49.61 -39.03 21.38
C PRO H 186 -49.55 -39.14 19.87
N SER H 187 -48.34 -39.26 19.33
CA SER H 187 -48.17 -39.48 17.90
C SER H 187 -48.63 -40.87 17.51
N GLU H 188 -49.34 -40.97 16.39
CA GLU H 188 -49.79 -42.25 15.84
C GLU H 188 -48.65 -43.25 15.60
N LEU H 189 -47.41 -42.76 15.63
CA LEU H 189 -46.24 -43.58 15.38
C LEU H 189 -45.69 -44.22 16.65
N ALA H 190 -46.00 -43.64 17.80
CA ALA H 190 -45.46 -44.11 19.06
C ALA H 190 -46.38 -43.80 20.23
N SER H 191 -47.41 -44.63 20.40
CA SER H 191 -48.43 -44.40 21.41
C SER H 191 -48.42 -45.43 22.56
N VAL H 192 -47.61 -46.47 22.45
CA VAL H 192 -47.74 -47.61 23.38
C VAL H 192 -47.42 -47.30 24.84
N THR H 193 -46.31 -46.61 25.12
CA THR H 193 -45.95 -46.34 26.53
C THR H 193 -46.92 -45.33 27.14
N CYS H 194 -47.34 -44.36 26.34
CA CYS H 194 -48.37 -43.41 26.75
C CYS H 194 -49.65 -44.12 27.13
N LEU H 195 -50.07 -45.10 26.34
CA LEU H 195 -51.25 -45.90 26.70
C LEU H 195 -51.05 -46.65 28.02
N GLU H 196 -49.86 -47.18 28.24
CA GLU H 196 -49.51 -47.86 29.50
C GLU H 196 -49.61 -46.96 30.73
N LEU H 197 -49.40 -45.65 30.53
CA LEU H 197 -49.60 -44.65 31.59
C LEU H 197 -51.04 -44.67 32.09
N GLY H 198 -51.99 -44.99 31.20
CA GLY H 198 -53.40 -45.11 31.57
C GLY H 198 -53.68 -46.16 32.63
N GLU H 199 -53.02 -47.31 32.53
CA GLU H 199 -53.15 -48.34 33.54
C GLU H 199 -52.54 -47.87 34.84
N ILE H 200 -51.37 -47.24 34.74
CA ILE H 200 -50.69 -46.65 35.90
C ILE H 200 -51.60 -45.68 36.67
N CYS H 201 -52.34 -44.84 35.93
CA CYS H 201 -53.32 -43.93 36.53
C CYS H 201 -54.45 -44.66 37.26
N LYS H 202 -54.96 -45.73 36.64
CA LYS H 202 -55.96 -46.61 37.28
C LYS H 202 -55.44 -47.19 38.59
N GLU H 203 -54.28 -47.85 38.51
CA GLU H 203 -53.65 -48.49 39.67
C GLU H 203 -53.42 -47.50 40.82
N VAL H 204 -52.93 -46.31 40.47
CA VAL H 204 -52.63 -45.25 41.40
C VAL H 204 -53.90 -44.59 41.96
N GLY H 205 -55.01 -44.74 41.24
CA GLY H 205 -56.27 -44.16 41.66
C GLY H 205 -56.40 -42.67 41.37
N LEU H 206 -55.71 -42.22 40.32
CA LEU H 206 -55.87 -40.85 39.83
C LEU H 206 -57.36 -40.59 39.60
N PRO H 207 -57.87 -39.43 40.08
CA PRO H 207 -59.30 -39.17 39.92
C PRO H 207 -59.78 -39.15 38.47
N ARG H 208 -60.87 -39.87 38.25
CA ARG H 208 -61.64 -39.91 37.01
C ARG H 208 -61.52 -38.63 36.17
N GLY H 209 -61.02 -38.75 34.94
CA GLY H 209 -61.00 -37.62 33.98
C GLY H 209 -59.90 -36.59 34.11
N VAL H 210 -59.00 -36.74 35.09
CA VAL H 210 -57.88 -35.81 35.27
C VAL H 210 -56.85 -36.01 34.15
N LEU H 211 -56.60 -37.27 33.78
CA LEU H 211 -55.84 -37.59 32.59
C LEU H 211 -56.63 -38.48 31.64
N ASN H 212 -56.74 -38.02 30.39
CA ASN H 212 -57.36 -38.80 29.34
C ASN H 212 -56.38 -38.93 28.18
N ILE H 213 -56.32 -40.13 27.61
CA ILE H 213 -55.39 -40.41 26.53
C ILE H 213 -56.19 -40.77 25.28
N VAL H 214 -56.07 -39.90 24.28
CA VAL H 214 -56.79 -40.08 23.03
C VAL H 214 -55.78 -40.31 21.92
N THR H 215 -55.71 -41.55 21.49
CA THR H 215 -54.79 -42.00 20.46
C THR H 215 -55.45 -41.88 19.10
N GLY H 216 -54.66 -41.66 18.06
CA GLY H 216 -55.20 -41.63 16.70
C GLY H 216 -54.39 -40.84 15.68
N LEU H 217 -55.04 -40.56 14.55
CA LEU H 217 -54.44 -39.81 13.46
C LEU H 217 -54.44 -38.31 13.73
N GLY H 218 -53.33 -37.66 13.40
CA GLY H 218 -53.15 -36.21 13.57
C GLY H 218 -54.27 -35.36 13.02
N HIS H 219 -54.72 -35.66 11.80
CA HIS H 219 -55.77 -34.85 11.16
C HIS H 219 -57.19 -35.12 11.70
N GLU H 220 -57.37 -36.22 12.43
CA GLU H 220 -58.65 -36.55 13.05
C GLU H 220 -58.66 -36.29 14.55
N ALA H 221 -58.04 -37.18 15.31
CA ALA H 221 -57.98 -37.03 16.77
C ALA H 221 -57.28 -35.72 17.17
N GLY H 222 -56.13 -35.45 16.57
CA GLY H 222 -55.35 -34.23 16.86
C GLY H 222 -56.09 -32.94 16.54
N ALA H 223 -56.66 -32.85 15.35
CA ALA H 223 -57.41 -31.65 14.95
C ALA H 223 -58.71 -31.47 15.73
N SER H 224 -59.37 -32.59 16.05
CA SER H 224 -60.59 -32.51 16.86
C SER H 224 -60.33 -31.93 18.25
N LEU H 225 -59.23 -32.36 18.85
CA LEU H 225 -58.82 -31.89 20.18
C LEU H 225 -58.43 -30.42 20.19
N ALA H 226 -57.66 -30.01 19.17
CA ALA H 226 -57.16 -28.64 19.07
C ALA H 226 -58.27 -27.61 18.85
N SER H 227 -59.32 -28.00 18.14
CA SER H 227 -60.38 -27.06 17.76
C SER H 227 -61.57 -27.08 18.72
N HIS H 228 -61.46 -27.88 19.78
CA HIS H 228 -62.55 -28.05 20.74
C HIS H 228 -62.75 -26.79 21.59
N PRO H 229 -64.00 -26.32 21.69
CA PRO H 229 -64.26 -25.05 22.39
C PRO H 229 -64.00 -25.12 23.89
N ASP H 230 -64.00 -26.32 24.47
CA ASP H 230 -63.86 -26.46 25.91
C ASP H 230 -62.42 -26.72 26.38
N VAL H 231 -61.50 -26.77 25.43
CA VAL H 231 -60.06 -26.81 25.75
C VAL H 231 -59.60 -25.39 26.10
N ASP H 232 -58.90 -25.23 27.22
CA ASP H 232 -58.45 -23.91 27.65
C ASP H 232 -57.06 -23.51 27.14
N LYS H 233 -56.18 -24.50 26.96
CA LYS H 233 -54.87 -24.24 26.39
C LYS H 233 -54.34 -25.45 25.64
N ILE H 234 -53.61 -25.19 24.56
CA ILE H 234 -52.98 -26.23 23.78
C ILE H 234 -51.45 -26.15 23.96
N SER H 235 -50.86 -27.26 24.38
CA SER H 235 -49.41 -27.35 24.43
C SER H 235 -48.94 -28.37 23.41
N PHE H 236 -48.13 -27.91 22.46
CA PHE H 236 -47.76 -28.71 21.30
C PHE H 236 -46.26 -28.78 21.07
N THR H 237 -45.82 -29.99 20.72
CA THR H 237 -44.48 -30.22 20.23
C THR H 237 -44.57 -31.05 18.95
N GLY H 238 -43.90 -30.60 17.89
CA GLY H 238 -43.93 -31.31 16.62
C GLY H 238 -43.48 -30.47 15.45
N SER H 239 -43.99 -30.76 14.26
CA SER H 239 -43.54 -30.10 13.05
C SER H 239 -44.00 -28.64 12.98
N SER H 240 -43.20 -27.83 12.31
CA SER H 240 -43.42 -26.40 12.16
C SER H 240 -44.77 -26.07 11.52
N ALA H 241 -45.18 -26.87 10.54
CA ALA H 241 -46.41 -26.66 9.79
C ALA H 241 -47.65 -26.99 10.62
N THR H 242 -47.57 -28.09 11.36
CA THR H 242 -48.66 -28.50 12.25
C THR H 242 -48.80 -27.48 13.38
N GLY H 243 -47.68 -27.08 13.97
CA GLY H 243 -47.66 -26.00 14.96
C GLY H 243 -48.40 -24.77 14.47
N SER H 244 -48.16 -24.40 13.23
CA SER H 244 -48.78 -23.25 12.59
C SER H 244 -50.29 -23.45 12.42
N LYS H 245 -50.68 -24.69 12.07
CA LYS H 245 -52.09 -25.04 11.90
C LYS H 245 -52.84 -25.03 13.24
N ILE H 246 -52.17 -25.50 14.29
CA ILE H 246 -52.74 -25.51 15.63
C ILE H 246 -52.97 -24.12 16.19
N MET H 247 -52.03 -23.21 15.97
CA MET H 247 -52.18 -21.82 16.42
C MET H 247 -53.33 -21.14 15.67
N THR H 248 -53.47 -21.46 14.39
CA THR H 248 -54.56 -20.92 13.55
C THR H 248 -55.91 -21.34 14.10
N THR H 249 -56.01 -22.62 14.43
CA THR H 249 -57.21 -23.18 15.03
C THR H 249 -57.50 -22.53 16.38
N ALA H 250 -56.46 -22.46 17.23
CA ALA H 250 -56.55 -21.79 18.54
C ALA H 250 -57.04 -20.34 18.44
N ALA H 251 -56.65 -19.67 17.35
CA ALA H 251 -56.98 -18.27 17.13
C ALA H 251 -58.47 -18.05 16.97
N GLN H 252 -59.17 -19.06 16.45
CA GLN H 252 -60.64 -19.01 16.28
C GLN H 252 -61.37 -18.67 17.58
N LEU H 253 -60.90 -19.19 18.70
CA LEU H 253 -61.51 -18.91 20.00
C LEU H 253 -60.50 -18.28 20.97
N VAL H 254 -59.41 -17.75 20.40
CA VAL H 254 -58.37 -17.05 21.14
C VAL H 254 -57.81 -17.89 22.31
N LYS H 255 -57.59 -19.17 22.05
CA LYS H 255 -57.01 -20.07 23.05
C LYS H 255 -55.50 -19.86 23.10
N PRO H 256 -54.93 -19.75 24.32
CA PRO H 256 -53.47 -19.72 24.45
C PRO H 256 -52.81 -21.03 24.01
N VAL H 257 -51.56 -20.90 23.59
CA VAL H 257 -50.84 -21.96 22.92
C VAL H 257 -49.37 -21.88 23.34
N SER H 258 -48.72 -23.04 23.44
CA SER H 258 -47.26 -23.10 23.55
C SER H 258 -46.70 -24.06 22.50
N LEU H 259 -45.66 -23.63 21.80
CA LEU H 259 -45.12 -24.37 20.65
C LEU H 259 -43.62 -24.63 20.74
N GLU H 260 -43.24 -25.91 20.67
CA GLU H 260 -41.85 -26.31 20.50
C GLU H 260 -41.78 -27.07 19.17
N LEU H 261 -41.15 -26.43 18.18
CA LEU H 261 -41.15 -26.94 16.81
C LEU H 261 -39.75 -27.37 16.39
N GLY H 262 -39.52 -27.41 15.08
CA GLY H 262 -38.22 -27.82 14.57
C GLY H 262 -37.02 -27.05 15.09
N GLY H 263 -35.91 -27.23 14.38
CA GLY H 263 -34.69 -26.52 14.68
C GLY H 263 -33.67 -26.82 13.62
N LYS H 264 -32.78 -25.88 13.39
CA LYS H 264 -31.58 -26.12 12.62
C LYS H 264 -30.43 -25.55 13.45
N SER H 265 -30.20 -26.18 14.59
CA SER H 265 -29.28 -25.69 15.61
C SER H 265 -27.82 -25.74 15.17
N PRO H 266 -27.05 -24.68 15.49
CA PRO H 266 -25.64 -24.67 15.16
C PRO H 266 -24.75 -25.16 16.30
N ILE H 267 -23.63 -25.75 15.94
CA ILE H 267 -22.54 -26.02 16.88
C ILE H 267 -21.25 -25.38 16.36
N VAL H 268 -20.80 -24.36 17.08
CA VAL H 268 -19.61 -23.60 16.69
C VAL H 268 -18.39 -24.16 17.41
N VAL H 269 -17.39 -24.59 16.63
CA VAL H 269 -16.17 -25.17 17.18
C VAL H 269 -14.92 -24.32 16.84
N PHE H 270 -14.26 -23.81 17.87
CA PHE H 270 -13.04 -23.04 17.71
C PHE H 270 -11.81 -23.93 17.82
N GLU H 271 -10.64 -23.38 17.51
CA GLU H 271 -9.39 -24.13 17.46
C GLU H 271 -8.86 -24.57 18.84
N ASP H 272 -9.14 -23.78 19.88
CA ASP H 272 -8.67 -24.07 21.25
C ASP H 272 -9.52 -25.15 21.90
N VAL H 273 -9.37 -26.37 21.39
CA VAL H 273 -10.30 -27.45 21.68
C VAL H 273 -9.60 -28.81 21.67
N ASP H 274 -9.96 -29.64 22.64
CA ASP H 274 -9.57 -31.05 22.62
C ASP H 274 -10.38 -31.73 21.51
N LEU H 275 -9.76 -31.85 20.33
CA LEU H 275 -10.46 -32.29 19.12
C LEU H 275 -11.25 -33.60 19.27
N ASP H 276 -10.71 -34.55 20.02
CA ASP H 276 -11.36 -35.84 20.21
C ASP H 276 -12.56 -35.78 21.14
N LYS H 277 -12.43 -35.03 22.24
CA LYS H 277 -13.52 -34.90 23.20
C LYS H 277 -14.72 -34.14 22.63
N VAL H 278 -14.47 -33.07 21.87
CA VAL H 278 -15.59 -32.32 21.28
C VAL H 278 -16.18 -33.05 20.07
N ALA H 279 -15.37 -33.91 19.44
CA ALA H 279 -15.84 -34.76 18.35
C ALA H 279 -16.97 -35.67 18.80
N GLU H 280 -16.79 -36.34 19.95
CA GLU H 280 -17.86 -37.13 20.57
C GLU H 280 -19.12 -36.28 20.73
N TRP H 281 -18.96 -35.08 21.31
CA TRP H 281 -20.08 -34.17 21.55
C TRP H 281 -20.84 -33.79 20.29
N THR H 282 -20.14 -33.42 19.23
CA THR H 282 -20.80 -33.03 17.98
C THR H 282 -21.50 -34.24 17.33
N VAL H 283 -20.81 -35.37 17.31
CA VAL H 283 -21.41 -36.64 16.89
C VAL H 283 -22.67 -36.95 17.73
N PHE H 284 -22.56 -36.79 19.05
CA PHE H 284 -23.68 -36.96 19.96
C PHE H 284 -24.82 -36.01 19.59
N GLY H 285 -24.46 -34.76 19.32
CA GLY H 285 -25.43 -33.70 19.08
C GLY H 285 -26.23 -33.80 17.79
N CYS H 286 -25.79 -34.68 16.89
CA CYS H 286 -26.48 -34.84 15.61
C CYS H 286 -27.03 -36.24 15.36
N PHE H 287 -26.46 -37.25 16.01
CA PHE H 287 -26.82 -38.65 15.70
C PHE H 287 -27.60 -39.34 16.81
N PHE H 288 -27.56 -38.78 18.02
CA PHE H 288 -28.35 -39.30 19.14
C PHE H 288 -29.83 -39.36 18.76
N THR H 289 -30.56 -40.31 19.34
CA THR H 289 -31.97 -40.56 19.00
C THR H 289 -32.15 -40.75 17.50
N ASN H 290 -31.14 -41.36 16.89
CA ASN H 290 -31.10 -41.58 15.43
C ASN H 290 -31.22 -40.27 14.64
N GLY H 291 -30.74 -39.19 15.23
CA GLY H 291 -30.78 -37.86 14.61
C GLY H 291 -32.12 -37.16 14.72
N GLN H 292 -33.07 -37.78 15.42
CA GLN H 292 -34.44 -37.25 15.53
C GLN H 292 -34.61 -36.45 16.83
N ILE H 293 -33.86 -35.36 16.92
CA ILE H 293 -33.90 -34.45 18.07
C ILE H 293 -34.33 -33.09 17.55
N CYS H 294 -35.32 -32.46 18.20
CA CYS H 294 -35.77 -31.14 17.78
C CYS H 294 -34.62 -30.14 17.83
N SER H 295 -33.77 -30.29 18.85
CA SER H 295 -32.64 -29.39 19.07
C SER H 295 -31.32 -30.01 18.59
N ALA H 296 -31.39 -30.95 17.66
CA ALA H 296 -30.18 -31.54 17.08
C ALA H 296 -29.26 -30.46 16.52
N THR H 297 -27.99 -30.50 16.90
CA THR H 297 -27.01 -29.57 16.35
C THR H 297 -26.49 -30.14 15.03
N SER H 298 -27.21 -29.81 13.96
CA SER H 298 -27.04 -30.41 12.65
C SER H 298 -26.29 -29.51 11.68
N ARG H 299 -25.84 -28.37 12.18
CA ARG H 299 -24.99 -27.45 11.41
C ARG H 299 -23.69 -27.22 12.16
N LEU H 300 -22.62 -27.86 11.68
CA LEU H 300 -21.29 -27.71 12.25
C LEU H 300 -20.62 -26.50 11.60
N ILE H 301 -20.03 -25.67 12.45
CA ILE H 301 -19.36 -24.46 12.01
C ILE H 301 -17.96 -24.49 12.64
N VAL H 302 -16.99 -24.97 11.86
CA VAL H 302 -15.62 -25.20 12.33
C VAL H 302 -14.61 -24.20 11.81
N HIS H 303 -13.67 -23.82 12.67
CA HIS H 303 -12.58 -22.94 12.28
C HIS H 303 -11.72 -23.65 11.25
N GLU H 304 -11.32 -22.90 10.22
CA GLU H 304 -10.58 -23.45 9.07
C GLU H 304 -9.25 -24.13 9.42
N SER H 305 -8.60 -23.71 10.51
CA SER H 305 -7.28 -24.24 10.88
C SER H 305 -7.32 -25.67 11.46
N ILE H 306 -8.48 -26.10 11.94
CA ILE H 306 -8.63 -27.46 12.48
C ILE H 306 -9.64 -28.29 11.68
N ALA H 307 -10.29 -27.66 10.72
CA ALA H 307 -11.41 -28.23 9.98
C ALA H 307 -11.12 -29.60 9.36
N VAL H 308 -9.96 -29.75 8.74
CA VAL H 308 -9.63 -31.00 8.05
C VAL H 308 -9.46 -32.17 9.02
N GLU H 309 -8.66 -31.99 10.06
CA GLU H 309 -8.39 -33.07 11.01
C GLU H 309 -9.56 -33.34 11.95
N PHE H 310 -10.34 -32.29 12.25
CA PHE H 310 -11.54 -32.44 13.08
C PHE H 310 -12.62 -33.28 12.38
N VAL H 311 -12.94 -32.93 11.14
CA VAL H 311 -13.95 -33.65 10.36
C VAL H 311 -13.50 -35.09 10.08
N ASP H 312 -12.19 -35.29 9.96
CA ASP H 312 -11.65 -36.64 9.78
C ASP H 312 -11.87 -37.50 11.03
N LYS H 313 -11.69 -36.90 12.20
CA LYS H 313 -11.96 -37.59 13.47
C LYS H 313 -13.46 -37.84 13.64
N LEU H 314 -14.26 -36.88 13.20
CA LEU H 314 -15.72 -37.05 13.12
C LEU H 314 -16.09 -38.29 12.34
N VAL H 315 -15.58 -38.38 11.10
CA VAL H 315 -15.86 -39.52 10.22
C VAL H 315 -15.58 -40.85 10.93
N LYS H 316 -14.44 -40.94 11.59
CA LYS H 316 -14.02 -42.15 12.28
C LYS H 316 -14.89 -42.48 13.49
N TRP H 317 -15.34 -41.46 14.22
CA TRP H 317 -16.31 -41.64 15.30
C TRP H 317 -17.65 -42.13 14.75
N ALA H 318 -18.09 -41.49 13.66
CA ALA H 318 -19.33 -41.83 12.99
C ALA H 318 -19.33 -43.25 12.42
N GLU H 319 -18.18 -43.70 11.90
CA GLU H 319 -18.08 -45.03 11.30
C GLU H 319 -17.91 -46.14 12.34
N ASN H 320 -17.66 -45.75 13.58
CA ASN H 320 -17.53 -46.71 14.68
C ASN H 320 -18.83 -46.84 15.51
N ILE H 321 -19.88 -46.16 15.08
CA ILE H 321 -21.18 -46.24 15.76
C ILE H 321 -21.89 -47.53 15.36
N LYS H 322 -22.15 -48.40 16.34
CA LYS H 322 -22.83 -49.66 16.07
C LYS H 322 -24.28 -49.43 15.69
N ILE H 323 -24.62 -49.84 14.47
CA ILE H 323 -25.99 -49.74 14.00
C ILE H 323 -26.62 -51.13 13.88
N SER H 324 -27.70 -51.33 14.61
CA SER H 324 -28.35 -52.64 14.73
C SER H 324 -29.81 -52.48 15.14
N ASP H 325 -30.50 -53.60 15.25
CA ASP H 325 -31.77 -53.66 15.97
C ASP H 325 -31.56 -53.00 17.34
N PRO H 326 -32.47 -52.09 17.74
CA PRO H 326 -32.33 -51.31 18.97
C PRO H 326 -32.23 -52.13 20.26
N LEU H 327 -32.58 -53.41 20.19
CA LEU H 327 -32.51 -54.29 21.37
C LEU H 327 -31.21 -55.09 21.47
N GLU H 328 -30.47 -55.20 20.35
CA GLU H 328 -29.17 -55.89 20.34
C GLU H 328 -28.17 -55.11 21.20
N GLU H 329 -27.37 -55.84 21.97
CA GLU H 329 -26.44 -55.26 22.94
C GLU H 329 -25.45 -54.29 22.29
N GLY H 330 -25.26 -53.13 22.91
CA GLY H 330 -24.32 -52.12 22.44
C GLY H 330 -24.81 -51.23 21.30
N CYS H 331 -26.09 -51.35 20.93
CA CYS H 331 -26.68 -50.53 19.88
C CYS H 331 -26.51 -49.03 20.16
N ARG H 332 -26.09 -48.28 19.14
CA ARG H 332 -25.84 -46.86 19.28
C ARG H 332 -26.54 -46.07 18.18
N LEU H 333 -27.20 -46.79 17.27
CA LEU H 333 -28.06 -46.20 16.26
C LEU H 333 -29.08 -47.22 15.77
N GLY H 334 -30.34 -46.94 16.06
CA GLY H 334 -31.44 -47.75 15.55
C GLY H 334 -31.94 -47.19 14.23
N PRO H 335 -33.10 -47.69 13.76
CA PRO H 335 -33.71 -47.26 12.50
C PRO H 335 -34.50 -45.96 12.61
N ILE H 336 -34.72 -45.30 11.49
CA ILE H 336 -35.65 -44.17 11.40
C ILE H 336 -37.06 -44.70 11.71
N VAL H 337 -37.87 -43.88 12.38
CA VAL H 337 -39.19 -44.28 12.90
C VAL H 337 -40.16 -44.95 11.91
N SER H 338 -40.20 -44.49 10.66
CA SER H 338 -41.21 -44.93 9.69
C SER H 338 -40.69 -44.92 8.25
N GLU H 339 -41.42 -45.60 7.36
CA GLU H 339 -41.09 -45.62 5.94
C GLU H 339 -41.06 -44.22 5.35
N ALA H 340 -42.10 -43.43 5.64
CA ALA H 340 -42.22 -42.08 5.10
C ALA H 340 -41.05 -41.19 5.52
N GLN H 341 -40.68 -41.29 6.80
CA GLN H 341 -39.54 -40.55 7.34
C GLN H 341 -38.22 -41.02 6.76
N TYR H 342 -38.07 -42.34 6.63
CA TYR H 342 -36.89 -42.95 5.99
C TYR H 342 -36.65 -42.34 4.61
N LYS H 343 -37.69 -42.33 3.77
CA LYS H 343 -37.60 -41.76 2.42
C LYS H 343 -37.28 -40.26 2.44
N LYS H 344 -37.85 -39.53 3.40
CA LYS H 344 -37.60 -38.10 3.55
C LYS H 344 -36.15 -37.79 3.90
N VAL H 345 -35.57 -38.59 4.79
CA VAL H 345 -34.17 -38.43 5.17
C VAL H 345 -33.30 -38.65 3.95
N LEU H 346 -33.54 -39.77 3.26
CA LEU H 346 -32.78 -40.12 2.05
C LEU H 346 -32.87 -39.06 0.96
N ASN H 347 -34.06 -38.51 0.75
CA ASN H 347 -34.25 -37.42 -0.20
C ASN H 347 -33.44 -36.16 0.12
N CYS H 348 -33.23 -35.90 1.41
CA CYS H 348 -32.41 -34.76 1.83
C CYS H 348 -30.94 -34.99 1.49
N ILE H 349 -30.50 -36.25 1.64
CA ILE H 349 -29.12 -36.63 1.36
C ILE H 349 -28.82 -36.55 -0.13
N SER H 350 -29.71 -37.08 -0.97
CA SER H 350 -29.52 -37.05 -2.41
C SER H 350 -29.63 -35.63 -3.00
N SER H 351 -30.52 -34.81 -2.43
CA SER H 351 -30.68 -33.40 -2.82
C SER H 351 -29.41 -32.61 -2.52
N ALA H 352 -28.80 -32.91 -1.38
CA ALA H 352 -27.50 -32.33 -1.03
C ALA H 352 -26.45 -32.66 -2.09
N LYS H 353 -26.49 -33.89 -2.60
CA LYS H 353 -25.56 -34.32 -3.65
C LYS H 353 -25.84 -33.59 -4.97
N SER H 354 -27.12 -33.50 -5.32
CA SER H 354 -27.57 -32.75 -6.50
C SER H 354 -27.09 -31.30 -6.52
N GLU H 355 -27.11 -30.64 -5.36
CA GLU H 355 -26.77 -29.23 -5.26
C GLU H 355 -25.27 -28.99 -5.14
N GLY H 356 -24.50 -30.07 -5.12
CA GLY H 356 -23.03 -29.99 -5.17
C GLY H 356 -22.29 -30.20 -3.87
N ALA H 357 -22.99 -30.73 -2.86
CA ALA H 357 -22.35 -30.99 -1.57
C ALA H 357 -21.66 -32.35 -1.56
N THR H 358 -20.69 -32.53 -0.66
CA THR H 358 -19.93 -33.78 -0.58
C THR H 358 -20.43 -34.68 0.55
N ILE H 359 -20.73 -35.93 0.19
CA ILE H 359 -21.10 -36.96 1.16
C ILE H 359 -19.83 -37.68 1.62
N LEU H 360 -19.21 -37.18 2.70
CA LEU H 360 -17.97 -37.76 3.23
C LEU H 360 -18.12 -39.16 3.79
N THR H 361 -19.20 -39.40 4.52
CA THR H 361 -19.48 -40.73 5.06
C THR H 361 -20.99 -40.98 5.15
N GLY H 362 -21.37 -42.26 5.26
CA GLY H 362 -22.77 -42.65 5.30
C GLY H 362 -23.54 -42.28 4.04
N GLY H 363 -24.78 -41.85 4.22
CA GLY H 363 -25.62 -41.44 3.10
C GLY H 363 -26.31 -42.60 2.40
N ARG H 364 -26.20 -43.79 2.99
CA ARG H 364 -26.78 -45.00 2.42
C ARG H 364 -27.21 -45.95 3.53
N ARG H 365 -28.03 -46.95 3.20
CA ARG H 365 -28.38 -47.98 4.18
C ARG H 365 -27.18 -48.91 4.43
N PRO H 366 -27.01 -49.37 5.68
CA PRO H 366 -25.89 -50.25 6.02
C PRO H 366 -25.90 -51.54 5.23
N GLU H 367 -24.70 -51.98 4.85
CA GLU H 367 -24.50 -53.19 4.05
C GLU H 367 -25.06 -54.44 4.73
N HIS H 368 -24.93 -54.50 6.05
CA HIS H 368 -25.29 -55.68 6.85
C HIS H 368 -26.73 -55.68 7.41
N LEU H 369 -27.55 -54.72 6.98
CA LEU H 369 -28.95 -54.66 7.38
C LEU H 369 -29.86 -54.56 6.16
N LYS H 370 -30.40 -55.70 5.74
CA LYS H 370 -31.20 -55.77 4.53
C LYS H 370 -32.59 -55.18 4.72
N LYS H 371 -33.15 -55.40 5.92
CA LYS H 371 -34.49 -54.91 6.25
C LYS H 371 -34.42 -53.85 7.36
N GLY H 372 -35.45 -53.01 7.44
CA GLY H 372 -35.50 -51.92 8.41
C GLY H 372 -35.22 -50.57 7.78
N TYR H 373 -35.49 -49.50 8.53
CA TYR H 373 -35.30 -48.14 8.02
C TYR H 373 -33.98 -47.54 8.54
N PHE H 374 -32.88 -48.22 8.22
CA PHE H 374 -31.56 -47.88 8.71
C PHE H 374 -30.78 -47.00 7.73
N VAL H 375 -30.27 -45.89 8.25
CA VAL H 375 -29.38 -45.03 7.50
C VAL H 375 -28.09 -44.90 8.30
N GLU H 376 -26.97 -44.88 7.59
CA GLU H 376 -25.66 -44.67 8.21
C GLU H 376 -25.52 -43.20 8.63
N PRO H 377 -24.81 -42.95 9.76
CA PRO H 377 -24.49 -41.58 10.15
C PRO H 377 -23.82 -40.87 8.98
N THR H 378 -24.35 -39.72 8.61
CA THR H 378 -23.95 -39.03 7.40
C THR H 378 -23.35 -37.67 7.71
N ILE H 379 -22.16 -37.42 7.16
CA ILE H 379 -21.51 -36.13 7.29
C ILE H 379 -21.36 -35.48 5.93
N ILE H 380 -22.13 -34.42 5.73
CA ILE H 380 -22.12 -33.70 4.46
C ILE H 380 -21.24 -32.47 4.56
N THR H 381 -20.25 -32.40 3.68
CA THR H 381 -19.25 -31.34 3.70
C THR H 381 -19.37 -30.48 2.43
N ASP H 382 -18.59 -29.39 2.35
CA ASP H 382 -18.66 -28.42 1.23
C ASP H 382 -20.08 -27.88 1.02
N VAL H 383 -20.73 -27.55 2.13
CA VAL H 383 -22.11 -27.06 2.11
C VAL H 383 -22.12 -25.57 1.83
N THR H 384 -23.15 -25.12 1.11
CA THR H 384 -23.35 -23.71 0.79
C THR H 384 -24.64 -23.21 1.44
N THR H 385 -24.62 -21.94 1.82
CA THR H 385 -25.76 -21.25 2.45
C THR H 385 -27.10 -21.37 1.72
N SER H 386 -27.05 -21.53 0.40
CA SER H 386 -28.27 -21.59 -0.41
C SER H 386 -28.85 -23.00 -0.53
N MET H 387 -28.16 -23.99 0.04
CA MET H 387 -28.57 -25.40 -0.06
C MET H 387 -29.68 -25.79 0.94
N GLN H 388 -30.47 -26.79 0.54
CA GLN H 388 -31.54 -27.33 1.38
C GLN H 388 -31.07 -27.86 2.73
N ILE H 389 -30.02 -28.70 2.74
CA ILE H 389 -29.51 -29.27 4.01
C ILE H 389 -28.95 -28.24 4.97
N TRP H 390 -28.64 -27.04 4.49
CA TRP H 390 -28.22 -25.96 5.37
C TRP H 390 -29.44 -25.32 6.01
N ARG H 391 -30.50 -25.18 5.22
CA ARG H 391 -31.73 -24.48 5.62
C ARG H 391 -32.78 -25.36 6.32
N GLU H 392 -33.06 -26.55 5.79
CA GLU H 392 -34.17 -27.39 6.25
C GLU H 392 -33.78 -28.45 7.28
N GLU H 393 -34.71 -28.71 8.21
CA GLU H 393 -34.57 -29.77 9.20
C GLU H 393 -34.69 -31.13 8.52
N VAL H 394 -33.67 -31.97 8.75
CA VAL H 394 -33.60 -33.29 8.13
C VAL H 394 -34.29 -34.32 9.01
N PHE H 395 -34.05 -34.21 10.32
CA PHE H 395 -34.58 -35.15 11.31
C PHE H 395 -34.09 -36.58 11.03
N GLY H 396 -32.78 -36.67 10.77
CA GLY H 396 -32.08 -37.93 10.55
C GLY H 396 -30.62 -37.75 10.92
N PRO H 397 -29.84 -38.84 10.93
CA PRO H 397 -28.46 -38.71 11.42
C PRO H 397 -27.54 -38.10 10.36
N VAL H 398 -27.79 -36.81 10.04
CA VAL H 398 -27.13 -36.10 8.96
C VAL H 398 -26.58 -34.76 9.45
N LEU H 399 -25.26 -34.60 9.38
CA LEU H 399 -24.60 -33.37 9.81
C LEU H 399 -24.04 -32.58 8.63
N ALA H 400 -24.48 -31.32 8.52
CA ALA H 400 -23.97 -30.40 7.50
C ALA H 400 -22.83 -29.55 8.08
N VAL H 401 -21.76 -29.40 7.30
CA VAL H 401 -20.51 -28.78 7.78
C VAL H 401 -20.12 -27.57 6.94
N LYS H 402 -19.89 -26.44 7.62
CA LYS H 402 -19.30 -25.25 7.01
C LYS H 402 -18.10 -24.78 7.81
N THR H 403 -17.33 -23.86 7.22
CA THR H 403 -16.04 -23.45 7.78
C THR H 403 -16.04 -21.94 8.04
N PHE H 404 -15.20 -21.49 8.97
CA PHE H 404 -15.07 -20.05 9.25
C PHE H 404 -13.65 -19.61 9.66
N SER H 405 -13.41 -18.29 9.67
CA SER H 405 -12.13 -17.72 10.06
C SER H 405 -12.25 -16.82 11.29
N THR H 406 -13.11 -15.80 11.19
CA THR H 406 -13.30 -14.84 12.28
C THR H 406 -14.48 -15.20 13.17
N GLU H 407 -14.43 -14.75 14.42
CA GLU H 407 -15.52 -14.97 15.37
C GLU H 407 -16.83 -14.37 14.89
N GLU H 408 -16.76 -13.22 14.23
CA GLU H 408 -17.91 -12.55 13.65
C GLU H 408 -18.56 -13.38 12.54
N GLU H 409 -17.72 -14.08 11.78
CA GLU H 409 -18.20 -14.93 10.68
C GLU H 409 -18.92 -16.16 11.23
N ALA H 410 -18.45 -16.65 12.37
CA ALA H 410 -19.08 -17.78 13.04
C ALA H 410 -20.51 -17.47 13.50
N ILE H 411 -20.71 -16.33 14.15
CA ILE H 411 -22.05 -16.02 14.69
C ILE H 411 -23.05 -15.71 13.57
N ASN H 412 -22.59 -15.06 12.51
CA ASN H 412 -23.42 -14.82 11.34
C ASN H 412 -23.89 -16.13 10.72
N LEU H 413 -22.96 -17.08 10.60
CA LEU H 413 -23.30 -18.42 10.10
C LEU H 413 -24.26 -19.14 11.05
N ALA H 414 -23.99 -19.04 12.34
CA ALA H 414 -24.80 -19.70 13.36
C ALA H 414 -26.23 -19.16 13.38
N ASN H 415 -26.36 -17.85 13.23
CA ASN H 415 -27.66 -17.18 13.20
C ASN H 415 -28.30 -17.16 11.82
N ASP H 416 -27.66 -17.79 10.84
CA ASP H 416 -28.21 -17.86 9.48
C ASP H 416 -29.31 -18.93 9.35
N THR H 417 -30.44 -18.67 10.01
CA THR H 417 -31.59 -19.58 10.08
C THR H 417 -32.83 -18.84 10.56
N HIS H 418 -34.01 -19.33 10.17
CA HIS H 418 -35.27 -18.80 10.71
C HIS H 418 -35.67 -19.50 12.02
N TYR H 419 -34.97 -20.58 12.34
CA TYR H 419 -35.16 -21.31 13.59
C TYR H 419 -34.36 -20.68 14.73
N GLY H 420 -34.47 -21.25 15.93
CA GLY H 420 -33.77 -20.74 17.10
C GLY H 420 -34.08 -21.52 18.36
N LEU H 421 -33.78 -22.82 18.34
CA LEU H 421 -34.05 -23.67 19.50
C LEU H 421 -32.79 -23.83 20.35
N GLY H 422 -31.87 -24.69 19.88
CA GLY H 422 -30.61 -24.92 20.56
C GLY H 422 -29.44 -24.25 19.86
N SER H 423 -28.25 -24.41 20.45
CA SER H 423 -27.01 -23.86 19.91
C SER H 423 -25.87 -24.27 20.83
N ALA H 424 -24.67 -24.44 20.26
CA ALA H 424 -23.53 -24.89 21.04
C ALA H 424 -22.23 -24.19 20.68
N VAL H 425 -21.43 -23.87 21.70
CA VAL H 425 -20.09 -23.29 21.54
C VAL H 425 -19.07 -24.24 22.15
N MET H 426 -18.06 -24.60 21.35
CA MET H 426 -16.95 -25.41 21.83
C MET H 426 -15.65 -24.62 21.72
N SER H 427 -15.11 -24.24 22.87
CA SER H 427 -13.88 -23.43 22.97
C SER H 427 -13.38 -23.46 24.42
N ASN H 428 -12.08 -23.57 24.62
CA ASN H 428 -11.48 -23.56 25.95
C ASN H 428 -11.52 -22.18 26.61
N ASP H 429 -11.55 -21.14 25.78
CA ASP H 429 -11.65 -19.77 26.25
C ASP H 429 -13.09 -19.45 26.67
N LEU H 430 -13.35 -19.51 27.98
CA LEU H 430 -14.71 -19.33 28.52
C LEU H 430 -15.27 -17.92 28.31
N GLU H 431 -14.37 -16.95 28.13
CA GLU H 431 -14.73 -15.57 27.88
C GLU H 431 -15.35 -15.42 26.50
N ARG H 432 -14.78 -16.14 25.55
CA ARG H 432 -15.29 -16.20 24.18
C ARG H 432 -16.63 -16.97 24.14
N CYS H 433 -16.75 -17.99 24.99
CA CYS H 433 -17.99 -18.78 25.12
C CYS H 433 -19.17 -17.93 25.59
N GLU H 434 -18.92 -17.08 26.58
CA GLU H 434 -19.93 -16.17 27.12
C GLU H 434 -20.34 -15.12 26.09
N ARG H 435 -19.37 -14.68 25.30
CA ARG H 435 -19.60 -13.74 24.21
C ARG H 435 -20.57 -14.35 23.19
N LEU H 436 -20.31 -15.60 22.81
CA LEU H 436 -21.15 -16.31 21.85
C LEU H 436 -22.50 -16.71 22.41
N SER H 437 -22.54 -17.04 23.70
CA SER H 437 -23.80 -17.37 24.36
C SER H 437 -24.77 -16.19 24.32
N LYS H 438 -24.24 -14.97 24.35
CA LYS H 438 -25.04 -13.76 24.24
C LYS H 438 -25.50 -13.50 22.81
N ALA H 439 -24.63 -13.78 21.85
CA ALA H 439 -24.89 -13.46 20.45
C ALA H 439 -25.70 -14.52 19.69
N LEU H 440 -25.73 -15.75 20.19
CA LEU H 440 -26.49 -16.82 19.55
C LEU H 440 -28.01 -16.65 19.70
N GLN H 441 -28.72 -16.60 18.57
CA GLN H 441 -30.18 -16.45 18.57
C GLN H 441 -30.89 -17.78 18.78
N ALA H 442 -30.97 -18.22 20.03
CA ALA H 442 -31.59 -19.49 20.38
C ALA H 442 -32.13 -19.46 21.80
N GLY H 443 -33.00 -20.42 22.12
CA GLY H 443 -33.54 -20.54 23.47
C GLY H 443 -32.59 -21.26 24.42
N ILE H 444 -31.71 -22.08 23.85
CA ILE H 444 -30.73 -22.85 24.64
C ILE H 444 -29.33 -22.72 24.05
N VAL H 445 -28.37 -22.43 24.92
CA VAL H 445 -26.95 -22.40 24.55
C VAL H 445 -26.20 -23.43 25.39
N TRP H 446 -25.56 -24.38 24.72
CA TRP H 446 -24.69 -25.36 25.36
C TRP H 446 -23.22 -24.95 25.21
N ILE H 447 -22.49 -24.95 26.31
CA ILE H 447 -21.06 -24.63 26.29
C ILE H 447 -20.21 -25.86 26.54
N ASN H 448 -19.34 -26.17 25.58
CA ASN H 448 -18.45 -27.34 25.62
C ASN H 448 -19.20 -28.65 25.85
N CYS H 449 -20.41 -28.69 25.30
CA CYS H 449 -21.26 -29.89 25.24
C CYS H 449 -22.38 -29.61 24.24
N ALA H 450 -23.30 -30.56 24.09
CA ALA H 450 -24.47 -30.39 23.23
C ALA H 450 -25.52 -31.44 23.58
N GLN H 451 -26.77 -30.98 23.71
CA GLN H 451 -27.99 -31.82 23.87
C GLN H 451 -28.55 -32.08 25.29
N PRO H 452 -27.75 -31.96 26.38
CA PRO H 452 -28.36 -32.24 27.68
C PRO H 452 -29.54 -31.33 28.03
N SER H 453 -30.61 -31.91 28.56
CA SER H 453 -31.80 -31.17 28.95
C SER H 453 -32.19 -31.45 30.39
N PHE H 454 -31.63 -30.66 31.31
CA PHE H 454 -31.95 -30.82 32.73
C PHE H 454 -33.37 -30.37 33.04
N ILE H 455 -34.01 -31.12 33.93
CA ILE H 455 -35.41 -30.90 34.31
C ILE H 455 -35.57 -29.60 35.13
N GLN H 456 -34.45 -29.04 35.58
CA GLN H 456 -34.43 -27.84 36.41
C GLN H 456 -34.39 -26.55 35.59
N ALA H 457 -33.98 -26.66 34.33
CA ALA H 457 -33.75 -25.49 33.49
C ALA H 457 -34.83 -25.33 32.41
N PRO H 458 -35.16 -24.07 32.06
CA PRO H 458 -36.22 -23.80 31.07
C PRO H 458 -35.84 -24.21 29.63
N TRP H 459 -36.81 -24.81 28.94
CA TRP H 459 -36.61 -25.37 27.60
C TRP H 459 -37.63 -24.80 26.60
N GLY H 460 -37.14 -24.40 25.44
CA GLY H 460 -37.98 -23.78 24.42
C GLY H 460 -37.16 -22.97 23.45
N GLY H 461 -37.80 -22.53 22.38
CA GLY H 461 -37.09 -21.83 21.33
C GLY H 461 -37.60 -20.43 21.11
N ILE H 462 -36.94 -19.74 20.18
CA ILE H 462 -37.36 -18.43 19.74
C ILE H 462 -37.55 -18.51 18.23
N LYS H 463 -38.00 -17.41 17.63
CA LYS H 463 -38.18 -17.34 16.18
C LYS H 463 -39.13 -18.45 15.72
N ARG H 464 -38.79 -19.18 14.66
CA ARG H 464 -39.71 -20.19 14.14
C ARG H 464 -39.65 -21.56 14.82
N SER H 465 -38.85 -21.65 15.88
CA SER H 465 -38.84 -22.83 16.73
C SER H 465 -39.94 -22.75 17.80
N GLY H 466 -40.66 -21.64 17.82
CA GLY H 466 -41.84 -21.48 18.66
C GLY H 466 -41.64 -20.52 19.81
N PHE H 467 -42.49 -20.67 20.83
CA PHE H 467 -42.48 -19.82 22.02
C PHE H 467 -43.07 -20.58 23.22
N GLY H 468 -42.81 -20.06 24.40
CA GLY H 468 -43.18 -20.74 25.63
C GLY H 468 -42.03 -21.62 26.09
N ARG H 469 -41.96 -21.85 27.40
CA ARG H 469 -40.93 -22.68 27.99
C ARG H 469 -41.53 -23.83 28.78
N GLU H 470 -40.89 -25.00 28.66
CA GLU H 470 -41.22 -26.16 29.46
C GLU H 470 -40.06 -26.42 30.42
N LEU H 471 -40.24 -27.36 31.34
CA LEU H 471 -39.23 -27.75 32.32
C LEU H 471 -38.97 -26.66 33.35
N GLY H 472 -38.34 -27.04 34.46
CA GLY H 472 -38.14 -26.12 35.58
C GLY H 472 -39.48 -25.56 36.06
N GLU H 473 -39.43 -24.41 36.72
CA GLU H 473 -40.64 -23.73 37.21
C GLU H 473 -41.43 -23.09 36.05
N TRP H 474 -40.75 -22.82 34.95
CA TRP H 474 -41.39 -22.29 33.73
C TRP H 474 -42.43 -23.25 33.17
N GLY H 475 -42.08 -24.54 33.13
CA GLY H 475 -43.01 -25.60 32.76
C GLY H 475 -44.29 -25.61 33.59
N LEU H 476 -44.16 -25.37 34.89
CA LEU H 476 -45.32 -25.23 35.78
C LEU H 476 -46.14 -23.99 35.43
N GLU H 477 -45.46 -22.86 35.21
CA GLU H 477 -46.13 -21.59 34.89
C GLU H 477 -46.98 -21.68 33.65
N ASN H 478 -46.55 -22.54 32.72
CA ASN H 478 -47.23 -22.75 31.45
C ASN H 478 -48.68 -23.20 31.62
N TYR H 479 -48.99 -23.78 32.78
CA TYR H 479 -50.34 -24.31 33.04
C TYR H 479 -51.06 -23.61 34.18
N LEU H 480 -50.51 -22.48 34.61
CA LEU H 480 -51.11 -21.65 35.62
C LEU H 480 -51.58 -20.34 35.00
N SER H 481 -52.64 -19.76 35.54
CA SER H 481 -52.95 -18.36 35.19
C SER H 481 -52.92 -17.49 36.43
N VAL H 482 -52.44 -16.26 36.26
CA VAL H 482 -52.29 -15.34 37.38
C VAL H 482 -53.60 -14.59 37.56
N LYS H 483 -54.10 -14.58 38.79
CA LYS H 483 -55.28 -13.79 39.15
C LYS H 483 -54.88 -12.70 40.14
N GLN H 484 -55.21 -11.46 39.80
CA GLN H 484 -55.01 -10.33 40.70
C GLN H 484 -56.23 -10.14 41.60
N VAL H 485 -56.00 -10.09 42.90
CA VAL H 485 -57.05 -9.80 43.88
C VAL H 485 -56.71 -8.51 44.62
N THR H 486 -57.45 -7.45 44.28
CA THR H 486 -57.24 -6.12 44.84
C THR H 486 -58.46 -5.71 45.66
N ARG H 487 -58.22 -5.27 46.89
CA ARG H 487 -59.30 -4.96 47.83
C ARG H 487 -59.21 -3.52 48.35
N TYR H 488 -60.34 -2.82 48.30
CA TYR H 488 -60.48 -1.50 48.89
C TYR H 488 -60.66 -1.69 50.38
N THR H 489 -59.77 -1.05 51.14
CA THR H 489 -59.63 -1.33 52.55
C THR H 489 -60.13 -0.16 53.41
N SER H 490 -60.28 1.00 52.79
CA SER H 490 -60.76 2.21 53.48
C SER H 490 -62.26 2.16 53.72
N ASP H 491 -62.71 2.93 54.71
CA ASP H 491 -64.14 3.04 55.00
C ASP H 491 -64.72 4.29 54.32
N GLU H 492 -63.84 5.04 53.66
CA GLU H 492 -64.21 6.31 53.04
C GLU H 492 -65.00 6.07 51.75
N PRO H 493 -65.89 7.03 51.39
CA PRO H 493 -66.52 6.99 50.06
C PRO H 493 -65.48 7.25 48.97
N TRP H 494 -65.65 6.59 47.83
CA TRP H 494 -64.73 6.76 46.69
C TRP H 494 -64.56 8.25 46.34
N GLY H 495 -65.66 8.99 46.37
CA GLY H 495 -65.62 10.45 46.21
C GLY H 495 -65.36 10.95 44.81
N TRP H 496 -65.65 10.11 43.81
CA TRP H 496 -65.47 10.52 42.43
C TRP H 496 -66.68 11.27 41.87
N TYR H 497 -67.87 10.70 42.09
CA TYR H 497 -69.11 11.30 41.61
C TYR H 497 -69.78 12.16 42.69
N GLN H 498 -70.64 13.09 42.28
CA GLN H 498 -71.44 13.87 43.20
C GLN H 498 -72.58 13.01 43.74
N PRO H 499 -72.61 12.78 45.07
CA PRO H 499 -73.74 12.05 45.67
C PRO H 499 -75.07 12.78 45.46
N PRO H 500 -76.16 12.04 45.23
CA PRO H 500 -77.48 12.65 45.06
C PRO H 500 -77.95 13.30 46.37
N SER H 501 -78.57 14.47 46.25
CA SER H 501 -78.99 15.24 47.41
C SER H 501 -80.20 14.58 48.09
N LYS H 502 -80.14 14.51 49.43
CA LYS H 502 -81.17 13.84 50.22
C LYS H 502 -82.29 14.81 50.61
N SER I 7 -40.60 70.09 51.44
CA SER I 7 -40.50 69.16 52.59
C SER I 7 -40.16 67.75 52.11
N ARG I 8 -41.01 67.24 51.21
CA ARG I 8 -40.86 65.95 50.52
C ARG I 8 -40.56 64.68 51.33
N GLN I 9 -40.58 63.57 50.61
CA GLN I 9 -40.65 62.25 51.19
C GLN I 9 -39.42 61.44 50.80
N LEU I 10 -39.46 60.13 51.03
CA LEU I 10 -38.43 59.24 50.51
C LEU I 10 -38.65 59.06 49.01
N PHE I 11 -37.56 58.87 48.27
CA PHE I 11 -37.67 58.60 46.84
C PHE I 11 -37.35 57.13 46.58
N ILE I 12 -38.40 56.33 46.40
CA ILE I 12 -38.26 54.88 46.23
C ILE I 12 -39.03 54.41 45.02
N ASP I 13 -38.34 53.68 44.14
CA ASP I 13 -38.94 53.07 42.95
C ASP I 13 -39.60 54.11 42.04
N GLY I 14 -38.95 55.26 41.90
CA GLY I 14 -39.40 56.29 40.98
C GLY I 14 -40.48 57.22 41.50
N GLU I 15 -40.86 57.06 42.77
CA GLU I 15 -41.92 57.86 43.34
C GLU I 15 -41.74 58.19 44.82
N TRP I 16 -42.46 59.21 45.28
CA TRP I 16 -42.43 59.64 46.67
C TRP I 16 -43.24 58.69 47.56
N ARG I 17 -42.58 58.07 48.53
CA ARG I 17 -43.23 57.17 49.47
C ARG I 17 -42.98 57.64 50.89
N VAL I 18 -44.07 57.80 51.64
CA VAL I 18 -44.01 58.19 53.04
C VAL I 18 -43.36 57.06 53.85
N PRO I 19 -42.40 57.39 54.72
CA PRO I 19 -41.78 56.36 55.58
C PRO I 19 -42.84 55.58 56.34
N ILE I 20 -42.70 54.26 56.42
CA ILE I 20 -43.74 53.41 57.04
C ILE I 20 -44.13 53.92 58.44
N LEU I 21 -43.15 53.98 59.35
CA LEU I 21 -43.39 54.39 60.74
C LEU I 21 -43.61 55.90 60.88
N ASN I 22 -43.57 56.60 59.74
CA ASN I 22 -43.96 58.02 59.63
C ASN I 22 -43.19 59.00 60.51
N LYS I 23 -41.96 58.63 60.88
CA LYS I 23 -41.13 59.52 61.72
C LYS I 23 -40.39 60.58 60.90
N ARG I 24 -40.02 61.66 61.58
CA ARG I 24 -39.38 62.82 60.96
C ARG I 24 -38.23 63.30 61.84
N ILE I 25 -37.21 63.87 61.22
CA ILE I 25 -36.06 64.47 61.93
C ILE I 25 -36.01 65.95 61.63
N PRO I 26 -35.94 66.81 62.68
CA PRO I 26 -35.95 68.26 62.45
C PRO I 26 -34.63 68.78 61.87
N ASN I 27 -34.73 69.81 61.03
CA ASN I 27 -33.58 70.46 60.43
C ASN I 27 -33.37 71.87 60.98
N ILE I 28 -32.19 72.11 61.55
CA ILE I 28 -31.86 73.39 62.17
C ILE I 28 -31.05 74.26 61.20
N ASN I 29 -31.37 75.56 61.17
CA ASN I 29 -30.54 76.53 60.48
C ASN I 29 -29.33 76.85 61.34
N PRO I 30 -28.12 76.47 60.88
CA PRO I 30 -26.92 76.64 61.70
C PRO I 30 -26.59 78.11 61.99
N SER I 31 -27.11 79.00 61.15
CA SER I 31 -26.87 80.43 61.30
C SER I 31 -27.79 81.12 62.31
N THR I 32 -28.99 80.58 62.50
CA THR I 32 -29.99 81.21 63.39
C THR I 32 -30.35 80.37 64.62
N GLU I 33 -30.11 79.06 64.52
CA GLU I 33 -30.42 78.07 65.57
C GLU I 33 -31.90 77.66 65.59
N ASN I 34 -32.68 78.16 64.63
CA ASN I 34 -34.09 77.82 64.51
C ASN I 34 -34.33 76.58 63.67
N ILE I 35 -35.35 75.80 64.05
CA ILE I 35 -35.90 74.75 63.21
C ILE I 35 -36.56 75.44 62.02
N ILE I 36 -36.22 74.98 60.82
CA ILE I 36 -36.69 75.62 59.58
C ILE I 36 -37.37 74.62 58.65
N GLY I 37 -37.44 73.37 59.08
CA GLY I 37 -38.05 72.32 58.30
C GLY I 37 -37.70 70.98 58.91
N ASP I 38 -38.12 69.91 58.26
CA ASP I 38 -37.77 68.57 58.74
C ASP I 38 -37.50 67.62 57.57
N ILE I 39 -37.00 66.43 57.91
CA ILE I 39 -36.57 65.45 56.93
C ILE I 39 -37.14 64.08 57.31
N PRO I 40 -37.55 63.27 56.31
CA PRO I 40 -38.08 61.94 56.59
C PRO I 40 -37.03 61.02 57.24
N ALA I 41 -37.45 60.28 58.26
CA ALA I 41 -36.59 59.33 58.94
C ALA I 41 -36.93 57.91 58.54
N ALA I 42 -36.21 57.39 57.54
CA ALA I 42 -36.40 56.02 57.08
C ALA I 42 -35.89 55.00 58.08
N THR I 43 -36.52 53.82 58.06
CA THR I 43 -36.16 52.70 58.93
C THR I 43 -35.95 51.44 58.08
N LYS I 44 -35.56 50.36 58.75
CA LYS I 44 -35.27 49.06 58.12
C LYS I 44 -36.24 48.70 56.98
N GLU I 45 -37.54 48.88 57.22
CA GLU I 45 -38.57 48.54 56.23
C GLU I 45 -38.53 49.42 54.97
N ASP I 46 -38.38 50.73 55.15
CA ASP I 46 -38.22 51.65 54.03
C ASP I 46 -36.95 51.36 53.21
N VAL I 47 -35.87 51.00 53.91
CA VAL I 47 -34.60 50.65 53.27
C VAL I 47 -34.76 49.37 52.45
N ASP I 48 -35.50 48.41 53.00
CA ASP I 48 -35.82 47.17 52.29
C ASP I 48 -36.53 47.43 50.97
N LEU I 49 -37.47 48.38 50.97
CA LEU I 49 -38.21 48.76 49.75
C LEU I 49 -37.32 49.41 48.69
N ALA I 50 -36.39 50.24 49.14
CA ALA I 50 -35.44 50.91 48.25
C ALA I 50 -34.50 49.91 47.57
N VAL I 51 -33.97 48.97 48.35
CA VAL I 51 -33.07 47.95 47.82
C VAL I 51 -33.79 47.03 46.82
N ASP I 52 -35.01 46.62 47.17
CA ASP I 52 -35.86 45.82 46.27
C ASP I 52 -36.08 46.52 44.92
N ALA I 53 -36.37 47.82 44.99
CA ALA I 53 -36.52 48.64 43.79
C ALA I 53 -35.26 48.67 42.95
N ALA I 54 -34.11 48.81 43.59
CA ALA I 54 -32.82 48.81 42.89
C ALA I 54 -32.55 47.45 42.25
N LYS I 55 -32.79 46.38 43.01
CA LYS I 55 -32.68 45.00 42.51
C LYS I 55 -33.54 44.75 41.27
N ARG I 56 -34.82 45.12 41.35
CA ARG I 56 -35.74 44.94 40.23
C ARG I 56 -35.37 45.82 39.05
N ALA I 57 -34.78 46.99 39.33
CA ALA I 57 -34.33 47.91 38.28
C ALA I 57 -33.16 47.34 37.44
N ILE I 58 -32.42 46.41 38.04
CA ILE I 58 -31.34 45.71 37.33
C ILE I 58 -31.84 44.43 36.63
N SER I 59 -32.73 43.68 37.30
CA SER I 59 -33.34 42.48 36.72
C SER I 59 -34.17 42.82 35.49
N ARG I 60 -35.13 43.72 35.68
CA ARG I 60 -36.16 44.11 34.71
C ARG I 60 -35.74 44.10 33.24
N LYS I 61 -36.48 43.33 32.44
CA LYS I 61 -36.30 43.25 30.98
C LYS I 61 -34.89 42.84 30.58
N ASN I 62 -34.30 41.92 31.35
CA ASN I 62 -32.92 41.46 31.15
C ASN I 62 -31.89 42.61 31.26
N GLY I 63 -32.27 43.67 31.96
CA GLY I 63 -31.41 44.84 32.17
C GLY I 63 -31.41 45.85 31.04
N ARG I 64 -32.21 45.59 30.01
CA ARG I 64 -32.24 46.38 28.77
C ARG I 64 -32.59 47.87 28.97
N ASP I 65 -33.27 48.19 30.08
CA ASP I 65 -33.62 49.57 30.40
C ASP I 65 -32.46 50.36 31.00
N TRP I 66 -31.59 49.69 31.76
CA TRP I 66 -30.47 50.39 32.43
C TRP I 66 -29.14 49.64 32.49
N SER I 67 -29.06 48.61 33.33
CA SER I 67 -27.80 47.88 33.55
C SER I 67 -27.17 47.28 32.29
N ALA I 68 -28.01 46.72 31.40
CA ALA I 68 -27.54 46.13 30.15
C ALA I 68 -27.73 47.06 28.95
N ALA I 69 -28.31 48.23 29.19
CA ALA I 69 -28.48 49.26 28.16
C ALA I 69 -27.14 49.79 27.66
N SER I 70 -27.17 50.61 26.62
CA SER I 70 -25.95 51.23 26.11
C SER I 70 -25.50 52.35 27.04
N GLY I 71 -24.20 52.59 27.06
CA GLY I 71 -23.62 53.70 27.80
C GLY I 71 -24.17 55.04 27.30
N SER I 72 -24.41 55.12 25.99
CA SER I 72 -25.02 56.29 25.35
C SER I 72 -26.40 56.60 25.90
N LEU I 73 -27.20 55.56 26.16
CA LEU I 73 -28.53 55.74 26.72
C LEU I 73 -28.46 56.37 28.10
N ARG I 74 -27.63 55.80 28.98
CA ARG I 74 -27.42 56.34 30.32
C ARG I 74 -26.87 57.75 30.27
N ALA I 75 -25.95 57.99 29.33
CA ALA I 75 -25.31 59.29 29.13
C ALA I 75 -26.35 60.37 28.90
N ARG I 76 -27.38 60.05 28.13
CA ARG I 76 -28.48 60.98 27.85
C ARG I 76 -29.25 61.35 29.11
N TYR I 77 -29.44 60.38 30.01
CA TYR I 77 -30.11 60.67 31.27
C TYR I 77 -29.22 61.54 32.16
N LEU I 78 -27.93 61.26 32.17
CA LEU I 78 -26.96 62.02 32.96
C LEU I 78 -26.89 63.49 32.52
N ARG I 79 -26.98 63.74 31.22
CA ARG I 79 -26.97 65.10 30.68
C ARG I 79 -28.29 65.84 30.94
N ALA I 80 -29.40 65.11 30.87
CA ALA I 80 -30.72 65.68 31.16
C ALA I 80 -30.81 66.10 32.63
N ILE I 81 -30.24 65.28 33.51
CA ILE I 81 -30.11 65.61 34.93
C ILE I 81 -29.24 66.87 35.12
N ALA I 82 -28.11 66.92 34.42
CA ALA I 82 -27.19 68.05 34.48
C ALA I 82 -27.83 69.37 34.01
N ALA I 83 -28.55 69.30 32.89
CA ALA I 83 -29.20 70.48 32.31
C ALA I 83 -30.23 71.05 33.27
N LYS I 84 -30.99 70.16 33.90
CA LYS I 84 -32.02 70.52 34.86
C LYS I 84 -31.44 71.08 36.16
N ILE I 85 -30.27 70.56 36.57
CA ILE I 85 -29.57 71.07 37.74
C ILE I 85 -29.00 72.46 37.46
N LYS I 86 -28.40 72.61 36.27
CA LYS I 86 -27.87 73.91 35.83
C LYS I 86 -28.98 74.96 35.79
N GLU I 87 -30.12 74.56 35.24
CA GLU I 87 -31.32 75.38 35.17
C GLU I 87 -31.74 75.96 36.53
N LYS I 88 -31.61 75.15 37.58
CA LYS I 88 -32.06 75.55 38.91
C LYS I 88 -30.89 75.91 39.85
N LYS I 89 -29.75 76.27 39.26
CA LYS I 89 -28.50 76.53 40.00
C LYS I 89 -28.61 77.48 41.18
N ASP I 90 -29.18 78.67 40.93
CA ASP I 90 -29.31 79.69 41.97
C ASP I 90 -30.24 79.25 43.11
N GLU I 91 -31.36 78.63 42.76
CA GLU I 91 -32.31 78.11 43.75
C GLU I 91 -31.69 77.01 44.64
N LEU I 92 -31.07 76.02 44.00
CA LEU I 92 -30.47 74.90 44.72
C LEU I 92 -29.25 75.33 45.55
N GLY I 93 -28.51 76.29 45.03
CA GLY I 93 -27.36 76.88 45.73
C GLY I 93 -27.73 77.56 47.04
N LYS I 94 -28.82 78.31 47.05
CA LYS I 94 -29.25 78.98 48.28
C LYS I 94 -29.81 77.95 49.27
N LEU I 95 -30.45 76.91 48.74
CA LEU I 95 -30.89 75.76 49.53
C LEU I 95 -29.73 75.02 50.20
N GLU I 96 -28.67 74.80 49.44
CA GLU I 96 -27.47 74.14 49.95
C GLU I 96 -26.83 74.96 51.07
N SER I 97 -26.66 76.25 50.80
CA SER I 97 -26.06 77.18 51.74
C SER I 97 -26.78 77.16 53.10
N ILE I 98 -28.12 77.25 53.06
CA ILE I 98 -28.97 77.18 54.24
C ILE I 98 -28.85 75.84 55.01
N ASP I 99 -28.78 74.75 54.26
CA ASP I 99 -28.83 73.40 54.83
C ASP I 99 -27.58 73.03 55.62
N CYS I 100 -26.41 73.38 55.09
CA CYS I 100 -25.14 72.96 55.69
C CYS I 100 -24.32 74.12 56.24
N GLY I 101 -24.66 75.35 55.86
CA GLY I 101 -24.08 76.53 56.48
C GLY I 101 -22.94 77.19 55.73
N LYS I 102 -22.56 76.64 54.59
CA LYS I 102 -21.41 77.19 53.84
C LYS I 102 -21.79 78.46 53.09
N PRO I 103 -20.84 79.42 52.97
CA PRO I 103 -21.11 80.66 52.26
C PRO I 103 -21.71 80.42 50.88
N LEU I 104 -22.67 81.26 50.50
CA LEU I 104 -23.40 81.14 49.23
C LEU I 104 -22.48 80.99 48.02
N GLU I 105 -21.38 81.76 48.00
CA GLU I 105 -20.44 81.68 46.88
C GLU I 105 -19.71 80.33 46.77
N GLU I 106 -19.54 79.65 47.91
CA GLU I 106 -19.02 78.28 47.91
C GLU I 106 -20.07 77.31 47.38
N ALA I 107 -21.32 77.52 47.78
CA ALA I 107 -22.43 76.66 47.40
C ALA I 107 -22.69 76.73 45.90
N LEU I 108 -22.56 77.94 45.34
CA LEU I 108 -22.78 78.15 43.92
C LEU I 108 -21.68 77.48 43.11
N ALA I 109 -20.45 77.57 43.59
CA ALA I 109 -19.32 76.87 42.96
C ALA I 109 -19.53 75.35 43.00
N ASP I 110 -19.93 74.84 44.17
CA ASP I 110 -20.31 73.45 44.35
C ASP I 110 -21.29 72.97 43.28
N LEU I 111 -22.30 73.80 43.01
CA LEU I 111 -23.39 73.41 42.13
C LEU I 111 -23.01 73.23 40.68
N ASP I 112 -22.14 74.10 40.16
CA ASP I 112 -21.72 73.92 38.78
C ASP I 112 -20.54 72.95 38.66
N ASP I 113 -19.96 72.57 39.80
CA ASP I 113 -19.12 71.38 39.88
C ASP I 113 -19.98 70.11 39.76
N VAL I 114 -21.17 70.15 40.37
CA VAL I 114 -22.16 69.10 40.22
C VAL I 114 -22.55 68.93 38.74
N VAL I 115 -22.86 70.05 38.07
CA VAL I 115 -23.21 70.03 36.65
C VAL I 115 -22.08 69.45 35.83
N ALA I 116 -20.86 69.92 36.07
CA ALA I 116 -19.68 69.44 35.35
C ALA I 116 -19.33 67.98 35.66
N CYS I 117 -19.82 67.48 36.80
CA CYS I 117 -19.54 66.10 37.20
C CYS I 117 -20.47 65.11 36.47
N PHE I 118 -21.74 65.44 36.41
CA PHE I 118 -22.71 64.68 35.61
C PHE I 118 -22.34 64.67 34.13
N GLU I 119 -21.96 65.84 33.60
CA GLU I 119 -21.57 65.97 32.20
C GLU I 119 -20.32 65.15 31.88
N TYR I 120 -19.34 65.19 32.80
CA TYR I 120 -18.11 64.45 32.63
C TYR I 120 -18.36 62.95 32.58
N TYR I 121 -19.21 62.45 33.47
CA TYR I 121 -19.47 61.02 33.55
C TYR I 121 -20.43 60.50 32.46
N ALA I 122 -21.20 61.41 31.87
CA ALA I 122 -21.95 61.09 30.65
C ALA I 122 -20.95 60.82 29.53
N GLY I 123 -19.87 61.61 29.50
CA GLY I 123 -18.79 61.43 28.55
C GLY I 123 -18.17 60.05 28.65
N LEU I 124 -17.80 59.66 29.87
CA LEU I 124 -17.22 58.35 30.14
C LEU I 124 -18.20 57.20 29.92
N ALA I 125 -19.50 57.47 30.09
CA ALA I 125 -20.55 56.48 29.82
C ALA I 125 -20.60 56.12 28.34
N GLU I 126 -20.54 57.13 27.48
CA GLU I 126 -20.45 56.94 26.03
C GLU I 126 -19.26 56.07 25.66
N GLU I 127 -18.08 56.46 26.17
CA GLU I 127 -16.82 55.83 25.83
C GLU I 127 -16.71 54.40 26.36
N LEU I 128 -17.47 54.09 27.40
CA LEU I 128 -17.47 52.77 28.00
C LEU I 128 -17.88 51.68 26.99
N ASP I 129 -18.79 52.01 26.08
CA ASP I 129 -19.27 51.08 25.05
C ASP I 129 -18.14 50.63 24.12
N SER I 130 -17.28 51.57 23.73
CA SER I 130 -16.20 51.28 22.79
C SER I 130 -14.96 50.65 23.42
N LYS I 131 -15.00 50.39 24.73
CA LYS I 131 -13.91 49.64 25.36
C LYS I 131 -14.32 48.24 25.84
N GLN I 132 -15.56 47.84 25.54
CA GLN I 132 -16.02 46.47 25.77
C GLN I 132 -15.35 45.53 24.78
N LYS I 133 -15.17 44.27 25.19
CA LYS I 133 -14.52 43.22 24.39
C LYS I 133 -13.09 43.59 23.99
N ALA I 134 -12.38 44.32 24.84
CA ALA I 134 -11.01 44.73 24.58
C ALA I 134 -10.09 43.52 24.57
N PRO I 135 -9.37 43.32 23.45
CA PRO I 135 -8.55 42.12 23.31
C PRO I 135 -7.41 42.08 24.30
N ILE I 136 -7.15 40.90 24.84
CA ILE I 136 -5.94 40.69 25.62
C ILE I 136 -5.03 39.71 24.86
N SER I 137 -3.76 40.08 24.75
CA SER I 137 -2.81 39.35 23.93
C SER I 137 -2.33 38.06 24.60
N LEU I 138 -2.54 36.93 23.92
CA LEU I 138 -2.09 35.63 24.42
C LEU I 138 -0.95 35.06 23.57
N PRO I 139 0.02 34.35 24.20
CA PRO I 139 1.08 33.68 23.43
C PRO I 139 0.55 32.48 22.61
N MET I 140 -0.48 31.81 23.14
CA MET I 140 -1.14 30.68 22.49
C MET I 140 -2.00 31.15 21.33
N ASP I 141 -1.84 30.51 20.18
CA ASP I 141 -2.72 30.73 19.02
C ASP I 141 -4.05 29.96 19.15
N THR I 142 -4.13 29.06 20.13
CA THR I 142 -5.28 28.18 20.31
C THR I 142 -6.40 28.78 21.19
N PHE I 143 -6.14 29.94 21.79
CA PHE I 143 -7.10 30.65 22.63
C PHE I 143 -7.21 32.14 22.27
N LYS I 144 -8.44 32.67 22.35
CA LYS I 144 -8.70 34.10 22.20
C LYS I 144 -9.30 34.63 23.50
N SER I 145 -8.98 35.88 23.86
CA SER I 145 -9.40 36.43 25.14
C SER I 145 -9.69 37.93 25.11
N TYR I 146 -10.70 38.35 25.86
CA TYR I 146 -11.06 39.77 26.01
C TYR I 146 -11.77 40.05 27.34
N ILE I 147 -11.98 41.33 27.63
CA ILE I 147 -12.62 41.74 28.88
C ILE I 147 -13.92 42.49 28.65
N LEU I 148 -14.86 42.29 29.57
CA LEU I 148 -16.07 43.09 29.66
C LEU I 148 -16.05 43.88 30.96
N LYS I 149 -16.56 45.11 30.91
CA LYS I 149 -16.70 45.94 32.11
C LYS I 149 -18.19 46.03 32.42
N GLU I 150 -18.61 45.33 33.47
CA GLU I 150 -20.02 45.23 33.83
C GLU I 150 -20.30 45.97 35.14
N PRO I 151 -21.54 46.46 35.32
CA PRO I 151 -21.92 47.12 36.57
C PRO I 151 -21.80 46.17 37.75
N ILE I 152 -21.28 46.67 38.87
CA ILE I 152 -21.13 45.86 40.07
C ILE I 152 -22.48 45.39 40.60
N GLY I 153 -23.52 46.19 40.35
CA GLY I 153 -24.89 45.82 40.68
C GLY I 153 -25.62 46.90 41.45
N VAL I 154 -26.14 46.53 42.62
CA VAL I 154 -26.85 47.44 43.51
C VAL I 154 -25.83 48.07 44.46
N VAL I 155 -25.75 49.39 44.45
CA VAL I 155 -24.75 50.12 45.24
C VAL I 155 -25.36 51.01 46.34
N ALA I 156 -24.78 50.94 47.53
CA ALA I 156 -25.13 51.82 48.64
C ALA I 156 -24.15 52.99 48.67
N LEU I 157 -24.71 54.19 48.53
CA LEU I 157 -23.93 55.41 48.49
C LEU I 157 -24.23 56.24 49.73
N ILE I 158 -23.24 56.36 50.62
CA ILE I 158 -23.41 57.04 51.90
C ILE I 158 -22.49 58.26 51.98
N THR I 159 -23.10 59.42 52.03
CA THR I 159 -22.41 60.69 51.80
C THR I 159 -22.45 61.65 52.99
N PRO I 160 -21.47 62.58 53.05
CA PRO I 160 -21.37 63.52 54.17
C PRO I 160 -22.09 64.86 53.92
N TRP I 161 -22.15 65.66 54.98
CA TRP I 161 -22.89 66.92 54.96
C TRP I 161 -22.05 68.13 54.52
N ASN I 162 -20.74 67.98 54.45
CA ASN I 162 -19.87 69.12 54.12
C ASN I 162 -19.96 69.59 52.66
N TYR I 163 -20.13 68.66 51.73
CA TYR I 163 -20.46 69.01 50.35
C TYR I 163 -21.67 68.19 49.91
N PRO I 164 -22.83 68.46 50.53
CA PRO I 164 -24.00 67.57 50.45
C PRO I 164 -24.32 67.10 49.02
N PHE I 165 -24.47 68.07 48.11
CA PHE I 165 -24.85 67.75 46.73
C PHE I 165 -23.69 67.18 45.95
N LEU I 166 -22.52 67.82 46.05
CA LEU I 166 -21.33 67.42 45.30
C LEU I 166 -20.82 66.02 45.66
N MET I 167 -20.76 65.73 46.96
CA MET I 167 -20.30 64.42 47.44
C MET I 167 -21.23 63.30 47.02
N ALA I 168 -22.53 63.59 46.98
CA ALA I 168 -23.50 62.64 46.47
C ALA I 168 -23.29 62.44 44.97
N THR I 169 -23.06 63.55 44.26
CA THR I 169 -22.83 63.53 42.82
C THR I 169 -21.52 62.80 42.45
N TRP I 170 -20.48 62.97 43.26
CA TRP I 170 -19.21 62.25 43.09
C TRP I 170 -19.44 60.73 43.06
N LYS I 171 -20.53 60.28 43.68
CA LYS I 171 -20.83 58.86 43.80
C LYS I 171 -21.88 58.42 42.80
N ILE I 172 -22.94 59.21 42.69
CA ILE I 172 -24.10 58.92 41.84
C ILE I 172 -23.74 58.93 40.36
N ALA I 173 -23.02 59.96 39.92
CA ALA I 173 -22.69 60.12 38.49
C ALA I 173 -21.93 58.92 37.91
N PRO I 174 -20.80 58.50 38.52
CA PRO I 174 -20.10 57.33 37.99
C PRO I 174 -20.88 56.01 38.17
N ALA I 175 -21.61 55.87 39.28
CA ALA I 175 -22.40 54.67 39.52
C ALA I 175 -23.44 54.47 38.43
N LEU I 176 -24.20 55.52 38.12
CA LEU I 176 -25.21 55.47 37.06
C LEU I 176 -24.57 55.24 35.69
N ALA I 177 -23.50 55.98 35.41
CA ALA I 177 -22.76 55.82 34.15
C ALA I 177 -22.26 54.40 33.95
N ALA I 178 -21.92 53.73 35.06
CA ALA I 178 -21.43 52.34 35.04
C ALA I 178 -22.55 51.33 34.74
N GLY I 179 -23.79 51.75 34.97
CA GLY I 179 -24.95 50.88 34.78
C GLY I 179 -25.56 50.35 36.07
N CYS I 180 -25.12 50.89 37.21
CA CYS I 180 -25.63 50.45 38.51
C CYS I 180 -26.96 51.10 38.86
N ALA I 181 -27.68 50.47 39.80
CA ALA I 181 -28.81 51.09 40.46
C ALA I 181 -28.38 51.40 41.89
N ALA I 182 -28.74 52.60 42.35
CA ALA I 182 -28.18 53.12 43.58
C ALA I 182 -29.21 53.47 44.63
N ILE I 183 -28.83 53.27 45.89
CA ILE I 183 -29.56 53.83 47.01
C ILE I 183 -28.66 54.84 47.73
N LEU I 184 -29.08 56.10 47.68
CA LEU I 184 -28.36 57.18 48.33
C LEU I 184 -28.88 57.39 49.74
N LYS I 185 -27.96 57.47 50.69
CA LYS I 185 -28.28 57.83 52.05
C LYS I 185 -27.48 59.08 52.39
N PRO I 186 -28.08 60.26 52.19
CA PRO I 186 -27.41 61.52 52.54
C PRO I 186 -27.31 61.68 54.06
N SER I 187 -26.51 62.64 54.50
CA SER I 187 -26.40 62.96 55.92
C SER I 187 -27.70 63.57 56.45
N GLU I 188 -28.06 63.17 57.66
CA GLU I 188 -29.23 63.71 58.36
C GLU I 188 -29.18 65.24 58.56
N LEU I 189 -27.97 65.80 58.51
CA LEU I 189 -27.75 67.22 58.76
C LEU I 189 -27.91 68.07 57.51
N ALA I 190 -27.83 67.43 56.35
CA ALA I 190 -27.93 68.14 55.08
C ALA I 190 -28.47 67.25 53.95
N SER I 191 -29.79 67.10 53.90
CA SER I 191 -30.45 66.20 52.97
C SER I 191 -31.31 66.88 51.91
N VAL I 192 -31.52 68.19 52.03
CA VAL I 192 -32.53 68.86 51.21
C VAL I 192 -32.25 68.84 49.71
N THR I 193 -31.02 69.15 49.32
CA THR I 193 -30.68 69.18 47.89
C THR I 193 -30.68 67.80 47.26
N CYS I 194 -30.30 66.79 48.04
CA CYS I 194 -30.34 65.42 47.57
C CYS I 194 -31.77 64.98 47.27
N LEU I 195 -32.71 65.34 48.14
CA LEU I 195 -34.12 65.04 47.90
C LEU I 195 -34.66 65.76 46.65
N GLU I 196 -34.13 66.94 46.36
CA GLU I 196 -34.47 67.67 45.14
C GLU I 196 -34.06 66.91 43.88
N LEU I 197 -32.90 66.26 43.94
CA LEU I 197 -32.42 65.42 42.85
C LEU I 197 -33.43 64.32 42.53
N GLY I 198 -34.18 63.89 43.56
CA GLY I 198 -35.27 62.94 43.39
C GLY I 198 -36.35 63.46 42.45
N GLU I 199 -36.72 64.73 42.64
CA GLU I 199 -37.71 65.38 41.78
C GLU I 199 -37.17 65.50 40.36
N ILE I 200 -35.89 65.81 40.23
CA ILE I 200 -35.23 65.93 38.93
C ILE I 200 -35.22 64.59 38.18
N CYS I 201 -34.95 63.49 38.89
CA CYS I 201 -35.01 62.16 38.31
C CYS I 201 -36.40 61.82 37.77
N LYS I 202 -37.43 62.37 38.40
CA LYS I 202 -38.82 62.19 37.98
C LYS I 202 -39.14 63.03 36.74
N GLU I 203 -38.65 64.25 36.70
CA GLU I 203 -38.87 65.17 35.58
C GLU I 203 -38.09 64.74 34.33
N VAL I 204 -36.98 64.04 34.55
CA VAL I 204 -36.11 63.54 33.48
C VAL I 204 -36.63 62.19 32.96
N GLY I 205 -37.39 61.49 33.80
CA GLY I 205 -37.95 60.20 33.45
C GLY I 205 -36.97 59.06 33.66
N LEU I 206 -36.12 59.19 34.67
CA LEU I 206 -35.15 58.14 35.00
C LEU I 206 -35.87 56.84 35.33
N PRO I 207 -35.47 55.72 34.70
CA PRO I 207 -36.16 54.46 34.93
C PRO I 207 -36.32 54.19 36.42
N ARG I 208 -37.52 53.80 36.83
CA ARG I 208 -37.82 53.62 38.25
C ARG I 208 -36.84 52.63 38.90
N GLY I 209 -36.36 52.99 40.09
CA GLY I 209 -35.46 52.15 40.86
C GLY I 209 -33.97 52.33 40.60
N VAL I 210 -33.63 53.16 39.62
CA VAL I 210 -32.23 53.37 39.26
C VAL I 210 -31.53 54.26 40.30
N LEU I 211 -32.26 55.25 40.82
CA LEU I 211 -31.78 56.04 41.95
C LEU I 211 -32.85 56.17 43.02
N ASN I 212 -32.55 55.67 44.21
CA ASN I 212 -33.46 55.76 45.34
C ASN I 212 -32.82 56.58 46.45
N ILE I 213 -33.62 57.42 47.08
CA ILE I 213 -33.10 58.30 48.12
C ILE I 213 -33.78 58.03 49.46
N VAL I 214 -32.98 57.54 50.39
CA VAL I 214 -33.41 57.23 51.73
C VAL I 214 -32.71 58.18 52.69
N THR I 215 -33.47 59.04 53.35
CA THR I 215 -32.93 59.92 54.39
C THR I 215 -33.28 59.36 55.76
N GLY I 216 -32.43 59.66 56.74
CA GLY I 216 -32.65 59.19 58.11
C GLY I 216 -31.41 59.29 58.96
N LEU I 217 -31.48 58.72 60.15
CA LEU I 217 -30.33 58.62 61.06
C LEU I 217 -29.34 57.60 60.54
N GLY I 218 -28.05 57.84 60.80
CA GLY I 218 -26.97 56.91 60.43
C GLY I 218 -27.10 55.51 61.02
N HIS I 219 -27.33 55.42 62.34
CA HIS I 219 -27.43 54.14 63.04
C HIS I 219 -28.71 53.39 62.71
N GLU I 220 -29.62 54.06 62.02
CA GLU I 220 -30.92 53.49 61.66
C GLU I 220 -30.97 53.18 60.15
N ALA I 221 -31.17 54.21 59.33
CA ALA I 221 -31.25 54.06 57.88
C ALA I 221 -29.92 53.62 57.25
N GLY I 222 -28.84 54.30 57.61
CA GLY I 222 -27.50 53.99 57.10
C GLY I 222 -27.07 52.57 57.44
N ALA I 223 -27.31 52.17 58.68
CA ALA I 223 -26.95 50.83 59.14
C ALA I 223 -27.78 49.73 58.48
N SER I 224 -29.08 49.99 58.26
CA SER I 224 -29.95 49.01 57.59
C SER I 224 -29.56 48.83 56.13
N LEU I 225 -29.16 49.94 55.48
CA LEU I 225 -28.69 49.92 54.11
C LEU I 225 -27.32 49.22 53.98
N ALA I 226 -26.39 49.56 54.86
CA ALA I 226 -25.04 48.99 54.82
C ALA I 226 -25.02 47.49 55.10
N SER I 227 -26.04 47.01 55.80
CA SER I 227 -26.12 45.61 56.21
C SER I 227 -27.03 44.77 55.32
N HIS I 228 -27.74 45.42 54.40
CA HIS I 228 -28.66 44.70 53.51
C HIS I 228 -27.92 43.69 52.64
N PRO I 229 -28.37 42.42 52.65
CA PRO I 229 -27.76 41.32 51.90
C PRO I 229 -27.77 41.48 50.38
N ASP I 230 -28.68 42.31 49.84
CA ASP I 230 -28.83 42.48 48.39
C ASP I 230 -28.06 43.68 47.82
N VAL I 231 -27.38 44.42 48.70
CA VAL I 231 -26.43 45.45 48.27
C VAL I 231 -25.12 44.78 47.83
N ASP I 232 -24.65 45.13 46.64
CA ASP I 232 -23.44 44.54 46.07
C ASP I 232 -22.15 45.30 46.40
N LYS I 233 -22.26 46.61 46.63
CA LYS I 233 -21.11 47.46 46.92
C LYS I 233 -21.53 48.65 47.79
N ILE I 234 -20.72 48.97 48.79
CA ILE I 234 -20.93 50.15 49.60
C ILE I 234 -19.83 51.16 49.30
N SER I 235 -20.22 52.39 48.96
CA SER I 235 -19.28 53.48 48.78
C SER I 235 -19.57 54.52 49.86
N PHE I 236 -18.57 54.79 50.69
CA PHE I 236 -18.74 55.62 51.89
C PHE I 236 -17.70 56.72 52.01
N THR I 237 -18.17 57.91 52.37
CA THR I 237 -17.32 59.02 52.75
C THR I 237 -17.86 59.55 54.08
N GLY I 238 -16.99 59.65 55.08
CA GLY I 238 -17.38 60.09 56.41
C GLY I 238 -16.31 59.79 57.44
N SER I 239 -16.72 59.53 58.68
CA SER I 239 -15.80 59.37 59.80
C SER I 239 -15.10 58.02 59.83
N SER I 240 -13.90 58.01 60.42
CA SER I 240 -13.10 56.80 60.60
C SER I 240 -13.85 55.69 61.31
N ALA I 241 -14.43 56.01 62.46
CA ALA I 241 -15.17 55.03 63.26
C ALA I 241 -16.35 54.41 62.49
N THR I 242 -17.10 55.25 61.77
CA THR I 242 -18.24 54.76 60.98
C THR I 242 -17.77 53.93 59.78
N GLY I 243 -16.74 54.40 59.08
CA GLY I 243 -16.14 53.64 57.97
C GLY I 243 -15.68 52.27 58.41
N SER I 244 -15.11 52.21 59.61
CA SER I 244 -14.69 50.96 60.21
C SER I 244 -15.88 50.02 60.43
N LYS I 245 -16.99 50.58 60.93
CA LYS I 245 -18.20 49.81 61.21
C LYS I 245 -18.88 49.30 59.93
N ILE I 246 -18.86 50.13 58.90
CA ILE I 246 -19.41 49.75 57.60
C ILE I 246 -18.63 48.58 56.98
N MET I 247 -17.30 48.65 57.08
CA MET I 247 -16.44 47.60 56.53
C MET I 247 -16.58 46.29 57.30
N THR I 248 -16.83 46.39 58.61
CA THR I 248 -17.10 45.24 59.48
C THR I 248 -18.39 44.55 59.08
N THR I 249 -19.42 45.34 58.80
CA THR I 249 -20.72 44.85 58.36
C THR I 249 -20.64 44.26 56.94
N ALA I 250 -19.91 44.94 56.06
CA ALA I 250 -19.71 44.48 54.68
C ALA I 250 -19.01 43.13 54.67
N ALA I 251 -18.10 42.94 55.62
CA ALA I 251 -17.31 41.73 55.75
C ALA I 251 -18.15 40.50 56.05
N GLN I 252 -19.34 40.70 56.62
CA GLN I 252 -20.22 39.59 56.99
C GLN I 252 -20.57 38.76 55.77
N LEU I 253 -20.92 39.44 54.68
CA LEU I 253 -21.24 38.79 53.41
C LEU I 253 -20.22 39.12 52.34
N VAL I 254 -19.06 39.60 52.77
CA VAL I 254 -17.88 39.68 51.92
C VAL I 254 -18.05 40.64 50.71
N LYS I 255 -18.86 41.68 50.90
CA LYS I 255 -19.04 42.68 49.87
C LYS I 255 -17.98 43.77 49.90
N PRO I 256 -17.55 44.24 48.71
CA PRO I 256 -16.51 45.26 48.60
C PRO I 256 -16.98 46.64 49.07
N VAL I 257 -16.01 47.45 49.45
CA VAL I 257 -16.29 48.76 49.99
C VAL I 257 -15.24 49.74 49.47
N SER I 258 -15.62 51.01 49.34
CA SER I 258 -14.65 52.08 49.15
C SER I 258 -14.86 53.09 50.28
N LEU I 259 -13.77 53.60 50.83
CA LEU I 259 -13.82 54.50 51.98
C LEU I 259 -12.90 55.69 51.81
N GLU I 260 -13.44 56.89 52.06
CA GLU I 260 -12.58 58.04 52.28
C GLU I 260 -12.98 58.67 53.60
N LEU I 261 -12.01 58.76 54.52
CA LEU I 261 -12.31 58.88 55.94
C LEU I 261 -11.79 60.16 56.61
N GLY I 262 -11.43 61.15 55.80
CA GLY I 262 -10.86 62.37 56.33
C GLY I 262 -9.40 62.16 56.66
N GLY I 263 -8.82 63.14 57.35
CA GLY I 263 -7.41 63.08 57.67
C GLY I 263 -6.91 64.23 58.50
N LYS I 264 -5.60 64.42 58.46
CA LYS I 264 -4.93 65.52 59.13
C LYS I 264 -3.79 65.95 58.21
N SER I 265 -4.18 66.57 57.09
CA SER I 265 -3.26 66.81 55.99
C SER I 265 -2.25 67.92 56.29
N PRO I 266 -0.98 67.71 55.87
CA PRO I 266 0.05 68.71 56.11
C PRO I 266 0.21 69.70 54.98
N ILE I 267 0.62 70.91 55.32
CA ILE I 267 1.11 71.87 54.36
C ILE I 267 2.52 72.31 54.77
N VAL I 268 3.50 71.94 53.98
CA VAL I 268 4.90 72.29 54.23
C VAL I 268 5.26 73.54 53.41
N VAL I 269 5.60 74.60 54.13
CA VAL I 269 6.03 75.86 53.50
C VAL I 269 7.53 76.07 53.70
N PHE I 270 8.25 76.16 52.58
CA PHE I 270 9.69 76.44 52.60
C PHE I 270 9.95 77.95 52.56
N GLU I 271 11.21 78.32 52.70
CA GLU I 271 11.57 79.74 52.85
C GLU I 271 11.47 80.52 51.54
N ASP I 272 11.58 79.82 50.41
CA ASP I 272 11.62 80.46 49.09
C ASP I 272 10.24 80.57 48.43
N VAL I 273 9.35 81.37 49.02
CA VAL I 273 8.00 81.55 48.49
C VAL I 273 7.56 83.01 48.53
N ASP I 274 6.54 83.35 47.74
CA ASP I 274 5.86 84.63 47.93
C ASP I 274 4.90 84.48 49.10
N LEU I 275 5.29 85.05 50.23
CA LEU I 275 4.61 84.81 51.50
C LEU I 275 3.13 85.19 51.48
N ASP I 276 2.80 86.27 50.78
CA ASP I 276 1.41 86.76 50.68
C ASP I 276 0.53 85.79 49.91
N LYS I 277 1.04 85.30 48.78
CA LYS I 277 0.32 84.34 47.95
C LYS I 277 0.12 82.98 48.64
N VAL I 278 1.14 82.47 49.32
CA VAL I 278 1.01 81.17 49.99
C VAL I 278 0.24 81.30 51.32
N ALA I 279 0.19 82.52 51.86
CA ALA I 279 -0.66 82.81 53.01
C ALA I 279 -2.13 82.64 52.66
N GLU I 280 -2.55 83.05 51.47
CA GLU I 280 -3.93 82.84 51.06
C GLU I 280 -4.23 81.35 50.87
N TRP I 281 -3.36 80.65 50.15
CA TRP I 281 -3.50 79.21 49.97
C TRP I 281 -3.59 78.45 51.30
N THR I 282 -2.83 78.92 52.31
CA THR I 282 -2.82 78.31 53.64
C THR I 282 -4.15 78.49 54.37
N VAL I 283 -4.72 79.69 54.33
CA VAL I 283 -5.99 79.92 55.02
C VAL I 283 -7.13 79.31 54.24
N PHE I 284 -7.00 79.28 52.91
CA PHE I 284 -7.94 78.56 52.05
C PHE I 284 -7.89 77.07 52.40
N GLY I 285 -6.69 76.53 52.55
CA GLY I 285 -6.49 75.13 52.85
C GLY I 285 -7.16 74.67 54.13
N CYS I 286 -7.25 75.56 55.12
CA CYS I 286 -7.75 75.19 56.44
C CYS I 286 -9.12 75.77 56.82
N PHE I 287 -9.51 76.89 56.22
CA PHE I 287 -10.73 77.59 56.65
C PHE I 287 -11.89 77.52 55.65
N PHE I 288 -11.59 77.17 54.40
CA PHE I 288 -12.62 77.00 53.38
C PHE I 288 -13.61 75.92 53.81
N THR I 289 -14.87 76.08 53.40
CA THR I 289 -15.99 75.25 53.87
C THR I 289 -16.10 75.26 55.41
N ASN I 290 -15.81 76.42 56.01
CA ASN I 290 -15.78 76.57 57.47
C ASN I 290 -14.88 75.52 58.14
N GLY I 291 -13.79 75.15 57.46
CA GLY I 291 -12.81 74.20 58.00
C GLY I 291 -13.25 72.74 57.94
N GLN I 292 -14.38 72.49 57.29
CA GLN I 292 -14.95 71.16 57.26
C GLN I 292 -14.60 70.41 55.97
N ILE I 293 -13.31 70.36 55.67
CA ILE I 293 -12.79 69.66 54.49
C ILE I 293 -12.10 68.39 54.95
N CYS I 294 -12.47 67.26 54.35
CA CYS I 294 -11.82 65.97 54.63
C CYS I 294 -10.30 66.08 54.45
N SER I 295 -9.89 66.76 53.39
CA SER I 295 -8.48 66.89 53.04
C SER I 295 -7.88 68.20 53.54
N ALA I 296 -8.55 68.83 54.51
CA ALA I 296 -8.09 70.10 55.07
C ALA I 296 -6.62 70.06 55.48
N THR I 297 -5.85 71.03 54.99
CA THR I 297 -4.45 71.14 55.38
C THR I 297 -4.37 71.86 56.74
N SER I 298 -4.61 71.09 57.79
CA SER I 298 -4.78 71.60 59.15
C SER I 298 -3.50 71.60 59.97
N ARG I 299 -2.42 71.04 59.42
CA ARG I 299 -1.12 71.12 60.05
C ARG I 299 -0.18 71.93 59.17
N LEU I 300 0.15 73.14 59.63
CA LEU I 300 1.13 73.98 58.97
C LEU I 300 2.53 73.62 59.48
N ILE I 301 3.44 73.42 58.54
CA ILE I 301 4.83 73.09 58.84
C ILE I 301 5.70 74.09 58.08
N VAL I 302 6.11 75.15 58.79
CA VAL I 302 6.84 76.28 58.20
C VAL I 302 8.32 76.26 58.52
N HIS I 303 9.14 76.65 57.55
CA HIS I 303 10.56 76.83 57.81
C HIS I 303 10.76 77.99 58.81
N GLU I 304 11.57 77.75 59.84
CA GLU I 304 11.70 78.70 60.94
C GLU I 304 12.19 80.11 60.56
N SER I 305 12.91 80.22 59.45
CA SER I 305 13.47 81.52 59.02
C SER I 305 12.44 82.48 58.41
N ILE I 306 11.23 81.98 58.14
CA ILE I 306 10.14 82.83 57.69
C ILE I 306 8.93 82.76 58.64
N ALA I 307 9.04 81.90 59.67
CA ALA I 307 7.91 81.60 60.55
C ALA I 307 7.23 82.82 61.15
N VAL I 308 8.01 83.76 61.71
CA VAL I 308 7.39 84.90 62.40
C VAL I 308 6.64 85.83 61.44
N GLU I 309 7.25 86.19 60.31
CA GLU I 309 6.53 87.06 59.38
C GLU I 309 5.42 86.35 58.61
N PHE I 310 5.59 85.05 58.35
CA PHE I 310 4.55 84.29 57.67
C PHE I 310 3.32 84.09 58.56
N VAL I 311 3.55 83.73 59.81
CA VAL I 311 2.44 83.55 60.75
C VAL I 311 1.71 84.87 61.03
N ASP I 312 2.47 85.98 61.08
CA ASP I 312 1.91 87.33 61.23
C ASP I 312 0.99 87.69 60.06
N LYS I 313 1.42 87.38 58.84
CA LYS I 313 0.58 87.57 57.64
C LYS I 313 -0.64 86.65 57.65
N LEU I 314 -0.44 85.44 58.17
CA LEU I 314 -1.50 84.45 58.30
C LEU I 314 -2.62 84.94 59.23
N VAL I 315 -2.23 85.53 60.36
CA VAL I 315 -3.16 86.12 61.32
C VAL I 315 -3.96 87.25 60.67
N LYS I 316 -3.26 88.08 59.90
CA LYS I 316 -3.88 89.19 59.19
C LYS I 316 -4.93 88.74 58.18
N TRP I 317 -4.59 87.75 57.35
CA TRP I 317 -5.55 87.20 56.39
C TRP I 317 -6.75 86.60 57.13
N ALA I 318 -6.47 85.87 58.21
CA ALA I 318 -7.50 85.21 59.01
C ALA I 318 -8.51 86.20 59.60
N GLU I 319 -8.00 87.30 60.16
CA GLU I 319 -8.83 88.31 60.81
C GLU I 319 -9.59 89.18 59.81
N ASN I 320 -9.14 89.18 58.55
CA ASN I 320 -9.85 89.90 57.49
C ASN I 320 -10.99 89.11 56.83
N ILE I 321 -11.19 87.86 57.25
CA ILE I 321 -12.28 87.05 56.71
C ILE I 321 -13.64 87.49 57.27
N LYS I 322 -14.58 87.81 56.38
CA LYS I 322 -15.93 88.16 56.81
C LYS I 322 -16.70 86.94 57.31
N ILE I 323 -17.08 86.98 58.58
CA ILE I 323 -17.90 85.95 59.21
C ILE I 323 -19.30 86.48 59.38
N SER I 324 -20.26 85.84 58.70
CA SER I 324 -21.64 86.30 58.69
C SER I 324 -22.58 85.17 58.31
N ASP I 325 -23.87 85.49 58.21
CA ASP I 325 -24.86 84.58 57.64
C ASP I 325 -24.43 84.21 56.22
N PRO I 326 -24.50 82.91 55.86
CA PRO I 326 -24.04 82.41 54.57
C PRO I 326 -24.60 83.16 53.37
N LEU I 327 -25.85 83.60 53.47
CA LEU I 327 -26.55 84.21 52.34
C LEU I 327 -26.22 85.70 52.15
N GLU I 328 -25.53 86.28 53.13
CA GLU I 328 -25.16 87.68 53.09
C GLU I 328 -23.96 87.94 52.19
N GLU I 329 -23.98 89.08 51.49
CA GLU I 329 -22.95 89.44 50.52
C GLU I 329 -21.56 89.58 51.13
N GLY I 330 -20.58 88.94 50.49
CA GLY I 330 -19.20 88.97 50.95
C GLY I 330 -18.86 87.93 52.01
N CYS I 331 -19.82 87.05 52.32
CA CYS I 331 -19.58 86.00 53.32
C CYS I 331 -18.45 85.07 52.88
N ARG I 332 -17.45 84.93 53.72
CA ARG I 332 -16.29 84.10 53.43
C ARG I 332 -16.12 83.00 54.48
N LEU I 333 -16.99 83.03 55.49
CA LEU I 333 -17.04 81.99 56.50
C LEU I 333 -18.43 81.99 57.12
N GLY I 334 -19.05 80.82 57.18
CA GLY I 334 -20.33 80.67 57.85
C GLY I 334 -20.21 79.86 59.13
N PRO I 335 -21.36 79.48 59.71
CA PRO I 335 -21.36 78.71 60.96
C PRO I 335 -21.05 77.24 60.73
N ILE I 336 -20.58 76.57 61.78
CA ILE I 336 -20.45 75.11 61.82
C ILE I 336 -21.85 74.48 61.67
N VAL I 337 -21.90 73.26 61.13
CA VAL I 337 -23.15 72.64 60.65
C VAL I 337 -24.23 72.38 61.71
N SER I 338 -23.82 72.01 62.92
CA SER I 338 -24.74 71.62 64.00
C SER I 338 -24.19 72.02 65.35
N GLU I 339 -25.06 72.06 66.36
CA GLU I 339 -24.65 72.34 67.75
C GLU I 339 -23.61 71.34 68.24
N ALA I 340 -23.84 70.06 68.00
CA ALA I 340 -22.94 69.01 68.46
C ALA I 340 -21.53 69.14 67.84
N GLN I 341 -21.49 69.52 66.55
CA GLN I 341 -20.21 69.74 65.87
C GLN I 341 -19.55 71.04 66.31
N TYR I 342 -20.38 72.06 66.56
CA TYR I 342 -19.93 73.35 67.08
C TYR I 342 -19.16 73.18 68.38
N LYS I 343 -19.66 72.28 69.23
CA LYS I 343 -19.09 72.04 70.56
C LYS I 343 -17.82 71.20 70.51
N LYS I 344 -17.76 70.27 69.56
CA LYS I 344 -16.57 69.44 69.34
C LYS I 344 -15.38 70.30 68.89
N VAL I 345 -15.65 71.22 67.97
CA VAL I 345 -14.63 72.16 67.50
C VAL I 345 -14.09 72.97 68.68
N LEU I 346 -14.99 73.50 69.50
CA LEU I 346 -14.57 74.31 70.65
C LEU I 346 -13.86 73.49 71.70
N ASN I 347 -14.25 72.22 71.85
CA ASN I 347 -13.55 71.29 72.75
C ASN I 347 -12.12 71.01 72.32
N CYS I 348 -11.90 70.96 71.01
CA CYS I 348 -10.54 70.82 70.45
C CYS I 348 -9.71 72.05 70.77
N ILE I 349 -10.31 73.23 70.57
CA ILE I 349 -9.68 74.51 70.89
C ILE I 349 -9.33 74.55 72.38
N SER I 350 -10.34 74.30 73.23
CA SER I 350 -10.17 74.19 74.67
C SER I 350 -9.04 73.25 75.10
N SER I 351 -8.99 72.06 74.51
CA SER I 351 -7.97 71.07 74.84
C SER I 351 -6.55 71.46 74.38
N ALA I 352 -6.46 72.23 73.30
CA ALA I 352 -5.17 72.77 72.89
C ALA I 352 -4.62 73.70 73.96
N LYS I 353 -5.50 74.52 74.55
CA LYS I 353 -5.11 75.41 75.64
C LYS I 353 -4.64 74.64 76.88
N SER I 354 -5.35 73.56 77.21
CA SER I 354 -5.09 72.78 78.42
C SER I 354 -3.80 71.96 78.33
N GLU I 355 -3.32 71.73 77.12
CA GLU I 355 -2.11 70.95 76.92
C GLU I 355 -0.89 71.83 76.68
N GLY I 356 -1.11 73.14 76.67
CA GLY I 356 -0.01 74.10 76.63
C GLY I 356 0.18 74.93 75.38
N ALA I 357 -0.72 74.80 74.41
CA ALA I 357 -0.60 75.53 73.15
C ALA I 357 -1.11 76.97 73.23
N THR I 358 -0.65 77.81 72.31
CA THR I 358 -1.00 79.23 72.29
C THR I 358 -2.00 79.55 71.18
N ILE I 359 -3.11 80.19 71.54
CA ILE I 359 -4.08 80.69 70.55
C ILE I 359 -3.66 82.07 70.04
N LEU I 360 -3.31 82.17 68.77
CA LEU I 360 -2.83 83.43 68.18
C LEU I 360 -3.94 84.33 67.66
N THR I 361 -5.05 83.72 67.25
CA THR I 361 -6.20 84.45 66.76
C THR I 361 -7.43 83.57 66.89
N GLY I 362 -8.60 84.19 67.01
CA GLY I 362 -9.86 83.47 67.17
C GLY I 362 -9.88 82.56 68.39
N GLY I 363 -10.45 81.36 68.22
CA GLY I 363 -10.62 80.43 69.32
C GLY I 363 -11.88 80.69 70.12
N ARG I 364 -12.79 81.46 69.53
CA ARG I 364 -14.08 81.77 70.15
C ARG I 364 -15.10 82.26 69.12
N ARG I 365 -16.33 82.42 69.58
CA ARG I 365 -17.42 82.97 68.80
C ARG I 365 -17.26 84.48 68.64
N PRO I 366 -17.45 85.01 67.41
CA PRO I 366 -17.38 86.46 67.21
C PRO I 366 -18.35 87.22 68.10
N GLU I 367 -17.90 88.34 68.65
CA GLU I 367 -18.72 89.18 69.54
C GLU I 367 -19.98 89.69 68.83
N HIS I 368 -19.88 89.98 67.53
CA HIS I 368 -21.01 90.53 66.77
C HIS I 368 -22.10 89.51 66.41
N LEU I 369 -21.81 88.22 66.61
CA LEU I 369 -22.77 87.16 66.30
C LEU I 369 -23.25 86.46 67.57
N LYS I 370 -24.42 86.85 68.05
CA LYS I 370 -24.99 86.33 69.29
C LYS I 370 -25.66 84.96 69.10
N LYS I 371 -26.23 84.74 67.92
CA LYS I 371 -26.85 83.46 67.57
C LYS I 371 -26.11 82.80 66.42
N GLY I 372 -26.20 81.48 66.34
CA GLY I 372 -25.56 80.70 65.28
C GLY I 372 -24.30 79.99 65.74
N TYR I 373 -23.87 78.99 65.01
CA TYR I 373 -22.73 78.16 65.43
C TYR I 373 -21.40 78.69 64.87
N PHE I 374 -21.14 79.97 65.12
CA PHE I 374 -19.98 80.64 64.54
C PHE I 374 -18.73 80.52 65.41
N VAL I 375 -17.63 80.16 64.75
CA VAL I 375 -16.31 80.16 65.38
C VAL I 375 -15.38 80.96 64.50
N GLU I 376 -14.53 81.76 65.13
CA GLU I 376 -13.56 82.57 64.41
C GLU I 376 -12.44 81.69 63.87
N PRO I 377 -11.88 82.04 62.69
CA PRO I 377 -10.70 81.37 62.18
C PRO I 377 -9.64 81.34 63.27
N THR I 378 -9.18 80.14 63.61
CA THR I 378 -8.25 79.97 64.72
C THR I 378 -6.90 79.47 64.22
N ILE I 379 -5.85 80.16 64.62
CA ILE I 379 -4.49 79.71 64.38
C ILE I 379 -3.86 79.41 65.72
N ILE I 380 -3.35 78.19 65.86
CA ILE I 380 -2.79 77.72 67.12
C ILE I 380 -1.29 77.43 66.95
N THR I 381 -0.49 77.96 67.86
CA THR I 381 0.97 77.83 67.78
C THR I 381 1.52 77.18 69.05
N ASP I 382 2.85 77.04 69.13
CA ASP I 382 3.52 76.36 70.25
C ASP I 382 3.00 74.92 70.41
N VAL I 383 2.91 74.21 69.30
CA VAL I 383 2.29 72.89 69.25
C VAL I 383 3.34 71.80 69.38
N THR I 384 3.00 70.79 70.17
CA THR I 384 3.85 69.60 70.31
C THR I 384 3.21 68.42 69.58
N THR I 385 4.06 67.49 69.15
CA THR I 385 3.67 66.28 68.44
C THR I 385 2.66 65.39 69.22
N SER I 386 2.71 65.46 70.55
CA SER I 386 1.88 64.61 71.39
C SER I 386 0.48 65.17 71.65
N MET I 387 0.28 66.43 71.30
CA MET I 387 -0.99 67.12 71.54
C MET I 387 -2.13 66.62 70.66
N GLN I 388 -3.34 66.62 71.22
CA GLN I 388 -4.54 66.25 70.47
C GLN I 388 -4.73 67.08 69.21
N ILE I 389 -4.43 68.37 69.31
CA ILE I 389 -4.64 69.32 68.21
C ILE I 389 -3.78 69.01 66.98
N TRP I 390 -2.69 68.27 67.19
CA TRP I 390 -1.78 67.86 66.12
C TRP I 390 -2.15 66.47 65.58
N ARG I 391 -2.69 65.62 66.46
CA ARG I 391 -3.00 64.23 66.14
CA ARG I 391 -3.02 64.23 66.15
C ARG I 391 -4.39 64.05 65.52
N GLU I 392 -5.37 64.79 66.01
CA GLU I 392 -6.76 64.55 65.63
C GLU I 392 -7.43 65.63 64.78
N GLU I 393 -8.35 65.17 63.93
CA GLU I 393 -9.07 66.01 62.97
C GLU I 393 -10.09 66.89 63.68
N VAL I 394 -9.95 68.20 63.51
CA VAL I 394 -10.83 69.17 64.16
C VAL I 394 -12.16 69.29 63.41
N PHE I 395 -12.08 69.37 62.09
CA PHE I 395 -13.24 69.61 61.23
C PHE I 395 -13.92 70.94 61.55
N GLY I 396 -13.09 71.92 61.90
CA GLY I 396 -13.48 73.29 62.12
C GLY I 396 -12.33 74.15 61.66
N PRO I 397 -12.52 75.48 61.61
CA PRO I 397 -11.50 76.36 61.02
C PRO I 397 -10.32 76.60 61.97
N VAL I 398 -9.57 75.53 62.26
CA VAL I 398 -8.52 75.55 63.27
C VAL I 398 -7.19 75.01 62.71
N LEU I 399 -6.19 75.88 62.63
CA LEU I 399 -4.89 75.55 62.06
C LEU I 399 -3.81 75.37 63.13
N ALA I 400 -3.12 74.23 63.12
CA ALA I 400 -1.99 74.01 64.02
C ALA I 400 -0.66 74.29 63.31
N VAL I 401 0.27 74.95 64.00
CA VAL I 401 1.51 75.44 63.41
C VAL I 401 2.75 74.89 64.11
N LYS I 402 3.61 74.24 63.35
CA LYS I 402 4.91 73.81 63.82
C LYS I 402 6.01 74.31 62.91
N THR I 403 7.23 74.28 63.40
CA THR I 403 8.36 74.91 62.75
C THR I 403 9.39 73.83 62.38
N PHE I 404 10.18 74.08 61.35
CA PHE I 404 11.26 73.14 60.98
C PHE I 404 12.46 73.89 60.42
N SER I 405 13.62 73.24 60.42
CA SER I 405 14.80 73.78 59.76
C SER I 405 15.28 72.94 58.56
N THR I 406 15.40 71.62 58.71
CA THR I 406 15.83 70.75 57.59
C THR I 406 14.66 70.10 56.84
N GLU I 407 14.91 69.81 55.57
CA GLU I 407 13.96 69.12 54.69
C GLU I 407 13.54 67.74 55.25
N GLU I 408 14.49 67.02 55.84
CA GLU I 408 14.22 65.73 56.48
C GLU I 408 13.24 65.88 57.64
N GLU I 409 13.41 66.95 58.41
CA GLU I 409 12.53 67.29 59.52
C GLU I 409 11.12 67.63 59.00
N ALA I 410 11.06 68.46 57.95
CA ALA I 410 9.80 68.80 57.30
C ALA I 410 9.01 67.56 56.87
N ILE I 411 9.70 66.62 56.21
CA ILE I 411 9.09 65.38 55.73
C ILE I 411 8.61 64.49 56.88
N ASN I 412 9.45 64.33 57.90
CA ASN I 412 9.07 63.51 59.05
C ASN I 412 7.86 64.04 59.81
N LEU I 413 7.80 65.35 60.00
CA LEU I 413 6.65 65.99 60.63
C LEU I 413 5.39 65.84 59.77
N ALA I 414 5.56 65.98 58.46
CA ALA I 414 4.46 65.83 57.50
C ALA I 414 3.82 64.44 57.54
N ASN I 415 4.66 63.42 57.63
CA ASN I 415 4.21 62.03 57.67
C ASN I 415 3.93 61.51 59.09
N ASP I 416 3.94 62.41 60.07
CA ASP I 416 3.70 62.02 61.45
C ASP I 416 2.21 62.00 61.76
N THR I 417 1.51 61.08 61.11
CA THR I 417 0.07 60.93 61.24
C THR I 417 -0.29 59.55 60.73
N HIS I 418 -1.35 58.99 61.31
CA HIS I 418 -1.86 57.71 60.86
CA HIS I 418 -1.91 57.71 60.89
C HIS I 418 -2.79 57.88 59.65
N TYR I 419 -3.15 59.12 59.34
CA TYR I 419 -3.95 59.46 58.17
C TYR I 419 -3.06 59.58 56.92
N GLY I 420 -3.67 59.90 55.79
CA GLY I 420 -2.93 60.04 54.54
C GLY I 420 -3.81 60.39 53.34
N LEU I 421 -4.63 61.43 53.50
CA LEU I 421 -5.49 61.87 52.41
C LEU I 421 -4.76 62.88 51.52
N GLY I 422 -4.69 64.13 51.96
CA GLY I 422 -4.02 65.18 51.19
C GLY I 422 -2.71 65.61 51.79
N SER I 423 -2.07 66.58 51.13
CA SER I 423 -0.80 67.15 51.54
C SER I 423 -0.44 68.25 50.56
N ALA I 424 0.35 69.23 51.02
CA ALA I 424 0.74 70.35 50.16
C ALA I 424 2.17 70.83 50.40
N VAL I 425 2.82 71.25 49.32
CA VAL I 425 4.19 71.74 49.39
C VAL I 425 4.30 73.07 48.67
N MET I 426 4.68 74.09 49.43
CA MET I 426 4.86 75.41 48.90
C MET I 426 6.37 75.67 48.81
N SER I 427 6.86 75.79 47.57
CA SER I 427 8.26 76.14 47.32
C SER I 427 8.47 76.50 45.84
N ASN I 428 9.21 77.59 45.60
CA ASN I 428 9.55 78.00 44.23
C ASN I 428 10.51 77.03 43.54
N ASP I 429 11.30 76.35 44.36
CA ASP I 429 12.21 75.31 43.90
C ASP I 429 11.42 74.05 43.51
N LEU I 430 11.25 73.85 42.20
CA LEU I 430 10.41 72.79 41.67
C LEU I 430 10.97 71.37 41.81
N GLU I 431 12.30 71.26 41.90
CA GLU I 431 12.94 69.98 42.19
C GLU I 431 12.63 69.57 43.62
N ARG I 432 12.64 70.55 44.53
CA ARG I 432 12.33 70.31 45.93
C ARG I 432 10.89 69.81 46.11
N CYS I 433 9.96 70.50 45.45
CA CYS I 433 8.56 70.08 45.42
C CYS I 433 8.37 68.65 44.91
N GLU I 434 9.12 68.28 43.86
CA GLU I 434 9.04 66.92 43.33
C GLU I 434 9.50 65.88 44.35
N ARG I 435 10.62 66.16 45.02
CA ARG I 435 11.14 65.28 46.07
C ARG I 435 10.10 65.04 47.13
N LEU I 436 9.48 66.14 47.58
CA LEU I 436 8.46 66.05 48.61
C LEU I 436 7.21 65.36 48.13
N SER I 437 6.84 65.56 46.86
CA SER I 437 5.66 64.91 46.32
C SER I 437 5.81 63.38 46.40
N LYS I 438 7.05 62.92 46.25
CA LYS I 438 7.36 61.49 46.37
C LYS I 438 7.40 61.04 47.83
N ALA I 439 7.90 61.90 48.71
CA ALA I 439 8.10 61.56 50.11
C ALA I 439 6.84 61.64 50.96
N LEU I 440 5.89 62.50 50.56
CA LEU I 440 4.67 62.69 51.32
C LEU I 440 3.74 61.48 51.21
N GLN I 441 3.35 60.94 52.36
CA GLN I 441 2.53 59.73 52.41
C GLN I 441 1.05 60.07 52.35
N ALA I 442 0.57 60.32 51.13
CA ALA I 442 -0.80 60.82 50.93
C ALA I 442 -1.35 60.35 49.58
N GLY I 443 -2.67 60.39 49.44
CA GLY I 443 -3.29 60.09 48.16
C GLY I 443 -3.22 61.27 47.19
N ILE I 444 -3.16 62.49 47.75
CA ILE I 444 -3.15 63.72 46.96
C ILE I 444 -2.02 64.64 47.42
N VAL I 445 -1.25 65.15 46.46
CA VAL I 445 -0.20 66.12 46.76
C VAL I 445 -0.42 67.39 45.95
N TRP I 446 -0.61 68.50 46.64
CA TRP I 446 -0.77 69.80 46.02
C TRP I 446 0.57 70.53 46.00
N ILE I 447 0.92 71.11 44.87
CA ILE I 447 2.19 71.85 44.75
C ILE I 447 1.91 73.32 44.47
N ASN I 448 2.32 74.17 45.41
CA ASN I 448 2.09 75.61 45.37
C ASN I 448 0.62 76.00 45.33
N CYS I 449 -0.20 75.17 45.97
CA CYS I 449 -1.61 75.44 46.23
C CYS I 449 -2.10 74.44 47.28
N ALA I 450 -3.39 74.52 47.60
CA ALA I 450 -4.01 73.62 48.58
C ALA I 450 -5.50 73.51 48.32
N GLN I 451 -5.97 72.29 48.08
CA GLN I 451 -7.42 71.95 48.03
C GLN I 451 -8.13 71.71 46.67
N PRO I 452 -7.68 72.35 45.57
CA PRO I 452 -8.44 72.19 44.32
C PRO I 452 -8.71 70.72 43.95
N SER I 453 -9.94 70.41 43.55
CA SER I 453 -10.29 69.03 43.20
C SER I 453 -10.91 68.90 41.81
N PHE I 454 -10.05 68.74 40.81
CA PHE I 454 -10.47 68.55 39.43
C PHE I 454 -11.13 67.19 39.21
N ILE I 455 -12.25 67.22 38.51
CA ILE I 455 -13.09 66.06 38.27
C ILE I 455 -12.35 64.97 37.47
N GLN I 456 -11.32 65.40 36.75
CA GLN I 456 -10.54 64.52 35.89
C GLN I 456 -9.48 63.71 36.65
N ALA I 457 -9.14 64.11 37.88
CA ALA I 457 -8.01 63.51 38.60
C ALA I 457 -8.45 62.64 39.79
N PRO I 458 -7.80 61.47 39.99
CA PRO I 458 -8.23 60.52 41.03
C PRO I 458 -8.10 61.09 42.46
N TRP I 459 -9.10 60.78 43.28
CA TRP I 459 -9.23 61.37 44.61
C TRP I 459 -9.46 60.28 45.63
N GLY I 460 -8.57 60.20 46.62
CA GLY I 460 -8.68 59.25 47.72
C GLY I 460 -7.45 59.23 48.60
N GLY I 461 -7.55 58.51 49.72
CA GLY I 461 -6.46 58.45 50.69
C GLY I 461 -5.75 57.11 50.77
N ILE I 462 -4.69 57.09 51.59
CA ILE I 462 -4.03 55.87 52.00
C ILE I 462 -4.06 55.82 53.53
N LYS I 463 -3.55 54.73 54.10
CA LYS I 463 -3.48 54.55 55.55
C LYS I 463 -4.88 54.64 56.19
N ARG I 464 -5.00 55.30 57.34
CA ARG I 464 -6.29 55.36 58.03
C ARG I 464 -7.29 56.30 57.37
N SER I 465 -6.85 56.99 56.30
CA SER I 465 -7.76 57.84 55.53
C SER I 465 -8.62 57.02 54.56
N GLY I 466 -8.33 55.74 54.45
CA GLY I 466 -9.15 54.81 53.67
C GLY I 466 -8.44 54.27 52.45
N PHE I 467 -9.22 53.88 51.44
CA PHE I 467 -8.73 53.30 50.20
C PHE I 467 -9.80 53.36 49.11
N GLY I 468 -9.36 53.15 47.88
CA GLY I 468 -10.25 53.31 46.73
C GLY I 468 -10.09 54.72 46.24
N ARG I 469 -10.55 54.95 45.02
CA ARG I 469 -10.43 56.26 44.39
C ARG I 469 -11.74 56.67 43.75
N GLU I 470 -12.12 57.91 44.03
CA GLU I 470 -13.25 58.53 43.37
C GLU I 470 -12.67 59.46 42.30
N LEU I 471 -13.55 60.00 41.46
CA LEU I 471 -13.19 60.95 40.38
C LEU I 471 -12.35 60.35 39.24
N GLY I 472 -12.33 61.04 38.10
CA GLY I 472 -11.64 60.58 36.90
C GLY I 472 -12.17 59.26 36.37
N GLU I 473 -11.30 58.50 35.71
CA GLU I 473 -11.68 57.16 35.23
C GLU I 473 -11.83 56.22 36.42
N TRP I 474 -11.09 56.53 37.49
CA TRP I 474 -11.08 55.74 38.72
C TRP I 474 -12.46 55.72 39.41
N GLY I 475 -13.17 56.84 39.34
CA GLY I 475 -14.53 56.93 39.86
C GLY I 475 -15.43 55.92 39.19
N LEU I 476 -15.32 55.81 37.87
CA LEU I 476 -16.09 54.86 37.08
C LEU I 476 -15.76 53.41 37.45
N GLU I 477 -14.47 53.09 37.45
CA GLU I 477 -14.00 51.74 37.76
C GLU I 477 -14.47 51.23 39.11
N ASN I 478 -14.60 52.14 40.06
CA ASN I 478 -15.13 51.85 41.39
C ASN I 478 -16.48 51.09 41.36
N TYR I 479 -17.25 51.31 40.30
CA TYR I 479 -18.59 50.70 40.16
C TYR I 479 -18.67 49.65 39.06
N LEU I 480 -17.52 49.32 38.48
CA LEU I 480 -17.42 48.29 37.45
C LEU I 480 -16.70 47.08 37.99
N SER I 481 -17.09 45.90 37.51
CA SER I 481 -16.29 44.69 37.68
C SER I 481 -15.74 44.22 36.33
N VAL I 482 -14.59 43.54 36.38
CA VAL I 482 -13.93 43.00 35.22
C VAL I 482 -14.35 41.55 35.02
N LYS I 483 -14.76 41.21 33.80
CA LYS I 483 -15.04 39.83 33.45
C LYS I 483 -14.11 39.37 32.32
N GLN I 484 -13.31 38.35 32.60
CA GLN I 484 -12.48 37.73 31.58
C GLN I 484 -13.33 36.77 30.76
N VAL I 485 -13.33 36.93 29.43
CA VAL I 485 -13.99 35.98 28.54
C VAL I 485 -12.92 35.29 27.70
N THR I 486 -12.74 34.00 27.93
CA THR I 486 -11.69 33.24 27.26
C THR I 486 -12.29 32.10 26.43
N ARG I 487 -11.84 32.00 25.20
CA ARG I 487 -12.42 31.08 24.25
C ARG I 487 -11.38 30.19 23.59
N TYR I 488 -11.64 28.89 23.58
CA TYR I 488 -10.83 27.91 22.88
C TYR I 488 -11.25 27.94 21.42
N THR I 489 -10.30 28.23 20.53
CA THR I 489 -10.61 28.42 19.11
C THR I 489 -10.18 27.23 18.25
N SER I 490 -9.38 26.34 18.83
CA SER I 490 -8.90 25.16 18.14
C SER I 490 -9.98 24.09 18.03
N ASP I 491 -9.84 23.21 17.05
CA ASP I 491 -10.75 22.10 16.88
C ASP I 491 -10.12 20.78 17.31
N GLU I 492 -8.91 20.86 17.88
CA GLU I 492 -8.22 19.69 18.41
C GLU I 492 -8.81 19.35 19.77
N PRO I 493 -8.87 18.04 20.11
CA PRO I 493 -9.22 17.62 21.45
C PRO I 493 -8.24 18.23 22.45
N TRP I 494 -8.68 18.39 23.70
CA TRP I 494 -7.83 18.97 24.74
C TRP I 494 -6.59 18.09 24.96
N GLY I 495 -6.82 16.78 25.07
CA GLY I 495 -5.74 15.79 25.03
C GLY I 495 -5.01 15.60 26.33
N TRP I 496 -5.65 15.96 27.44
CA TRP I 496 -5.08 15.76 28.77
C TRP I 496 -5.36 14.35 29.32
N TYR I 497 -6.58 13.87 29.13
CA TYR I 497 -6.99 12.54 29.61
C TYR I 497 -6.97 11.54 28.47
N GLN I 498 -6.83 10.26 28.82
CA GLN I 498 -6.91 9.18 27.83
C GLN I 498 -8.37 8.94 27.45
N PRO I 499 -8.68 9.03 26.15
CA PRO I 499 -10.04 8.79 25.66
C PRO I 499 -10.55 7.40 26.04
N PRO I 500 -11.87 7.27 26.31
CA PRO I 500 -12.40 5.98 26.75
C PRO I 500 -12.18 4.94 25.66
N SER I 501 -11.74 3.76 26.07
CA SER I 501 -11.30 2.71 25.15
C SER I 501 -12.46 2.17 24.30
N LYS I 502 -12.49 2.64 23.05
CA LYS I 502 -13.49 2.22 22.08
C LYS I 502 -12.77 1.75 20.81
N SER J 6 15.31 18.34 53.59
CA SER J 6 14.26 19.36 53.29
C SER J 6 13.82 20.16 54.53
N SER J 7 14.51 19.96 55.65
CA SER J 7 14.19 20.62 56.92
C SER J 7 14.58 22.11 56.91
N ARG J 8 13.57 22.98 56.83
CA ARG J 8 13.77 24.42 56.74
C ARG J 8 13.20 25.16 57.94
N GLN J 9 13.67 26.38 58.18
CA GLN J 9 13.11 27.23 59.22
C GLN J 9 12.26 28.35 58.62
N LEU J 10 11.92 29.35 59.43
CA LEU J 10 11.24 30.54 58.93
C LEU J 10 12.23 31.41 58.15
N PHE J 11 11.72 32.13 57.14
CA PHE J 11 12.56 33.04 56.38
C PHE J 11 12.24 34.50 56.72
N ILE J 12 13.11 35.11 57.52
CA ILE J 12 12.90 36.47 58.01
C ILE J 12 14.16 37.30 57.83
N ASP J 13 14.00 38.45 57.17
CA ASP J 13 15.07 39.41 56.99
C ASP J 13 16.31 38.75 56.35
N GLY J 14 16.07 38.00 55.28
CA GLY J 14 17.13 37.42 54.46
C GLY J 14 17.82 36.22 55.06
N GLU J 15 17.31 35.73 56.18
CA GLU J 15 17.93 34.63 56.91
C GLU J 15 16.92 33.64 57.51
N TRP J 16 17.39 32.42 57.78
CA TRP J 16 16.59 31.41 58.45
C TRP J 16 16.57 31.64 59.95
N ARG J 17 15.36 31.69 60.51
CA ARG J 17 15.16 31.82 61.95
C ARG J 17 14.25 30.73 62.47
N VAL J 18 14.69 30.07 63.54
CA VAL J 18 13.87 29.11 64.26
C VAL J 18 12.78 29.90 65.02
N PRO J 19 11.52 29.44 64.97
CA PRO J 19 10.46 30.08 65.75
C PRO J 19 10.87 30.23 67.22
N ILE J 20 10.52 31.36 67.82
CA ILE J 20 10.90 31.66 69.21
C ILE J 20 10.46 30.55 70.17
N LEU J 21 9.23 30.06 69.98
CA LEU J 21 8.65 29.02 70.84
C LEU J 21 9.02 27.60 70.37
N ASN J 22 9.62 27.50 69.20
CA ASN J 22 10.19 26.25 68.67
C ASN J 22 9.19 25.11 68.46
N LYS J 23 7.95 25.47 68.10
CA LYS J 23 6.92 24.51 67.73
C LYS J 23 7.08 24.09 66.27
N ARG J 24 6.59 22.89 65.96
CA ARG J 24 6.53 22.40 64.58
C ARG J 24 5.19 21.72 64.28
N ILE J 25 4.82 21.69 63.00
CA ILE J 25 3.61 21.04 62.53
C ILE J 25 3.97 19.83 61.67
N PRO J 26 3.45 18.63 62.02
CA PRO J 26 3.72 17.41 61.25
C PRO J 26 3.13 17.46 59.83
N ASN J 27 3.86 16.89 58.87
CA ASN J 27 3.49 16.91 57.47
C ASN J 27 3.22 15.49 56.94
N ILE J 28 2.04 15.29 56.35
CA ILE J 28 1.57 13.96 55.95
C ILE J 28 1.44 13.81 54.43
N ASN J 29 2.10 12.79 53.88
CA ASN J 29 1.90 12.38 52.49
C ASN J 29 0.47 11.85 52.34
N PRO J 30 -0.36 12.53 51.51
CA PRO J 30 -1.75 12.11 51.33
C PRO J 30 -1.88 10.78 50.59
N SER J 31 -0.79 10.37 49.93
CA SER J 31 -0.76 9.13 49.17
C SER J 31 -0.55 7.89 50.04
N THR J 32 0.11 8.07 51.19
CA THR J 32 0.47 6.94 52.05
C THR J 32 0.00 7.06 53.51
N GLU J 33 -0.46 8.25 53.88
CA GLU J 33 -0.92 8.55 55.25
C GLU J 33 0.24 8.60 56.25
N ASN J 34 1.46 8.42 55.75
CA ASN J 34 2.67 8.48 56.55
C ASN J 34 3.09 9.92 56.83
N ILE J 35 3.72 10.13 57.99
CA ILE J 35 4.40 11.37 58.30
C ILE J 35 5.74 11.38 57.55
N ILE J 36 5.99 12.45 56.79
CA ILE J 36 7.16 12.53 55.92
C ILE J 36 8.11 13.69 56.26
N GLY J 37 7.71 14.49 57.24
CA GLY J 37 8.51 15.62 57.70
C GLY J 37 7.68 16.56 58.56
N ASP J 38 8.23 17.73 58.87
CA ASP J 38 7.49 18.77 59.57
C ASP J 38 7.87 20.18 59.13
N ILE J 39 7.05 21.16 59.50
CA ILE J 39 7.27 22.56 59.14
C ILE J 39 7.24 23.45 60.39
N PRO J 40 8.03 24.54 60.40
CA PRO J 40 8.07 25.43 61.56
C PRO J 40 6.72 26.10 61.83
N ALA J 41 6.28 26.07 63.07
CA ALA J 41 5.01 26.68 63.46
C ALA J 41 5.23 28.06 64.09
N ALA J 42 5.04 29.10 63.28
CA ALA J 42 5.30 30.46 63.72
C ALA J 42 4.18 31.03 64.58
N THR J 43 4.57 31.95 65.45
CA THR J 43 3.72 32.54 66.47
C THR J 43 3.70 34.05 66.32
N LYS J 44 2.77 34.71 67.02
CA LYS J 44 2.68 36.18 67.07
C LYS J 44 4.04 36.88 67.02
N GLU J 45 4.99 36.43 67.84
CA GLU J 45 6.32 37.06 67.93
C GLU J 45 7.17 36.93 66.68
N ASP J 46 7.05 35.80 65.99
CA ASP J 46 7.77 35.57 64.73
C ASP J 46 7.20 36.44 63.61
N VAL J 47 5.88 36.57 63.59
CA VAL J 47 5.19 37.45 62.65
C VAL J 47 5.64 38.90 62.83
N ASP J 48 5.72 39.35 64.07
CA ASP J 48 6.22 40.69 64.40
C ASP J 48 7.60 40.95 63.78
N LEU J 49 8.49 39.98 63.90
CA LEU J 49 9.83 40.06 63.32
C LEU J 49 9.78 40.12 61.79
N ALA J 50 8.94 39.27 61.19
CA ALA J 50 8.71 39.29 59.75
C ALA J 50 8.14 40.62 59.28
N VAL J 51 7.20 41.18 60.03
CA VAL J 51 6.57 42.46 59.65
C VAL J 51 7.53 43.65 59.80
N ASP J 52 8.30 43.68 60.88
CA ASP J 52 9.33 44.71 61.08
C ASP J 52 10.37 44.70 59.95
N ALA J 53 10.79 43.50 59.55
CA ALA J 53 11.76 43.32 58.47
C ALA J 53 11.23 43.92 57.17
N ALA J 54 9.97 43.62 56.86
CA ALA J 54 9.28 44.20 55.71
C ALA J 54 9.27 45.73 55.80
N LYS J 55 8.97 46.25 56.99
CA LYS J 55 8.95 47.69 57.25
C LYS J 55 10.30 48.36 57.08
N ARG J 56 11.37 47.71 57.57
CA ARG J 56 12.73 48.21 57.37
C ARG J 56 13.15 48.16 55.90
N ALA J 57 12.62 47.19 55.17
CA ALA J 57 12.98 46.96 53.77
C ALA J 57 12.47 48.04 52.82
N ILE J 58 11.41 48.75 53.20
CA ILE J 58 10.85 49.82 52.37
C ILE J 58 10.97 51.19 53.03
N SER J 59 11.61 51.22 54.19
CA SER J 59 11.89 52.44 54.94
C SER J 59 12.84 53.37 54.19
N ARG J 60 12.63 54.67 54.35
CA ARG J 60 13.37 55.68 53.59
C ARG J 60 14.90 55.72 53.79
N LYS J 61 15.44 54.75 54.54
CA LYS J 61 16.89 54.54 54.60
C LYS J 61 17.39 53.79 53.35
N ASN J 62 18.55 54.20 52.85
CA ASN J 62 19.07 53.89 51.51
C ASN J 62 19.54 52.44 51.24
N GLY J 63 19.37 51.54 52.20
CA GLY J 63 19.84 50.14 52.08
C GLY J 63 19.63 49.50 50.71
N ARG J 64 18.54 49.92 50.08
CA ARG J 64 18.17 49.57 48.72
C ARG J 64 16.93 50.40 48.46
N ASP J 65 16.20 50.67 49.54
CA ASP J 65 14.87 51.27 49.49
C ASP J 65 14.15 50.63 48.31
N TRP J 66 13.75 49.38 48.50
CA TRP J 66 13.13 48.55 47.48
C TRP J 66 11.97 49.26 46.79
N SER J 67 11.16 49.98 47.58
CA SER J 67 10.04 50.76 47.05
C SER J 67 10.48 51.95 46.20
N ALA J 68 11.66 52.49 46.49
CA ALA J 68 12.17 53.67 45.79
C ALA J 68 13.16 53.32 44.68
N ALA J 69 13.53 52.05 44.59
CA ALA J 69 14.39 51.56 43.52
C ALA J 69 13.66 51.60 42.19
N SER J 70 14.40 51.58 41.09
CA SER J 70 13.78 51.60 39.76
C SER J 70 13.15 50.24 39.47
N GLY J 71 12.07 50.25 38.68
CA GLY J 71 11.37 49.03 38.32
C GLY J 71 12.26 47.99 37.65
N SER J 72 13.21 48.45 36.85
CA SER J 72 14.09 47.55 36.13
C SER J 72 15.10 46.84 37.05
N LEU J 73 15.44 47.47 38.17
CA LEU J 73 16.24 46.80 39.20
C LEU J 73 15.47 45.68 39.88
N ARG J 74 14.22 45.94 40.23
CA ARG J 74 13.37 44.91 40.82
C ARG J 74 13.22 43.75 39.82
N ALA J 75 13.07 44.10 38.55
CA ALA J 75 12.93 43.15 37.46
C ALA J 75 14.12 42.20 37.35
N ARG J 76 15.32 42.70 37.63
CA ARG J 76 16.53 41.87 37.57
C ARG J 76 16.52 40.78 38.63
N TYR J 77 15.98 41.12 39.80
CA TYR J 77 15.80 40.14 40.87
C TYR J 77 14.73 39.11 40.54
N LEU J 78 13.63 39.58 39.96
CA LEU J 78 12.54 38.70 39.57
C LEU J 78 12.97 37.75 38.44
N ARG J 79 13.78 38.24 37.52
CA ARG J 79 14.29 37.40 36.43
C ARG J 79 15.25 36.34 36.94
N ALA J 80 16.06 36.72 37.92
CA ALA J 80 17.01 35.79 38.54
C ALA J 80 16.26 34.69 39.30
N ILE J 81 15.20 35.07 40.02
CA ILE J 81 14.34 34.11 40.73
C ILE J 81 13.68 33.14 39.76
N ALA J 82 13.14 33.66 38.66
CA ALA J 82 12.56 32.83 37.61
C ALA J 82 13.57 31.80 37.10
N ALA J 83 14.76 32.27 36.70
CA ALA J 83 15.80 31.42 36.13
C ALA J 83 16.25 30.32 37.10
N LYS J 84 16.33 30.66 38.39
CA LYS J 84 16.68 29.71 39.43
C LYS J 84 15.60 28.62 39.58
N ILE J 85 14.34 29.04 39.55
CA ILE J 85 13.20 28.12 39.61
C ILE J 85 13.18 27.21 38.37
N LYS J 86 13.46 27.77 37.21
CA LYS J 86 13.53 27.02 35.95
C LYS J 86 14.57 25.89 36.01
N GLU J 87 15.66 26.13 36.73
CA GLU J 87 16.74 25.16 36.91
C GLU J 87 16.29 23.98 37.77
N LYS J 88 15.65 24.28 38.89
CA LYS J 88 15.27 23.26 39.87
C LYS J 88 13.86 22.75 39.61
N LYS J 89 13.39 22.97 38.38
CA LYS J 89 12.02 22.68 37.96
C LYS J 89 11.52 21.28 38.32
N ASP J 90 12.24 20.26 37.89
CA ASP J 90 11.85 18.86 38.10
C ASP J 90 11.84 18.46 39.58
N GLU J 91 12.79 18.99 40.35
CA GLU J 91 12.87 18.68 41.78
C GLU J 91 11.76 19.36 42.57
N LEU J 92 11.52 20.65 42.28
CA LEU J 92 10.46 21.40 42.94
C LEU J 92 9.08 20.85 42.60
N GLY J 93 8.89 20.45 41.34
CA GLY J 93 7.68 19.78 40.88
C GLY J 93 7.40 18.51 41.67
N LYS J 94 8.46 17.71 41.87
CA LYS J 94 8.38 16.49 42.67
C LYS J 94 7.98 16.80 44.12
N LEU J 95 8.58 17.84 44.69
CA LEU J 95 8.27 18.26 46.06
C LEU J 95 6.82 18.73 46.18
N GLU J 96 6.34 19.48 45.19
CA GLU J 96 4.96 19.95 45.13
C GLU J 96 3.99 18.76 45.12
N SER J 97 4.22 17.85 44.19
CA SER J 97 3.39 16.66 44.03
C SER J 97 3.24 15.86 45.32
N ILE J 98 4.36 15.63 46.00
CA ILE J 98 4.39 14.90 47.27
C ILE J 98 3.69 15.70 48.37
N ASP J 99 3.85 17.02 48.31
CA ASP J 99 3.34 17.92 49.35
C ASP J 99 1.82 18.11 49.33
N CYS J 100 1.23 18.19 48.14
CA CYS J 100 -0.20 18.48 48.03
C CYS J 100 -1.04 17.34 47.43
N GLY J 101 -0.39 16.46 46.68
CA GLY J 101 -1.03 15.24 46.15
C GLY J 101 -1.55 15.31 44.73
N LYS J 102 -1.19 16.36 43.99
CA LYS J 102 -1.54 16.44 42.58
C LYS J 102 -0.56 15.63 41.74
N PRO J 103 -1.03 14.99 40.65
CA PRO J 103 -0.17 14.24 39.74
C PRO J 103 1.04 15.06 39.32
N LEU J 104 2.18 14.40 39.15
CA LEU J 104 3.43 15.09 38.85
C LEU J 104 3.32 16.00 37.63
N GLU J 105 2.61 15.54 36.60
CA GLU J 105 2.45 16.32 35.37
C GLU J 105 1.68 17.63 35.57
N GLU J 106 0.82 17.67 36.59
CA GLU J 106 0.17 18.91 37.01
C GLU J 106 1.18 19.82 37.69
N ALA J 107 1.89 19.28 38.68
CA ALA J 107 2.90 20.03 39.43
C ALA J 107 3.99 20.60 38.51
N LEU J 108 4.33 19.85 37.47
CA LEU J 108 5.30 20.28 36.48
C LEU J 108 4.79 21.44 35.63
N ALA J 109 3.50 21.41 35.32
CA ALA J 109 2.86 22.53 34.62
C ALA J 109 2.72 23.76 35.52
N ASP J 110 2.47 23.54 36.81
CA ASP J 110 2.45 24.61 37.81
C ASP J 110 3.75 25.40 37.80
N LEU J 111 4.86 24.68 37.73
CA LEU J 111 6.19 25.28 37.75
C LEU J 111 6.57 26.03 36.46
N ASP J 112 6.14 25.52 35.31
CA ASP J 112 6.27 26.29 34.07
C ASP J 112 5.53 27.62 34.23
N ASP J 113 4.40 27.58 34.92
CA ASP J 113 3.58 28.76 35.16
C ASP J 113 4.18 29.72 36.19
N VAL J 114 4.84 29.19 37.22
CA VAL J 114 5.57 30.01 38.19
C VAL J 114 6.68 30.80 37.48
N VAL J 115 7.46 30.09 36.67
CA VAL J 115 8.57 30.69 35.91
C VAL J 115 8.02 31.84 35.06
N ALA J 116 6.99 31.54 34.26
CA ALA J 116 6.42 32.51 33.34
C ALA J 116 5.80 33.70 34.06
N CYS J 117 5.22 33.44 35.24
CA CYS J 117 4.61 34.48 36.06
C CYS J 117 5.64 35.48 36.59
N PHE J 118 6.75 34.96 37.12
CA PHE J 118 7.88 35.80 37.50
C PHE J 118 8.47 36.57 36.33
N GLU J 119 8.57 35.94 35.16
CA GLU J 119 9.09 36.61 33.96
C GLU J 119 8.14 37.71 33.48
N TYR J 120 6.85 37.47 33.62
CA TYR J 120 5.83 38.40 33.17
C TYR J 120 5.83 39.69 33.99
N TYR J 121 5.94 39.55 35.31
CA TYR J 121 5.93 40.69 36.21
C TYR J 121 7.25 41.44 36.28
N ALA J 122 8.35 40.74 35.99
CA ALA J 122 9.62 41.39 35.76
C ALA J 122 9.49 42.32 34.56
N GLY J 123 8.89 41.80 33.49
CA GLY J 123 8.60 42.60 32.29
C GLY J 123 7.79 43.84 32.61
N LEU J 124 6.74 43.65 33.42
CA LEU J 124 5.89 44.76 33.86
C LEU J 124 6.61 45.74 34.78
N ALA J 125 7.49 45.21 35.64
CA ALA J 125 8.36 46.03 36.48
C ALA J 125 9.23 46.97 35.63
N GLU J 126 9.75 46.44 34.52
CA GLU J 126 10.60 47.22 33.61
C GLU J 126 9.81 48.38 33.01
N GLU J 127 8.57 48.13 32.61
CA GLU J 127 7.73 49.14 31.96
C GLU J 127 7.18 50.15 32.96
N LEU J 128 7.25 49.82 34.25
CA LEU J 128 6.64 50.63 35.29
C LEU J 128 7.19 52.06 35.38
N ASP J 129 8.51 52.20 35.31
CA ASP J 129 9.18 53.50 35.35
C ASP J 129 8.62 54.50 34.33
N SER J 130 8.37 54.02 33.12
CA SER J 130 7.90 54.88 32.01
C SER J 130 6.41 55.25 32.12
N LYS J 131 5.70 54.67 33.08
CA LYS J 131 4.29 54.98 33.29
C LYS J 131 4.10 56.01 34.41
N GLN J 132 5.18 56.29 35.13
CA GLN J 132 5.16 57.29 36.19
C GLN J 132 4.98 58.67 35.60
N LYS J 133 4.32 59.54 36.37
CA LYS J 133 4.04 60.94 35.98
C LYS J 133 3.19 61.04 34.71
N ALA J 134 2.34 60.03 34.52
CA ALA J 134 1.38 60.02 33.42
C ALA J 134 0.45 61.22 33.57
N PRO J 135 0.42 62.09 32.55
CA PRO J 135 -0.31 63.36 32.68
C PRO J 135 -1.81 63.17 32.73
N ILE J 136 -2.48 64.04 33.49
CA ILE J 136 -3.92 64.13 33.42
C ILE J 136 -4.34 65.49 32.85
N SER J 137 -5.11 65.43 31.77
CA SER J 137 -5.56 66.59 31.02
C SER J 137 -6.58 67.39 31.82
N LEU J 138 -6.38 68.70 31.90
CA LEU J 138 -7.22 69.60 32.71
C LEU J 138 -7.89 70.70 31.88
N PRO J 139 -9.04 71.23 32.35
CA PRO J 139 -9.72 72.33 31.62
C PRO J 139 -9.01 73.69 31.70
N MET J 140 -8.33 73.97 32.82
CA MET J 140 -7.60 75.23 33.00
C MET J 140 -6.11 75.06 32.74
N ASP J 141 -5.48 76.08 32.15
CA ASP J 141 -4.04 76.06 31.88
C ASP J 141 -3.22 76.50 33.11
N THR J 142 -3.93 76.92 34.15
CA THR J 142 -3.30 77.43 35.37
C THR J 142 -2.87 76.33 36.35
N PHE J 143 -3.28 75.09 36.08
CA PHE J 143 -2.89 73.93 36.86
C PHE J 143 -2.38 72.85 35.94
N LYS J 144 -1.40 72.09 36.42
CA LYS J 144 -0.98 70.85 35.78
C LYS J 144 -1.12 69.70 36.76
N SER J 145 -1.38 68.51 36.24
CA SER J 145 -1.59 67.33 37.07
C SER J 145 -1.07 66.06 36.41
N TYR J 146 -0.51 65.17 37.24
CA TYR J 146 -0.13 63.84 36.81
C TYR J 146 -0.31 62.84 37.96
N ILE J 147 -0.13 61.56 37.67
CA ILE J 147 -0.29 60.52 38.68
C ILE J 147 1.01 59.76 38.90
N LEU J 148 1.27 59.41 40.16
CA LEU J 148 2.34 58.48 40.50
C LEU J 148 1.72 57.17 40.98
N LYS J 149 2.34 56.06 40.58
CA LYS J 149 1.89 54.75 40.98
C LYS J 149 2.88 54.20 41.99
N GLU J 150 2.50 54.30 43.26
CA GLU J 150 3.39 53.94 44.36
C GLU J 150 3.00 52.60 44.96
N PRO J 151 3.98 51.85 45.48
CA PRO J 151 3.65 50.60 46.18
C PRO J 151 2.80 50.86 47.42
N ILE J 152 1.82 50.00 47.65
CA ILE J 152 0.90 50.14 48.77
C ILE J 152 1.62 49.94 50.11
N GLY J 153 2.76 49.26 50.09
CA GLY J 153 3.66 49.17 51.25
C GLY J 153 4.02 47.76 51.67
N VAL J 154 3.77 47.44 52.94
CA VAL J 154 3.97 46.11 53.46
C VAL J 154 2.71 45.27 53.19
N VAL J 155 2.90 44.14 52.52
CA VAL J 155 1.76 43.31 52.12
C VAL J 155 1.75 41.92 52.76
N ALA J 156 0.59 41.54 53.29
CA ALA J 156 0.33 40.19 53.80
C ALA J 156 -0.28 39.30 52.73
N LEU J 157 0.43 38.22 52.41
CA LEU J 157 0.05 37.33 51.32
C LEU J 157 -0.31 35.97 51.87
N ILE J 158 -1.59 35.63 51.79
CA ILE J 158 -2.09 34.38 52.39
C ILE J 158 -2.66 33.49 51.31
N THR J 159 -2.05 32.32 51.15
CA THR J 159 -2.26 31.47 49.98
C THR J 159 -2.78 30.07 50.36
N PRO J 160 -3.51 29.41 49.44
CA PRO J 160 -4.09 28.10 49.71
C PRO J 160 -3.16 26.95 49.36
N TRP J 161 -3.59 25.71 49.64
CA TRP J 161 -2.75 24.52 49.44
C TRP J 161 -2.92 23.82 48.08
N ASN J 162 -3.91 24.22 47.29
CA ASN J 162 -4.22 23.51 46.06
C ASN J 162 -3.24 23.79 44.91
N TYR J 163 -2.75 25.04 44.85
CA TYR J 163 -1.65 25.38 43.95
C TYR J 163 -0.58 26.10 44.77
N PRO J 164 0.08 25.36 45.67
CA PRO J 164 0.90 25.96 46.73
C PRO J 164 1.89 26.99 46.20
N PHE J 165 2.70 26.57 45.22
CA PHE J 165 3.77 27.41 44.71
C PHE J 165 3.22 28.49 43.78
N LEU J 166 2.27 28.11 42.93
CA LEU J 166 1.73 29.02 41.94
C LEU J 166 0.86 30.12 42.54
N MET J 167 0.04 29.78 43.54
CA MET J 167 -0.78 30.76 44.21
C MET J 167 0.05 31.77 45.00
N ALA J 168 1.20 31.31 45.52
CA ALA J 168 2.14 32.20 46.20
C ALA J 168 2.73 33.19 45.19
N THR J 169 3.16 32.66 44.06
CA THR J 169 3.73 33.46 42.97
C THR J 169 2.75 34.48 42.39
N TRP J 170 1.49 34.07 42.20
CA TRP J 170 0.43 34.97 41.75
C TRP J 170 0.37 36.27 42.56
N LYS J 171 0.73 36.21 43.83
CA LYS J 171 0.78 37.42 44.64
C LYS J 171 2.17 38.00 44.86
N ILE J 172 3.17 37.14 45.09
CA ILE J 172 4.54 37.58 45.33
C ILE J 172 5.08 38.36 44.14
N ALA J 173 4.99 37.76 42.95
CA ALA J 173 5.56 38.35 41.75
C ALA J 173 5.10 39.79 41.49
N PRO J 174 3.78 40.06 41.41
CA PRO J 174 3.36 41.46 41.23
C PRO J 174 3.59 42.36 42.44
N ALA J 175 3.59 41.78 43.65
CA ALA J 175 3.87 42.54 44.87
C ALA J 175 5.26 43.13 44.83
N LEU J 176 6.25 42.30 44.46
CA LEU J 176 7.65 42.76 44.40
C LEU J 176 7.88 43.67 43.21
N ALA J 177 7.26 43.36 42.08
CA ALA J 177 7.34 44.22 40.90
C ALA J 177 6.82 45.63 41.21
N ALA J 178 5.79 45.70 42.05
CA ALA J 178 5.21 46.98 42.49
C ALA J 178 6.12 47.76 43.43
N GLY J 179 7.03 47.05 44.11
CA GLY J 179 7.94 47.68 45.07
C GLY J 179 7.51 47.47 46.49
N CYS J 180 6.66 46.46 46.71
CA CYS J 180 6.21 46.11 48.04
C CYS J 180 7.17 45.13 48.71
N ALA J 181 7.16 45.11 50.04
CA ALA J 181 7.76 44.03 50.80
C ALA J 181 6.63 43.13 51.30
N ALA J 182 6.90 41.84 51.31
CA ALA J 182 5.87 40.84 51.49
C ALA J 182 6.15 39.88 52.63
N ILE J 183 5.08 39.47 53.30
CA ILE J 183 5.13 38.33 54.19
C ILE J 183 4.16 37.30 53.63
N LEU J 184 4.71 36.16 53.22
CA LEU J 184 3.89 35.05 52.75
C LEU J 184 3.51 34.15 53.91
N LYS J 185 2.22 33.87 54.04
CA LYS J 185 1.73 32.88 54.98
C LYS J 185 1.09 31.76 54.17
N PRO J 186 1.87 30.71 53.83
CA PRO J 186 1.35 29.57 53.08
C PRO J 186 0.46 28.69 53.94
N SER J 187 -0.30 27.81 53.29
CA SER J 187 -1.12 26.84 54.00
C SER J 187 -0.23 25.84 54.73
N GLU J 188 -0.53 25.64 56.01
CA GLU J 188 0.11 24.60 56.82
C GLU J 188 0.06 23.19 56.19
N LEU J 189 -0.80 23.01 55.19
CA LEU J 189 -0.93 21.72 54.52
C LEU J 189 0.05 21.53 53.36
N ALA J 190 0.56 22.64 52.81
CA ALA J 190 1.50 22.57 51.70
C ALA J 190 2.45 23.76 51.70
N SER J 191 3.58 23.58 52.37
CA SER J 191 4.51 24.68 52.60
C SER J 191 5.92 24.47 52.04
N VAL J 192 6.21 23.26 51.55
CA VAL J 192 7.61 22.91 51.24
C VAL J 192 8.24 23.75 50.14
N THR J 193 7.55 23.95 49.03
CA THR J 193 8.12 24.68 47.90
C THR J 193 8.20 26.19 48.16
N CYS J 194 7.25 26.69 48.95
CA CYS J 194 7.26 28.09 49.37
C CYS J 194 8.46 28.39 50.26
N LEU J 195 8.82 27.45 51.13
CA LEU J 195 10.02 27.57 51.95
C LEU J 195 11.28 27.49 51.10
N GLU J 196 11.21 26.69 50.03
CA GLU J 196 12.30 26.62 49.05
C GLU J 196 12.45 27.92 48.25
N LEU J 197 11.38 28.72 48.20
CA LEU J 197 11.46 30.01 47.52
C LEU J 197 12.33 30.98 48.31
N GLY J 198 12.29 30.86 49.64
CA GLY J 198 13.16 31.63 50.51
C GLY J 198 14.63 31.39 50.24
N GLU J 199 15.01 30.11 50.11
CA GLU J 199 16.38 29.75 49.75
C GLU J 199 16.77 30.36 48.40
N ILE J 200 15.87 30.24 47.42
CA ILE J 200 16.06 30.84 46.10
C ILE J 200 16.29 32.35 46.20
N CYS J 201 15.52 33.02 47.07
CA CYS J 201 15.71 34.45 47.32
C CYS J 201 17.06 34.75 47.97
N LYS J 202 17.46 33.90 48.91
CA LYS J 202 18.77 34.01 49.55
C LYS J 202 19.89 33.85 48.52
N GLU J 203 19.81 32.80 47.71
CA GLU J 203 20.84 32.49 46.70
C GLU J 203 20.97 33.55 45.62
N VAL J 204 19.87 34.23 45.34
CA VAL J 204 19.80 35.27 44.31
C VAL J 204 20.14 36.65 44.90
N GLY J 205 20.25 36.70 46.23
CA GLY J 205 20.63 37.93 46.93
C GLY J 205 19.55 39.01 46.98
N LEU J 206 18.29 38.59 47.06
CA LEU J 206 17.19 39.53 47.22
C LEU J 206 17.40 40.30 48.53
N PRO J 207 17.23 41.64 48.50
CA PRO J 207 17.49 42.45 49.70
C PRO J 207 16.72 41.98 50.94
N ARG J 208 17.36 42.10 52.09
CA ARG J 208 16.81 41.69 53.39
C ARG J 208 15.40 42.20 53.60
N GLY J 209 14.48 41.28 53.91
CA GLY J 209 13.13 41.67 54.34
C GLY J 209 12.12 42.00 53.26
N VAL J 210 12.57 42.03 52.01
CA VAL J 210 11.67 42.19 50.86
C VAL J 210 10.65 41.04 50.78
N LEU J 211 11.11 39.83 51.03
CA LEU J 211 10.19 38.70 51.14
C LEU J 211 10.46 37.93 52.42
N ASN J 212 9.43 37.78 53.25
CA ASN J 212 9.51 36.99 54.45
C ASN J 212 8.48 35.88 54.40
N ILE J 213 8.87 34.68 54.81
CA ILE J 213 7.97 33.53 54.75
C ILE J 213 7.70 32.98 56.14
N VAL J 214 6.43 33.02 56.53
CA VAL J 214 6.02 32.61 57.85
C VAL J 214 4.98 31.49 57.74
N THR J 215 5.42 30.26 58.02
CA THR J 215 4.54 29.09 58.02
C THR J 215 3.88 28.95 59.40
N GLY J 216 2.87 28.08 59.49
CA GLY J 216 2.21 27.84 60.78
C GLY J 216 0.71 27.68 60.66
N LEU J 217 0.05 27.53 61.81
CA LEU J 217 -1.41 27.36 61.85
C LEU J 217 -2.13 28.63 61.41
N GLY J 218 -3.23 28.45 60.67
CA GLY J 218 -4.07 29.56 60.23
C GLY J 218 -4.48 30.50 61.35
N HIS J 219 -4.91 29.93 62.47
CA HIS J 219 -5.38 30.73 63.63
C HIS J 219 -4.26 31.36 64.46
N GLU J 220 -3.02 30.89 64.28
CA GLU J 220 -1.85 31.50 64.91
C GLU J 220 -1.16 32.48 63.98
N ALA J 221 -0.45 31.95 62.98
CA ALA J 221 0.37 32.75 62.07
C ALA J 221 -0.47 33.69 61.18
N GLY J 222 -1.47 33.12 60.52
CA GLY J 222 -2.37 33.88 59.65
C GLY J 222 -3.10 35.00 60.35
N ALA J 223 -3.67 34.68 61.52
CA ALA J 223 -4.42 35.67 62.29
C ALA J 223 -3.53 36.75 62.88
N SER J 224 -2.31 36.39 63.28
CA SER J 224 -1.34 37.37 63.77
C SER J 224 -0.83 38.29 62.67
N LEU J 225 -0.69 37.75 61.45
CA LEU J 225 -0.25 38.55 60.30
C LEU J 225 -1.36 39.50 59.85
N ALA J 226 -2.56 38.95 59.70
CA ALA J 226 -3.73 39.70 59.25
C ALA J 226 -4.08 40.84 60.18
N SER J 227 -3.82 40.66 61.48
CA SER J 227 -4.17 41.67 62.49
C SER J 227 -3.06 42.65 62.83
N HIS J 228 -1.89 42.48 62.21
CA HIS J 228 -0.77 43.36 62.50
C HIS J 228 -1.03 44.79 62.03
N PRO J 229 -0.87 45.77 62.93
CA PRO J 229 -1.11 47.18 62.57
C PRO J 229 -0.17 47.75 61.50
N ASP J 230 0.97 47.12 61.27
CA ASP J 230 1.93 47.63 60.31
C ASP J 230 1.82 47.06 58.90
N VAL J 231 0.91 46.09 58.72
CA VAL J 231 0.58 45.56 57.40
C VAL J 231 -0.30 46.58 56.69
N ASP J 232 0.00 46.86 55.42
CA ASP J 232 -0.73 47.88 54.67
C ASP J 232 -1.89 47.33 53.82
N LYS J 233 -1.76 46.08 53.36
CA LYS J 233 -2.80 45.44 52.59
C LYS J 233 -2.72 43.93 52.74
N ILE J 234 -3.88 43.29 52.83
CA ILE J 234 -3.93 41.84 52.87
C ILE J 234 -4.48 41.33 51.54
N SER J 235 -3.76 40.39 50.94
CA SER J 235 -4.25 39.67 49.77
C SER J 235 -4.44 38.21 50.15
N PHE J 236 -5.66 37.72 49.98
CA PHE J 236 -6.05 36.42 50.49
C PHE J 236 -6.74 35.54 49.45
N THR J 237 -6.33 34.27 49.41
CA THR J 237 -7.03 33.23 48.65
C THR J 237 -7.27 32.04 49.59
N GLY J 238 -8.52 31.60 49.68
CA GLY J 238 -8.90 30.53 50.58
C GLY J 238 -10.40 30.47 50.80
N SER J 239 -10.82 29.95 51.96
CA SER J 239 -12.25 29.71 52.23
C SER J 239 -13.02 30.98 52.58
N SER J 240 -14.30 31.00 52.19
CA SER J 240 -15.23 32.09 52.49
C SER J 240 -15.21 32.54 53.95
N ALA J 241 -15.25 31.57 54.86
CA ALA J 241 -15.32 31.85 56.29
C ALA J 241 -14.05 32.52 56.84
N THR J 242 -12.88 32.09 56.36
CA THR J 242 -11.63 32.75 56.73
C THR J 242 -11.53 34.11 56.04
N GLY J 243 -11.95 34.18 54.77
CA GLY J 243 -11.98 35.44 54.03
C GLY J 243 -12.75 36.52 54.77
N SER J 244 -13.93 36.15 55.25
CA SER J 244 -14.78 37.04 56.04
C SER J 244 -14.12 37.49 57.34
N LYS J 245 -13.43 36.55 57.99
CA LYS J 245 -12.66 36.86 59.20
C LYS J 245 -11.49 37.78 58.94
N ILE J 246 -10.80 37.58 57.80
CA ILE J 246 -9.70 38.43 57.36
C ILE J 246 -10.17 39.87 57.21
N MET J 247 -11.36 40.03 56.60
CA MET J 247 -11.91 41.34 56.32
C MET J 247 -12.45 42.01 57.60
N THR J 248 -12.96 41.19 58.53
CA THR J 248 -13.37 41.70 59.85
C THR J 248 -12.16 42.31 60.60
N THR J 249 -11.03 41.61 60.58
CA THR J 249 -9.80 42.10 61.20
C THR J 249 -9.27 43.36 60.47
N ALA J 250 -9.24 43.31 59.13
CA ALA J 250 -8.76 44.44 58.32
C ALA J 250 -9.57 45.71 58.59
N ALA J 251 -10.86 45.54 58.87
CA ALA J 251 -11.76 46.65 59.18
C ALA J 251 -11.39 47.44 60.44
N GLN J 252 -10.73 46.77 61.40
CA GLN J 252 -10.30 47.42 62.64
C GLN J 252 -9.43 48.65 62.40
N LEU J 253 -8.54 48.56 61.42
CA LEU J 253 -7.64 49.65 61.07
C LEU J 253 -7.85 50.06 59.61
N VAL J 254 -9.06 49.80 59.11
CA VAL J 254 -9.47 50.08 57.73
C VAL J 254 -8.42 49.73 56.65
N LYS J 255 -7.86 48.52 56.75
CA LYS J 255 -6.87 48.03 55.79
C LYS J 255 -7.57 47.54 54.52
N PRO J 256 -7.08 47.96 53.34
CA PRO J 256 -7.60 47.44 52.08
C PRO J 256 -7.32 45.94 51.96
N VAL J 257 -8.14 45.27 51.17
CA VAL J 257 -8.14 43.83 51.08
C VAL J 257 -8.52 43.37 49.67
N SER J 258 -7.96 42.24 49.25
CA SER J 258 -8.44 41.52 48.07
C SER J 258 -8.75 40.08 48.48
N LEU J 259 -9.81 39.52 47.93
CA LEU J 259 -10.24 38.19 48.34
C LEU J 259 -10.58 37.31 47.14
N GLU J 260 -9.91 36.17 47.06
CA GLU J 260 -10.37 35.11 46.19
C GLU J 260 -10.85 33.97 47.08
N LEU J 261 -12.17 33.80 47.10
CA LEU J 261 -12.80 32.75 47.87
C LEU J 261 -13.32 31.73 46.87
N GLY J 262 -13.97 30.67 47.36
CA GLY J 262 -14.32 29.58 46.47
C GLY J 262 -15.37 29.88 45.42
N GLY J 263 -16.05 28.84 44.98
CA GLY J 263 -17.15 29.00 44.06
C GLY J 263 -17.92 27.71 43.87
N LYS J 264 -18.98 27.80 43.08
CA LYS J 264 -19.71 26.64 42.63
C LYS J 264 -20.01 26.92 41.17
N SER J 265 -18.97 26.86 40.36
CA SER J 265 -19.01 27.33 38.98
C SER J 265 -19.80 26.42 38.05
N PRO J 266 -20.68 27.02 37.23
CA PRO J 266 -21.48 26.23 36.30
C PRO J 266 -20.77 25.99 34.96
N ILE J 267 -21.12 24.89 34.31
CA ILE J 267 -20.75 24.66 32.91
C ILE J 267 -22.02 24.33 32.14
N VAL J 268 -22.31 25.14 31.12
CA VAL J 268 -23.53 24.99 30.36
C VAL J 268 -23.21 24.35 29.03
N VAL J 269 -23.77 23.16 28.81
CA VAL J 269 -23.58 22.40 27.57
C VAL J 269 -24.87 22.37 26.76
N PHE J 270 -24.82 22.95 25.57
CA PHE J 270 -25.95 22.90 24.63
C PHE J 270 -25.84 21.70 23.69
N GLU J 271 -26.82 21.54 22.81
CA GLU J 271 -26.91 20.35 21.96
C GLU J 271 -25.96 20.34 20.78
N ASP J 272 -25.67 21.53 20.22
CA ASP J 272 -24.83 21.66 19.03
C ASP J 272 -23.35 21.57 19.40
N VAL J 273 -22.92 20.38 19.78
CA VAL J 273 -21.65 20.17 20.44
C VAL J 273 -21.05 18.82 20.04
N ASP J 274 -19.74 18.77 19.86
CA ASP J 274 -19.03 17.49 19.72
C ASP J 274 -18.96 16.87 21.09
N LEU J 275 -19.68 15.75 21.26
CA LEU J 275 -19.92 15.19 22.60
C LEU J 275 -18.68 14.72 23.33
N ASP J 276 -17.73 14.14 22.60
CA ASP J 276 -16.50 13.63 23.21
C ASP J 276 -15.48 14.72 23.55
N LYS J 277 -15.31 15.69 22.65
CA LYS J 277 -14.45 16.85 22.91
C LYS J 277 -14.91 17.59 24.17
N VAL J 278 -16.21 17.84 24.25
CA VAL J 278 -16.78 18.57 25.37
C VAL J 278 -16.74 17.73 26.65
N ALA J 279 -16.89 16.42 26.50
CA ALA J 279 -16.80 15.49 27.63
C ALA J 279 -15.47 15.61 28.36
N GLU J 280 -14.38 15.71 27.61
CA GLU J 280 -13.06 15.87 28.20
C GLU J 280 -12.91 17.19 28.94
N TRP J 281 -13.46 18.27 28.37
CA TRP J 281 -13.41 19.58 29.02
C TRP J 281 -14.17 19.57 30.32
N THR J 282 -15.35 18.95 30.33
CA THR J 282 -16.17 18.92 31.53
C THR J 282 -15.58 18.06 32.67
N VAL J 283 -14.94 16.94 32.36
CA VAL J 283 -14.26 16.17 33.43
C VAL J 283 -13.02 16.91 33.94
N PHE J 284 -12.29 17.52 33.00
CA PHE J 284 -11.17 18.41 33.33
C PHE J 284 -11.64 19.53 34.26
N GLY J 285 -12.75 20.16 33.91
CA GLY J 285 -13.30 21.27 34.70
C GLY J 285 -13.62 20.90 36.13
N CYS J 286 -13.88 19.61 36.36
CA CYS J 286 -14.28 19.15 37.69
C CYS J 286 -13.25 18.28 38.40
N PHE J 287 -12.49 17.48 37.67
CA PHE J 287 -11.61 16.49 38.29
C PHE J 287 -10.11 16.87 38.30
N PHE J 288 -9.72 17.81 37.46
CA PHE J 288 -8.34 18.30 37.44
C PHE J 288 -7.99 18.84 38.83
N THR J 289 -6.73 18.65 39.24
CA THR J 289 -6.25 19.00 40.59
C THR J 289 -7.06 18.29 41.66
N ASN J 290 -7.47 17.05 41.36
CA ASN J 290 -8.28 16.23 42.26
C ASN J 290 -9.55 16.97 42.73
N GLY J 291 -10.15 17.73 41.82
CA GLY J 291 -11.36 18.50 42.12
C GLY J 291 -11.17 19.70 43.03
N GLN J 292 -9.91 20.01 43.33
CA GLN J 292 -9.58 21.04 44.31
C GLN J 292 -9.19 22.35 43.62
N ILE J 293 -10.14 22.87 42.84
CA ILE J 293 -9.97 24.12 42.10
C ILE J 293 -11.02 25.09 42.61
N CYS J 294 -10.59 26.31 42.94
CA CYS J 294 -11.51 27.35 43.39
C CYS J 294 -12.60 27.59 42.35
N SER J 295 -12.21 27.53 41.08
CA SER J 295 -13.11 27.84 39.97
C SER J 295 -13.71 26.60 39.31
N ALA J 296 -13.57 25.45 39.97
CA ALA J 296 -14.07 24.18 39.43
C ALA J 296 -15.49 24.30 38.88
N THR J 297 -15.67 23.91 37.63
CA THR J 297 -17.00 23.82 37.05
C THR J 297 -17.67 22.52 37.54
N SER J 298 -18.24 22.62 38.74
CA SER J 298 -18.75 21.48 39.50
C SER J 298 -20.26 21.31 39.37
N ARG J 299 -20.89 22.20 38.59
CA ARG J 299 -22.32 22.12 38.30
C ARG J 299 -22.55 22.00 36.80
N LEU J 300 -22.83 20.78 36.34
CA LEU J 300 -23.16 20.53 34.96
C LEU J 300 -24.62 20.90 34.70
N ILE J 301 -24.84 21.65 33.64
CA ILE J 301 -26.18 22.04 33.18
C ILE J 301 -26.30 21.71 31.69
N VAL J 302 -26.88 20.56 31.39
CA VAL J 302 -26.91 20.00 30.04
C VAL J 302 -28.28 20.05 29.41
N HIS J 303 -28.31 20.33 28.11
CA HIS J 303 -29.55 20.29 27.37
C HIS J 303 -30.12 18.87 27.33
N GLU J 304 -31.45 18.80 27.51
CA GLU J 304 -32.18 17.54 27.67
C GLU J 304 -32.02 16.56 26.50
N SER J 305 -31.81 17.08 25.29
CA SER J 305 -31.78 16.28 24.08
C SER J 305 -30.48 15.50 23.88
N ILE J 306 -29.49 15.76 24.72
CA ILE J 306 -28.21 15.06 24.68
C ILE J 306 -27.78 14.58 26.07
N ALA J 307 -28.55 14.98 27.07
CA ALA J 307 -28.22 14.72 28.49
C ALA J 307 -27.74 13.32 28.77
N VAL J 308 -28.57 12.32 28.52
CA VAL J 308 -28.27 10.95 28.93
C VAL J 308 -27.08 10.34 28.16
N GLU J 309 -26.97 10.61 26.86
CA GLU J 309 -25.82 10.15 26.09
C GLU J 309 -24.53 10.81 26.57
N PHE J 310 -24.60 12.13 26.80
CA PHE J 310 -23.43 12.93 27.17
C PHE J 310 -22.89 12.53 28.53
N VAL J 311 -23.79 12.43 29.51
CA VAL J 311 -23.43 12.00 30.86
C VAL J 311 -22.88 10.57 30.82
N ASP J 312 -23.45 9.74 29.93
CA ASP J 312 -22.94 8.40 29.70
C ASP J 312 -21.45 8.45 29.31
N LYS J 313 -21.10 9.35 28.40
CA LYS J 313 -19.72 9.54 27.97
C LYS J 313 -18.81 10.06 29.08
N LEU J 314 -19.37 10.90 29.95
CA LEU J 314 -18.66 11.40 31.13
C LEU J 314 -18.18 10.27 32.03
N VAL J 315 -19.10 9.34 32.32
CA VAL J 315 -18.82 8.15 33.13
C VAL J 315 -17.67 7.34 32.53
N LYS J 316 -17.71 7.13 31.22
CA LYS J 316 -16.66 6.38 30.52
C LYS J 316 -15.31 7.10 30.58
N TRP J 317 -15.32 8.43 30.47
CA TRP J 317 -14.11 9.24 30.65
C TRP J 317 -13.59 9.17 32.08
N ALA J 318 -14.49 9.41 33.05
CA ALA J 318 -14.15 9.36 34.47
C ALA J 318 -13.55 8.02 34.89
N GLU J 319 -14.13 6.93 34.40
CA GLU J 319 -13.69 5.57 34.77
C GLU J 319 -12.38 5.17 34.10
N ASN J 320 -11.99 5.89 33.07
CA ASN J 320 -10.70 5.67 32.41
C ASN J 320 -9.58 6.55 32.96
N ILE J 321 -9.89 7.36 33.97
CA ILE J 321 -8.89 8.22 34.62
C ILE J 321 -8.06 7.38 35.58
N LYS J 322 -6.76 7.30 35.30
CA LYS J 322 -5.84 6.55 36.14
C LYS J 322 -5.65 7.22 37.50
N ILE J 323 -6.21 6.59 38.53
CA ILE J 323 -6.01 7.05 39.90
C ILE J 323 -4.87 6.27 40.55
N SER J 324 -3.86 7.00 41.02
CA SER J 324 -2.65 6.41 41.60
C SER J 324 -1.84 7.42 42.41
N ASP J 325 -0.79 6.92 43.06
CA ASP J 325 0.26 7.75 43.65
C ASP J 325 0.72 8.77 42.62
N PRO J 326 0.80 10.05 43.01
CA PRO J 326 1.09 11.16 42.08
C PRO J 326 2.41 11.05 41.30
N LEU J 327 3.42 10.41 41.87
CA LEU J 327 4.73 10.29 41.21
C LEU J 327 4.78 9.16 40.16
N GLU J 328 3.82 8.23 40.24
CA GLU J 328 3.74 7.10 39.32
C GLU J 328 3.35 7.57 37.93
N GLU J 329 4.03 7.03 36.92
CA GLU J 329 3.85 7.48 35.54
C GLU J 329 2.40 7.30 35.07
N GLY J 330 1.94 8.26 34.28
CA GLY J 330 0.59 8.23 33.72
C GLY J 330 -0.51 8.65 34.68
N CYS J 331 -0.15 9.03 35.89
CA CYS J 331 -1.12 9.47 36.89
C CYS J 331 -1.97 10.63 36.40
N ARG J 332 -3.29 10.49 36.52
CA ARG J 332 -4.22 11.55 36.13
C ARG J 332 -5.15 11.96 37.27
N LEU J 333 -5.01 11.30 38.42
CA LEU J 333 -5.74 11.67 39.63
C LEU J 333 -5.01 11.17 40.85
N GLY J 334 -4.73 12.09 41.77
CA GLY J 334 -4.06 11.76 43.03
C GLY J 334 -5.05 11.77 44.19
N PRO J 335 -4.54 11.70 45.42
CA PRO J 335 -5.38 11.71 46.61
C PRO J 335 -5.77 13.13 47.02
N ILE J 336 -6.81 13.24 47.84
CA ILE J 336 -7.17 14.48 48.50
C ILE J 336 -6.04 14.89 49.43
N VAL J 337 -5.90 16.20 49.67
CA VAL J 337 -4.78 16.78 50.39
C VAL J 337 -4.61 16.25 51.82
N SER J 338 -5.71 16.11 52.56
CA SER J 338 -5.64 15.75 53.97
C SER J 338 -6.77 14.83 54.38
N GLU J 339 -6.64 14.19 55.55
CA GLU J 339 -7.69 13.34 56.09
C GLU J 339 -8.97 14.12 56.33
N ALA J 340 -8.86 15.25 57.01
CA ALA J 340 -10.03 16.07 57.35
C ALA J 340 -10.83 16.46 56.10
N GLN J 341 -10.11 16.73 55.01
CA GLN J 341 -10.72 17.05 53.72
C GLN J 341 -11.33 15.83 53.06
N TYR J 342 -10.60 14.72 53.12
CA TYR J 342 -11.06 13.42 52.64
C TYR J 342 -12.42 13.08 53.24
N LYS J 343 -12.52 13.22 54.56
CA LYS J 343 -13.76 13.00 55.28
C LYS J 343 -14.88 13.92 54.79
N LYS J 344 -14.56 15.20 54.60
CA LYS J 344 -15.55 16.20 54.14
C LYS J 344 -16.10 15.87 52.75
N VAL J 345 -15.21 15.42 51.86
CA VAL J 345 -15.59 15.05 50.49
C VAL J 345 -16.55 13.84 50.48
N LEU J 346 -16.19 12.79 51.21
CA LEU J 346 -17.02 11.59 51.34
C LEU J 346 -18.38 11.90 51.95
N ASN J 347 -18.37 12.75 52.99
CA ASN J 347 -19.58 13.23 53.65
C ASN J 347 -20.53 13.95 52.70
N CYS J 348 -19.96 14.70 51.75
CA CYS J 348 -20.74 15.38 50.72
C CYS J 348 -21.36 14.39 49.77
N ILE J 349 -20.62 13.34 49.45
CA ILE J 349 -21.11 12.28 48.56
C ILE J 349 -22.29 11.54 49.23
N SER J 350 -22.13 11.17 50.50
CA SER J 350 -23.17 10.44 51.23
C SER J 350 -24.42 11.28 51.53
N SER J 351 -24.23 12.56 51.85
CA SER J 351 -25.35 13.49 52.09
C SER J 351 -26.17 13.70 50.83
N ALA J 352 -25.51 13.67 49.67
CA ALA J 352 -26.19 13.76 48.38
C ALA J 352 -27.08 12.55 48.17
N LYS J 353 -26.56 11.39 48.58
CA LYS J 353 -27.27 10.12 48.52
C LYS J 353 -28.47 10.12 49.47
N SER J 354 -28.26 10.59 50.71
CA SER J 354 -29.33 10.73 51.71
C SER J 354 -30.50 11.55 51.19
N GLU J 355 -30.20 12.63 50.48
CA GLU J 355 -31.22 13.54 49.97
C GLU J 355 -31.91 13.05 48.69
N GLY J 356 -31.56 11.85 48.24
CA GLY J 356 -32.26 11.19 47.15
C GLY J 356 -31.67 11.36 45.76
N ALA J 357 -30.37 11.65 45.70
CA ALA J 357 -29.67 11.79 44.42
C ALA J 357 -28.91 10.51 44.05
N THR J 358 -28.65 10.35 42.76
CA THR J 358 -28.02 9.15 42.22
C THR J 358 -26.51 9.32 42.09
N ILE J 359 -25.77 8.33 42.58
CA ILE J 359 -24.33 8.26 42.39
C ILE J 359 -24.07 7.39 41.17
N LEU J 360 -23.96 8.01 40.01
CA LEU J 360 -23.84 7.28 38.75
C LEU J 360 -22.48 6.58 38.63
N THR J 361 -21.43 7.21 39.13
CA THR J 361 -20.10 6.63 39.12
C THR J 361 -19.31 7.10 40.34
N GLY J 362 -18.33 6.31 40.75
CA GLY J 362 -17.46 6.67 41.87
C GLY J 362 -18.13 6.69 43.23
N GLY J 363 -17.75 7.68 44.04
CA GLY J 363 -18.32 7.85 45.38
C GLY J 363 -17.74 6.92 46.42
N ARG J 364 -16.55 6.38 46.14
CA ARG J 364 -15.89 5.39 46.98
C ARG J 364 -14.41 5.28 46.61
N ARG J 365 -13.57 4.92 47.58
CA ARG J 365 -12.15 4.69 47.28
C ARG J 365 -11.97 3.47 46.38
N PRO J 366 -11.06 3.56 45.40
CA PRO J 366 -10.87 2.46 44.46
C PRO J 366 -10.26 1.22 45.12
N GLU J 367 -10.56 0.06 44.55
CA GLU J 367 -10.12 -1.23 45.08
C GLU J 367 -8.59 -1.35 45.16
N HIS J 368 -7.91 -0.97 44.09
CA HIS J 368 -6.49 -1.24 43.93
C HIS J 368 -5.54 -0.34 44.74
N LEU J 369 -6.10 0.50 45.61
CA LEU J 369 -5.30 1.30 46.55
C LEU J 369 -5.89 1.23 47.95
N LYS J 370 -5.25 0.45 48.82
CA LYS J 370 -5.71 0.23 50.18
C LYS J 370 -5.52 1.44 51.08
N LYS J 371 -4.37 2.10 50.94
CA LYS J 371 -4.05 3.29 51.74
C LYS J 371 -4.17 4.58 50.92
N GLY J 372 -4.11 5.73 51.61
CA GLY J 372 -4.14 7.04 50.95
C GLY J 372 -5.54 7.63 50.91
N TYR J 373 -5.62 8.97 50.82
CA TYR J 373 -6.92 9.65 50.80
C TYR J 373 -7.48 9.74 49.38
N PHE J 374 -7.72 8.58 48.77
CA PHE J 374 -8.14 8.50 47.38
C PHE J 374 -9.66 8.39 47.23
N VAL J 375 -10.19 9.10 46.23
CA VAL J 375 -11.61 9.01 45.87
C VAL J 375 -11.74 8.85 44.36
N GLU J 376 -12.68 8.00 43.93
CA GLU J 376 -13.00 7.85 42.52
C GLU J 376 -13.66 9.13 41.98
N PRO J 377 -13.42 9.45 40.70
CA PRO J 377 -14.16 10.52 40.06
C PRO J 377 -15.65 10.25 40.18
N THR J 378 -16.39 11.21 40.72
CA THR J 378 -17.79 11.00 41.07
C THR J 378 -18.72 11.92 40.28
N ILE J 379 -19.73 11.32 39.66
CA ILE J 379 -20.75 12.06 38.94
C ILE J 379 -22.11 11.79 39.60
N ILE J 380 -22.77 12.87 40.03
CA ILE J 380 -24.04 12.79 40.74
C ILE J 380 -25.17 13.40 39.92
N THR J 381 -26.19 12.58 39.64
CA THR J 381 -27.35 12.99 38.84
C THR J 381 -28.63 13.01 39.68
N ASP J 382 -29.74 13.34 39.03
CA ASP J 382 -31.06 13.50 39.68
C ASP J 382 -30.94 14.45 40.87
N VAL J 383 -30.38 15.62 40.58
CA VAL J 383 -30.03 16.61 41.57
C VAL J 383 -31.11 17.68 41.65
N THR J 384 -31.39 18.13 42.87
CA THR J 384 -32.36 19.18 43.08
C THR J 384 -31.67 20.46 43.56
N THR J 385 -32.24 21.58 43.13
CA THR J 385 -31.79 22.93 43.49
C THR J 385 -31.66 23.18 44.99
N SER J 386 -32.45 22.46 45.78
CA SER J 386 -32.45 22.61 47.25
C SER J 386 -31.36 21.79 47.94
N MET J 387 -30.75 20.85 47.21
CA MET J 387 -29.75 19.95 47.76
C MET J 387 -28.41 20.64 48.09
N GLN J 388 -27.65 20.02 48.99
CA GLN J 388 -26.32 20.48 49.38
C GLN J 388 -25.29 20.45 48.25
N ILE J 389 -25.20 19.34 47.52
CA ILE J 389 -24.22 19.21 46.44
C ILE J 389 -24.42 20.21 45.31
N TRP J 390 -25.60 20.86 45.28
CA TRP J 390 -25.88 21.91 44.31
C TRP J 390 -25.44 23.27 44.84
N ARG J 391 -25.54 23.47 46.14
CA ARG J 391 -25.29 24.77 46.76
C ARG J 391 -23.88 24.93 47.36
N GLU J 392 -23.36 23.87 47.98
CA GLU J 392 -22.09 23.95 48.70
C GLU J 392 -20.90 23.37 47.94
N GLU J 393 -19.78 24.07 48.03
CA GLU J 393 -18.52 23.69 47.41
C GLU J 393 -18.00 22.39 48.03
N VAL J 394 -17.65 21.43 47.19
CA VAL J 394 -17.18 20.13 47.66
C VAL J 394 -15.67 20.11 47.85
N PHE J 395 -14.96 20.67 46.87
CA PHE J 395 -13.50 20.68 46.81
C PHE J 395 -12.94 19.26 46.72
N GLY J 396 -13.58 18.47 45.89
CA GLY J 396 -13.18 17.10 45.60
C GLY J 396 -13.70 16.78 44.21
N PRO J 397 -13.26 15.65 43.62
CA PRO J 397 -13.60 15.35 42.24
C PRO J 397 -15.05 14.88 42.06
N VAL J 398 -15.99 15.78 42.32
CA VAL J 398 -17.42 15.46 42.37
C VAL J 398 -18.25 16.41 41.50
N LEU J 399 -18.91 15.88 40.49
CA LEU J 399 -19.72 16.66 39.56
C LEU J 399 -21.22 16.46 39.78
N ALA J 400 -21.96 17.57 39.90
CA ALA J 400 -23.42 17.51 40.04
C ALA J 400 -24.07 17.91 38.72
N VAL J 401 -25.13 17.20 38.35
CA VAL J 401 -25.72 17.32 37.01
C VAL J 401 -27.21 17.67 37.05
N LYS J 402 -27.58 18.72 36.31
CA LYS J 402 -28.98 19.05 36.09
C LYS J 402 -29.26 19.23 34.60
N THR J 403 -30.54 19.12 34.25
CA THR J 403 -31.01 19.18 32.87
C THR J 403 -31.73 20.50 32.59
N PHE J 404 -31.70 20.94 31.33
CA PHE J 404 -32.47 22.11 30.91
C PHE J 404 -33.04 21.96 29.50
N SER J 405 -34.06 22.75 29.21
CA SER J 405 -34.64 22.78 27.88
C SER J 405 -34.35 24.10 27.16
N THR J 406 -34.60 25.21 27.85
CA THR J 406 -34.46 26.53 27.23
C THR J 406 -33.21 27.28 27.71
N GLU J 407 -32.75 28.22 26.89
CA GLU J 407 -31.62 29.09 27.21
C GLU J 407 -31.87 29.88 28.49
N GLU J 408 -33.10 30.36 28.67
CA GLU J 408 -33.52 31.10 29.85
C GLU J 408 -33.34 30.27 31.11
N GLU J 409 -33.79 29.02 31.05
CA GLU J 409 -33.67 28.03 32.12
C GLU J 409 -32.20 27.74 32.46
N ALA J 410 -31.38 27.55 31.42
CA ALA J 410 -29.94 27.32 31.58
C ALA J 410 -29.26 28.46 32.33
N ILE J 411 -29.60 29.69 31.94
CA ILE J 411 -29.04 30.89 32.57
C ILE J 411 -29.43 31.00 34.04
N ASN J 412 -30.72 30.78 34.32
CA ASN J 412 -31.24 30.84 35.68
C ASN J 412 -30.64 29.79 36.60
N LEU J 413 -30.38 28.60 36.05
CA LEU J 413 -29.72 27.55 36.82
C LEU J 413 -28.24 27.87 37.05
N ALA J 414 -27.57 28.35 36.00
CA ALA J 414 -26.16 28.74 36.08
C ALA J 414 -25.94 29.83 37.12
N ASN J 415 -26.85 30.81 37.13
CA ASN J 415 -26.76 31.92 38.07
C ASN J 415 -27.38 31.67 39.43
N ASP J 416 -27.79 30.43 39.67
CA ASP J 416 -28.40 30.05 40.94
C ASP J 416 -27.36 29.69 42.00
N THR J 417 -26.63 30.71 42.45
CA THR J 417 -25.61 30.55 43.46
C THR J 417 -25.29 31.94 44.03
N HIS J 418 -24.85 31.97 45.29
CA HIS J 418 -24.36 33.21 45.91
C HIS J 418 -22.91 33.43 45.52
N TYR J 419 -22.31 32.41 44.91
CA TYR J 419 -20.94 32.46 44.42
C TYR J 419 -20.87 33.10 43.03
N GLY J 420 -19.66 33.32 42.53
CA GLY J 420 -19.49 33.88 41.19
C GLY J 420 -18.06 33.98 40.68
N LEU J 421 -17.34 32.86 40.72
CA LEU J 421 -15.94 32.83 40.28
C LEU J 421 -15.83 32.55 38.79
N GLY J 422 -16.01 31.29 38.41
CA GLY J 422 -15.93 30.88 37.01
C GLY J 422 -17.26 30.48 36.42
N SER J 423 -17.28 30.29 35.10
CA SER J 423 -18.42 29.76 34.36
C SER J 423 -17.96 29.33 32.98
N ALA J 424 -18.64 28.35 32.40
CA ALA J 424 -18.30 27.86 31.06
C ALA J 424 -19.54 27.68 30.18
N VAL J 425 -19.40 28.01 28.90
CA VAL J 425 -20.43 27.76 27.89
C VAL J 425 -19.86 26.85 26.82
N MET J 426 -20.57 25.77 26.53
CA MET J 426 -20.20 24.88 25.43
C MET J 426 -21.30 24.86 24.37
N SER J 427 -20.95 25.32 23.17
CA SER J 427 -21.87 25.40 22.03
C SER J 427 -21.08 25.80 20.79
N ASN J 428 -21.41 25.21 19.64
CA ASN J 428 -20.79 25.62 18.37
C ASN J 428 -21.34 26.93 17.84
N ASP J 429 -22.51 27.34 18.36
CA ASP J 429 -23.11 28.60 17.98
C ASP J 429 -22.46 29.71 18.80
N LEU J 430 -21.59 30.48 18.15
CA LEU J 430 -20.77 31.46 18.87
C LEU J 430 -21.55 32.70 19.29
N GLU J 431 -22.64 33.01 18.59
CA GLU J 431 -23.52 34.10 18.99
C GLU J 431 -24.19 33.78 20.31
N ARG J 432 -24.58 32.51 20.47
CA ARG J 432 -25.17 31.99 21.69
C ARG J 432 -24.19 31.98 22.88
N CYS J 433 -22.93 31.68 22.61
CA CYS J 433 -21.88 31.71 23.63
C CYS J 433 -21.64 33.14 24.11
N GLU J 434 -21.67 34.08 23.17
CA GLU J 434 -21.55 35.51 23.44
C GLU J 434 -22.73 35.95 24.32
N ARG J 435 -23.92 35.45 23.99
CA ARG J 435 -25.13 35.74 24.74
C ARG J 435 -24.96 35.28 26.19
N LEU J 436 -24.47 34.06 26.38
CA LEU J 436 -24.29 33.52 27.72
C LEU J 436 -23.16 34.16 28.52
N SER J 437 -22.09 34.57 27.83
CA SER J 437 -20.97 35.26 28.48
C SER J 437 -21.40 36.57 29.14
N LYS J 438 -22.34 37.28 28.51
CA LYS J 438 -22.89 38.51 29.07
C LYS J 438 -23.87 38.23 30.22
N ALA J 439 -24.53 37.06 30.18
CA ALA J 439 -25.55 36.70 31.17
C ALA J 439 -25.01 36.06 32.44
N LEU J 440 -23.93 35.28 32.30
CA LEU J 440 -23.34 34.57 33.44
C LEU J 440 -22.72 35.52 34.46
N GLN J 441 -23.17 35.39 35.70
CA GLN J 441 -22.68 36.20 36.81
C GLN J 441 -21.41 35.58 37.44
N ALA J 442 -20.32 35.69 36.71
CA ALA J 442 -19.01 35.25 37.19
C ALA J 442 -17.94 36.25 36.79
N GLY J 443 -16.75 36.14 37.39
CA GLY J 443 -15.62 36.98 37.04
C GLY J 443 -14.88 36.47 35.82
N ILE J 444 -15.03 35.16 35.55
CA ILE J 444 -14.39 34.49 34.42
C ILE J 444 -15.40 33.68 33.66
N VAL J 445 -15.39 33.79 32.34
CA VAL J 445 -16.24 32.97 31.49
C VAL J 445 -15.39 32.26 30.44
N TRP J 446 -15.44 30.93 30.46
CA TRP J 446 -14.79 30.11 29.43
C TRP J 446 -15.80 29.74 28.37
N ILE J 447 -15.43 29.90 27.11
CA ILE J 447 -16.27 29.49 25.99
C ILE J 447 -15.63 28.30 25.28
N ASN J 448 -16.36 27.17 25.28
CA ASN J 448 -15.91 25.92 24.64
C ASN J 448 -14.61 25.34 25.22
N CYS J 449 -14.43 25.58 26.51
CA CYS J 449 -13.35 25.00 27.31
C CYS J 449 -13.71 25.28 28.76
N ALA J 450 -12.87 24.83 29.69
CA ALA J 450 -13.07 25.08 31.11
C ALA J 450 -11.74 25.00 31.85
N GLN J 451 -11.44 26.05 32.63
CA GLN J 451 -10.30 26.12 33.58
C GLN J 451 -9.03 26.93 33.24
N PRO J 452 -8.61 26.99 31.94
CA PRO J 452 -7.32 27.66 31.66
C PRO J 452 -7.24 29.08 32.20
N SER J 453 -6.11 29.42 32.83
CA SER J 453 -5.93 30.75 33.43
C SER J 453 -4.59 31.40 33.05
N PHE J 454 -4.57 32.06 31.89
CA PHE J 454 -3.38 32.74 31.37
C PHE J 454 -2.98 33.93 32.23
N ILE J 455 -1.67 34.11 32.46
CA ILE J 455 -1.21 35.16 33.39
C ILE J 455 -1.44 36.57 32.84
N GLN J 456 -1.69 36.64 31.54
CA GLN J 456 -1.96 37.91 30.88
C GLN J 456 -3.36 38.44 31.18
N ALA J 457 -4.25 37.56 31.65
CA ALA J 457 -5.69 37.88 31.75
C ALA J 457 -6.19 37.92 33.21
N PRO J 458 -7.02 38.93 33.55
CA PRO J 458 -7.47 39.18 34.92
C PRO J 458 -8.28 38.03 35.56
N TRP J 459 -8.04 37.77 36.83
CA TRP J 459 -8.61 36.61 37.51
C TRP J 459 -9.19 36.99 38.87
N GLY J 460 -10.44 36.58 39.10
CA GLY J 460 -11.12 36.84 40.36
C GLY J 460 -12.64 36.78 40.24
N GLY J 461 -13.33 36.82 41.38
CA GLY J 461 -14.76 36.63 41.39
C GLY J 461 -15.59 37.87 41.67
N ILE J 462 -16.90 37.68 41.59
CA ILE J 462 -17.87 38.66 42.06
C ILE J 462 -18.71 37.95 43.11
N LYS J 463 -19.65 38.69 43.72
CA LYS J 463 -20.54 38.14 44.74
C LYS J 463 -19.71 37.53 45.88
N ARG J 464 -20.14 36.37 46.41
CA ARG J 464 -19.45 35.76 47.55
C ARG J 464 -18.15 35.02 47.21
N SER J 465 -17.82 34.95 45.93
CA SER J 465 -16.52 34.45 45.49
C SER J 465 -15.41 35.47 45.77
N GLY J 466 -15.81 36.72 46.02
CA GLY J 466 -14.86 37.75 46.47
C GLY J 466 -14.78 38.96 45.56
N PHE J 467 -13.65 39.66 45.67
CA PHE J 467 -13.40 40.89 44.91
C PHE J 467 -11.91 41.19 44.79
N GLY J 468 -11.56 42.04 43.84
CA GLY J 468 -10.16 42.25 43.48
C GLY J 468 -9.77 41.33 42.34
N ARG J 469 -8.69 41.66 41.67
CA ARG J 469 -8.21 40.91 40.52
C ARG J 469 -6.72 40.61 40.59
N GLU J 470 -6.38 39.37 40.28
CA GLU J 470 -5.00 38.94 40.16
C GLU J 470 -4.70 38.68 38.69
N LEU J 471 -3.41 38.56 38.36
CA LEU J 471 -2.94 38.30 37.00
C LEU J 471 -3.12 39.50 36.07
N GLY J 472 -2.36 39.49 34.99
CA GLY J 472 -2.34 40.60 34.05
C GLY J 472 -1.85 41.86 34.73
N GLU J 473 -2.25 43.00 34.18
CA GLU J 473 -1.89 44.28 34.76
C GLU J 473 -2.65 44.55 36.05
N TRP J 474 -3.80 43.88 36.20
CA TRP J 474 -4.65 44.02 37.39
C TRP J 474 -3.94 43.49 38.63
N GLY J 475 -3.31 42.32 38.52
CA GLY J 475 -2.45 41.79 39.56
C GLY J 475 -1.45 42.81 40.08
N LEU J 476 -0.81 43.54 39.17
CA LEU J 476 0.16 44.58 39.53
C LEU J 476 -0.55 45.74 40.25
N GLU J 477 -1.63 46.24 39.64
CA GLU J 477 -2.45 47.31 40.22
C GLU J 477 -2.92 47.00 41.64
N ASN J 478 -3.20 45.72 41.90
CA ASN J 478 -3.65 45.27 43.23
C ASN J 478 -2.68 45.69 44.33
N TYR J 479 -1.42 45.95 43.95
CA TYR J 479 -0.35 46.26 44.91
C TYR J 479 0.18 47.69 44.80
N LEU J 480 -0.54 48.52 44.05
CA LEU J 480 -0.17 49.91 43.89
C LEU J 480 -1.24 50.80 44.47
N SER J 481 -0.85 52.00 44.91
CA SER J 481 -1.82 53.04 45.18
C SER J 481 -1.61 54.19 44.21
N VAL J 482 -2.68 54.92 43.92
CA VAL J 482 -2.61 56.04 42.99
C VAL J 482 -2.45 57.36 43.74
N LYS J 483 -1.39 58.08 43.41
CA LYS J 483 -1.12 59.39 43.99
C LYS J 483 -1.35 60.48 42.96
N GLN J 484 -2.23 61.42 43.27
CA GLN J 484 -2.45 62.56 42.42
C GLN J 484 -1.50 63.67 42.83
N VAL J 485 -0.73 64.18 41.87
CA VAL J 485 0.16 65.33 42.08
C VAL J 485 -0.36 66.49 41.23
N THR J 486 -0.89 67.51 41.90
CA THR J 486 -1.52 68.62 41.19
C THR J 486 -0.86 69.94 41.56
N ARG J 487 -0.44 70.68 40.56
CA ARG J 487 0.38 71.87 40.74
C ARG J 487 -0.23 73.14 40.15
N TYR J 488 -0.23 74.20 40.95
CA TYR J 488 -0.65 75.52 40.49
C TYR J 488 0.52 76.21 39.79
N THR J 489 0.32 76.51 38.51
CA THR J 489 1.40 77.03 37.66
C THR J 489 1.41 78.54 37.44
N SER J 490 0.30 79.23 37.70
CA SER J 490 0.25 80.66 37.44
C SER J 490 0.87 81.53 38.57
N ASP J 491 1.22 82.76 38.21
CA ASP J 491 1.81 83.74 39.15
C ASP J 491 0.73 84.52 39.91
N GLU J 492 -0.51 84.47 39.41
CA GLU J 492 -1.64 85.20 40.02
C GLU J 492 -1.97 84.73 41.44
N PRO J 493 -2.38 85.67 42.30
CA PRO J 493 -2.96 85.27 43.59
C PRO J 493 -4.27 84.52 43.38
N TRP J 494 -4.65 83.70 44.35
CA TRP J 494 -5.85 82.87 44.26
C TRP J 494 -7.11 83.71 44.13
N GLY J 495 -7.15 84.82 44.87
CA GLY J 495 -8.21 85.83 44.71
C GLY J 495 -9.55 85.42 45.28
N TRP J 496 -9.54 84.53 46.26
CA TRP J 496 -10.78 84.12 46.91
C TRP J 496 -11.09 84.98 48.14
N TYR J 497 -10.10 85.10 49.03
CA TYR J 497 -10.23 85.93 50.22
C TYR J 497 -9.84 87.37 49.94
N GLN J 498 -10.35 88.28 50.76
CA GLN J 498 -9.93 89.68 50.69
C GLN J 498 -8.57 89.83 51.38
N PRO J 499 -7.56 90.35 50.64
CA PRO J 499 -6.24 90.59 51.21
C PRO J 499 -6.28 91.69 52.28
N PRO J 500 -5.43 91.57 53.32
CA PRO J 500 -5.36 92.58 54.38
C PRO J 500 -4.77 93.89 53.87
N SER J 501 -5.21 95.01 54.45
CA SER J 501 -4.77 96.35 54.04
C SER J 501 -3.27 96.59 54.27
N LYS J 502 -2.73 97.56 53.55
CA LYS J 502 -1.32 97.98 53.64
C LYS J 502 -0.85 98.23 55.08
N SER K 7 -1.45 -86.30 -7.23
CA SER K 7 -1.43 -85.39 -6.03
C SER K 7 -0.62 -84.11 -6.29
N ARG K 8 -1.09 -83.32 -7.25
CA ARG K 8 -0.49 -82.02 -7.55
C ARG K 8 -1.25 -80.94 -6.78
N GLN K 9 -0.64 -79.76 -6.65
CA GLN K 9 -1.30 -78.63 -5.99
C GLN K 9 -1.76 -77.59 -7.02
N LEU K 10 -2.00 -76.35 -6.59
CA LEU K 10 -2.31 -75.27 -7.52
C LEU K 10 -1.03 -74.71 -8.11
N PHE K 11 -1.06 -74.37 -9.40
CA PHE K 11 0.09 -73.77 -10.06
C PHE K 11 -0.09 -72.26 -10.09
N ILE K 12 0.57 -71.59 -9.14
CA ILE K 12 0.51 -70.14 -9.01
C ILE K 12 1.92 -69.56 -9.01
N ASP K 13 2.13 -68.58 -9.88
CA ASP K 13 3.37 -67.79 -9.93
C ASP K 13 4.61 -68.64 -10.19
N GLY K 14 4.46 -69.65 -11.04
CA GLY K 14 5.59 -70.50 -11.44
C GLY K 14 5.91 -71.64 -10.50
N GLU K 15 5.13 -71.81 -9.43
CA GLU K 15 5.38 -72.86 -8.44
C GLU K 15 4.10 -73.51 -7.89
N TRP K 16 4.26 -74.68 -7.26
CA TRP K 16 3.13 -75.39 -6.67
C TRP K 16 2.76 -74.83 -5.31
N ARG K 17 1.46 -74.61 -5.09
CA ARG K 17 0.98 -74.07 -3.83
C ARG K 17 -0.30 -74.76 -3.34
N VAL K 18 -0.27 -75.19 -2.08
CA VAL K 18 -1.44 -75.76 -1.40
C VAL K 18 -2.51 -74.66 -1.26
N PRO K 19 -3.79 -75.01 -1.53
CA PRO K 19 -4.88 -74.08 -1.27
C PRO K 19 -4.87 -73.58 0.17
N ILE K 20 -5.09 -72.28 0.37
CA ILE K 20 -5.04 -71.65 1.69
C ILE K 20 -5.85 -72.43 2.74
N LEU K 21 -7.09 -72.76 2.40
CA LEU K 21 -7.98 -73.47 3.31
C LEU K 21 -7.88 -75.00 3.21
N ASN K 22 -6.91 -75.49 2.44
CA ASN K 22 -6.53 -76.91 2.37
C ASN K 22 -7.61 -77.95 1.97
N LYS K 23 -8.72 -77.49 1.38
CA LYS K 23 -9.81 -78.38 0.95
C LYS K 23 -9.45 -79.16 -0.32
N ARG K 24 -10.06 -80.34 -0.48
CA ARG K 24 -9.82 -81.20 -1.64
C ARG K 24 -11.12 -81.81 -2.14
N ILE K 25 -11.18 -82.06 -3.45
CA ILE K 25 -12.37 -82.59 -4.11
C ILE K 25 -12.09 -84.00 -4.64
N PRO K 26 -12.92 -84.99 -4.26
CA PRO K 26 -12.77 -86.36 -4.74
C PRO K 26 -12.88 -86.47 -6.26
N ASN K 27 -12.11 -87.39 -6.84
CA ASN K 27 -12.17 -87.68 -8.27
C ASN K 27 -12.61 -89.12 -8.51
N ILE K 28 -13.75 -89.29 -9.17
CA ILE K 28 -14.32 -90.62 -9.38
C ILE K 28 -14.06 -91.16 -10.80
N ASN K 29 -13.56 -92.40 -10.87
CA ASN K 29 -13.49 -93.15 -12.13
C ASN K 29 -14.92 -93.49 -12.58
N PRO K 30 -15.34 -92.95 -13.74
CA PRO K 30 -16.69 -93.20 -14.24
C PRO K 30 -16.89 -94.65 -14.73
N SER K 31 -15.79 -95.35 -14.94
CA SER K 31 -15.80 -96.73 -15.40
C SER K 31 -16.08 -97.72 -14.26
N THR K 32 -15.51 -97.44 -13.09
CA THR K 32 -15.65 -98.32 -11.92
C THR K 32 -16.61 -97.78 -10.86
N GLU K 33 -16.76 -96.45 -10.81
CA GLU K 33 -17.56 -95.75 -9.79
C GLU K 33 -16.78 -95.53 -8.48
N ASN K 34 -15.49 -95.86 -8.50
CA ASN K 34 -14.62 -95.76 -7.33
C ASN K 34 -13.81 -94.46 -7.29
N ILE K 35 -13.59 -93.94 -6.08
CA ILE K 35 -12.74 -92.77 -5.88
C ILE K 35 -11.29 -93.17 -6.14
N ILE K 36 -10.66 -92.49 -7.10
CA ILE K 36 -9.30 -92.86 -7.54
C ILE K 36 -8.24 -91.79 -7.28
N GLY K 37 -8.66 -90.63 -6.79
CA GLY K 37 -7.76 -89.53 -6.50
C GLY K 37 -8.51 -88.31 -6.03
N ASP K 38 -7.83 -87.18 -5.97
CA ASP K 38 -8.44 -85.92 -5.56
C ASP K 38 -7.79 -84.72 -6.22
N ILE K 39 -8.40 -83.55 -5.99
CA ILE K 39 -8.05 -82.33 -6.69
C ILE K 39 -8.09 -81.16 -5.69
N PRO K 40 -7.09 -80.26 -5.75
CA PRO K 40 -7.09 -79.08 -4.89
C PRO K 40 -8.34 -78.21 -5.11
N ALA K 41 -8.92 -77.72 -4.02
CA ALA K 41 -10.13 -76.92 -4.07
C ALA K 41 -9.84 -75.47 -3.70
N ALA K 42 -9.50 -74.67 -4.71
CA ALA K 42 -9.17 -73.27 -4.49
C ALA K 42 -10.38 -72.43 -4.07
N THR K 43 -10.12 -71.39 -3.29
CA THR K 43 -11.16 -70.43 -2.88
C THR K 43 -10.72 -68.99 -3.22
N LYS K 44 -11.58 -68.03 -2.88
CA LYS K 44 -11.33 -66.60 -3.10
C LYS K 44 -9.87 -66.18 -3.01
N GLU K 45 -9.21 -66.54 -1.91
CA GLU K 45 -7.85 -66.07 -1.63
C GLU K 45 -6.76 -66.72 -2.46
N ASP K 46 -6.98 -67.95 -2.91
CA ASP K 46 -6.07 -68.61 -3.86
C ASP K 46 -6.20 -67.96 -5.25
N VAL K 47 -7.44 -67.70 -5.65
CA VAL K 47 -7.72 -67.03 -6.91
C VAL K 47 -7.11 -65.63 -6.92
N ASP K 48 -7.15 -64.96 -5.77
CA ASP K 48 -6.51 -63.64 -5.61
C ASP K 48 -5.00 -63.69 -5.86
N LEU K 49 -4.33 -64.72 -5.36
CA LEU K 49 -2.89 -64.91 -5.58
C LEU K 49 -2.58 -65.22 -7.05
N ALA K 50 -3.47 -65.96 -7.69
CA ALA K 50 -3.34 -66.30 -9.10
C ALA K 50 -3.46 -65.04 -9.99
N VAL K 51 -4.50 -64.26 -9.75
CA VAL K 51 -4.74 -63.05 -10.53
C VAL K 51 -3.60 -62.05 -10.32
N ASP K 52 -3.18 -61.88 -9.07
CA ASP K 52 -2.04 -61.04 -8.74
C ASP K 52 -0.77 -61.45 -9.48
N ALA K 53 -0.49 -62.75 -9.50
CA ALA K 53 0.65 -63.31 -10.24
C ALA K 53 0.58 -62.95 -11.73
N ALA K 54 -0.58 -63.16 -12.33
CA ALA K 54 -0.82 -62.80 -13.74
C ALA K 54 -0.61 -61.31 -14.00
N LYS K 55 -1.16 -60.48 -13.11
CA LYS K 55 -1.04 -59.02 -13.23
C LYS K 55 0.41 -58.54 -13.18
N ARG K 56 1.18 -59.06 -12.23
CA ARG K 56 2.60 -58.68 -12.09
C ARG K 56 3.43 -59.19 -13.27
N ALA K 57 3.04 -60.35 -13.80
CA ALA K 57 3.69 -60.92 -14.98
C ALA K 57 3.52 -60.02 -16.21
N ILE K 58 2.44 -59.24 -16.24
CA ILE K 58 2.21 -58.28 -17.32
C ILE K 58 2.90 -56.92 -17.11
N SER K 59 3.02 -56.50 -15.85
CA SER K 59 3.74 -55.25 -15.52
C SER K 59 5.27 -55.40 -15.55
N ARG K 60 5.75 -56.56 -15.08
CA ARG K 60 7.18 -56.82 -14.86
C ARG K 60 8.11 -56.38 -16.00
N LYS K 61 9.09 -55.55 -15.65
CA LYS K 61 10.14 -55.10 -16.57
C LYS K 61 9.55 -54.47 -17.84
N ASN K 62 8.53 -53.61 -17.65
CA ASN K 62 7.80 -52.96 -18.75
C ASN K 62 7.09 -53.94 -19.72
N GLY K 63 6.99 -55.21 -19.31
CA GLY K 63 6.40 -56.26 -20.14
C GLY K 63 7.38 -56.98 -21.05
N ARG K 64 8.66 -56.58 -20.98
CA ARG K 64 9.70 -57.09 -21.89
C ARG K 64 9.98 -58.60 -21.76
N ASP K 65 9.58 -59.19 -20.63
CA ASP K 65 9.69 -60.63 -20.42
C ASP K 65 8.60 -61.45 -21.14
N TRP K 66 7.42 -60.86 -21.32
CA TRP K 66 6.29 -61.59 -21.94
C TRP K 66 5.36 -60.77 -22.83
N SER K 67 4.54 -59.92 -22.21
CA SER K 67 3.43 -59.24 -22.89
C SER K 67 3.87 -58.24 -23.97
N ALA K 68 4.99 -57.56 -23.73
CA ALA K 68 5.53 -56.60 -24.68
C ALA K 68 6.71 -57.17 -25.46
N ALA K 69 7.08 -58.41 -25.16
CA ALA K 69 8.16 -59.12 -25.84
C ALA K 69 7.81 -59.42 -27.29
N SER K 70 8.79 -59.94 -28.03
CA SER K 70 8.59 -60.40 -29.40
C SER K 70 7.73 -61.66 -29.43
N GLY K 71 6.90 -61.79 -30.45
CA GLY K 71 6.09 -62.99 -30.68
C GLY K 71 6.94 -64.24 -30.80
N SER K 72 8.15 -64.08 -31.36
CA SER K 72 9.08 -65.19 -31.55
C SER K 72 9.57 -65.75 -30.21
N LEU K 73 9.74 -64.89 -29.21
CA LEU K 73 10.08 -65.34 -27.86
C LEU K 73 8.97 -66.24 -27.27
N ARG K 74 7.71 -65.84 -27.45
CA ARG K 74 6.59 -66.66 -27.00
C ARG K 74 6.45 -67.93 -27.82
N ALA K 75 6.76 -67.83 -29.11
CA ALA K 75 6.73 -68.97 -30.01
C ALA K 75 7.63 -70.10 -29.50
N ARG K 76 8.80 -69.73 -28.99
CA ARG K 76 9.77 -70.73 -28.51
C ARG K 76 9.27 -71.48 -27.30
N TYR K 77 8.67 -70.76 -26.36
CA TYR K 77 8.04 -71.37 -25.20
C TYR K 77 6.85 -72.24 -25.62
N LEU K 78 6.08 -71.78 -26.61
CA LEU K 78 4.96 -72.55 -27.15
C LEU K 78 5.41 -73.81 -27.86
N ARG K 79 6.51 -73.72 -28.60
CA ARG K 79 7.08 -74.90 -29.27
C ARG K 79 7.70 -75.86 -28.26
N ALA K 80 8.25 -75.30 -27.17
CA ALA K 80 8.82 -76.11 -26.09
C ALA K 80 7.74 -76.88 -25.33
N ILE K 81 6.60 -76.22 -25.06
CA ILE K 81 5.46 -76.88 -24.42
C ILE K 81 4.98 -78.04 -25.29
N ALA K 82 4.79 -77.75 -26.59
CA ALA K 82 4.38 -78.76 -27.57
C ALA K 82 5.29 -79.98 -27.55
N ALA K 83 6.60 -79.73 -27.58
CA ALA K 83 7.59 -80.81 -27.57
C ALA K 83 7.46 -81.70 -26.33
N LYS K 84 7.29 -81.07 -25.16
CA LYS K 84 7.08 -81.80 -23.91
C LYS K 84 5.80 -82.63 -23.91
N ILE K 85 4.68 -82.03 -24.34
CA ILE K 85 3.41 -82.75 -24.48
C ILE K 85 3.59 -83.99 -25.35
N LYS K 86 4.30 -83.81 -26.46
CA LYS K 86 4.52 -84.86 -27.45
C LYS K 86 5.26 -86.06 -26.88
N GLU K 87 6.32 -85.82 -26.09
CA GLU K 87 7.08 -86.89 -25.45
C GLU K 87 6.24 -87.70 -24.46
N LYS K 88 5.28 -87.03 -23.82
CA LYS K 88 4.42 -87.63 -22.81
C LYS K 88 3.03 -88.01 -23.34
N LYS K 89 2.89 -88.08 -24.66
CA LYS K 89 1.61 -88.34 -25.32
C LYS K 89 0.85 -89.52 -24.74
N ASP K 90 1.52 -90.67 -24.62
CA ASP K 90 0.88 -91.91 -24.19
C ASP K 90 0.47 -91.86 -22.73
N GLU K 91 1.38 -91.41 -21.87
CA GLU K 91 1.11 -91.23 -20.46
C GLU K 91 -0.11 -90.32 -20.24
N LEU K 92 -0.08 -89.12 -20.83
CA LEU K 92 -1.17 -88.16 -20.70
C LEU K 92 -2.49 -88.67 -21.32
N GLY K 93 -2.37 -89.50 -22.35
CA GLY K 93 -3.52 -90.13 -23.00
C GLY K 93 -4.38 -90.96 -22.08
N LYS K 94 -3.75 -91.91 -21.38
CA LYS K 94 -4.45 -92.76 -20.40
C LYS K 94 -4.99 -91.95 -19.22
N LEU K 95 -4.21 -90.96 -18.78
CA LEU K 95 -4.64 -90.05 -17.71
C LEU K 95 -5.92 -89.30 -18.09
N GLU K 96 -5.97 -88.79 -19.32
CA GLU K 96 -7.16 -88.15 -19.86
C GLU K 96 -8.34 -89.13 -19.96
N SER K 97 -8.05 -90.35 -20.42
CA SER K 97 -9.06 -91.39 -20.60
C SER K 97 -9.71 -91.80 -19.28
N ILE K 98 -8.88 -92.02 -18.25
CA ILE K 98 -9.34 -92.31 -16.89
C ILE K 98 -10.11 -91.12 -16.32
N ASP K 99 -9.58 -89.92 -16.56
CA ASP K 99 -10.15 -88.71 -15.97
C ASP K 99 -11.56 -88.39 -16.44
N CYS K 100 -11.81 -88.43 -17.75
CA CYS K 100 -13.11 -87.99 -18.28
C CYS K 100 -14.01 -89.09 -18.82
N GLY K 101 -13.43 -90.25 -19.14
CA GLY K 101 -14.20 -91.42 -19.52
C GLY K 101 -14.23 -91.76 -21.00
N LYS K 102 -13.58 -90.92 -21.81
CA LYS K 102 -13.58 -91.12 -23.26
C LYS K 102 -12.63 -92.24 -23.64
N PRO K 103 -13.00 -93.06 -24.64
CA PRO K 103 -12.14 -94.13 -25.14
C PRO K 103 -10.71 -93.65 -25.36
N LEU K 104 -9.75 -94.53 -25.09
CA LEU K 104 -8.33 -94.18 -25.14
C LEU K 104 -7.90 -93.66 -26.51
N GLU K 105 -8.40 -94.29 -27.57
CA GLU K 105 -8.06 -93.86 -28.93
C GLU K 105 -8.54 -92.45 -29.24
N GLU K 106 -9.62 -92.03 -28.58
CA GLU K 106 -10.12 -90.65 -28.67
C GLU K 106 -9.19 -89.70 -27.94
N ALA K 107 -8.76 -90.11 -26.74
CA ALA K 107 -7.87 -89.30 -25.93
C ALA K 107 -6.50 -89.11 -26.60
N LEU K 108 -6.04 -90.13 -27.32
CA LEU K 108 -4.78 -90.05 -28.06
C LEU K 108 -4.89 -89.12 -29.27
N ALA K 109 -6.08 -89.08 -29.89
CA ALA K 109 -6.36 -88.13 -30.97
C ALA K 109 -6.38 -86.69 -30.44
N ASP K 110 -6.99 -86.51 -29.26
CA ASP K 110 -7.00 -85.23 -28.57
C ASP K 110 -5.60 -84.72 -28.33
N LEU K 111 -4.72 -85.65 -27.95
CA LEU K 111 -3.39 -85.28 -27.54
C LEU K 111 -2.45 -84.85 -28.65
N ASP K 112 -2.60 -85.40 -29.85
CA ASP K 112 -1.85 -84.83 -30.97
C ASP K 112 -2.53 -83.59 -31.59
N ASP K 113 -3.77 -83.33 -31.19
CA ASP K 113 -4.41 -82.04 -31.48
C ASP K 113 -3.92 -80.93 -30.55
N VAL K 114 -3.73 -81.27 -29.27
CA VAL K 114 -3.15 -80.36 -28.28
C VAL K 114 -1.77 -79.89 -28.73
N VAL K 115 -0.95 -80.83 -29.21
CA VAL K 115 0.37 -80.55 -29.77
C VAL K 115 0.26 -79.71 -31.03
N ALA K 116 -0.64 -80.10 -31.94
CA ALA K 116 -0.82 -79.39 -33.21
C ALA K 116 -1.29 -77.97 -32.96
N CYS K 117 -2.03 -77.78 -31.86
CA CYS K 117 -2.61 -76.50 -31.51
C CYS K 117 -1.53 -75.53 -31.00
N PHE K 118 -0.65 -76.02 -30.14
CA PHE K 118 0.47 -75.23 -29.64
C PHE K 118 1.43 -74.82 -30.74
N GLU K 119 1.72 -75.75 -31.64
CA GLU K 119 2.60 -75.52 -32.78
C GLU K 119 1.97 -74.49 -33.72
N TYR K 120 0.65 -74.59 -33.90
CA TYR K 120 -0.06 -73.70 -34.80
C TYR K 120 0.00 -72.27 -34.30
N TYR K 121 -0.23 -72.10 -33.00
CA TYR K 121 -0.25 -70.77 -32.41
C TYR K 121 1.15 -70.18 -32.17
N ALA K 122 2.15 -71.05 -32.09
CA ALA K 122 3.55 -70.61 -32.13
C ALA K 122 3.84 -69.95 -33.47
N GLY K 123 3.38 -70.59 -34.55
CA GLY K 123 3.54 -70.05 -35.90
C GLY K 123 2.93 -68.66 -35.98
N LEU K 124 1.68 -68.54 -35.53
CA LEU K 124 0.97 -67.25 -35.50
C LEU K 124 1.66 -66.19 -34.64
N ALA K 125 2.31 -66.64 -33.57
CA ALA K 125 3.08 -65.73 -32.71
C ALA K 125 4.31 -65.20 -33.46
N GLU K 126 5.03 -66.09 -34.13
CA GLU K 126 6.17 -65.72 -34.97
C GLU K 126 5.81 -64.69 -36.04
N GLU K 127 4.59 -64.80 -36.57
CA GLU K 127 4.12 -63.92 -37.65
C GLU K 127 3.58 -62.59 -37.16
N LEU K 128 3.27 -62.51 -35.86
CA LEU K 128 2.55 -61.37 -35.29
C LEU K 128 3.31 -60.04 -35.30
N ASP K 129 4.64 -60.10 -35.16
CA ASP K 129 5.48 -58.89 -35.19
C ASP K 129 5.37 -58.14 -36.52
N SER K 130 5.29 -58.89 -37.61
CA SER K 130 5.19 -58.30 -38.95
C SER K 130 3.79 -57.80 -39.29
N LYS K 131 2.82 -58.07 -38.41
CA LYS K 131 1.47 -57.57 -38.59
C LYS K 131 1.25 -56.23 -37.86
N GLN K 132 2.23 -55.83 -37.05
CA GLN K 132 2.15 -54.57 -36.31
C GLN K 132 2.42 -53.38 -37.23
N LYS K 133 1.80 -52.25 -36.91
CA LYS K 133 1.91 -51.00 -37.68
C LYS K 133 1.35 -51.18 -39.09
N ALA K 134 0.31 -51.99 -39.20
CA ALA K 134 -0.35 -52.21 -40.48
C ALA K 134 -1.11 -50.93 -40.86
N PRO K 135 -0.74 -50.33 -42.01
CA PRO K 135 -1.29 -49.03 -42.36
C PRO K 135 -2.75 -49.14 -42.76
N ILE K 136 -3.51 -48.13 -42.39
CA ILE K 136 -4.83 -47.95 -42.97
C ILE K 136 -4.78 -46.68 -43.82
N SER K 137 -5.36 -46.76 -45.00
CA SER K 137 -5.26 -45.70 -46.00
C SER K 137 -6.21 -44.55 -45.71
N LEU K 138 -5.68 -43.33 -45.79
CA LEU K 138 -6.44 -42.12 -45.51
C LEU K 138 -6.59 -41.22 -46.74
N PRO K 139 -7.72 -40.48 -46.84
CA PRO K 139 -7.95 -39.63 -48.02
C PRO K 139 -7.60 -38.14 -47.83
N MET K 140 -6.40 -37.83 -47.30
CA MET K 140 -5.99 -36.42 -47.14
C MET K 140 -4.50 -36.12 -47.22
N ASP K 141 -3.68 -37.01 -46.66
CA ASP K 141 -2.21 -36.89 -46.61
C ASP K 141 -1.63 -35.96 -45.53
N THR K 142 -2.48 -35.13 -44.91
CA THR K 142 -2.10 -34.42 -43.69
C THR K 142 -2.08 -35.35 -42.46
N PHE K 143 -2.65 -36.55 -42.61
CA PHE K 143 -2.67 -37.53 -41.52
C PHE K 143 -2.16 -38.91 -41.97
N LYS K 144 -1.59 -39.65 -41.03
CA LYS K 144 -1.09 -41.00 -41.25
C LYS K 144 -1.61 -41.89 -40.13
N SER K 145 -2.12 -43.07 -40.48
CA SER K 145 -2.73 -43.97 -39.50
C SER K 145 -2.32 -45.43 -39.70
N TYR K 146 -2.13 -46.14 -38.58
CA TYR K 146 -1.88 -47.58 -38.59
C TYR K 146 -2.42 -48.26 -37.32
N ILE K 147 -2.44 -49.59 -37.31
CA ILE K 147 -2.97 -50.34 -36.18
C ILE K 147 -1.87 -51.09 -35.42
N LEU K 148 -2.08 -51.23 -34.11
CA LEU K 148 -1.28 -52.11 -33.29
C LEU K 148 -2.20 -53.15 -32.66
N LYS K 149 -1.74 -54.39 -32.61
CA LYS K 149 -2.48 -55.47 -31.96
C LYS K 149 -1.78 -55.81 -30.67
N GLU K 150 -2.46 -55.56 -29.55
CA GLU K 150 -1.86 -55.69 -28.23
C GLU K 150 -2.60 -56.74 -27.41
N PRO K 151 -1.90 -57.39 -26.47
CA PRO K 151 -2.57 -58.38 -25.62
C PRO K 151 -3.69 -57.74 -24.81
N ILE K 152 -4.78 -58.48 -24.60
CA ILE K 152 -5.90 -57.93 -23.82
C ILE K 152 -5.51 -57.79 -22.35
N GLY K 153 -4.56 -58.60 -21.90
CA GLY K 153 -4.03 -58.51 -20.55
C GLY K 153 -4.16 -59.80 -19.77
N VAL K 154 -4.81 -59.72 -18.61
CA VAL K 154 -5.06 -60.89 -17.77
C VAL K 154 -6.35 -61.55 -18.23
N VAL K 155 -6.27 -62.85 -18.54
CA VAL K 155 -7.42 -63.59 -19.05
C VAL K 155 -7.86 -64.75 -18.17
N ALA K 156 -9.16 -64.81 -17.92
CA ALA K 156 -9.78 -65.91 -17.20
C ALA K 156 -10.22 -66.98 -18.20
N LEU K 157 -9.64 -68.16 -18.08
CA LEU K 157 -9.91 -69.25 -19.02
C LEU K 157 -10.63 -70.37 -18.27
N ILE K 158 -11.93 -70.51 -18.52
CA ILE K 158 -12.76 -71.49 -17.83
C ILE K 158 -13.29 -72.55 -18.81
N THR K 159 -12.85 -73.79 -18.60
CA THR K 159 -12.94 -74.85 -19.61
C THR K 159 -13.75 -76.06 -19.15
N PRO K 160 -14.27 -76.86 -20.12
CA PRO K 160 -15.14 -77.97 -19.76
C PRO K 160 -14.43 -79.33 -19.68
N TRP K 161 -15.14 -80.31 -19.15
CA TRP K 161 -14.59 -81.65 -18.91
C TRP K 161 -14.65 -82.61 -20.11
N ASN K 162 -15.38 -82.25 -21.17
CA ASN K 162 -15.55 -83.18 -22.29
C ASN K 162 -14.29 -83.39 -23.13
N TYR K 163 -13.53 -82.32 -23.34
CA TYR K 163 -12.15 -82.41 -23.85
C TYR K 163 -11.26 -81.62 -22.90
N PRO K 164 -10.88 -82.24 -21.75
CA PRO K 164 -10.22 -81.49 -20.68
C PRO K 164 -9.00 -80.74 -21.19
N PHE K 165 -8.06 -81.47 -21.78
CA PHE K 165 -6.78 -80.92 -22.22
C PHE K 165 -6.95 -80.06 -23.48
N LEU K 166 -7.69 -80.57 -24.46
CA LEU K 166 -7.86 -79.89 -25.75
C LEU K 166 -8.58 -78.54 -25.65
N MET K 167 -9.68 -78.49 -24.89
CA MET K 167 -10.41 -77.24 -24.67
C MET K 167 -9.57 -76.21 -23.92
N ALA K 168 -8.76 -76.68 -22.97
CA ALA K 168 -7.84 -75.80 -22.27
C ALA K 168 -6.83 -75.23 -23.27
N THR K 169 -6.28 -76.08 -24.12
CA THR K 169 -5.29 -75.67 -25.14
C THR K 169 -5.86 -74.67 -26.14
N TRP K 170 -7.08 -74.91 -26.58
CA TRP K 170 -7.79 -74.00 -27.49
C TRP K 170 -7.82 -72.58 -26.97
N LYS K 171 -7.72 -72.43 -25.66
CA LYS K 171 -7.74 -71.12 -25.04
C LYS K 171 -6.34 -70.65 -24.65
N ILE K 172 -5.55 -71.54 -24.06
CA ILE K 172 -4.21 -71.21 -23.55
C ILE K 172 -3.26 -70.77 -24.68
N ALA K 173 -3.18 -71.59 -25.72
CA ALA K 173 -2.28 -71.35 -26.85
C ALA K 173 -2.43 -69.96 -27.47
N PRO K 174 -3.65 -69.59 -27.94
CA PRO K 174 -3.80 -68.24 -28.53
C PRO K 174 -3.60 -67.10 -27.52
N ALA K 175 -4.08 -67.27 -26.30
CA ALA K 175 -3.87 -66.28 -25.24
C ALA K 175 -2.38 -66.03 -24.95
N LEU K 176 -1.60 -67.10 -24.83
CA LEU K 176 -0.16 -66.97 -24.62
C LEU K 176 0.51 -66.38 -25.86
N ALA K 177 0.15 -66.90 -27.03
CA ALA K 177 0.65 -66.34 -28.30
C ALA K 177 0.41 -64.84 -28.44
N ALA K 178 -0.75 -64.38 -27.97
CA ALA K 178 -1.12 -62.97 -28.01
C ALA K 178 -0.29 -62.10 -27.06
N GLY K 179 0.22 -62.71 -25.99
CA GLY K 179 1.01 -62.00 -25.00
C GLY K 179 0.27 -61.80 -23.69
N CYS K 180 -0.78 -62.57 -23.47
CA CYS K 180 -1.57 -62.48 -22.24
C CYS K 180 -0.98 -63.32 -21.11
N ALA K 181 -1.39 -63.02 -19.90
CA ALA K 181 -1.16 -63.87 -18.75
C ALA K 181 -2.51 -64.50 -18.36
N ALA K 182 -2.50 -65.81 -18.16
CA ALA K 182 -3.76 -66.56 -18.04
C ALA K 182 -3.98 -67.20 -16.67
N ILE K 183 -5.24 -67.26 -16.26
CA ILE K 183 -5.64 -68.14 -15.17
C ILE K 183 -6.58 -69.20 -15.74
N LEU K 184 -6.13 -70.45 -15.75
CA LEU K 184 -6.97 -71.55 -16.17
C LEU K 184 -7.76 -72.12 -14.99
N LYS K 185 -9.06 -72.22 -15.19
CA LYS K 185 -9.95 -72.86 -14.22
C LYS K 185 -10.63 -74.02 -14.94
N PRO K 186 -10.00 -75.22 -14.92
CA PRO K 186 -10.65 -76.36 -15.56
C PRO K 186 -11.83 -76.91 -14.74
N SER K 187 -12.62 -77.78 -15.37
CA SER K 187 -13.74 -78.41 -14.67
C SER K 187 -13.26 -79.34 -13.55
N GLU K 188 -13.95 -79.25 -12.41
CA GLU K 188 -13.70 -80.12 -11.26
C GLU K 188 -13.85 -81.60 -11.57
N LEU K 189 -14.53 -81.90 -12.67
CA LEU K 189 -14.74 -83.29 -13.08
C LEU K 189 -13.51 -83.90 -13.73
N ALA K 190 -12.68 -83.07 -14.37
CA ALA K 190 -11.51 -83.56 -15.09
C ALA K 190 -10.39 -82.53 -15.13
N SER K 191 -9.51 -82.58 -14.15
CA SER K 191 -8.45 -81.58 -14.00
C SER K 191 -7.03 -82.14 -14.07
N VAL K 192 -6.86 -83.45 -14.18
CA VAL K 192 -5.51 -84.03 -14.02
C VAL K 192 -4.49 -83.62 -15.10
N THR K 193 -4.90 -83.62 -16.37
CA THR K 193 -3.97 -83.28 -17.45
C THR K 193 -3.64 -81.79 -17.45
N CYS K 194 -4.64 -80.97 -17.12
CA CYS K 194 -4.45 -79.53 -16.97
C CYS K 194 -3.47 -79.19 -15.85
N LEU K 195 -3.55 -79.90 -14.73
CA LEU K 195 -2.59 -79.72 -13.65
C LEU K 195 -1.20 -80.21 -14.07
N GLU K 196 -1.18 -81.25 -14.90
CA GLU K 196 0.06 -81.79 -15.43
C GLU K 196 0.78 -80.78 -16.34
N LEU K 197 0.01 -79.94 -17.03
CA LEU K 197 0.55 -78.87 -17.86
C LEU K 197 1.35 -77.87 -17.03
N GLY K 198 0.95 -77.72 -15.77
CA GLY K 198 1.66 -76.87 -14.81
C GLY K 198 3.10 -77.25 -14.59
N GLU K 199 3.36 -78.56 -14.58
CA GLU K 199 4.72 -79.09 -14.45
C GLU K 199 5.51 -78.84 -15.73
N ILE K 200 4.87 -79.05 -16.88
CA ILE K 200 5.48 -78.84 -18.19
C ILE K 200 5.99 -77.40 -18.35
N CYS K 201 5.23 -76.45 -17.81
CA CYS K 201 5.64 -75.05 -17.79
C CYS K 201 6.95 -74.85 -17.02
N LYS K 202 6.99 -75.42 -15.82
CA LYS K 202 8.15 -75.30 -14.93
C LYS K 202 9.44 -75.80 -15.60
N GLU K 203 9.38 -76.97 -16.25
CA GLU K 203 10.55 -77.55 -16.93
C GLU K 203 11.00 -76.68 -18.09
N VAL K 204 10.03 -76.22 -18.88
CA VAL K 204 10.26 -75.39 -20.04
C VAL K 204 10.79 -74.01 -19.64
N GLY K 205 10.49 -73.61 -18.41
CA GLY K 205 10.96 -72.35 -17.87
C GLY K 205 10.09 -71.16 -18.21
N LEU K 206 8.77 -71.41 -18.32
CA LEU K 206 7.82 -70.36 -18.64
C LEU K 206 7.84 -69.29 -17.55
N PRO K 207 8.06 -68.02 -17.94
CA PRO K 207 8.11 -66.92 -16.97
C PRO K 207 6.95 -66.99 -16.00
N ARG K 208 7.24 -66.78 -14.72
CA ARG K 208 6.27 -66.99 -13.65
C ARG K 208 5.07 -66.04 -13.75
N GLY K 209 3.88 -66.58 -13.53
CA GLY K 209 2.65 -65.80 -13.59
C GLY K 209 1.98 -65.76 -14.95
N VAL K 210 2.65 -66.28 -15.97
CA VAL K 210 2.13 -66.31 -17.34
C VAL K 210 1.00 -67.33 -17.48
N LEU K 211 1.20 -68.53 -16.93
CA LEU K 211 0.11 -69.49 -16.83
C LEU K 211 -0.12 -69.88 -15.38
N ASN K 212 -1.34 -69.69 -14.91
CA ASN K 212 -1.75 -70.08 -13.57
C ASN K 212 -2.91 -71.04 -13.64
N ILE K 213 -2.79 -72.15 -12.91
CA ILE K 213 -3.82 -73.19 -12.93
C ILE K 213 -4.50 -73.32 -11.56
N VAL K 214 -5.79 -73.00 -11.53
CA VAL K 214 -6.56 -72.99 -10.30
C VAL K 214 -7.78 -73.91 -10.41
N THR K 215 -7.69 -75.07 -9.77
CA THR K 215 -8.75 -76.05 -9.80
C THR K 215 -9.73 -75.86 -8.64
N GLY K 216 -10.97 -76.29 -8.83
CA GLY K 216 -11.96 -76.20 -7.76
C GLY K 216 -13.40 -76.21 -8.24
N LEU K 217 -14.31 -76.04 -7.28
CA LEU K 217 -15.75 -75.95 -7.55
C LEU K 217 -16.07 -74.71 -8.38
N GLY K 218 -16.98 -74.88 -9.34
CA GLY K 218 -17.43 -73.77 -10.18
C GLY K 218 -17.89 -72.58 -9.37
N HIS K 219 -18.75 -72.83 -8.36
CA HIS K 219 -19.34 -71.77 -7.57
C HIS K 219 -18.35 -71.13 -6.58
N GLU K 220 -17.22 -71.80 -6.33
CA GLU K 220 -16.17 -71.25 -5.46
C GLU K 220 -15.07 -70.57 -6.27
N ALA K 221 -14.20 -71.38 -6.88
CA ALA K 221 -13.07 -70.87 -7.65
C ALA K 221 -13.46 -70.20 -8.97
N GLY K 222 -14.40 -70.81 -9.70
CA GLY K 222 -14.89 -70.27 -10.97
C GLY K 222 -15.53 -68.90 -10.83
N ALA K 223 -16.43 -68.76 -9.85
CA ALA K 223 -17.10 -67.50 -9.56
C ALA K 223 -16.13 -66.44 -9.02
N SER K 224 -15.15 -66.87 -8.24
CA SER K 224 -14.10 -65.96 -7.74
C SER K 224 -13.27 -65.39 -8.89
N LEU K 225 -12.95 -66.24 -9.85
CA LEU K 225 -12.19 -65.82 -11.03
C LEU K 225 -12.98 -64.82 -11.88
N ALA K 226 -14.20 -65.20 -12.26
CA ALA K 226 -15.04 -64.37 -13.12
C ALA K 226 -15.33 -62.97 -12.56
N SER K 227 -15.47 -62.87 -11.23
CA SER K 227 -15.81 -61.59 -10.60
C SER K 227 -14.60 -60.76 -10.17
N HIS K 228 -13.40 -61.31 -10.32
CA HIS K 228 -12.18 -60.59 -9.95
C HIS K 228 -12.03 -59.34 -10.82
N PRO K 229 -11.83 -58.17 -10.18
CA PRO K 229 -11.74 -56.87 -10.86
C PRO K 229 -10.49 -56.69 -11.73
N ASP K 230 -9.48 -57.53 -11.55
CA ASP K 230 -8.21 -57.35 -12.27
C ASP K 230 -8.05 -58.25 -13.51
N VAL K 231 -9.04 -59.10 -13.73
CA VAL K 231 -9.14 -59.86 -14.98
C VAL K 231 -9.64 -58.91 -16.07
N ASP K 232 -9.07 -59.01 -17.27
CA ASP K 232 -9.41 -58.12 -18.39
C ASP K 232 -10.40 -58.74 -19.37
N LYS K 233 -10.40 -60.08 -19.45
CA LYS K 233 -11.30 -60.81 -20.33
C LYS K 233 -11.60 -62.20 -19.81
N ILE K 234 -12.86 -62.62 -19.93
CA ILE K 234 -13.25 -63.99 -19.61
C ILE K 234 -13.60 -64.78 -20.87
N SER K 235 -12.89 -65.88 -21.07
CA SER K 235 -13.22 -66.81 -22.14
C SER K 235 -13.78 -68.10 -21.55
N PHE K 236 -15.04 -68.40 -21.88
CA PHE K 236 -15.76 -69.50 -21.25
C PHE K 236 -16.36 -70.50 -22.24
N THR K 237 -16.21 -71.78 -21.92
CA THR K 237 -16.89 -72.87 -22.62
C THR K 237 -17.59 -73.75 -21.58
N GLY K 238 -18.89 -73.95 -21.76
CA GLY K 238 -19.69 -74.72 -20.81
C GLY K 238 -21.18 -74.51 -21.01
N SER K 239 -21.94 -74.67 -19.94
CA SER K 239 -23.40 -74.66 -20.00
C SER K 239 -23.97 -73.26 -20.20
N SER K 240 -25.18 -73.23 -20.77
CA SER K 240 -25.92 -71.98 -21.02
C SER K 240 -26.12 -71.17 -19.76
N ALA K 241 -26.58 -71.83 -18.70
CA ALA K 241 -26.90 -71.16 -17.43
C ALA K 241 -25.67 -70.54 -16.76
N THR K 242 -24.57 -71.29 -16.75
CA THR K 242 -23.31 -70.80 -16.23
C THR K 242 -22.78 -69.64 -17.09
N GLY K 243 -22.84 -69.81 -18.41
CA GLY K 243 -22.42 -68.78 -19.35
C GLY K 243 -23.14 -67.46 -19.11
N SER K 244 -24.45 -67.58 -18.90
CA SER K 244 -25.30 -66.45 -18.54
C SER K 244 -24.84 -65.77 -17.24
N LYS K 245 -24.51 -66.57 -16.23
CA LYS K 245 -24.03 -66.05 -14.94
C LYS K 245 -22.71 -65.29 -15.10
N ILE K 246 -21.78 -65.88 -15.84
CA ILE K 246 -20.47 -65.27 -16.10
C ILE K 246 -20.60 -63.91 -16.82
N MET K 247 -21.52 -63.83 -17.78
CA MET K 247 -21.75 -62.57 -18.49
C MET K 247 -22.37 -61.53 -17.57
N THR K 248 -23.26 -61.97 -16.67
CA THR K 248 -23.86 -61.10 -15.67
C THR K 248 -22.81 -60.49 -14.73
N THR K 249 -21.87 -61.32 -14.30
CA THR K 249 -20.78 -60.88 -13.45
C THR K 249 -19.87 -59.92 -14.20
N ALA K 250 -19.47 -60.31 -15.41
CA ALA K 250 -18.59 -59.50 -16.25
C ALA K 250 -19.19 -58.12 -16.48
N ALA K 251 -20.51 -58.10 -16.65
CA ALA K 251 -21.24 -56.85 -16.87
C ALA K 251 -21.02 -55.81 -15.77
N GLN K 252 -20.76 -56.28 -14.54
CA GLN K 252 -20.54 -55.38 -13.38
C GLN K 252 -19.40 -54.40 -13.59
N LEU K 253 -18.32 -54.86 -14.22
CA LEU K 253 -17.18 -54.00 -14.53
C LEU K 253 -16.95 -53.92 -16.04
N VAL K 254 -18.02 -54.15 -16.79
CA VAL K 254 -18.05 -54.16 -18.27
C VAL K 254 -16.86 -54.86 -18.95
N LYS K 255 -16.54 -56.05 -18.45
CA LYS K 255 -15.45 -56.85 -18.98
C LYS K 255 -15.90 -57.68 -20.19
N PRO K 256 -15.08 -57.68 -21.28
CA PRO K 256 -15.44 -58.48 -22.43
C PRO K 256 -15.45 -59.96 -22.11
N VAL K 257 -16.33 -60.68 -22.81
CA VAL K 257 -16.49 -62.10 -22.60
C VAL K 257 -16.65 -62.81 -23.93
N SER K 258 -16.23 -64.06 -23.99
CA SER K 258 -16.55 -64.92 -25.12
C SER K 258 -17.15 -66.21 -24.57
N LEU K 259 -18.17 -66.72 -25.27
CA LEU K 259 -18.95 -67.86 -24.78
C LEU K 259 -19.20 -68.92 -25.85
N GLU K 260 -18.77 -70.14 -25.54
CA GLU K 260 -19.16 -71.32 -26.30
C GLU K 260 -20.08 -72.09 -25.37
N LEU K 261 -21.36 -72.08 -25.70
CA LEU K 261 -22.35 -72.77 -24.89
C LEU K 261 -22.76 -74.03 -25.65
N GLY K 262 -23.82 -74.70 -25.22
CA GLY K 262 -24.16 -75.96 -25.87
C GLY K 262 -24.78 -75.84 -27.24
N GLY K 263 -25.58 -76.83 -27.59
CA GLY K 263 -26.36 -76.77 -28.80
C GLY K 263 -27.27 -77.96 -28.98
N LYS K 264 -28.08 -77.89 -30.03
CA LYS K 264 -28.92 -78.99 -30.46
C LYS K 264 -28.77 -79.01 -31.98
N SER K 265 -27.59 -79.45 -32.41
CA SER K 265 -27.19 -79.36 -33.82
C SER K 265 -27.91 -80.36 -34.69
N PRO K 266 -28.43 -79.90 -35.84
CA PRO K 266 -29.14 -80.77 -36.76
C PRO K 266 -28.22 -81.38 -37.84
N ILE K 267 -28.54 -82.61 -38.23
CA ILE K 267 -27.97 -83.20 -39.43
C ILE K 267 -29.09 -83.56 -40.42
N VAL K 268 -29.05 -82.93 -41.59
CA VAL K 268 -30.06 -83.12 -42.63
C VAL K 268 -29.51 -84.07 -43.68
N VAL K 269 -30.23 -85.16 -43.90
CA VAL K 269 -29.82 -86.22 -44.80
C VAL K 269 -30.85 -86.34 -45.91
N PHE K 270 -30.42 -86.07 -47.14
CA PHE K 270 -31.28 -86.21 -48.31
C PHE K 270 -31.21 -87.62 -48.88
N GLU K 271 -32.05 -87.90 -49.87
CA GLU K 271 -32.16 -89.24 -50.45
C GLU K 271 -30.89 -89.70 -51.18
N ASP K 272 -30.20 -88.76 -51.83
CA ASP K 272 -29.06 -89.07 -52.71
C ASP K 272 -27.73 -89.18 -51.97
N VAL K 273 -27.59 -90.18 -51.10
CA VAL K 273 -26.33 -90.39 -50.37
C VAL K 273 -25.96 -91.88 -50.37
N ASP K 274 -24.70 -92.18 -50.06
CA ASP K 274 -24.31 -93.55 -49.76
C ASP K 274 -24.76 -93.81 -48.33
N LEU K 275 -25.82 -94.62 -48.19
CA LEU K 275 -26.48 -94.84 -46.91
C LEU K 275 -25.53 -95.38 -45.84
N ASP K 276 -24.61 -96.25 -46.25
CA ASP K 276 -23.68 -96.88 -45.31
C ASP K 276 -22.58 -95.92 -44.83
N LYS K 277 -22.09 -95.07 -45.73
CA LYS K 277 -21.07 -94.08 -45.38
C LYS K 277 -21.64 -92.95 -44.51
N VAL K 278 -22.83 -92.47 -44.87
CA VAL K 278 -23.50 -91.40 -44.14
C VAL K 278 -23.92 -91.86 -42.75
N ALA K 279 -24.31 -93.14 -42.63
CA ALA K 279 -24.69 -93.71 -41.34
C ALA K 279 -23.54 -93.69 -40.34
N GLU K 280 -22.31 -93.97 -40.80
CA GLU K 280 -21.16 -93.88 -39.90
C GLU K 280 -20.94 -92.44 -39.42
N TRP K 281 -21.05 -91.49 -40.34
CA TRP K 281 -20.91 -90.09 -39.98
C TRP K 281 -21.95 -89.67 -38.95
N THR K 282 -23.21 -90.06 -39.13
CA THR K 282 -24.26 -89.61 -38.19
C THR K 282 -24.18 -90.28 -36.81
N VAL K 283 -23.74 -91.53 -36.74
CA VAL K 283 -23.51 -92.14 -35.42
C VAL K 283 -22.29 -91.49 -34.73
N PHE K 284 -21.30 -91.14 -35.55
CA PHE K 284 -20.12 -90.38 -35.12
C PHE K 284 -20.54 -89.00 -34.62
N GLY K 285 -21.42 -88.35 -35.36
CA GLY K 285 -21.89 -87.01 -35.02
C GLY K 285 -22.58 -86.92 -33.67
N CYS K 286 -23.19 -88.02 -33.25
CA CYS K 286 -24.01 -88.04 -32.03
C CYS K 286 -23.42 -88.83 -30.86
N PHE K 287 -22.64 -89.87 -31.15
CA PHE K 287 -22.15 -90.78 -30.10
C PHE K 287 -20.69 -90.61 -29.72
N PHE K 288 -19.91 -89.99 -30.61
CA PHE K 288 -18.49 -89.70 -30.33
C PHE K 288 -18.32 -88.94 -29.00
N THR K 289 -17.22 -89.20 -28.31
CA THR K 289 -16.96 -88.66 -26.96
C THR K 289 -18.09 -89.03 -25.99
N ASN K 290 -18.62 -90.24 -26.16
CA ASN K 290 -19.76 -90.73 -25.36
C ASN K 290 -20.98 -89.82 -25.48
N GLY K 291 -21.06 -89.09 -26.60
CA GLY K 291 -22.18 -88.19 -26.88
C GLY K 291 -22.04 -86.82 -26.24
N GLN K 292 -20.90 -86.58 -25.61
CA GLN K 292 -20.67 -85.34 -24.89
C GLN K 292 -19.87 -84.34 -25.73
N ILE K 293 -20.50 -83.93 -26.84
CA ILE K 293 -19.94 -82.92 -27.74
C ILE K 293 -20.90 -81.74 -27.71
N CYS K 294 -20.35 -80.54 -27.50
CA CYS K 294 -21.18 -79.32 -27.54
C CYS K 294 -21.85 -79.17 -28.90
N SER K 295 -21.14 -79.55 -29.96
CA SER K 295 -21.63 -79.44 -31.33
C SER K 295 -22.26 -80.74 -31.85
N ALA K 296 -22.61 -81.66 -30.94
CA ALA K 296 -23.19 -82.95 -31.33
C ALA K 296 -24.40 -82.77 -32.24
N THR K 297 -24.41 -83.50 -33.35
CA THR K 297 -25.55 -83.47 -34.27
C THR K 297 -26.55 -84.50 -33.76
N SER K 298 -27.37 -84.06 -32.81
CA SER K 298 -28.27 -84.91 -32.04
C SER K 298 -29.68 -84.93 -32.61
N ARG K 299 -29.94 -84.10 -33.62
CA ARG K 299 -31.21 -84.12 -34.33
C ARG K 299 -31.00 -84.56 -35.78
N LEU K 300 -31.46 -85.77 -36.09
CA LEU K 300 -31.42 -86.29 -37.45
C LEU K 300 -32.68 -85.89 -38.20
N ILE K 301 -32.50 -85.30 -39.37
CA ILE K 301 -33.59 -84.89 -40.22
C ILE K 301 -33.41 -85.60 -41.58
N VAL K 302 -34.09 -86.74 -41.75
CA VAL K 302 -33.92 -87.62 -42.92
C VAL K 302 -35.09 -87.48 -43.87
N HIS K 303 -34.84 -87.59 -45.17
CA HIS K 303 -35.91 -87.61 -46.16
C HIS K 303 -36.72 -88.89 -45.98
N GLU K 304 -38.05 -88.78 -46.02
CA GLU K 304 -38.93 -89.90 -45.67
C GLU K 304 -38.79 -91.12 -46.58
N SER K 305 -38.42 -90.88 -47.84
CA SER K 305 -38.28 -91.97 -48.81
C SER K 305 -37.10 -92.92 -48.54
N ILE K 306 -36.14 -92.49 -47.72
CA ILE K 306 -35.02 -93.36 -47.33
C ILE K 306 -34.97 -93.59 -45.81
N ALA K 307 -35.90 -92.96 -45.10
CA ALA K 307 -35.93 -92.96 -43.64
C ALA K 307 -35.77 -94.33 -43.00
N VAL K 308 -36.56 -95.31 -43.43
CA VAL K 308 -36.57 -96.61 -42.72
C VAL K 308 -35.33 -97.48 -42.97
N GLU K 309 -34.85 -97.57 -44.22
CA GLU K 309 -33.63 -98.34 -44.45
C GLU K 309 -32.38 -97.64 -43.93
N PHE K 310 -32.40 -96.30 -43.91
CA PHE K 310 -31.32 -95.54 -43.30
C PHE K 310 -31.26 -95.78 -41.80
N VAL K 311 -32.40 -95.59 -41.12
CA VAL K 311 -32.48 -95.79 -39.67
C VAL K 311 -32.13 -97.23 -39.27
N ASP K 312 -32.54 -98.19 -40.11
CA ASP K 312 -32.22 -99.61 -39.89
C ASP K 312 -30.71 -99.84 -39.85
N LYS K 313 -30.00 -99.30 -40.85
CA LYS K 313 -28.52 -99.33 -40.88
C LYS K 313 -27.93 -98.58 -39.68
N LEU K 314 -28.57 -97.46 -39.35
CA LEU K 314 -28.16 -96.62 -38.23
C LEU K 314 -28.21 -97.40 -36.92
N VAL K 315 -29.25 -98.23 -36.77
CA VAL K 315 -29.42 -99.11 -35.60
C VAL K 315 -28.31 -100.16 -35.54
N LYS K 316 -28.01 -100.77 -36.69
CA LYS K 316 -26.98 -101.81 -36.79
C LYS K 316 -25.60 -101.27 -36.47
N TRP K 317 -25.27 -100.08 -36.97
CA TRP K 317 -24.00 -99.42 -36.66
C TRP K 317 -23.92 -99.12 -35.16
N ALA K 318 -25.02 -98.63 -34.60
CA ALA K 318 -25.08 -98.27 -33.19
C ALA K 318 -24.91 -99.48 -32.28
N GLU K 319 -25.55 -100.60 -32.65
CA GLU K 319 -25.49 -101.83 -31.85
C GLU K 319 -24.16 -102.55 -31.98
N ASN K 320 -23.38 -102.17 -32.98
CA ASN K 320 -22.06 -102.76 -33.21
C ASN K 320 -20.91 -101.99 -32.54
N ILE K 321 -21.23 -100.92 -31.83
CA ILE K 321 -20.22 -100.12 -31.13
C ILE K 321 -19.80 -100.81 -29.84
N LYS K 322 -18.52 -101.13 -29.73
CA LYS K 322 -17.99 -101.75 -28.52
C LYS K 322 -18.02 -100.78 -27.34
N ILE K 323 -18.74 -101.17 -26.29
CA ILE K 323 -18.79 -100.40 -25.06
C ILE K 323 -18.05 -101.16 -23.96
N SER K 324 -17.13 -100.48 -23.31
CA SER K 324 -16.28 -101.09 -22.30
C SER K 324 -15.59 -100.03 -21.46
N ASP K 325 -14.73 -100.48 -20.55
CA ASP K 325 -13.75 -99.61 -19.90
C ASP K 325 -12.95 -98.91 -21.00
N PRO K 326 -12.69 -97.60 -20.82
CA PRO K 326 -12.04 -96.79 -21.87
C PRO K 326 -10.65 -97.29 -22.27
N LEU K 327 -9.93 -97.92 -21.34
CA LEU K 327 -8.58 -98.43 -21.61
C LEU K 327 -8.58 -99.75 -22.39
N GLU K 328 -9.69 -100.48 -22.36
CA GLU K 328 -9.75 -101.77 -23.03
C GLU K 328 -9.60 -101.62 -24.55
N GLU K 329 -8.96 -102.62 -25.18
CA GLU K 329 -8.69 -102.61 -26.60
C GLU K 329 -9.98 -102.54 -27.45
N GLY K 330 -9.99 -101.63 -28.41
CA GLY K 330 -11.11 -101.49 -29.34
C GLY K 330 -12.34 -100.81 -28.78
N CYS K 331 -12.18 -100.14 -27.64
CA CYS K 331 -13.29 -99.43 -27.02
C CYS K 331 -13.73 -98.26 -27.87
N ARG K 332 -15.02 -98.24 -28.21
CA ARG K 332 -15.58 -97.18 -29.05
C ARG K 332 -16.65 -96.36 -28.32
N LEU K 333 -16.92 -96.73 -27.06
CA LEU K 333 -17.83 -95.98 -26.19
C LEU K 333 -17.51 -96.25 -24.73
N GLY K 334 -17.21 -95.18 -23.99
CA GLY K 334 -16.99 -95.27 -22.55
C GLY K 334 -18.20 -94.83 -21.74
N PRO K 335 -18.04 -94.71 -20.42
CA PRO K 335 -19.14 -94.26 -19.57
C PRO K 335 -19.31 -92.75 -19.58
N ILE K 336 -20.47 -92.29 -19.12
CA ILE K 336 -20.72 -90.86 -18.90
C ILE K 336 -19.84 -90.38 -17.74
N VAL K 337 -19.44 -89.11 -17.79
CA VAL K 337 -18.41 -88.53 -16.93
C VAL K 337 -18.66 -88.68 -15.42
N SER K 338 -19.91 -88.58 -14.99
CA SER K 338 -20.26 -88.60 -13.57
C SER K 338 -21.67 -89.18 -13.35
N GLU K 339 -22.02 -89.40 -12.07
CA GLU K 339 -23.34 -89.92 -11.71
C GLU K 339 -24.45 -88.90 -12.01
N ALA K 340 -24.23 -87.64 -11.61
CA ALA K 340 -25.20 -86.57 -11.87
C ALA K 340 -25.50 -86.39 -13.37
N GLN K 341 -24.47 -86.50 -14.21
CA GLN K 341 -24.66 -86.46 -15.66
C GLN K 341 -25.34 -87.71 -16.17
N TYR K 342 -24.99 -88.87 -15.59
CA TYR K 342 -25.60 -90.15 -15.94
C TYR K 342 -27.11 -90.15 -15.78
N LYS K 343 -27.57 -89.70 -14.61
CA LYS K 343 -29.00 -89.59 -14.30
C LYS K 343 -29.74 -88.62 -15.21
N LYS K 344 -29.10 -87.49 -15.51
CA LYS K 344 -29.67 -86.50 -16.44
C LYS K 344 -29.92 -87.09 -17.84
N VAL K 345 -28.98 -87.90 -18.31
CA VAL K 345 -29.11 -88.58 -19.60
C VAL K 345 -30.27 -89.58 -19.57
N LEU K 346 -30.33 -90.37 -18.50
CA LEU K 346 -31.41 -91.34 -18.33
C LEU K 346 -32.78 -90.68 -18.21
N ASN K 347 -32.83 -89.54 -17.52
CA ASN K 347 -34.07 -88.78 -17.40
C ASN K 347 -34.60 -88.28 -18.74
N CYS K 348 -33.68 -87.87 -19.62
CA CYS K 348 -34.01 -87.47 -20.99
C CYS K 348 -34.63 -88.62 -21.76
N ILE K 349 -34.05 -89.80 -21.62
CA ILE K 349 -34.55 -91.01 -22.27
C ILE K 349 -35.94 -91.41 -21.79
N SER K 350 -36.13 -91.51 -20.46
CA SER K 350 -37.43 -91.84 -19.88
C SER K 350 -38.48 -90.74 -20.11
N SER K 351 -38.06 -89.47 -20.09
CA SER K 351 -38.98 -88.37 -20.42
C SER K 351 -39.44 -88.43 -21.85
N ALA K 352 -38.58 -88.91 -22.74
CA ALA K 352 -38.94 -89.12 -24.14
C ALA K 352 -40.00 -90.21 -24.26
N LYS K 353 -39.85 -91.28 -23.47
CA LYS K 353 -40.85 -92.37 -23.41
C LYS K 353 -42.24 -91.87 -23.03
N SER K 354 -42.32 -91.09 -21.94
CA SER K 354 -43.58 -90.57 -21.39
C SER K 354 -44.31 -89.63 -22.34
N GLU K 355 -43.55 -88.84 -23.10
CA GLU K 355 -44.12 -87.89 -24.04
C GLU K 355 -44.58 -88.60 -25.32
N GLY K 356 -44.29 -89.89 -25.43
CA GLY K 356 -44.83 -90.73 -26.50
C GLY K 356 -43.88 -91.13 -27.62
N ALA K 357 -42.59 -90.89 -27.43
CA ALA K 357 -41.59 -91.24 -28.44
C ALA K 357 -41.12 -92.69 -28.32
N THR K 358 -40.66 -93.25 -29.45
CA THR K 358 -40.26 -94.65 -29.52
C THR K 358 -38.74 -94.81 -29.45
N ILE K 359 -38.28 -95.66 -28.53
CA ILE K 359 -36.88 -96.04 -28.44
C ILE K 359 -36.66 -97.19 -29.41
N LEU K 360 -35.87 -96.95 -30.46
CA LEU K 360 -35.57 -98.00 -31.44
C LEU K 360 -34.45 -98.92 -31.00
N THR K 361 -33.46 -98.37 -30.28
CA THR K 361 -32.32 -99.14 -29.81
C THR K 361 -31.70 -98.49 -28.59
N GLY K 362 -31.06 -99.31 -27.76
CA GLY K 362 -30.41 -98.84 -26.54
C GLY K 362 -31.40 -98.30 -25.52
N GLY K 363 -31.09 -97.11 -25.00
CA GLY K 363 -31.95 -96.44 -24.04
C GLY K 363 -31.85 -97.00 -22.63
N ARG K 364 -30.74 -97.70 -22.36
CA ARG K 364 -30.52 -98.32 -21.05
C ARG K 364 -29.08 -98.77 -20.83
N ARG K 365 -28.81 -99.25 -19.62
CA ARG K 365 -27.51 -99.77 -19.25
C ARG K 365 -27.19 -101.06 -20.01
N PRO K 366 -25.97 -101.18 -20.58
CA PRO K 366 -25.59 -102.45 -21.22
C PRO K 366 -25.52 -103.59 -20.20
N GLU K 367 -26.08 -104.74 -20.57
CA GLU K 367 -26.25 -105.89 -19.66
C GLU K 367 -24.93 -106.41 -19.09
N HIS K 368 -23.87 -106.37 -19.89
CA HIS K 368 -22.57 -106.93 -19.52
C HIS K 368 -21.69 -106.00 -18.68
N LEU K 369 -22.24 -104.86 -18.25
CA LEU K 369 -21.50 -103.92 -17.39
C LEU K 369 -22.39 -103.44 -16.25
N LYS K 370 -22.20 -104.04 -15.07
CA LYS K 370 -23.05 -103.76 -13.92
C LYS K 370 -22.63 -102.52 -13.14
N LYS K 371 -21.34 -102.18 -13.21
CA LYS K 371 -20.81 -100.97 -12.60
C LYS K 371 -20.37 -99.98 -13.68
N GLY K 372 -20.35 -98.69 -13.32
CA GLY K 372 -19.99 -97.63 -14.25
C GLY K 372 -21.20 -96.90 -14.83
N TYR K 373 -20.97 -95.69 -15.33
CA TYR K 373 -22.06 -94.86 -15.83
C TYR K 373 -22.28 -95.09 -17.33
N PHE K 374 -22.61 -96.33 -17.68
CA PHE K 374 -22.75 -96.72 -19.07
C PHE K 374 -24.19 -96.65 -19.57
N VAL K 375 -24.38 -96.01 -20.72
CA VAL K 375 -25.64 -96.04 -21.46
C VAL K 375 -25.35 -96.58 -22.85
N GLU K 376 -26.29 -97.37 -23.38
CA GLU K 376 -26.23 -97.83 -24.76
C GLU K 376 -26.54 -96.69 -25.73
N PRO K 377 -25.91 -96.71 -26.93
CA PRO K 377 -26.29 -95.80 -28.02
C PRO K 377 -27.81 -95.82 -28.22
N THR K 378 -28.44 -94.65 -28.13
CA THR K 378 -29.88 -94.56 -28.17
C THR K 378 -30.35 -93.77 -29.37
N ILE K 379 -31.29 -94.34 -30.11
CA ILE K 379 -31.94 -93.67 -31.22
C ILE K 379 -33.42 -93.58 -30.88
N ILE K 380 -33.98 -92.39 -31.00
CA ILE K 380 -35.35 -92.15 -30.64
C ILE K 380 -36.12 -91.60 -31.84
N THR K 381 -37.20 -92.28 -32.20
CA THR K 381 -38.06 -91.88 -33.30
C THR K 381 -39.46 -91.54 -32.79
N ASP K 382 -40.36 -91.21 -33.71
CA ASP K 382 -41.72 -90.71 -33.41
C ASP K 382 -41.62 -89.47 -32.53
N VAL K 383 -40.70 -88.59 -32.93
CA VAL K 383 -40.38 -87.39 -32.17
C VAL K 383 -41.18 -86.22 -32.68
N THR K 384 -41.73 -85.47 -31.73
CA THR K 384 -42.52 -84.29 -32.04
C THR K 384 -41.72 -83.05 -31.68
N THR K 385 -41.99 -81.96 -32.42
CA THR K 385 -41.38 -80.65 -32.22
C THR K 385 -41.51 -80.10 -30.80
N SER K 386 -42.53 -80.55 -30.08
CA SER K 386 -42.82 -80.07 -28.72
C SER K 386 -42.10 -80.87 -27.62
N MET K 387 -41.50 -82.00 -27.97
CA MET K 387 -40.85 -82.88 -26.99
C MET K 387 -39.53 -82.32 -26.47
N GLN K 388 -39.20 -82.70 -25.24
CA GLN K 388 -37.96 -82.30 -24.59
C GLN K 388 -36.69 -82.78 -25.29
N ILE K 389 -36.68 -83.99 -25.83
CA ILE K 389 -35.48 -84.51 -26.52
C ILE K 389 -35.22 -83.84 -27.85
N TRP K 390 -36.22 -83.12 -28.35
CA TRP K 390 -36.06 -82.34 -29.57
C TRP K 390 -35.52 -80.95 -29.24
N ARG K 391 -35.94 -80.43 -28.09
CA ARG K 391 -35.67 -79.03 -27.74
CA ARG K 391 -35.68 -79.03 -27.71
C ARG K 391 -34.42 -78.84 -26.88
N GLU K 392 -34.12 -79.82 -26.01
CA GLU K 392 -33.05 -79.65 -25.03
C GLU K 392 -31.86 -80.56 -25.25
N GLU K 393 -30.67 -80.03 -24.96
CA GLU K 393 -29.40 -80.74 -25.08
C GLU K 393 -29.32 -81.87 -24.05
N VAL K 394 -29.14 -83.09 -24.55
CA VAL K 394 -29.05 -84.30 -23.71
C VAL K 394 -27.64 -84.47 -23.14
N PHE K 395 -26.65 -84.28 -24.01
CA PHE K 395 -25.23 -84.44 -23.67
C PHE K 395 -24.90 -85.89 -23.28
N GLY K 396 -25.51 -86.80 -24.04
CA GLY K 396 -25.23 -88.23 -23.96
C GLY K 396 -25.42 -88.82 -25.34
N PRO K 397 -25.14 -90.13 -25.50
CA PRO K 397 -25.23 -90.76 -26.82
C PRO K 397 -26.68 -91.03 -27.24
N VAL K 398 -27.43 -89.96 -27.50
CA VAL K 398 -28.86 -90.06 -27.77
C VAL K 398 -29.26 -89.25 -29.00
N LEU K 399 -29.83 -89.92 -29.99
CA LEU K 399 -30.14 -89.33 -31.29
C LEU K 399 -31.65 -89.26 -31.51
N ALA K 400 -32.14 -88.03 -31.69
CA ALA K 400 -33.56 -87.81 -31.99
C ALA K 400 -33.77 -87.81 -33.50
N VAL K 401 -34.82 -88.48 -33.95
CA VAL K 401 -35.05 -88.63 -35.40
C VAL K 401 -36.37 -88.04 -35.87
N LYS K 402 -36.32 -87.30 -36.96
CA LYS K 402 -37.51 -86.81 -37.63
C LYS K 402 -37.37 -86.92 -39.13
N THR K 403 -38.50 -86.80 -39.80
CA THR K 403 -38.64 -87.07 -41.21
C THR K 403 -39.02 -85.78 -41.91
N PHE K 404 -38.61 -85.63 -43.17
CA PHE K 404 -39.12 -84.55 -44.01
C PHE K 404 -39.39 -85.07 -45.41
N SER K 405 -40.10 -84.28 -46.22
CA SER K 405 -40.24 -84.56 -47.65
C SER K 405 -39.64 -83.46 -48.53
N THR K 406 -39.86 -82.20 -48.17
CA THR K 406 -39.34 -81.08 -48.97
C THR K 406 -38.09 -80.43 -48.36
N GLU K 407 -37.28 -79.80 -49.21
CA GLU K 407 -36.10 -79.07 -48.77
C GLU K 407 -36.46 -77.95 -47.77
N GLU K 408 -37.50 -77.18 -48.08
CA GLU K 408 -38.00 -76.11 -47.21
C GLU K 408 -38.40 -76.63 -45.84
N GLU K 409 -38.92 -77.86 -45.80
CA GLU K 409 -39.30 -78.48 -44.54
C GLU K 409 -38.07 -78.90 -43.75
N ALA K 410 -37.07 -79.45 -44.45
CA ALA K 410 -35.81 -79.83 -43.83
C ALA K 410 -35.12 -78.63 -43.16
N ILE K 411 -35.12 -77.50 -43.85
CA ILE K 411 -34.52 -76.26 -43.38
C ILE K 411 -35.25 -75.73 -42.14
N ASN K 412 -36.58 -75.73 -42.20
CA ASN K 412 -37.39 -75.29 -41.07
C ASN K 412 -37.20 -76.14 -39.82
N LEU K 413 -37.15 -77.46 -39.97
CA LEU K 413 -36.88 -78.36 -38.85
C LEU K 413 -35.46 -78.18 -38.30
N ALA K 414 -34.50 -77.97 -39.19
CA ALA K 414 -33.10 -77.80 -38.79
C ALA K 414 -32.87 -76.53 -37.98
N ASN K 415 -33.56 -75.45 -38.35
CA ASN K 415 -33.44 -74.18 -37.66
C ASN K 415 -34.45 -74.02 -36.53
N ASP K 416 -35.21 -75.08 -36.26
CA ASP K 416 -36.18 -75.08 -35.17
C ASP K 416 -35.51 -75.30 -33.82
N THR K 417 -34.76 -74.29 -33.39
CA THR K 417 -34.02 -74.35 -32.13
C THR K 417 -33.56 -72.93 -31.75
N HIS K 418 -33.36 -72.71 -30.45
CA HIS K 418 -32.82 -71.43 -29.97
CA HIS K 418 -32.82 -71.43 -29.97
C HIS K 418 -31.30 -71.45 -29.96
N TYR K 419 -30.72 -72.63 -30.15
CA TYR K 419 -29.27 -72.78 -30.28
C TYR K 419 -28.78 -72.50 -31.70
N GLY K 420 -27.48 -72.62 -31.90
CA GLY K 420 -26.87 -72.43 -33.22
C GLY K 420 -25.37 -72.63 -33.23
N LEU K 421 -24.91 -73.79 -32.78
CA LEU K 421 -23.49 -74.12 -32.82
C LEU K 421 -23.12 -74.83 -34.14
N GLY K 422 -23.40 -76.14 -34.22
CA GLY K 422 -23.09 -76.91 -35.42
C GLY K 422 -24.31 -77.22 -36.29
N SER K 423 -24.06 -77.83 -37.44
CA SER K 423 -25.09 -78.28 -38.38
C SER K 423 -24.41 -79.04 -39.51
N ALA K 424 -25.14 -79.94 -40.17
CA ALA K 424 -24.56 -80.79 -41.20
C ALA K 424 -25.58 -81.11 -42.29
N VAL K 425 -25.11 -81.07 -43.55
CA VAL K 425 -25.92 -81.45 -44.70
C VAL K 425 -25.26 -82.65 -45.36
N MET K 426 -26.05 -83.69 -45.58
CA MET K 426 -25.56 -84.88 -46.27
C MET K 426 -26.32 -85.02 -47.59
N SER K 427 -25.59 -84.91 -48.70
CA SER K 427 -26.16 -84.97 -50.03
C SER K 427 -25.05 -85.02 -51.08
N ASN K 428 -25.24 -85.86 -52.09
CA ASN K 428 -24.30 -85.95 -53.22
C ASN K 428 -24.39 -84.73 -54.11
N ASP K 429 -25.60 -84.16 -54.21
CA ASP K 429 -25.84 -82.92 -54.95
C ASP K 429 -25.21 -81.74 -54.20
N LEU K 430 -24.11 -81.23 -54.73
CA LEU K 430 -23.32 -80.20 -54.06
C LEU K 430 -23.96 -78.81 -54.09
N GLU K 431 -24.75 -78.53 -55.12
CA GLU K 431 -25.51 -77.28 -55.19
C GLU K 431 -26.50 -77.20 -54.02
N ARG K 432 -27.15 -78.33 -53.75
CA ARG K 432 -28.10 -78.45 -52.65
C ARG K 432 -27.42 -78.20 -51.29
N CYS K 433 -26.26 -78.81 -51.10
CA CYS K 433 -25.47 -78.63 -49.89
C CYS K 433 -25.12 -77.16 -49.65
N GLU K 434 -24.67 -76.47 -50.70
CA GLU K 434 -24.37 -75.04 -50.63
C GLU K 434 -25.60 -74.21 -50.25
N ARG K 435 -26.73 -74.53 -50.86
CA ARG K 435 -28.00 -73.85 -50.57
C ARG K 435 -28.33 -73.98 -49.08
N LEU K 436 -28.11 -75.17 -48.55
CA LEU K 436 -28.39 -75.45 -47.15
C LEU K 436 -27.38 -74.82 -46.21
N SER K 437 -26.12 -74.77 -46.63
CA SER K 437 -25.07 -74.16 -45.83
C SER K 437 -25.36 -72.67 -45.61
N LYS K 438 -26.08 -72.04 -46.53
CA LYS K 438 -26.52 -70.66 -46.39
C LYS K 438 -27.74 -70.54 -45.47
N ALA K 439 -28.68 -71.47 -45.63
CA ALA K 439 -29.95 -71.43 -44.90
C ALA K 439 -29.82 -71.83 -43.44
N LEU K 440 -28.88 -72.72 -43.14
CA LEU K 440 -28.66 -73.20 -41.77
C LEU K 440 -28.19 -72.08 -40.85
N GLN K 441 -28.89 -71.94 -39.72
CA GLN K 441 -28.57 -70.92 -38.74
C GLN K 441 -27.59 -71.49 -37.72
N ALA K 442 -26.32 -71.50 -38.08
CA ALA K 442 -25.28 -72.04 -37.21
C ALA K 442 -23.94 -71.35 -37.48
N GLY K 443 -23.02 -71.46 -36.51
CA GLY K 443 -21.68 -70.96 -36.67
C GLY K 443 -20.80 -71.91 -37.49
N ILE K 444 -21.20 -73.18 -37.53
CA ILE K 444 -20.47 -74.22 -38.24
C ILE K 444 -21.42 -75.09 -39.06
N VAL K 445 -21.08 -75.27 -40.34
CA VAL K 445 -21.80 -76.17 -41.21
C VAL K 445 -20.82 -77.20 -41.74
N TRP K 446 -21.17 -78.48 -41.55
CA TRP K 446 -20.42 -79.57 -42.15
C TRP K 446 -21.18 -80.09 -43.35
N ILE K 447 -20.46 -80.37 -44.43
CA ILE K 447 -21.05 -80.89 -45.66
C ILE K 447 -20.50 -82.29 -45.93
N ASN K 448 -21.39 -83.28 -45.87
CA ASN K 448 -21.04 -84.69 -46.05
C ASN K 448 -20.08 -85.25 -45.00
N CYS K 449 -20.15 -84.65 -43.81
CA CYS K 449 -19.46 -85.14 -42.62
C CYS K 449 -20.11 -84.51 -41.39
N ALA K 450 -19.64 -84.90 -40.22
CA ALA K 450 -20.11 -84.32 -38.96
C ALA K 450 -19.03 -84.38 -37.90
N GLN K 451 -18.68 -83.20 -37.38
CA GLN K 451 -17.84 -83.02 -36.16
C GLN K 451 -16.37 -82.59 -36.28
N PRO K 452 -15.71 -82.84 -37.43
CA PRO K 452 -14.29 -82.43 -37.50
C PRO K 452 -14.06 -80.95 -37.17
N SER K 453 -13.11 -80.68 -36.30
CA SER K 453 -12.75 -79.34 -35.90
C SER K 453 -11.27 -79.08 -36.19
N PHE K 454 -10.98 -78.46 -37.33
CA PHE K 454 -9.62 -78.08 -37.70
C PHE K 454 -9.23 -76.79 -37.00
N ILE K 455 -7.99 -76.75 -36.51
CA ILE K 455 -7.50 -75.59 -35.77
C ILE K 455 -7.30 -74.35 -36.62
N GLN K 456 -7.31 -74.51 -37.95
CA GLN K 456 -7.17 -73.39 -38.88
C GLN K 456 -8.48 -72.63 -39.07
N ALA K 457 -9.60 -73.26 -38.73
CA ALA K 457 -10.91 -72.70 -39.04
C ALA K 457 -11.60 -72.15 -37.79
N PRO K 458 -12.28 -71.00 -37.92
CA PRO K 458 -12.95 -70.38 -36.78
C PRO K 458 -14.08 -71.25 -36.23
N TRP K 459 -14.23 -71.27 -34.91
CA TRP K 459 -15.16 -72.16 -34.24
C TRP K 459 -15.93 -71.40 -33.17
N GLY K 460 -17.25 -71.49 -33.25
CA GLY K 460 -18.15 -70.83 -32.30
C GLY K 460 -19.58 -70.86 -32.80
N GLY K 461 -20.49 -70.38 -31.95
CA GLY K 461 -21.90 -70.46 -32.26
C GLY K 461 -22.58 -69.11 -32.42
N ILE K 462 -23.85 -69.15 -32.79
CA ILE K 462 -24.73 -67.98 -32.82
C ILE K 462 -25.92 -68.28 -31.91
N LYS K 463 -26.82 -67.32 -31.77
CA LYS K 463 -28.00 -67.44 -30.92
C LYS K 463 -27.59 -67.85 -29.51
N ARG K 464 -28.30 -68.80 -28.90
CA ARG K 464 -28.00 -69.17 -27.52
C ARG K 464 -26.83 -70.14 -27.36
N SER K 465 -26.17 -70.46 -28.46
CA SER K 465 -24.93 -71.21 -28.39
C SER K 465 -23.77 -70.28 -28.06
N GLY K 466 -24.04 -68.98 -28.05
CA GLY K 466 -23.07 -67.98 -27.59
C GLY K 466 -22.57 -67.06 -28.69
N PHE K 467 -21.37 -66.53 -28.48
CA PHE K 467 -20.74 -65.61 -29.43
C PHE K 467 -19.22 -65.55 -29.24
N GLY K 468 -18.52 -65.03 -30.24
CA GLY K 468 -17.07 -65.07 -30.26
C GLY K 468 -16.59 -66.32 -30.97
N ARG K 469 -15.36 -66.29 -31.45
CA ARG K 469 -14.81 -67.40 -32.20
C ARG K 469 -13.46 -67.84 -31.64
N GLU K 470 -13.32 -69.15 -31.50
CA GLU K 470 -12.07 -69.77 -31.13
C GLU K 470 -11.43 -70.32 -32.40
N LEU K 471 -10.18 -70.77 -32.31
CA LEU K 471 -9.46 -71.40 -33.42
C LEU K 471 -9.15 -70.46 -34.60
N GLY K 472 -8.21 -70.87 -35.46
CA GLY K 472 -7.72 -70.03 -36.54
C GLY K 472 -7.09 -68.74 -36.04
N GLU K 473 -7.06 -67.72 -36.89
CA GLU K 473 -6.60 -66.40 -36.49
C GLU K 473 -7.66 -65.71 -35.62
N TRP K 474 -8.87 -66.26 -35.62
CA TRP K 474 -9.93 -65.77 -34.76
C TRP K 474 -9.62 -66.07 -33.30
N GLY K 475 -9.05 -67.25 -33.04
CA GLY K 475 -8.55 -67.60 -31.70
C GLY K 475 -7.59 -66.55 -31.16
N LEU K 476 -6.66 -66.11 -32.01
CA LEU K 476 -5.68 -65.09 -31.64
C LEU K 476 -6.36 -63.76 -31.33
N GLU K 477 -7.25 -63.33 -32.22
CA GLU K 477 -7.93 -62.04 -32.09
C GLU K 477 -8.74 -61.91 -30.80
N ASN K 478 -9.27 -63.05 -30.33
CA ASN K 478 -10.02 -63.11 -29.09
C ASN K 478 -9.22 -62.59 -27.88
N TYR K 479 -7.90 -62.67 -27.96
CA TYR K 479 -7.03 -62.24 -26.83
C TYR K 479 -6.20 -61.02 -27.17
N LEU K 480 -6.56 -60.36 -28.27
CA LEU K 480 -5.88 -59.16 -28.72
C LEU K 480 -6.84 -57.98 -28.67
N SER K 481 -6.32 -56.77 -28.48
CA SER K 481 -7.11 -55.58 -28.69
C SER K 481 -6.51 -54.72 -29.80
N VAL K 482 -7.37 -53.95 -30.46
CA VAL K 482 -6.98 -53.12 -31.60
C VAL K 482 -6.73 -51.71 -31.11
N LYS K 483 -5.51 -51.21 -31.35
CA LYS K 483 -5.19 -49.83 -31.04
C LYS K 483 -4.95 -49.02 -32.33
N GLN K 484 -5.80 -48.03 -32.55
CA GLN K 484 -5.60 -47.09 -33.63
C GLN K 484 -4.52 -46.06 -33.23
N VAL K 485 -3.51 -45.89 -34.07
CA VAL K 485 -2.50 -44.84 -33.90
C VAL K 485 -2.53 -43.89 -35.09
N THR K 486 -2.98 -42.67 -34.83
CA THR K 486 -3.19 -41.68 -35.88
C THR K 486 -2.33 -40.43 -35.63
N ARG K 487 -1.57 -40.03 -36.65
CA ARG K 487 -0.59 -38.96 -36.52
C ARG K 487 -0.84 -37.82 -37.52
N TYR K 488 -0.69 -36.61 -37.01
CA TYR K 488 -0.78 -35.39 -37.82
C TYR K 488 0.60 -35.06 -38.37
N THR K 489 0.74 -35.07 -39.69
CA THR K 489 2.04 -34.95 -40.34
C THR K 489 2.32 -33.54 -40.88
N SER K 490 1.29 -32.70 -40.90
CA SER K 490 1.40 -31.34 -41.42
C SER K 490 1.96 -30.39 -40.37
N ASP K 491 2.66 -29.36 -40.85
CA ASP K 491 3.26 -28.34 -40.01
C ASP K 491 2.35 -27.14 -39.81
N GLU K 492 1.19 -27.15 -40.47
CA GLU K 492 0.24 -26.05 -40.40
C GLU K 492 -0.55 -26.06 -39.11
N PRO K 493 -0.93 -24.87 -38.60
CA PRO K 493 -1.85 -24.83 -37.46
C PRO K 493 -3.16 -25.50 -37.82
N TRP K 494 -3.87 -26.01 -36.82
CA TRP K 494 -5.16 -26.66 -37.03
C TRP K 494 -6.19 -25.70 -37.61
N GLY K 495 -6.13 -24.43 -37.17
CA GLY K 495 -6.95 -23.36 -37.73
C GLY K 495 -8.45 -23.48 -37.53
N TRP K 496 -8.86 -24.09 -36.42
CA TRP K 496 -10.28 -24.16 -36.07
C TRP K 496 -10.69 -23.00 -35.15
N TYR K 497 -9.83 -22.68 -34.19
CA TYR K 497 -10.06 -21.56 -33.28
C TYR K 497 -9.28 -20.32 -33.72
N GLN K 498 -9.80 -19.15 -33.36
CA GLN K 498 -9.09 -17.88 -33.55
C GLN K 498 -7.96 -17.79 -32.54
N PRO K 499 -6.71 -17.66 -33.02
CA PRO K 499 -5.57 -17.47 -32.11
C PRO K 499 -5.65 -16.13 -31.36
N PRO K 500 -5.17 -16.11 -30.10
CA PRO K 500 -5.13 -14.84 -29.36
C PRO K 500 -4.14 -13.88 -30.02
N SER K 501 -4.44 -12.59 -29.96
CA SER K 501 -3.59 -11.59 -30.61
C SER K 501 -2.49 -11.09 -29.68
N LYS K 502 -2.84 -10.78 -28.43
CA LYS K 502 -1.94 -10.13 -27.47
C LYS K 502 -0.56 -10.80 -27.35
N SER L 6 -42.39 -29.07 -36.93
CA SER L 6 -42.19 -30.39 -37.62
C SER L 6 -42.30 -31.56 -36.62
N SER L 7 -43.54 -31.91 -36.25
CA SER L 7 -43.82 -33.01 -35.33
C SER L 7 -43.88 -34.36 -36.06
N ARG L 8 -42.86 -35.18 -35.85
CA ARG L 8 -42.82 -36.51 -36.45
C ARG L 8 -43.23 -37.55 -35.42
N GLN L 9 -43.55 -38.74 -35.92
CA GLN L 9 -44.03 -39.82 -35.07
C GLN L 9 -42.95 -40.90 -34.97
N LEU L 10 -43.33 -42.13 -34.59
CA LEU L 10 -42.38 -43.25 -34.60
C LEU L 10 -42.25 -43.81 -36.01
N PHE L 11 -41.04 -44.23 -36.38
CA PHE L 11 -40.82 -44.85 -37.69
C PHE L 11 -40.72 -46.37 -37.55
N ILE L 12 -41.80 -47.06 -37.90
CA ILE L 12 -41.89 -48.50 -37.76
C ILE L 12 -42.46 -49.12 -39.02
N ASP L 13 -41.77 -50.13 -39.55
CA ASP L 13 -42.19 -50.88 -40.74
C ASP L 13 -42.46 -49.98 -41.95
N GLY L 14 -41.61 -48.96 -42.12
CA GLY L 14 -41.67 -48.08 -43.29
C GLY L 14 -42.77 -47.03 -43.22
N GLU L 15 -43.35 -46.88 -42.04
CA GLU L 15 -44.49 -45.99 -41.83
C GLU L 15 -44.31 -45.15 -40.57
N TRP L 16 -45.04 -44.02 -40.53
CA TRP L 16 -45.11 -43.22 -39.31
C TRP L 16 -46.23 -43.73 -38.42
N ARG L 17 -45.88 -44.09 -37.19
CA ARG L 17 -46.84 -44.65 -36.23
C ARG L 17 -46.87 -43.85 -34.95
N VAL L 18 -48.08 -43.44 -34.55
CA VAL L 18 -48.31 -42.79 -33.27
C VAL L 18 -48.07 -43.81 -32.16
N PRO L 19 -47.36 -43.42 -31.09
CA PRO L 19 -47.18 -44.32 -29.96
C PRO L 19 -48.51 -44.82 -29.43
N ILE L 20 -48.60 -46.11 -29.11
CA ILE L 20 -49.85 -46.72 -28.66
C ILE L 20 -50.47 -46.03 -27.43
N LEU L 21 -49.62 -45.52 -26.54
CA LEU L 21 -50.08 -44.76 -25.37
C LEU L 21 -50.05 -43.24 -25.58
N ASN L 22 -49.73 -42.83 -26.82
CA ASN L 22 -49.74 -41.43 -27.25
C ASN L 22 -49.06 -40.42 -26.30
N LYS L 23 -47.89 -40.78 -25.80
CA LYS L 23 -47.12 -39.90 -24.93
C LYS L 23 -46.01 -39.15 -25.69
N ARG L 24 -45.62 -37.98 -25.19
CA ARG L 24 -44.59 -37.16 -25.83
C ARG L 24 -43.65 -36.52 -24.82
N ILE L 25 -42.39 -36.33 -25.23
CA ILE L 25 -41.35 -35.76 -24.37
C ILE L 25 -41.01 -34.35 -24.82
N PRO L 26 -41.10 -33.37 -23.90
CA PRO L 26 -40.72 -31.98 -24.20
C PRO L 26 -39.27 -31.88 -24.65
N ASN L 27 -39.05 -31.08 -25.70
CA ASN L 27 -37.73 -30.79 -26.22
C ASN L 27 -37.35 -29.35 -25.89
N ILE L 28 -36.19 -29.17 -25.29
CA ILE L 28 -35.76 -27.86 -24.82
C ILE L 28 -34.51 -27.36 -25.55
N ASN L 29 -34.58 -26.14 -26.05
CA ASN L 29 -33.43 -25.45 -26.63
C ASN L 29 -32.46 -25.05 -25.50
N PRO L 30 -31.24 -25.63 -25.50
CA PRO L 30 -30.29 -25.33 -24.43
C PRO L 30 -29.77 -23.90 -24.47
N SER L 31 -29.93 -23.24 -25.62
CA SER L 31 -29.45 -21.88 -25.79
C SER L 31 -30.42 -20.82 -25.22
N THR L 32 -31.70 -21.17 -25.10
CA THR L 32 -32.73 -20.23 -24.66
C THR L 32 -33.52 -20.72 -23.44
N GLU L 33 -33.40 -22.01 -23.14
CA GLU L 33 -34.10 -22.66 -22.02
C GLU L 33 -35.60 -22.86 -22.28
N ASN L 34 -36.03 -22.47 -23.47
CA ASN L 34 -37.43 -22.60 -23.88
C ASN L 34 -37.75 -23.96 -24.47
N ILE L 35 -38.99 -24.40 -24.28
CA ILE L 35 -39.53 -25.53 -25.04
C ILE L 35 -39.65 -25.09 -26.50
N ILE L 36 -39.15 -25.92 -27.40
CA ILE L 36 -39.16 -25.61 -28.84
C ILE L 36 -39.90 -26.69 -29.62
N GLY L 37 -40.40 -27.70 -28.91
CA GLY L 37 -41.15 -28.79 -29.53
C GLY L 37 -41.23 -30.04 -28.66
N ASP L 38 -41.59 -31.16 -29.26
CA ASP L 38 -41.64 -32.44 -28.56
C ASP L 38 -41.33 -33.62 -29.48
N ILE L 39 -41.06 -34.78 -28.89
CA ILE L 39 -40.76 -36.00 -29.62
C ILE L 39 -41.60 -37.15 -29.08
N PRO L 40 -41.94 -38.14 -29.93
CA PRO L 40 -42.77 -39.25 -29.45
C PRO L 40 -42.06 -40.12 -28.41
N ALA L 41 -42.81 -40.57 -27.42
CA ALA L 41 -42.28 -41.39 -26.34
C ALA L 41 -42.78 -42.83 -26.49
N ALA L 42 -41.95 -43.67 -27.12
CA ALA L 42 -42.32 -45.06 -27.35
C ALA L 42 -42.32 -45.87 -26.06
N THR L 43 -43.25 -46.82 -26.00
CA THR L 43 -43.41 -47.69 -24.84
C THR L 43 -43.18 -49.13 -25.29
N LYS L 44 -43.19 -50.07 -24.34
CA LYS L 44 -42.91 -51.49 -24.64
C LYS L 44 -43.66 -52.04 -25.87
N GLU L 45 -44.96 -51.75 -25.96
CA GLU L 45 -45.78 -52.25 -27.06
C GLU L 45 -45.40 -51.66 -28.42
N ASP L 46 -44.90 -50.42 -28.42
CA ASP L 46 -44.36 -49.82 -29.64
C ASP L 46 -43.04 -50.49 -30.07
N VAL L 47 -42.20 -50.82 -29.09
CA VAL L 47 -40.94 -51.53 -29.32
C VAL L 47 -41.16 -52.93 -29.91
N ASP L 48 -42.13 -53.67 -29.35
CA ASP L 48 -42.54 -54.97 -29.89
C ASP L 48 -42.83 -54.92 -31.38
N LEU L 49 -43.58 -53.91 -31.80
CA LEU L 49 -43.96 -53.74 -33.21
C LEU L 49 -42.76 -53.41 -34.07
N ALA L 50 -41.80 -52.71 -33.48
CA ALA L 50 -40.56 -52.34 -34.16
C ALA L 50 -39.65 -53.54 -34.32
N VAL L 51 -39.57 -54.38 -33.30
CA VAL L 51 -38.74 -55.57 -33.37
C VAL L 51 -39.32 -56.60 -34.35
N ASP L 52 -40.65 -56.75 -34.32
CA ASP L 52 -41.37 -57.62 -35.26
C ASP L 52 -41.14 -57.24 -36.73
N ALA L 53 -41.23 -55.95 -37.02
CA ALA L 53 -40.98 -55.44 -38.37
C ALA L 53 -39.55 -55.76 -38.83
N ALA L 54 -38.59 -55.60 -37.94
CA ALA L 54 -37.20 -55.94 -38.23
C ALA L 54 -37.01 -57.43 -38.53
N LYS L 55 -37.60 -58.30 -37.70
CA LYS L 55 -37.56 -59.75 -37.94
C LYS L 55 -38.15 -60.14 -39.29
N ARG L 56 -39.30 -59.54 -39.60
CA ARG L 56 -40.02 -59.75 -40.84
C ARG L 56 -39.20 -59.34 -42.05
N ALA L 57 -38.42 -58.27 -41.88
CA ALA L 57 -37.55 -57.72 -42.92
C ALA L 57 -36.38 -58.63 -43.32
N ILE L 58 -35.95 -59.53 -42.42
CA ILE L 58 -34.87 -60.46 -42.74
C ILE L 58 -35.31 -61.92 -42.79
N SER L 59 -36.62 -62.16 -42.80
CA SER L 59 -37.16 -63.52 -42.89
C SER L 59 -37.18 -64.00 -44.35
N ARG L 60 -36.68 -65.21 -44.59
CA ARG L 60 -36.62 -65.71 -45.97
C ARG L 60 -37.97 -66.10 -46.56
N LYS L 61 -39.01 -66.02 -45.73
CA LYS L 61 -40.39 -66.17 -46.20
C LYS L 61 -40.83 -64.85 -46.84
N ASN L 62 -39.84 -63.97 -47.05
CA ASN L 62 -40.03 -62.64 -47.58
C ASN L 62 -39.26 -62.49 -48.88
N GLY L 63 -39.96 -62.06 -49.93
CA GLY L 63 -39.30 -61.56 -51.13
C GLY L 63 -38.72 -60.21 -50.75
N ARG L 64 -37.62 -59.81 -51.38
CA ARG L 64 -36.94 -58.56 -50.99
C ARG L 64 -36.19 -58.69 -49.65
N ASP L 65 -36.01 -59.94 -49.20
CA ASP L 65 -35.22 -60.27 -48.01
C ASP L 65 -33.92 -59.45 -47.97
N TRP L 66 -33.80 -58.59 -46.97
CA TRP L 66 -32.67 -57.67 -46.87
C TRP L 66 -31.37 -58.42 -46.61
N SER L 67 -31.45 -59.40 -45.71
CA SER L 67 -30.30 -60.22 -45.33
C SER L 67 -29.76 -61.10 -46.45
N ALA L 68 -30.61 -61.41 -47.44
CA ALA L 68 -30.26 -62.31 -48.53
C ALA L 68 -29.91 -61.57 -49.82
N ALA L 69 -30.19 -60.28 -49.85
CA ALA L 69 -29.88 -59.44 -51.00
C ALA L 69 -28.37 -59.38 -51.24
N SER L 70 -27.99 -59.07 -52.47
CA SER L 70 -26.58 -58.84 -52.82
C SER L 70 -26.13 -57.59 -52.10
N GLY L 71 -24.85 -57.53 -51.74
CA GLY L 71 -24.29 -56.36 -51.05
C GLY L 71 -24.39 -55.09 -51.87
N SER L 72 -24.28 -55.23 -53.20
CA SER L 72 -24.36 -54.08 -54.08
C SER L 72 -25.77 -53.51 -54.22
N LEU L 73 -26.79 -54.32 -53.97
CA LEU L 73 -28.16 -53.81 -53.87
C LEU L 73 -28.33 -52.94 -52.62
N ARG L 74 -27.77 -53.40 -51.51
CA ARG L 74 -27.77 -52.62 -50.25
C ARG L 74 -27.02 -51.31 -50.41
N ALA L 75 -25.89 -51.36 -51.11
CA ALA L 75 -25.07 -50.20 -51.38
C ALA L 75 -25.89 -49.12 -52.07
N ARG L 76 -26.72 -49.54 -53.03
CA ARG L 76 -27.59 -48.62 -53.76
C ARG L 76 -28.55 -47.88 -52.85
N TYR L 77 -29.12 -48.57 -51.87
CA TYR L 77 -29.95 -47.91 -50.87
C TYR L 77 -29.11 -46.98 -49.99
N LEU L 78 -27.89 -47.40 -49.67
CA LEU L 78 -27.00 -46.58 -48.84
C LEU L 78 -26.51 -45.32 -49.56
N ARG L 79 -26.15 -45.46 -50.83
CA ARG L 79 -25.75 -44.33 -51.65
C ARG L 79 -26.91 -43.35 -51.85
N ALA L 80 -28.12 -43.87 -52.00
CA ALA L 80 -29.30 -43.05 -52.19
C ALA L 80 -29.67 -42.28 -50.92
N ILE L 81 -29.42 -42.88 -49.75
CA ILE L 81 -29.62 -42.19 -48.46
C ILE L 81 -28.59 -41.08 -48.31
N ALA L 82 -27.32 -41.40 -48.60
CA ALA L 82 -26.24 -40.43 -48.59
C ALA L 82 -26.54 -39.20 -49.46
N ALA L 83 -27.06 -39.43 -50.67
CA ALA L 83 -27.34 -38.36 -51.61
C ALA L 83 -28.43 -37.42 -51.10
N LYS L 84 -29.47 -38.01 -50.49
CA LYS L 84 -30.60 -37.27 -49.95
C LYS L 84 -30.22 -36.43 -48.71
N ILE L 85 -29.34 -36.97 -47.88
CA ILE L 85 -28.80 -36.27 -46.70
C ILE L 85 -27.94 -35.09 -47.18
N LYS L 86 -27.15 -35.31 -48.23
CA LYS L 86 -26.29 -34.28 -48.80
C LYS L 86 -27.07 -33.07 -49.35
N GLU L 87 -28.23 -33.33 -49.96
CA GLU L 87 -29.12 -32.26 -50.45
C GLU L 87 -29.66 -31.44 -49.28
N LYS L 88 -30.03 -32.11 -48.20
CA LYS L 88 -30.65 -31.45 -47.05
C LYS L 88 -29.64 -31.00 -45.99
N LYS L 89 -28.36 -31.02 -46.36
CA LYS L 89 -27.23 -30.79 -45.45
C LYS L 89 -27.35 -29.56 -44.55
N ASP L 90 -27.60 -28.40 -45.17
CA ASP L 90 -27.71 -27.13 -44.45
C ASP L 90 -28.87 -27.12 -43.47
N GLU L 91 -29.99 -27.71 -43.86
CA GLU L 91 -31.18 -27.73 -43.04
C GLU L 91 -31.06 -28.71 -41.86
N LEU L 92 -30.54 -29.90 -42.15
CA LEU L 92 -30.32 -30.90 -41.11
C LEU L 92 -29.25 -30.46 -40.12
N GLY L 93 -28.22 -29.78 -40.64
CA GLY L 93 -27.16 -29.17 -39.82
C GLY L 93 -27.70 -28.14 -38.85
N LYS L 94 -28.63 -27.31 -39.32
CA LYS L 94 -29.32 -26.34 -38.47
C LYS L 94 -30.09 -27.04 -37.35
N LEU L 95 -30.86 -28.07 -37.70
CA LEU L 95 -31.67 -28.82 -36.74
C LEU L 95 -30.82 -29.55 -35.70
N GLU L 96 -29.67 -30.07 -36.14
CA GLU L 96 -28.72 -30.72 -35.24
C GLU L 96 -28.20 -29.72 -34.21
N SER L 97 -28.01 -28.49 -34.66
CA SER L 97 -27.43 -27.44 -33.82
C SER L 97 -28.42 -26.94 -32.78
N ILE L 98 -29.66 -26.70 -33.21
CA ILE L 98 -30.73 -26.30 -32.29
C ILE L 98 -31.04 -27.42 -31.31
N ASP L 99 -30.90 -28.66 -31.77
CA ASP L 99 -31.27 -29.84 -30.99
C ASP L 99 -30.30 -30.16 -29.86
N CYS L 100 -28.99 -30.13 -30.14
CA CYS L 100 -27.99 -30.50 -29.13
C CYS L 100 -27.12 -29.35 -28.63
N GLY L 101 -27.17 -28.21 -29.31
CA GLY L 101 -26.50 -27.00 -28.84
C GLY L 101 -25.04 -26.85 -29.23
N LYS L 102 -24.59 -27.67 -30.19
CA LYS L 102 -23.24 -27.52 -30.73
C LYS L 102 -23.22 -26.46 -31.82
N PRO L 103 -22.13 -25.68 -31.92
CA PRO L 103 -22.07 -24.63 -32.93
C PRO L 103 -22.40 -25.16 -34.31
N LEU L 104 -23.14 -24.37 -35.10
CA LEU L 104 -23.53 -24.71 -36.45
C LEU L 104 -22.41 -25.34 -37.28
N GLU L 105 -21.23 -24.73 -37.26
CA GLU L 105 -20.09 -25.23 -38.03
C GLU L 105 -19.63 -26.64 -37.64
N GLU L 106 -19.85 -26.99 -36.37
CA GLU L 106 -19.60 -28.36 -35.92
C GLU L 106 -20.65 -29.31 -36.49
N ALA L 107 -21.91 -28.89 -36.43
CA ALA L 107 -23.04 -29.65 -36.96
C ALA L 107 -22.89 -29.93 -38.46
N LEU L 108 -22.46 -28.91 -39.20
CA LEU L 108 -22.19 -29.05 -40.64
C LEU L 108 -21.10 -30.08 -40.90
N ALA L 109 -20.07 -30.09 -40.06
CA ALA L 109 -18.97 -31.04 -40.21
C ALA L 109 -19.45 -32.47 -39.92
N ASP L 110 -20.31 -32.62 -38.91
CA ASP L 110 -20.98 -33.88 -38.62
C ASP L 110 -21.74 -34.40 -39.84
N LEU L 111 -22.46 -33.51 -40.52
CA LEU L 111 -23.21 -33.89 -41.72
C LEU L 111 -22.34 -34.32 -42.89
N ASP L 112 -21.19 -33.67 -43.04
CA ASP L 112 -20.20 -34.10 -44.02
C ASP L 112 -19.77 -35.53 -43.72
N ASP L 113 -19.56 -35.81 -42.44
CA ASP L 113 -19.08 -37.11 -42.00
C ASP L 113 -20.16 -38.19 -42.14
N VAL L 114 -21.41 -37.81 -41.86
CA VAL L 114 -22.57 -38.68 -42.06
C VAL L 114 -22.66 -39.17 -43.51
N VAL L 115 -22.65 -38.21 -44.45
CA VAL L 115 -22.66 -38.50 -45.88
C VAL L 115 -21.49 -39.43 -46.23
N ALA L 116 -20.30 -39.06 -45.79
CA ALA L 116 -19.08 -39.84 -46.04
C ALA L 116 -19.11 -41.26 -45.46
N CYS L 117 -19.83 -41.43 -44.35
CA CYS L 117 -19.92 -42.71 -43.64
C CYS L 117 -20.86 -43.66 -44.39
N PHE L 118 -22.03 -43.17 -44.79
CA PHE L 118 -22.93 -43.92 -45.66
C PHE L 118 -22.23 -44.34 -46.95
N GLU L 119 -21.55 -43.40 -47.60
CA GLU L 119 -20.80 -43.68 -48.84
C GLU L 119 -19.75 -44.77 -48.64
N TYR L 120 -19.00 -44.65 -47.54
CA TYR L 120 -17.92 -45.58 -47.26
C TYR L 120 -18.43 -47.01 -47.03
N TYR L 121 -19.52 -47.15 -46.29
CA TYR L 121 -20.07 -48.47 -46.02
C TYR L 121 -20.79 -49.07 -47.23
N ALA L 122 -21.40 -48.21 -48.04
CA ALA L 122 -21.88 -48.61 -49.36
C ALA L 122 -20.76 -49.32 -50.15
N GLY L 123 -19.56 -48.76 -50.13
CA GLY L 123 -18.42 -49.34 -50.84
C GLY L 123 -18.04 -50.69 -50.28
N LEU L 124 -18.02 -50.78 -48.95
CA LEU L 124 -17.75 -52.04 -48.26
C LEU L 124 -18.82 -53.10 -48.55
N ALA L 125 -20.07 -52.66 -48.66
CA ALA L 125 -21.18 -53.53 -49.05
C ALA L 125 -20.96 -54.12 -50.44
N GLU L 126 -20.56 -53.28 -51.39
CA GLU L 126 -20.21 -53.69 -52.77
C GLU L 126 -19.13 -54.76 -52.81
N GLU L 127 -18.13 -54.63 -51.94
CA GLU L 127 -16.99 -55.55 -51.95
C GLU L 127 -17.25 -56.82 -51.15
N LEU L 128 -18.31 -56.80 -50.34
CA LEU L 128 -18.61 -57.90 -49.42
C LEU L 128 -18.91 -59.22 -50.15
N ASP L 129 -19.72 -59.15 -51.20
CA ASP L 129 -20.07 -60.34 -51.99
C ASP L 129 -18.81 -61.09 -52.47
N SER L 130 -17.80 -60.35 -52.95
CA SER L 130 -16.57 -60.96 -53.47
C SER L 130 -15.65 -61.48 -52.37
N LYS L 131 -15.94 -61.15 -51.12
CA LYS L 131 -15.18 -61.67 -49.99
C LYS L 131 -15.80 -62.94 -49.38
N GLN L 132 -16.96 -63.35 -49.90
CA GLN L 132 -17.60 -64.59 -49.45
C GLN L 132 -16.83 -65.80 -49.94
N LYS L 133 -16.94 -66.90 -49.19
CA LYS L 133 -16.28 -68.18 -49.51
C LYS L 133 -14.76 -68.07 -49.56
N ALA L 134 -14.20 -67.19 -48.73
CA ALA L 134 -12.76 -67.06 -48.62
C ALA L 134 -12.20 -68.37 -48.07
N PRO L 135 -11.24 -68.98 -48.78
CA PRO L 135 -10.72 -70.29 -48.40
C PRO L 135 -9.92 -70.29 -47.11
N ILE L 136 -10.03 -71.39 -46.38
CA ILE L 136 -9.15 -71.66 -45.26
C ILE L 136 -8.36 -72.89 -45.69
N SER L 137 -7.04 -72.77 -45.71
CA SER L 137 -6.18 -73.89 -46.14
C SER L 137 -5.99 -74.90 -45.02
N LEU L 138 -6.23 -76.16 -45.34
CA LEU L 138 -6.20 -77.24 -44.36
C LEU L 138 -4.98 -78.12 -44.60
N PRO L 139 -4.47 -78.78 -43.54
CA PRO L 139 -3.33 -79.69 -43.71
C PRO L 139 -3.74 -81.11 -44.15
N MET L 140 -5.01 -81.27 -44.52
CA MET L 140 -5.52 -82.54 -45.02
C MET L 140 -6.26 -82.27 -46.32
N ASP L 141 -5.98 -83.07 -47.34
CA ASP L 141 -6.56 -82.82 -48.66
C ASP L 141 -7.95 -83.43 -48.80
N THR L 142 -8.34 -84.24 -47.82
CA THR L 142 -9.64 -84.91 -47.82
C THR L 142 -10.78 -84.00 -47.35
N PHE L 143 -10.43 -82.80 -46.91
CA PHE L 143 -11.41 -81.79 -46.50
C PHE L 143 -11.13 -80.45 -47.19
N LYS L 144 -12.18 -79.67 -47.40
CA LYS L 144 -12.06 -78.27 -47.82
C LYS L 144 -12.89 -77.37 -46.91
N SER L 145 -12.41 -76.14 -46.72
CA SER L 145 -13.07 -75.21 -45.79
C SER L 145 -13.05 -73.76 -46.28
N TYR L 146 -14.17 -73.07 -46.06
CA TYR L 146 -14.26 -71.64 -46.30
C TYR L 146 -15.18 -70.96 -45.28
N ILE L 147 -15.12 -69.64 -45.20
CA ILE L 147 -16.01 -68.90 -44.32
C ILE L 147 -17.05 -68.07 -45.06
N LEU L 148 -18.21 -67.94 -44.44
CA LEU L 148 -19.25 -67.03 -44.89
C LEU L 148 -19.41 -65.94 -43.84
N LYS L 149 -19.63 -64.72 -44.31
CA LYS L 149 -19.82 -63.58 -43.41
C LYS L 149 -21.28 -63.17 -43.49
N GLU L 150 -22.02 -63.51 -42.44
CA GLU L 150 -23.47 -63.39 -42.44
C GLU L 150 -23.95 -62.30 -41.49
N PRO L 151 -25.10 -61.66 -41.81
CA PRO L 151 -25.63 -60.67 -40.88
C PRO L 151 -25.93 -61.30 -39.52
N ILE L 152 -25.63 -60.55 -38.45
CA ILE L 152 -25.89 -61.04 -37.09
C ILE L 152 -27.39 -61.16 -36.83
N GLY L 153 -28.19 -60.40 -37.57
CA GLY L 153 -29.65 -60.52 -37.55
C GLY L 153 -30.32 -59.18 -37.33
N VAL L 154 -31.20 -59.14 -36.33
CA VAL L 154 -31.85 -57.90 -35.90
C VAL L 154 -30.97 -57.22 -34.84
N VAL L 155 -30.70 -55.92 -35.04
CA VAL L 155 -29.80 -55.20 -34.13
C VAL L 155 -30.44 -53.99 -33.48
N ALA L 156 -30.13 -53.83 -32.20
CA ALA L 156 -30.56 -52.70 -31.41
C ALA L 156 -29.43 -51.68 -31.37
N LEU L 157 -29.75 -50.46 -31.78
CA LEU L 157 -28.77 -49.40 -31.90
C LEU L 157 -29.16 -48.28 -30.96
N ILE L 158 -28.34 -48.08 -29.94
CA ILE L 158 -28.63 -47.11 -28.91
C ILE L 158 -27.52 -46.07 -28.87
N THR L 159 -27.89 -44.82 -29.18
CA THR L 159 -26.92 -43.80 -29.54
C THR L 159 -27.06 -42.55 -28.66
N PRO L 160 -25.95 -41.83 -28.46
CA PRO L 160 -25.90 -40.68 -27.55
C PRO L 160 -26.31 -39.37 -28.20
N TRP L 161 -26.47 -38.32 -27.38
CA TRP L 161 -26.94 -37.03 -27.84
C TRP L 161 -25.84 -36.07 -28.28
N ASN L 162 -24.57 -36.43 -28.06
CA ASN L 162 -23.48 -35.51 -28.35
C ASN L 162 -23.10 -35.40 -29.83
N TYR L 163 -23.27 -36.49 -30.56
CA TYR L 163 -23.19 -36.47 -32.02
C TYR L 163 -24.41 -37.24 -32.51
N PRO L 164 -25.59 -36.61 -32.43
CA PRO L 164 -26.86 -37.33 -32.61
C PRO L 164 -26.92 -38.09 -33.93
N PHE L 165 -26.77 -37.37 -35.05
CA PHE L 165 -26.83 -37.97 -36.38
C PHE L 165 -25.60 -38.83 -36.67
N LEU L 166 -24.42 -38.36 -36.28
CA LEU L 166 -23.17 -39.07 -36.60
C LEU L 166 -23.03 -40.42 -35.89
N MET L 167 -23.35 -40.45 -34.59
CA MET L 167 -23.26 -41.70 -33.82
C MET L 167 -24.27 -42.73 -34.29
N ALA L 168 -25.44 -42.25 -34.69
CA ALA L 168 -26.48 -43.08 -35.27
C ALA L 168 -25.94 -43.70 -36.55
N THR L 169 -25.43 -42.85 -37.45
CA THR L 169 -24.85 -43.28 -38.72
C THR L 169 -23.70 -44.29 -38.54
N TRP L 170 -22.81 -44.02 -37.58
CA TRP L 170 -21.70 -44.94 -37.24
C TRP L 170 -22.15 -46.38 -37.03
N LYS L 171 -23.37 -46.56 -36.55
CA LYS L 171 -23.93 -47.88 -36.29
C LYS L 171 -24.84 -48.36 -37.43
N ILE L 172 -25.74 -47.48 -37.88
CA ILE L 172 -26.71 -47.81 -38.92
C ILE L 172 -26.06 -48.25 -40.24
N ALA L 173 -25.13 -47.42 -40.73
CA ALA L 173 -24.51 -47.63 -42.04
C ALA L 173 -23.83 -49.00 -42.16
N PRO L 174 -22.97 -49.37 -41.19
CA PRO L 174 -22.37 -50.70 -41.31
C PRO L 174 -23.36 -51.83 -41.02
N ALA L 175 -24.38 -51.57 -40.20
CA ALA L 175 -25.38 -52.59 -39.87
C ALA L 175 -26.20 -52.95 -41.10
N LEU L 176 -26.65 -51.94 -41.84
CA LEU L 176 -27.40 -52.16 -43.07
C LEU L 176 -26.54 -52.74 -44.18
N ALA L 177 -25.30 -52.26 -44.31
CA ALA L 177 -24.34 -52.83 -45.27
C ALA L 177 -24.07 -54.32 -45.03
N ALA L 178 -24.22 -54.73 -43.78
CA ALA L 178 -23.99 -56.12 -43.39
C ALA L 178 -25.17 -57.01 -43.76
N GLY L 179 -26.34 -56.41 -43.92
CA GLY L 179 -27.57 -57.16 -44.18
C GLY L 179 -28.43 -57.31 -42.93
N CYS L 180 -28.20 -56.45 -41.95
CA CYS L 180 -29.00 -56.42 -40.72
C CYS L 180 -30.23 -55.52 -40.85
N ALA L 181 -31.25 -55.82 -40.05
CA ALA L 181 -32.36 -54.90 -39.84
C ALA L 181 -32.17 -54.29 -38.47
N ALA L 182 -32.48 -53.00 -38.35
CA ALA L 182 -32.08 -52.23 -37.20
C ALA L 182 -33.23 -51.52 -36.52
N ILE L 183 -33.17 -51.47 -35.19
CA ILE L 183 -34.02 -50.59 -34.43
C ILE L 183 -33.12 -49.56 -33.73
N LEU L 184 -33.29 -48.30 -34.12
CA LEU L 184 -32.54 -47.19 -33.55
C LEU L 184 -33.29 -46.61 -32.34
N LYS L 185 -32.56 -46.41 -31.26
CA LYS L 185 -33.09 -45.71 -30.10
C LYS L 185 -32.17 -44.53 -29.81
N PRO L 186 -32.53 -43.34 -30.34
CA PRO L 186 -31.77 -42.10 -30.11
C PRO L 186 -31.99 -41.60 -28.69
N SER L 187 -31.07 -40.76 -28.22
CA SER L 187 -31.24 -40.11 -26.91
C SER L 187 -32.44 -39.18 -26.97
N GLU L 188 -33.19 -39.15 -25.86
CA GLU L 188 -34.36 -38.28 -25.70
C GLU L 188 -33.99 -36.79 -25.78
N LEU L 189 -32.72 -36.48 -25.51
CA LEU L 189 -32.24 -35.10 -25.53
C LEU L 189 -32.02 -34.57 -26.94
N ALA L 190 -31.74 -35.46 -27.89
CA ALA L 190 -31.52 -35.05 -29.28
C ALA L 190 -31.97 -36.12 -30.26
N SER L 191 -33.23 -36.01 -30.69
CA SER L 191 -33.83 -37.04 -31.53
C SER L 191 -34.31 -36.57 -32.90
N VAL L 192 -34.26 -35.26 -33.18
CA VAL L 192 -34.94 -34.74 -34.36
C VAL L 192 -34.32 -35.12 -35.70
N THR L 193 -32.99 -35.12 -35.80
CA THR L 193 -32.33 -35.47 -37.06
C THR L 193 -32.46 -36.96 -37.34
N CYS L 194 -32.44 -37.75 -36.27
CA CYS L 194 -32.63 -39.19 -36.39
C CYS L 194 -34.04 -39.51 -36.88
N LEU L 195 -35.03 -38.71 -36.49
CA LEU L 195 -36.39 -38.84 -37.00
C LEU L 195 -36.48 -38.42 -38.46
N GLU L 196 -35.70 -37.42 -38.84
CA GLU L 196 -35.61 -36.97 -40.24
C GLU L 196 -35.02 -38.04 -41.14
N LEU L 197 -34.17 -38.90 -40.56
CA LEU L 197 -33.61 -40.04 -41.29
C LEU L 197 -34.71 -41.04 -41.66
N GLY L 198 -35.71 -41.15 -40.79
CA GLY L 198 -36.89 -41.97 -41.06
C GLY L 198 -37.61 -41.55 -42.33
N GLU L 199 -37.82 -40.23 -42.48
CA GLU L 199 -38.42 -39.68 -43.68
C GLU L 199 -37.56 -39.93 -44.91
N ILE L 200 -36.24 -39.82 -44.74
CA ILE L 200 -35.31 -40.06 -45.84
C ILE L 200 -35.39 -41.50 -46.36
N CYS L 201 -35.52 -42.47 -45.46
CA CYS L 201 -35.66 -43.88 -45.84
C CYS L 201 -36.94 -44.10 -46.63
N LYS L 202 -38.01 -43.47 -46.17
CA LYS L 202 -39.29 -43.50 -46.86
C LYS L 202 -39.14 -42.94 -48.28
N GLU L 203 -38.50 -41.77 -48.39
CA GLU L 203 -38.34 -41.07 -49.65
C GLU L 203 -37.46 -41.83 -50.66
N VAL L 204 -36.59 -42.68 -50.13
CA VAL L 204 -35.62 -43.43 -50.92
C VAL L 204 -36.14 -44.85 -51.14
N GLY L 205 -37.22 -45.18 -50.41
CA GLY L 205 -37.88 -46.47 -50.53
C GLY L 205 -37.09 -47.63 -49.95
N LEU L 206 -36.42 -47.40 -48.83
CA LEU L 206 -35.78 -48.48 -48.09
C LEU L 206 -36.83 -49.53 -47.75
N PRO L 207 -36.50 -50.83 -47.96
CA PRO L 207 -37.48 -51.88 -47.68
C PRO L 207 -38.04 -51.75 -46.26
N ARG L 208 -39.35 -51.91 -46.12
CA ARG L 208 -40.01 -51.73 -44.82
C ARG L 208 -39.41 -52.65 -43.76
N GLY L 209 -39.20 -52.10 -42.57
CA GLY L 209 -38.70 -52.87 -41.43
C GLY L 209 -37.18 -52.92 -41.30
N VAL L 210 -36.47 -52.53 -42.35
CA VAL L 210 -35.02 -52.54 -42.36
C VAL L 210 -34.42 -51.53 -41.38
N LEU L 211 -35.01 -50.34 -41.31
CA LEU L 211 -34.66 -49.38 -40.29
C LEU L 211 -35.91 -48.93 -39.53
N ASN L 212 -35.87 -49.06 -38.22
CA ASN L 212 -36.94 -48.56 -37.37
C ASN L 212 -36.40 -47.58 -36.35
N ILE L 213 -37.14 -46.50 -36.14
CA ILE L 213 -36.71 -45.46 -35.21
C ILE L 213 -37.71 -45.32 -34.07
N VAL L 214 -37.24 -45.67 -32.89
CA VAL L 214 -38.07 -45.66 -31.69
C VAL L 214 -37.45 -44.69 -30.69
N THR L 215 -38.10 -43.54 -30.53
CA THR L 215 -37.63 -42.52 -29.61
C THR L 215 -38.34 -42.67 -28.28
N GLY L 216 -37.78 -42.11 -27.22
CA GLY L 216 -38.40 -42.20 -25.91
C GLY L 216 -37.40 -42.17 -24.78
N LEU L 217 -37.91 -42.38 -23.57
CA LEU L 217 -37.08 -42.43 -22.37
C LEU L 217 -36.21 -43.68 -22.38
N GLY L 218 -34.99 -43.54 -21.88
CA GLY L 218 -34.05 -44.66 -21.78
C GLY L 218 -34.64 -45.87 -21.07
N HIS L 219 -35.23 -45.65 -19.90
CA HIS L 219 -35.75 -46.75 -19.07
C HIS L 219 -37.10 -47.28 -19.54
N GLU L 220 -37.69 -46.62 -20.53
CA GLU L 220 -38.89 -47.13 -21.18
C GLU L 220 -38.53 -47.77 -22.51
N ALA L 221 -38.31 -46.92 -23.53
CA ALA L 221 -38.00 -47.37 -24.88
C ALA L 221 -36.71 -48.18 -24.94
N GLY L 222 -35.62 -47.61 -24.43
CA GLY L 222 -34.30 -48.26 -24.46
C GLY L 222 -34.24 -49.59 -23.75
N ALA L 223 -34.78 -49.63 -22.53
CA ALA L 223 -34.87 -50.86 -21.74
C ALA L 223 -35.71 -51.96 -22.40
N SER L 224 -36.85 -51.58 -22.99
CA SER L 224 -37.69 -52.53 -23.73
C SER L 224 -36.96 -53.09 -24.95
N LEU L 225 -36.26 -52.22 -25.67
CA LEU L 225 -35.45 -52.64 -26.81
C LEU L 225 -34.32 -53.58 -26.41
N ALA L 226 -33.55 -53.20 -25.38
CA ALA L 226 -32.42 -54.00 -24.90
C ALA L 226 -32.82 -55.39 -24.41
N SER L 227 -33.98 -55.51 -23.76
CA SER L 227 -34.41 -56.78 -23.18
C SER L 227 -35.19 -57.68 -24.15
N HIS L 228 -35.51 -57.17 -25.33
CA HIS L 228 -36.33 -57.92 -26.28
C HIS L 228 -35.66 -59.21 -26.73
N PRO L 229 -36.34 -60.37 -26.54
CA PRO L 229 -35.82 -61.70 -26.86
C PRO L 229 -35.39 -61.88 -28.31
N ASP L 230 -35.96 -61.11 -29.21
CA ASP L 230 -35.75 -61.31 -30.65
C ASP L 230 -34.70 -60.38 -31.25
N VAL L 231 -34.08 -59.56 -30.40
CA VAL L 231 -32.92 -58.77 -30.79
C VAL L 231 -31.69 -59.67 -30.74
N ASP L 232 -30.89 -59.67 -31.81
CA ASP L 232 -29.74 -60.56 -31.88
C ASP L 232 -28.47 -59.95 -31.31
N LYS L 233 -28.32 -58.63 -31.48
CA LYS L 233 -27.16 -57.91 -30.95
C LYS L 233 -27.52 -56.48 -30.56
N ILE L 234 -26.85 -55.99 -29.52
CA ILE L 234 -27.01 -54.63 -29.05
C ILE L 234 -25.70 -53.86 -29.22
N SER L 235 -25.79 -52.71 -29.89
CA SER L 235 -24.65 -51.82 -30.04
C SER L 235 -24.91 -50.52 -29.29
N PHE L 236 -24.08 -50.24 -28.30
CA PHE L 236 -24.34 -49.14 -27.38
C PHE L 236 -23.21 -48.14 -27.21
N THR L 237 -23.56 -46.86 -27.30
CA THR L 237 -22.67 -45.76 -26.95
C THR L 237 -23.39 -44.87 -25.95
N GLY L 238 -22.77 -44.67 -24.79
CA GLY L 238 -23.33 -43.86 -23.69
C GLY L 238 -22.54 -44.01 -22.40
N SER L 239 -23.24 -43.88 -21.27
CA SER L 239 -22.61 -43.91 -19.94
C SER L 239 -22.26 -45.31 -19.48
N SER L 240 -21.30 -45.39 -18.56
CA SER L 240 -20.86 -46.65 -17.96
C SER L 240 -21.98 -47.36 -17.21
N ALA L 241 -22.78 -46.59 -16.47
CA ALA L 241 -23.84 -47.14 -15.65
C ALA L 241 -24.90 -47.85 -16.50
N THR L 242 -25.37 -47.18 -17.54
CA THR L 242 -26.31 -47.76 -18.49
C THR L 242 -25.69 -48.91 -19.29
N GLY L 243 -24.43 -48.73 -19.70
CA GLY L 243 -23.71 -49.77 -20.46
C GLY L 243 -23.66 -51.09 -19.72
N SER L 244 -23.42 -51.02 -18.41
CA SER L 244 -23.44 -52.18 -17.53
C SER L 244 -24.82 -52.84 -17.45
N LYS L 245 -25.86 -52.02 -17.39
CA LYS L 245 -27.24 -52.51 -17.35
C LYS L 245 -27.61 -53.19 -18.67
N ILE L 246 -27.23 -52.55 -19.77
CA ILE L 246 -27.42 -53.11 -21.11
C ILE L 246 -26.84 -54.51 -21.15
N MET L 247 -25.59 -54.63 -20.68
CA MET L 247 -24.86 -55.89 -20.70
C MET L 247 -25.47 -56.93 -19.76
N THR L 248 -25.91 -56.49 -18.58
CA THR L 248 -26.63 -57.34 -17.62
C THR L 248 -27.92 -57.90 -18.25
N THR L 249 -28.69 -57.03 -18.89
CA THR L 249 -29.90 -57.42 -19.60
C THR L 249 -29.62 -58.40 -20.75
N ALA L 250 -28.56 -58.11 -21.52
CA ALA L 250 -28.18 -58.96 -22.65
C ALA L 250 -27.74 -60.34 -22.18
N ALA L 251 -27.14 -60.39 -21.00
CA ALA L 251 -26.66 -61.64 -20.40
C ALA L 251 -27.79 -62.63 -20.11
N GLN L 252 -28.99 -62.12 -19.84
CA GLN L 252 -30.16 -62.97 -19.58
C GLN L 252 -30.36 -64.02 -20.67
N LEU L 253 -30.26 -63.58 -21.93
CA LEU L 253 -30.44 -64.46 -23.08
C LEU L 253 -29.16 -64.57 -23.89
N VAL L 254 -28.04 -64.27 -23.23
CA VAL L 254 -26.69 -64.42 -23.78
C VAL L 254 -26.47 -63.73 -25.15
N LYS L 255 -26.98 -62.51 -25.28
CA LYS L 255 -26.82 -61.71 -26.51
C LYS L 255 -25.44 -61.05 -26.56
N PRO L 256 -24.83 -60.99 -27.77
CA PRO L 256 -23.59 -60.25 -27.91
C PRO L 256 -23.82 -58.74 -27.80
N VAL L 257 -22.76 -58.03 -27.44
CA VAL L 257 -22.84 -56.63 -27.11
C VAL L 257 -21.57 -55.88 -27.54
N SER L 258 -21.74 -54.65 -28.04
CA SER L 258 -20.59 -53.75 -28.19
C SER L 258 -20.82 -52.47 -27.39
N LEU L 259 -19.78 -52.02 -26.69
CA LEU L 259 -19.92 -50.88 -25.77
C LEU L 259 -18.87 -49.81 -25.96
N GLU L 260 -19.34 -48.60 -26.25
CA GLU L 260 -18.47 -47.43 -26.25
C GLU L 260 -18.97 -46.56 -25.10
N LEU L 261 -18.21 -46.56 -24.02
CA LEU L 261 -18.59 -45.83 -22.82
C LEU L 261 -17.72 -44.58 -22.72
N GLY L 262 -17.75 -43.91 -21.58
CA GLY L 262 -16.98 -42.68 -21.49
C GLY L 262 -15.47 -42.82 -21.49
N GLY L 263 -14.79 -41.72 -21.17
CA GLY L 263 -13.37 -41.76 -20.96
C GLY L 263 -12.90 -40.63 -20.08
N LYS L 264 -11.66 -40.75 -19.62
CA LYS L 264 -10.95 -39.64 -19.03
C LYS L 264 -9.59 -39.63 -19.72
N SER L 265 -9.60 -39.25 -20.99
CA SER L 265 -8.46 -39.40 -21.88
C SER L 265 -7.32 -38.44 -21.56
N PRO L 266 -6.08 -38.95 -21.58
CA PRO L 266 -4.93 -38.08 -21.32
C PRO L 266 -4.33 -37.49 -22.60
N ILE L 267 -3.79 -36.28 -22.48
CA ILE L 267 -2.92 -35.72 -23.50
C ILE L 267 -1.57 -35.34 -22.87
N VAL L 268 -0.51 -35.98 -23.34
CA VAL L 268 0.84 -35.76 -22.83
C VAL L 268 1.57 -34.80 -23.76
N VAL L 269 2.00 -33.67 -23.20
CA VAL L 269 2.71 -32.64 -23.94
C VAL L 269 4.15 -32.55 -23.45
N PHE L 270 5.09 -32.89 -24.32
CA PHE L 270 6.52 -32.81 -24.02
C PHE L 270 7.06 -31.41 -24.33
N GLU L 271 8.29 -31.14 -23.89
CA GLU L 271 8.88 -29.80 -24.01
C GLU L 271 9.24 -29.41 -25.43
N ASP L 272 9.61 -30.40 -26.25
CA ASP L 272 10.10 -30.16 -27.61
C ASP L 272 8.94 -30.06 -28.60
N VAL L 273 8.24 -28.93 -28.54
CA VAL L 273 6.97 -28.79 -29.21
C VAL L 273 6.75 -27.32 -29.62
N ASP L 274 5.91 -27.07 -30.62
CA ASP L 274 5.49 -25.70 -30.93
C ASP L 274 4.30 -25.35 -30.04
N LEU L 275 4.54 -24.47 -29.08
CA LEU L 275 3.59 -24.19 -28.01
C LEU L 275 2.24 -23.71 -28.51
N ASP L 276 2.25 -22.86 -29.54
CA ASP L 276 1.03 -22.25 -30.05
C ASP L 276 0.17 -23.27 -30.80
N LYS L 277 0.82 -24.15 -31.55
CA LYS L 277 0.12 -25.15 -32.35
C LYS L 277 -0.48 -26.25 -31.47
N VAL L 278 0.30 -26.75 -30.51
CA VAL L 278 -0.21 -27.76 -29.58
C VAL L 278 -1.29 -27.18 -28.68
N ALA L 279 -1.14 -25.91 -28.30
CA ALA L 279 -2.14 -25.21 -27.52
C ALA L 279 -3.51 -25.31 -28.17
N GLU L 280 -3.59 -25.02 -29.47
CA GLU L 280 -4.84 -25.16 -30.19
C GLU L 280 -5.38 -26.59 -30.11
N TRP L 281 -4.50 -27.56 -30.30
CA TRP L 281 -4.87 -28.97 -30.27
C TRP L 281 -5.44 -29.36 -28.91
N THR L 282 -4.80 -28.91 -27.84
CA THR L 282 -5.25 -29.29 -26.50
C THR L 282 -6.56 -28.63 -26.06
N VAL L 283 -6.79 -27.37 -26.44
CA VAL L 283 -8.10 -26.76 -26.17
C VAL L 283 -9.20 -27.42 -27.01
N PHE L 284 -8.84 -27.80 -28.23
CA PHE L 284 -9.74 -28.52 -29.14
C PHE L 284 -10.10 -29.88 -28.58
N GLY L 285 -9.10 -30.61 -28.11
CA GLY L 285 -9.32 -31.93 -27.55
C GLY L 285 -10.19 -31.96 -26.31
N CYS L 286 -10.41 -30.81 -25.69
CA CYS L 286 -11.17 -30.74 -24.46
C CYS L 286 -12.43 -29.87 -24.54
N PHE L 287 -12.46 -28.91 -25.46
CA PHE L 287 -13.58 -27.95 -25.53
C PHE L 287 -14.51 -28.09 -26.74
N PHE L 288 -14.05 -28.81 -27.77
CA PHE L 288 -14.88 -29.09 -28.94
C PHE L 288 -16.12 -29.87 -28.50
N THR L 289 -17.24 -29.66 -29.22
CA THR L 289 -18.55 -30.24 -28.85
C THR L 289 -18.96 -29.83 -27.44
N ASN L 290 -18.50 -28.65 -27.03
CA ASN L 290 -18.75 -28.13 -25.69
C ASN L 290 -18.18 -29.01 -24.59
N GLY L 291 -17.11 -29.76 -24.91
CA GLY L 291 -16.50 -30.69 -23.96
C GLY L 291 -17.21 -32.03 -23.85
N GLN L 292 -18.29 -32.19 -24.61
CA GLN L 292 -19.09 -33.40 -24.59
C GLN L 292 -18.62 -34.41 -25.65
N ILE L 293 -17.40 -34.91 -25.45
CA ILE L 293 -16.77 -35.89 -26.33
C ILE L 293 -16.37 -37.09 -25.50
N CYS L 294 -16.80 -38.28 -25.91
CA CYS L 294 -16.44 -39.51 -25.19
C CYS L 294 -14.93 -39.60 -24.98
N SER L 295 -14.18 -39.24 -26.02
CA SER L 295 -12.73 -39.35 -26.04
C SER L 295 -12.01 -38.05 -25.66
N ALA L 296 -12.74 -37.08 -25.12
CA ALA L 296 -12.15 -35.78 -24.75
C ALA L 296 -10.84 -35.94 -23.99
N THR L 297 -9.81 -35.24 -24.43
CA THR L 297 -8.52 -35.24 -23.75
C THR L 297 -8.60 -34.22 -22.61
N SER L 298 -9.21 -34.66 -21.51
CA SER L 298 -9.62 -33.81 -20.40
C SER L 298 -8.56 -33.77 -19.30
N ARG L 299 -7.52 -34.57 -19.46
CA ARG L 299 -6.38 -34.57 -18.55
C ARG L 299 -5.10 -34.18 -19.29
N LEU L 300 -4.60 -32.98 -18.97
CA LEU L 300 -3.32 -32.50 -19.52
C LEU L 300 -2.17 -32.92 -18.61
N ILE L 301 -1.14 -33.45 -19.24
CA ILE L 301 0.07 -33.89 -18.57
C ILE L 301 1.22 -33.20 -19.31
N VAL L 302 1.65 -32.04 -18.78
CA VAL L 302 2.70 -31.20 -19.38
C VAL L 302 4.04 -31.30 -18.71
N HIS L 303 5.10 -31.36 -19.50
CA HIS L 303 6.44 -31.35 -18.96
C HIS L 303 6.67 -30.04 -18.22
N GLU L 304 7.29 -30.15 -17.05
CA GLU L 304 7.47 -29.04 -16.12
C GLU L 304 8.28 -27.86 -16.69
N SER L 305 9.17 -28.14 -17.64
CA SER L 305 10.03 -27.08 -18.22
C SER L 305 9.28 -26.07 -19.08
N ILE L 306 8.09 -26.43 -19.54
CA ILE L 306 7.25 -25.52 -20.36
C ILE L 306 5.88 -25.29 -19.71
N ALA L 307 5.61 -26.01 -18.63
CA ALA L 307 4.29 -26.02 -17.98
C ALA L 307 3.62 -24.66 -17.88
N VAL L 308 4.26 -23.69 -17.22
CA VAL L 308 3.55 -22.44 -16.90
C VAL L 308 3.22 -21.51 -18.09
N GLU L 309 4.13 -21.38 -19.06
CA GLU L 309 3.78 -20.58 -20.25
C GLU L 309 2.76 -21.26 -21.16
N PHE L 310 2.88 -22.58 -21.32
CA PHE L 310 1.95 -23.37 -22.11
C PHE L 310 0.53 -23.22 -21.58
N VAL L 311 0.37 -23.48 -20.28
CA VAL L 311 -0.91 -23.28 -19.60
C VAL L 311 -1.42 -21.85 -19.76
N ASP L 312 -0.51 -20.88 -19.65
CA ASP L 312 -0.87 -19.47 -19.84
C ASP L 312 -1.37 -19.19 -21.26
N LYS L 313 -0.75 -19.85 -22.25
CA LYS L 313 -1.22 -19.78 -23.65
C LYS L 313 -2.59 -20.42 -23.83
N LEU L 314 -2.79 -21.55 -23.16
CA LEU L 314 -4.08 -22.23 -23.13
C LEU L 314 -5.18 -21.29 -22.65
N VAL L 315 -4.92 -20.58 -21.56
CA VAL L 315 -5.84 -19.60 -21.01
C VAL L 315 -6.21 -18.53 -22.04
N LYS L 316 -5.21 -18.07 -22.81
CA LYS L 316 -5.39 -17.07 -23.85
C LYS L 316 -6.27 -17.59 -24.99
N TRP L 317 -5.98 -18.80 -25.46
CA TRP L 317 -6.79 -19.46 -26.49
C TRP L 317 -8.21 -19.68 -26.01
N ALA L 318 -8.35 -20.17 -24.78
CA ALA L 318 -9.68 -20.44 -24.20
C ALA L 318 -10.52 -19.17 -24.09
N GLU L 319 -9.90 -18.09 -23.61
CA GLU L 319 -10.63 -16.84 -23.37
C GLU L 319 -11.02 -16.12 -24.65
N ASN L 320 -10.37 -16.47 -25.76
CA ASN L 320 -10.69 -15.89 -27.06
C ASN L 320 -11.69 -16.76 -27.86
N ILE L 321 -12.29 -17.75 -27.20
CA ILE L 321 -13.30 -18.58 -27.83
C ILE L 321 -14.67 -17.89 -27.76
N LYS L 322 -15.27 -17.64 -28.91
CA LYS L 322 -16.57 -16.97 -28.95
C LYS L 322 -17.68 -17.89 -28.45
N ILE L 323 -18.31 -17.48 -27.36
CA ILE L 323 -19.42 -18.22 -26.77
C ILE L 323 -20.71 -17.50 -27.11
N SER L 324 -21.65 -18.24 -27.70
CA SER L 324 -22.93 -17.67 -28.09
C SER L 324 -23.94 -18.74 -28.49
N ASP L 325 -25.08 -18.27 -29.00
CA ASP L 325 -26.07 -19.12 -29.65
C ASP L 325 -25.40 -19.91 -30.77
N PRO L 326 -25.68 -21.22 -30.87
CA PRO L 326 -25.02 -22.07 -31.85
C PRO L 326 -25.18 -21.58 -33.30
N LEU L 327 -26.28 -20.88 -33.58
CA LEU L 327 -26.58 -20.41 -34.93
C LEU L 327 -25.84 -19.12 -35.32
N GLU L 328 -25.44 -18.33 -34.31
CA GLU L 328 -24.72 -17.08 -34.51
C GLU L 328 -23.37 -17.31 -35.20
N GLU L 329 -23.03 -16.45 -36.16
CA GLU L 329 -21.79 -16.59 -36.91
C GLU L 329 -20.58 -16.48 -36.02
N GLY L 330 -19.56 -17.28 -36.32
CA GLY L 330 -18.31 -17.26 -35.57
C GLY L 330 -18.35 -18.04 -34.26
N CYS L 331 -19.50 -18.62 -33.95
CA CYS L 331 -19.68 -19.40 -32.73
C CYS L 331 -18.67 -20.54 -32.62
N ARG L 332 -18.04 -20.65 -31.45
CA ARG L 332 -17.04 -21.68 -31.22
C ARG L 332 -17.31 -22.47 -29.95
N LEU L 333 -18.33 -22.04 -29.21
CA LEU L 333 -18.82 -22.76 -28.04
C LEU L 333 -20.26 -22.42 -27.79
N GLY L 334 -21.11 -23.45 -27.75
CA GLY L 334 -22.52 -23.29 -27.45
C GLY L 334 -22.82 -23.76 -26.04
N PRO L 335 -24.12 -23.90 -25.70
CA PRO L 335 -24.49 -24.32 -24.35
C PRO L 335 -24.35 -25.82 -24.12
N ILE L 336 -24.34 -26.21 -22.85
CA ILE L 336 -24.45 -27.60 -22.44
C ILE L 336 -25.86 -28.07 -22.77
N VAL L 337 -26.01 -29.35 -23.10
CA VAL L 337 -27.24 -29.90 -23.68
C VAL L 337 -28.53 -29.70 -22.85
N SER L 338 -28.44 -29.81 -21.53
CA SER L 338 -29.61 -29.74 -20.67
C SER L 338 -29.27 -29.19 -19.30
N GLU L 339 -30.30 -28.85 -18.54
CA GLU L 339 -30.17 -28.34 -17.19
C GLU L 339 -29.46 -29.33 -16.26
N ALA L 340 -29.91 -30.58 -16.29
CA ALA L 340 -29.32 -31.62 -15.44
C ALA L 340 -27.82 -31.76 -15.68
N GLN L 341 -27.42 -31.72 -16.95
CA GLN L 341 -26.01 -31.77 -17.34
C GLN L 341 -25.25 -30.51 -16.93
N TYR L 342 -25.86 -29.36 -17.19
CA TYR L 342 -25.32 -28.05 -16.81
C TYR L 342 -24.96 -27.97 -15.34
N LYS L 343 -25.87 -28.43 -14.47
CA LYS L 343 -25.62 -28.48 -13.02
C LYS L 343 -24.48 -29.45 -12.69
N LYS L 344 -24.48 -30.62 -13.34
CA LYS L 344 -23.43 -31.61 -13.13
C LYS L 344 -22.05 -31.08 -13.52
N VAL L 345 -21.98 -30.36 -14.64
CA VAL L 345 -20.72 -29.71 -15.08
C VAL L 345 -20.28 -28.68 -14.03
N LEU L 346 -21.20 -27.79 -13.67
CA LEU L 346 -20.96 -26.81 -12.61
C LEU L 346 -20.52 -27.43 -11.27
N ASN L 347 -21.16 -28.54 -10.89
CA ASN L 347 -20.78 -29.24 -9.65
C ASN L 347 -19.39 -29.83 -9.67
N CYS L 348 -18.95 -30.29 -10.84
CA CYS L 348 -17.58 -30.81 -10.98
C CYS L 348 -16.56 -29.71 -10.71
N ILE L 349 -16.84 -28.52 -11.24
CA ILE L 349 -15.97 -27.35 -11.10
C ILE L 349 -15.84 -26.90 -9.63
N SER L 350 -16.98 -26.77 -8.94
CA SER L 350 -16.98 -26.30 -7.56
C SER L 350 -16.33 -27.31 -6.63
N SER L 351 -16.62 -28.60 -6.86
CA SER L 351 -15.96 -29.69 -6.15
C SER L 351 -14.46 -29.69 -6.33
N ALA L 352 -14.01 -29.21 -7.49
CA ALA L 352 -12.60 -29.04 -7.80
C ALA L 352 -11.95 -27.99 -6.90
N LYS L 353 -12.58 -26.82 -6.78
CA LYS L 353 -12.10 -25.79 -5.85
C LYS L 353 -12.13 -26.28 -4.38
N SER L 354 -13.23 -26.92 -4.01
CA SER L 354 -13.40 -27.47 -2.65
C SER L 354 -12.32 -28.48 -2.25
N GLU L 355 -11.77 -29.18 -3.24
CA GLU L 355 -10.73 -30.17 -2.98
C GLU L 355 -9.32 -29.56 -3.02
N GLY L 356 -9.24 -28.26 -3.31
CA GLY L 356 -7.98 -27.52 -3.22
C GLY L 356 -7.38 -27.05 -4.53
N ALA L 357 -8.03 -27.40 -5.64
CA ALA L 357 -7.51 -27.06 -6.97
C ALA L 357 -7.73 -25.58 -7.31
N THR L 358 -7.01 -25.12 -8.32
CA THR L 358 -7.09 -23.74 -8.77
C THR L 358 -7.86 -23.65 -10.08
N ILE L 359 -8.91 -22.84 -10.07
CA ILE L 359 -9.63 -22.51 -11.30
C ILE L 359 -8.89 -21.35 -11.94
N LEU L 360 -8.13 -21.62 -13.00
CA LEU L 360 -7.36 -20.59 -13.69
C LEU L 360 -8.18 -19.65 -14.58
N THR L 361 -9.14 -20.23 -15.30
CA THR L 361 -10.06 -19.45 -16.13
C THR L 361 -11.42 -20.16 -16.22
N GLY L 362 -12.46 -19.38 -16.51
CA GLY L 362 -13.82 -19.92 -16.63
C GLY L 362 -14.38 -20.42 -15.31
N GLY L 363 -15.22 -21.45 -15.39
CA GLY L 363 -15.89 -21.99 -14.21
C GLY L 363 -17.11 -21.18 -13.81
N ARG L 364 -17.55 -20.31 -14.71
CA ARG L 364 -18.65 -19.37 -14.46
C ARG L 364 -19.49 -19.29 -15.72
N ARG L 365 -20.73 -18.81 -15.58
CA ARG L 365 -21.51 -18.50 -16.77
C ARG L 365 -21.05 -17.14 -17.33
N PRO L 366 -20.95 -17.02 -18.67
CA PRO L 366 -20.45 -15.79 -19.27
C PRO L 366 -21.35 -14.59 -18.96
N GLU L 367 -20.73 -13.41 -18.83
CA GLU L 367 -21.45 -12.18 -18.47
C GLU L 367 -22.48 -11.76 -19.53
N HIS L 368 -22.09 -11.85 -20.79
CA HIS L 368 -22.93 -11.42 -21.92
C HIS L 368 -24.06 -12.41 -22.27
N LEU L 369 -24.14 -13.52 -21.54
CA LEU L 369 -25.18 -14.53 -21.78
C LEU L 369 -25.86 -14.92 -20.47
N LYS L 370 -27.01 -14.29 -20.20
CA LYS L 370 -27.68 -14.47 -18.92
C LYS L 370 -28.71 -15.60 -18.94
N LYS L 371 -29.02 -16.08 -20.14
CA LYS L 371 -29.89 -17.25 -20.31
C LYS L 371 -29.21 -18.37 -21.08
N GLY L 372 -29.62 -19.60 -20.82
CA GLY L 372 -29.04 -20.77 -21.49
C GLY L 372 -27.98 -21.47 -20.68
N TYR L 373 -27.74 -22.74 -20.98
CA TYR L 373 -26.82 -23.57 -20.20
C TYR L 373 -25.37 -23.35 -20.61
N PHE L 374 -24.93 -22.11 -20.48
CA PHE L 374 -23.59 -21.71 -20.88
C PHE L 374 -22.60 -21.73 -19.73
N VAL L 375 -21.42 -22.27 -19.99
CA VAL L 375 -20.27 -22.20 -19.09
C VAL L 375 -19.05 -21.80 -19.91
N GLU L 376 -18.18 -21.01 -19.30
CA GLU L 376 -16.94 -20.59 -19.93
C GLU L 376 -15.96 -21.76 -19.97
N PRO L 377 -15.09 -21.81 -21.00
CA PRO L 377 -14.06 -22.84 -21.04
C PRO L 377 -13.21 -22.77 -19.79
N THR L 378 -13.02 -23.91 -19.13
CA THR L 378 -12.44 -23.94 -17.80
C THR L 378 -11.16 -24.75 -17.80
N ILE L 379 -10.11 -24.19 -17.20
CA ILE L 379 -8.83 -24.88 -17.04
C ILE L 379 -8.51 -24.92 -15.55
N ILE L 380 -8.18 -26.12 -15.05
CA ILE L 380 -8.00 -26.35 -13.62
C ILE L 380 -6.59 -26.90 -13.32
N THR L 381 -5.82 -26.15 -12.53
CA THR L 381 -4.47 -26.53 -12.15
C THR L 381 -4.39 -26.89 -10.68
N ASP L 382 -3.18 -27.14 -10.19
CA ASP L 382 -2.92 -27.61 -8.81
C ASP L 382 -3.80 -28.81 -8.51
N VAL L 383 -3.79 -29.77 -9.43
CA VAL L 383 -4.62 -30.94 -9.38
C VAL L 383 -3.82 -32.11 -8.79
N THR L 384 -4.52 -32.95 -8.03
CA THR L 384 -3.94 -34.13 -7.43
C THR L 384 -4.71 -35.37 -7.89
N THR L 385 -3.99 -36.50 -7.99
CA THR L 385 -4.58 -37.72 -8.56
C THR L 385 -5.78 -38.27 -7.77
N SER L 386 -5.86 -37.94 -6.49
CA SER L 386 -7.01 -38.35 -5.66
C SER L 386 -8.23 -37.45 -5.83
N MET L 387 -8.09 -36.33 -6.54
CA MET L 387 -9.21 -35.42 -6.78
C MET L 387 -10.21 -35.97 -7.80
N GLN L 388 -11.47 -35.54 -7.67
CA GLN L 388 -12.55 -35.98 -8.55
C GLN L 388 -12.41 -35.57 -10.02
N ILE L 389 -11.92 -34.36 -10.29
CA ILE L 389 -11.76 -33.92 -11.69
C ILE L 389 -10.62 -34.64 -12.39
N TRP L 390 -9.80 -35.34 -11.62
CA TRP L 390 -8.78 -36.19 -12.20
C TRP L 390 -9.35 -37.56 -12.54
N ARG L 391 -10.27 -38.04 -11.69
CA ARG L 391 -10.80 -39.40 -11.78
C ARG L 391 -12.07 -39.51 -12.63
N GLU L 392 -12.97 -38.55 -12.50
CA GLU L 392 -14.31 -38.66 -13.06
C GLU L 392 -14.51 -37.84 -14.34
N GLU L 393 -15.23 -38.42 -15.30
CA GLU L 393 -15.53 -37.77 -16.57
C GLU L 393 -16.47 -36.58 -16.37
N VAL L 394 -16.03 -35.40 -16.76
CA VAL L 394 -16.80 -34.17 -16.54
C VAL L 394 -17.88 -33.97 -17.60
N PHE L 395 -17.50 -34.18 -18.85
CA PHE L 395 -18.40 -34.02 -20.00
C PHE L 395 -18.85 -32.56 -20.18
N GLY L 396 -17.92 -31.66 -19.90
CA GLY L 396 -18.09 -30.24 -20.17
C GLY L 396 -16.75 -29.64 -20.55
N PRO L 397 -16.74 -28.33 -20.90
CA PRO L 397 -15.50 -27.68 -21.32
C PRO L 397 -14.54 -27.43 -20.14
N VAL L 398 -13.99 -28.52 -19.59
CA VAL L 398 -13.18 -28.48 -18.38
C VAL L 398 -11.91 -29.31 -18.49
N LEU L 399 -10.76 -28.64 -18.48
CA LEU L 399 -9.47 -29.31 -18.54
C LEU L 399 -8.73 -29.33 -17.20
N ALA L 400 -8.34 -30.54 -16.76
CA ALA L 400 -7.52 -30.73 -15.57
C ALA L 400 -6.04 -30.85 -15.94
N VAL L 401 -5.17 -30.17 -15.19
CA VAL L 401 -3.74 -30.07 -15.56
C VAL L 401 -2.77 -30.55 -14.47
N LYS L 402 -1.98 -31.57 -14.76
CA LYS L 402 -0.86 -31.94 -13.91
C LYS L 402 0.44 -31.84 -14.69
N THR L 403 1.55 -31.91 -13.95
CA THR L 403 2.87 -31.71 -14.50
C THR L 403 3.71 -32.97 -14.36
N PHE L 404 4.75 -33.10 -15.17
CA PHE L 404 5.67 -34.22 -15.04
C PHE L 404 7.09 -33.81 -15.35
N SER L 405 8.03 -34.65 -14.93
CA SER L 405 9.45 -34.43 -15.13
C SER L 405 10.04 -35.49 -16.06
N THR L 406 9.87 -36.77 -15.70
CA THR L 406 10.42 -37.89 -16.48
C THR L 406 9.36 -38.54 -17.35
N GLU L 407 9.79 -39.21 -18.41
CA GLU L 407 8.86 -39.88 -19.33
C GLU L 407 8.06 -40.98 -18.62
N GLU L 408 8.74 -41.74 -17.75
CA GLU L 408 8.11 -42.76 -16.92
C GLU L 408 6.99 -42.15 -16.08
N GLU L 409 7.20 -40.93 -15.62
CA GLU L 409 6.21 -40.22 -14.80
C GLU L 409 4.99 -39.82 -15.61
N ALA L 410 5.22 -39.36 -16.84
CA ALA L 410 4.15 -39.03 -17.77
C ALA L 410 3.30 -40.28 -18.05
N ILE L 411 3.96 -41.40 -18.37
CA ILE L 411 3.26 -42.66 -18.64
C ILE L 411 2.38 -43.12 -17.47
N ASN L 412 2.94 -43.16 -16.26
CA ASN L 412 2.17 -43.56 -15.08
C ASN L 412 0.99 -42.63 -14.77
N LEU L 413 1.15 -41.34 -15.02
CA LEU L 413 0.03 -40.39 -14.87
C LEU L 413 -1.05 -40.59 -15.93
N ALA L 414 -0.64 -40.90 -17.16
CA ALA L 414 -1.56 -41.08 -18.29
C ALA L 414 -2.44 -42.32 -18.13
N ASN L 415 -1.85 -43.40 -17.61
CA ASN L 415 -2.56 -44.66 -17.41
C ASN L 415 -3.21 -44.78 -16.03
N ASP L 416 -3.18 -43.68 -15.27
CA ASP L 416 -3.78 -43.65 -13.94
C ASP L 416 -5.28 -43.38 -14.06
N THR L 417 -5.99 -44.38 -14.55
CA THR L 417 -7.42 -44.30 -14.79
C THR L 417 -7.93 -45.71 -15.08
N HIS L 418 -9.18 -45.96 -14.73
CA HIS L 418 -9.83 -47.23 -15.06
CA HIS L 418 -9.81 -47.23 -15.07
C HIS L 418 -10.40 -47.19 -16.49
N TYR L 419 -10.45 -46.00 -17.08
CA TYR L 419 -10.88 -45.81 -18.46
C TYR L 419 -9.77 -46.12 -19.46
N GLY L 420 -10.10 -46.12 -20.75
CA GLY L 420 -9.11 -46.37 -21.79
C GLY L 420 -9.60 -46.17 -23.20
N LEU L 421 -10.19 -45.01 -23.48
CA LEU L 421 -10.72 -44.73 -24.82
C LEU L 421 -9.68 -44.08 -25.72
N GLY L 422 -9.45 -42.79 -25.55
CA GLY L 422 -8.44 -42.07 -26.33
C GLY L 422 -7.21 -41.67 -25.53
N SER L 423 -6.25 -41.08 -26.22
CA SER L 423 -5.01 -40.63 -25.63
C SER L 423 -4.21 -39.88 -26.68
N ALA L 424 -3.39 -38.93 -26.23
CA ALA L 424 -2.56 -38.15 -27.14
C ALA L 424 -1.14 -37.95 -26.63
N VAL L 425 -0.18 -37.94 -27.55
CA VAL L 425 1.20 -37.55 -27.30
C VAL L 425 1.54 -36.40 -28.24
N MET L 426 2.08 -35.33 -27.67
CA MET L 426 2.55 -34.19 -28.43
C MET L 426 4.05 -34.06 -28.18
N SER L 427 4.82 -34.26 -29.24
CA SER L 427 6.29 -34.22 -29.19
C SER L 427 6.86 -34.19 -30.61
N ASN L 428 7.84 -33.33 -30.84
CA ASN L 428 8.50 -33.25 -32.15
C ASN L 428 9.36 -34.49 -32.41
N ASP L 429 9.80 -35.13 -31.33
CA ASP L 429 10.57 -36.36 -31.41
C ASP L 429 9.65 -37.55 -31.67
N LEU L 430 9.58 -37.97 -32.94
CA LEU L 430 8.67 -39.03 -33.37
C LEU L 430 8.94 -40.39 -32.73
N GLU L 431 10.21 -40.71 -32.50
CA GLU L 431 10.61 -41.93 -31.78
C GLU L 431 10.03 -41.99 -30.37
N ARG L 432 10.02 -40.85 -29.69
CA ARG L 432 9.42 -40.74 -28.37
C ARG L 432 7.91 -40.95 -28.46
N CYS L 433 7.30 -40.38 -29.51
CA CYS L 433 5.87 -40.54 -29.77
C CYS L 433 5.50 -42.01 -29.96
N GLU L 434 6.26 -42.71 -30.80
CA GLU L 434 6.07 -44.14 -31.03
C GLU L 434 6.09 -44.92 -29.70
N ARG L 435 7.08 -44.60 -28.87
CA ARG L 435 7.27 -45.30 -27.61
C ARG L 435 6.06 -45.10 -26.67
N LEU L 436 5.52 -43.88 -26.65
CA LEU L 436 4.35 -43.59 -25.85
C LEU L 436 3.07 -44.20 -26.41
N SER L 437 2.96 -44.22 -27.74
CA SER L 437 1.82 -44.83 -28.40
C SER L 437 1.70 -46.32 -28.03
N LYS L 438 2.83 -46.97 -27.79
CA LYS L 438 2.85 -48.36 -27.31
C LYS L 438 2.46 -48.47 -25.84
N ALA L 439 2.87 -47.50 -25.03
CA ALA L 439 2.73 -47.59 -23.59
C ALA L 439 1.35 -47.18 -23.09
N LEU L 440 0.68 -46.32 -23.87
CA LEU L 440 -0.63 -45.79 -23.49
C LEU L 440 -1.70 -46.86 -23.57
N GLN L 441 -2.45 -47.00 -22.48
CA GLN L 441 -3.50 -48.01 -22.39
C GLN L 441 -4.82 -47.44 -22.87
N ALA L 442 -4.98 -47.43 -24.19
CA ALA L 442 -6.16 -46.87 -24.85
C ALA L 442 -6.44 -47.56 -26.18
N GLY L 443 -7.65 -47.39 -26.69
CA GLY L 443 -8.01 -47.92 -28.02
C GLY L 443 -7.52 -47.02 -29.13
N ILE L 444 -7.34 -45.73 -28.80
CA ILE L 444 -6.94 -44.71 -29.78
C ILE L 444 -5.81 -43.85 -29.24
N VAL L 445 -4.73 -43.76 -30.01
CA VAL L 445 -3.66 -42.84 -29.70
C VAL L 445 -3.51 -41.86 -30.85
N TRP L 446 -3.68 -40.57 -30.55
CA TRP L 446 -3.35 -39.51 -31.48
C TRP L 446 -1.94 -39.04 -31.19
N ILE L 447 -1.12 -38.87 -32.22
CA ILE L 447 0.16 -38.23 -32.00
C ILE L 447 0.28 -36.89 -32.72
N ASN L 448 0.69 -35.88 -31.95
CA ASN L 448 0.76 -34.48 -32.40
C ASN L 448 -0.56 -33.88 -32.88
N CYS L 449 -1.65 -34.45 -32.37
CA CYS L 449 -3.01 -33.93 -32.54
C CYS L 449 -3.88 -34.55 -31.45
N ALA L 450 -5.17 -34.24 -31.47
CA ALA L 450 -6.13 -34.85 -30.56
C ALA L 450 -7.54 -34.74 -31.13
N GLN L 451 -8.24 -35.88 -31.20
CA GLN L 451 -9.69 -35.97 -31.52
C GLN L 451 -10.17 -36.43 -32.92
N PRO L 452 -9.34 -36.33 -33.99
CA PRO L 452 -9.89 -36.68 -35.32
C PRO L 452 -10.36 -38.13 -35.47
N SER L 453 -11.57 -38.28 -36.01
CA SER L 453 -12.25 -39.58 -36.22
C SER L 453 -12.39 -39.93 -37.70
N PHE L 454 -11.39 -40.59 -38.29
CA PHE L 454 -11.51 -41.03 -39.70
C PHE L 454 -12.34 -42.30 -39.82
N ILE L 455 -13.25 -42.35 -40.80
CA ILE L 455 -14.13 -43.52 -40.93
C ILE L 455 -13.40 -44.81 -41.34
N GLN L 456 -12.21 -44.66 -41.93
CA GLN L 456 -11.36 -45.79 -42.31
C GLN L 456 -10.72 -46.50 -41.12
N ALA L 457 -10.65 -45.85 -39.97
CA ALA L 457 -9.87 -46.36 -38.84
C ALA L 457 -10.75 -46.83 -37.67
N PRO L 458 -10.40 -48.01 -37.10
CA PRO L 458 -11.17 -48.60 -35.99
C PRO L 458 -11.26 -47.69 -34.75
N TRP L 459 -12.44 -47.64 -34.15
CA TRP L 459 -12.72 -46.76 -33.03
C TRP L 459 -13.35 -47.54 -31.88
N GLY L 460 -12.76 -47.42 -30.69
CA GLY L 460 -13.29 -48.08 -29.50
C GLY L 460 -12.34 -48.02 -28.32
N GLY L 461 -12.85 -48.38 -27.14
CA GLY L 461 -12.04 -48.33 -25.93
C GLY L 461 -11.57 -49.68 -25.43
N ILE L 462 -10.69 -49.63 -24.44
CA ILE L 462 -10.37 -50.80 -23.61
C ILE L 462 -10.71 -50.45 -22.16
N LYS L 463 -10.55 -51.42 -21.26
CA LYS L 463 -10.88 -51.25 -19.84
C LYS L 463 -12.33 -50.77 -19.65
N ARG L 464 -12.59 -49.88 -18.68
CA ARG L 464 -13.98 -49.42 -18.43
C ARG L 464 -14.56 -48.49 -19.52
N SER L 465 -13.77 -48.16 -20.54
CA SER L 465 -14.31 -47.46 -21.71
C SER L 465 -15.11 -48.38 -22.64
N GLY L 466 -15.02 -49.69 -22.40
CA GLY L 466 -15.81 -50.67 -23.14
C GLY L 466 -15.01 -51.64 -23.98
N PHE L 467 -15.64 -52.14 -25.04
CA PHE L 467 -15.06 -53.10 -25.96
C PHE L 467 -15.88 -53.17 -27.24
N GLY L 468 -15.29 -53.74 -28.28
CA GLY L 468 -15.89 -53.70 -29.60
C GLY L 468 -15.30 -52.53 -30.35
N ARG L 469 -15.28 -52.63 -31.68
CA ARG L 469 -14.73 -51.58 -32.51
C ARG L 469 -15.74 -51.18 -33.57
N GLU L 470 -15.94 -49.88 -33.69
CA GLU L 470 -16.71 -49.32 -34.79
C GLU L 470 -15.76 -48.64 -35.77
N LEU L 471 -16.31 -48.18 -36.89
CA LEU L 471 -15.57 -47.56 -37.99
C LEU L 471 -14.67 -48.54 -38.74
N GLY L 472 -14.22 -48.12 -39.93
CA GLY L 472 -13.45 -48.98 -40.82
C GLY L 472 -14.19 -50.28 -41.11
N GLU L 473 -13.44 -51.32 -41.40
CA GLU L 473 -14.01 -52.62 -41.68
C GLU L 473 -14.45 -53.30 -40.38
N TRP L 474 -13.84 -52.88 -39.28
CA TRP L 474 -14.20 -53.35 -37.93
C TRP L 474 -15.65 -53.04 -37.59
N GLY L 475 -16.09 -51.84 -37.99
CA GLY L 475 -17.49 -51.46 -37.87
C GLY L 475 -18.44 -52.41 -38.57
N LEU L 476 -18.05 -52.85 -39.77
CA LEU L 476 -18.83 -53.80 -40.55
C LEU L 476 -18.86 -55.16 -39.85
N GLU L 477 -17.70 -55.58 -39.36
CA GLU L 477 -17.49 -56.86 -38.68
C GLU L 477 -18.28 -56.96 -37.39
N ASN L 478 -18.56 -55.81 -36.77
CA ASN L 478 -19.34 -55.78 -35.56
C ASN L 478 -20.75 -56.36 -35.76
N TYR L 479 -21.22 -56.31 -37.00
CA TYR L 479 -22.58 -56.72 -37.36
C TYR L 479 -22.63 -57.99 -38.20
N LEU L 480 -21.49 -58.66 -38.30
CA LEU L 480 -21.38 -59.91 -39.02
C LEU L 480 -21.03 -61.04 -38.08
N SER L 481 -21.45 -62.26 -38.43
CA SER L 481 -20.99 -63.44 -37.73
C SER L 481 -20.27 -64.34 -38.72
N VAL L 482 -19.25 -65.03 -38.24
CA VAL L 482 -18.46 -65.92 -39.07
C VAL L 482 -19.07 -67.33 -39.07
N LYS L 483 -19.30 -67.86 -40.26
CA LYS L 483 -19.76 -69.24 -40.44
C LYS L 483 -18.68 -70.04 -41.14
N GLN L 484 -18.21 -71.10 -40.48
CA GLN L 484 -17.26 -72.03 -41.08
C GLN L 484 -18.02 -73.09 -41.87
N VAL L 485 -17.65 -73.26 -43.13
CA VAL L 485 -18.23 -74.31 -43.96
C VAL L 485 -17.15 -75.30 -44.34
N THR L 486 -17.25 -76.50 -43.79
CA THR L 486 -16.24 -77.52 -43.97
C THR L 486 -16.84 -78.78 -44.61
N ARG L 487 -16.15 -79.27 -45.63
CA ARG L 487 -16.67 -80.35 -46.47
C ARG L 487 -15.68 -81.50 -46.62
N TYR L 488 -16.19 -82.72 -46.41
CA TYR L 488 -15.46 -83.96 -46.66
C TYR L 488 -15.51 -84.27 -48.17
N THR L 489 -14.35 -84.19 -48.82
CA THR L 489 -14.29 -84.39 -50.28
C THR L 489 -13.91 -85.82 -50.65
N SER L 490 -13.44 -86.57 -49.65
CA SER L 490 -12.97 -87.92 -49.84
C SER L 490 -14.11 -88.89 -50.15
N ASP L 491 -13.77 -89.92 -50.92
CA ASP L 491 -14.69 -90.98 -51.32
C ASP L 491 -14.72 -92.05 -50.23
N GLU L 492 -13.67 -92.07 -49.42
CA GLU L 492 -13.46 -93.11 -48.42
C GLU L 492 -14.51 -93.10 -47.31
N PRO L 493 -14.76 -94.26 -46.69
CA PRO L 493 -15.53 -94.27 -45.45
C PRO L 493 -14.71 -93.68 -44.31
N TRP L 494 -15.39 -93.07 -43.35
CA TRP L 494 -14.72 -92.39 -42.24
C TRP L 494 -13.80 -93.34 -41.48
N GLY L 495 -14.27 -94.56 -41.25
CA GLY L 495 -13.43 -95.64 -40.72
C GLY L 495 -13.09 -95.54 -39.24
N TRP L 496 -13.92 -94.82 -38.50
CA TRP L 496 -13.75 -94.77 -37.05
C TRP L 496 -14.39 -96.00 -36.40
N TYR L 497 -15.66 -96.24 -36.68
CA TYR L 497 -16.42 -97.34 -36.08
C TYR L 497 -16.33 -98.63 -36.91
N GLN L 498 -16.52 -99.77 -36.25
CA GLN L 498 -16.63 -101.06 -36.93
C GLN L 498 -17.96 -101.17 -37.69
N PRO L 499 -17.89 -101.45 -39.01
CA PRO L 499 -19.10 -101.68 -39.80
C PRO L 499 -19.84 -102.95 -39.37
N PRO L 500 -21.18 -102.90 -39.31
CA PRO L 500 -21.98 -104.08 -38.97
C PRO L 500 -21.74 -105.21 -39.98
N SER L 501 -21.42 -106.40 -39.48
CA SER L 501 -20.99 -107.53 -40.32
C SER L 501 -22.06 -108.05 -41.29
#